data_6I1Y
#
_entry.id   6I1Y
#
_cell.length_a   1.00
_cell.length_b   1.00
_cell.length_c   1.00
_cell.angle_alpha   90.00
_cell.angle_beta   90.00
_cell.angle_gamma   90.00
#
_symmetry.space_group_name_H-M   'P 1'
#
_entity_poly.entity_id   1
_entity_poly.type   'polypeptide(L)'
_entity_poly.pdbx_seq_one_letter_code
;DNVITRVVAVRNVSVRELSPLLRQLIDNAGAGNVVHYDPANIILITGRAAVVNRLAEIIKRVDQAGNREIEVVELGNASA
AEMVRIVDALNRTTDAKNTPEFLQPKLVADERTNSILISGDPKVRDRLKRLIRQLDVEMASKGNNRVVYLKYAKAEDLVD
VLKGVSDNLQAEKNSGQKGASSQRNDVVIAAHQGTNSLVLTAPPDIMLALQEVITQLDIRRAQVLIEALIVEMAEGDGVN
LGVQWGNLETGAVIQYSNTGTPIGKVMVGLEEAKDKTVTDSRWNSDTDKYEPYSRTEAGDYSTLAAALAGVNGAAMSLVM
GDWTALISAVSSDSNSNILSSPSITVMDNGEASFIVGEEVPVITGSTAGSNNDNPFQTVDRKEVGIKLKVVPQINEGDSV
QLNIEQEVSNVLGANGAVDVRFAKRQLNTSVIVQDGQMLVLGGLIDERALESESKVPLLGDIPILGHLFKSTNTQVEKKN
LMVFIKPTIIRDGMTADGITQRKYNYIRAEQLYKAEQGLKLMDDGHIPVLPKFGEDKRHPAEIQAFIDQMEQQ
;
_entity_poly.pdbx_strand_id   A,B,C,D,E,F,G,H,I,J,K,L,M,N,O
#
# COMPACT_ATOMS: atom_id res chain seq x y z
N ASP A 1 -33.52 57.99 -88.30
CA ASP A 1 -34.19 56.76 -88.85
C ASP A 1 -33.18 55.62 -89.01
N ASN A 2 -31.94 55.80 -88.53
CA ASN A 2 -30.89 54.74 -88.63
C ASN A 2 -31.34 53.51 -87.83
N VAL A 3 -30.83 52.34 -88.21
CA VAL A 3 -31.09 51.08 -87.47
C VAL A 3 -29.83 50.71 -86.69
N ILE A 4 -29.95 50.79 -85.36
CA ILE A 4 -28.88 50.39 -84.39
C ILE A 4 -29.53 49.59 -83.25
N THR A 5 -28.73 48.79 -82.58
CA THR A 5 -29.14 48.02 -81.38
C THR A 5 -28.69 48.76 -80.13
N ARG A 6 -29.54 48.81 -79.10
CA ARG A 6 -29.18 49.45 -77.81
C ARG A 6 -29.27 48.42 -76.68
N VAL A 7 -28.21 48.32 -75.89
CA VAL A 7 -28.10 47.36 -74.76
C VAL A 7 -28.09 48.17 -73.45
N VAL A 8 -29.19 48.09 -72.69
CA VAL A 8 -29.39 48.88 -71.45
C VAL A 8 -29.99 47.96 -70.38
N ALA A 9 -29.81 48.32 -69.11
CA ALA A 9 -30.16 47.45 -67.96
C ALA A 9 -31.47 47.89 -67.32
N VAL A 10 -32.23 46.91 -66.83
CA VAL A 10 -33.18 47.12 -65.72
C VAL A 10 -32.84 46.12 -64.62
N ARG A 11 -32.20 46.64 -63.57
CA ARG A 11 -31.62 45.85 -62.45
C ARG A 11 -32.75 45.28 -61.58
N ASN A 12 -33.93 45.94 -61.55
CA ASN A 12 -34.93 45.88 -60.44
C ASN A 12 -35.76 44.58 -60.52
N VAL A 13 -36.37 44.30 -61.67
CA VAL A 13 -37.12 43.02 -61.89
C VAL A 13 -36.92 42.57 -63.34
N SER A 14 -37.07 41.27 -63.58
CA SER A 14 -36.90 40.64 -64.92
C SER A 14 -37.72 41.42 -65.95
N VAL A 15 -37.10 41.68 -67.10
CA VAL A 15 -37.61 42.65 -68.11
C VAL A 15 -38.56 41.92 -69.07
N ARG A 16 -38.70 40.59 -68.95
CA ARG A 16 -39.75 39.81 -69.66
C ARG A 16 -41.12 40.44 -69.37
N GLU A 17 -41.25 41.05 -68.21
CA GLU A 17 -42.46 41.78 -67.75
C GLU A 17 -42.89 42.83 -68.79
N LEU A 18 -41.96 43.35 -69.61
CA LEU A 18 -42.25 44.43 -70.58
C LEU A 18 -42.44 43.89 -72.00
N SER A 19 -42.41 42.58 -72.21
CA SER A 19 -42.43 42.01 -73.60
C SER A 19 -43.66 42.48 -74.38
N PRO A 20 -44.90 42.49 -73.82
CA PRO A 20 -46.07 42.81 -74.64
C PRO A 20 -46.11 44.30 -75.05
N LEU A 21 -45.78 45.21 -74.12
CA LEU A 21 -45.91 46.68 -74.31
C LEU A 21 -44.75 47.17 -75.19
N LEU A 22 -43.58 46.55 -75.04
CA LEU A 22 -42.40 46.87 -75.90
C LEU A 22 -42.68 46.40 -77.33
N ARG A 23 -43.23 45.20 -77.51
CA ARG A 23 -43.69 44.75 -78.86
C ARG A 23 -44.87 45.62 -79.31
N GLN A 24 -45.47 46.40 -78.40
CA GLN A 24 -46.45 47.43 -78.79
C GLN A 24 -45.73 48.56 -79.55
N LEU A 25 -44.54 48.96 -79.09
CA LEU A 25 -43.68 49.94 -79.83
C LEU A 25 -42.99 49.24 -81.00
N ILE A 26 -42.90 47.91 -81.01
CA ILE A 26 -42.44 47.15 -82.20
C ILE A 26 -43.62 47.08 -83.19
N ASP A 27 -44.84 47.14 -82.67
CA ASP A 27 -46.08 47.25 -83.49
C ASP A 27 -46.37 48.72 -83.83
N ASN A 28 -46.26 49.63 -82.84
CA ASN A 28 -46.66 51.06 -82.98
C ASN A 28 -46.08 51.68 -84.26
N ALA A 29 -44.87 51.25 -84.67
CA ALA A 29 -44.21 51.70 -85.91
C ALA A 29 -43.61 50.48 -86.64
N GLY A 30 -42.78 50.72 -87.65
CA GLY A 30 -42.20 49.69 -88.53
C GLY A 30 -41.39 48.66 -87.76
N ALA A 31 -41.35 47.43 -88.26
CA ALA A 31 -40.59 46.30 -87.66
C ALA A 31 -39.22 46.17 -88.37
N GLY A 32 -38.52 45.06 -88.12
CA GLY A 32 -37.05 44.98 -88.22
C GLY A 32 -36.41 45.10 -86.85
N ASN A 33 -37.20 45.49 -85.85
CA ASN A 33 -36.80 45.54 -84.42
C ASN A 33 -36.51 44.13 -83.91
N VAL A 34 -35.72 44.05 -82.85
CA VAL A 34 -35.84 42.98 -81.81
C VAL A 34 -35.83 43.68 -80.45
N VAL A 35 -36.49 43.09 -79.46
CA VAL A 35 -36.18 43.40 -78.04
C VAL A 35 -36.07 42.07 -77.30
N HIS A 36 -34.83 41.70 -76.94
CA HIS A 36 -34.53 40.39 -76.35
C HIS A 36 -34.05 40.58 -74.91
N TYR A 37 -34.64 39.84 -74.00
CA TYR A 37 -34.51 40.05 -72.53
C TYR A 37 -33.63 38.94 -71.97
N ASP A 38 -32.38 39.25 -71.66
CA ASP A 38 -31.42 38.19 -71.26
C ASP A 38 -31.66 37.84 -69.80
N PRO A 39 -31.89 36.54 -69.49
CA PRO A 39 -32.04 36.09 -68.10
C PRO A 39 -30.84 36.43 -67.19
N ALA A 40 -29.71 36.86 -67.77
CA ALA A 40 -28.60 37.50 -67.03
C ALA A 40 -29.03 38.87 -66.51
N ASN A 41 -30.21 39.34 -66.94
CA ASN A 41 -30.81 40.67 -66.59
C ASN A 41 -29.93 41.80 -67.14
N ILE A 42 -29.87 41.91 -68.49
CA ILE A 42 -29.63 43.16 -69.25
C ILE A 42 -30.69 43.20 -70.36
N ILE A 43 -30.58 44.13 -71.31
CA ILE A 43 -31.68 44.42 -72.26
C ILE A 43 -31.13 44.68 -73.65
N LEU A 44 -31.76 44.08 -74.66
CA LEU A 44 -31.42 44.27 -76.09
C LEU A 44 -32.62 44.91 -76.82
N ILE A 45 -32.34 45.99 -77.55
CA ILE A 45 -33.20 46.47 -78.67
C ILE A 45 -32.37 46.46 -79.96
N THR A 46 -33.03 46.36 -81.10
CA THR A 46 -32.44 46.59 -82.43
C THR A 46 -33.49 47.23 -83.33
N GLY A 47 -33.10 48.24 -84.12
CA GLY A 47 -34.00 48.93 -85.06
C GLY A 47 -33.76 50.43 -85.12
N ARG A 48 -34.79 51.18 -85.51
CA ARG A 48 -34.71 52.65 -85.69
C ARG A 48 -34.43 53.33 -84.36
N ALA A 49 -33.39 54.16 -84.33
CA ALA A 49 -32.86 54.84 -83.14
C ALA A 49 -33.99 55.57 -82.40
N ALA A 50 -35.01 56.04 -83.12
CA ALA A 50 -36.19 56.73 -82.54
C ALA A 50 -37.02 55.75 -81.72
N VAL A 51 -37.47 54.67 -82.36
CA VAL A 51 -38.39 53.69 -81.73
C VAL A 51 -37.57 52.83 -80.75
N VAL A 52 -36.30 52.62 -81.05
CA VAL A 52 -35.34 51.98 -80.10
C VAL A 52 -35.14 52.92 -78.91
N ASN A 53 -35.23 54.23 -79.15
CA ASN A 53 -35.06 55.27 -78.10
C ASN A 53 -36.29 55.22 -77.19
N ARG A 54 -37.48 55.16 -77.77
CA ARG A 54 -38.76 55.10 -77.02
C ARG A 54 -38.82 53.77 -76.27
N LEU A 55 -38.36 52.69 -76.91
CA LEU A 55 -38.32 51.34 -76.31
C LEU A 55 -37.38 51.36 -75.11
N ALA A 56 -36.25 52.08 -75.23
CA ALA A 56 -35.23 52.16 -74.16
C ALA A 56 -35.75 53.09 -73.05
N GLU A 57 -36.77 53.88 -73.35
CA GLU A 57 -37.35 54.89 -72.41
C GLU A 57 -38.37 54.20 -71.52
N ILE A 58 -39.24 53.34 -72.06
CA ILE A 58 -40.08 52.41 -71.23
C ILE A 58 -39.12 51.52 -70.45
N ILE A 59 -38.20 50.88 -71.17
CA ILE A 59 -37.16 49.98 -70.59
C ILE A 59 -36.43 50.72 -69.46
N LYS A 60 -35.74 51.83 -69.76
CA LYS A 60 -35.03 52.62 -68.73
C LYS A 60 -36.06 53.17 -67.73
N ARG A 61 -37.35 53.11 -68.07
CA ARG A 61 -38.41 53.61 -67.15
C ARG A 61 -38.72 52.49 -66.15
N VAL A 62 -38.28 51.27 -66.43
CA VAL A 62 -38.27 50.19 -65.41
C VAL A 62 -36.85 50.02 -64.86
N ASP A 63 -35.83 50.54 -65.53
CA ASP A 63 -34.45 50.64 -64.95
C ASP A 63 -34.49 51.61 -63.77
N GLN A 64 -34.61 52.90 -64.06
CA GLN A 64 -34.61 53.98 -63.03
C GLN A 64 -35.75 53.71 -62.04
N ALA A 65 -36.72 52.88 -62.43
CA ALA A 65 -37.90 52.56 -61.59
C ALA A 65 -37.45 51.84 -60.33
N GLY A 66 -36.48 50.93 -60.45
CA GLY A 66 -35.96 50.15 -59.30
C GLY A 66 -34.47 49.97 -59.40
N ASN A 67 -33.70 51.05 -59.44
CA ASN A 67 -32.21 50.96 -59.51
C ASN A 67 -31.68 50.50 -58.15
N ARG A 68 -30.49 49.90 -58.15
CA ARG A 68 -29.90 49.34 -56.91
C ARG A 68 -28.37 49.52 -56.94
N GLU A 69 -27.85 50.29 -56.02
CA GLU A 69 -26.38 50.51 -55.87
C GLU A 69 -25.92 49.95 -54.52
N ILE A 70 -24.70 50.30 -54.12
CA ILE A 70 -24.14 49.84 -52.82
C ILE A 70 -23.29 50.97 -52.20
N GLU A 71 -23.12 50.88 -50.88
CA GLU A 71 -22.32 51.86 -50.12
C GLU A 71 -21.32 51.11 -49.26
N VAL A 72 -20.25 51.79 -48.88
CA VAL A 72 -19.24 51.29 -47.90
C VAL A 72 -18.87 52.46 -46.98
N VAL A 73 -19.28 52.38 -45.71
CA VAL A 73 -19.11 53.51 -44.77
C VAL A 73 -18.61 52.98 -43.44
N GLU A 74 -17.68 53.73 -42.84
CA GLU A 74 -16.96 53.34 -41.59
C GLU A 74 -17.94 53.37 -40.43
N LEU A 75 -17.87 52.31 -39.63
CA LEU A 75 -18.42 52.31 -38.26
C LEU A 75 -17.23 52.20 -37.30
N GLY A 76 -16.70 53.35 -36.86
CA GLY A 76 -15.53 53.42 -35.98
C GLY A 76 -15.77 52.71 -34.66
N ASN A 77 -17.04 52.48 -34.32
CA ASN A 77 -17.46 52.22 -32.92
C ASN A 77 -18.33 50.96 -32.89
N ALA A 78 -19.61 51.09 -33.23
CA ALA A 78 -20.64 50.03 -33.07
C ALA A 78 -20.25 48.81 -33.89
N SER A 79 -20.34 47.62 -33.31
CA SER A 79 -20.03 46.38 -34.06
C SER A 79 -20.92 46.29 -35.30
N ALA A 80 -20.29 46.22 -36.46
CA ALA A 80 -21.02 46.05 -37.72
C ALA A 80 -22.05 44.93 -37.54
N ALA A 81 -21.59 43.72 -37.27
CA ALA A 81 -22.46 42.53 -37.12
C ALA A 81 -23.64 42.91 -36.22
N GLU A 82 -23.41 43.78 -35.23
CA GLU A 82 -24.53 44.30 -34.41
C GLU A 82 -25.37 45.21 -35.30
N MET A 83 -24.75 46.19 -35.97
CA MET A 83 -25.53 47.10 -36.84
C MET A 83 -26.39 46.26 -37.77
N VAL A 84 -25.79 45.23 -38.35
CA VAL A 84 -26.49 44.18 -39.14
C VAL A 84 -27.70 43.72 -38.35
N ARG A 85 -27.48 43.03 -37.22
CA ARG A 85 -28.57 42.39 -36.46
C ARG A 85 -29.69 43.41 -36.27
N ILE A 86 -29.31 44.62 -35.88
CA ILE A 86 -30.26 45.59 -35.29
C ILE A 86 -31.01 46.27 -36.44
N VAL A 87 -30.48 46.16 -37.64
CA VAL A 87 -31.25 46.53 -38.85
C VAL A 87 -32.01 45.30 -39.35
N ASP A 88 -31.56 44.11 -38.99
CA ASP A 88 -32.14 42.86 -39.56
C ASP A 88 -33.63 42.81 -39.23
N ALA A 89 -33.97 43.24 -38.01
CA ALA A 89 -35.36 43.41 -37.54
C ALA A 89 -36.15 44.24 -38.56
N LEU A 90 -35.48 45.18 -39.24
CA LEU A 90 -36.15 46.06 -40.23
C LEU A 90 -36.42 45.23 -41.50
N ASN A 91 -37.60 45.43 -42.09
CA ASN A 91 -38.12 44.49 -43.12
C ASN A 91 -38.66 45.31 -44.30
N LYS A 106 -29.82 44.77 -48.23
CA LYS A 106 -29.29 44.09 -47.02
C LYS A 106 -27.99 44.76 -46.58
N LEU A 107 -27.11 44.05 -45.86
CA LEU A 107 -26.12 44.67 -44.94
C LEU A 107 -24.83 43.86 -44.92
N VAL A 108 -23.71 44.57 -44.84
CA VAL A 108 -22.39 43.97 -44.49
C VAL A 108 -21.60 44.98 -43.66
N ALA A 109 -20.37 44.60 -43.30
CA ALA A 109 -19.31 45.53 -42.84
C ALA A 109 -17.96 44.81 -42.84
N ASP A 110 -16.90 45.53 -42.50
CA ASP A 110 -15.60 44.90 -42.19
C ASP A 110 -15.06 45.49 -40.88
N GLU A 111 -14.53 44.64 -40.02
CA GLU A 111 -13.84 45.11 -38.81
C GLU A 111 -12.31 45.10 -39.02
N ARG A 112 -11.79 44.81 -40.22
CA ARG A 112 -10.43 45.31 -40.57
C ARG A 112 -10.52 46.83 -40.61
N THR A 113 -11.51 47.33 -41.37
CA THR A 113 -11.79 48.76 -41.58
C THR A 113 -12.75 49.25 -40.49
N ASN A 114 -13.65 48.37 -40.02
CA ASN A 114 -14.84 48.78 -39.24
C ASN A 114 -15.68 49.74 -40.09
N SER A 115 -16.29 49.19 -41.13
CA SER A 115 -17.05 49.98 -42.15
C SER A 115 -18.29 49.19 -42.56
N ILE A 116 -19.44 49.87 -42.48
CA ILE A 116 -20.72 49.33 -43.01
C ILE A 116 -20.58 49.22 -44.52
N LEU A 117 -20.92 48.05 -45.03
CA LEU A 117 -21.16 47.86 -46.47
C LEU A 117 -22.66 47.69 -46.63
N ILE A 118 -23.19 48.07 -47.78
CA ILE A 118 -24.64 47.86 -48.02
C ILE A 118 -24.81 47.03 -49.30
N SER A 119 -25.91 46.31 -49.36
CA SER A 119 -26.46 45.72 -50.61
C SER A 119 -27.91 46.15 -50.76
N GLY A 120 -28.18 47.08 -51.68
CA GLY A 120 -29.57 47.43 -52.05
C GLY A 120 -29.69 48.88 -52.45
N ASP A 121 -30.87 49.44 -52.22
CA ASP A 121 -31.43 50.61 -52.94
C ASP A 121 -30.55 51.83 -52.71
N PRO A 122 -30.56 52.80 -53.65
CA PRO A 122 -30.22 54.18 -53.31
C PRO A 122 -31.26 54.85 -52.40
N LYS A 123 -32.43 54.23 -52.21
CA LYS A 123 -33.26 54.50 -51.02
C LYS A 123 -32.63 53.83 -49.80
N VAL A 124 -32.14 52.61 -49.96
CA VAL A 124 -31.34 51.92 -48.91
C VAL A 124 -30.04 52.73 -48.71
N ARG A 125 -29.61 53.47 -49.74
CA ARG A 125 -28.40 54.31 -49.62
C ARG A 125 -28.76 55.59 -48.86
N ASP A 126 -29.94 56.16 -49.10
CA ASP A 126 -30.40 57.36 -48.34
C ASP A 126 -30.57 56.97 -46.87
N ARG A 127 -31.48 56.03 -46.59
CA ARG A 127 -31.87 55.68 -45.21
C ARG A 127 -30.70 55.00 -44.51
N LEU A 128 -29.86 54.27 -45.23
CA LEU A 128 -28.79 53.54 -44.52
C LEU A 128 -27.48 54.33 -44.57
N LYS A 129 -27.43 55.47 -45.24
CA LYS A 129 -26.45 56.49 -44.82
C LYS A 129 -26.99 57.23 -43.61
N ARG A 130 -28.32 57.36 -43.52
CA ARG A 130 -28.94 57.88 -42.28
C ARG A 130 -28.48 57.00 -41.10
N LEU A 131 -28.49 55.68 -41.24
CA LEU A 131 -28.17 54.77 -40.11
C LEU A 131 -26.67 54.51 -40.07
N ILE A 132 -25.96 54.75 -41.17
CA ILE A 132 -24.49 54.96 -41.11
C ILE A 132 -24.24 56.00 -40.01
N ARG A 133 -24.97 57.10 -40.07
CA ARG A 133 -24.69 58.27 -39.19
C ARG A 133 -25.31 58.01 -37.82
N GLN A 134 -26.49 57.35 -37.79
CA GLN A 134 -27.30 57.30 -36.54
C GLN A 134 -26.45 56.68 -35.42
N LEU A 135 -25.96 55.47 -35.60
CA LEU A 135 -25.17 54.83 -34.51
C LEU A 135 -23.70 54.87 -34.90
N ASP A 136 -23.14 56.07 -34.85
CA ASP A 136 -21.69 56.30 -34.94
C ASP A 136 -21.15 56.90 -33.64
N VAL A 137 -22.04 57.49 -32.82
CA VAL A 137 -21.74 58.60 -31.85
C VAL A 137 -20.82 58.13 -30.71
N GLU A 138 -20.85 58.85 -29.59
CA GLU A 138 -20.12 58.54 -28.34
C GLU A 138 -20.36 57.09 -27.92
N MET A 139 -19.41 56.52 -27.17
CA MET A 139 -19.52 55.14 -26.63
C MET A 139 -20.13 55.21 -25.23
N ALA A 140 -20.28 56.42 -24.70
CA ALA A 140 -21.01 56.77 -23.46
C ALA A 140 -20.26 56.26 -22.22
N SER A 141 -18.97 55.97 -22.34
CA SER A 141 -18.04 55.68 -21.20
C SER A 141 -18.69 54.72 -20.21
N LYS A 142 -18.90 53.47 -20.64
CA LYS A 142 -19.67 52.44 -19.91
C LYS A 142 -19.14 52.35 -18.47
N GLY A 143 -17.85 52.62 -18.29
CA GLY A 143 -17.17 52.38 -16.99
C GLY A 143 -17.55 51.03 -16.43
N ASN A 144 -17.66 50.02 -17.31
CA ASN A 144 -18.05 48.63 -16.99
C ASN A 144 -17.38 48.20 -15.69
N ASN A 145 -16.11 48.59 -15.54
CA ASN A 145 -15.30 48.30 -14.33
C ASN A 145 -14.81 49.61 -13.71
N ARG A 146 -14.68 49.60 -12.38
CA ARG A 146 -14.16 50.71 -11.55
C ARG A 146 -13.18 50.13 -10.55
N VAL A 147 -12.33 50.96 -9.98
CA VAL A 147 -11.39 50.48 -8.93
C VAL A 147 -11.56 51.44 -7.75
N VAL A 148 -12.27 50.96 -6.74
CA VAL A 148 -12.64 51.76 -5.54
C VAL A 148 -11.55 51.63 -4.51
N TYR A 149 -11.04 52.77 -4.11
CA TYR A 149 -9.94 52.89 -3.14
C TYR A 149 -10.61 52.90 -1.76
N LEU A 150 -10.54 51.76 -1.09
CA LEU A 150 -11.03 51.60 0.30
C LEU A 150 -10.43 52.68 1.22
N LYS A 151 -11.30 53.40 1.90
CA LYS A 151 -10.98 54.43 2.92
C LYS A 151 -10.50 53.77 4.23
N TYR A 152 -11.30 52.95 4.91
CA TYR A 152 -10.65 52.37 6.09
C TYR A 152 -10.75 50.88 6.10
N ALA A 153 -10.64 50.20 4.98
CA ALA A 153 -10.78 48.77 5.29
C ALA A 153 -9.78 47.92 4.55
N LYS A 154 -9.47 46.78 5.13
CA LYS A 154 -8.55 45.95 4.33
C LYS A 154 -9.37 45.32 3.22
N ALA A 155 -8.88 45.50 2.02
CA ALA A 155 -9.65 45.09 0.85
C ALA A 155 -9.43 43.61 0.64
N GLU A 156 -8.34 43.10 1.20
CA GLU A 156 -7.98 41.68 1.02
C GLU A 156 -9.13 40.84 1.57
N ASP A 157 -9.93 41.46 2.45
CA ASP A 157 -10.92 40.73 3.29
C ASP A 157 -12.33 41.13 2.84
N LEU A 158 -12.46 42.35 2.41
CA LEU A 158 -13.73 42.85 1.87
C LEU A 158 -14.13 42.08 0.60
N VAL A 159 -13.18 41.74 -0.27
CA VAL A 159 -13.48 40.98 -1.53
C VAL A 159 -14.18 39.67 -1.19
N ASP A 160 -13.83 39.08 -0.06
CA ASP A 160 -14.46 37.83 0.43
C ASP A 160 -15.96 38.04 0.59
N VAL A 161 -16.34 39.14 1.19
CA VAL A 161 -17.74 39.44 1.53
C VAL A 161 -18.47 39.84 0.26
N LEU A 162 -17.77 40.43 -0.67
CA LEU A 162 -18.54 40.97 -1.80
C LEU A 162 -18.76 39.83 -2.80
N LYS A 163 -18.11 38.69 -2.59
CA LYS A 163 -18.25 37.52 -3.49
C LYS A 163 -19.73 37.09 -3.51
N GLY A 164 -20.39 37.12 -2.35
CA GLY A 164 -21.77 36.64 -2.21
C GLY A 164 -22.77 37.66 -2.73
N VAL A 165 -22.46 38.94 -2.56
CA VAL A 165 -23.29 40.08 -3.06
C VAL A 165 -23.09 40.08 -4.55
N SER A 166 -21.92 39.63 -4.95
CA SER A 166 -21.56 39.85 -6.35
C SER A 166 -22.37 38.87 -7.22
N ASP A 167 -22.01 37.60 -7.16
CA ASP A 167 -22.62 36.53 -7.97
C ASP A 167 -24.14 36.53 -7.74
N ASN A 168 -24.54 36.49 -6.47
CA ASN A 168 -25.97 36.37 -6.08
C ASN A 168 -26.73 37.51 -6.76
N LEU A 169 -26.24 38.74 -6.64
CA LEU A 169 -26.96 39.93 -7.15
C LEU A 169 -27.19 39.74 -8.65
N GLN A 170 -26.15 39.34 -9.38
CA GLN A 170 -26.17 39.12 -10.86
C GLN A 170 -27.31 38.17 -11.22
N ALA A 171 -27.43 37.05 -10.50
CA ALA A 171 -28.49 36.04 -10.70
C ALA A 171 -29.89 36.66 -10.45
N VAL A 187 -19.85 39.63 -12.87
CA VAL A 187 -19.40 40.27 -11.58
C VAL A 187 -18.10 39.62 -11.11
N VAL A 188 -16.95 40.26 -11.32
CA VAL A 188 -15.70 39.80 -10.65
C VAL A 188 -15.10 40.93 -9.84
N ILE A 189 -15.09 40.73 -8.52
CA ILE A 189 -14.50 41.66 -7.52
C ILE A 189 -13.12 41.15 -7.19
N ALA A 190 -12.11 41.99 -7.36
CA ALA A 190 -10.74 41.53 -7.07
C ALA A 190 -10.04 42.59 -6.25
N ALA A 191 -9.34 42.18 -5.20
CA ALA A 191 -8.76 43.19 -4.30
C ALA A 191 -7.28 43.29 -4.62
N HIS A 192 -6.83 44.46 -5.02
CA HIS A 192 -5.38 44.70 -5.28
C HIS A 192 -4.71 45.12 -3.99
N GLN A 193 -4.01 44.18 -3.35
CA GLN A 193 -3.39 44.36 -2.01
C GLN A 193 -2.77 45.74 -1.93
N GLY A 194 -1.70 45.89 -2.72
CA GLY A 194 -0.86 47.09 -2.77
C GLY A 194 -1.59 48.32 -2.27
N THR A 195 -2.63 48.75 -2.96
CA THR A 195 -3.19 50.12 -2.82
C THR A 195 -4.39 50.07 -1.86
N ASN A 196 -4.61 48.88 -1.30
CA ASN A 196 -5.81 48.55 -0.50
C ASN A 196 -6.99 49.09 -1.27
N SER A 197 -7.04 48.73 -2.55
CA SER A 197 -8.11 49.13 -3.47
C SER A 197 -8.60 47.86 -4.12
N LEU A 198 -9.89 47.60 -3.97
CA LEU A 198 -10.40 46.40 -4.66
C LEU A 198 -11.05 46.85 -5.95
N VAL A 199 -10.76 46.07 -6.98
CA VAL A 199 -11.12 46.30 -8.39
C VAL A 199 -12.38 45.52 -8.65
N LEU A 200 -13.42 46.26 -9.00
CA LEU A 200 -14.75 45.69 -9.28
C LEU A 200 -14.94 45.65 -10.77
N THR A 201 -15.41 44.53 -11.30
CA THR A 201 -15.86 44.50 -12.72
C THR A 201 -17.23 43.87 -12.73
N ALA A 202 -18.19 44.80 -12.72
CA ALA A 202 -19.63 44.64 -12.45
C ALA A 202 -20.42 44.88 -13.75
N PRO A 203 -21.70 44.41 -13.90
CA PRO A 203 -22.73 45.22 -14.56
C PRO A 203 -23.12 46.48 -13.82
N PRO A 204 -23.71 47.47 -14.49
CA PRO A 204 -23.77 48.81 -13.94
C PRO A 204 -24.61 48.87 -12.67
N ASP A 205 -25.67 48.08 -12.61
CA ASP A 205 -26.46 47.98 -11.36
C ASP A 205 -25.65 47.25 -10.31
N ILE A 206 -25.30 46.02 -10.60
CA ILE A 206 -24.43 45.23 -9.68
C ILE A 206 -23.31 46.17 -9.18
N MET A 207 -22.82 47.07 -10.04
CA MET A 207 -21.70 47.98 -9.72
C MET A 207 -22.21 48.98 -8.71
N LEU A 208 -23.20 49.78 -9.11
CA LEU A 208 -23.85 50.74 -8.19
C LEU A 208 -24.23 50.00 -6.90
N ALA A 209 -24.47 48.68 -6.96
CA ALA A 209 -24.85 47.95 -5.73
C ALA A 209 -23.62 47.70 -4.87
N LEU A 210 -22.62 47.03 -5.46
CA LEU A 210 -21.35 46.69 -4.74
C LEU A 210 -20.83 48.00 -4.14
N GLN A 211 -21.04 49.12 -4.82
CA GLN A 211 -20.46 50.41 -4.37
C GLN A 211 -21.19 50.84 -3.10
N GLU A 212 -22.47 50.48 -2.97
CA GLU A 212 -23.28 50.93 -1.81
C GLU A 212 -23.02 50.00 -0.63
N VAL A 213 -22.48 48.82 -0.93
CA VAL A 213 -22.17 47.80 0.09
C VAL A 213 -20.80 48.11 0.67
N ILE A 214 -19.89 48.55 -0.19
CA ILE A 214 -18.47 48.77 0.18
C ILE A 214 -18.42 50.06 0.95
N THR A 215 -19.35 50.97 0.67
CA THR A 215 -19.35 52.30 1.31
C THR A 215 -19.88 52.18 2.74
N GLN A 216 -20.60 51.11 3.03
CA GLN A 216 -21.21 50.92 4.35
C GLN A 216 -20.38 49.92 5.16
N LEU A 217 -19.54 49.12 4.51
CA LEU A 217 -18.61 48.22 5.23
C LEU A 217 -17.31 48.93 5.48
N ASP A 218 -17.17 50.06 4.84
CA ASP A 218 -15.86 50.73 4.82
C ASP A 218 -15.86 51.83 5.87
N ILE A 219 -16.57 51.65 6.96
CA ILE A 219 -16.55 52.68 8.02
C ILE A 219 -15.28 52.46 8.84
N ARG A 220 -14.83 53.50 9.53
CA ARG A 220 -13.65 53.39 10.42
C ARG A 220 -14.03 52.47 11.55
N ARG A 221 -13.05 51.79 12.12
CA ARG A 221 -13.37 50.90 13.25
C ARG A 221 -12.98 51.64 14.52
N ALA A 222 -13.89 51.65 15.49
CA ALA A 222 -13.49 52.19 16.80
C ALA A 222 -12.53 51.21 17.47
N GLN A 223 -11.93 51.61 18.57
CA GLN A 223 -10.97 50.64 19.15
C GLN A 223 -10.98 50.70 20.67
N VAL A 224 -10.84 49.53 21.28
CA VAL A 224 -11.01 49.42 22.74
C VAL A 224 -9.65 49.28 23.40
N LEU A 225 -9.47 49.98 24.49
CA LEU A 225 -8.30 49.79 25.37
C LEU A 225 -8.67 48.84 26.52
N ILE A 226 -8.50 47.55 26.30
CA ILE A 226 -8.87 46.47 27.26
C ILE A 226 -7.87 46.50 28.39
N GLU A 227 -8.22 47.14 29.47
CA GLU A 227 -7.32 47.11 30.64
C GLU A 227 -7.86 46.07 31.61
N ALA A 228 -7.27 44.89 31.62
CA ALA A 228 -7.51 43.90 32.69
C ALA A 228 -6.79 44.28 33.99
N LEU A 229 -7.21 43.69 35.11
CA LEU A 229 -6.78 44.18 36.43
C LEU A 229 -6.82 43.04 37.42
N ILE A 230 -5.80 42.22 37.37
CA ILE A 230 -5.71 40.96 38.11
C ILE A 230 -5.14 41.25 39.48
N VAL A 231 -5.89 40.95 40.52
CA VAL A 231 -5.47 41.33 41.88
C VAL A 231 -5.40 40.02 42.66
N GLU A 232 -4.22 39.45 42.79
CA GLU A 232 -3.97 38.23 43.60
C GLU A 232 -3.41 38.51 44.99
N MET A 233 -4.25 38.48 45.99
CA MET A 233 -3.92 38.96 47.34
C MET A 233 -3.99 37.81 48.35
N ALA A 234 -2.84 37.26 48.74
CA ALA A 234 -2.71 35.99 49.49
C ALA A 234 -2.01 36.21 50.83
N GLU A 235 -2.52 35.56 51.85
CA GLU A 235 -2.20 35.90 53.25
C GLU A 235 -2.21 34.59 54.01
N GLY A 236 -1.07 34.22 54.58
CA GLY A 236 -0.86 32.92 55.23
C GLY A 236 -0.32 33.11 56.63
N ASP A 237 -0.76 32.28 57.55
CA ASP A 237 -0.45 32.43 58.98
C ASP A 237 -0.40 31.04 59.57
N GLY A 238 0.76 30.61 60.00
CA GLY A 238 0.97 29.29 60.61
C GLY A 238 1.60 29.44 61.97
N VAL A 239 1.15 28.61 62.89
CA VAL A 239 1.79 28.47 64.22
C VAL A 239 2.10 27.01 64.48
N ASN A 240 3.35 26.61 64.51
CA ASN A 240 3.71 25.28 65.04
C ASN A 240 4.28 25.42 66.44
N LEU A 241 3.69 24.71 67.38
CA LEU A 241 4.25 24.76 68.74
C LEU A 241 4.15 23.40 69.39
N GLY A 242 5.26 22.86 69.79
CA GLY A 242 5.18 21.45 70.15
C GLY A 242 6.42 20.99 70.79
N VAL A 243 6.28 20.35 71.91
CA VAL A 243 7.47 20.15 72.75
C VAL A 243 7.80 18.69 72.79
N GLN A 244 9.03 18.34 72.54
CA GLN A 244 9.27 16.91 72.42
C GLN A 244 10.25 16.51 73.49
N TRP A 245 9.84 15.56 74.28
CA TRP A 245 10.75 15.02 75.30
C TRP A 245 11.52 13.87 74.70
N GLY A 246 12.71 13.56 75.20
CA GLY A 246 13.48 12.40 74.71
C GLY A 246 14.59 11.96 75.63
N ASN A 247 14.76 10.67 75.75
CA ASN A 247 15.85 10.08 76.57
C ASN A 247 16.39 8.91 75.79
N LEU A 248 17.56 9.09 75.18
CA LEU A 248 18.13 8.08 74.26
C LEU A 248 18.94 7.02 75.01
N GLU A 249 19.44 7.28 76.23
CA GLU A 249 20.11 6.24 77.05
C GLU A 249 19.23 4.98 77.06
N THR A 250 17.96 5.16 77.39
CA THR A 250 16.92 4.12 77.36
C THR A 250 15.77 4.57 76.47
N GLY A 251 15.94 4.44 75.14
CA GLY A 251 15.04 4.78 74.02
C GLY A 251 13.65 5.23 74.42
N ALA A 252 13.53 6.44 74.92
CA ALA A 252 12.22 6.94 75.41
C ALA A 252 11.98 8.26 74.73
N VAL A 253 11.16 8.26 73.72
CA VAL A 253 10.93 9.55 73.07
C VAL A 253 9.47 9.92 73.28
N ILE A 254 9.20 11.19 73.36
CA ILE A 254 7.85 11.67 73.00
C ILE A 254 7.97 12.50 71.76
N GLN A 255 8.06 11.85 70.63
CA GLN A 255 8.40 12.60 69.42
C GLN A 255 7.12 12.96 68.67
N TYR A 256 7.22 13.97 67.83
CA TYR A 256 6.16 14.37 66.90
C TYR A 256 6.73 14.59 65.52
N SER A 257 6.11 14.05 64.48
CA SER A 257 6.53 14.32 63.10
C SER A 257 6.02 15.70 62.71
N ASN A 258 4.94 16.13 63.34
CA ASN A 258 4.29 17.30 62.77
C ASN A 258 5.20 18.52 62.93
N THR A 259 6.14 18.47 63.87
CA THR A 259 6.98 19.68 64.10
C THR A 259 8.17 19.61 63.17
N GLY A 260 8.78 20.74 62.89
CA GLY A 260 10.03 20.67 62.10
C GLY A 260 10.74 19.35 62.33
N THR A 261 11.45 19.25 63.44
CA THR A 261 12.37 18.11 63.54
C THR A 261 11.83 17.15 64.59
N PRO A 262 12.03 15.84 64.45
CA PRO A 262 11.72 14.90 65.52
C PRO A 262 12.86 14.52 66.47
N ILE A 263 12.61 14.53 67.77
CA ILE A 263 13.67 14.58 68.80
C ILE A 263 14.65 13.44 68.49
N GLY A 264 14.19 12.36 67.85
CA GLY A 264 15.08 11.22 67.59
C GLY A 264 16.28 11.67 66.77
N LYS A 265 15.98 12.11 65.55
CA LYS A 265 17.02 12.64 64.64
C LYS A 265 17.92 13.56 65.45
N VAL A 266 17.35 14.41 66.31
CA VAL A 266 18.15 15.49 66.96
C VAL A 266 19.05 14.85 68.00
N MET A 267 18.52 13.96 68.81
CA MET A 267 19.39 13.33 69.83
C MET A 267 20.44 12.43 69.15
N VAL A 268 20.04 11.66 68.15
CA VAL A 268 21.04 10.84 67.42
C VAL A 268 22.12 11.78 66.90
N GLY A 269 21.71 12.85 66.21
CA GLY A 269 22.62 13.84 65.59
C GLY A 269 23.56 14.39 66.62
N LEU A 270 23.03 14.66 67.81
CA LEU A 270 23.85 15.27 68.87
C LEU A 270 24.88 14.26 69.35
N GLU A 271 24.52 12.99 69.37
CA GLU A 271 25.49 11.98 69.84
C GLU A 271 26.57 11.82 68.78
N GLU A 272 26.17 11.75 67.53
CA GLU A 272 27.16 11.62 66.44
C GLU A 272 28.10 12.83 66.41
N ALA A 273 27.61 14.02 66.78
CA ALA A 273 28.37 15.30 66.72
C ALA A 273 29.29 15.36 67.94
N LYS A 274 29.18 14.38 68.84
CA LYS A 274 30.05 14.31 70.06
C LYS A 274 31.38 13.64 69.69
N ASP A 275 32.45 13.94 70.44
CA ASP A 275 33.80 13.35 70.22
C ASP A 275 33.84 11.94 70.85
N LYS A 276 33.90 10.91 70.00
CA LYS A 276 34.00 9.46 70.38
C LYS A 276 35.45 9.13 70.79
N THR A 277 35.68 7.96 71.40
CA THR A 277 37.04 7.48 71.80
C THR A 277 37.16 5.97 71.54
N VAL A 278 38.12 5.58 70.69
CA VAL A 278 38.37 4.16 70.32
C VAL A 278 39.72 3.74 70.91
N THR A 279 39.71 2.95 71.99
CA THR A 279 40.87 2.72 72.90
C THR A 279 41.76 1.58 72.37
N SER A 294 45.26 4.73 73.21
CA SER A 294 43.98 5.47 73.25
C SER A 294 44.00 6.57 72.18
N ARG A 295 43.09 6.51 71.20
CA ARG A 295 42.87 7.60 70.23
C ARG A 295 41.62 8.40 70.64
N THR A 296 41.54 9.66 70.25
CA THR A 296 40.27 10.43 70.27
C THR A 296 39.87 10.75 68.83
N GLU A 297 38.58 10.93 68.59
CA GLU A 297 38.07 11.29 67.25
C GLU A 297 36.91 12.27 67.39
N ALA A 298 36.87 13.22 66.46
CA ALA A 298 35.80 14.25 66.45
C ALA A 298 34.73 13.77 65.49
N GLY A 299 33.54 13.57 66.07
CA GLY A 299 32.38 13.05 65.35
C GLY A 299 31.89 14.03 64.31
N ASP A 300 31.29 13.48 63.26
CA ASP A 300 30.71 14.25 62.16
C ASP A 300 29.37 14.83 62.63
N TYR A 301 29.22 16.10 62.36
CA TYR A 301 27.95 16.82 62.57
C TYR A 301 27.10 16.67 61.30
N SER A 302 27.28 15.60 60.53
CA SER A 302 26.56 15.41 59.25
C SER A 302 25.13 14.94 59.54
N THR A 303 24.94 14.30 60.69
CA THR A 303 23.62 13.75 61.07
C THR A 303 22.86 14.83 61.81
N LEU A 304 23.56 15.62 62.60
CA LEU A 304 22.92 16.71 63.36
C LEU A 304 22.54 17.83 62.37
N ALA A 305 23.33 18.02 61.35
CA ALA A 305 23.07 19.06 60.34
C ALA A 305 21.85 18.64 59.51
N ALA A 306 21.68 17.35 59.23
CA ALA A 306 20.51 16.84 58.49
C ALA A 306 19.25 16.99 59.36
N ALA A 307 19.40 16.99 60.68
CA ALA A 307 18.23 17.14 61.57
C ALA A 307 17.84 18.62 61.65
N LEU A 308 18.77 19.43 62.11
CA LEU A 308 18.54 20.86 62.40
C LEU A 308 18.34 21.57 61.08
N ALA A 309 18.65 20.90 59.97
CA ALA A 309 18.65 21.56 58.65
C ALA A 309 17.25 22.10 58.42
N GLY A 310 16.27 21.29 58.80
CA GLY A 310 14.89 21.47 58.36
C GLY A 310 14.08 22.14 59.44
N VAL A 311 14.72 22.87 60.33
CA VAL A 311 13.95 23.45 61.45
C VAL A 311 13.67 24.90 61.14
N ASN A 312 12.45 25.18 60.80
CA ASN A 312 12.14 26.58 60.47
C ASN A 312 11.30 27.07 61.62
N GLY A 313 11.97 27.45 62.68
CA GLY A 313 11.33 28.21 63.74
C GLY A 313 12.33 28.38 64.85
N ALA A 314 12.11 27.60 65.87
CA ALA A 314 12.91 27.60 67.11
C ALA A 314 12.79 26.21 67.72
N ALA A 315 13.89 25.46 67.69
CA ALA A 315 13.99 24.05 68.14
C ALA A 315 14.99 23.95 69.29
N MET A 316 14.58 24.44 70.45
CA MET A 316 15.47 24.65 71.60
C MET A 316 15.41 23.40 72.46
N SER A 317 16.54 23.04 73.05
CA SER A 317 16.66 21.81 73.87
C SER A 317 16.99 22.20 75.30
N LEU A 318 16.02 22.11 76.21
CA LEU A 318 16.24 22.09 77.67
C LEU A 318 16.68 20.68 78.05
N VAL A 319 17.98 20.45 78.14
CA VAL A 319 18.54 19.13 78.52
C VAL A 319 18.52 19.01 80.04
N MET A 320 17.54 18.28 80.57
CA MET A 320 17.36 18.10 82.03
C MET A 320 17.82 16.69 82.42
N GLY A 321 18.94 16.55 83.15
CA GLY A 321 19.57 15.25 83.46
C GLY A 321 19.22 14.15 82.46
N ASP A 322 19.59 14.32 81.19
CA ASP A 322 19.63 13.17 80.25
C ASP A 322 18.24 12.92 79.65
N TRP A 323 17.26 13.72 80.03
CA TRP A 323 15.99 13.82 79.28
C TRP A 323 15.96 15.12 78.49
N THR A 324 16.28 15.02 77.20
CA THR A 324 16.39 16.17 76.30
C THR A 324 14.99 16.55 75.84
N ALA A 325 14.54 17.71 76.28
CA ALA A 325 13.23 18.25 75.88
C ALA A 325 13.40 19.29 74.78
N LEU A 326 13.26 18.88 73.52
CA LEU A 326 13.29 19.80 72.38
C LEU A 326 11.91 20.45 72.21
N ILE A 327 11.85 21.70 72.67
CA ILE A 327 10.74 22.68 72.45
C ILE A 327 10.86 23.37 71.11
N SER A 328 9.79 23.33 70.34
CA SER A 328 9.79 23.88 68.96
C SER A 328 8.63 24.86 68.86
N ALA A 329 8.89 25.98 68.21
CA ALA A 329 7.87 27.02 68.02
C ALA A 329 8.23 27.80 66.77
N VAL A 330 7.22 28.06 65.96
CA VAL A 330 7.35 28.98 64.81
C VAL A 330 5.99 29.56 64.47
N SER A 331 5.90 30.88 64.29
CA SER A 331 4.63 31.53 63.87
C SER A 331 4.83 32.15 62.47
N SER A 332 5.06 31.29 61.49
CA SER A 332 5.17 31.65 60.05
C SER A 332 3.97 32.50 59.61
N ASP A 333 4.13 33.81 59.52
CA ASP A 333 3.06 34.73 59.08
C ASP A 333 3.50 35.28 57.72
N SER A 334 3.05 34.63 56.65
CA SER A 334 3.25 35.07 55.24
C SER A 334 2.13 36.03 54.78
N ASN A 335 2.31 36.59 53.60
CA ASN A 335 1.50 37.72 53.06
C ASN A 335 1.98 38.08 51.65
N SER A 336 1.05 38.20 50.73
CA SER A 336 1.33 38.35 49.28
C SER A 336 0.23 39.23 48.73
N ASN A 337 0.59 40.12 47.84
CA ASN A 337 -0.37 41.17 47.43
C ASN A 337 0.01 41.57 46.02
N ILE A 338 -0.18 40.67 45.08
CA ILE A 338 0.20 40.86 43.67
C ILE A 338 -0.93 41.57 42.95
N LEU A 339 -0.59 42.53 42.15
CA LEU A 339 -1.59 43.34 41.49
C LEU A 339 -1.16 43.65 40.06
N SER A 340 -1.27 42.69 39.17
CA SER A 340 -0.77 42.80 37.79
C SER A 340 -1.93 43.20 36.89
N SER A 341 -1.79 44.28 36.14
CA SER A 341 -2.86 44.78 35.22
C SER A 341 -2.28 44.96 33.84
N PRO A 342 -2.64 44.11 32.88
CA PRO A 342 -2.23 44.27 31.51
C PRO A 342 -3.39 44.80 30.68
N SER A 343 -3.12 45.90 30.00
CA SER A 343 -4.00 46.43 28.94
C SER A 343 -3.43 46.16 27.56
N ILE A 344 -4.36 46.01 26.67
CA ILE A 344 -4.02 45.82 25.26
C ILE A 344 -4.96 46.79 24.61
N THR A 345 -4.57 47.32 23.47
CA THR A 345 -5.50 48.12 22.67
C THR A 345 -5.85 47.31 21.45
N VAL A 346 -7.11 47.32 21.13
CA VAL A 346 -7.37 46.51 19.95
C VAL A 346 -8.46 47.13 19.13
N MET A 347 -8.47 46.80 17.86
CA MET A 347 -9.50 47.34 16.98
C MET A 347 -10.71 46.47 17.20
N ASP A 348 -11.88 47.09 17.25
CA ASP A 348 -13.11 46.34 17.53
C ASP A 348 -13.14 45.17 16.56
N ASN A 349 -13.44 44.02 17.11
CA ASN A 349 -13.77 42.82 16.33
C ASN A 349 -12.48 42.21 15.82
N GLY A 350 -11.37 42.92 15.96
CA GLY A 350 -10.06 42.28 15.81
C GLY A 350 -9.76 41.44 17.02
N GLU A 351 -9.06 40.32 16.85
CA GLU A 351 -8.45 39.63 18.01
C GLU A 351 -7.11 40.26 18.36
N ALA A 352 -6.85 40.32 19.65
CA ALA A 352 -5.55 40.82 20.12
C ALA A 352 -5.11 40.02 21.28
N SER A 353 -3.86 39.62 21.18
CA SER A 353 -3.19 38.82 22.20
C SER A 353 -2.22 39.76 22.87
N PHE A 354 -1.81 39.36 24.06
CA PHE A 354 -0.83 40.09 24.86
C PHE A 354 -0.22 39.07 25.78
N ILE A 355 1.08 38.98 25.85
CA ILE A 355 1.68 37.93 26.70
C ILE A 355 3.00 38.42 27.22
N VAL A 356 3.08 38.53 28.49
CA VAL A 356 4.28 39.03 29.16
C VAL A 356 4.69 37.95 30.10
N GLY A 357 5.74 37.24 29.75
CA GLY A 357 5.79 35.82 30.11
C GLY A 357 7.14 35.24 29.90
N GLU A 358 7.12 33.94 29.72
CA GLU A 358 8.25 33.22 29.15
C GLU A 358 7.70 32.03 28.42
N GLU A 359 8.29 31.75 27.30
CA GLU A 359 8.05 30.48 26.59
C GLU A 359 8.96 29.45 27.24
N VAL A 360 8.48 28.72 28.24
CA VAL A 360 9.18 27.49 28.72
C VAL A 360 8.85 26.35 27.80
N PRO A 361 9.84 25.58 27.42
CA PRO A 361 9.58 24.36 26.70
C PRO A 361 9.34 23.22 27.67
N VAL A 362 8.49 22.32 27.20
CA VAL A 362 7.94 21.24 28.05
C VAL A 362 7.84 20.01 27.22
N ILE A 363 8.20 18.90 27.84
CA ILE A 363 8.15 17.59 27.18
C ILE A 363 6.72 17.36 26.70
N THR A 364 6.61 16.44 25.74
CA THR A 364 5.34 15.87 25.25
C THR A 364 5.62 14.46 24.74
N VAL A 379 9.02 17.75 22.45
CA VAL A 379 9.18 19.06 23.16
C VAL A 379 8.38 20.15 22.45
N ASP A 380 7.36 20.65 23.11
CA ASP A 380 6.62 21.84 22.66
C ASP A 380 7.00 22.99 23.59
N ARG A 381 6.78 24.20 23.11
CA ARG A 381 7.26 25.42 23.79
C ARG A 381 6.04 26.25 24.21
N LYS A 382 5.58 26.07 25.42
CA LYS A 382 4.32 26.72 25.80
C LYS A 382 4.65 27.97 26.59
N GLU A 383 3.89 29.01 26.25
CA GLU A 383 4.03 30.38 26.79
C GLU A 383 3.38 30.47 28.16
N VAL A 384 4.00 31.16 29.06
CA VAL A 384 3.44 30.96 30.40
C VAL A 384 3.65 32.25 31.08
N GLY A 385 2.62 33.04 31.14
CA GLY A 385 2.89 34.36 31.72
C GLY A 385 1.63 35.02 32.09
N ILE A 386 1.62 36.32 32.21
CA ILE A 386 0.35 37.07 32.07
C ILE A 386 -0.02 37.06 30.60
N LYS A 387 -0.89 36.17 30.16
CA LYS A 387 -1.56 36.29 28.85
C LYS A 387 -2.93 36.93 28.98
N LEU A 388 -3.39 37.54 27.90
CA LEU A 388 -4.69 38.21 27.84
C LEU A 388 -5.12 38.23 26.41
N LYS A 389 -6.09 37.44 26.01
CA LYS A 389 -6.35 37.39 24.56
C LYS A 389 -7.79 37.78 24.28
N VAL A 390 -8.05 39.06 24.10
CA VAL A 390 -9.43 39.56 24.01
C VAL A 390 -9.83 39.77 22.56
N VAL A 391 -11.05 39.35 22.22
CA VAL A 391 -11.61 39.69 20.90
C VAL A 391 -12.71 40.68 21.17
N PRO A 392 -12.35 41.91 21.45
CA PRO A 392 -13.32 42.87 21.94
C PRO A 392 -14.19 43.24 20.77
N GLN A 393 -15.50 43.27 20.97
CA GLN A 393 -16.50 43.52 19.90
C GLN A 393 -17.53 44.53 20.35
N ILE A 394 -17.34 45.80 20.02
CA ILE A 394 -18.16 46.93 20.54
C ILE A 394 -19.57 46.84 20.01
N ASN A 395 -20.56 47.04 20.90
CA ASN A 395 -22.02 46.92 20.65
C ASN A 395 -22.61 48.34 20.56
N GLU A 396 -23.87 48.48 20.14
CA GLU A 396 -24.66 49.73 20.29
C GLU A 396 -24.74 50.12 21.79
N GLY A 397 -24.82 51.41 22.13
CA GLY A 397 -24.90 51.89 23.52
C GLY A 397 -23.53 51.90 24.19
N ASP A 398 -22.48 51.95 23.37
CA ASP A 398 -21.07 51.88 23.83
C ASP A 398 -20.97 50.80 24.91
N SER A 399 -21.34 49.57 24.57
CA SER A 399 -21.28 48.43 25.50
C SER A 399 -20.41 47.38 24.89
N VAL A 400 -19.13 47.39 25.26
CA VAL A 400 -18.18 46.42 24.66
C VAL A 400 -18.42 45.02 25.16
N GLN A 401 -18.40 44.09 24.24
CA GLN A 401 -18.64 42.66 24.50
C GLN A 401 -17.39 41.86 24.18
N LEU A 402 -16.59 41.59 25.20
CA LEU A 402 -15.25 40.97 25.15
C LEU A 402 -15.38 39.45 25.15
N ASN A 403 -14.64 38.73 24.29
CA ASN A 403 -14.43 37.26 24.39
C ASN A 403 -13.03 36.96 24.86
N ILE A 404 -12.84 36.88 26.17
CA ILE A 404 -11.51 37.02 26.79
C ILE A 404 -11.00 35.65 27.22
N GLU A 405 -9.70 35.46 27.05
CA GLU A 405 -8.97 34.31 27.63
C GLU A 405 -7.84 34.94 28.42
N GLN A 406 -7.92 34.90 29.73
CA GLN A 406 -6.92 35.57 30.60
C GLN A 406 -6.19 34.62 31.56
N GLU A 407 -4.87 34.60 31.52
CA GLU A 407 -4.09 33.49 32.10
C GLU A 407 -2.99 34.13 32.87
N VAL A 408 -3.05 34.10 34.15
CA VAL A 408 -1.72 34.35 34.70
C VAL A 408 -1.15 33.01 35.03
N SER A 409 0.09 32.80 34.69
CA SER A 409 0.74 31.51 34.88
C SER A 409 2.24 31.75 35.01
N ASN A 410 2.94 30.75 35.49
CA ASN A 410 4.06 31.04 36.42
C ASN A 410 4.73 29.73 36.68
N VAL A 411 5.42 29.25 35.66
CA VAL A 411 6.21 28.00 35.76
C VAL A 411 6.91 27.94 37.12
N LEU A 412 6.49 26.94 37.86
CA LEU A 412 7.00 26.53 39.19
C LEU A 412 7.88 25.31 38.93
N GLY A 413 8.34 24.66 40.00
CA GLY A 413 9.04 23.39 39.89
C GLY A 413 8.14 22.27 39.41
N ALA A 414 8.76 21.15 39.09
CA ALA A 414 8.05 19.87 38.89
C ALA A 414 8.26 18.91 40.06
N ASN A 415 7.96 19.31 41.30
CA ASN A 415 8.13 18.40 42.45
C ASN A 415 8.14 16.95 41.92
N GLY A 416 6.99 16.45 41.51
CA GLY A 416 6.83 15.00 41.36
C GLY A 416 6.94 14.67 39.89
N ALA A 417 6.51 15.66 39.12
CA ALA A 417 6.05 15.37 37.76
C ALA A 417 7.30 15.27 36.88
N VAL A 418 7.11 14.57 35.76
CA VAL A 418 8.09 14.41 34.66
C VAL A 418 8.77 15.75 34.41
N ASP A 419 8.02 16.65 33.81
CA ASP A 419 8.55 17.97 33.41
C ASP A 419 8.14 18.98 34.47
N VAL A 420 8.32 20.26 34.13
CA VAL A 420 7.94 21.40 34.97
C VAL A 420 6.44 21.56 34.96
N ARG A 421 5.91 21.77 36.15
CA ARG A 421 4.48 22.10 36.44
C ARG A 421 4.37 23.61 36.35
N PHE A 422 3.58 24.10 35.39
CA PHE A 422 3.09 25.50 35.28
C PHE A 422 1.95 25.77 36.23
N ALA A 423 2.02 26.87 36.94
CA ALA A 423 0.96 27.26 37.87
C ALA A 423 0.14 28.31 37.20
N LYS A 424 -1.04 27.90 36.86
CA LYS A 424 -1.83 28.56 35.82
C LYS A 424 -3.09 28.98 36.49
N ARG A 425 -3.47 30.22 36.30
CA ARG A 425 -4.79 30.69 36.74
C ARG A 425 -5.42 31.28 35.54
N GLN A 426 -6.01 30.45 34.69
CA GLN A 426 -6.69 30.99 33.51
C GLN A 426 -8.17 31.04 33.71
N LEU A 427 -8.78 31.96 32.99
CA LEU A 427 -10.16 32.41 33.26
C LEU A 427 -10.71 32.81 31.90
N ASN A 428 -11.26 31.87 31.15
CA ASN A 428 -11.61 32.28 29.77
C ASN A 428 -13.11 32.22 29.62
N THR A 429 -13.69 33.34 29.27
CA THR A 429 -15.11 33.59 29.38
C THR A 429 -15.47 34.57 28.30
N SER A 430 -16.72 35.00 28.30
CA SER A 430 -17.16 36.08 27.41
C SER A 430 -17.99 36.97 28.27
N VAL A 431 -17.62 38.20 28.42
CA VAL A 431 -18.53 39.08 29.19
C VAL A 431 -18.92 40.30 28.40
N ILE A 432 -19.78 41.10 28.99
CA ILE A 432 -20.27 42.27 28.23
C ILE A 432 -20.29 43.42 29.21
N VAL A 433 -19.48 44.41 28.88
CA VAL A 433 -19.10 45.44 29.85
C VAL A 433 -19.57 46.76 29.30
N GLN A 434 -19.80 47.68 30.22
CA GLN A 434 -20.08 49.03 29.73
C GLN A 434 -18.81 49.61 29.14
N ASP A 435 -18.96 50.64 28.35
CA ASP A 435 -17.81 51.51 28.00
C ASP A 435 -17.37 52.21 29.26
N GLY A 436 -16.16 51.92 29.75
CA GLY A 436 -15.51 52.72 30.81
C GLY A 436 -15.86 52.32 32.24
N GLN A 437 -16.75 51.35 32.46
CA GLN A 437 -16.94 50.80 33.82
C GLN A 437 -16.22 49.47 33.92
N MET A 438 -15.73 49.18 35.10
CA MET A 438 -14.99 47.92 35.23
C MET A 438 -16.04 46.85 35.52
N LEU A 439 -15.73 45.63 35.15
CA LEU A 439 -16.58 44.49 35.50
C LEU A 439 -15.68 43.36 35.91
N VAL A 440 -16.20 42.54 36.80
CA VAL A 440 -15.36 41.50 37.43
C VAL A 440 -15.50 40.18 36.69
N LEU A 441 -14.46 39.76 35.97
CA LEU A 441 -14.56 38.53 35.15
C LEU A 441 -14.68 37.38 36.13
N GLY A 442 -13.76 37.36 37.09
CA GLY A 442 -13.34 36.13 37.74
C GLY A 442 -13.07 36.32 39.19
N GLY A 443 -12.63 35.24 39.79
CA GLY A 443 -12.52 35.32 41.24
C GLY A 443 -12.06 33.99 41.75
N LEU A 444 -11.66 34.07 43.00
CA LEU A 444 -11.52 32.92 43.87
C LEU A 444 -11.20 33.44 45.26
N ILE A 445 -12.03 33.12 46.19
CA ILE A 445 -11.72 33.42 47.59
C ILE A 445 -11.52 32.09 48.29
N ASP A 446 -10.31 31.61 48.29
CA ASP A 446 -9.96 30.41 49.07
C ASP A 446 -9.72 30.86 50.52
N GLU A 447 -10.20 30.10 51.47
CA GLU A 447 -9.64 30.11 52.83
C GLU A 447 -9.38 28.68 53.24
N ARG A 448 -8.27 28.40 53.90
CA ARG A 448 -8.00 27.08 54.51
C ARG A 448 -7.66 27.26 55.99
N ALA A 449 -7.79 26.18 56.71
CA ALA A 449 -7.37 26.25 58.11
C ALA A 449 -7.14 24.82 58.60
N LEU A 450 -5.90 24.40 58.63
CA LEU A 450 -5.57 23.06 59.13
C LEU A 450 -5.03 23.21 60.54
N GLU A 451 -5.76 22.77 61.52
CA GLU A 451 -5.15 22.39 62.80
C GLU A 451 -4.61 20.94 62.74
N SER A 452 -3.71 20.60 63.66
CA SER A 452 -3.25 19.22 63.97
C SER A 452 -2.74 19.22 65.39
N GLU A 453 -3.03 18.20 66.15
CA GLU A 453 -2.33 18.15 67.44
C GLU A 453 -2.10 16.70 67.74
N SER A 454 -0.86 16.34 67.81
CA SER A 454 -0.53 15.04 68.39
C SER A 454 -0.29 15.27 69.88
N LYS A 455 -0.92 14.49 70.74
CA LYS A 455 -0.62 14.64 72.18
C LYS A 455 -0.46 13.31 72.85
N VAL A 456 0.06 13.34 74.06
CA VAL A 456 0.21 12.06 74.78
C VAL A 456 -1.15 11.83 75.38
N PRO A 457 -2.10 11.46 74.52
CA PRO A 457 -3.47 11.38 74.98
C PRO A 457 -3.73 12.21 76.23
N LEU A 458 -3.87 11.55 77.37
CA LEU A 458 -4.65 12.18 78.45
C LEU A 458 -3.82 13.27 79.11
N LEU A 459 -2.49 13.13 79.08
CA LEU A 459 -1.59 14.11 79.74
C LEU A 459 -1.65 15.43 78.97
N GLY A 460 -1.89 15.37 77.65
CA GLY A 460 -2.06 16.55 76.79
C GLY A 460 -3.44 17.16 76.94
N ASP A 461 -4.11 16.86 78.04
CA ASP A 461 -5.43 17.47 78.29
C ASP A 461 -5.25 18.64 79.25
N ILE A 462 -4.46 18.43 80.31
CA ILE A 462 -4.29 19.40 81.43
C ILE A 462 -4.13 20.77 80.78
N PRO A 463 -4.82 21.82 81.26
CA PRO A 463 -4.82 23.12 80.60
C PRO A 463 -3.44 23.80 80.62
N ILE A 464 -2.78 23.77 81.77
CA ILE A 464 -1.52 24.54 81.97
C ILE A 464 -0.39 23.76 81.30
N LEU A 465 -0.23 22.50 81.69
CA LEU A 465 0.97 21.70 81.38
C LEU A 465 0.74 20.89 80.11
N GLY A 466 -0.48 20.91 79.58
CA GLY A 466 -0.81 20.05 78.42
C GLY A 466 0.20 20.27 77.32
N HIS A 467 0.59 21.54 77.17
CA HIS A 467 1.34 21.97 75.98
C HIS A 467 2.68 21.26 76.02
N LEU A 468 3.03 20.65 77.15
CA LEU A 468 4.38 20.01 77.26
C LEU A 468 4.29 18.72 76.48
N PHE A 469 3.13 18.12 76.46
CA PHE A 469 3.05 16.81 75.81
C PHE A 469 2.44 16.92 74.41
N LYS A 470 1.70 17.99 74.16
CA LYS A 470 0.99 18.20 72.87
C LYS A 470 1.99 18.71 71.85
N SER A 471 1.70 18.47 70.59
CA SER A 471 2.32 19.19 69.47
C SER A 471 1.27 19.68 68.49
N THR A 472 1.00 20.95 68.60
CA THR A 472 -0.08 21.54 67.79
C THR A 472 0.55 22.21 66.59
N ASN A 473 -0.14 22.15 65.49
CA ASN A 473 0.32 22.68 64.21
C ASN A 473 -0.87 23.32 63.51
N THR A 474 -0.89 24.63 63.42
CA THR A 474 -2.08 25.31 62.86
C THR A 474 -1.61 26.12 61.68
N GLN A 475 -2.46 26.23 60.69
CA GLN A 475 -2.06 26.79 59.39
C GLN A 475 -3.31 27.36 58.79
N VAL A 476 -3.22 28.59 58.35
CA VAL A 476 -4.43 29.22 57.79
C VAL A 476 -4.00 29.94 56.57
N GLU A 477 -4.48 29.54 55.42
CA GLU A 477 -4.10 30.18 54.16
C GLU A 477 -5.37 30.80 53.61
N LYS A 478 -5.28 32.05 53.23
CA LYS A 478 -6.43 32.80 52.70
C LYS A 478 -5.97 33.46 51.41
N LYS A 479 -6.65 33.23 50.31
CA LYS A 479 -6.18 33.66 48.99
C LYS A 479 -7.32 34.27 48.19
N ASN A 480 -7.18 35.54 47.80
CA ASN A 480 -8.25 36.31 47.11
C ASN A 480 -7.67 36.63 45.76
N LEU A 481 -8.13 35.96 44.73
CA LEU A 481 -7.81 36.28 43.33
C LEU A 481 -9.04 36.84 42.61
N MET A 482 -9.17 38.15 42.39
CA MET A 482 -10.25 38.74 41.55
C MET A 482 -9.58 39.19 40.29
N VAL A 483 -10.12 38.86 39.13
CA VAL A 483 -9.72 39.57 37.91
C VAL A 483 -10.84 40.47 37.47
N PHE A 484 -10.58 41.76 37.55
CA PHE A 484 -11.43 42.78 36.90
C PHE A 484 -10.95 43.07 35.48
N ILE A 485 -11.89 43.45 34.65
CA ILE A 485 -11.60 43.90 33.27
C ILE A 485 -12.36 45.17 33.00
N LYS A 486 -11.71 46.11 32.33
CA LYS A 486 -12.29 47.44 31.98
C LYS A 486 -11.98 47.71 30.54
N PRO A 487 -13.00 47.59 29.67
CA PRO A 487 -12.89 48.00 28.28
C PRO A 487 -13.14 49.50 28.24
N THR A 488 -12.23 50.16 27.55
CA THR A 488 -12.43 51.57 27.16
C THR A 488 -12.42 51.64 25.63
N ILE A 489 -13.39 52.33 25.08
CA ILE A 489 -13.58 52.46 23.63
C ILE A 489 -12.84 53.73 23.26
N ILE A 490 -12.04 53.62 22.22
CA ILE A 490 -11.28 54.77 21.63
C ILE A 490 -11.79 54.99 20.21
N ARG A 491 -12.77 55.89 20.07
CA ARG A 491 -13.37 56.23 18.76
C ARG A 491 -12.60 57.40 18.15
N ASP A 492 -12.84 58.57 18.73
CA ASP A 492 -12.19 59.83 18.32
C ASP A 492 -10.71 59.67 18.64
N GLY A 493 -9.85 60.00 17.68
CA GLY A 493 -8.41 60.15 17.95
C GLY A 493 -8.16 60.86 19.26
N MET A 494 -8.82 62.00 19.46
CA MET A 494 -8.52 62.81 20.66
C MET A 494 -8.57 61.91 21.89
N THR A 495 -9.46 60.92 21.87
CA THR A 495 -9.65 60.02 23.04
C THR A 495 -8.35 59.23 23.26
N ALA A 496 -7.75 58.79 22.15
CA ALA A 496 -6.53 57.95 22.14
C ALA A 496 -5.38 58.77 22.73
N ASP A 497 -5.28 60.03 22.30
CA ASP A 497 -4.24 60.95 22.76
C ASP A 497 -4.23 60.87 24.28
N GLY A 498 -5.41 61.03 24.87
CA GLY A 498 -5.50 61.04 26.33
C GLY A 498 -5.06 59.69 26.88
N ILE A 499 -5.78 58.65 26.48
CA ILE A 499 -5.53 57.31 27.03
C ILE A 499 -4.02 57.19 27.02
N THR A 500 -3.43 57.49 25.87
CA THR A 500 -2.02 57.16 25.58
C THR A 500 -1.19 58.12 26.40
N GLN A 501 -1.31 59.38 26.07
CA GLN A 501 -0.57 60.41 26.81
C GLN A 501 -0.54 60.02 28.29
N ARG A 502 -1.69 60.11 28.95
CA ARG A 502 -1.78 59.90 30.41
C ARG A 502 -0.73 58.86 30.76
N LYS A 503 -0.75 57.74 30.03
CA LYS A 503 0.10 56.53 30.30
C LYS A 503 1.55 56.90 30.12
N TYR A 504 1.86 57.35 28.91
CA TYR A 504 3.22 57.75 28.48
C TYR A 504 3.76 58.78 29.45
N ASN A 505 2.94 59.80 29.69
CA ASN A 505 3.25 60.95 30.54
C ASN A 505 3.50 60.49 31.99
N TYR A 506 2.90 59.39 32.45
CA TYR A 506 3.05 58.71 33.77
C TYR A 506 4.40 58.05 33.85
N ILE A 507 4.75 57.26 32.85
CA ILE A 507 6.08 56.65 32.78
C ILE A 507 7.09 57.80 32.80
N ARG A 508 6.94 58.72 31.90
CA ARG A 508 7.92 59.82 31.85
C ARG A 508 8.05 60.40 33.25
N ALA A 509 6.97 60.54 33.98
CA ALA A 509 7.12 61.15 35.31
C ALA A 509 8.03 60.23 36.10
N GLU A 510 7.74 58.95 36.12
CA GLU A 510 8.54 58.02 36.94
C GLU A 510 9.99 58.23 36.55
N GLN A 511 10.25 58.22 35.26
CA GLN A 511 11.64 58.09 34.82
C GLN A 511 12.37 59.38 35.13
N LEU A 512 11.67 60.51 35.04
CA LEU A 512 12.31 61.80 35.34
C LEU A 512 12.62 61.75 36.80
N TYR A 513 11.80 60.99 37.49
CA TYR A 513 12.07 60.98 38.92
C TYR A 513 13.45 60.35 39.06
N LYS A 514 13.59 59.18 38.46
CA LYS A 514 14.79 58.35 38.72
C LYS A 514 15.98 59.18 38.24
N ALA A 515 15.69 60.24 37.51
CA ALA A 515 16.80 61.12 37.14
C ALA A 515 17.08 62.11 38.26
N GLU A 516 16.13 62.32 39.16
CA GLU A 516 16.41 63.33 40.21
C GLU A 516 17.31 62.66 41.24
N GLN A 517 17.00 61.38 41.46
CA GLN A 517 17.78 60.44 42.29
C GLN A 517 18.51 59.50 41.34
N GLY A 518 19.59 60.00 40.74
CA GLY A 518 20.19 59.49 39.49
C GLY A 518 20.90 58.16 39.67
N LEU A 519 20.98 57.40 38.60
CA LEU A 519 21.95 56.30 38.51
C LEU A 519 23.08 56.54 39.49
N LYS A 520 23.24 55.55 40.37
CA LYS A 520 23.71 55.80 41.75
C LYS A 520 25.14 56.30 41.64
N LEU A 521 25.98 55.54 40.93
CA LEU A 521 27.41 55.92 40.90
C LEU A 521 27.79 56.58 39.58
N MET A 522 26.95 56.48 38.54
CA MET A 522 27.24 57.10 37.21
C MET A 522 26.92 58.59 37.21
N ASP A 523 27.20 59.25 36.07
CA ASP A 523 26.74 60.63 35.81
C ASP A 523 25.24 60.58 35.51
N ASP A 524 24.50 61.48 36.14
CA ASP A 524 23.02 61.41 36.20
C ASP A 524 22.42 61.43 34.79
N GLY A 525 23.22 61.75 33.77
CA GLY A 525 22.75 61.98 32.38
C GLY A 525 22.46 60.69 31.64
N HIS A 526 22.85 59.53 32.15
CA HIS A 526 22.83 58.33 31.29
C HIS A 526 21.51 57.62 31.45
N ILE A 527 20.69 58.08 32.40
CA ILE A 527 19.46 57.34 32.76
C ILE A 527 18.42 57.60 31.70
N PRO A 528 17.94 56.55 31.03
CA PRO A 528 16.99 56.76 29.94
C PRO A 528 15.72 57.41 30.49
N VAL A 529 15.27 58.41 29.76
CA VAL A 529 14.09 59.24 30.08
C VAL A 529 13.34 59.41 28.77
N LEU A 530 12.05 59.15 28.80
CA LEU A 530 11.23 59.43 27.62
C LEU A 530 11.26 60.91 27.36
N PRO A 531 11.24 61.29 26.08
CA PRO A 531 11.12 62.71 25.76
C PRO A 531 9.73 63.27 26.07
N LYS A 532 9.58 64.58 26.13
CA LYS A 532 8.27 65.21 26.36
C LYS A 532 7.35 64.78 25.22
N PHE A 533 6.12 64.39 25.54
CA PHE A 533 5.21 63.66 24.63
C PHE A 533 5.01 64.39 23.29
N GLY A 534 5.37 63.71 22.20
CA GLY A 534 5.36 64.27 20.83
C GLY A 534 6.50 65.24 20.54
N GLU A 535 7.58 65.30 21.34
CA GLU A 535 8.78 66.13 21.02
C GLU A 535 9.84 65.29 20.33
N ASP A 536 9.63 63.99 20.27
CA ASP A 536 10.69 63.16 19.68
C ASP A 536 11.98 63.32 20.52
N LYS A 537 13.14 62.86 20.08
CA LYS A 537 14.27 62.73 21.02
C LYS A 537 14.91 64.13 21.20
N ARG A 538 15.50 64.42 22.33
CA ARG A 538 16.52 65.51 22.39
C ARG A 538 17.92 64.92 22.68
N HIS A 539 18.99 65.26 21.92
CA HIS A 539 20.39 64.80 22.17
C HIS A 539 20.72 65.05 23.64
N PRO A 540 21.44 64.10 24.25
CA PRO A 540 22.16 64.38 25.49
C PRO A 540 22.76 65.78 25.40
N ALA A 541 22.89 66.45 26.55
CA ALA A 541 23.36 67.84 26.67
C ALA A 541 24.79 67.96 26.12
N GLU A 542 25.71 67.13 26.60
CA GLU A 542 27.13 67.28 26.21
C GLU A 542 27.21 67.36 24.68
N ILE A 543 26.55 66.42 24.01
CA ILE A 543 26.60 66.30 22.53
C ILE A 543 25.93 67.54 21.94
N GLN A 544 24.84 67.96 22.55
CA GLN A 544 24.10 69.15 22.05
C GLN A 544 25.03 70.35 22.18
N ALA A 545 25.74 70.40 23.31
CA ALA A 545 26.70 71.50 23.59
C ALA A 545 27.79 71.47 22.51
N PHE A 546 28.27 70.26 22.18
CA PHE A 546 29.33 70.05 21.18
C PHE A 546 28.82 70.54 19.83
N ILE A 547 27.57 70.20 19.51
CA ILE A 547 27.03 70.36 18.13
C ILE A 547 26.99 71.85 17.81
N ASP A 548 26.55 72.65 18.77
CA ASP A 548 26.36 74.11 18.59
C ASP A 548 27.74 74.73 18.42
N GLN A 549 28.67 74.28 19.28
CA GLN A 549 30.07 74.74 19.26
C GLN A 549 30.60 74.56 17.84
N MET A 550 30.34 73.38 17.27
CA MET A 550 30.71 73.05 15.87
C MET A 550 30.03 74.06 14.95
N GLU A 551 28.73 74.27 15.17
CA GLU A 551 27.89 75.20 14.37
C GLU A 551 28.49 76.61 14.45
N GLN A 552 28.85 77.03 15.66
CA GLN A 552 29.44 78.37 15.95
C GLN A 552 30.74 78.52 15.14
N GLN A 553 31.57 77.46 15.15
CA GLN A 553 32.88 77.40 14.45
C GLN A 553 32.66 77.59 12.95
N ASP B 1 -49.70 69.70 -70.37
CA ASP B 1 -49.99 68.55 -71.28
C ASP B 1 -48.68 67.84 -71.69
N ASN B 2 -47.55 68.21 -71.08
CA ASN B 2 -46.24 67.57 -71.39
C ASN B 2 -46.30 66.09 -71.02
N VAL B 3 -45.49 65.28 -71.68
CA VAL B 3 -45.35 63.84 -71.36
C VAL B 3 -44.04 63.61 -70.62
N ILE B 4 -44.16 63.26 -69.34
CA ILE B 4 -43.02 62.91 -68.44
C ILE B 4 -43.40 61.66 -67.64
N THR B 5 -42.38 60.94 -67.16
CA THR B 5 -42.55 59.78 -66.27
C THR B 5 -42.32 60.21 -64.82
N ARG B 6 -43.13 59.71 -63.89
CA ARG B 6 -42.96 60.02 -62.45
C ARG B 6 -42.75 58.72 -61.68
N VAL B 7 -41.68 58.69 -60.86
CA VAL B 7 -41.30 57.51 -60.05
C VAL B 7 -41.50 57.86 -58.57
N VAL B 8 -42.53 57.26 -57.95
CA VAL B 8 -42.93 57.57 -56.55
C VAL B 8 -43.22 56.24 -55.84
N ALA B 9 -43.15 56.25 -54.51
CA ALA B 9 -43.22 55.01 -53.69
C ALA B 9 -44.59 54.86 -53.05
N VAL B 10 -45.03 53.61 -52.92
CA VAL B 10 -46.00 53.20 -51.86
C VAL B 10 -45.36 52.06 -51.08
N ARG B 11 -44.89 52.40 -49.88
CA ARG B 11 -44.10 51.53 -48.99
C ARG B 11 -45.01 50.43 -48.40
N ASN B 12 -46.33 50.70 -48.27
CA ASN B 12 -47.26 50.03 -47.32
C ASN B 12 -47.67 48.64 -47.82
N VAL B 13 -48.20 48.54 -49.04
CA VAL B 13 -48.55 47.23 -49.67
C VAL B 13 -48.25 47.32 -51.17
N SER B 14 -48.01 46.15 -51.78
CA SER B 14 -47.69 46.00 -53.22
C SER B 14 -48.70 46.80 -54.06
N VAL B 15 -48.20 47.56 -55.02
CA VAL B 15 -48.97 48.59 -55.76
C VAL B 15 -49.68 47.95 -56.97
N ARG B 16 -49.44 46.65 -57.22
CA ARG B 16 -50.22 45.86 -58.20
C ARG B 16 -51.71 45.97 -57.86
N GLU B 17 -52.00 46.16 -56.57
CA GLU B 17 -53.38 46.35 -56.03
C GLU B 17 -54.09 47.50 -56.76
N LEU B 18 -53.36 48.46 -57.32
CA LEU B 18 -53.96 49.67 -57.95
C LEU B 18 -53.99 49.54 -59.48
N SER B 19 -53.60 48.41 -60.07
CA SER B 19 -53.46 48.29 -61.54
C SER B 19 -54.79 48.60 -62.25
N PRO B 20 -55.97 48.10 -61.82
CA PRO B 20 -57.20 48.33 -62.59
C PRO B 20 -57.66 49.78 -62.57
N LEU B 21 -57.59 50.44 -61.39
CA LEU B 21 -58.15 51.80 -61.17
C LEU B 21 -57.18 52.82 -61.78
N LEU B 22 -55.88 52.55 -61.72
CA LEU B 22 -54.85 53.41 -62.35
C LEU B 22 -55.00 53.33 -63.88
N ARG B 23 -55.19 52.13 -64.44
CA ARG B 23 -55.50 51.99 -65.89
C ARG B 23 -56.89 52.59 -66.16
N GLN B 24 -57.67 52.86 -65.12
CA GLN B 24 -58.92 53.66 -65.27
C GLN B 24 -58.56 55.11 -65.63
N LEU B 25 -57.54 55.68 -64.98
CA LEU B 25 -57.01 57.03 -65.34
C LEU B 25 -56.15 56.92 -66.61
N ILE B 26 -55.69 55.72 -66.99
CA ILE B 26 -55.03 55.51 -68.32
C ILE B 26 -56.15 55.41 -69.36
N ASP B 27 -57.34 54.98 -68.95
CA ASP B 27 -58.56 54.98 -69.79
C ASP B 27 -59.26 56.33 -69.70
N ASN B 28 -59.41 56.92 -68.51
CA ASN B 28 -60.21 58.16 -68.26
C ASN B 28 -59.83 59.25 -69.27
N ALA B 29 -58.56 59.31 -69.68
CA ALA B 29 -58.07 60.27 -70.69
C ALA B 29 -57.16 59.54 -71.68
N GLY B 30 -56.44 60.30 -72.53
CA GLY B 30 -55.58 59.78 -73.62
C GLY B 30 -54.50 58.83 -73.11
N ALA B 31 -54.11 57.86 -73.94
CA ALA B 31 -53.06 56.87 -73.64
C ALA B 31 -51.73 57.35 -74.25
N GLY B 32 -50.73 56.46 -74.27
CA GLY B 32 -49.30 56.82 -74.28
C GLY B 32 -48.71 56.70 -72.88
N ASN B 33 -49.58 56.54 -71.87
CA ASN B 33 -49.19 56.27 -70.46
C ASN B 33 -48.50 54.91 -70.36
N VAL B 34 -47.72 54.74 -69.30
CA VAL B 34 -47.51 53.44 -68.62
C VAL B 34 -47.70 53.67 -67.12
N VAL B 35 -48.15 52.67 -66.40
CA VAL B 35 -47.92 52.61 -64.93
C VAL B 35 -47.43 51.21 -64.59
N HIS B 36 -46.14 51.10 -64.26
CA HIS B 36 -45.46 49.82 -64.04
C HIS B 36 -45.04 49.71 -62.58
N TYR B 37 -45.38 48.59 -61.95
CA TYR B 37 -45.31 48.39 -60.48
C TYR B 37 -44.15 47.45 -60.18
N ASP B 38 -43.03 48.00 -59.71
CA ASP B 38 -41.81 47.18 -59.57
C ASP B 38 -41.91 46.36 -58.28
N PRO B 39 -41.76 45.03 -58.38
CA PRO B 39 -41.76 44.16 -57.19
C PRO B 39 -40.69 44.53 -56.13
N ALA B 40 -39.74 45.40 -56.48
CA ALA B 40 -38.85 46.08 -55.51
C ALA B 40 -39.65 47.07 -54.65
N ASN B 41 -40.92 47.30 -55.02
CA ASN B 41 -41.86 48.24 -54.34
C ASN B 41 -41.36 49.69 -54.50
N ILE B 42 -41.35 50.19 -55.73
CA ILE B 42 -41.48 51.63 -56.09
C ILE B 42 -42.52 51.69 -57.22
N ILE B 43 -42.69 52.85 -57.86
CA ILE B 43 -43.86 53.08 -58.77
C ILE B 43 -43.40 53.89 -59.99
N LEU B 44 -43.85 53.46 -61.17
CA LEU B 44 -43.60 54.16 -62.46
C LEU B 44 -44.93 54.63 -63.06
N ILE B 45 -44.99 55.90 -63.43
CA ILE B 45 -45.96 56.43 -64.43
C ILE B 45 -45.17 57.04 -65.59
N THR B 46 -45.79 57.09 -66.77
CA THR B 46 -45.30 57.86 -67.93
C THR B 46 -46.51 58.42 -68.68
N GLY B 47 -46.43 59.69 -69.12
CA GLY B 47 -47.50 60.33 -69.89
C GLY B 47 -47.70 61.79 -69.50
N ARG B 48 -48.90 62.31 -69.74
CA ARG B 48 -49.26 63.73 -69.50
C ARG B 48 -49.17 64.03 -68.00
N ALA B 49 -48.42 65.07 -67.66
CA ALA B 49 -48.09 65.49 -66.28
C ALA B 49 -49.38 65.62 -65.46
N ALA B 50 -50.50 65.98 -66.10
CA ALA B 50 -51.81 66.12 -65.42
C ALA B 50 -52.31 64.74 -64.98
N VAL B 51 -52.46 63.82 -65.93
CA VAL B 51 -53.04 62.48 -65.68
C VAL B 51 -52.00 61.65 -64.93
N VAL B 52 -50.72 61.89 -65.18
CA VAL B 52 -49.62 61.30 -64.38
C VAL B 52 -49.67 61.86 -62.97
N ASN B 53 -50.14 63.10 -62.83
CA ASN B 53 -50.28 63.78 -61.52
C ASN B 53 -51.42 63.13 -60.75
N ARG B 54 -52.56 62.90 -61.42
CA ARG B 54 -53.76 62.28 -60.81
C ARG B 54 -53.42 60.82 -60.48
N LEU B 55 -52.67 60.17 -61.36
CA LEU B 55 -52.25 58.75 -61.17
C LEU B 55 -51.33 58.68 -59.95
N ALA B 56 -50.46 59.69 -59.78
CA ALA B 56 -49.50 59.73 -58.65
C ALA B 56 -50.24 60.12 -57.37
N GLU B 57 -51.47 60.64 -57.50
CA GLU B 57 -52.29 61.13 -56.37
C GLU B 57 -53.06 59.95 -55.78
N ILE B 58 -53.65 59.08 -56.61
CA ILE B 58 -54.18 57.76 -56.15
C ILE B 58 -53.00 56.97 -55.59
N ILE B 59 -51.94 56.86 -56.39
CA ILE B 59 -50.68 56.17 -56.01
C ILE B 59 -50.18 56.70 -54.66
N LYS B 60 -49.84 57.99 -54.58
CA LYS B 60 -49.39 58.62 -53.31
C LYS B 60 -50.51 58.53 -52.28
N ARG B 61 -51.74 58.22 -52.71
CA ARG B 61 -52.89 58.10 -51.78
C ARG B 61 -52.85 56.70 -51.17
N VAL B 62 -52.08 55.80 -51.75
CA VAL B 62 -51.75 54.51 -51.09
C VAL B 62 -50.34 54.58 -50.50
N ASP B 63 -49.52 55.55 -50.91
CA ASP B 63 -48.22 55.84 -50.23
C ASP B 63 -48.52 56.37 -48.82
N GLN B 64 -49.01 57.60 -48.74
CA GLN B 64 -49.32 58.29 -47.45
C GLN B 64 -50.32 57.44 -46.67
N ALA B 65 -51.00 56.51 -47.35
CA ALA B 65 -52.04 55.65 -46.73
C ALA B 65 -51.39 54.74 -45.69
N GLY B 66 -50.21 54.22 -45.99
CA GLY B 66 -49.47 53.32 -45.08
C GLY B 66 -47.97 53.59 -45.11
N ASN B 67 -47.54 54.81 -44.79
CA ASN B 67 -46.10 55.16 -44.77
C ASN B 67 -45.45 54.47 -43.56
N ARG B 68 -44.14 54.26 -43.63
CA ARG B 68 -43.40 53.55 -42.57
C ARG B 68 -42.00 54.14 -42.44
N GLU B 69 -41.70 54.73 -41.28
CA GLU B 69 -40.36 55.29 -40.98
C GLU B 69 -39.74 54.51 -39.81
N ILE B 70 -38.68 55.05 -39.23
CA ILE B 70 -37.99 54.41 -38.08
C ILE B 70 -37.50 55.48 -37.10
N GLU B 71 -37.30 55.08 -35.85
CA GLU B 71 -36.80 55.97 -34.79
C GLU B 71 -35.62 55.30 -34.10
N VAL B 72 -34.79 56.12 -33.46
CA VAL B 72 -33.68 55.66 -32.59
C VAL B 72 -33.65 56.54 -31.35
N VAL B 73 -34.01 55.99 -30.19
CA VAL B 73 -34.16 56.79 -28.95
C VAL B 73 -33.51 56.06 -27.79
N GLU B 74 -32.83 56.83 -26.93
CA GLU B 74 -32.02 56.29 -25.80
C GLU B 74 -32.95 55.70 -24.77
N LEU B 75 -32.57 54.53 -24.29
CA LEU B 75 -33.08 53.96 -23.03
C LEU B 75 -31.91 53.92 -22.05
N GLY B 76 -31.73 54.97 -21.25
CA GLY B 76 -30.60 55.11 -20.30
C GLY B 76 -30.62 54.00 -19.27
N ASN B 77 -31.77 53.34 -19.11
CA ASN B 77 -32.09 52.57 -17.88
C ASN B 77 -32.56 51.17 -18.26
N ALA B 78 -33.83 51.03 -18.65
CA ALA B 78 -34.50 49.73 -18.88
C ALA B 78 -33.78 48.98 -19.98
N SER B 79 -33.52 47.69 -19.78
CA SER B 79 -32.86 46.86 -20.82
C SER B 79 -33.71 46.90 -22.09
N ALA B 80 -33.10 47.34 -23.18
CA ALA B 80 -33.75 47.36 -24.50
C ALA B 80 -34.43 46.00 -24.71
N ALA B 81 -33.63 44.93 -24.76
CA ALA B 81 -34.12 43.56 -25.02
C ALA B 81 -35.35 43.32 -24.14
N GLU B 82 -35.37 43.88 -22.94
CA GLU B 82 -36.58 43.81 -22.09
C GLU B 82 -37.67 44.68 -22.74
N MET B 83 -37.36 45.93 -23.06
CA MET B 83 -38.37 46.81 -23.69
C MET B 83 -38.96 46.07 -24.89
N VAL B 84 -38.10 45.47 -25.69
CA VAL B 84 -38.47 44.55 -26.80
C VAL B 84 -39.50 43.56 -26.25
N ARG B 85 -39.08 42.66 -25.37
CA ARG B 85 -39.93 41.54 -24.90
C ARG B 85 -41.29 42.12 -24.51
N ILE B 86 -41.28 43.21 -23.77
CA ILE B 86 -42.47 43.67 -23.00
C ILE B 86 -43.39 44.42 -23.96
N VAL B 87 -42.85 44.82 -25.10
CA VAL B 87 -43.71 45.29 -26.22
C VAL B 87 -44.08 44.11 -27.09
N ASP B 88 -43.32 43.03 -27.06
CA ASP B 88 -43.51 41.90 -28.01
C ASP B 88 -44.91 41.34 -27.82
N ALA B 89 -45.36 41.29 -26.56
CA ALA B 89 -46.73 40.92 -26.17
C ALA B 89 -47.73 41.75 -26.97
N LEU B 90 -47.38 42.99 -27.29
CA LEU B 90 -48.28 43.91 -28.05
C LEU B 90 -48.32 43.45 -29.51
N ASN B 91 -49.49 43.46 -30.11
CA ASN B 91 -49.74 42.76 -31.40
C ASN B 91 -50.49 43.69 -32.34
N LYS B 106 -41.93 46.85 -35.56
CA LYS B 106 -41.21 46.01 -34.56
C LYS B 106 -40.15 46.87 -33.84
N LEU B 107 -39.11 46.25 -33.30
CA LEU B 107 -38.32 46.82 -32.18
C LEU B 107 -36.85 46.42 -32.28
N VAL B 108 -35.98 47.36 -31.92
CA VAL B 108 -34.54 47.08 -31.66
C VAL B 108 -34.07 47.97 -30.51
N ALA B 109 -32.79 47.87 -30.19
CA ALA B 109 -32.03 48.87 -29.41
C ALA B 109 -30.54 48.59 -29.51
N ASP B 110 -29.72 49.44 -28.89
CA ASP B 110 -28.29 49.14 -28.67
C ASP B 110 -27.93 49.45 -27.22
N GLU B 111 -27.18 48.55 -26.60
CA GLU B 111 -26.63 48.82 -25.26
C GLU B 111 -25.17 49.29 -25.33
N ARG B 112 -24.60 49.54 -26.53
CA ARG B 112 -23.44 50.47 -26.63
C ARG B 112 -23.97 51.85 -26.23
N THR B 113 -25.06 52.25 -26.89
CA THR B 113 -25.75 53.55 -26.69
C THR B 113 -26.79 53.40 -25.59
N ASN B 114 -27.39 52.22 -25.46
CA ASN B 114 -28.65 52.02 -24.68
C ASN B 114 -29.74 52.92 -25.30
N SER B 115 -30.18 52.56 -26.50
CA SER B 115 -31.14 53.36 -27.30
C SER B 115 -32.11 52.42 -28.00
N ILE B 116 -33.40 52.70 -27.83
CA ILE B 116 -34.48 52.00 -28.59
C ILE B 116 -34.33 52.38 -30.06
N LEU B 117 -34.32 51.37 -30.90
CA LEU B 117 -34.52 51.55 -32.34
C LEU B 117 -35.90 51.03 -32.66
N ILE B 118 -36.53 51.56 -33.70
CA ILE B 118 -37.85 51.04 -34.10
C ILE B 118 -37.80 50.62 -35.56
N SER B 119 -38.64 49.67 -35.92
CA SER B 119 -39.00 49.35 -37.31
C SER B 119 -40.52 49.39 -37.45
N GLY B 120 -41.06 50.42 -38.07
CA GLY B 120 -42.48 50.46 -38.44
C GLY B 120 -43.03 51.87 -38.42
N ASP B 121 -44.32 51.99 -38.13
CA ASP B 121 -45.19 53.12 -38.53
C ASP B 121 -44.70 54.42 -37.89
N PRO B 122 -44.99 55.58 -38.52
CA PRO B 122 -45.07 56.83 -37.77
C PRO B 122 -46.25 56.89 -36.79
N LYS B 123 -47.18 55.94 -36.88
CA LYS B 123 -48.05 55.60 -35.72
C LYS B 123 -47.24 54.81 -34.70
N VAL B 124 -46.42 53.87 -35.17
CA VAL B 124 -45.45 53.17 -34.29
C VAL B 124 -44.43 54.20 -33.78
N ARG B 125 -44.24 55.29 -34.52
CA ARG B 125 -43.33 56.38 -34.07
C ARG B 125 -44.03 57.22 -33.01
N ASP B 126 -45.33 57.48 -33.16
CA ASP B 126 -46.10 58.22 -32.13
C ASP B 126 -46.15 57.39 -30.85
N ARG B 127 -46.74 56.19 -30.92
CA ARG B 127 -47.00 55.36 -29.72
C ARG B 127 -45.68 54.85 -29.15
N LEU B 128 -44.67 54.62 -30.00
CA LEU B 128 -43.42 54.06 -29.45
C LEU B 128 -42.40 55.15 -29.17
N LYS B 129 -42.70 56.41 -29.49
CA LYS B 129 -42.04 57.49 -28.72
C LYS B 129 -42.77 57.65 -27.39
N ARG B 130 -44.07 57.38 -27.37
CA ARG B 130 -44.80 57.31 -26.08
C ARG B 130 -44.09 56.30 -25.17
N LEU B 131 -43.74 55.12 -25.68
CA LEU B 131 -43.15 54.05 -24.84
C LEU B 131 -41.63 54.22 -24.75
N ILE B 132 -41.04 54.97 -25.68
CA ILE B 132 -39.69 55.55 -25.45
C ILE B 132 -39.73 56.24 -24.09
N ARG B 133 -40.75 57.07 -23.88
CA ARG B 133 -40.82 57.95 -22.70
C ARG B 133 -41.32 57.13 -21.51
N GLN B 134 -42.25 56.20 -21.75
CA GLN B 134 -43.01 55.56 -20.65
C GLN B 134 -42.02 54.90 -19.68
N LEU B 135 -41.19 53.97 -20.15
CA LEU B 135 -40.25 53.30 -19.24
C LEU B 135 -38.85 53.84 -19.49
N ASP B 136 -38.66 55.08 -19.06
CA ASP B 136 -37.33 55.73 -18.96
C ASP B 136 -36.98 56.04 -17.51
N VAL B 137 -37.98 56.09 -16.62
CA VAL B 137 -38.00 56.91 -15.36
C VAL B 137 -36.98 56.39 -14.35
N GLU B 138 -37.21 56.72 -13.06
CA GLU B 138 -36.40 56.26 -11.90
C GLU B 138 -36.21 54.74 -11.93
N MET B 139 -35.13 54.27 -11.31
CA MET B 139 -34.83 52.82 -11.20
C MET B 139 -35.42 52.30 -9.89
N ALA B 140 -35.90 53.22 -9.03
CA ALA B 140 -36.70 52.97 -7.81
C ALA B 140 -35.83 52.35 -6.70
N SER B 141 -34.49 52.48 -6.81
CA SER B 141 -33.53 52.13 -5.72
C SER B 141 -33.87 50.77 -5.10
N LYS B 142 -33.71 49.70 -5.88
CA LYS B 142 -34.13 48.33 -5.53
C LYS B 142 -33.58 47.98 -4.15
N GLY B 143 -32.43 48.52 -3.80
CA GLY B 143 -31.70 48.12 -2.59
C GLY B 143 -31.67 46.60 -2.47
N ASN B 144 -31.48 45.92 -3.60
CA ASN B 144 -31.45 44.44 -3.71
C ASN B 144 -30.66 43.86 -2.55
N ASN B 145 -29.57 44.53 -2.19
CA ASN B 145 -28.70 44.12 -1.06
C ASN B 145 -28.60 45.28 -0.05
N ARG B 146 -28.45 44.91 1.22
CA ARG B 146 -28.28 45.83 2.38
C ARG B 146 -27.14 45.28 3.24
N VAL B 147 -26.58 46.11 4.09
CA VAL B 147 -25.53 45.63 5.03
C VAL B 147 -25.96 46.10 6.41
N VAL B 148 -26.49 45.16 7.19
CA VAL B 148 -27.06 45.44 8.53
C VAL B 148 -25.97 45.32 9.57
N TYR B 149 -25.80 46.39 10.30
CA TYR B 149 -24.78 46.51 11.37
C TYR B 149 -25.40 45.93 12.62
N LEU B 150 -25.01 44.71 12.95
CA LEU B 150 -25.41 44.02 14.19
C LEU B 150 -25.14 44.89 15.42
N LYS B 151 -26.18 45.10 16.21
CA LYS B 151 -26.15 45.83 17.50
C LYS B 151 -25.49 44.98 18.60
N TYR B 152 -26.01 43.81 18.95
CA TYR B 152 -25.21 43.12 19.96
C TYR B 152 -24.88 41.72 19.54
N ALA B 153 -24.58 41.47 18.29
CA ALA B 153 -24.31 40.02 18.16
C ALA B 153 -23.11 39.74 17.28
N LYS B 154 -22.48 38.61 17.54
CA LYS B 154 -21.37 38.34 16.61
C LYS B 154 -21.99 37.88 15.31
N ALA B 155 -21.58 38.53 14.25
CA ALA B 155 -22.20 38.29 12.95
C ALA B 155 -21.57 37.06 12.35
N GLU B 156 -20.38 36.73 12.82
CA GLU B 156 -19.62 35.58 12.27
C GLU B 156 -20.48 34.33 12.48
N ASP B 157 -21.42 34.41 13.43
CA ASP B 157 -22.15 33.23 13.95
C ASP B 157 -23.61 33.33 13.53
N LEU B 158 -24.09 34.54 13.45
CA LEU B 158 -25.47 34.80 12.98
C LEU B 158 -25.63 34.36 11.51
N VAL B 159 -24.63 34.57 10.66
CA VAL B 159 -24.72 34.17 9.22
C VAL B 159 -25.01 32.67 9.12
N ASP B 160 -24.49 31.90 10.06
CA ASP B 160 -24.72 30.43 10.11
C ASP B 160 -26.23 30.15 10.21
N VAL B 161 -26.90 30.89 11.08
CA VAL B 161 -28.33 30.67 11.38
C VAL B 161 -29.15 31.20 10.23
N LEU B 162 -28.65 32.22 9.55
CA LEU B 162 -29.56 32.83 8.57
C LEU B 162 -29.46 32.02 7.28
N LYS B 163 -28.51 31.10 7.20
CA LYS B 163 -28.31 30.25 6.00
C LYS B 163 -29.59 29.45 5.75
N GLY B 164 -30.22 28.95 6.81
CA GLY B 164 -31.42 28.10 6.70
C GLY B 164 -32.67 28.89 6.42
N VAL B 165 -32.73 30.11 6.97
CA VAL B 165 -33.86 31.05 6.75
C VAL B 165 -33.69 31.57 5.34
N SER B 166 -32.45 31.59 4.93
CA SER B 166 -32.18 32.31 3.67
C SER B 166 -32.67 31.44 2.51
N ASP B 167 -31.95 30.35 2.22
CA ASP B 167 -32.26 29.44 1.09
C ASP B 167 -33.70 28.96 1.21
N ASN B 168 -34.07 28.43 2.37
CA ASN B 168 -35.40 27.82 2.60
C ASN B 168 -36.46 28.84 2.22
N LEU B 169 -36.34 30.07 2.74
CA LEU B 169 -37.38 31.11 2.52
C LEU B 169 -37.55 31.31 1.01
N GLN B 170 -36.45 31.45 0.28
CA GLN B 170 -36.43 31.68 -1.18
C GLN B 170 -37.24 30.60 -1.89
N ALA B 171 -37.03 29.33 -1.54
CA ALA B 171 -37.77 28.17 -2.10
C ALA B 171 -39.27 28.28 -1.79
N VAL B 187 -30.53 34.51 -2.48
CA VAL B 187 -30.28 34.84 -1.04
C VAL B 187 -28.85 34.46 -0.68
N VAL B 188 -27.94 35.43 -0.61
CA VAL B 188 -26.59 35.16 0.00
C VAL B 188 -26.34 36.13 1.14
N ILE B 189 -26.26 35.56 2.35
CA ILE B 189 -25.95 36.27 3.61
C ILE B 189 -24.48 36.09 3.88
N ALA B 190 -23.75 37.19 4.04
CA ALA B 190 -22.31 37.07 4.29
C ALA B 190 -21.93 37.98 5.43
N ALA B 191 -21.15 37.49 6.37
CA ALA B 191 -20.87 38.32 7.57
C ALA B 191 -19.48 38.91 7.40
N HIS B 192 -19.39 40.24 7.38
CA HIS B 192 -18.08 40.92 7.32
C HIS B 192 -17.54 41.11 8.72
N GLN B 193 -16.59 40.26 9.11
CA GLN B 193 -16.04 40.20 10.49
C GLN B 193 -15.84 41.61 11.01
N GLY B 194 -14.87 42.27 10.38
CA GLY B 194 -14.40 43.62 10.74
C GLY B 194 -15.46 44.41 11.52
N THR B 195 -16.58 44.71 10.90
CA THR B 195 -17.51 45.76 11.38
C THR B 195 -18.63 45.11 12.19
N ASN B 196 -18.50 43.80 12.37
CA ASN B 196 -19.55 42.92 12.95
C ASN B 196 -20.84 43.31 12.28
N SER B 197 -20.79 43.34 10.95
CA SER B 197 -21.94 43.68 10.10
C SER B 197 -22.05 42.58 9.08
N LEU B 198 -23.21 41.94 9.05
CA LEU B 198 -23.37 40.91 8.01
C LEU B 198 -24.12 41.52 6.85
N VAL B 199 -23.63 41.18 5.67
CA VAL B 199 -24.06 41.71 4.37
C VAL B 199 -25.04 40.72 3.79
N LEU B 200 -26.26 41.22 3.60
CA LEU B 200 -27.37 40.40 3.07
C LEU B 200 -27.55 40.76 1.61
N THR B 201 -27.68 39.77 0.74
CA THR B 201 -28.12 40.02 -0.65
C THR B 201 -29.26 39.06 -0.95
N ALA B 202 -30.44 39.65 -0.74
CA ALA B 202 -31.78 39.02 -0.63
C ALA B 202 -32.62 39.41 -1.87
N PRO B 203 -33.70 38.67 -2.25
CA PRO B 203 -34.93 39.31 -2.73
C PRO B 203 -35.65 40.14 -1.69
N PRO B 204 -36.51 41.07 -2.09
CA PRO B 204 -36.95 42.13 -1.17
C PRO B 204 -37.77 41.57 -0.01
N ASP B 205 -38.55 40.54 -0.26
CA ASP B 205 -39.27 39.87 0.85
C ASP B 205 -38.27 39.10 1.70
N ILE B 206 -37.57 38.15 1.09
CA ILE B 206 -36.51 37.41 1.81
C ILE B 206 -35.71 38.43 2.64
N MET B 207 -35.50 39.63 2.11
CA MET B 207 -34.68 40.70 2.76
C MET B 207 -35.46 41.17 3.98
N LEU B 208 -36.63 41.75 3.75
CA LEU B 208 -37.53 42.16 4.86
C LEU B 208 -37.66 41.00 5.84
N ALA B 209 -37.51 39.75 5.40
CA ALA B 209 -37.66 38.62 6.34
C ALA B 209 -36.39 38.47 7.17
N LEU B 210 -35.25 38.30 6.50
CA LEU B 210 -33.94 38.14 7.19
C LEU B 210 -33.81 39.29 8.17
N GLN B 211 -34.34 40.46 7.83
CA GLN B 211 -34.15 41.67 8.67
C GLN B 211 -34.96 41.48 9.96
N GLU B 212 -36.08 40.77 9.88
CA GLU B 212 -36.99 40.61 11.05
C GLU B 212 -36.44 39.48 11.93
N VAL B 213 -35.59 38.64 11.35
CA VAL B 213 -34.98 37.49 12.06
C VAL B 213 -33.76 38.00 12.81
N ILE B 214 -33.02 38.90 12.18
CA ILE B 214 -31.73 39.39 12.69
C ILE B 214 -32.03 40.36 13.80
N THR B 215 -33.19 41.01 13.74
CA THR B 215 -33.57 42.04 14.72
C THR B 215 -34.03 41.36 16.01
N GLN B 216 -34.41 40.09 15.93
CA GLN B 216 -34.93 39.36 17.09
C GLN B 216 -33.83 38.46 17.64
N LEU B 217 -32.81 38.13 16.86
CA LEU B 217 -31.65 37.36 17.36
C LEU B 217 -30.60 38.29 17.89
N ASP B 218 -30.79 39.56 17.62
CA ASP B 218 -29.74 40.53 17.89
C ASP B 218 -30.05 41.25 19.21
N ILE B 219 -30.67 40.55 20.14
CA ILE B 219 -30.93 41.19 21.46
C ILE B 219 -29.65 41.09 22.27
N ARG B 220 -29.51 41.97 23.25
CA ARG B 220 -28.34 41.94 24.16
C ARG B 220 -28.42 40.65 24.95
N ARG B 221 -27.28 40.13 25.37
CA ARG B 221 -27.33 38.90 26.19
C ARG B 221 -27.15 39.31 27.64
N ALA B 222 -28.01 38.77 28.50
CA ALA B 222 -27.77 39.00 29.93
C ALA B 222 -26.56 38.18 30.36
N GLN B 223 -26.07 38.39 31.57
CA GLN B 223 -24.88 37.59 31.93
C GLN B 223 -24.89 37.19 33.38
N VAL B 224 -24.42 35.99 33.64
CA VAL B 224 -24.54 35.40 35.00
C VAL B 224 -23.18 35.46 35.70
N LEU B 225 -23.20 35.83 36.96
CA LEU B 225 -22.02 35.71 37.83
C LEU B 225 -22.09 34.41 38.63
N ILE B 226 -21.56 33.34 38.05
CA ILE B 226 -21.60 31.97 38.64
C ILE B 226 -20.64 31.94 39.81
N GLU B 227 -21.15 32.12 41.00
CA GLU B 227 -20.26 31.99 42.17
C GLU B 227 -20.47 30.60 42.76
N ALA B 228 -19.56 29.68 42.48
CA ALA B 228 -19.50 28.38 43.20
C ALA B 228 -18.91 28.55 44.60
N LEU B 229 -19.12 27.56 45.46
CA LEU B 229 -18.84 27.75 46.91
C LEU B 229 -18.54 26.40 47.54
N ILE B 230 -17.33 25.96 47.33
CA ILE B 230 -16.88 24.61 47.68
C ILE B 230 -16.40 24.62 49.11
N VAL B 231 -17.01 23.83 49.96
CA VAL B 231 -16.72 23.89 51.40
C VAL B 231 -16.26 22.50 51.78
N GLU B 232 -14.97 22.25 51.83
CA GLU B 232 -14.37 20.96 52.27
C GLU B 232 -13.91 20.99 53.72
N MET B 233 -14.68 20.41 54.60
CA MET B 233 -14.48 20.55 56.05
C MET B 233 -14.20 19.18 56.68
N ALA B 234 -12.95 18.89 56.99
CA ALA B 234 -12.46 17.54 57.36
C ALA B 234 -11.84 17.54 58.74
N GLU B 235 -12.13 16.51 59.51
CA GLU B 235 -11.90 16.48 60.96
C GLU B 235 -11.52 15.06 61.30
N GLY B 236 -10.32 14.87 61.83
CA GLY B 236 -9.73 13.55 62.10
C GLY B 236 -9.26 13.46 63.53
N ASP B 237 -9.45 12.31 64.13
CA ASP B 237 -9.17 12.11 65.56
C ASP B 237 -8.72 10.68 65.73
N GLY B 238 -7.47 10.48 66.10
CA GLY B 238 -6.89 9.15 66.33
C GLY B 238 -6.32 9.06 67.73
N VAL B 239 -6.50 7.90 68.34
CA VAL B 239 -5.83 7.56 69.62
C VAL B 239 -5.12 6.23 69.47
N ASN B 240 -3.81 6.20 69.48
CA ASN B 240 -3.06 4.93 69.63
C ASN B 240 -2.55 4.81 71.06
N LEU B 241 -2.90 3.72 71.71
CA LEU B 241 -2.36 3.52 73.07
C LEU B 241 -2.06 2.06 73.29
N GLY B 242 -0.83 1.75 73.61
CA GLY B 242 -0.52 0.34 73.53
C GLY B 242 0.83 0.07 74.11
N VAL B 243 0.88 -0.89 74.99
CA VAL B 243 2.09 -0.99 75.82
C VAL B 243 2.82 -2.25 75.48
N GLN B 244 4.10 -2.15 75.22
CA GLN B 244 4.75 -3.35 74.72
C GLN B 244 5.81 -3.76 75.70
N TRP B 245 5.69 -4.97 76.16
CA TRP B 245 6.72 -5.52 77.05
C TRP B 245 7.79 -6.18 76.21
N GLY B 246 9.03 -6.28 76.68
CA GLY B 246 10.09 -6.99 75.94
C GLY B 246 11.30 -7.33 76.78
N ASN B 247 11.83 -8.52 76.54
CA ASN B 247 13.04 -9.00 77.24
C ASN B 247 13.91 -9.67 76.19
N LEU B 248 14.96 -9.00 75.76
CA LEU B 248 15.78 -9.49 74.63
C LEU B 248 16.88 -10.46 75.10
N GLU B 249 17.29 -10.44 76.38
CA GLU B 249 18.24 -11.45 76.92
C GLU B 249 17.77 -12.84 76.51
N THR B 250 16.50 -13.13 76.78
CA THR B 250 15.80 -14.37 76.39
C THR B 250 14.56 -14.01 75.57
N GLY B 251 14.75 -13.70 74.27
CA GLY B 251 13.78 -13.30 73.23
C GLY B 251 12.33 -13.40 73.64
N ALA B 252 11.86 -12.47 74.44
CA ALA B 252 10.47 -12.52 74.95
C ALA B 252 9.86 -11.19 74.66
N VAL B 253 9.07 -11.12 73.63
CA VAL B 253 8.45 -9.81 73.37
C VAL B 253 6.96 -9.95 73.55
N ILE B 254 6.33 -8.88 73.97
CA ILE B 254 4.90 -8.71 73.67
C ILE B 254 4.77 -7.56 72.73
N GLN B 255 5.02 -7.79 71.48
CA GLN B 255 5.12 -6.64 70.56
C GLN B 255 3.79 -6.45 69.84
N TYR B 256 3.58 -5.25 69.35
CA TYR B 256 2.43 -4.91 68.49
C TYR B 256 2.91 -4.14 67.27
N SER B 257 2.46 -4.50 66.08
CA SER B 257 2.77 -3.72 64.87
C SER B 257 1.87 -2.48 64.86
N ASN B 258 0.73 -2.59 65.50
CA ASN B 258 -0.24 -1.53 65.24
C ASN B 258 0.28 -0.21 65.80
N THR B 259 1.21 -0.26 66.76
CA THR B 259 1.66 1.00 67.39
C THR B 259 2.81 1.54 66.58
N GLY B 260 3.08 2.83 66.67
CA GLY B 260 4.28 3.35 66.00
C GLY B 260 5.35 2.26 65.89
N THR B 261 6.07 2.04 66.98
CA THR B 261 7.28 1.23 66.82
C THR B 261 7.04 -0.10 67.50
N PRO B 262 7.62 -1.21 67.01
CA PRO B 262 7.60 -2.47 67.74
C PRO B 262 8.80 -2.80 68.62
N ILE B 263 8.58 -3.23 69.85
CA ILE B 263 9.59 -3.20 70.93
C ILE B 263 10.86 -3.87 70.38
N GLY B 264 10.72 -4.78 69.43
CA GLY B 264 11.89 -5.51 68.93
C GLY B 264 12.90 -4.53 68.35
N LYS B 265 12.48 -3.84 67.30
CA LYS B 265 13.31 -2.80 66.65
C LYS B 265 13.92 -1.95 67.77
N VAL B 266 13.14 -1.58 68.78
CA VAL B 266 13.59 -0.57 69.77
C VAL B 266 14.66 -1.21 70.64
N MET B 267 14.41 -2.41 71.13
CA MET B 267 15.44 -3.04 71.98
C MET B 267 16.69 -3.37 71.17
N VAL B 268 16.52 -3.90 69.96
CA VAL B 268 17.71 -4.15 69.11
C VAL B 268 18.47 -2.83 68.96
N GLY B 269 17.77 -1.76 68.58
CA GLY B 269 18.34 -0.43 68.33
C GLY B 269 19.10 0.03 69.55
N LEU B 270 18.52 -0.21 70.72
CA LEU B 270 19.14 0.25 71.97
C LEU B 270 20.42 -0.52 72.22
N GLU B 271 20.44 -1.79 71.84
CA GLU B 271 21.67 -2.58 72.08
C GLU B 271 22.74 -2.12 71.11
N GLU B 272 22.36 -1.92 69.86
CA GLU B 272 23.35 -1.44 68.85
C GLU B 272 23.89 -0.05 69.25
N ALA B 273 23.08 0.79 69.90
CA ALA B 273 23.44 2.18 70.26
C ALA B 273 24.31 2.14 71.51
N LYS B 274 24.51 0.94 72.09
CA LYS B 274 25.37 0.75 73.29
C LYS B 274 26.83 0.63 72.86
N ASP B 275 27.78 0.98 73.73
CA ASP B 275 29.23 0.88 73.46
C ASP B 275 29.69 -0.59 73.67
N LYS B 276 30.04 -1.27 72.58
CA LYS B 276 30.56 -2.67 72.54
C LYS B 276 32.03 -2.70 72.94
N THR B 277 32.61 -3.88 73.21
CA THR B 277 34.04 -4.06 73.56
C THR B 277 34.59 -5.32 72.88
N VAL B 278 35.61 -5.17 72.04
CA VAL B 278 36.25 -6.29 71.29
C VAL B 278 37.67 -6.48 71.83
N THR B 279 37.91 -7.52 72.64
CA THR B 279 39.09 -7.67 73.54
C THR B 279 40.27 -8.29 72.78
N SER B 294 42.73 -4.70 74.75
CA SER B 294 41.29 -4.38 74.88
C SER B 294 40.98 -3.06 74.17
N ARG B 295 40.12 -3.10 73.15
CA ARG B 295 39.57 -1.86 72.51
C ARG B 295 38.16 -1.61 73.05
N THR B 296 37.71 -0.36 73.03
CA THR B 296 36.28 -0.02 73.17
C THR B 296 35.79 0.59 71.86
N GLU B 297 34.49 0.47 71.58
CA GLU B 297 33.89 1.03 70.36
C GLU B 297 32.50 1.57 70.68
N ALA B 298 32.18 2.70 70.07
CA ALA B 298 30.87 3.35 70.27
C ALA B 298 29.96 2.89 69.15
N GLY B 299 28.89 2.23 69.54
CA GLY B 299 27.92 1.64 68.62
C GLY B 299 27.16 2.72 67.87
N ASP B 300 26.73 2.35 66.66
CA ASP B 300 25.93 3.22 65.78
C ASP B 300 24.50 3.23 66.30
N TYR B 301 23.98 4.44 66.40
CA TYR B 301 22.56 4.66 66.70
C TYR B 301 21.78 4.67 65.39
N SER B 302 22.25 3.96 64.36
CA SER B 302 21.60 3.98 63.03
C SER B 302 20.37 3.07 63.06
N THR B 303 20.39 2.09 63.96
CA THR B 303 19.28 1.10 64.06
C THR B 303 18.24 1.66 65.03
N LEU B 304 18.70 2.35 66.06
CA LEU B 304 17.79 2.95 67.05
C LEU B 304 17.09 4.14 66.40
N ALA B 305 17.78 4.85 65.53
CA ALA B 305 17.21 6.02 64.84
C ALA B 305 16.17 5.54 63.84
N ALA B 306 16.37 4.40 63.19
CA ALA B 306 15.39 3.82 62.25
C ALA B 306 14.15 3.35 63.02
N ALA B 307 14.31 3.01 64.29
CA ALA B 307 13.15 2.56 65.11
C ALA B 307 12.35 3.76 65.57
N LEU B 308 13.01 4.65 66.31
CA LEU B 308 12.38 5.80 66.98
C LEU B 308 11.97 6.79 65.90
N ALA B 309 12.45 6.59 64.68
CA ALA B 309 12.24 7.58 63.62
C ALA B 309 10.75 7.74 63.43
N GLY B 310 10.05 6.62 63.50
CA GLY B 310 8.67 6.53 63.01
C GLY B 310 7.71 6.60 64.17
N VAL B 311 8.13 7.18 65.28
CA VAL B 311 7.22 7.18 66.45
C VAL B 311 6.54 8.50 66.56
N ASN B 312 5.29 8.53 66.21
CA ASN B 312 4.58 9.81 66.28
C ASN B 312 3.65 9.69 67.45
N GLY B 313 4.20 9.91 68.62
CA GLY B 313 3.38 10.13 69.81
C GLY B 313 4.30 10.23 70.98
N ALA B 314 4.32 9.14 71.73
CA ALA B 314 5.09 9.00 72.98
C ALA B 314 5.38 7.53 73.15
N ALA B 315 6.66 7.15 72.99
CA ALA B 315 7.17 5.75 73.03
C ALA B 315 8.16 5.60 74.18
N MET B 316 7.64 5.59 75.39
CA MET B 316 8.45 5.70 76.61
C MET B 316 8.75 4.28 77.07
N SER B 317 9.94 4.09 77.63
CA SER B 317 10.43 2.75 78.07
C SER B 317 10.65 2.79 79.57
N LEU B 318 9.75 2.16 80.33
CA LEU B 318 9.98 1.78 81.74
C LEU B 318 10.81 0.49 81.73
N VAL B 319 12.13 0.63 81.85
CA VAL B 319 13.05 -0.54 81.87
C VAL B 319 13.08 -1.10 83.29
N MET B 320 12.37 -2.21 83.51
CA MET B 320 12.25 -2.85 84.85
C MET B 320 13.09 -4.13 84.87
N GLY B 321 14.20 -4.15 85.61
CA GLY B 321 15.18 -5.25 85.58
C GLY B 321 15.17 -6.06 84.28
N ASP B 322 15.44 -5.43 83.15
CA ASP B 322 15.81 -6.19 81.92
C ASP B 322 14.55 -6.63 81.17
N TRP B 323 13.38 -6.28 81.69
CA TRP B 323 12.14 -6.32 80.91
C TRP B 323 11.72 -4.91 80.51
N THR B 324 12.05 -4.54 79.28
CA THR B 324 11.81 -3.19 78.74
C THR B 324 10.36 -3.09 78.32
N ALA B 325 9.59 -2.29 79.04
CA ALA B 325 8.18 -2.05 78.71
C ALA B 325 8.03 -0.72 77.96
N LEU B 326 8.00 -0.76 76.64
CA LEU B 326 7.75 0.43 75.81
C LEU B 326 6.25 0.69 75.73
N ILE B 327 5.83 1.68 76.52
CA ILE B 327 4.49 2.32 76.50
C ILE B 327 4.39 3.39 75.43
N SER B 328 3.38 3.28 74.61
CA SER B 328 3.19 4.18 73.45
C SER B 328 1.80 4.79 73.54
N ALA B 329 1.72 6.08 73.27
CA ALA B 329 0.44 6.80 73.30
C ALA B 329 0.56 7.99 72.35
N VAL B 330 -0.49 8.19 71.57
CA VAL B 330 -0.65 9.39 70.75
C VAL B 330 -2.12 9.65 70.49
N SER B 331 -2.59 10.88 70.67
CA SER B 331 -3.99 11.25 70.37
C SER B 331 -4.00 12.28 69.24
N SER B 332 -3.53 11.85 68.06
CA SER B 332 -3.54 12.63 66.80
C SER B 332 -4.95 13.21 66.53
N ASP B 333 -5.17 14.47 66.82
CA ASP B 333 -6.46 15.15 66.59
C ASP B 333 -6.21 16.18 65.47
N SER B 334 -6.47 15.78 64.24
CA SER B 334 -6.42 16.65 63.04
C SER B 334 -7.77 17.35 62.78
N ASN B 335 -7.78 18.27 61.83
CA ASN B 335 -8.89 19.23 61.59
C ASN B 335 -8.55 20.11 60.38
N SER B 336 -9.47 20.23 59.45
CA SER B 336 -9.26 20.88 58.13
C SER B 336 -10.58 21.54 57.77
N ASN B 337 -10.50 22.72 57.20
CA ASN B 337 -11.73 23.52 57.05
C ASN B 337 -11.49 24.41 55.84
N ILE B 338 -11.43 23.81 54.68
CA ILE B 338 -11.13 24.52 53.40
C ILE B 338 -12.42 25.06 52.83
N LEU B 339 -12.37 26.27 52.37
CA LEU B 339 -13.58 26.92 51.89
C LEU B 339 -13.27 27.76 50.65
N SER B 340 -13.10 27.10 49.51
CA SER B 340 -12.68 27.76 48.27
C SER B 340 -13.91 28.05 47.44
N SER B 341 -14.11 29.31 47.05
CA SER B 341 -15.27 29.74 46.22
C SER B 341 -14.78 30.47 44.99
N PRO B 342 -14.89 29.88 43.81
CA PRO B 342 -14.56 30.54 42.58
C PRO B 342 -15.83 30.95 41.85
N SER B 343 -15.89 32.24 41.53
CA SER B 343 -16.90 32.79 40.60
C SER B 343 -16.29 33.11 39.25
N ILE B 344 -17.14 32.97 38.28
CA ILE B 344 -16.78 33.30 36.91
C ILE B 344 -17.96 34.13 36.50
N THR B 345 -17.76 35.06 35.59
CA THR B 345 -18.90 35.77 34.99
C THR B 345 -19.00 35.28 33.56
N VAL B 346 -20.22 35.03 33.16
CA VAL B 346 -20.24 34.57 31.78
C VAL B 346 -21.47 35.08 31.09
N MET B 347 -21.40 35.15 29.79
CA MET B 347 -22.56 35.63 29.02
C MET B 347 -23.46 34.42 28.88
N ASP B 348 -24.75 34.65 29.02
CA ASP B 348 -25.71 33.54 28.99
C ASP B 348 -25.42 32.75 27.73
N ASN B 349 -25.37 31.46 27.90
CA ASN B 349 -25.34 30.50 26.79
C ASN B 349 -23.95 30.44 26.22
N GLY B 350 -23.08 31.36 26.65
CA GLY B 350 -21.64 31.18 26.42
C GLY B 350 -21.11 30.14 27.36
N GLU B 351 -20.12 29.36 26.93
CA GLU B 351 -19.32 28.57 27.88
C GLU B 351 -18.21 29.40 28.51
N ALA B 352 -17.97 29.16 29.77
CA ALA B 352 -16.87 29.83 30.46
C ALA B 352 -16.20 28.88 31.37
N SER B 353 -14.89 28.89 31.26
CA SER B 353 -14.00 28.05 32.05
C SER B 353 -13.34 28.98 33.04
N PHE B 354 -12.82 28.38 34.09
CA PHE B 354 -12.08 29.07 35.14
C PHE B 354 -11.19 28.03 35.77
N ILE B 355 -9.92 28.30 35.91
CA ILE B 355 -9.04 27.25 36.47
C ILE B 355 -7.91 27.92 37.20
N VAL B 356 -7.86 27.67 38.46
CA VAL B 356 -6.84 28.26 39.32
C VAL B 356 -6.12 27.11 39.95
N GLY B 357 -4.92 26.84 39.49
CA GLY B 357 -4.47 25.46 39.42
C GLY B 357 -3.00 25.37 39.17
N GLU B 358 -2.65 24.22 38.63
CA GLU B 358 -1.37 24.05 37.96
C GLU B 358 -1.56 23.02 36.89
N GLU B 359 -0.93 23.27 35.76
CA GLU B 359 -0.80 22.25 34.72
C GLU B 359 0.37 21.37 35.11
N VAL B 360 0.14 20.27 35.82
CA VAL B 360 1.17 19.20 35.98
C VAL B 360 1.17 18.35 34.75
N PRO B 361 2.34 18.02 34.24
CA PRO B 361 2.43 17.04 33.19
C PRO B 361 2.54 15.65 33.78
N VAL B 362 1.98 14.73 33.01
CA VAL B 362 1.78 13.34 33.46
C VAL B 362 2.03 12.43 32.31
N ILE B 363 2.70 11.34 32.62
CA ILE B 363 3.02 10.32 31.61
C ILE B 363 1.72 9.86 30.97
N THR B 364 1.86 9.27 29.78
CA THR B 364 0.81 8.54 29.05
C THR B 364 1.51 7.48 28.17
N VAL B 379 3.76 12.09 27.21
CA VAL B 379 3.53 13.13 28.27
C VAL B 379 2.44 14.11 27.83
N ASP B 380 1.34 14.09 28.53
CA ASP B 380 0.29 15.11 28.39
C ASP B 380 0.33 15.99 29.63
N ARG B 381 -0.23 17.19 29.50
CA ARG B 381 -0.12 18.22 30.54
C ARG B 381 -1.52 18.52 31.07
N LYS B 382 -1.90 17.88 32.16
CA LYS B 382 -3.30 18.01 32.60
C LYS B 382 -3.33 19.02 33.74
N GLU B 383 -4.36 19.85 33.66
CA GLU B 383 -4.61 20.98 34.58
C GLU B 383 -5.24 20.48 35.86
N VAL B 384 -4.84 21.02 36.96
CA VAL B 384 -5.31 20.28 38.15
C VAL B 384 -5.46 21.31 39.19
N GLY B 385 -6.69 21.74 39.39
CA GLY B 385 -6.80 22.85 40.34
C GLY B 385 -8.20 22.99 40.79
N ILE B 386 -8.58 24.15 41.28
CA ILE B 386 -10.00 24.52 41.26
C ILE B 386 -10.38 24.84 39.82
N LYS B 387 -10.96 23.91 39.08
CA LYS B 387 -11.65 24.21 37.80
C LYS B 387 -13.15 24.39 38.01
N LEU B 388 -13.77 25.13 37.12
CA LEU B 388 -15.21 25.40 37.16
C LEU B 388 -15.65 25.72 35.76
N LYS B 389 -16.34 24.85 35.08
CA LYS B 389 -16.59 25.17 33.66
C LYS B 389 -18.09 25.20 33.39
N VAL B 390 -18.70 26.36 33.57
CA VAL B 390 -20.18 26.45 33.52
C VAL B 390 -20.63 26.95 32.17
N VAL B 391 -21.68 26.34 31.63
CA VAL B 391 -22.33 26.88 30.42
C VAL B 391 -23.67 27.39 30.88
N PRO B 392 -23.67 28.55 31.52
CA PRO B 392 -24.87 29.00 32.19
C PRO B 392 -25.83 29.46 31.10
N GLN B 393 -27.09 29.06 31.21
CA GLN B 393 -28.13 29.32 30.18
C GLN B 393 -29.40 29.81 30.82
N ILE B 394 -29.59 31.13 30.89
CA ILE B 394 -30.69 31.79 31.65
C ILE B 394 -32.03 31.48 31.00
N ASN B 395 -33.01 31.11 31.84
CA ASN B 395 -34.39 30.67 31.46
C ASN B 395 -35.36 31.84 31.73
N GLU B 396 -36.60 31.73 31.27
CA GLU B 396 -37.72 32.61 31.71
C GLU B 396 -37.90 32.51 33.24
N GLY B 397 -38.34 33.57 33.94
CA GLY B 397 -38.54 33.57 35.40
C GLY B 397 -37.23 33.76 36.13
N ASP B 398 -36.24 34.35 35.46
CA ASP B 398 -34.87 34.53 35.98
C ASP B 398 -34.45 33.26 36.71
N SER B 399 -34.46 32.14 36.02
CA SER B 399 -34.07 30.83 36.59
C SER B 399 -32.93 30.30 35.76
N VAL B 400 -31.70 30.55 36.21
CA VAL B 400 -30.52 30.09 35.45
C VAL B 400 -30.35 28.60 35.50
N GLN B 401 -30.08 28.04 34.35
CA GLN B 401 -29.89 26.58 34.17
C GLN B 401 -28.47 26.28 33.73
N LEU B 402 -27.61 25.96 34.70
CA LEU B 402 -26.14 25.79 34.57
C LEU B 402 -25.84 24.36 34.13
N ASN B 403 -24.92 24.17 33.16
CA ASN B 403 -24.30 22.85 32.84
C ASN B 403 -22.87 22.83 33.32
N ILE B 404 -22.65 22.42 34.56
CA ILE B 404 -21.40 22.74 35.30
C ILE B 404 -20.51 21.50 35.35
N GLU B 405 -19.22 21.72 35.23
CA GLU B 405 -18.19 20.71 35.50
C GLU B 405 -17.29 21.38 36.53
N GLN B 406 -17.34 20.93 37.77
CA GLN B 406 -16.57 21.55 38.87
C GLN B 406 -15.58 20.61 39.57
N GLU B 407 -14.30 20.97 39.63
CA GLU B 407 -13.24 20.01 39.93
C GLU B 407 -12.37 20.69 40.93
N VAL B 408 -12.41 20.27 42.14
CA VAL B 408 -11.20 20.68 42.84
C VAL B 408 -10.25 19.52 42.82
N SER B 409 -9.01 19.78 42.52
CA SER B 409 -8.01 18.71 42.38
C SER B 409 -6.65 19.30 42.69
N ASN B 410 -5.68 18.45 42.93
CA ASN B 410 -4.69 18.74 43.97
C ASN B 410 -3.65 17.66 43.91
N VAL B 411 -2.88 17.71 42.84
CA VAL B 411 -1.76 16.77 42.63
C VAL B 411 -1.06 16.49 43.97
N LEU B 412 -1.16 15.24 44.36
CA LEU B 412 -0.54 14.63 45.55
C LEU B 412 0.65 13.83 45.03
N GLY B 413 1.28 13.05 45.90
CA GLY B 413 2.33 12.11 45.48
C GLY B 413 1.78 10.98 44.63
N ALA B 414 2.70 10.22 44.04
CA ALA B 414 2.38 8.92 43.44
C ALA B 414 2.87 7.75 44.30
N ASN B 415 2.49 7.67 45.57
CA ASN B 415 2.92 6.54 46.42
C ASN B 415 3.34 5.39 45.51
N GLY B 416 2.39 4.73 44.88
CA GLY B 416 2.66 3.40 44.31
C GLY B 416 2.84 3.57 42.83
N ALA B 417 2.13 4.56 42.35
CA ALA B 417 1.76 4.58 40.93
C ALA B 417 2.97 5.09 40.14
N VAL B 418 2.98 4.75 38.86
CA VAL B 418 3.95 5.19 37.83
C VAL B 418 4.20 6.68 38.03
N ASP B 419 3.23 7.47 37.65
CA ASP B 419 3.35 8.95 37.69
C ASP B 419 2.68 9.44 38.97
N VAL B 420 2.49 10.75 39.02
CA VAL B 420 1.80 11.45 40.12
C VAL B 420 0.31 11.18 40.05
N ARG B 421 -0.24 10.87 41.20
CA ARG B 421 -1.70 10.68 41.47
C ARG B 421 -2.24 12.07 41.79
N PHE B 422 -3.15 12.57 40.96
CA PHE B 422 -4.03 13.74 41.21
C PHE B 422 -5.19 13.39 42.12
N ALA B 423 -5.43 14.21 43.12
CA ALA B 423 -6.55 14.01 44.03
C ALA B 423 -7.64 14.95 43.63
N LYS B 424 -8.65 14.34 43.11
CA LYS B 424 -9.61 15.02 42.24
C LYS B 424 -10.93 14.86 42.91
N ARG B 425 -11.66 15.95 43.04
CA ARG B 425 -13.06 15.88 43.51
C ARG B 425 -13.83 16.60 42.47
N GLN B 426 -14.17 15.93 41.38
CA GLN B 426 -14.98 16.58 40.36
C GLN B 426 -16.42 16.15 40.44
N LEU B 427 -17.28 17.03 39.98
CA LEU B 427 -18.73 16.98 40.27
C LEU B 427 -19.38 17.60 39.04
N ASN B 428 -19.65 16.81 38.00
CA ASN B 428 -20.11 17.49 36.78
C ASN B 428 -21.53 17.07 36.51
N THR B 429 -22.40 18.04 36.44
CA THR B 429 -23.85 17.83 36.52
C THR B 429 -24.48 18.95 35.74
N SER B 430 -25.80 19.00 35.77
CA SER B 430 -26.54 20.13 35.19
C SER B 430 -27.59 20.45 36.20
N VAL B 431 -27.58 21.64 36.73
CA VAL B 431 -28.70 21.95 37.64
C VAL B 431 -29.43 23.19 37.20
N ILE B 432 -30.47 23.51 37.93
CA ILE B 432 -31.29 24.67 37.51
C ILE B 432 -31.63 25.44 38.77
N VAL B 433 -31.15 26.65 38.80
CA VAL B 433 -31.08 27.41 40.05
C VAL B 433 -31.90 28.65 39.87
N GLN B 434 -32.38 29.16 40.99
CA GLN B 434 -33.04 30.47 40.88
C GLN B 434 -32.00 31.52 40.58
N ASP B 435 -32.44 32.66 40.10
CA ASP B 435 -31.60 33.87 40.10
C ASP B 435 -31.36 34.26 41.54
N GLY B 436 -30.12 34.19 42.02
CA GLY B 436 -29.71 34.79 43.32
C GLY B 436 -29.91 33.91 44.54
N GLN B 437 -30.49 32.70 44.40
CA GLN B 437 -30.51 31.74 45.53
C GLN B 437 -29.43 30.70 45.30
N MET B 438 -28.87 30.22 46.38
CA MET B 438 -27.80 29.24 46.21
C MET B 438 -28.48 27.88 46.10
N LEU B 439 -27.83 26.96 45.41
CA LEU B 439 -28.33 25.57 45.37
C LEU B 439 -27.13 24.67 45.50
N VAL B 440 -27.38 23.52 46.08
CA VAL B 440 -26.28 22.62 46.45
C VAL B 440 -26.03 21.58 45.35
N LEU B 441 -24.92 21.69 44.63
CA LEU B 441 -24.68 20.79 43.49
C LEU B 441 -24.45 19.43 44.09
N GLY B 442 -23.56 19.38 45.06
CA GLY B 442 -22.80 18.17 45.36
C GLY B 442 -22.59 17.99 46.82
N GLY B 443 -21.85 16.96 47.12
CA GLY B 443 -21.74 16.63 48.54
C GLY B 443 -20.91 15.40 48.68
N LEU B 444 -20.54 15.20 49.93
CA LEU B 444 -20.07 13.94 50.45
C LEU B 444 -19.89 14.09 51.94
N ILE B 445 -20.59 13.29 52.68
CA ILE B 445 -20.36 13.24 54.12
C ILE B 445 -19.79 11.88 54.42
N ASP B 446 -18.47 11.76 54.37
CA ASP B 446 -17.80 10.54 54.81
C ASP B 446 -17.67 10.59 56.35
N GLU B 447 -17.91 9.47 56.99
CA GLU B 447 -17.37 9.25 58.33
C GLU B 447 -16.69 7.89 58.33
N ARG B 448 -15.55 7.75 58.98
CA ARG B 448 -14.90 6.43 59.20
C ARG B 448 -14.61 6.25 60.69
N ALA B 449 -14.42 5.03 61.06
CA ALA B 449 -14.03 4.78 62.46
C ALA B 449 -13.39 3.40 62.53
N LEU B 450 -12.08 3.36 62.53
CA LEU B 450 -11.38 2.07 62.65
C LEU B 450 -10.88 1.94 64.08
N GLU B 451 -11.45 1.04 64.84
CA GLU B 451 -10.74 0.49 66.00
C GLU B 451 -9.81 -0.65 65.58
N SER B 452 -8.84 -0.99 66.43
CA SER B 452 -8.00 -2.22 66.36
C SER B 452 -7.50 -2.49 67.76
N GLU B 453 -7.47 -3.74 68.17
CA GLU B 453 -6.78 -3.98 69.44
C GLU B 453 -6.13 -5.32 69.33
N SER B 454 -4.85 -5.32 69.39
CA SER B 454 -4.14 -6.59 69.60
C SER B 454 -3.97 -6.76 71.10
N LYS B 455 -4.34 -7.91 71.65
CA LYS B 455 -4.07 -8.11 73.10
C LYS B 455 -3.51 -9.48 73.36
N VAL B 456 -3.01 -9.67 74.56
CA VAL B 456 -2.50 -11.01 74.90
C VAL B 456 -3.73 -11.77 75.30
N PRO B 457 -4.55 -12.11 74.30
CA PRO B 457 -5.83 -12.69 74.63
C PRO B 457 -6.31 -12.37 76.04
N LEU B 458 -6.25 -13.35 76.92
CA LEU B 458 -7.16 -13.32 78.07
C LEU B 458 -6.67 -12.27 79.08
N LEU B 459 -5.36 -12.03 79.11
CA LEU B 459 -4.77 -11.08 80.09
C LEU B 459 -5.22 -9.66 79.72
N GLY B 460 -5.44 -9.40 78.44
CA GLY B 460 -5.95 -8.11 77.93
C GLY B 460 -7.44 -7.98 78.15
N ASP B 461 -8.00 -8.76 79.07
CA ASP B 461 -9.44 -8.65 79.38
C ASP B 461 -9.58 -7.80 80.64
N ILE B 462 -8.75 -8.10 81.66
CA ILE B 462 -8.86 -7.49 83.00
C ILE B 462 -9.11 -6.01 82.80
N PRO B 463 -10.07 -5.38 83.52
CA PRO B 463 -10.45 -4.00 83.24
C PRO B 463 -9.32 -3.01 83.56
N ILE B 464 -8.67 -3.19 84.70
CA ILE B 464 -7.69 -2.19 85.20
C ILE B 464 -6.39 -2.39 84.42
N LEU B 465 -5.86 -3.61 84.44
CA LEU B 465 -4.48 -3.92 84.02
C LEU B 465 -4.50 -4.35 82.55
N GLY B 466 -5.67 -4.52 81.96
CA GLY B 466 -5.75 -5.05 80.59
C GLY B 466 -4.86 -4.24 79.67
N HIS B 467 -4.85 -2.93 79.92
CA HIS B 467 -4.28 -1.98 78.97
C HIS B 467 -2.78 -2.27 78.90
N LEU B 468 -2.25 -3.05 79.83
CA LEU B 468 -0.79 -3.30 79.86
C LEU B 468 -0.50 -4.28 78.75
N PHE B 469 -1.45 -5.14 78.46
CA PHE B 469 -1.15 -6.18 77.46
C PHE B 469 -1.78 -5.82 76.11
N LYS B 470 -2.81 -4.98 76.10
CA LYS B 470 -3.56 -4.61 74.89
C LYS B 470 -2.75 -3.56 74.14
N SER B 471 -2.98 -3.49 72.85
CA SER B 471 -2.60 -2.32 72.02
C SER B 471 -3.76 -1.88 71.16
N THR B 472 -4.38 -0.83 71.60
CA THR B 472 -5.59 -0.35 70.92
C THR B 472 -5.19 0.79 70.00
N ASN B 473 -5.85 0.87 68.88
CA ASN B 473 -5.57 1.86 67.84
C ASN B 473 -6.91 2.32 67.27
N THR B 474 -7.30 3.53 67.56
CA THR B 474 -8.63 4.00 67.12
C THR B 474 -8.44 5.23 66.26
N GLN B 475 -9.30 5.38 65.29
CA GLN B 475 -9.08 6.38 64.23
C GLN B 475 -10.46 6.74 63.73
N VAL B 476 -10.73 8.01 63.65
CA VAL B 476 -12.06 8.42 63.22
C VAL B 476 -11.87 9.56 62.29
N GLU B 477 -12.22 9.39 61.03
CA GLU B 477 -12.07 10.46 60.04
C GLU B 477 -13.46 10.84 59.59
N LYS B 478 -13.75 12.11 59.60
CA LYS B 478 -15.06 12.64 59.22
C LYS B 478 -14.83 13.76 58.22
N LYS B 479 -15.42 13.67 57.05
CA LYS B 479 -15.10 14.59 55.94
C LYS B 479 -16.39 15.07 55.26
N ASN B 480 -16.62 16.37 55.27
CA ASN B 480 -17.86 16.98 54.74
C ASN B 480 -17.42 17.85 53.59
N LEU B 481 -17.68 17.41 52.38
CA LEU B 481 -17.48 18.20 51.16
C LEU B 481 -18.84 18.58 50.55
N MET B 482 -19.34 19.81 50.70
CA MET B 482 -20.55 20.29 49.98
C MET B 482 -20.04 21.27 48.94
N VAL B 483 -20.47 21.15 47.71
CA VAL B 483 -20.31 22.27 46.78
C VAL B 483 -21.65 22.91 46.53
N PHE B 484 -21.76 24.15 46.99
CA PHE B 484 -22.88 25.03 46.60
C PHE B 484 -22.52 25.85 45.36
N ILE B 485 -23.53 26.19 44.60
CA ILE B 485 -23.41 27.08 43.44
C ILE B 485 -24.50 28.12 43.49
N LYS B 486 -24.16 29.35 43.17
CA LYS B 486 -25.10 30.50 43.18
C LYS B 486 -24.90 31.27 41.89
N PRO B 487 -25.84 31.14 40.95
CA PRO B 487 -25.88 31.94 39.76
C PRO B 487 -26.55 33.25 40.12
N THR B 488 -25.88 34.32 39.72
CA THR B 488 -26.47 35.67 39.73
C THR B 488 -26.49 36.18 38.29
N ILE B 489 -27.63 36.70 37.88
CA ILE B 489 -27.87 37.21 36.51
C ILE B 489 -27.53 38.68 36.58
N ILE B 490 -26.73 39.11 35.62
CA ILE B 490 -26.35 40.54 35.45
C ILE B 490 -26.93 41.03 34.12
N ARG B 491 -28.11 41.61 34.17
CA ARG B 491 -28.81 42.14 32.97
C ARG B 491 -28.40 43.60 32.77
N ASP B 492 -28.97 44.43 33.64
CA ASP B 492 -28.72 45.89 33.66
C ASP B 492 -27.25 46.07 34.03
N GLY B 493 -26.54 46.89 33.28
CA GLY B 493 -25.18 47.34 33.68
C GLY B 493 -25.15 47.68 35.15
N MET B 494 -26.11 48.48 35.62
CA MET B 494 -26.02 48.95 37.01
C MET B 494 -25.81 47.75 37.94
N THR B 495 -26.37 46.60 37.58
CA THR B 495 -26.28 45.39 38.41
C THR B 495 -24.81 44.96 38.50
N ALA B 496 -24.12 45.05 37.36
CA ALA B 496 -22.71 44.62 37.21
C ALA B 496 -21.85 45.51 38.08
N ASP B 497 -22.12 46.81 38.04
CA ASP B 497 -21.37 47.82 38.82
C ASP B 497 -21.33 47.30 40.26
N GLY B 498 -22.49 46.94 40.78
CA GLY B 498 -22.57 46.49 42.18
C GLY B 498 -21.76 45.23 42.34
N ILE B 499 -22.15 44.20 41.60
CA ILE B 499 -21.52 42.87 41.77
C ILE B 499 -20.03 43.18 41.84
N THR B 500 -19.57 43.96 40.87
CA THR B 500 -18.13 44.13 40.59
C THR B 500 -17.60 45.00 41.72
N GLN B 501 -18.08 46.22 41.76
CA GLN B 501 -17.66 47.15 42.82
C GLN B 501 -17.51 46.36 44.12
N ARG B 502 -18.63 45.93 44.69
CA ARG B 502 -18.63 45.28 46.01
C ARG B 502 -17.34 44.52 46.13
N LYS B 503 -17.02 43.70 45.11
CA LYS B 503 -15.87 42.75 45.10
C LYS B 503 -14.59 43.56 45.14
N TYR B 504 -14.44 44.41 44.15
CA TYR B 504 -13.25 45.28 43.94
C TYR B 504 -13.03 46.08 45.21
N ASN B 505 -14.09 46.71 45.66
CA ASN B 505 -14.12 47.61 46.83
C ASN B 505 -13.74 46.83 48.10
N TYR B 506 -14.00 45.51 48.18
CA TYR B 506 -13.64 44.55 49.27
C TYR B 506 -12.15 44.30 49.25
N ILE B 507 -11.61 43.96 48.09
CA ILE B 507 -10.15 43.80 47.97
C ILE B 507 -9.52 45.12 48.38
N ARG B 508 -9.94 46.19 47.77
CA ARG B 508 -9.31 47.48 48.10
C ARG B 508 -9.34 47.63 49.63
N ALA B 509 -10.41 47.25 50.28
CA ALA B 509 -10.43 47.45 51.73
C ALA B 509 -9.28 46.64 52.30
N GLU B 510 -9.18 45.37 51.92
CA GLU B 510 -8.15 44.51 52.52
C GLU B 510 -6.83 45.22 52.30
N GLN B 511 -6.59 45.66 51.09
CA GLN B 511 -5.23 46.07 50.73
C GLN B 511 -4.89 47.35 51.45
N LEU B 512 -5.88 48.21 51.64
CA LEU B 512 -5.65 49.49 52.34
C LEU B 512 -5.32 49.10 53.75
N TYR B 513 -5.89 47.98 54.12
CA TYR B 513 -5.60 47.61 55.50
C TYR B 513 -4.10 47.38 55.57
N LYS B 514 -3.63 46.53 54.68
CA LYS B 514 -2.25 46.03 54.77
C LYS B 514 -1.35 47.24 54.63
N ALA B 515 -1.93 48.35 54.22
CA ALA B 515 -1.12 49.58 54.20
C ALA B 515 -1.13 50.23 55.58
N GLU B 516 -2.10 49.90 56.43
CA GLU B 516 -2.11 50.57 57.75
C GLU B 516 -1.04 49.91 58.60
N GLN B 517 -0.96 48.59 58.42
CA GLN B 517 0.06 47.71 59.01
C GLN B 517 1.02 47.33 57.89
N GLY B 518 1.90 48.26 57.53
CA GLY B 518 2.61 48.32 56.24
C GLY B 518 3.67 47.26 56.09
N LEU B 519 3.95 46.90 54.85
CA LEU B 519 5.20 46.19 54.53
C LEU B 519 6.23 46.43 55.62
N LYS B 520 6.68 45.32 56.19
CA LYS B 520 7.06 45.28 57.61
C LYS B 520 8.29 46.16 57.75
N LEU B 521 9.30 45.91 56.93
CA LEU B 521 10.55 46.66 57.12
C LEU B 521 10.73 47.76 56.07
N MET B 522 9.94 47.74 54.99
CA MET B 522 10.01 48.77 53.92
C MET B 522 9.29 50.06 54.32
N ASP B 523 9.37 51.08 53.46
CA ASP B 523 8.51 52.29 53.56
C ASP B 523 7.09 51.91 53.14
N ASP B 524 6.13 52.34 53.93
CA ASP B 524 4.73 51.85 53.86
C ASP B 524 4.15 52.12 52.46
N GLY B 525 4.81 52.94 51.64
CA GLY B 525 4.29 53.42 50.34
C GLY B 525 4.36 52.39 49.24
N HIS B 526 5.08 51.28 49.44
CA HIS B 526 5.39 50.43 48.27
C HIS B 526 4.33 49.36 48.13
N ILE B 527 3.43 49.28 49.09
CA ILE B 527 2.47 48.15 49.14
C ILE B 527 1.39 48.42 48.13
N PRO B 528 1.20 47.52 47.14
CA PRO B 528 0.23 47.76 46.10
C PRO B 528 -1.16 47.84 46.71
N VAL B 529 -1.88 48.85 46.27
CA VAL B 529 -3.25 49.18 46.72
C VAL B 529 -4.03 49.51 45.46
N LEU B 530 -5.19 48.91 45.31
CA LEU B 530 -6.07 49.28 44.20
C LEU B 530 -6.47 50.72 44.38
N PRO B 531 -6.62 51.44 43.28
CA PRO B 531 -7.15 52.80 43.36
C PRO B 531 -8.64 52.82 43.71
N LYS B 532 -9.15 53.98 44.14
CA LYS B 532 -10.60 54.12 44.44
C LYS B 532 -11.36 53.81 43.15
N PHE B 533 -12.41 53.02 43.25
CA PHE B 533 -13.08 52.37 42.10
C PHE B 533 -13.50 53.38 41.02
N GLY B 534 -12.97 53.19 39.81
CA GLY B 534 -13.16 54.09 38.66
C GLY B 534 -12.36 55.38 38.76
N GLU B 535 -11.32 55.49 39.61
CA GLU B 535 -10.42 56.69 39.64
C GLU B 535 -9.16 56.41 38.81
N ASP B 536 -9.00 55.18 38.37
CA ASP B 536 -7.75 54.88 37.63
C ASP B 536 -6.55 55.14 38.59
N LYS B 537 -5.32 55.17 38.12
CA LYS B 537 -4.18 55.10 39.08
C LYS B 537 -3.98 56.49 39.69
N ARG B 538 -3.48 56.60 40.90
CA ARG B 538 -2.82 57.86 41.35
C ARG B 538 -1.31 57.62 41.56
N HIS B 539 -0.39 58.46 41.02
CA HIS B 539 1.09 58.36 41.23
C HIS B 539 1.34 58.24 42.72
N PRO B 540 2.31 57.38 43.09
CA PRO B 540 2.95 57.49 44.41
C PRO B 540 3.12 58.97 44.76
N ALA B 541 3.06 59.27 46.06
CA ALA B 541 3.11 60.64 46.61
C ALA B 541 4.43 61.31 46.22
N GLU B 542 5.56 60.68 46.52
CA GLU B 542 6.88 61.32 46.30
C GLU B 542 6.91 61.86 44.86
N ILE B 543 6.54 61.02 43.90
CA ILE B 543 6.61 61.36 42.46
C ILE B 543 5.60 62.48 42.20
N GLN B 544 4.44 62.39 42.82
CA GLN B 544 3.39 63.41 42.61
C GLN B 544 3.94 64.72 43.15
N ALA B 545 4.61 64.64 44.31
CA ALA B 545 5.21 65.82 44.95
C ALA B 545 6.25 66.42 44.01
N PHE B 546 7.06 65.55 43.40
CA PHE B 546 8.14 65.95 42.45
C PHE B 546 7.49 66.65 41.26
N ILE B 547 6.38 66.08 40.76
CA ILE B 547 5.82 66.48 39.45
C ILE B 547 5.35 67.93 39.55
N ASP B 548 4.69 68.26 40.66
CA ASP B 548 4.09 69.59 40.89
C ASP B 548 5.24 70.59 41.01
N GLN B 549 6.26 70.19 41.78
CA GLN B 549 7.47 71.01 42.00
C GLN B 549 8.01 71.40 40.63
N MET B 550 8.10 70.42 39.73
CA MET B 550 8.54 70.64 38.34
C MET B 550 7.59 71.64 37.68
N GLU B 551 6.29 71.41 37.85
CA GLU B 551 5.21 72.26 37.29
C GLU B 551 5.38 73.68 37.80
N GLN B 552 5.61 73.82 39.10
CA GLN B 552 5.79 75.13 39.80
C GLN B 552 6.98 75.85 39.18
N GLN B 553 8.08 75.12 38.96
CA GLN B 553 9.35 75.64 38.37
C GLN B 553 9.07 76.19 36.97
N ASP C 1 -68.36 70.64 -51.07
CA ASP C 1 -68.32 69.81 -52.30
C ASP C 1 -66.88 69.64 -52.81
N ASN C 2 -65.88 70.11 -52.05
CA ASN C 2 -64.46 69.99 -52.44
C ASN C 2 -64.09 68.50 -52.51
N VAL C 3 -63.07 68.18 -53.31
CA VAL C 3 -62.53 66.80 -53.41
C VAL C 3 -61.20 66.75 -52.65
N ILE C 4 -61.20 66.01 -51.54
CA ILE C 4 -60.00 65.75 -50.70
C ILE C 4 -59.99 64.26 -50.31
N THR C 5 -58.81 63.74 -49.99
CA THR C 5 -58.62 62.36 -49.48
C THR C 5 -58.52 62.40 -47.95
N ARG C 6 -59.14 61.45 -47.28
CA ARG C 6 -59.06 61.35 -45.80
C ARG C 6 -58.46 59.99 -45.41
N VAL C 7 -57.44 60.02 -44.56
CA VAL C 7 -56.71 58.81 -44.09
C VAL C 7 -56.99 58.64 -42.59
N VAL C 8 -57.79 57.62 -42.25
CA VAL C 8 -58.25 57.38 -40.86
C VAL C 8 -58.15 55.88 -40.58
N ALA C 9 -58.07 55.50 -39.30
CA ALA C 9 -57.77 54.12 -38.87
C ALA C 9 -59.05 53.41 -38.41
N VAL C 10 -59.09 52.11 -38.67
CA VAL C 10 -59.89 51.16 -37.85
C VAL C 10 -58.94 50.06 -37.38
N ARG C 11 -58.58 50.14 -36.10
CA ARG C 11 -57.56 49.30 -35.44
C ARG C 11 -58.11 47.88 -35.26
N ASN C 12 -59.45 47.71 -35.16
CA ASN C 12 -60.14 46.56 -34.51
C ASN C 12 -60.14 45.32 -35.42
N VAL C 13 -60.63 45.45 -36.66
CA VAL C 13 -60.59 44.35 -37.66
C VAL C 13 -60.34 44.94 -39.04
N SER C 14 -59.78 44.12 -39.95
CA SER C 14 -59.44 44.51 -41.34
C SER C 14 -60.66 45.19 -41.99
N VAL C 15 -60.40 46.32 -42.66
CA VAL C 15 -61.45 47.27 -43.12
C VAL C 15 -61.95 46.83 -44.51
N ARG C 16 -61.35 45.79 -45.10
CA ARG C 16 -61.88 45.14 -46.33
C ARG C 16 -63.34 44.72 -46.08
N GLU C 17 -63.66 44.43 -44.82
CA GLU C 17 -65.03 44.06 -44.35
C GLU C 17 -66.05 45.13 -44.77
N LEU C 18 -65.62 46.38 -44.98
CA LEU C 18 -66.56 47.50 -45.28
C LEU C 18 -66.57 47.83 -46.78
N SER C 19 -65.87 47.08 -47.64
CA SER C 19 -65.71 47.45 -49.07
C SER C 19 -67.09 47.57 -49.76
N PRO C 20 -68.06 46.65 -49.57
CA PRO C 20 -69.31 46.74 -50.33
C PRO C 20 -70.19 47.95 -49.93
N LEU C 21 -70.29 48.21 -48.63
CA LEU C 21 -71.21 49.23 -48.05
C LEU C 21 -70.59 50.62 -48.27
N LEU C 22 -69.26 50.71 -48.20
CA LEU C 22 -68.53 51.98 -48.49
C LEU C 22 -68.67 52.31 -49.98
N ARG C 23 -68.51 51.33 -50.88
CA ARG C 23 -68.79 51.54 -52.32
C ARG C 23 -70.29 51.78 -52.52
N GLN C 24 -71.11 51.51 -51.49
CA GLN C 24 -72.53 51.93 -51.50
C GLN C 24 -72.60 53.46 -51.41
N LEU C 25 -71.79 54.08 -50.55
CA LEU C 25 -71.67 55.56 -50.48
C LEU C 25 -70.83 56.08 -51.65
N ILE C 26 -70.05 55.23 -52.32
CA ILE C 26 -69.38 55.61 -53.60
C ILE C 26 -70.41 55.52 -54.72
N ASP C 27 -71.43 54.66 -54.53
CA ASP C 27 -72.61 54.56 -55.43
C ASP C 27 -73.68 55.59 -55.01
N ASN C 28 -73.97 55.72 -53.71
CA ASN C 28 -75.10 56.57 -53.18
C ASN C 28 -75.06 57.97 -53.80
N ALA C 29 -73.86 58.51 -54.08
CA ALA C 29 -73.67 59.82 -54.74
C ALA C 29 -72.60 59.69 -55.83
N GLY C 30 -72.15 60.83 -56.36
CA GLY C 30 -71.19 60.91 -57.48
C GLY C 30 -69.87 60.20 -57.19
N ALA C 31 -69.23 59.66 -58.24
CA ALA C 31 -67.92 58.96 -58.15
C ALA C 31 -66.80 59.95 -58.49
N GLY C 32 -65.58 59.43 -58.69
CA GLY C 32 -64.31 60.15 -58.49
C GLY C 32 -63.71 59.80 -57.14
N ASN C 33 -64.48 59.11 -56.30
CA ASN C 33 -64.01 58.56 -54.99
C ASN C 33 -62.97 57.47 -55.23
N VAL C 34 -62.16 57.23 -54.20
CA VAL C 34 -61.57 55.89 -53.91
C VAL C 34 -61.80 55.61 -52.43
N VAL C 35 -61.95 54.35 -52.05
CA VAL C 35 -61.69 53.93 -50.66
C VAL C 35 -60.81 52.69 -50.69
N HIS C 36 -59.55 52.86 -50.30
CA HIS C 36 -58.52 51.80 -50.42
C HIS C 36 -58.07 51.39 -49.01
N TYR C 37 -58.07 50.09 -48.76
CA TYR C 37 -57.93 49.49 -47.41
C TYR C 37 -56.55 48.86 -47.30
N ASP C 38 -55.63 49.53 -46.61
CA ASP C 38 -54.23 49.08 -46.62
C ASP C 38 -54.07 47.93 -45.63
N PRO C 39 -53.54 46.78 -46.09
CA PRO C 39 -53.27 45.64 -45.20
C PRO C 39 -52.36 45.95 -44.01
N ALA C 40 -51.70 47.12 -44.02
CA ALA C 40 -51.03 47.70 -42.83
C ALA C 40 -52.07 48.13 -41.79
N ASN C 41 -53.35 48.10 -42.18
CA ASN C 41 -54.52 48.51 -41.34
C ASN C 41 -54.45 50.01 -41.03
N ILE C 42 -54.60 50.84 -42.06
CA ILE C 42 -55.16 52.23 -42.00
C ILE C 42 -56.18 52.32 -43.14
N ILE C 43 -56.68 53.52 -43.43
CA ILE C 43 -57.87 53.67 -44.33
C ILE C 43 -57.69 54.90 -45.22
N LEU C 44 -58.00 54.73 -46.51
CA LEU C 44 -57.97 55.81 -47.52
C LEU C 44 -59.39 56.05 -48.07
N ILE C 45 -59.81 57.32 -48.06
CA ILE C 45 -60.91 57.82 -48.94
C ILE C 45 -60.35 58.93 -49.82
N THR C 46 -60.96 59.15 -50.97
CA THR C 46 -60.72 60.34 -51.83
C THR C 46 -62.05 60.74 -52.48
N GLY C 47 -62.34 62.05 -52.53
CA GLY C 47 -63.56 62.58 -53.15
C GLY C 47 -64.17 63.74 -52.38
N ARG C 48 -65.47 63.94 -52.56
CA ARG C 48 -66.22 65.07 -51.94
C ARG C 48 -66.22 64.93 -50.42
N ALA C 49 -65.78 66.00 -49.74
CA ALA C 49 -65.58 66.06 -48.29
C ALA C 49 -66.83 65.58 -47.56
N ALA C 50 -68.02 65.78 -48.14
CA ALA C 50 -69.32 65.35 -47.57
C ALA C 50 -69.39 63.81 -47.57
N VAL C 51 -69.27 63.22 -48.75
CA VAL C 51 -69.44 61.75 -48.94
C VAL C 51 -68.20 61.05 -48.38
N VAL C 52 -67.05 61.71 -48.45
CA VAL C 52 -65.81 61.23 -47.78
C VAL C 52 -66.01 61.31 -46.27
N ASN C 53 -66.81 62.28 -45.82
CA ASN C 53 -67.13 62.48 -44.38
C ASN C 53 -68.03 61.34 -43.92
N ARG C 54 -69.06 61.02 -44.71
CA ARG C 54 -70.02 59.94 -44.40
C ARG C 54 -69.28 58.59 -44.47
N LEU C 55 -68.38 58.46 -45.45
CA LEU C 55 -67.56 57.24 -45.64
C LEU C 55 -66.65 57.07 -44.41
N ALA C 56 -66.11 58.17 -43.90
CA ALA C 56 -65.19 58.14 -42.74
C ALA C 56 -66.00 57.91 -41.45
N GLU C 57 -67.32 58.10 -41.53
CA GLU C 57 -68.24 57.97 -40.37
C GLU C 57 -68.64 56.51 -40.20
N ILE C 58 -68.96 55.80 -41.29
CA ILE C 58 -69.08 54.31 -41.27
C ILE C 58 -67.72 53.75 -40.86
N ILE C 59 -66.68 54.18 -41.58
CA ILE C 59 -65.27 53.78 -41.32
C ILE C 59 -64.93 54.01 -39.85
N LYS C 60 -64.98 55.26 -39.38
CA LYS C 60 -64.71 55.58 -37.95
C LYS C 60 -65.75 54.89 -37.07
N ARG C 61 -66.84 54.40 -37.67
CA ARG C 61 -67.89 53.70 -36.89
C ARG C 61 -67.46 52.24 -36.71
N VAL C 62 -66.46 51.80 -37.47
CA VAL C 62 -65.77 50.52 -37.17
C VAL C 62 -64.43 50.79 -36.48
N ASP C 63 -63.92 52.03 -36.55
CA ASP C 63 -62.76 52.46 -35.70
C ASP C 63 -63.19 52.44 -34.24
N GLN C 64 -64.01 53.42 -33.84
CA GLN C 64 -64.50 53.58 -32.44
C GLN C 64 -65.19 52.29 -32.01
N ALA C 65 -65.59 51.45 -32.98
CA ALA C 65 -66.33 50.20 -32.70
C ALA C 65 -65.44 49.24 -31.93
N GLY C 66 -64.15 49.18 -32.28
CA GLY C 66 -63.18 48.29 -31.60
C GLY C 66 -61.84 48.95 -31.44
N ASN C 67 -61.77 50.10 -30.74
CA ASN C 67 -60.49 50.80 -30.52
C ASN C 67 -59.65 50.01 -29.51
N ARG C 68 -58.33 50.19 -29.54
CA ARG C 68 -57.41 49.44 -28.67
C ARG C 68 -56.23 50.34 -28.28
N GLU C 69 -56.11 50.62 -26.99
CA GLU C 69 -54.99 51.41 -26.43
C GLU C 69 -54.16 50.53 -25.50
N ILE C 70 -53.28 51.15 -24.70
CA ILE C 70 -52.43 50.41 -23.73
C ILE C 70 -52.27 51.24 -22.45
N GLU C 71 -51.94 50.56 -21.36
CA GLU C 71 -51.71 51.20 -20.05
C GLU C 71 -50.38 50.71 -19.49
N VAL C 72 -49.81 51.51 -18.59
CA VAL C 72 -48.60 51.13 -17.81
C VAL C 72 -48.81 51.58 -16.37
N VAL C 73 -48.99 50.64 -15.45
CA VAL C 73 -49.35 50.96 -14.05
C VAL C 73 -48.51 50.13 -13.10
N GLU C 74 -48.07 50.77 -12.00
CA GLU C 74 -47.13 50.18 -11.02
C GLU C 74 -47.84 49.06 -10.26
N LEU C 75 -47.14 47.96 -10.12
CA LEU C 75 -47.45 46.93 -9.11
C LEU C 75 -46.30 46.92 -8.09
N GLY C 76 -46.43 47.70 -7.02
CA GLY C 76 -45.38 47.86 -6.00
C GLY C 76 -45.07 46.53 -5.32
N ASN C 77 -45.98 45.56 -5.44
CA ASN C 77 -46.05 44.41 -4.50
C ASN C 77 -46.10 43.11 -5.31
N ALA C 78 -47.28 42.75 -5.82
CA ALA C 78 -47.56 41.44 -6.45
C ALA C 78 -46.66 41.28 -7.68
N SER C 79 -46.03 40.11 -7.83
CA SER C 79 -45.18 39.85 -9.01
C SER C 79 -46.00 40.02 -10.28
N ALA C 80 -45.57 40.93 -11.14
CA ALA C 80 -46.22 41.14 -12.45
C ALA C 80 -46.46 39.77 -13.09
N ALA C 81 -45.39 39.04 -13.38
CA ALA C 81 -45.47 37.73 -14.06
C ALA C 81 -46.57 36.90 -13.38
N GLU C 82 -46.74 37.05 -12.07
CA GLU C 82 -47.87 36.40 -11.38
C GLU C 82 -49.15 37.08 -11.84
N MET C 83 -49.23 38.41 -11.75
CA MET C 83 -50.46 39.12 -12.18
C MET C 83 -50.83 38.62 -13.58
N VAL C 84 -49.83 38.56 -14.46
CA VAL C 84 -49.94 37.93 -15.81
C VAL C 84 -50.64 36.58 -15.65
N ARG C 85 -49.95 35.62 -15.02
CA ARG C 85 -50.45 34.22 -14.96
C ARG C 85 -51.91 34.25 -14.52
N ILE C 86 -52.20 35.04 -13.50
CA ILE C 86 -53.47 34.90 -12.73
C ILE C 86 -54.57 35.62 -13.50
N VAL C 87 -54.19 36.46 -14.44
CA VAL C 87 -55.17 36.99 -15.43
C VAL C 87 -55.19 36.06 -16.64
N ASP C 88 -54.13 35.27 -16.85
CA ASP C 88 -54.00 34.47 -18.10
C ASP C 88 -55.20 33.51 -18.18
N ALA C 89 -55.58 32.97 -17.03
CA ALA C 89 -56.79 32.13 -16.86
C ALA C 89 -58.00 32.85 -17.46
N LEU C 90 -58.02 34.17 -17.39
CA LEU C 90 -59.15 34.98 -17.92
C LEU C 90 -59.08 34.98 -19.44
N ASN C 91 -60.22 34.84 -20.11
CA ASN C 91 -60.27 34.49 -21.56
C ASN C 91 -61.30 35.40 -22.24
N LYS C 106 -54.01 41.67 -23.78
CA LYS C 106 -53.06 40.80 -23.01
C LYS C 106 -52.29 41.67 -22.00
N LEU C 107 -51.09 41.23 -21.58
CA LEU C 107 -50.50 41.64 -20.29
C LEU C 107 -48.98 41.72 -20.39
N VAL C 108 -48.41 42.71 -19.71
CA VAL C 108 -46.95 42.78 -19.43
C VAL C 108 -46.75 43.38 -18.04
N ALA C 109 -45.48 43.54 -17.67
CA ALA C 109 -45.04 44.45 -16.58
C ALA C 109 -43.53 44.64 -16.65
N ASP C 110 -42.98 45.46 -15.74
CA ASP C 110 -41.52 45.51 -15.51
C ASP C 110 -41.26 45.47 -14.01
N GLU C 111 -40.28 44.67 -13.61
CA GLU C 111 -39.83 44.68 -12.20
C GLU C 111 -38.56 45.53 -12.04
N ARG C 112 -38.10 46.27 -13.06
CA ARG C 112 -37.26 47.47 -12.79
C ARG C 112 -38.15 48.47 -12.07
N THR C 113 -39.31 48.73 -12.67
CA THR C 113 -40.35 49.67 -12.17
C THR C 113 -41.30 48.92 -11.24
N ASN C 114 -41.53 47.63 -11.50
CA ASN C 114 -42.66 46.88 -10.90
C ASN C 114 -43.97 47.58 -11.32
N SER C 115 -44.30 47.48 -12.60
CA SER C 115 -45.45 48.18 -13.22
C SER C 115 -46.12 47.27 -14.23
N ILE C 116 -47.45 47.10 -14.08
CA ILE C 116 -48.28 46.40 -15.09
C ILE C 116 -48.25 47.22 -16.36
N LEU C 117 -47.97 46.54 -17.46
CA LEU C 117 -48.22 47.08 -18.81
C LEU C 117 -49.40 46.30 -19.37
N ILE C 118 -50.16 46.93 -20.24
CA ILE C 118 -51.29 46.20 -20.88
C ILE C 118 -51.13 46.26 -22.40
N SER C 119 -51.67 45.25 -23.07
CA SER C 119 -51.93 45.28 -24.52
C SER C 119 -53.40 44.93 -24.75
N GLY C 120 -54.21 45.91 -25.10
CA GLY C 120 -55.60 45.66 -25.54
C GLY C 120 -56.53 46.79 -25.16
N ASP C 121 -57.80 46.45 -24.95
CA ASP C 121 -58.97 47.36 -25.07
C ASP C 121 -58.85 48.50 -24.06
N PRO C 122 -59.48 49.66 -24.35
CA PRO C 122 -59.90 50.56 -23.29
C PRO C 122 -61.03 50.00 -22.42
N LYS C 123 -61.65 48.89 -22.84
CA LYS C 123 -62.39 48.01 -21.90
C LYS C 123 -61.37 47.20 -21.09
N VAL C 124 -60.31 46.72 -21.73
CA VAL C 124 -59.17 46.08 -21.02
C VAL C 124 -58.49 47.16 -20.17
N ARG C 125 -58.64 48.43 -20.55
CA ARG C 125 -58.06 49.54 -19.75
C ARG C 125 -58.97 49.80 -18.54
N ASP C 126 -60.29 49.73 -18.71
CA ASP C 126 -61.23 49.89 -17.57
C ASP C 126 -61.03 48.74 -16.59
N ARG C 127 -61.24 47.49 -17.05
CA ARG C 127 -61.25 46.32 -16.15
C ARG C 127 -59.83 46.05 -15.66
N LEU C 128 -58.81 46.37 -16.46
CA LEU C 128 -57.45 46.03 -16.00
C LEU C 128 -56.77 47.24 -15.34
N LYS C 129 -57.43 48.39 -15.31
CA LYS C 129 -57.10 49.34 -14.22
C LYS C 129 -57.83 48.89 -12.95
N ARG C 130 -59.00 48.28 -13.11
CA ARG C 130 -59.66 47.63 -11.96
C ARG C 130 -58.69 46.63 -11.32
N LEU C 131 -58.01 45.81 -12.12
CA LEU C 131 -57.13 44.74 -11.57
C LEU C 131 -55.73 45.29 -11.33
N ILE C 132 -55.38 46.42 -11.96
CA ILE C 132 -54.26 47.26 -11.47
C ILE C 132 -54.48 47.47 -9.97
N ARG C 133 -55.69 47.89 -9.62
CA ARG C 133 -56.00 48.32 -8.23
C ARG C 133 -56.24 47.08 -7.38
N GLN C 134 -56.86 46.04 -7.94
CA GLN C 134 -57.39 44.92 -7.13
C GLN C 134 -56.24 44.31 -6.32
N LEU C 135 -55.18 43.84 -6.97
CA LEU C 135 -54.07 43.21 -6.22
C LEU C 135 -52.90 44.17 -6.19
N ASP C 136 -53.07 45.23 -5.42
CA ASP C 136 -51.98 46.17 -5.04
C ASP C 136 -51.72 46.11 -3.54
N VAL C 137 -52.68 45.63 -2.75
CA VAL C 137 -52.93 45.99 -1.32
C VAL C 137 -51.79 45.51 -0.41
N GLU C 138 -52.10 45.36 0.89
CA GLU C 138 -51.18 44.83 1.94
C GLU C 138 -50.57 43.50 1.49
N MET C 139 -49.38 43.19 2.02
CA MET C 139 -48.68 41.91 1.75
C MET C 139 -49.08 40.89 2.81
N ALA C 140 -49.80 41.34 3.84
CA ALA C 140 -50.47 40.52 4.88
C ALA C 140 -49.45 39.88 5.83
N SER C 141 -48.23 40.40 5.88
CA SER C 141 -47.19 40.04 6.89
C SER C 141 -47.11 38.52 7.07
N LYS C 142 -46.63 37.83 6.03
CA LYS C 142 -46.65 36.35 5.93
C LYS C 142 -46.01 35.76 7.19
N GLY C 143 -45.06 36.47 7.77
CA GLY C 143 -44.24 35.94 8.87
C GLY C 143 -43.76 34.54 8.55
N ASN C 144 -43.41 34.30 7.29
CA ASN C 144 -42.95 32.98 6.76
C ASN C 144 -42.02 32.32 7.77
N ASN C 145 -41.16 33.14 8.38
CA ASN C 145 -40.19 32.67 9.41
C ASN C 145 -40.42 33.45 10.71
N ARG C 146 -40.16 32.78 11.84
CA ARG C 146 -40.24 33.33 13.21
C ARG C 146 -39.00 32.88 13.97
N VAL C 147 -38.68 33.55 15.06
CA VAL C 147 -37.53 33.13 15.89
C VAL C 147 -38.06 33.04 17.32
N VAL C 148 -38.29 31.80 17.76
CA VAL C 148 -38.91 31.49 19.07
C VAL C 148 -37.82 31.39 20.11
N TYR C 149 -37.95 32.19 21.14
CA TYR C 149 -37.00 32.27 22.25
C TYR C 149 -37.42 31.19 23.24
N LEU C 150 -36.69 30.09 23.24
CA LEU C 150 -36.87 28.99 24.21
C LEU C 150 -36.84 29.49 25.64
N LYS C 151 -37.88 29.18 26.38
CA LYS C 151 -38.06 29.46 27.83
C LYS C 151 -37.18 28.54 28.69
N TYR C 152 -37.33 27.23 28.65
CA TYR C 152 -36.35 26.52 29.48
C TYR C 152 -35.63 25.45 28.70
N ALA C 153 -35.29 25.67 27.45
CA ALA C 153 -34.61 24.47 26.94
C ALA C 153 -33.39 24.80 26.12
N LYS C 154 -32.46 23.87 26.08
CA LYS C 154 -31.33 24.20 25.20
C LYS C 154 -31.81 24.00 23.77
N ALA C 155 -31.61 25.02 22.98
CA ALA C 155 -32.16 25.01 21.63
C ALA C 155 -31.20 24.24 20.75
N GLU C 156 -29.95 24.12 21.19
CA GLU C 156 -28.92 23.45 20.41
C GLU C 156 -29.37 22.00 20.17
N ASP C 157 -30.28 21.53 21.04
CA ASP C 157 -30.64 20.10 21.15
C ASP C 157 -32.07 19.91 20.66
N LEU C 158 -32.88 20.91 20.89
CA LEU C 158 -34.27 20.91 20.40
C LEU C 158 -34.32 20.89 18.87
N VAL C 159 -33.44 21.60 18.19
CA VAL C 159 -33.42 21.64 16.69
C VAL C 159 -33.27 20.22 16.15
N ASP C 160 -32.54 19.38 16.87
CA ASP C 160 -32.33 17.96 16.48
C ASP C 160 -33.69 17.26 16.38
N VAL C 161 -34.54 17.49 17.36
CA VAL C 161 -35.85 16.80 17.48
C VAL C 161 -36.79 17.40 16.47
N LEU C 162 -36.61 18.67 16.15
CA LEU C 162 -37.67 19.26 15.31
C LEU C 162 -37.35 18.93 13.86
N LYS C 163 -36.18 18.38 13.60
CA LYS C 163 -35.76 18.01 12.22
C LYS C 163 -36.76 17.00 11.65
N GLY C 164 -37.21 16.06 12.48
CA GLY C 164 -38.10 14.97 12.04
C GLY C 164 -39.54 15.43 11.90
N VAL C 165 -39.94 16.36 12.77
CA VAL C 165 -41.29 16.98 12.75
C VAL C 165 -41.30 17.91 11.55
N SER C 166 -40.12 18.40 11.26
CA SER C 166 -40.08 19.50 10.28
C SER C 166 -40.31 18.92 8.89
N ASP C 167 -39.32 18.21 8.36
CA ASP C 167 -39.35 17.62 7.01
C ASP C 167 -40.61 16.75 6.87
N ASN C 168 -40.78 15.82 7.81
CA ASN C 168 -41.89 14.83 7.74
C ASN C 168 -43.20 15.58 7.60
N LEU C 169 -43.43 16.58 8.44
CA LEU C 169 -44.72 17.30 8.46
C LEU C 169 -44.98 17.89 7.06
N GLN C 170 -43.95 18.53 6.49
CA GLN C 170 -44.02 19.18 5.15
C GLN C 170 -44.50 18.18 4.11
N ALA C 171 -43.92 16.97 4.10
CA ALA C 171 -44.30 15.87 3.18
C ALA C 171 -45.77 15.46 3.40
N VAL C 187 -39.20 23.79 5.18
CA VAL C 187 -39.04 23.73 6.66
C VAL C 187 -37.55 23.68 7.01
N VAL C 188 -36.96 24.80 7.42
CA VAL C 188 -35.60 24.75 8.02
C VAL C 188 -35.60 25.36 9.40
N ILE C 189 -35.35 24.51 10.40
CA ILE C 189 -35.25 24.88 11.83
C ILE C 189 -33.79 25.05 12.16
N ALA C 190 -33.41 26.21 12.67
CA ALA C 190 -31.99 26.41 12.99
C ALA C 190 -31.88 27.04 14.37
N ALA C 191 -30.98 26.52 15.19
CA ALA C 191 -30.93 26.99 16.59
C ALA C 191 -29.78 27.97 16.71
N HIS C 192 -30.08 29.21 17.07
CA HIS C 192 -29.01 30.23 17.31
C HIS C 192 -28.54 30.13 18.74
N GLN C 193 -27.38 29.50 18.95
CA GLN C 193 -26.82 29.19 20.29
C GLN C 193 -27.02 30.39 21.20
N GLY C 194 -26.30 31.45 20.86
CA GLY C 194 -26.24 32.71 21.62
C GLY C 194 -27.46 32.89 22.51
N THR C 195 -28.64 33.04 21.92
CA THR C 195 -29.82 33.61 22.61
C THR C 195 -30.70 32.46 23.11
N ASN C 196 -30.19 31.24 22.92
CA ASN C 196 -30.94 29.98 23.14
C ASN C 196 -32.30 30.18 22.51
N SER C 197 -32.27 30.61 21.26
CA SER C 197 -33.49 30.85 20.45
C SER C 197 -33.28 30.11 19.16
N LEU C 198 -34.21 29.21 18.86
CA LEU C 198 -34.07 28.54 17.56
C LEU C 198 -34.98 29.22 16.57
N VAL C 199 -34.42 29.40 15.39
CA VAL C 199 -35.00 30.16 14.26
C VAL C 199 -35.66 29.14 13.35
N LEU C 200 -36.97 29.32 13.21
CA LEU C 200 -37.81 28.42 12.39
C LEU C 200 -38.11 29.13 11.09
N THR C 201 -37.95 28.43 9.97
CA THR C 201 -38.46 28.96 8.69
C THR C 201 -39.27 27.86 8.04
N ALA C 202 -40.57 28.00 8.31
CA ALA C 202 -41.66 27.03 8.13
C ALA C 202 -42.60 27.50 7.00
N PRO C 203 -43.43 26.65 6.34
CA PRO C 203 -44.80 27.03 5.97
C PRO C 203 -45.72 27.28 7.15
N PRO C 204 -46.81 28.02 6.97
CA PRO C 204 -47.53 28.59 8.11
C PRO C 204 -48.13 27.51 9.00
N ASP C 205 -48.59 26.43 8.41
CA ASP C 205 -49.08 25.28 9.21
C ASP C 205 -47.89 24.60 9.90
N ILE C 206 -46.96 24.11 9.09
CA ILE C 206 -45.72 23.52 9.65
C ILE C 206 -45.22 24.42 10.79
N MET C 207 -45.39 25.74 10.64
CA MET C 207 -44.91 26.74 11.64
C MET C 207 -45.76 26.61 12.88
N LEU C 208 -47.07 26.87 12.73
CA LEU C 208 -48.03 26.67 13.84
C LEU C 208 -47.81 25.29 14.44
N ALA C 209 -47.31 24.31 13.67
CA ALA C 209 -47.11 22.96 14.23
C ALA C 209 -45.85 22.93 15.08
N LEU C 210 -44.71 23.30 14.48
CA LEU C 210 -43.40 23.31 15.19
C LEU C 210 -43.60 24.11 16.47
N GLN C 211 -44.45 25.14 16.43
CA GLN C 211 -44.62 26.04 17.59
C GLN C 211 -45.32 25.27 18.70
N GLU C 212 -46.19 24.33 18.36
CA GLU C 212 -47.00 23.58 19.36
C GLU C 212 -46.14 22.44 19.91
N VAL C 213 -45.10 22.09 19.19
CA VAL C 213 -44.17 20.99 19.58
C VAL C 213 -43.14 21.57 20.53
N ILE C 214 -42.70 22.78 20.24
CA ILE C 214 -41.60 23.44 20.97
C ILE C 214 -42.15 23.91 22.29
N THR C 215 -43.45 24.20 22.31
CA THR C 215 -44.10 24.76 23.52
C THR C 215 -44.33 23.63 24.52
N GLN C 216 -44.33 22.39 24.06
CA GLN C 216 -44.61 21.22 24.92
C GLN C 216 -43.28 20.54 25.27
N LEU C 217 -42.22 20.77 24.51
CA LEU C 217 -40.88 20.23 24.85
C LEU C 217 -40.14 21.22 25.71
N ASP C 218 -40.69 22.40 25.79
CA ASP C 218 -39.97 23.52 26.41
C ASP C 218 -40.45 23.68 27.85
N ILE C 219 -40.83 22.60 28.50
CA ILE C 219 -41.26 22.72 29.91
C ILE C 219 -39.99 22.76 30.76
N ARG C 220 -40.10 23.31 31.96
CA ARG C 220 -38.97 23.32 32.91
C ARG C 220 -38.66 21.89 33.29
N ARG C 221 -37.42 21.61 33.64
CA ARG C 221 -37.10 20.23 34.05
C ARG C 221 -37.04 20.22 35.57
N ALA C 222 -37.69 19.25 36.18
CA ALA C 222 -37.52 19.09 37.64
C ALA C 222 -36.11 18.55 37.90
N GLN C 223 -35.71 18.51 39.15
CA GLN C 223 -34.33 18.01 39.35
C GLN C 223 -34.21 17.21 40.63
N VAL C 224 -33.41 16.17 40.56
CA VAL C 224 -33.34 15.20 41.69
C VAL C 224 -32.05 15.43 42.48
N LEU C 225 -32.16 15.39 43.78
CA LEU C 225 -30.98 15.37 44.67
C LEU C 225 -30.67 13.91 45.06
N ILE C 226 -29.86 13.24 44.24
CA ILE C 226 -29.49 11.81 44.41
C ILE C 226 -28.55 11.70 45.59
N GLU C 227 -29.09 11.38 46.74
CA GLU C 227 -28.18 11.17 47.89
C GLU C 227 -27.98 9.65 48.04
N ALA C 228 -26.84 9.16 47.58
CA ALA C 228 -26.41 7.77 47.90
C ALA C 228 -25.87 7.67 49.34
N LEU C 229 -25.79 6.46 49.86
CA LEU C 229 -25.55 6.28 51.31
C LEU C 229 -24.87 4.94 51.55
N ILE C 230 -23.59 4.94 51.31
CA ILE C 230 -22.77 3.73 51.30
C ILE C 230 -22.29 3.45 52.71
N VAL C 231 -22.64 2.30 53.24
CA VAL C 231 -22.36 2.01 54.66
C VAL C 231 -21.52 0.76 54.66
N GLU C 232 -20.21 0.88 54.74
CA GLU C 232 -19.26 -0.26 54.84
C GLU C 232 -18.81 -0.55 56.26
N MET C 233 -19.38 -1.54 56.88
CA MET C 233 -19.21 -1.79 58.32
C MET C 233 -18.55 -3.15 58.56
N ALA C 234 -17.26 -3.17 58.85
CA ALA C 234 -16.39 -4.37 58.86
C ALA C 234 -15.79 -4.60 60.24
N GLU C 235 -15.76 -5.85 60.64
CA GLU C 235 -15.52 -6.24 62.05
C GLU C 235 -14.74 -7.54 61.99
N GLY C 236 -13.54 -7.53 62.54
CA GLY C 236 -12.59 -8.66 62.45
C GLY C 236 -12.10 -9.03 63.84
N ASP C 237 -11.94 -10.32 64.08
CA ASP C 237 -11.60 -10.84 65.41
C ASP C 237 -10.76 -12.07 65.20
N GLY C 238 -9.51 -12.02 65.59
CA GLY C 238 -8.57 -13.13 65.47
C GLY C 238 -7.97 -13.48 66.82
N VAL C 239 -7.80 -14.75 67.06
CA VAL C 239 -7.06 -15.26 68.22
C VAL C 239 -5.99 -16.24 67.77
N ASN C 240 -4.73 -15.91 67.86
CA ASN C 240 -3.65 -16.89 67.71
C ASN C 240 -3.10 -17.30 69.07
N LEU C 241 -3.11 -18.57 69.35
CA LEU C 241 -2.54 -19.01 70.63
C LEU C 241 -1.82 -20.33 70.45
N GLY C 242 -0.55 -20.36 70.75
CA GLY C 242 0.16 -21.56 70.32
C GLY C 242 1.53 -21.59 70.87
N VAL C 243 1.86 -22.71 71.46
CA VAL C 243 3.05 -22.71 72.31
C VAL C 243 4.12 -23.55 71.68
N GLN C 244 5.30 -23.03 71.56
CA GLN C 244 6.26 -23.81 70.78
C GLN C 244 7.41 -24.17 71.69
N TRP C 245 7.66 -25.46 71.77
CA TRP C 245 8.81 -25.92 72.55
C TRP C 245 10.02 -25.98 71.63
N GLY C 246 11.23 -25.87 72.15
CA GLY C 246 12.44 -26.00 71.32
C GLY C 246 13.71 -26.23 72.11
N ASN C 247 14.56 -27.09 71.59
CA ASN C 247 15.86 -27.39 72.20
C ASN C 247 16.88 -27.47 71.07
N LEU C 248 17.69 -26.44 70.93
CA LEU C 248 18.59 -26.32 69.77
C LEU C 248 19.93 -27.05 70.04
N GLU C 249 20.33 -27.29 71.29
CA GLU C 249 21.54 -28.10 71.60
C GLU C 249 21.49 -29.38 70.78
N THR C 250 20.35 -30.07 70.85
CA THR C 250 20.04 -31.29 70.07
C THR C 250 18.74 -31.07 69.30
N GLY C 251 18.83 -30.35 68.16
CA GLY C 251 17.77 -29.95 67.20
C GLY C 251 16.41 -30.56 67.45
N ALA C 252 15.70 -30.08 68.45
CA ALA C 252 14.39 -30.66 68.82
C ALA C 252 13.42 -29.53 68.87
N VAL C 253 12.63 -29.38 67.86
CA VAL C 253 11.66 -28.28 67.93
C VAL C 253 10.27 -28.87 67.96
N ILE C 254 9.37 -28.19 68.62
CA ILE C 254 7.94 -28.36 68.26
C ILE C 254 7.48 -27.05 67.69
N GLN C 255 7.78 -26.83 66.44
CA GLN C 255 7.53 -25.48 65.90
C GLN C 255 6.19 -25.47 65.16
N TYR C 256 5.64 -24.28 65.02
CA TYR C 256 4.44 -24.04 64.21
C TYR C 256 4.66 -22.83 63.30
N SER C 257 4.32 -22.94 62.03
CA SER C 257 4.39 -21.78 61.13
C SER C 257 3.18 -20.89 61.40
N ASN C 258 2.12 -21.50 61.89
CA ASN C 258 0.87 -20.72 61.87
C ASN C 258 1.00 -19.54 62.83
N THR C 259 1.91 -19.61 63.79
CA THR C 259 1.98 -18.52 64.80
C THR C 259 2.92 -17.46 64.26
N GLY C 260 2.81 -16.23 64.75
CA GLY C 260 3.80 -15.23 64.33
C GLY C 260 5.13 -15.90 64.00
N THR C 261 5.90 -16.22 65.03
CA THR C 261 7.30 -16.59 64.73
C THR C 261 7.46 -18.07 64.99
N PRO C 262 8.32 -18.77 64.25
CA PRO C 262 8.67 -20.16 64.59
C PRO C 262 9.93 -20.37 65.43
N ILE C 263 9.84 -21.20 66.46
CA ILE C 263 10.82 -21.20 67.58
C ILE C 263 12.22 -21.30 66.96
N GLY C 264 12.34 -21.89 65.77
CA GLY C 264 13.68 -22.08 65.17
C GLY C 264 14.35 -20.73 64.99
N LYS C 265 13.74 -19.91 64.14
CA LYS C 265 14.22 -18.54 63.89
C LYS C 265 14.57 -17.92 65.24
N VAL C 266 13.73 -18.10 66.26
CA VAL C 266 13.88 -17.34 67.52
C VAL C 266 15.10 -17.88 68.26
N MET C 267 15.22 -19.19 68.36
CA MET C 267 16.39 -19.75 69.07
C MET C 267 17.68 -19.45 68.29
N VAL C 268 17.65 -19.62 66.98
CA VAL C 268 18.85 -19.27 66.18
C VAL C 268 19.20 -17.82 66.47
N GLY C 269 18.21 -16.92 66.36
CA GLY C 269 18.38 -15.47 66.55
C GLY C 269 18.98 -15.20 67.90
N LEU C 270 18.52 -15.93 68.90
CA LEU C 270 18.98 -15.70 70.28
C LEU C 270 20.43 -16.12 70.39
N GLU C 271 20.82 -17.17 69.67
CA GLU C 271 22.23 -17.62 69.77
C GLU C 271 23.11 -16.61 69.05
N GLU C 272 22.68 -16.16 67.88
CA GLU C 272 23.46 -15.15 67.13
C GLU C 272 23.58 -13.87 67.95
N ALA C 273 22.58 -13.51 68.75
CA ALA C 273 22.53 -12.24 69.52
C ALA C 273 23.39 -12.40 70.78
N LYS C 274 23.93 -13.61 71.00
CA LYS C 274 24.82 -13.90 72.16
C LYS C 274 26.26 -13.48 71.82
N ASP C 275 27.06 -13.15 72.83
CA ASP C 275 28.48 -12.77 72.65
C ASP C 275 29.34 -14.03 72.47
N LYS C 276 29.87 -14.24 71.25
CA LYS C 276 30.76 -15.37 70.84
C LYS C 276 32.19 -15.09 71.33
N THR C 277 33.07 -16.10 71.30
CA THR C 277 34.51 -15.96 71.70
C THR C 277 35.40 -16.76 70.74
N VAL C 278 36.32 -16.09 70.04
CA VAL C 278 37.25 -16.72 69.06
C VAL C 278 38.67 -16.65 69.63
N THR C 279 39.20 -17.77 70.12
CA THR C 279 40.40 -17.84 71.02
C THR C 279 41.69 -17.85 70.21
N SER C 294 43.03 -14.48 73.32
CA SER C 294 41.55 -14.63 73.43
C SER C 294 40.87 -13.30 73.10
N ARG C 295 40.05 -13.27 72.05
CA ARG C 295 39.16 -12.11 71.75
C ARG C 295 37.74 -12.43 72.23
N THR C 296 36.95 -11.40 72.53
CA THR C 296 35.48 -11.54 72.66
C THR C 296 34.82 -10.72 71.54
N GLU C 297 33.62 -11.12 71.15
CA GLU C 297 32.86 -10.40 70.09
C GLU C 297 31.38 -10.39 70.44
N ALA C 298 30.74 -9.27 70.16
CA ALA C 298 29.29 -9.10 70.42
C ALA C 298 28.55 -9.45 69.14
N GLY C 299 27.72 -10.47 69.26
CA GLY C 299 26.95 -11.00 68.13
C GLY C 299 25.91 -10.02 67.66
N ASP C 300 25.59 -10.11 66.38
CA ASP C 300 24.58 -9.27 65.72
C ASP C 300 23.21 -9.82 66.12
N TYR C 301 22.36 -8.89 66.50
CA TYR C 301 20.93 -9.17 66.76
C TYR C 301 20.17 -8.98 65.45
N SER C 302 20.81 -9.20 64.30
CA SER C 302 20.17 -8.97 62.98
C SER C 302 19.26 -10.16 62.67
N THR C 303 19.57 -11.31 63.24
CA THR C 303 18.80 -12.55 62.98
C THR C 303 17.65 -12.61 63.97
N LEU C 304 17.90 -12.16 65.20
CA LEU C 304 16.86 -12.15 66.24
C LEU C 304 15.84 -11.07 65.90
N ALA C 305 16.29 -9.97 65.33
CA ALA C 305 15.41 -8.86 64.96
C ALA C 305 14.53 -9.29 63.79
N ALA C 306 15.04 -10.09 62.86
CA ALA C 306 14.26 -10.61 61.72
C ALA C 306 13.22 -11.62 62.22
N ALA C 307 13.48 -12.26 63.36
CA ALA C 307 12.51 -13.23 63.92
C ALA C 307 11.40 -12.49 64.65
N LEU C 308 11.79 -11.72 65.66
CA LEU C 308 10.86 -11.04 66.58
C LEU C 308 10.17 -9.93 65.80
N ALA C 309 10.68 -9.62 64.61
CA ALA C 309 10.18 -8.45 63.86
C ALA C 309 8.70 -8.66 63.61
N GLY C 310 8.36 -9.90 63.31
CA GLY C 310 7.05 -10.22 62.71
C GLY C 310 6.13 -10.76 63.77
N VAL C 311 6.38 -10.45 65.03
CA VAL C 311 5.52 -11.06 66.08
C VAL C 311 4.49 -10.05 66.51
N ASN C 312 3.27 -10.29 66.08
CA ASN C 312 2.23 -9.32 66.47
C ASN C 312 1.39 -10.05 67.48
N GLY C 313 1.86 -10.03 68.70
CA GLY C 313 1.03 -10.42 69.84
C GLY C 313 1.89 -10.42 71.05
N ALA C 314 2.23 -11.62 71.46
CA ALA C 314 3.03 -11.90 72.67
C ALA C 314 3.74 -13.22 72.44
N ALA C 315 5.06 -13.16 72.28
CA ALA C 315 5.95 -14.31 71.96
C ALA C 315 6.95 -14.51 73.08
N MET C 316 6.47 -15.02 74.20
CA MET C 316 7.22 -15.06 75.46
C MET C 316 7.92 -16.41 75.51
N SER C 317 9.13 -16.42 76.07
CA SER C 317 9.97 -17.63 76.15
C SER C 317 10.21 -17.98 77.61
N LEU C 318 9.53 -19.03 78.10
CA LEU C 318 9.88 -19.72 79.35
C LEU C 318 11.04 -20.68 79.05
N VAL C 319 12.27 -20.22 79.29
CA VAL C 319 13.49 -21.03 79.05
C VAL C 319 13.69 -21.97 80.24
N MET C 320 13.32 -23.24 80.09
CA MET C 320 13.40 -24.24 81.17
C MET C 320 14.57 -25.19 80.89
N GLY C 321 15.65 -25.12 81.67
CA GLY C 321 16.91 -25.85 81.42
C GLY C 321 17.11 -26.21 79.95
N ASP C 322 17.19 -25.22 79.06
CA ASP C 322 17.75 -25.45 77.70
C ASP C 322 16.66 -25.97 76.76
N TRP C 323 15.45 -26.13 77.26
CA TRP C 323 14.26 -26.29 76.41
C TRP C 323 13.45 -25.00 76.40
N THR C 324 13.64 -24.21 75.36
CA THR C 324 13.03 -22.87 75.21
C THR C 324 11.60 -23.08 74.72
N ALA C 325 10.65 -22.75 75.58
CA ALA C 325 9.22 -22.84 75.23
C ALA C 325 8.68 -21.43 74.88
N LEU C 326 8.66 -21.10 73.60
CA LEU C 326 8.07 -19.84 73.13
C LEU C 326 6.55 -20.00 73.02
N ILE C 327 5.88 -19.44 74.02
CA ILE C 327 4.41 -19.22 74.09
C ILE C 327 4.00 -17.95 73.36
N SER C 328 3.05 -18.09 72.47
CA SER C 328 2.60 -16.98 71.60
C SER C 328 1.09 -16.83 71.76
N ALA C 329 0.65 -15.59 71.86
CA ALA C 329 -0.78 -15.29 72.00
C ALA C 329 -1.04 -13.91 71.44
N VAL C 330 -2.10 -13.79 70.67
CA VAL C 330 -2.61 -12.48 70.22
C VAL C 330 -4.09 -12.58 69.94
N SER C 331 -4.90 -11.64 70.43
CA SER C 331 -6.35 -11.60 70.14
C SER C 331 -6.66 -10.32 69.35
N SER C 332 -6.11 -10.24 68.14
CA SER C 332 -6.36 -9.15 67.16
C SER C 332 -7.88 -8.95 66.96
N ASP C 333 -8.46 -7.95 67.60
CA ASP C 333 -9.88 -7.61 67.46
C ASP C 333 -9.96 -6.27 66.71
N SER C 334 -10.08 -6.34 65.39
CA SER C 334 -10.30 -5.18 64.49
C SER C 334 -11.80 -4.84 64.35
N ASN C 335 -12.08 -3.71 63.70
CA ASN C 335 -13.42 -3.08 63.65
C ASN C 335 -13.36 -1.82 62.77
N SER C 336 -14.29 -1.69 61.86
CA SER C 336 -14.29 -0.66 60.80
C SER C 336 -15.74 -0.31 60.55
N ASN C 337 -16.02 0.96 60.34
CA ASN C 337 -17.41 1.40 60.33
C ASN C 337 -17.47 2.63 59.45
N ILE C 338 -17.24 2.45 58.18
CA ILE C 338 -17.18 3.55 57.18
C ILE C 338 -18.57 3.85 56.69
N LEU C 339 -18.89 5.11 56.60
CA LEU C 339 -20.23 5.52 56.24
C LEU C 339 -20.19 6.73 55.31
N SER C 340 -19.85 6.51 54.06
CA SER C 340 -19.65 7.59 53.09
C SER C 340 -20.92 7.77 52.28
N SER C 341 -21.47 8.98 52.25
CA SER C 341 -22.72 9.29 51.49
C SER C 341 -22.47 10.46 50.57
N PRO C 342 -22.42 10.23 49.26
CA PRO C 342 -22.30 11.30 48.30
C PRO C 342 -23.64 11.54 47.63
N SER C 343 -24.07 12.79 47.67
CA SER C 343 -25.21 13.29 46.87
C SER C 343 -24.74 14.15 45.72
N ILE C 344 -25.52 14.07 44.69
CA ILE C 344 -25.28 14.88 43.51
C ILE C 344 -26.65 15.43 43.25
N THR C 345 -26.74 16.61 42.67
CA THR C 345 -28.03 17.12 42.20
C THR C 345 -28.02 17.06 40.69
N VAL C 346 -29.11 16.61 40.16
CA VAL C 346 -29.02 16.59 38.69
C VAL C 346 -30.36 16.92 38.10
N MET C 347 -30.30 17.39 36.87
CA MET C 347 -31.57 17.73 36.18
C MET C 347 -32.08 16.41 35.65
N ASP C 348 -33.39 16.22 35.75
CA ASP C 348 -33.98 14.95 35.32
C ASP C 348 -33.48 14.69 33.92
N ASN C 349 -33.07 13.46 33.72
CA ASN C 349 -32.78 12.92 32.38
C ASN C 349 -31.43 13.43 31.92
N GLY C 350 -30.86 14.39 32.67
CA GLY C 350 -29.43 14.69 32.50
C GLY C 350 -28.61 13.61 33.15
N GLU C 351 -27.45 13.30 32.59
CA GLU C 351 -26.44 12.51 33.34
C GLU C 351 -25.61 13.40 34.25
N ALA C 352 -25.30 12.86 35.40
CA ALA C 352 -24.44 13.59 36.35
C ALA C 352 -23.51 12.63 36.99
N SER C 353 -22.26 13.04 36.98
CA SER C 353 -21.16 12.28 37.57
C SER C 353 -20.79 13.03 38.83
N PHE C 354 -20.10 12.32 39.69
CA PHE C 354 -19.58 12.84 40.95
C PHE C 354 -18.43 11.96 41.33
N ILE C 355 -17.29 12.50 41.64
CA ILE C 355 -16.13 11.63 41.94
C ILE C 355 -15.23 12.34 42.91
N VAL C 356 -15.10 11.76 44.04
CA VAL C 356 -14.29 12.32 45.12
C VAL C 356 -13.27 11.28 45.45
N GLY C 357 -12.04 11.51 45.02
CA GLY C 357 -11.20 10.38 44.60
C GLY C 357 -9.77 10.78 44.45
N GLU C 358 -9.12 10.00 43.63
CA GLU C 358 -7.85 10.40 43.03
C GLU C 358 -7.74 9.72 41.69
N GLU C 359 -7.22 10.46 40.74
CA GLU C 359 -6.82 9.86 39.47
C GLU C 359 -5.44 9.27 39.68
N VAL C 360 -5.34 7.99 40.02
CA VAL C 360 -4.04 7.25 39.95
C VAL C 360 -3.81 6.83 38.53
N PRO C 361 -2.60 7.01 38.04
CA PRO C 361 -2.25 6.45 36.76
C PRO C 361 -1.73 5.03 36.93
N VAL C 362 -2.00 4.27 35.89
CA VAL C 362 -1.80 2.81 35.91
C VAL C 362 -1.31 2.39 34.56
N ILE C 363 -0.35 1.48 34.60
CA ILE C 363 0.24 0.94 33.37
C ILE C 363 -0.87 0.34 32.53
N THR C 364 -0.57 0.19 31.24
CA THR C 364 -1.37 -0.56 30.24
C THR C 364 -0.40 -1.07 29.15
N VAL C 379 0.40 4.07 29.74
CA VAL C 379 -0.11 4.64 31.03
C VAL C 379 -1.43 5.36 30.81
N ASP C 380 -2.48 4.83 31.38
CA ASP C 380 -3.79 5.51 31.45
C ASP C 380 -3.98 5.96 32.90
N ARG C 381 -4.87 6.93 33.07
CA ARG C 381 -5.05 7.61 34.37
C ARG C 381 -6.47 7.34 34.86
N LYS C 382 -6.64 6.33 35.68
CA LYS C 382 -8.02 5.92 36.04
C LYS C 382 -8.32 6.50 37.41
N GLU C 383 -9.55 6.99 37.49
CA GLU C 383 -10.10 7.69 38.67
C GLU C 383 -10.55 6.67 39.71
N VAL C 384 -10.31 6.96 40.94
CA VAL C 384 -10.54 5.80 41.83
C VAL C 384 -10.97 6.38 43.11
N GLY C 385 -12.27 6.38 43.33
CA GLY C 385 -12.68 7.09 44.55
C GLY C 385 -14.06 6.70 44.91
N ILE C 386 -14.74 7.51 45.68
CA ILE C 386 -16.22 7.45 45.66
C ILE C 386 -16.69 8.07 44.34
N LYS C 387 -16.98 7.27 43.33
CA LYS C 387 -17.74 7.74 42.15
C LYS C 387 -19.22 7.41 42.28
N LEU C 388 -20.05 8.18 41.58
CA LEU C 388 -21.51 8.02 41.59
C LEU C 388 -22.03 8.61 40.32
N LYS C 389 -22.46 7.81 39.37
CA LYS C 389 -22.79 8.45 38.09
C LYS C 389 -24.24 8.15 37.72
N VAL C 390 -25.16 8.98 38.18
CA VAL C 390 -26.59 8.68 38.04
C VAL C 390 -27.19 9.41 36.86
N VAL C 391 -28.02 8.72 36.09
CA VAL C 391 -28.82 9.38 35.05
C VAL C 391 -30.24 9.35 35.53
N PRO C 392 -30.57 10.22 36.48
CA PRO C 392 -31.84 10.10 37.16
C PRO C 392 -32.90 10.56 36.18
N GLN C 393 -33.99 9.82 36.07
CA GLN C 393 -35.07 10.07 35.08
C GLN C 393 -36.43 9.99 35.74
N ILE C 394 -36.99 11.12 36.16
CA ILE C 394 -38.22 11.19 36.99
C ILE C 394 -39.42 10.72 36.18
N ASN C 395 -40.25 9.86 36.81
CA ASN C 395 -41.44 9.19 36.21
C ASN C 395 -42.70 9.90 36.73
N GLU C 396 -43.87 9.60 36.16
CA GLU C 396 -45.18 9.97 36.75
C GLU C 396 -45.32 9.37 38.17
N GLY C 397 -46.04 10.02 39.10
CA GLY C 397 -46.21 9.53 40.49
C GLY C 397 -45.00 9.85 41.34
N ASP C 398 -44.23 10.85 40.94
CA ASP C 398 -42.97 11.24 41.60
C ASP C 398 -42.19 9.99 41.96
N SER C 399 -41.88 9.17 40.97
CA SER C 399 -41.13 7.91 41.18
C SER C 399 -39.89 7.98 40.32
N VAL C 400 -38.79 8.42 40.92
CA VAL C 400 -37.53 8.57 40.14
C VAL C 400 -36.93 7.23 39.78
N GLN C 401 -36.52 7.13 38.55
CA GLN C 401 -35.93 5.91 37.97
C GLN C 401 -34.48 6.16 37.58
N LEU C 402 -33.56 5.82 38.47
CA LEU C 402 -32.10 6.10 38.40
C LEU C 402 -31.41 5.01 37.60
N ASN C 403 -30.49 5.37 36.69
CA ASN C 403 -29.52 4.43 36.06
C ASN C 403 -28.13 4.68 36.62
N ILE C 404 -27.80 3.99 37.71
CA ILE C 404 -26.69 4.41 38.60
C ILE C 404 -25.47 3.51 38.36
N GLU C 405 -24.31 4.11 38.40
CA GLU C 405 -23.02 3.40 38.46
C GLU C 405 -22.34 3.95 39.69
N GLN C 406 -22.24 3.16 40.75
CA GLN C 406 -21.67 3.62 42.03
C GLN C 406 -20.45 2.83 42.51
N GLU C 407 -19.34 3.49 42.77
CA GLU C 407 -18.04 2.82 42.86
C GLU C 407 -17.38 3.39 44.08
N VAL C 408 -17.29 2.63 45.11
CA VAL C 408 -16.24 3.14 45.99
C VAL C 408 -15.01 2.35 45.71
N SER C 409 -13.89 3.02 45.59
CA SER C 409 -12.63 2.36 45.22
C SER C 409 -11.50 3.19 45.80
N ASN C 410 -10.32 2.61 45.84
CA ASN C 410 -9.44 2.85 47.01
C ASN C 410 -8.14 2.17 46.72
N VAL C 411 -7.42 2.74 45.77
CA VAL C 411 -6.07 2.25 45.38
C VAL C 411 -5.31 1.80 46.64
N LEU C 412 -5.05 0.52 46.64
CA LEU C 412 -4.27 -0.22 47.66
C LEU C 412 -2.91 -0.47 47.02
N GLY C 413 -2.06 -1.25 47.67
CA GLY C 413 -0.79 -1.70 47.09
C GLY C 413 -1.01 -2.62 45.91
N ALA C 414 0.09 -2.89 45.20
CA ALA C 414 0.15 -4.00 44.23
C ALA C 414 0.97 -5.18 44.76
N ASN C 415 0.64 -5.73 45.93
CA ASN C 415 1.40 -6.88 46.45
C ASN C 415 2.13 -7.55 45.27
N GLY C 416 1.40 -8.24 44.41
CA GLY C 416 2.03 -9.21 43.52
C GLY C 416 2.13 -8.58 42.16
N ALA C 417 1.16 -7.73 41.92
CA ALA C 417 0.79 -7.41 40.54
C ALA C 417 1.79 -6.37 40.03
N VAL C 418 1.89 -6.32 38.71
CA VAL C 418 2.67 -5.32 37.93
C VAL C 418 2.49 -3.95 38.56
N ASP C 419 1.32 -3.39 38.35
CA ASP C 419 1.02 -2.02 38.81
C ASP C 419 0.25 -2.13 40.13
N VAL C 420 -0.31 -1.00 40.53
CA VAL C 420 -1.16 -0.89 41.73
C VAL C 420 -2.51 -1.52 41.47
N ARG C 421 -2.94 -2.29 42.44
CA ARG C 421 -4.28 -2.95 42.53
C ARG C 421 -5.19 -1.94 43.20
N PHE C 422 -6.22 -1.49 42.48
CA PHE C 422 -7.39 -0.72 42.98
C PHE C 422 -8.39 -1.64 43.67
N ALA C 423 -8.85 -1.24 44.84
CA ALA C 423 -9.86 -2.02 45.57
C ALA C 423 -11.17 -1.34 45.37
N LYS C 424 -11.97 -2.03 44.61
CA LYS C 424 -13.09 -1.41 43.91
C LYS C 424 -14.31 -2.12 44.41
N ARG C 425 -15.32 -1.37 44.79
CA ARG C 425 -16.62 -1.95 45.10
C ARG C 425 -17.60 -1.21 44.26
N GLN C 426 -17.74 -1.59 43.01
CA GLN C 426 -18.71 -0.92 42.16
C GLN C 426 -19.96 -1.73 42.01
N LEU C 427 -21.04 -1.04 41.75
CA LEU C 427 -22.42 -1.57 41.90
C LEU C 427 -23.23 -0.83 40.85
N ASN C 428 -23.26 -1.31 39.63
CA ASN C 428 -23.92 -0.46 38.62
C ASN C 428 -25.16 -1.16 38.13
N THR C 429 -26.28 -0.50 38.27
CA THR C 429 -27.59 -1.11 38.18
C THR C 429 -28.54 -0.04 37.70
N SER C 430 -29.82 -0.37 37.65
CA SER C 430 -30.85 0.63 37.36
C SER C 430 -31.94 0.33 38.34
N VAL C 431 -32.27 1.27 39.18
CA VAL C 431 -33.42 0.97 40.06
C VAL C 431 -34.48 2.04 39.94
N ILE C 432 -35.57 1.83 40.65
CA ILE C 432 -36.69 2.78 40.51
C ILE C 432 -37.22 3.01 41.91
N VAL C 433 -37.11 4.25 42.32
CA VAL C 433 -37.24 4.60 43.74
C VAL C 433 -38.39 5.55 43.85
N GLN C 434 -38.99 5.55 45.03
CA GLN C 434 -40.00 6.59 45.26
C GLN C 434 -39.30 7.94 45.34
N ASP C 435 -40.06 9.00 45.18
CA ASP C 435 -39.60 10.33 45.59
C ASP C 435 -39.48 10.33 47.10
N GLY C 436 -38.26 10.48 47.62
CA GLY C 436 -38.03 10.75 49.06
C GLY C 436 -37.94 9.53 49.96
N GLN C 437 -38.16 8.31 49.45
CA GLN C 437 -37.89 7.10 50.25
C GLN C 437 -36.56 6.50 49.81
N MET C 438 -35.88 5.90 50.75
CA MET C 438 -34.57 5.35 50.39
C MET C 438 -34.83 3.96 49.84
N LEU C 439 -33.96 3.50 48.98
CA LEU C 439 -34.03 2.11 48.49
C LEU C 439 -32.62 1.58 48.46
N VAL C 440 -32.53 0.28 48.66
CA VAL C 440 -31.21 -0.35 48.84
C VAL C 440 -30.69 -0.89 47.52
N LEU C 441 -29.66 -0.27 46.95
CA LEU C 441 -29.17 -0.68 45.61
C LEU C 441 -28.56 -2.06 45.81
N GLY C 442 -27.68 -2.14 46.80
CA GLY C 442 -26.60 -3.12 46.79
C GLY C 442 -26.34 -3.66 48.16
N GLY C 443 -25.35 -4.51 48.21
CA GLY C 443 -25.11 -5.17 49.48
C GLY C 443 -23.96 -6.10 49.32
N LEU C 444 -23.54 -6.54 50.49
CA LEU C 444 -22.71 -7.73 50.65
C LEU C 444 -22.57 -7.98 52.13
N ILE C 445 -23.00 -9.14 52.56
CA ILE C 445 -22.76 -9.54 53.94
C ILE C 445 -21.81 -10.71 53.88
N ASP C 446 -20.53 -10.43 53.91
CA ASP C 446 -19.52 -11.50 54.03
C ASP C 446 -19.41 -11.86 55.51
N GLU C 447 -19.31 -13.15 55.80
CA GLU C 447 -18.70 -13.60 57.06
C GLU C 447 -17.66 -14.66 56.71
N ARG C 448 -16.52 -14.65 57.38
CA ARG C 448 -15.52 -15.74 57.26
C ARG C 448 -15.18 -16.26 58.66
N ALA C 449 -14.64 -17.44 58.68
CA ALA C 449 -14.18 -17.97 59.97
C ALA C 449 -13.16 -19.07 59.69
N LEU C 450 -11.89 -18.75 59.77
CA LEU C 450 -10.86 -19.77 59.57
C LEU C 450 -10.32 -20.17 60.95
N GLU C 451 -10.61 -21.37 61.36
CA GLU C 451 -9.76 -22.03 62.37
C GLU C 451 -8.54 -22.69 61.71
N SER C 452 -7.52 -22.98 62.50
CA SER C 452 -6.36 -23.84 62.16
C SER C 452 -5.77 -24.37 63.45
N GLU C 453 -5.39 -25.62 63.49
CA GLU C 453 -4.65 -26.03 64.69
C GLU C 453 -3.64 -27.05 64.25
N SER C 454 -2.41 -26.71 64.40
CA SER C 454 -1.37 -27.73 64.29
C SER C 454 -1.13 -28.28 65.69
N LYS C 455 -1.15 -29.59 65.87
CA LYS C 455 -0.84 -30.12 67.21
C LYS C 455 0.10 -31.29 67.12
N VAL C 456 0.65 -31.68 68.25
CA VAL C 456 1.53 -32.87 68.23
C VAL C 456 0.57 -34.03 68.30
N PRO C 457 -0.12 -34.28 67.18
CA PRO C 457 -1.18 -35.26 67.23
C PRO C 457 -1.71 -35.52 68.63
N LEU C 458 -1.36 -36.66 69.20
CA LEU C 458 -2.23 -37.22 70.25
C LEU C 458 -2.06 -36.43 71.54
N LEU C 459 -0.87 -35.85 71.74
CA LEU C 459 -0.57 -35.10 72.98
C LEU C 459 -1.41 -33.82 73.00
N GLY C 460 -1.71 -33.26 71.83
CA GLY C 460 -2.58 -32.08 71.67
C GLY C 460 -4.05 -32.44 71.82
N ASP C 461 -4.33 -33.58 72.42
CA ASP C 461 -5.74 -33.96 72.65
C ASP C 461 -6.11 -33.61 74.09
N ILE C 462 -5.22 -33.94 75.04
CA ILE C 462 -5.49 -33.81 76.49
C ILE C 462 -6.17 -32.45 76.69
N PRO C 463 -7.26 -32.37 77.48
CA PRO C 463 -8.01 -31.13 77.60
C PRO C 463 -7.22 -30.00 78.26
N ILE C 464 -6.53 -30.32 79.36
CA ILE C 464 -5.86 -29.29 80.19
C ILE C 464 -4.57 -28.89 79.48
N LEU C 465 -3.72 -29.87 79.20
CA LEU C 465 -2.31 -29.64 78.81
C LEU C 465 -2.21 -29.62 77.28
N GLY C 466 -3.30 -29.91 76.57
CA GLY C 466 -3.24 -30.02 75.11
C GLY C 466 -2.62 -28.75 74.54
N HIS C 467 -2.99 -27.63 75.15
CA HIS C 467 -2.72 -26.31 74.55
C HIS C 467 -1.22 -26.13 74.52
N LEU C 468 -0.47 -26.99 75.22
CA LEU C 468 1.00 -26.81 75.29
C LEU C 468 1.55 -27.30 73.97
N PHE C 469 0.88 -28.26 73.38
CA PHE C 469 1.46 -28.84 72.15
C PHE C 469 0.75 -28.29 70.91
N LYS C 470 -0.48 -27.81 71.08
CA LYS C 470 -1.31 -27.31 69.95
C LYS C 470 -0.86 -25.91 69.60
N SER C 471 -1.11 -25.51 68.37
CA SER C 471 -1.09 -24.11 67.95
C SER C 471 -2.34 -23.78 67.16
N THR C 472 -3.23 -23.11 67.83
CA THR C 472 -4.54 -22.82 67.22
C THR C 472 -4.49 -21.39 66.71
N ASN C 473 -5.16 -21.17 65.61
CA ASN C 473 -5.19 -19.88 64.93
C ASN C 473 -6.60 -19.65 64.41
N THR C 474 -7.33 -18.73 64.99
CA THR C 474 -8.74 -18.55 64.62
C THR C 474 -8.91 -17.13 64.15
N GLN C 475 -9.78 -16.94 63.20
CA GLN C 475 -9.87 -15.66 62.49
C GLN C 475 -11.30 -15.56 62.01
N VAL C 476 -11.93 -14.45 62.28
CA VAL C 476 -13.33 -14.32 61.88
C VAL C 476 -13.49 -12.95 61.34
N GLU C 477 -13.78 -12.83 60.06
CA GLU C 477 -13.95 -11.52 59.44
C GLU C 477 -15.41 -11.43 59.01
N LYS C 478 -16.05 -10.34 59.37
CA LYS C 478 -17.46 -10.12 59.05
C LYS C 478 -17.57 -8.74 58.43
N LYS C 479 -18.13 -8.63 57.24
CA LYS C 479 -18.09 -7.38 56.46
C LYS C 479 -19.47 -7.09 55.86
N ASN C 480 -20.07 -5.97 56.22
CA ASN C 480 -21.44 -5.60 55.81
C ASN C 480 -21.28 -4.36 54.98
N LEU C 481 -21.40 -4.47 53.67
CA LEU C 481 -21.46 -3.33 52.76
C LEU C 481 -22.88 -3.17 52.17
N MET C 482 -23.71 -2.24 52.63
CA MET C 482 -25.01 -1.92 51.99
C MET C 482 -24.82 -0.58 51.32
N VAL C 483 -25.21 -0.45 50.06
CA VAL C 483 -25.39 0.90 49.51
C VAL C 483 -26.86 1.19 49.36
N PHE C 484 -27.32 2.14 50.14
CA PHE C 484 -28.64 2.76 49.93
C PHE C 484 -28.54 3.97 49.02
N ILE C 485 -29.62 4.23 48.31
CA ILE C 485 -29.77 5.42 47.46
C ILE C 485 -31.12 6.05 47.72
N LYS C 486 -31.15 7.37 47.80
CA LYS C 486 -32.38 8.17 48.06
C LYS C 486 -32.41 9.29 47.06
N PRO C 487 -33.30 9.19 46.05
CA PRO C 487 -33.57 10.27 45.14
C PRO C 487 -34.59 11.18 45.81
N THR C 488 -34.26 12.46 45.79
CA THR C 488 -35.22 13.52 46.14
C THR C 488 -35.41 14.41 44.91
N ILE C 489 -36.64 14.68 44.58
CA ILE C 489 -37.04 15.48 43.41
C ILE C 489 -37.13 16.89 43.91
N ILE C 490 -36.49 17.81 43.18
CA ILE C 490 -36.54 19.27 43.45
C ILE C 490 -37.25 19.95 42.27
N ARG C 491 -38.56 20.13 42.40
CA ARG C 491 -39.39 20.79 41.35
C ARG C 491 -39.43 22.29 41.60
N ASP C 492 -40.20 22.63 42.63
CA ASP C 492 -40.37 24.03 43.09
C ASP C 492 -39.01 24.50 43.60
N GLY C 493 -38.57 25.67 43.17
CA GLY C 493 -37.41 26.33 43.78
C GLY C 493 -37.45 26.22 45.29
N MET C 494 -38.59 26.55 45.89
CA MET C 494 -38.64 26.59 47.37
C MET C 494 -38.08 25.28 47.92
N THR C 495 -38.29 24.18 47.21
CA THR C 495 -37.84 22.85 47.66
C THR C 495 -36.31 22.85 47.74
N ALA C 496 -35.68 23.45 46.73
CA ALA C 496 -34.21 23.50 46.57
C ALA C 496 -33.64 24.30 47.73
N ASP C 497 -34.27 25.43 48.03
CA ASP C 497 -33.84 26.31 49.13
C ASP C 497 -33.63 25.42 50.35
N GLY C 498 -34.64 24.61 50.66
CA GLY C 498 -34.57 23.78 51.86
C GLY C 498 -33.42 22.80 51.72
N ILE C 499 -33.51 21.97 50.69
CA ILE C 499 -32.52 20.88 50.51
C ILE C 499 -31.19 21.55 50.79
N THR C 500 -30.98 22.67 50.11
CA THR C 500 -29.66 23.32 50.01
C THR C 500 -29.39 23.93 51.37
N GLN C 501 -30.20 24.89 51.73
CA GLN C 501 -30.05 25.55 53.03
C GLN C 501 -29.66 24.48 54.06
N ARG C 502 -30.61 23.62 54.40
CA ARG C 502 -30.41 22.63 55.48
C ARG C 502 -28.95 22.26 55.47
N LYS C 503 -28.43 21.90 54.29
CA LYS C 503 -27.05 21.35 54.09
C LYS C 503 -26.05 22.43 54.46
N TYR C 504 -26.15 23.55 53.76
CA TYR C 504 -25.28 24.73 53.90
C TYR C 504 -25.27 25.15 55.36
N ASN C 505 -26.48 25.30 55.89
CA ASN C 505 -26.75 25.76 57.26
C ASN C 505 -26.15 24.79 58.28
N TYR C 506 -26.02 23.48 57.97
CA TYR C 506 -25.38 22.39 58.76
C TYR C 506 -23.88 22.57 58.78
N ILE C 507 -23.28 22.77 57.62
CA ILE C 507 -21.84 23.05 57.56
C ILE C 507 -21.61 24.31 58.39
N ARG C 508 -22.33 25.36 58.07
CA ARG C 508 -22.10 26.61 58.81
C ARG C 508 -22.15 26.30 60.29
N ALA C 509 -23.07 25.45 60.73
CA ALA C 509 -23.12 25.21 62.18
C ALA C 509 -21.78 24.61 62.57
N GLU C 510 -21.33 23.60 61.87
CA GLU C 510 -20.08 22.92 62.26
C GLU C 510 -19.02 23.99 62.36
N GLN C 511 -18.93 24.83 61.35
CA GLN C 511 -17.75 25.67 61.22
C GLN C 511 -17.80 26.73 62.31
N LEU C 512 -18.99 27.19 62.65
CA LEU C 512 -19.12 28.21 63.70
C LEU C 512 -18.68 27.53 64.96
N TYR C 513 -18.90 26.24 64.96
CA TYR C 513 -18.50 25.58 66.19
C TYR C 513 -16.99 25.75 66.31
N LYS C 514 -16.31 25.37 65.25
CA LYS C 514 -14.85 25.28 65.30
C LYS C 514 -14.34 26.68 65.59
N ALA C 515 -15.22 27.64 65.46
CA ALA C 515 -14.81 29.00 65.85
C ALA C 515 -14.99 29.18 67.35
N GLU C 516 -15.79 28.37 68.00
CA GLU C 516 -16.00 28.60 69.44
C GLU C 516 -14.78 28.03 70.15
N GLN C 517 -14.32 26.91 69.62
CA GLN C 517 -13.09 26.21 70.00
C GLN C 517 -12.06 26.44 68.90
N GLY C 518 -11.49 27.65 68.89
CA GLY C 518 -10.85 28.28 67.72
C GLY C 518 -9.51 27.64 67.36
N LEU C 519 -9.16 27.77 66.09
CA LEU C 519 -7.76 27.57 65.67
C LEU C 519 -6.84 27.75 66.87
N LYS C 520 -6.08 26.70 67.13
CA LYS C 520 -5.69 26.35 68.52
C LYS C 520 -4.76 27.45 68.99
N LEU C 521 -3.73 27.74 68.21
CA LEU C 521 -2.75 28.73 68.70
C LEU C 521 -2.91 30.09 68.02
N MET C 522 -3.66 30.18 66.92
CA MET C 522 -3.90 31.45 66.20
C MET C 522 -4.96 32.31 66.89
N ASP C 523 -5.20 33.52 66.36
CA ASP C 523 -6.37 34.35 66.73
C ASP C 523 -7.62 33.73 66.12
N ASP C 524 -8.66 33.62 66.93
CA ASP C 524 -9.86 32.80 66.61
C ASP C 524 -10.51 33.31 65.32
N GLY C 525 -10.10 34.48 64.82
CA GLY C 525 -10.77 35.16 63.68
C GLY C 525 -10.40 34.55 62.33
N HIS C 526 -9.40 33.69 62.26
CA HIS C 526 -8.86 33.34 60.94
C HIS C 526 -9.57 32.12 60.40
N ILE C 527 -10.40 31.50 61.23
CA ILE C 527 -11.00 30.18 60.88
C ILE C 527 -12.13 30.43 59.91
N PRO C 528 -12.05 29.86 58.70
CA PRO C 528 -13.06 30.11 57.70
C PRO C 528 -14.42 29.62 58.20
N VAL C 529 -15.40 30.48 58.01
CA VAL C 529 -16.80 30.26 58.44
C VAL C 529 -17.66 30.73 57.27
N LEU C 530 -18.59 29.89 56.87
CA LEU C 530 -19.55 30.31 55.84
C LEU C 530 -20.35 31.46 56.40
N PRO C 531 -20.71 32.40 55.54
CA PRO C 531 -21.61 33.48 55.96
C PRO C 531 -23.04 32.99 56.20
N LYS C 532 -23.85 33.76 56.89
CA LYS C 532 -25.28 33.41 57.10
C LYS C 532 -25.92 33.29 55.73
N PHE C 533 -26.71 32.23 55.52
CA PHE C 533 -27.18 31.80 54.19
C PHE C 533 -27.87 32.93 53.41
N GLY C 534 -27.33 33.25 52.23
CA GLY C 534 -27.78 34.37 51.37
C GLY C 534 -27.39 35.75 51.90
N GLU C 535 -26.42 35.89 52.83
CA GLU C 535 -25.90 37.21 53.27
C GLU C 535 -24.62 37.56 52.50
N ASP C 536 -24.12 36.61 51.74
CA ASP C 536 -22.85 36.90 51.05
C ASP C 536 -21.77 37.19 52.12
N LYS C 537 -20.59 37.70 51.76
CA LYS C 537 -19.47 37.67 52.74
C LYS C 537 -19.67 38.82 53.73
N ARG C 538 -19.21 38.69 54.97
CA ARG C 538 -18.94 39.89 55.79
C ARG C 538 -17.42 40.05 56.05
N HIS C 539 -16.78 41.24 55.84
CA HIS C 539 -15.33 41.49 56.12
C HIS C 539 -15.04 41.01 57.53
N PRO C 540 -13.87 40.38 57.72
CA PRO C 540 -13.27 40.25 59.05
C PRO C 540 -13.53 41.56 59.82
N ALA C 541 -13.67 41.43 61.14
CA ALA C 541 -14.01 42.54 62.06
C ALA C 541 -12.93 43.62 61.98
N GLU C 542 -11.67 43.27 62.18
CA GLU C 542 -10.59 44.30 62.25
C GLU C 542 -10.73 45.22 61.04
N ILE C 543 -10.85 44.64 59.85
CA ILE C 543 -10.89 45.39 58.57
C ILE C 543 -12.17 46.20 58.57
N GLN C 544 -13.26 45.63 59.05
CA GLN C 544 -14.57 46.32 59.05
C GLN C 544 -14.42 47.51 59.99
N ALA C 545 -13.74 47.29 61.12
CA ALA C 545 -13.50 48.35 62.12
C ALA C 545 -12.68 49.47 61.46
N PHE C 546 -11.66 49.07 60.69
CA PHE C 546 -10.75 50.02 59.98
C PHE C 546 -11.59 50.83 59.00
N ILE C 547 -12.48 50.15 58.28
CA ILE C 547 -13.16 50.73 57.09
C ILE C 547 -14.03 51.90 57.57
N ASP C 548 -14.73 51.69 58.68
CA ASP C 548 -15.69 52.69 59.23
C ASP C 548 -14.88 53.88 59.71
N GLN C 549 -13.78 53.57 60.41
CA GLN C 549 -12.85 54.59 60.94
C GLN C 549 -12.46 55.50 59.79
N MET C 550 -12.10 54.89 58.65
CA MET C 550 -11.74 55.63 57.41
C MET C 550 -12.96 56.46 57.00
N GLU C 551 -14.14 55.84 57.00
CA GLU C 551 -15.42 56.48 56.62
C GLU C 551 -15.66 57.69 57.53
N GLN C 552 -15.47 57.49 58.83
CA GLN C 552 -15.66 58.54 59.88
C GLN C 552 -14.73 59.71 59.58
N GLN C 553 -13.47 59.41 59.25
CA GLN C 553 -12.42 60.41 58.93
C GLN C 553 -12.85 61.25 57.72
N ASP D 1 -86.32 60.68 -33.82
CA ASP D 1 -86.05 60.28 -35.25
C ASP D 1 -84.61 60.66 -35.66
N ASN D 2 -83.79 61.14 -34.72
CA ASN D 2 -82.39 61.53 -35.03
C ASN D 2 -81.62 60.29 -35.49
N VAL D 3 -80.56 60.51 -36.27
CA VAL D 3 -79.65 59.43 -36.71
C VAL D 3 -78.35 59.53 -35.91
N ILE D 4 -78.13 58.53 -35.05
CA ILE D 4 -76.89 58.37 -34.23
C ILE D 4 -76.45 56.90 -34.29
N THR D 5 -75.17 56.66 -34.04
CA THR D 5 -74.59 55.31 -33.93
C THR D 5 -74.49 54.92 -32.45
N ARG D 6 -74.80 53.67 -32.12
CA ARG D 6 -74.67 53.17 -30.73
C ARG D 6 -73.72 51.98 -30.71
N VAL D 7 -72.73 52.05 -29.81
CA VAL D 7 -71.68 51.00 -29.65
C VAL D 7 -71.89 50.32 -28.29
N VAL D 8 -72.36 49.07 -28.31
CA VAL D 8 -72.72 48.31 -27.08
C VAL D 8 -72.19 46.88 -27.24
N ALA D 9 -71.99 46.19 -26.11
CA ALA D 9 -71.29 44.88 -26.07
C ALA D 9 -72.30 43.73 -25.93
N VAL D 10 -71.98 42.61 -26.55
CA VAL D 10 -72.46 41.27 -26.11
C VAL D 10 -71.24 40.40 -25.90
N ARG D 11 -70.90 40.20 -24.63
CA ARG D 11 -69.67 39.51 -24.16
C ARG D 11 -69.79 38.01 -24.43
N ASN D 12 -71.01 37.46 -24.49
CA ASN D 12 -71.34 36.02 -24.25
C ASN D 12 -71.00 35.16 -25.46
N VAL D 13 -71.51 35.50 -26.65
CA VAL D 13 -71.16 34.80 -27.92
C VAL D 13 -71.12 35.82 -29.06
N SER D 14 -70.36 35.49 -30.10
CA SER D 14 -70.16 36.35 -31.30
C SER D 14 -71.52 36.84 -31.82
N VAL D 15 -71.61 38.12 -32.12
CA VAL D 15 -72.89 38.84 -32.36
C VAL D 15 -73.26 38.71 -33.85
N ARG D 16 -72.39 38.10 -34.67
CA ARG D 16 -72.73 37.72 -36.07
C ARG D 16 -73.99 36.87 -36.06
N GLU D 17 -74.21 36.13 -34.96
CA GLU D 17 -75.40 35.29 -34.73
C GLU D 17 -76.69 36.10 -34.91
N LEU D 18 -76.65 37.42 -34.71
CA LEU D 18 -77.87 38.27 -34.75
C LEU D 18 -77.99 39.01 -36.09
N SER D 19 -77.11 38.77 -37.07
CA SER D 19 -77.10 39.57 -38.33
C SER D 19 -78.45 39.51 -39.05
N PRO D 20 -79.12 38.34 -39.21
CA PRO D 20 -80.35 38.30 -40.01
C PRO D 20 -81.52 39.04 -39.35
N LEU D 21 -81.68 38.87 -38.03
CA LEU D 21 -82.86 39.38 -37.25
C LEU D 21 -82.66 40.89 -37.03
N LEU D 22 -81.41 41.32 -36.83
CA LEU D 22 -81.09 42.76 -36.70
C LEU D 22 -81.33 43.46 -38.03
N ARG D 23 -80.90 42.88 -39.15
CA ARG D 23 -81.25 43.42 -40.50
C ARG D 23 -82.76 43.28 -40.73
N GLN D 24 -83.45 42.51 -39.88
CA GLN D 24 -84.94 42.50 -39.89
C GLN D 24 -85.44 43.85 -39.36
N LEU D 25 -84.83 44.39 -38.30
CA LEU D 25 -85.14 45.75 -37.79
C LEU D 25 -84.49 46.80 -38.71
N ILE D 26 -83.51 46.44 -39.53
CA ILE D 26 -82.99 47.35 -40.59
C ILE D 26 -83.97 47.31 -41.77
N ASP D 27 -84.69 46.19 -41.91
CA ASP D 27 -85.80 46.04 -42.89
C ASP D 27 -87.12 46.56 -42.28
N ASN D 28 -87.43 46.22 -41.02
CA ASN D 28 -88.73 46.51 -40.36
C ASN D 28 -89.12 47.99 -40.55
N ALA D 29 -88.13 48.90 -40.57
CA ALA D 29 -88.34 50.34 -40.81
C ALA D 29 -87.28 50.85 -41.80
N GLY D 30 -87.18 52.17 -41.95
CA GLY D 30 -86.29 52.84 -42.93
C GLY D 30 -84.82 52.47 -42.76
N ALA D 31 -84.07 52.46 -43.85
CA ALA D 31 -82.62 52.17 -43.88
C ALA D 31 -81.82 53.48 -43.84
N GLY D 32 -80.51 53.40 -44.09
CA GLY D 32 -79.51 54.35 -43.59
C GLY D 32 -78.80 53.81 -42.36
N ASN D 33 -79.34 52.71 -41.81
CA ASN D 33 -78.73 51.95 -40.68
C ASN D 33 -77.40 51.32 -41.14
N VAL D 34 -76.55 51.01 -40.18
CA VAL D 34 -75.60 49.87 -40.23
C VAL D 34 -75.72 49.12 -38.91
N VAL D 35 -75.50 47.81 -38.93
CA VAL D 35 -75.11 47.08 -37.69
C VAL D 35 -73.91 46.20 -38.01
N HIS D 36 -72.75 46.59 -37.50
CA HIS D 36 -71.46 45.95 -37.84
C HIS D 36 -70.90 45.29 -36.58
N TYR D 37 -70.52 44.02 -36.71
CA TYR D 37 -70.20 43.12 -35.58
C TYR D 37 -68.70 42.90 -35.55
N ASP D 38 -68.01 43.56 -34.63
CA ASP D 38 -66.52 43.54 -34.65
C ASP D 38 -66.04 42.25 -34.03
N PRO D 39 -65.19 41.47 -34.76
CA PRO D 39 -64.61 40.24 -34.21
C PRO D 39 -63.81 40.43 -32.92
N ALA D 40 -63.52 41.68 -32.54
CA ALA D 40 -63.03 42.05 -31.19
C ALA D 40 -64.15 41.84 -30.15
N ASN D 41 -65.37 41.57 -30.62
CA ASN D 41 -66.59 41.37 -29.80
C ASN D 41 -66.96 42.67 -29.07
N ILE D 42 -67.35 43.70 -29.83
CA ILE D 42 -68.28 44.79 -29.42
C ILE D 42 -69.30 44.93 -30.56
N ILE D 43 -70.13 45.97 -30.53
CA ILE D 43 -71.32 46.05 -31.42
C ILE D 43 -71.51 47.49 -31.92
N LEU D 44 -71.77 47.62 -33.22
CA LEU D 44 -72.07 48.92 -33.88
C LEU D 44 -73.50 48.90 -34.44
N ILE D 45 -74.27 49.94 -34.11
CA ILE D 45 -75.47 50.35 -34.88
C ILE D 45 -75.25 51.79 -35.35
N THR D 46 -75.93 52.15 -36.44
CA THR D 46 -76.05 53.56 -36.90
C THR D 46 -77.44 53.75 -37.51
N GLY D 47 -78.08 54.88 -37.21
CA GLY D 47 -79.43 55.20 -37.75
C GLY D 47 -80.33 55.87 -36.73
N ARG D 48 -81.64 55.76 -36.94
CA ARG D 48 -82.67 56.40 -36.09
C ARG D 48 -82.61 55.81 -34.67
N ALA D 49 -82.50 56.71 -33.69
CA ALA D 49 -82.30 56.40 -32.26
C ALA D 49 -83.37 55.39 -31.80
N ALA D 50 -84.56 55.42 -32.39
CA ALA D 50 -85.67 54.50 -32.06
C ALA D 50 -85.31 53.08 -32.50
N VAL D 51 -85.03 52.91 -33.80
CA VAL D 51 -84.77 51.58 -34.41
C VAL D 51 -83.38 51.13 -33.98
N VAL D 52 -82.46 52.06 -33.78
CA VAL D 52 -81.13 51.78 -33.17
C VAL D 52 -81.34 51.34 -31.72
N ASN D 53 -82.38 51.87 -31.08
CA ASN D 53 -82.72 51.54 -29.67
C ASN D 53 -83.25 50.11 -29.62
N ARG D 54 -84.14 49.77 -30.54
CA ARG D 54 -84.76 48.42 -30.62
C ARG D 54 -83.66 47.43 -31.02
N LEU D 55 -82.78 47.84 -31.93
CA LEU D 55 -81.64 46.99 -32.39
C LEU D 55 -80.71 46.73 -31.20
N ALA D 56 -80.50 47.75 -30.35
CA ALA D 56 -79.59 47.64 -29.18
C ALA D 56 -80.30 46.82 -28.09
N GLU D 57 -81.62 46.64 -28.20
CA GLU D 57 -82.45 45.94 -27.21
C GLU D 57 -82.40 44.44 -27.49
N ILE D 58 -82.52 44.02 -28.75
CA ILE D 58 -82.21 42.61 -29.17
C ILE D 58 -80.73 42.37 -28.84
N ILE D 59 -79.87 43.25 -29.31
CA ILE D 59 -78.40 43.20 -29.08
C ILE D 59 -78.12 43.08 -27.58
N LYS D 60 -78.53 44.06 -26.77
CA LYS D 60 -78.35 44.01 -25.30
C LYS D 60 -79.15 42.83 -24.75
N ARG D 61 -80.05 42.26 -25.54
CA ARG D 61 -80.85 41.10 -25.07
C ARG D 61 -80.01 39.83 -25.27
N VAL D 62 -78.94 39.92 -26.05
CA VAL D 62 -77.90 38.86 -26.09
C VAL D 62 -76.69 39.29 -25.25
N ASP D 63 -76.56 40.58 -24.91
CA ASP D 63 -75.57 41.04 -23.89
C ASP D 63 -75.96 40.47 -22.53
N GLN D 64 -77.02 41.01 -21.93
CA GLN D 64 -77.52 40.62 -20.59
C GLN D 64 -77.81 39.12 -20.60
N ALA D 65 -77.96 38.53 -21.79
CA ALA D 65 -78.31 37.10 -21.94
C ALA D 65 -77.16 36.24 -21.41
N GLY D 66 -75.92 36.64 -21.66
CA GLY D 66 -74.74 35.90 -21.21
C GLY D 66 -73.63 36.83 -20.75
N ASN D 67 -73.90 37.68 -19.76
CA ASN D 67 -72.86 38.63 -19.25
C ASN D 67 -71.82 37.84 -18.45
N ARG D 68 -70.62 38.38 -18.33
CA ARG D 68 -69.51 37.70 -17.64
C ARG D 68 -68.64 38.73 -16.91
N GLU D 69 -68.58 38.63 -15.59
CA GLU D 69 -67.72 39.50 -14.75
C GLU D 69 -66.67 38.64 -14.04
N ILE D 70 -66.01 39.23 -13.04
CA ILE D 70 -64.96 38.51 -12.26
C ILE D 70 -65.04 38.93 -10.79
N GLU D 71 -64.52 38.07 -9.92
CA GLU D 71 -64.46 38.33 -8.47
C GLU D 71 -63.04 38.10 -7.97
N VAL D 72 -62.71 38.71 -6.84
CA VAL D 72 -61.44 38.47 -6.10
C VAL D 72 -61.77 38.40 -4.62
N VAL D 73 -61.64 37.23 -4.02
CA VAL D 73 -62.08 37.01 -2.61
C VAL D 73 -61.01 36.19 -1.89
N GLU D 74 -60.77 36.58 -0.63
CA GLU D 74 -59.69 36.01 0.21
C GLU D 74 -60.04 34.58 0.57
N LEU D 75 -59.05 33.72 0.44
CA LEU D 75 -59.04 32.39 1.09
C LEU D 75 -57.93 32.41 2.14
N GLY D 76 -58.27 32.78 3.38
CA GLY D 76 -57.30 32.90 4.49
C GLY D 76 -56.62 31.58 4.77
N ASN D 77 -57.21 30.47 4.33
CA ASN D 77 -56.93 29.12 4.88
C ASN D 77 -56.62 28.15 3.74
N ALA D 78 -57.65 27.65 3.06
CA ALA D 78 -57.54 26.56 2.06
C ALA D 78 -56.64 27.02 0.90
N SER D 79 -55.71 26.18 0.48
CA SER D 79 -54.83 26.52 -0.67
C SER D 79 -55.69 26.82 -1.89
N ALA D 80 -55.53 28.03 -2.42
CA ALA D 80 -56.23 28.42 -3.66
C ALA D 80 -56.09 27.30 -4.68
N ALA D 81 -54.85 27.02 -5.10
CA ALA D 81 -54.56 25.99 -6.12
C ALA D 81 -55.36 24.73 -5.80
N GLU D 82 -55.55 24.43 -4.51
CA GLU D 82 -56.44 23.32 -4.12
C GLU D 82 -57.87 23.71 -4.46
N MET D 83 -58.33 24.89 -4.00
CA MET D 83 -59.71 25.32 -4.30
C MET D 83 -59.94 25.18 -5.82
N VAL D 84 -58.97 25.65 -6.59
CA VAL D 84 -58.90 25.46 -8.06
C VAL D 84 -59.18 23.98 -8.35
N ARG D 85 -58.25 23.11 -7.98
CA ARG D 85 -58.32 21.67 -8.35
C ARG D 85 -59.72 21.16 -8.05
N ILE D 86 -60.22 21.49 -6.86
CA ILE D 86 -61.38 20.79 -6.26
C ILE D 86 -62.65 21.36 -6.87
N VAL D 87 -62.54 22.52 -7.50
CA VAL D 87 -63.64 23.03 -8.37
C VAL D 87 -63.40 22.52 -9.79
N ASP D 88 -62.18 22.17 -10.14
CA ASP D 88 -61.84 21.83 -11.55
C ASP D 88 -62.70 20.65 -11.98
N ALA D 89 -62.90 19.70 -11.07
CA ALA D 89 -63.81 18.55 -11.24
C ALA D 89 -65.19 19.05 -11.70
N LEU D 90 -65.59 20.24 -11.25
CA LEU D 90 -66.90 20.81 -11.61
C LEU D 90 -66.86 21.28 -13.07
N ASN D 91 -67.91 21.03 -13.83
CA ASN D 91 -67.89 21.14 -15.31
C ASN D 91 -69.15 21.87 -15.77
N LYS D 106 -63.94 30.09 -14.93
CA LYS D 106 -62.78 29.33 -14.37
C LYS D 106 -62.29 30.03 -13.10
N LEU D 107 -61.02 29.84 -12.73
CA LEU D 107 -60.55 30.00 -11.33
C LEU D 107 -59.13 30.53 -11.28
N VAL D 108 -58.86 31.39 -10.31
CA VAL D 108 -57.48 31.77 -9.91
C VAL D 108 -57.44 31.98 -8.41
N ALA D 109 -56.27 32.37 -7.90
CA ALA D 109 -56.10 32.99 -6.57
C ALA D 109 -54.70 33.61 -6.47
N ASP D 110 -54.41 34.25 -5.34
CA ASP D 110 -53.02 34.63 -4.98
C ASP D 110 -52.74 34.22 -3.54
N GLU D 111 -51.57 33.66 -3.31
CA GLU D 111 -51.12 33.37 -1.94
C GLU D 111 -50.16 34.46 -1.43
N ARG D 112 -49.93 35.56 -2.17
CA ARG D 112 -49.47 36.82 -1.50
C ARG D 112 -50.61 37.26 -0.60
N THR D 113 -51.81 37.35 -1.18
CA THR D 113 -53.06 37.78 -0.52
C THR D 113 -53.75 36.56 0.08
N ASN D 114 -53.59 35.39 -0.54
CA ASN D 114 -54.46 34.21 -0.29
C ASN D 114 -55.92 34.60 -0.57
N SER D 115 -56.22 34.80 -1.85
CA SER D 115 -57.53 35.30 -2.33
C SER D 115 -57.92 34.58 -3.61
N ILE D 116 -59.13 34.01 -3.61
CA ILE D 116 -59.74 33.43 -4.84
C ILE D 116 -59.97 34.57 -5.82
N LEU D 117 -59.51 34.35 -7.04
CA LEU D 117 -59.92 35.17 -8.19
C LEU D 117 -60.84 34.31 -9.03
N ILE D 118 -61.76 34.92 -9.75
CA ILE D 118 -62.62 34.13 -10.66
C ILE D 118 -62.51 34.67 -12.07
N SER D 119 -62.74 33.81 -13.05
CA SER D 119 -63.01 34.18 -14.45
C SER D 119 -64.32 33.52 -14.88
N GLY D 120 -65.39 34.29 -14.98
CA GLY D 120 -66.65 33.81 -15.59
C GLY D 120 -67.86 34.47 -14.97
N ASP D 121 -68.98 33.75 -14.96
CA ASP D 121 -70.36 34.29 -14.90
C ASP D 121 -70.57 35.07 -13.61
N PRO D 122 -71.50 36.03 -13.60
CA PRO D 122 -72.16 36.43 -12.36
C PRO D 122 -73.07 35.34 -11.78
N LYS D 123 -73.35 34.29 -12.54
CA LYS D 123 -73.79 33.00 -11.95
C LYS D 123 -72.58 32.31 -11.33
N VAL D 124 -71.43 32.34 -12.01
CA VAL D 124 -70.15 31.87 -11.43
C VAL D 124 -69.80 32.79 -10.25
N ARG D 125 -70.30 34.03 -10.26
CA ARG D 125 -70.06 34.97 -9.13
C ARG D 125 -71.00 34.59 -7.97
N ASP D 126 -72.24 34.22 -8.26
CA ASP D 126 -73.18 33.77 -7.19
C ASP D 126 -72.64 32.48 -6.57
N ARG D 127 -72.50 31.43 -7.37
CA ARG D 127 -72.16 30.07 -6.86
C ARG D 127 -70.71 30.08 -6.36
N LEU D 128 -69.84 30.89 -6.95
CA LEU D 128 -68.43 30.82 -6.50
C LEU D 128 -68.13 31.92 -5.47
N LYS D 129 -69.09 32.79 -5.16
CA LYS D 129 -69.04 33.42 -3.82
C LYS D 129 -69.59 32.43 -2.80
N ARG D 130 -70.53 31.60 -3.21
CA ARG D 130 -70.98 30.47 -2.35
C ARG D 130 -69.75 29.65 -1.96
N LEU D 131 -68.87 29.32 -2.91
CA LEU D 131 -67.72 28.42 -2.62
C LEU D 131 -66.53 29.24 -2.12
N ILE D 132 -66.53 30.55 -2.39
CA ILE D 132 -65.68 31.49 -1.58
C ILE D 132 -65.94 31.19 -0.11
N ARG D 133 -67.22 31.11 0.26
CA ARG D 133 -67.63 31.02 1.67
C ARG D 133 -67.49 29.57 2.12
N GLN D 134 -67.79 28.62 1.24
CA GLN D 134 -67.96 27.20 1.66
C GLN D 134 -66.68 26.73 2.34
N LEU D 135 -65.54 26.78 1.67
CA LEU D 135 -64.29 26.30 2.30
C LEU D 135 -63.44 27.50 2.68
N ASP D 136 -63.91 28.19 3.71
CA ASP D 136 -63.13 29.24 4.43
C ASP D 136 -62.84 28.81 5.86
N VAL D 137 -63.62 27.87 6.40
CA VAL D 137 -63.95 27.71 7.85
C VAL D 137 -62.71 27.32 8.67
N GLU D 138 -62.94 26.72 9.85
CA GLU D 138 -61.90 26.18 10.76
C GLU D 138 -60.93 25.27 10.01
N MET D 139 -59.71 25.15 10.52
CA MET D 139 -58.67 24.27 9.94
C MET D 139 -58.75 22.90 10.62
N ALA D 140 -59.55 22.81 11.68
CA ALA D 140 -59.95 21.57 12.39
C ALA D 140 -58.77 20.98 13.18
N SER D 141 -57.74 21.79 13.47
CA SER D 141 -56.63 21.47 14.41
C SER D 141 -56.11 20.04 14.16
N LYS D 142 -55.48 19.85 13.01
CA LYS D 142 -55.07 18.51 12.49
C LYS D 142 -54.27 17.78 13.58
N GLY D 143 -53.56 18.53 14.41
CA GLY D 143 -52.61 17.94 15.37
C GLY D 143 -51.77 16.88 14.70
N ASN D 144 -51.35 17.13 13.46
CA ASN D 144 -50.55 16.22 12.61
C ASN D 144 -49.46 15.57 13.46
N ASN D 145 -48.86 16.38 14.34
CA ASN D 145 -47.80 15.92 15.27
C ASN D 145 -48.23 16.18 16.72
N ARG D 146 -47.78 15.31 17.62
CA ARG D 146 -48.01 15.38 19.09
C ARG D 146 -46.67 15.09 19.78
N VAL D 147 -46.55 15.47 21.04
CA VAL D 147 -45.32 15.16 21.80
C VAL D 147 -45.79 14.50 23.09
N VAL D 148 -45.64 13.18 23.15
CA VAL D 148 -46.14 12.34 24.27
C VAL D 148 -45.05 12.24 25.32
N TYR D 149 -45.40 12.64 26.51
CA TYR D 149 -44.50 12.65 27.68
C TYR D 149 -44.58 11.26 28.28
N LEU D 150 -43.56 10.45 28.02
CA LEU D 150 -43.40 9.11 28.61
C LEU D 150 -43.51 9.16 30.14
N LYS D 151 -44.41 8.36 30.67
CA LYS D 151 -44.64 8.15 32.12
C LYS D 151 -43.53 7.29 32.74
N TYR D 152 -43.29 6.06 32.32
CA TYR D 152 -42.15 5.43 32.98
C TYR D 152 -41.16 4.89 31.99
N ALA D 153 -40.91 5.55 30.89
CA ALA D 153 -39.92 4.79 30.10
C ALA D 153 -38.85 5.68 29.51
N LYS D 154 -37.69 5.10 29.27
CA LYS D 154 -36.72 5.98 28.62
C LYS D 154 -37.13 6.07 27.15
N ALA D 155 -37.24 7.30 26.71
CA ALA D 155 -37.77 7.53 25.37
C ALA D 155 -36.64 7.36 24.37
N GLU D 156 -35.42 7.47 24.87
CA GLU D 156 -34.23 7.37 24.00
C GLU D 156 -34.26 6.00 23.33
N ASP D 157 -34.99 5.06 23.96
CA ASP D 157 -34.91 3.61 23.62
C ASP D 157 -36.24 3.20 22.99
N LEU D 158 -37.30 3.81 23.44
CA LEU D 158 -38.63 3.55 22.87
C LEU D 158 -38.69 3.98 21.40
N VAL D 159 -38.05 5.08 21.01
CA VAL D 159 -38.07 5.56 19.59
C VAL D 159 -37.51 4.47 18.68
N ASP D 160 -36.57 3.69 19.19
CA ASP D 160 -35.97 2.56 18.43
C ASP D 160 -37.08 1.57 18.02
N VAL D 161 -37.94 1.27 18.96
CA VAL D 161 -38.99 0.24 18.78
C VAL D 161 -40.07 0.82 17.92
N LEU D 162 -40.29 2.11 17.99
CA LEU D 162 -41.47 2.61 17.27
C LEU D 162 -41.09 2.84 15.81
N LYS D 163 -39.79 2.73 15.50
CA LYS D 163 -39.31 2.92 14.12
C LYS D 163 -39.98 1.88 13.20
N GLY D 164 -40.13 0.65 13.69
CA GLY D 164 -40.67 -0.46 12.90
C GLY D 164 -42.19 -0.40 12.79
N VAL D 165 -42.84 0.08 13.84
CA VAL D 165 -44.30 0.28 13.90
C VAL D 165 -44.59 1.48 13.03
N SER D 166 -43.60 2.34 12.98
CA SER D 166 -43.90 3.64 12.36
C SER D 166 -43.96 3.46 10.85
N ASP D 167 -42.81 3.24 10.22
CA ASP D 167 -42.69 3.10 8.74
C ASP D 167 -43.64 2.00 8.27
N ASN D 168 -43.53 0.82 8.88
CA ASN D 168 -44.30 -0.38 8.46
C ASN D 168 -45.78 -0.02 8.44
N LEU D 169 -46.28 0.58 9.51
CA LEU D 169 -47.73 0.89 9.64
C LEU D 169 -48.15 1.76 8.45
N GLN D 170 -47.36 2.81 8.17
CA GLN D 170 -47.63 3.78 7.07
C GLN D 170 -47.81 3.04 5.74
N ALA D 171 -46.90 2.09 5.44
CA ALA D 171 -46.97 1.25 4.21
C ALA D 171 -48.25 0.41 4.20
N VAL D 187 -44.34 9.32 8.76
CA VAL D 187 -44.16 8.87 10.18
C VAL D 187 -42.71 9.14 10.61
N VAL D 188 -42.46 10.21 11.38
CA VAL D 188 -41.13 10.35 12.03
C VAL D 188 -41.30 10.51 13.53
N ILE D 189 -40.81 9.51 14.26
CA ILE D 189 -40.81 9.45 15.75
C ILE D 189 -39.44 9.91 16.21
N ALA D 190 -39.41 10.92 17.08
CA ALA D 190 -38.11 11.42 17.52
C ALA D 190 -38.16 11.60 19.03
N ALA D 191 -37.15 11.15 19.74
CA ALA D 191 -37.23 11.19 21.21
C ALA D 191 -36.40 12.36 21.70
N HIS D 192 -37.03 13.30 22.37
CA HIS D 192 -36.31 14.46 22.97
C HIS D 192 -35.82 14.07 24.35
N GLN D 193 -34.52 13.76 24.45
CA GLN D 193 -33.88 13.23 25.68
C GLN D 193 -34.40 14.00 26.89
N GLY D 194 -34.02 15.28 26.91
CA GLY D 194 -34.32 16.22 28.00
C GLY D 194 -35.52 15.79 28.82
N THR D 195 -36.71 15.77 28.20
CA THR D 195 -37.99 15.76 28.95
C THR D 195 -38.51 14.31 29.02
N ASN D 196 -37.67 13.40 28.53
CA ASN D 196 -38.02 11.98 28.33
C ASN D 196 -39.39 11.96 27.68
N SER D 197 -39.50 12.74 26.61
CA SER D 197 -40.74 12.85 25.82
C SER D 197 -40.35 12.62 24.39
N LEU D 198 -40.98 11.63 23.77
CA LEU D 198 -40.65 11.43 22.35
C LEU D 198 -41.74 12.09 21.53
N VAL D 199 -41.27 12.76 20.50
CA VAL D 199 -42.06 13.62 19.59
C VAL D 199 -42.41 12.78 18.38
N LEU D 200 -43.71 12.63 18.19
CA LEU D 200 -44.27 11.81 17.10
C LEU D 200 -44.76 12.76 16.02
N THR D 201 -44.43 12.50 14.77
CA THR D 201 -45.07 13.22 13.65
C THR D 201 -45.55 12.17 12.66
N ALA D 202 -46.83 11.86 12.86
CA ALA D 202 -47.60 10.73 12.33
C ALA D 202 -48.64 11.24 11.31
N PRO D 203 -49.20 10.41 10.37
CA PRO D 203 -50.62 10.50 10.03
C PRO D 203 -51.56 10.12 11.15
N PRO D 204 -52.82 10.55 11.11
CA PRO D 204 -53.66 10.53 12.31
C PRO D 204 -53.92 9.11 12.81
N ASP D 205 -54.05 8.17 11.89
CA ASP D 205 -54.18 6.75 12.30
C ASP D 205 -52.84 6.26 12.85
N ILE D 206 -51.82 6.31 12.01
CA ILE D 206 -50.45 5.93 12.47
C ILE D 206 -50.23 6.57 13.86
N MET D 207 -50.78 7.77 14.09
CA MET D 207 -50.58 8.53 15.35
C MET D 207 -51.36 7.79 16.42
N LEU D 208 -52.67 7.73 16.27
CA LEU D 208 -53.52 6.95 17.20
C LEU D 208 -52.92 5.56 17.39
N ALA D 209 -52.17 5.05 16.42
CA ALA D 209 -51.59 3.70 16.58
C ALA D 209 -50.36 3.76 17.49
N LEU D 210 -49.38 4.60 17.10
CA LEU D 210 -48.12 4.76 17.88
C LEU D 210 -48.53 5.07 19.31
N GLN D 211 -49.64 5.77 19.51
CA GLN D 211 -50.04 6.22 20.86
C GLN D 211 -50.48 4.99 21.65
N GLU D 212 -51.05 3.98 20.98
CA GLU D 212 -51.59 2.79 21.67
C GLU D 212 -50.45 1.81 21.94
N VAL D 213 -49.34 2.00 21.22
CA VAL D 213 -48.15 1.13 21.36
C VAL D 213 -47.32 1.67 22.51
N ILE D 214 -47.24 2.99 22.61
CA ILE D 214 -46.37 3.69 23.58
C ILE D 214 -47.02 3.56 24.93
N THR D 215 -48.35 3.46 24.94
CA THR D 215 -49.12 3.43 26.20
C THR D 215 -49.01 2.04 26.82
N GLN D 216 -48.66 1.04 26.01
CA GLN D 216 -48.57 -0.35 26.49
C GLN D 216 -47.11 -0.71 26.73
N LEU D 217 -46.17 0.01 26.15
CA LEU D 217 -44.73 -0.20 26.42
C LEU D 217 -44.29 0.65 27.58
N ASP D 218 -45.16 1.55 27.95
CA ASP D 218 -44.77 2.59 28.91
C ASP D 218 -45.27 2.19 30.29
N ILE D 219 -45.32 0.90 30.58
CA ILE D 219 -45.74 0.47 31.94
C ILE D 219 -44.54 0.61 32.85
N ARG D 220 -44.79 0.72 34.15
CA ARG D 220 -43.70 0.78 35.15
C ARG D 220 -42.99 -0.57 35.13
N ARG D 221 -41.71 -0.57 35.47
CA ARG D 221 -41.00 -1.87 35.50
C ARG D 221 -40.93 -2.31 36.96
N ALA D 222 -41.27 -3.56 37.21
CA ALA D 222 -41.05 -4.08 38.56
C ALA D 222 -39.54 -4.27 38.77
N GLN D 223 -39.13 -4.57 39.98
CA GLN D 223 -37.67 -4.69 40.13
C GLN D 223 -37.31 -5.77 41.15
N VAL D 224 -36.24 -6.48 40.85
CA VAL D 224 -35.88 -7.67 41.65
C VAL D 224 -34.70 -7.34 42.56
N LEU D 225 -34.79 -7.79 43.79
CA LEU D 225 -33.64 -7.76 44.71
C LEU D 225 -32.92 -9.11 44.69
N ILE D 226 -31.95 -9.26 43.79
CA ILE D 226 -31.19 -10.51 43.57
C ILE D 226 -30.25 -10.69 44.74
N GLU D 227 -30.65 -11.48 45.70
CA GLU D 227 -29.71 -11.76 46.80
C GLU D 227 -29.09 -13.13 46.53
N ALA D 228 -27.86 -13.14 46.04
CA ALA D 228 -27.04 -14.38 45.98
C ALA D 228 -26.49 -14.74 47.36
N LEU D 229 -26.05 -15.98 47.53
CA LEU D 229 -25.75 -16.52 48.87
C LEU D 229 -24.72 -17.62 48.77
N ILE D 230 -23.49 -17.19 48.64
CA ILE D 230 -22.35 -18.07 48.35
C ILE D 230 -21.80 -18.61 49.65
N VAL D 231 -21.80 -19.91 49.80
CA VAL D 231 -21.44 -20.52 51.10
C VAL D 231 -20.28 -21.43 50.80
N GLU D 232 -19.05 -20.97 51.01
CA GLU D 232 -17.81 -21.78 50.85
C GLU D 232 -17.28 -22.34 52.17
N MET D 233 -17.54 -23.60 52.43
CA MET D 233 -17.30 -24.20 53.75
C MET D 233 -16.26 -25.33 53.64
N ALA D 234 -15.02 -25.07 54.02
CA ALA D 234 -13.84 -25.92 53.74
C ALA D 234 -13.18 -26.38 55.04
N GLU D 235 -12.80 -27.64 55.08
CA GLU D 235 -12.44 -28.34 56.32
C GLU D 235 -11.33 -29.30 55.96
N GLY D 236 -10.16 -29.12 56.57
CA GLY D 236 -8.94 -29.85 56.25
C GLY D 236 -8.34 -30.47 57.49
N ASP D 237 -7.82 -31.67 57.36
CA ASP D 237 -7.33 -32.44 58.51
C ASP D 237 -6.17 -33.27 58.01
N GLY D 238 -4.98 -32.99 58.51
CA GLY D 238 -3.76 -33.72 58.15
C GLY D 238 -3.08 -34.26 59.38
N VAL D 239 -2.55 -35.47 59.26
CA VAL D 239 -1.68 -36.06 60.28
C VAL D 239 -0.38 -36.52 59.65
N ASN D 240 0.74 -35.89 59.94
CA ASN D 240 2.06 -36.45 59.58
C ASN D 240 2.70 -37.06 60.81
N LEU D 241 3.06 -38.32 60.72
CA LEU D 241 3.76 -38.93 61.86
C LEU D 241 4.81 -39.90 61.37
N GLY D 242 6.04 -39.66 61.74
CA GLY D 242 7.06 -40.42 61.03
C GLY D 242 8.39 -40.24 61.67
N VAL D 243 9.04 -41.34 61.92
CA VAL D 243 10.18 -41.26 62.84
C VAL D 243 11.44 -41.55 62.07
N GLN D 244 12.43 -40.71 62.19
CA GLN D 244 13.56 -40.92 61.30
C GLN D 244 14.77 -41.20 62.15
N TRP D 245 15.39 -42.33 61.88
CA TRP D 245 16.63 -42.67 62.57
C TRP D 245 17.80 -42.12 61.77
N GLY D 246 18.93 -41.83 62.39
CA GLY D 246 20.12 -41.37 61.66
C GLY D 246 21.40 -41.47 62.44
N ASN D 247 22.46 -41.86 61.76
CA ASN D 247 23.81 -41.95 62.36
C ASN D 247 24.79 -41.41 61.33
N LEU D 248 25.26 -40.20 61.56
CA LEU D 248 26.09 -39.50 60.55
C LEU D 248 27.58 -39.87 60.70
N GLU D 249 28.05 -40.34 61.86
CA GLU D 249 29.44 -40.85 62.01
C GLU D 249 29.75 -41.79 60.84
N THR D 250 28.87 -42.76 60.64
CA THR D 250 28.90 -43.73 59.53
C THR D 250 27.59 -43.66 58.75
N GLY D 251 27.46 -42.64 57.87
CA GLY D 251 26.31 -42.28 56.99
C GLY D 251 25.19 -43.30 56.96
N ALA D 252 24.38 -43.35 58.00
CA ALA D 252 23.31 -44.36 58.08
C ALA D 252 22.05 -43.60 58.39
N VAL D 253 21.24 -43.39 57.40
CA VAL D 253 19.99 -42.66 57.71
C VAL D 253 18.83 -43.60 57.46
N ILE D 254 17.78 -43.43 58.22
CA ILE D 254 16.46 -43.86 57.72
C ILE D 254 15.63 -42.64 57.51
N GLN D 255 15.84 -41.98 56.40
CA GLN D 255 15.21 -40.66 56.25
C GLN D 255 13.93 -40.80 55.44
N TYR D 256 13.05 -39.82 55.61
CA TYR D 256 11.82 -39.70 54.82
C TYR D 256 11.68 -38.27 54.31
N SER D 257 11.37 -38.08 53.04
CA SER D 257 11.09 -36.74 52.50
C SER D 257 9.68 -36.35 52.92
N ASN D 258 8.84 -37.34 53.15
CA ASN D 258 7.42 -36.97 53.26
C ASN D 258 7.21 -36.14 54.52
N THR D 259 8.12 -36.24 55.49
CA THR D 259 7.89 -35.51 56.76
C THR D 259 8.48 -34.13 56.62
N GLY D 260 8.01 -33.19 57.42
CA GLY D 260 8.67 -31.87 57.40
C GLY D 260 10.13 -32.01 56.99
N THR D 261 10.97 -32.39 57.94
CA THR D 261 12.41 -32.25 57.66
C THR D 261 13.00 -33.63 57.50
N PRO D 262 14.03 -33.82 56.65
CA PRO D 262 14.75 -35.08 56.61
C PRO D 262 16.04 -35.17 57.44
N ILE D 263 16.20 -36.26 58.18
CA ILE D 263 17.15 -36.32 59.32
C ILE D 263 18.51 -35.85 58.81
N GLY D 264 18.79 -36.00 57.52
CA GLY D 264 20.12 -35.62 56.99
C GLY D 264 20.36 -34.16 57.25
N LYS D 265 19.54 -33.32 56.63
CA LYS D 265 19.60 -31.86 56.82
C LYS D 265 19.78 -31.59 58.31
N VAL D 266 19.04 -32.29 59.16
CA VAL D 266 18.97 -31.94 60.61
C VAL D 266 20.30 -32.30 61.25
N MET D 267 20.79 -33.50 60.98
CA MET D 267 22.08 -33.89 61.59
C MET D 267 23.22 -33.04 61.02
N VAL D 268 23.23 -32.81 59.72
CA VAL D 268 24.27 -31.92 59.15
C VAL D 268 24.19 -30.58 59.87
N GLY D 269 22.98 -30.00 59.94
CA GLY D 269 22.73 -28.69 60.55
C GLY D 269 23.24 -28.66 61.97
N LEU D 270 23.01 -29.76 62.68
CA LEU D 270 23.41 -29.82 64.09
C LEU D 270 24.92 -29.85 64.19
N GLU D 271 25.58 -30.48 63.24
CA GLU D 271 27.06 -30.53 63.31
C GLU D 271 27.61 -29.16 62.97
N GLU D 272 27.06 -28.52 61.95
CA GLU D 272 27.52 -27.16 61.58
C GLU D 272 27.26 -26.18 62.74
N ALA D 273 26.21 -26.38 63.53
CA ALA D 273 25.80 -25.45 64.63
C ALA D 273 26.69 -25.74 65.84
N LYS D 274 27.56 -26.75 65.75
CA LYS D 274 28.50 -27.11 66.85
C LYS D 274 29.74 -26.23 66.75
N ASP D 275 30.44 -26.00 67.87
CA ASP D 275 31.68 -25.20 67.92
C ASP D 275 32.88 -26.07 67.45
N LYS D 276 33.42 -25.75 66.26
CA LYS D 276 34.59 -26.41 65.63
C LYS D 276 35.89 -25.92 66.28
N THR D 277 37.03 -26.57 66.02
CA THR D 277 38.36 -26.17 66.55
C THR D 277 39.43 -26.37 65.47
N VAL D 278 40.12 -25.29 65.08
CA VAL D 278 41.18 -25.31 64.03
C VAL D 278 42.52 -25.03 64.69
N THR D 279 43.37 -26.05 64.89
CA THR D 279 44.55 -26.04 65.80
C THR D 279 45.78 -25.46 65.11
N SER D 294 46.10 -22.94 69.15
CA SER D 294 44.74 -23.51 69.11
C SER D 294 43.70 -22.39 69.13
N ARG D 295 42.88 -22.27 68.08
CA ARG D 295 41.71 -21.37 68.06
C ARG D 295 40.45 -22.19 68.32
N THR D 296 39.39 -21.57 68.84
CA THR D 296 38.03 -22.13 68.80
C THR D 296 37.16 -21.24 67.93
N GLU D 297 36.11 -21.82 67.34
CA GLU D 297 35.17 -21.06 66.49
C GLU D 297 33.75 -21.57 66.71
N ALA D 298 32.80 -20.63 66.72
CA ALA D 298 31.38 -20.98 66.90
C ALA D 298 30.75 -21.11 65.53
N GLY D 299 30.26 -22.31 65.27
CA GLY D 299 29.67 -22.69 63.99
C GLY D 299 28.38 -21.93 63.74
N ASP D 300 28.09 -21.73 62.46
CA ASP D 300 26.86 -21.06 62.00
C ASP D 300 25.71 -22.05 62.11
N TYR D 301 24.65 -21.55 62.69
CA TYR D 301 23.36 -22.27 62.74
C TYR D 301 22.57 -21.94 61.48
N SER D 302 23.22 -21.61 60.38
CA SER D 302 22.54 -21.19 59.13
C SER D 302 22.00 -22.44 58.42
N THR D 303 22.63 -23.58 58.67
CA THR D 303 22.25 -24.84 58.01
C THR D 303 21.18 -25.51 58.86
N LEU D 304 21.30 -25.40 60.17
CA LEU D 304 20.31 -25.99 61.09
C LEU D 304 19.02 -25.17 61.00
N ALA D 305 19.13 -23.88 60.80
CA ALA D 305 17.96 -23.00 60.70
C ALA D 305 17.23 -23.29 59.39
N ALA D 306 17.95 -23.60 58.31
CA ALA D 306 17.34 -23.95 57.01
C ALA D 306 16.64 -25.31 57.13
N ALA D 307 17.08 -26.17 58.06
CA ALA D 307 16.43 -27.49 58.24
C ALA D 307 15.16 -27.33 59.06
N LEU D 308 15.33 -26.83 60.28
CA LEU D 308 14.25 -26.73 61.27
C LEU D 308 13.26 -25.67 60.80
N ALA D 309 13.65 -24.90 59.79
CA ALA D 309 12.83 -23.75 59.37
C ALA D 309 11.47 -24.29 58.96
N GLY D 310 11.49 -25.42 58.29
CA GLY D 310 10.34 -25.91 57.54
C GLY D 310 9.62 -26.97 58.31
N VAL D 311 9.78 -26.99 59.62
CA VAL D 311 9.14 -28.09 60.39
C VAL D 311 7.87 -27.58 61.01
N ASN D 312 6.76 -28.01 60.44
CA ASN D 312 5.49 -27.53 61.01
C ASN D 312 4.90 -28.72 61.71
N GLY D 313 5.37 -28.94 62.90
CA GLY D 313 4.69 -29.86 63.82
C GLY D 313 5.53 -29.99 65.05
N ALA D 314 6.21 -31.11 65.13
CA ALA D 314 7.06 -31.50 66.26
C ALA D 314 8.11 -32.44 65.72
N ALA D 315 9.37 -31.97 65.68
CA ALA D 315 10.53 -32.67 65.10
C ALA D 315 11.57 -32.91 66.20
N MET D 316 11.27 -33.84 67.09
CA MET D 316 12.01 -34.04 68.33
C MET D 316 13.08 -35.09 68.05
N SER D 317 14.24 -34.94 68.67
CA SER D 317 15.40 -35.82 68.47
C SER D 317 15.73 -36.52 69.78
N LEU D 318 15.39 -37.81 69.90
CA LEU D 318 15.94 -38.71 70.93
C LEU D 318 17.32 -39.17 70.45
N VAL D 319 18.36 -38.49 70.90
CA VAL D 319 19.77 -38.83 70.53
C VAL D 319 20.24 -39.98 71.43
N MET D 320 20.25 -41.19 70.89
CA MET D 320 20.63 -42.41 71.64
C MET D 320 22.03 -42.85 71.20
N GLY D 321 23.05 -42.72 72.04
CA GLY D 321 24.46 -42.97 71.68
C GLY D 321 24.74 -42.80 70.19
N ASP D 322 24.53 -41.62 69.63
CA ASP D 322 25.11 -41.26 68.31
C ASP D 322 24.21 -41.77 67.17
N TRP D 323 23.10 -42.41 67.52
CA TRP D 323 22.00 -42.63 66.57
C TRP D 323 20.84 -41.68 66.87
N THR D 324 20.80 -40.59 66.11
CA THR D 324 19.82 -39.50 66.31
C THR D 324 18.51 -39.92 65.68
N ALA D 325 17.51 -40.16 66.51
CA ALA D 325 16.17 -40.52 66.04
C ALA D 325 15.24 -39.29 66.07
N LEU D 326 15.11 -38.61 64.95
CA LEU D 326 14.18 -37.49 64.81
C LEU D 326 12.76 -38.02 64.55
N ILE D 327 11.97 -37.99 65.61
CA ILE D 327 10.50 -38.22 65.63
C ILE D 327 9.74 -36.97 65.26
N SER D 328 8.86 -37.08 64.29
CA SER D 328 8.10 -35.93 63.75
C SER D 328 6.62 -36.27 63.83
N ALA D 329 5.83 -35.30 64.25
CA ALA D 329 4.38 -35.45 64.35
C ALA D 329 3.74 -34.09 64.20
N VAL D 330 2.67 -34.06 63.43
CA VAL D 330 1.81 -32.87 63.33
C VAL D 330 0.40 -33.29 62.92
N SER D 331 -0.63 -32.80 63.59
CA SER D 331 -2.03 -33.08 63.22
C SER D 331 -2.71 -31.77 62.80
N SER D 332 -2.22 -31.18 61.72
CA SER D 332 -2.78 -29.97 61.07
C SER D 332 -4.29 -30.13 60.82
N ASP D 333 -5.13 -29.57 61.67
CA ASP D 333 -6.60 -29.61 61.53
C ASP D 333 -7.04 -28.19 61.18
N SER D 334 -7.17 -27.90 59.89
CA SER D 334 -7.73 -26.63 59.35
C SER D 334 -9.25 -26.69 59.20
N ASN D 335 -9.86 -25.55 58.88
CA ASN D 335 -11.32 -25.34 58.92
C ASN D 335 -11.63 -23.91 58.44
N SER D 336 -12.57 -23.78 57.53
CA SER D 336 -12.88 -22.52 56.82
C SER D 336 -14.38 -22.53 56.56
N ASN D 337 -15.01 -21.39 56.70
CA ASN D 337 -16.47 -21.38 56.73
C ASN D 337 -16.88 -20.01 56.23
N ILE D 338 -16.63 -19.73 54.97
CA ILE D 338 -16.90 -18.41 54.34
C ILE D 338 -18.32 -18.39 53.85
N LEU D 339 -18.99 -17.29 54.10
CA LEU D 339 -20.40 -17.19 53.77
C LEU D 339 -20.71 -15.79 53.24
N SER D 340 -20.34 -15.53 52.00
CA SER D 340 -20.46 -14.19 51.39
C SER D 340 -21.74 -14.14 50.58
N SER D 341 -22.61 -13.19 50.85
CA SER D 341 -23.91 -13.03 50.13
C SER D 341 -24.01 -11.62 49.60
N PRO D 342 -23.91 -11.42 48.28
CA PRO D 342 -24.12 -10.13 47.68
C PRO D 342 -25.49 -10.09 47.00
N SER D 343 -26.25 -9.07 47.37
CA SER D 343 -27.49 -8.70 46.66
C SER D 343 -27.30 -7.44 45.85
N ILE D 344 -28.04 -7.42 44.78
CA ILE D 344 -28.06 -6.26 43.89
C ILE D 344 -29.53 -6.08 43.71
N THR D 345 -29.95 -4.85 43.48
CA THR D 345 -31.35 -4.61 43.09
C THR D 345 -31.34 -4.20 41.63
N VAL D 346 -32.25 -4.76 40.90
CA VAL D 346 -32.17 -4.33 39.51
C VAL D 346 -33.55 -4.22 38.92
N MET D 347 -33.66 -3.42 37.90
CA MET D 347 -34.96 -3.25 37.24
C MET D 347 -35.09 -4.43 36.32
N ASP D 348 -36.28 -5.00 36.26
CA ASP D 348 -36.49 -6.20 35.44
C ASP D 348 -35.95 -5.89 34.06
N ASN D 349 -35.20 -6.84 33.55
CA ASN D 349 -34.78 -6.86 32.14
C ASN D 349 -33.65 -5.88 31.95
N GLY D 350 -33.36 -5.07 32.98
CA GLY D 350 -32.09 -4.35 33.02
C GLY D 350 -30.98 -5.30 33.38
N GLU D 351 -29.79 -5.08 32.86
CA GLU D 351 -28.58 -5.75 33.41
C GLU D 351 -28.04 -4.98 34.60
N ALA D 352 -27.57 -5.72 35.58
CA ALA D 352 -26.94 -5.10 36.75
C ALA D 352 -25.77 -5.90 37.17
N SER D 353 -24.70 -5.18 37.37
CA SER D 353 -23.41 -5.74 37.80
C SER D 353 -23.26 -5.33 39.24
N PHE D 354 -22.39 -6.05 39.91
CA PHE D 354 -22.04 -5.80 41.31
C PHE D 354 -20.67 -6.39 41.50
N ILE D 355 -19.73 -5.66 42.04
CA ILE D 355 -18.37 -6.23 42.17
C ILE D 355 -17.71 -5.62 43.37
N VAL D 356 -17.40 -6.46 44.30
CA VAL D 356 -16.77 -6.04 45.54
C VAL D 356 -15.50 -6.79 45.64
N GLY D 357 -14.39 -6.12 45.38
CA GLY D 357 -13.26 -6.78 44.73
C GLY D 357 -12.02 -5.98 44.81
N GLU D 358 -11.17 -6.28 43.84
CA GLU D 358 -10.07 -5.38 43.49
C GLU D 358 -9.80 -5.58 42.03
N GLU D 359 -9.52 -4.48 41.36
CA GLU D 359 -8.97 -4.53 40.00
C GLU D 359 -7.47 -4.76 40.13
N VAL D 360 -7.01 -5.99 40.11
CA VAL D 360 -5.55 -6.29 39.93
C VAL D 360 -5.22 -6.19 38.47
N PRO D 361 -4.12 -5.54 38.14
CA PRO D 361 -3.64 -5.58 36.80
C PRO D 361 -2.73 -6.78 36.59
N VAL D 362 -2.79 -7.25 35.35
CA VAL D 362 -2.17 -8.53 34.97
C VAL D 362 -1.59 -8.39 33.60
N ILE D 363 -0.41 -8.96 33.45
CA ILE D 363 0.30 -8.92 32.16
C ILE D 363 -0.61 -9.54 31.10
N THR D 364 -0.30 -9.21 29.86
CA THR D 364 -0.86 -9.83 28.64
C THR D 364 0.19 -9.73 27.52
N VAL D 379 -0.50 -4.95 29.59
CA VAL D 379 -1.13 -4.95 30.96
C VAL D 379 -2.61 -4.58 30.85
N ASP D 380 -3.45 -5.55 31.18
CA ASP D 380 -4.90 -5.30 31.33
C ASP D 380 -5.20 -5.37 32.83
N ARG D 381 -6.33 -4.79 33.21
CA ARG D 381 -6.68 -4.60 34.63
C ARG D 381 -7.96 -5.38 34.91
N LYS D 382 -7.82 -6.60 35.39
CA LYS D 382 -9.01 -7.46 35.52
C LYS D 382 -9.46 -7.42 36.96
N GLU D 383 -10.78 -7.33 37.09
CA GLU D 383 -11.50 -7.20 38.38
C GLU D 383 -11.63 -8.55 39.05
N VAL D 384 -11.46 -8.60 40.33
CA VAL D 384 -11.33 -9.98 40.82
C VAL D 384 -11.91 -9.94 42.18
N GLY D 385 -13.14 -10.36 42.29
CA GLY D 385 -13.73 -10.20 43.62
C GLY D 385 -14.93 -11.05 43.75
N ILE D 386 -15.82 -10.73 44.67
CA ILE D 386 -17.22 -11.17 44.53
C ILE D 386 -17.85 -10.36 43.40
N LYS D 387 -17.92 -10.87 42.19
CA LYS D 387 -18.79 -10.31 41.14
C LYS D 387 -20.12 -11.05 41.06
N LEU D 388 -21.14 -10.37 40.56
CA LEU D 388 -22.49 -10.93 40.40
C LEU D 388 -23.16 -10.16 39.32
N LYS D 389 -23.36 -10.72 38.14
CA LYS D 389 -23.87 -9.85 37.07
C LYS D 389 -25.17 -10.43 36.53
N VAL D 390 -26.29 -10.05 37.13
CA VAL D 390 -27.57 -10.70 36.81
C VAL D 390 -28.37 -9.84 35.85
N VAL D 391 -28.98 -10.48 34.85
CA VAL D 391 -29.94 -9.78 33.98
C VAL D 391 -31.29 -10.36 34.32
N PRO D 392 -31.85 -9.93 35.45
CA PRO D 392 -33.03 -10.59 35.98
C PRO D 392 -34.18 -10.17 35.08
N GLN D 393 -35.01 -11.12 34.69
CA GLN D 393 -36.12 -10.90 33.73
C GLN D 393 -37.40 -11.55 34.23
N ILE D 394 -38.25 -10.79 34.92
CA ILE D 394 -39.45 -11.31 35.64
C ILE D 394 -40.47 -11.85 34.64
N ASN D 395 -41.01 -13.04 34.93
CA ASN D 395 -41.97 -13.81 34.09
C ASN D 395 -43.37 -13.66 34.68
N GLU D 396 -44.41 -14.10 33.97
CA GLU D 396 -45.77 -14.31 34.54
C GLU D 396 -45.70 -15.31 35.71
N GLY D 397 -46.58 -15.18 36.73
CA GLY D 397 -46.59 -16.09 37.90
C GLY D 397 -45.51 -15.71 38.90
N ASP D 398 -45.07 -14.46 38.86
CA ASP D 398 -43.96 -13.94 39.70
C ASP D 398 -42.86 -14.99 39.75
N SER D 399 -42.33 -15.36 38.59
CA SER D 399 -41.24 -16.35 38.48
C SER D 399 -40.09 -15.69 37.78
N VAL D 400 -39.16 -15.16 38.56
CA VAL D 400 -38.00 -14.46 37.95
C VAL D 400 -37.05 -15.40 37.28
N GLN D 401 -36.64 -15.01 36.10
CA GLN D 401 -35.73 -15.80 35.24
C GLN D 401 -34.42 -15.05 35.04
N LEU D 402 -33.43 -15.37 35.88
CA LEU D 402 -32.11 -14.69 36.00
C LEU D 402 -31.14 -15.25 34.98
N ASN D 403 -30.37 -14.39 34.28
CA ASN D 403 -29.18 -14.81 33.48
C ASN D 403 -27.91 -14.35 34.19
N ILE D 404 -27.39 -15.21 35.06
CA ILE D 404 -26.43 -14.78 36.11
C ILE D 404 -25.02 -15.20 35.72
N GLU D 405 -24.08 -14.34 36.03
CA GLU D 405 -22.64 -14.65 35.97
C GLU D 405 -22.12 -14.32 37.36
N GLN D 406 -21.79 -15.32 38.15
CA GLN D 406 -21.36 -15.12 39.55
C GLN D 406 -19.97 -15.66 39.87
N GLU D 407 -19.09 -14.80 40.39
CA GLU D 407 -17.64 -15.08 40.38
C GLU D 407 -17.16 -14.75 41.75
N VAL D 408 -16.83 -15.72 42.52
CA VAL D 408 -15.98 -15.21 43.59
C VAL D 408 -14.58 -15.52 43.20
N SER D 409 -13.70 -14.56 43.36
CA SER D 409 -12.31 -14.70 42.92
C SER D 409 -11.46 -13.79 43.79
N ASN D 410 -10.16 -14.00 43.75
CA ASN D 410 -9.37 -13.88 45.00
C ASN D 410 -7.95 -14.06 44.62
N VAL D 411 -7.43 -13.06 43.93
CA VAL D 411 -6.00 -13.02 43.54
C VAL D 411 -5.14 -13.59 44.67
N LEU D 412 -4.51 -14.70 44.33
CA LEU D 412 -3.54 -15.45 45.14
C LEU D 412 -2.17 -15.11 44.57
N GLY D 413 -1.13 -15.79 45.03
CA GLY D 413 0.21 -15.67 44.44
C GLY D 413 0.26 -16.23 43.03
N ALA D 414 1.37 -15.96 42.37
CA ALA D 414 1.75 -16.66 41.12
C ALA D 414 2.88 -17.68 41.36
N ASN D 415 2.74 -18.61 42.30
CA ASN D 415 3.79 -19.62 42.52
C ASN D 415 4.67 -19.67 41.26
N GLY D 416 4.14 -20.26 40.19
CA GLY D 416 5.02 -20.72 39.10
C GLY D 416 4.94 -19.71 37.99
N ALA D 417 3.75 -19.13 37.93
CA ALA D 417 3.29 -18.52 36.68
C ALA D 417 3.95 -17.15 36.57
N VAL D 418 4.02 -16.69 35.33
CA VAL D 418 4.48 -15.33 34.91
C VAL D 418 3.91 -14.32 35.89
N ASP D 419 2.63 -14.05 35.77
CA ASP D 419 1.95 -13.03 36.58
C ASP D 419 1.25 -13.73 37.75
N VAL D 420 0.40 -12.97 38.41
CA VAL D 420 -0.44 -13.46 39.53
C VAL D 420 -1.54 -14.33 39.00
N ARG D 421 -1.73 -15.45 39.67
CA ARG D 421 -2.82 -16.44 39.47
C ARG D 421 -3.98 -15.97 40.33
N PHE D 422 -5.09 -15.63 39.70
CA PHE D 422 -6.43 -15.41 40.31
C PHE D 422 -7.12 -16.73 40.62
N ALA D 423 -7.66 -16.84 41.82
CA ALA D 423 -8.40 -18.04 42.21
C ALA D 423 -9.85 -17.73 42.11
N LYS D 424 -10.43 -18.35 41.14
CA LYS D 424 -11.69 -17.90 40.56
C LYS D 424 -12.65 -19.03 40.74
N ARG D 425 -13.81 -18.74 41.24
CA ARG D 425 -14.90 -19.73 41.27
C ARG D 425 -16.05 -19.06 40.60
N GLN D 426 -16.09 -19.09 39.28
CA GLN D 426 -17.23 -18.50 38.59
C GLN D 426 -18.19 -19.54 38.13
N LEU D 427 -19.43 -19.13 38.00
CA LEU D 427 -20.59 -20.04 37.89
C LEU D 427 -21.59 -19.27 37.04
N ASN D 428 -21.50 -19.36 35.71
CA ASN D 428 -22.38 -18.46 34.95
C ASN D 428 -23.38 -19.31 34.19
N THR D 429 -24.63 -19.06 34.43
CA THR D 429 -25.72 -19.95 34.07
C THR D 429 -26.93 -19.10 33.85
N SER D 430 -28.06 -19.74 33.61
CA SER D 430 -29.35 -19.03 33.53
C SER D 430 -30.30 -19.90 34.29
N VAL D 431 -30.87 -19.38 35.35
CA VAL D 431 -31.88 -20.23 36.01
C VAL D 431 -33.20 -19.52 36.13
N ILE D 432 -34.18 -20.21 36.67
CA ILE D 432 -35.52 -19.61 36.71
C ILE D 432 -36.09 -19.95 38.08
N VAL D 433 -36.33 -18.92 38.84
CA VAL D 433 -36.55 -19.06 40.28
C VAL D 433 -37.93 -18.54 40.58
N GLN D 434 -38.48 -19.05 41.66
CA GLN D 434 -39.75 -18.45 42.09
C GLN D 434 -39.47 -17.05 42.62
N ASP D 435 -40.50 -16.25 42.71
CA ASP D 435 -40.44 -15.02 43.51
C ASP D 435 -40.30 -15.43 44.96
N GLY D 436 -39.18 -15.11 45.60
CA GLY D 436 -39.01 -15.22 47.06
C GLY D 436 -38.57 -16.60 47.58
N GLN D 437 -38.43 -17.60 46.72
CA GLN D 437 -37.81 -18.88 47.16
C GLN D 437 -36.38 -18.92 46.68
N MET D 438 -35.55 -19.55 47.46
CA MET D 438 -34.14 -19.58 47.05
C MET D 438 -34.00 -20.78 46.12
N LEU D 439 -33.03 -20.70 45.22
CA LEU D 439 -32.70 -21.85 44.35
C LEU D 439 -31.20 -21.93 44.28
N VAL D 440 -30.74 -23.14 44.11
CA VAL D 440 -29.29 -23.40 44.20
C VAL D 440 -28.64 -23.37 42.82
N LEU D 441 -27.85 -22.35 42.53
CA LEU D 441 -27.28 -22.20 41.17
C LEU D 441 -26.29 -23.34 41.01
N GLY D 442 -25.42 -23.46 42.00
CA GLY D 442 -24.10 -24.06 41.80
C GLY D 442 -23.67 -24.87 42.97
N GLY D 443 -22.47 -25.37 42.86
CA GLY D 443 -22.06 -26.31 43.88
C GLY D 443 -20.69 -26.80 43.56
N LEU D 444 -20.15 -27.43 44.58
CA LEU D 444 -19.01 -28.33 44.46
C LEU D 444 -18.80 -28.97 45.82
N ILE D 445 -18.87 -30.26 45.87
CA ILE D 445 -18.50 -30.98 47.09
C ILE D 445 -17.27 -31.77 46.78
N ASP D 446 -16.11 -31.16 46.97
CA ASP D 446 -14.84 -31.88 46.86
C ASP D 446 -14.61 -32.63 48.18
N GLU D 447 -14.14 -33.86 48.09
CA GLU D 447 -13.42 -34.48 49.21
C GLU D 447 -12.12 -35.05 48.66
N ARG D 448 -11.02 -34.93 49.38
CA ARG D 448 -9.75 -35.61 49.04
C ARG D 448 -9.26 -36.40 50.25
N ALA D 449 -8.40 -37.34 49.97
CA ALA D 449 -7.79 -38.07 51.08
C ALA D 449 -6.51 -38.72 50.58
N LEU D 450 -5.39 -38.09 50.85
CA LEU D 450 -4.11 -38.68 50.45
C LEU D 450 -3.46 -39.30 51.68
N GLU D 451 -3.38 -40.61 51.73
CA GLU D 451 -2.38 -41.26 52.56
C GLU D 451 -1.02 -41.33 51.84
N SER D 452 0.05 -41.54 52.58
CA SER D 452 1.41 -41.91 52.09
C SER D 452 2.13 -42.62 53.23
N GLU D 453 2.86 -43.66 52.92
CA GLU D 453 3.70 -44.18 54.02
C GLU D 453 4.95 -44.70 53.38
N SER D 454 6.04 -44.09 53.71
CA SER D 454 7.32 -44.71 53.40
C SER D 454 7.72 -45.56 54.61
N LYS D 455 8.08 -46.82 54.39
CA LYS D 455 8.55 -47.61 55.54
C LYS D 455 9.78 -48.40 55.20
N VAL D 456 10.42 -48.94 56.21
CA VAL D 456 11.61 -49.77 55.92
C VAL D 456 11.03 -51.11 55.58
N PRO D 457 10.43 -51.21 54.39
CA PRO D 457 9.70 -52.42 54.07
C PRO D 457 9.28 -53.22 55.30
N LEU D 458 9.95 -54.32 55.54
CA LEU D 458 9.28 -55.39 56.32
C LEU D 458 9.24 -55.00 57.79
N LEU D 459 10.21 -54.19 58.24
CA LEU D 459 10.30 -53.79 59.66
C LEU D 459 9.12 -52.87 59.98
N GLY D 460 8.66 -52.09 59.00
CA GLY D 460 7.49 -51.21 59.12
C GLY D 460 6.19 -51.98 59.04
N ASP D 461 6.25 -53.29 59.27
CA ASP D 461 5.01 -54.10 59.27
C ASP D 461 4.57 -54.30 60.72
N ILE D 462 5.53 -54.63 61.60
CA ILE D 462 5.24 -55.02 63.01
C ILE D 462 4.22 -54.03 63.53
N PRO D 463 3.15 -54.49 64.23
CA PRO D 463 2.07 -53.60 64.64
C PRO D 463 2.51 -52.54 65.66
N ILE D 464 3.28 -52.97 66.66
CA ILE D 464 3.62 -52.09 67.80
C ILE D 464 4.74 -51.15 67.35
N LEU D 465 5.83 -51.73 66.86
CA LEU D 465 7.12 -51.01 66.65
C LEU D 465 7.18 -50.51 65.21
N GLY D 466 6.23 -50.87 64.37
CA GLY D 466 6.30 -50.51 62.94
C GLY D 466 6.52 -49.02 62.80
N HIS D 467 5.85 -48.28 63.68
CA HIS D 467 5.72 -46.83 63.50
C HIS D 467 7.11 -46.24 63.64
N LEU D 468 8.08 -47.02 64.12
CA LEU D 468 9.44 -46.47 64.35
C LEU D 468 10.09 -46.37 62.99
N PHE D 469 9.73 -47.26 62.10
CA PHE D 469 10.43 -47.26 60.80
C PHE D 469 9.58 -46.59 59.73
N LYS D 470 8.27 -46.54 59.93
CA LYS D 470 7.31 -45.98 58.93
C LYS D 470 7.34 -44.48 59.04
N SER D 471 6.97 -43.83 57.95
CA SER D 471 6.59 -42.41 57.94
C SER D 471 5.29 -42.21 57.19
N THR D 472 4.25 -42.05 57.96
CA THR D 472 2.90 -41.97 57.37
C THR D 472 2.52 -40.50 57.29
N ASN D 473 1.82 -40.16 56.25
CA ASN D 473 1.41 -38.78 55.96
C ASN D 473 -0.01 -38.81 55.42
N THR D 474 -0.96 -38.35 56.19
CA THR D 474 -2.37 -38.47 55.77
C THR D 474 -2.96 -37.08 55.72
N GLN D 475 -3.85 -36.86 54.80
CA GLN D 475 -4.33 -35.51 54.49
C GLN D 475 -5.72 -35.68 53.95
N VAL D 476 -6.64 -34.92 54.48
CA VAL D 476 -8.02 -35.07 54.03
C VAL D 476 -8.57 -33.70 53.87
N GLU D 477 -8.90 -33.31 52.67
CA GLU D 477 -9.46 -31.97 52.44
C GLU D 477 -10.87 -32.15 51.94
N LYS D 478 -11.79 -31.44 52.55
CA LYS D 478 -13.21 -31.54 52.20
C LYS D 478 -13.72 -30.12 51.99
N LYS D 479 -14.29 -29.83 50.85
CA LYS D 479 -14.63 -28.44 50.46
C LYS D 479 -16.03 -28.39 49.87
N ASN D 480 -16.93 -27.64 50.49
CA ASN D 480 -18.36 -27.56 50.08
C ASN D 480 -18.57 -26.13 49.67
N LEU D 481 -18.67 -25.89 48.38
CA LEU D 481 -19.06 -24.59 47.82
C LEU D 481 -20.46 -24.66 47.20
N MET D 482 -21.53 -24.17 47.84
CA MET D 482 -22.87 -24.05 47.23
C MET D 482 -23.08 -22.58 46.98
N VAL D 483 -23.51 -22.19 45.79
CA VAL D 483 -24.07 -20.84 45.63
C VAL D 483 -25.57 -20.96 45.46
N PHE D 484 -26.27 -20.44 46.45
CA PHE D 484 -27.72 -20.19 46.33
C PHE D 484 -27.99 -18.77 45.80
N ILE D 485 -29.09 -18.63 45.11
CA ILE D 485 -29.59 -17.33 44.63
C ILE D 485 -31.06 -17.21 44.97
N LYS D 486 -31.47 -16.03 45.41
CA LYS D 486 -32.88 -15.73 45.79
C LYS D 486 -33.24 -14.41 45.16
N PRO D 487 -34.07 -14.45 44.10
CA PRO D 487 -34.64 -13.27 43.52
C PRO D 487 -35.87 -12.92 44.34
N THR D 488 -35.93 -11.65 44.71
CA THR D 488 -37.14 -11.04 45.27
C THR D 488 -37.60 -9.93 44.34
N ILE D 489 -38.87 -9.92 44.01
CA ILE D 489 -39.48 -8.95 43.08
C ILE D 489 -39.97 -7.84 43.97
N ILE D 490 -39.64 -6.61 43.57
CA ILE D 490 -40.10 -5.37 44.25
C ILE D 490 -40.98 -4.60 43.26
N ARG D 491 -42.29 -4.83 43.34
CA ARG D 491 -43.29 -4.15 42.46
C ARG D 491 -43.74 -2.87 43.13
N ASP D 492 -44.58 -3.07 44.15
CA ASP D 492 -45.14 -1.98 44.97
C ASP D 492 -43.97 -1.33 45.70
N GLY D 493 -43.90 -0.01 45.66
CA GLY D 493 -42.97 0.74 46.52
C GLY D 493 -42.95 0.18 47.92
N MET D 494 -44.13 -0.02 48.51
CA MET D 494 -44.18 -0.43 49.93
C MET D 494 -43.25 -1.63 50.12
N THR D 495 -43.15 -2.49 49.10
CA THR D 495 -42.33 -3.71 49.19
C THR D 495 -40.86 -3.31 49.38
N ALA D 496 -40.45 -2.29 48.64
CA ALA D 496 -39.05 -1.78 48.61
C ALA D 496 -38.72 -1.24 49.99
N ASP D 497 -39.65 -0.47 50.55
CA ASP D 497 -39.48 0.14 51.88
C ASP D 497 -39.01 -0.98 52.81
N GLY D 498 -39.74 -2.08 52.80
CA GLY D 498 -39.42 -3.19 53.71
C GLY D 498 -38.05 -3.72 53.38
N ILE D 499 -37.90 -4.21 52.16
CA ILE D 499 -36.64 -4.87 51.76
C ILE D 499 -35.56 -3.96 52.32
N THR D 500 -35.69 -2.68 52.01
CA THR D 500 -34.61 -1.70 52.19
C THR D 500 -34.51 -1.47 53.68
N GLN D 501 -35.56 -0.91 54.24
CA GLN D 501 -35.59 -0.66 55.68
C GLN D 501 -34.91 -1.83 56.39
N ARG D 502 -35.55 -2.98 56.39
CA ARG D 502 -35.08 -4.16 57.16
C ARG D 502 -33.56 -4.08 57.16
N LYS D 503 -32.98 -3.92 55.97
CA LYS D 503 -31.50 -3.97 55.72
C LYS D 503 -30.85 -2.82 56.46
N TYR D 504 -31.28 -1.62 56.11
CA TYR D 504 -30.78 -0.34 56.65
C TYR D 504 -30.89 -0.38 58.16
N ASN D 505 -32.07 -0.73 58.61
CA ASN D 505 -32.45 -0.79 60.03
C ASN D 505 -31.59 -1.81 60.78
N TYR D 506 -31.09 -2.88 60.12
CA TYR D 506 -30.16 -3.94 60.61
C TYR D 506 -28.77 -3.36 60.79
N ILE D 507 -28.27 -2.67 59.78
CA ILE D 507 -26.97 -1.99 59.92
C ILE D 507 -27.10 -1.03 61.08
N ARG D 508 -28.10 -0.17 61.03
CA ARG D 508 -28.23 0.82 62.11
C ARG D 508 -28.18 0.08 63.44
N ALA D 509 -28.80 -1.08 63.54
CA ALA D 509 -28.77 -1.74 64.85
C ALA D 509 -27.31 -2.02 65.16
N GLU D 510 -26.59 -2.63 64.23
CA GLU D 510 -25.20 -3.01 64.51
C GLU D 510 -24.49 -1.76 64.99
N GLN D 511 -24.66 -0.68 64.27
CA GLN D 511 -23.76 0.46 64.48
C GLN D 511 -24.10 1.09 65.81
N LEU D 512 -25.37 1.08 66.18
CA LEU D 512 -25.79 1.66 67.47
C LEU D 512 -25.16 0.79 68.50
N TYR D 513 -25.00 -0.45 68.12
CA TYR D 513 -24.41 -1.31 69.15
C TYR D 513 -23.02 -0.75 69.42
N LYS D 514 -22.27 -0.60 68.35
CA LYS D 514 -20.83 -0.30 68.48
C LYS D 514 -20.74 1.04 69.19
N ALA D 515 -21.87 1.72 69.29
CA ALA D 515 -21.86 2.95 70.07
C ALA D 515 -22.07 2.63 71.54
N GLU D 516 -22.60 1.47 71.87
CA GLU D 516 -22.85 1.20 73.30
C GLU D 516 -21.51 0.81 73.91
N GLN D 517 -20.76 0.06 73.11
CA GLN D 517 -19.37 -0.35 73.37
C GLN D 517 -18.47 0.48 72.47
N GLY D 518 -18.27 1.75 72.84
CA GLY D 518 -17.84 2.85 71.96
C GLY D 518 -16.39 2.75 71.54
N LEU D 519 -16.10 3.33 70.38
CA LEU D 519 -14.71 3.65 70.03
C LEU D 519 -13.87 3.73 71.29
N LYS D 520 -12.83 2.90 71.30
CA LYS D 520 -12.35 2.27 72.54
C LYS D 520 -11.77 3.39 73.39
N LEU D 521 -10.88 4.18 72.80
CA LEU D 521 -10.20 5.22 73.62
C LEU D 521 -10.76 6.62 73.35
N MET D 522 -11.52 6.80 72.27
CA MET D 522 -12.12 8.12 71.93
C MET D 522 -13.38 8.41 72.75
N ASP D 523 -13.96 9.60 72.56
CA ASP D 523 -15.31 9.92 73.07
C ASP D 523 -16.33 9.18 72.22
N ASP D 524 -17.29 8.56 72.88
CA ASP D 524 -18.21 7.57 72.26
C ASP D 524 -18.99 8.22 71.11
N GLY D 525 -18.95 9.56 71.00
CA GLY D 525 -19.79 10.34 70.05
C GLY D 525 -19.28 10.28 68.63
N HIS D 526 -18.08 9.79 68.39
CA HIS D 526 -17.47 10.01 67.06
C HIS D 526 -17.80 8.85 66.15
N ILE D 527 -18.41 7.81 66.70
CA ILE D 527 -18.61 6.56 65.95
C ILE D 527 -19.77 6.76 65.00
N PRO D 528 -19.54 6.62 63.70
CA PRO D 528 -20.60 6.87 62.73
C PRO D 528 -21.74 5.88 62.97
N VAL D 529 -22.93 6.44 62.96
CA VAL D 529 -24.21 5.73 63.20
C VAL D 529 -25.18 6.26 62.15
N LEU D 530 -25.84 5.37 61.46
CA LEU D 530 -26.88 5.79 60.53
C LEU D 530 -27.99 6.46 61.32
N PRO D 531 -28.60 7.47 60.74
CA PRO D 531 -29.76 8.08 61.39
C PRO D 531 -30.99 7.17 61.37
N LYS D 532 -31.99 7.44 62.18
CA LYS D 532 -33.25 6.66 62.18
C LYS D 532 -33.84 6.76 60.79
N PHE D 533 -34.29 5.65 60.23
CA PHE D 533 -34.63 5.52 58.79
C PHE D 533 -35.63 6.58 58.32
N GLY D 534 -35.21 7.38 57.33
CA GLY D 534 -35.97 8.52 56.79
C GLY D 534 -35.99 9.74 57.71
N GLU D 535 -35.09 9.86 58.70
CA GLU D 535 -34.98 11.10 59.55
C GLU D 535 -33.86 11.99 59.01
N ASP D 536 -33.11 11.49 58.05
CA ASP D 536 -31.99 12.33 57.57
C ASP D 536 -31.03 12.57 58.75
N LYS D 537 -30.05 13.46 58.66
CA LYS D 537 -28.96 13.45 59.66
C LYS D 537 -29.46 14.16 60.93
N ARG D 538 -28.98 13.80 62.10
CA ARG D 538 -29.05 14.73 63.26
C ARG D 538 -27.63 15.22 63.65
N HIS D 539 -27.38 16.54 63.83
CA HIS D 539 -26.06 17.09 64.29
C HIS D 539 -25.62 16.33 65.52
N PRO D 540 -24.31 16.03 65.62
CA PRO D 540 -23.71 15.67 66.90
C PRO D 540 -24.32 16.56 67.99
N ALA D 541 -24.39 16.02 69.21
CA ALA D 541 -25.03 16.67 70.37
C ALA D 541 -24.31 17.98 70.69
N GLU D 542 -23.00 17.95 70.87
CA GLU D 542 -22.27 19.17 71.31
C GLU D 542 -22.67 20.34 70.40
N ILE D 543 -22.64 20.12 69.09
CA ILE D 543 -22.91 21.17 68.09
C ILE D 543 -24.37 21.56 68.22
N GLN D 544 -25.24 20.58 68.42
CA GLN D 544 -26.68 20.85 68.54
C GLN D 544 -26.87 21.71 69.78
N ALA D 545 -26.15 21.37 70.84
CA ALA D 545 -26.21 22.10 72.12
C ALA D 545 -25.75 23.54 71.87
N PHE D 546 -24.68 23.69 71.09
CA PHE D 546 -24.09 25.02 70.76
C PHE D 546 -25.13 25.82 69.98
N ILE D 547 -25.81 25.16 69.03
CA ILE D 547 -26.63 25.86 68.02
C ILE D 547 -27.79 26.54 68.75
N ASP D 548 -28.40 25.82 69.70
CA ASP D 548 -29.60 26.30 70.44
C ASP D 548 -29.16 27.47 71.31
N GLN D 549 -28.00 27.30 71.95
CA GLN D 549 -27.41 28.33 72.83
C GLN D 549 -27.31 29.61 72.01
N MET D 550 -26.81 29.49 70.78
CA MET D 550 -26.70 30.62 69.84
C MET D 550 -28.10 31.18 69.59
N GLU D 551 -29.06 30.27 69.33
CA GLU D 551 -30.47 30.61 69.05
C GLU D 551 -31.04 31.38 70.25
N GLN D 552 -30.79 30.87 71.46
CA GLN D 552 -31.25 31.46 72.74
C GLN D 552 -30.71 32.88 72.85
N GLN D 553 -29.42 33.06 72.54
CA GLN D 553 -28.70 34.36 72.60
C GLN D 553 -29.37 35.36 71.65
N ASP E 1 -100.49 41.49 -21.51
CA ASP E 1 -100.12 41.61 -22.95
C ASP E 1 -98.87 42.46 -23.13
N ASN E 2 -98.21 42.85 -22.04
CA ASN E 2 -96.97 43.69 -22.10
C ASN E 2 -95.89 42.91 -22.85
N VAL E 3 -94.95 43.64 -23.44
CA VAL E 3 -93.76 43.03 -24.10
C VAL E 3 -92.54 43.25 -23.21
N ILE E 4 -92.03 42.14 -22.67
CA ILE E 4 -90.79 42.10 -21.83
C ILE E 4 -89.95 40.90 -22.27
N THR E 5 -88.65 40.95 -22.00
CA THR E 5 -87.70 39.85 -22.25
C THR E 5 -87.48 39.09 -20.94
N ARG E 6 -87.42 37.76 -21.00
CA ARG E 6 -87.13 36.93 -19.81
C ARG E 6 -85.87 36.10 -20.05
N VAL E 7 -84.94 36.17 -19.10
CA VAL E 7 -83.63 35.46 -19.17
C VAL E 7 -83.62 34.37 -18.08
N VAL E 8 -83.71 33.11 -18.50
CA VAL E 8 -83.82 31.95 -17.57
C VAL E 8 -82.91 30.84 -18.08
N ALA E 9 -82.50 29.93 -17.19
CA ALA E 9 -81.46 28.91 -17.48
C ALA E 9 -82.09 27.55 -17.74
N VAL E 10 -81.47 26.79 -18.64
CA VAL E 10 -81.54 25.31 -18.63
C VAL E 10 -80.11 24.78 -18.59
N ARG E 11 -79.73 24.31 -17.40
CA ARG E 11 -78.35 23.89 -17.05
C ARG E 11 -78.03 22.56 -17.75
N ASN E 12 -79.04 21.74 -18.05
CA ASN E 12 -78.94 20.26 -18.26
C ASN E 12 -78.37 19.93 -19.66
N VAL E 13 -78.98 20.45 -20.71
CA VAL E 13 -78.46 20.28 -22.10
C VAL E 13 -78.71 21.56 -22.90
N SER E 14 -77.91 21.78 -23.94
CA SER E 14 -77.98 22.98 -24.82
C SER E 14 -79.42 23.19 -25.27
N VAL E 15 -79.88 24.44 -25.21
CA VAL E 15 -81.32 24.81 -25.34
C VAL E 15 -81.65 25.03 -26.82
N ARG E 16 -80.65 24.96 -27.72
CA ARG E 16 -80.88 24.93 -29.18
C ARG E 16 -81.85 23.79 -29.51
N GLU E 17 -81.83 22.74 -28.69
CA GLU E 17 -82.72 21.56 -28.79
C GLU E 17 -84.19 21.99 -28.82
N LEU E 18 -84.54 23.15 -28.27
CA LEU E 18 -85.95 23.61 -28.16
C LEU E 18 -86.29 24.64 -29.24
N SER E 19 -85.39 24.97 -30.17
CA SER E 19 -85.61 26.07 -31.14
C SER E 19 -86.90 25.85 -31.94
N PRO E 20 -87.21 24.64 -32.48
CA PRO E 20 -88.38 24.50 -33.35
C PRO E 20 -89.72 24.66 -32.59
N LEU E 21 -89.81 24.06 -31.40
CA LEU E 21 -91.07 23.98 -30.61
C LEU E 21 -91.32 25.35 -29.94
N LEU E 22 -90.25 26.03 -29.53
CA LEU E 22 -90.34 27.40 -28.96
C LEU E 22 -90.79 28.37 -30.06
N ARG E 23 -90.22 28.28 -31.27
CA ARG E 23 -90.72 29.07 -32.42
C ARG E 23 -92.13 28.60 -32.79
N GLN E 24 -92.56 27.45 -32.27
CA GLN E 24 -93.98 27.03 -32.38
C GLN E 24 -94.85 27.97 -31.54
N LEU E 25 -94.41 28.32 -30.33
CA LEU E 25 -95.09 29.33 -29.48
C LEU E 25 -94.80 30.74 -30.00
N ILE E 26 -93.75 30.93 -30.81
CA ILE E 26 -93.52 32.22 -31.52
C ILE E 26 -94.47 32.26 -32.73
N ASP E 27 -94.84 31.07 -33.24
CA ASP E 27 -95.87 30.92 -34.30
C ASP E 27 -97.27 30.84 -33.67
N ASN E 28 -97.46 30.07 -32.59
CA ASN E 28 -98.78 29.79 -31.98
C ASN E 28 -99.57 31.09 -31.77
N ALA E 29 -98.89 32.19 -31.45
CA ALA E 29 -99.51 33.53 -31.28
C ALA E 29 -98.66 34.58 -32.00
N GLY E 30 -98.93 35.87 -31.75
CA GLY E 30 -98.29 37.01 -32.43
C GLY E 30 -96.79 37.04 -32.25
N ALA E 31 -96.07 37.56 -33.25
CA ALA E 31 -94.60 37.69 -33.25
C ALA E 31 -94.20 39.10 -32.78
N GLY E 32 -92.93 39.47 -32.94
CA GLY E 32 -92.23 40.47 -32.12
C GLY E 32 -91.39 39.80 -31.04
N ASN E 33 -91.58 38.48 -30.88
CA ASN E 33 -90.76 37.64 -29.97
C ASN E 33 -89.32 37.55 -30.48
N VAL E 34 -88.40 37.23 -29.58
CA VAL E 34 -87.17 36.46 -29.90
C VAL E 34 -87.05 35.36 -28.85
N VAL E 35 -86.46 34.22 -29.23
CA VAL E 35 -85.88 33.29 -28.23
C VAL E 35 -84.48 32.93 -28.69
N HIS E 36 -83.47 33.45 -28.01
CA HIS E 36 -82.04 33.32 -28.41
C HIS E 36 -81.31 32.49 -27.36
N TYR E 37 -80.59 31.48 -27.82
CA TYR E 37 -80.01 30.42 -26.97
C TYR E 37 -78.50 30.62 -26.90
N ASP E 38 -78.02 31.15 -25.78
CA ASP E 38 -76.60 31.55 -25.69
C ASP E 38 -75.75 30.31 -25.43
N PRO E 39 -74.73 30.05 -26.28
CA PRO E 39 -73.81 28.93 -26.07
C PRO E 39 -73.09 28.94 -24.71
N ALA E 40 -73.17 30.05 -23.97
CA ALA E 40 -72.79 30.13 -22.54
C ALA E 40 -73.79 29.32 -21.69
N ASN E 41 -74.88 28.87 -22.32
CA ASN E 41 -76.00 28.10 -21.68
C ASN E 41 -76.71 28.97 -20.63
N ILE E 42 -77.39 30.02 -21.11
CA ILE E 42 -78.58 30.65 -20.47
C ILE E 42 -79.62 30.83 -21.59
N ILE E 43 -80.70 31.55 -21.34
CA ILE E 43 -81.89 31.55 -22.25
C ILE E 43 -82.48 32.96 -22.33
N LEU E 44 -82.79 33.40 -23.55
CA LEU E 44 -83.45 34.69 -23.83
C LEU E 44 -84.82 34.45 -24.48
N ILE E 45 -85.85 35.08 -23.92
CA ILE E 45 -87.13 35.36 -24.64
C ILE E 45 -87.34 36.87 -24.66
N THR E 46 -88.11 37.35 -25.64
CA THR E 46 -88.63 38.72 -25.70
C THR E 46 -90.02 38.70 -26.33
N GLY E 47 -90.97 39.46 -25.77
CA GLY E 47 -92.34 39.54 -26.29
C GLY E 47 -93.39 39.60 -25.19
N ARG E 48 -94.61 39.19 -25.52
CA ARG E 48 -95.78 39.23 -24.61
C ARG E 48 -95.54 38.30 -23.41
N ALA E 49 -95.67 38.87 -22.21
CA ALA E 49 -95.39 38.21 -20.92
C ALA E 49 -96.11 36.86 -20.84
N ALA E 50 -97.27 36.72 -21.50
CA ALA E 50 -98.06 35.47 -21.52
C ALA E 50 -97.30 34.42 -22.33
N VAL E 51 -97.01 34.72 -23.60
CA VAL E 51 -96.38 33.76 -24.54
C VAL E 51 -94.91 33.60 -24.15
N VAL E 52 -94.30 34.66 -23.62
CA VAL E 52 -92.94 34.58 -23.03
C VAL E 52 -93.00 33.70 -21.78
N ASN E 53 -94.15 33.70 -21.09
CA ASN E 53 -94.36 32.89 -19.87
C ASN E 53 -94.46 31.42 -20.27
N ARG E 54 -95.23 31.12 -21.31
CA ARG E 54 -95.42 29.75 -21.83
C ARG E 54 -94.09 29.26 -22.41
N LEU E 55 -93.37 30.16 -23.09
CA LEU E 55 -92.05 29.84 -23.69
C LEU E 55 -91.06 29.51 -22.56
N ALA E 56 -91.15 30.24 -21.43
CA ALA E 56 -90.25 30.04 -20.28
C ALA E 56 -90.66 28.78 -19.53
N GLU E 57 -91.88 28.28 -19.78
CA GLU E 57 -92.46 27.11 -19.09
C GLU E 57 -91.99 25.84 -19.80
N ILE E 58 -91.99 25.79 -21.14
CA ILE E 58 -91.30 24.72 -21.91
C ILE E 58 -89.81 24.81 -21.54
N ILE E 59 -89.24 26.00 -21.68
CA ILE E 59 -87.82 26.30 -21.36
C ILE E 59 -87.51 25.82 -19.94
N LYS E 60 -88.17 26.37 -18.93
CA LYS E 60 -87.96 25.94 -17.52
C LYS E 60 -88.38 24.48 -17.38
N ARG E 61 -89.08 23.93 -18.38
CA ARG E 61 -89.51 22.50 -18.32
C ARG E 61 -88.35 21.65 -18.81
N VAL E 62 -87.35 22.25 -19.44
CA VAL E 62 -86.06 21.58 -19.70
C VAL E 62 -85.01 22.06 -18.69
N ASP E 63 -85.26 23.17 -17.99
CA ASP E 63 -84.43 23.58 -16.82
C ASP E 63 -84.62 22.54 -15.70
N GLN E 64 -85.79 22.57 -15.06
CA GLN E 64 -86.13 21.67 -13.93
C GLN E 64 -85.98 20.22 -14.38
N ALA E 65 -85.97 19.99 -15.70
CA ALA E 65 -85.89 18.64 -16.28
C ALA E 65 -84.55 18.00 -15.94
N GLY E 66 -83.48 18.79 -15.96
CA GLY E 66 -82.12 18.32 -15.65
C GLY E 66 -81.33 19.35 -14.86
N ASN E 67 -81.82 19.76 -13.69
CA ASN E 67 -81.10 20.75 -12.85
C ASN E 67 -79.87 20.08 -12.23
N ARG E 68 -78.87 20.88 -11.88
CA ARG E 68 -77.59 20.36 -11.33
C ARG E 68 -77.05 21.32 -10.28
N GLU E 69 -76.96 20.86 -9.03
CA GLU E 69 -76.38 21.64 -7.91
C GLU E 69 -75.12 20.95 -7.41
N ILE E 70 -74.64 21.37 -6.24
CA ILE E 70 -73.42 20.77 -5.62
C ILE E 70 -73.60 20.70 -4.10
N GLU E 71 -72.84 19.80 -3.48
CA GLU E 71 -72.86 19.63 -2.00
C GLU E 71 -71.42 19.66 -1.49
N VAL E 72 -71.27 19.98 -0.21
CA VAL E 72 -69.98 19.89 0.51
C VAL E 72 -70.26 19.30 1.89
N VAL E 73 -69.79 18.08 2.13
CA VAL E 73 -70.13 17.34 3.38
C VAL E 73 -68.87 16.68 3.93
N GLU E 74 -68.73 16.73 5.26
CA GLU E 74 -67.52 16.26 5.98
C GLU E 74 -67.45 14.75 5.88
N LEU E 75 -66.25 14.28 5.59
CA LEU E 75 -65.85 12.88 5.84
C LEU E 75 -64.78 12.89 6.93
N GLY E 76 -65.20 12.77 8.19
CA GLY E 76 -64.30 12.83 9.36
C GLY E 76 -63.26 11.72 9.32
N ASN E 77 -63.51 10.69 8.51
CA ASN E 77 -62.86 9.37 8.68
C ASN E 77 -62.29 8.91 7.34
N ALA E 78 -63.13 8.36 6.47
CA ALA E 78 -62.72 7.69 5.21
C ALA E 78 -62.01 8.70 4.31
N SER E 79 -60.88 8.31 3.73
CA SER E 79 -60.15 9.20 2.80
C SER E 79 -61.08 9.60 1.65
N ALA E 80 -61.28 10.90 1.49
CA ALA E 80 -62.08 11.44 0.38
C ALA E 80 -61.62 10.75 -0.91
N ALA E 81 -60.36 10.95 -1.29
CA ALA E 81 -59.79 10.41 -2.54
C ALA E 81 -60.20 8.93 -2.65
N GLU E 82 -60.28 8.23 -1.52
CA GLU E 82 -60.80 6.85 -1.54
C GLU E 82 -62.30 6.91 -1.85
N MET E 83 -63.06 7.72 -1.12
CA MET E 83 -64.52 7.82 -1.39
C MET E 83 -64.72 8.08 -2.89
N VAL E 84 -63.93 9.01 -3.41
CA VAL E 84 -63.82 9.28 -4.87
C VAL E 84 -63.67 7.94 -5.59
N ARG E 85 -62.52 7.29 -5.42
CA ARG E 85 -62.18 6.07 -6.20
C ARG E 85 -63.38 5.13 -6.15
N ILE E 86 -63.93 4.94 -4.96
CA ILE E 86 -64.83 3.80 -4.67
C ILE E 86 -66.22 4.15 -5.20
N VAL E 87 -66.47 5.43 -5.45
CA VAL E 87 -67.66 5.83 -6.22
C VAL E 87 -67.31 5.86 -7.71
N ASP E 88 -66.03 5.98 -8.05
CA ASP E 88 -65.62 6.19 -9.46
C ASP E 88 -66.12 5.00 -10.29
N ALA E 89 -66.03 3.80 -9.70
CA ALA E 89 -66.58 2.55 -10.25
C ALA E 89 -68.04 2.77 -10.66
N LEU E 90 -68.75 3.61 -9.93
CA LEU E 90 -70.19 3.88 -10.21
C LEU E 90 -70.29 4.76 -11.45
N ASN E 91 -71.25 4.46 -12.33
CA ASN E 91 -71.26 5.01 -13.71
C ASN E 91 -72.67 5.51 -14.03
N LYS E 106 -70.04 14.14 -10.50
CA LYS E 106 -68.72 13.61 -10.10
C LYS E 106 -68.44 14.02 -8.64
N LEU E 107 -67.16 14.09 -8.25
CA LEU E 107 -66.74 13.95 -6.83
C LEU E 107 -65.53 14.81 -6.53
N VAL E 108 -65.51 15.38 -5.33
CA VAL E 108 -64.30 16.01 -4.74
C VAL E 108 -64.31 15.75 -3.24
N ALA E 109 -63.29 16.29 -2.55
CA ALA E 109 -63.28 16.51 -1.09
C ALA E 109 -62.12 17.43 -0.71
N ASP E 110 -62.02 17.77 0.58
CA ASP E 110 -60.81 18.40 1.13
C ASP E 110 -60.40 17.68 2.40
N GLU E 111 -59.10 17.42 2.55
CA GLU E 111 -58.57 16.88 3.82
C GLU E 111 -57.97 17.99 4.68
N ARG E 112 -58.07 19.28 4.30
CA ARG E 112 -57.99 20.36 5.34
C ARG E 112 -59.21 20.18 6.25
N THR E 113 -60.37 20.10 5.63
CA THR E 113 -61.69 19.94 6.28
C THR E 113 -61.99 18.45 6.46
N ASN E 114 -61.52 17.62 5.54
CA ASN E 114 -62.01 16.22 5.39
C ASN E 114 -63.51 16.26 5.11
N SER E 115 -63.88 16.74 3.92
CA SER E 115 -65.28 16.97 3.51
C SER E 115 -65.46 16.57 2.06
N ILE E 116 -66.46 15.72 1.80
CA ILE E 116 -66.88 15.38 0.42
C ILE E 116 -67.44 16.65 -0.22
N LEU E 117 -66.95 16.95 -1.40
CA LEU E 117 -67.59 17.91 -2.30
C LEU E 117 -68.23 17.11 -3.42
N ILE E 118 -69.29 17.64 -4.01
CA ILE E 118 -69.91 16.94 -5.17
C ILE E 118 -69.97 17.88 -6.35
N SER E 119 -69.95 17.32 -7.54
CA SER E 119 -70.34 18.00 -8.80
C SER E 119 -71.41 17.16 -9.50
N GLY E 120 -72.66 17.60 -9.46
CA GLY E 120 -73.73 17.00 -10.27
C GLY E 120 -75.07 17.08 -9.58
N ASP E 121 -75.92 16.11 -9.86
CA ASP E 121 -77.40 16.20 -9.75
C ASP E 121 -77.82 16.46 -8.31
N PRO E 122 -78.99 17.10 -8.09
CA PRO E 122 -79.72 16.90 -6.85
C PRO E 122 -80.28 15.48 -6.67
N LYS E 123 -80.25 14.67 -7.73
CA LYS E 123 -80.29 13.19 -7.57
C LYS E 123 -78.92 12.72 -7.07
N VAL E 124 -77.84 13.27 -7.63
CA VAL E 124 -76.47 13.02 -7.11
C VAL E 124 -76.40 13.61 -5.70
N ARG E 125 -77.23 14.60 -5.39
CA ARG E 125 -77.26 15.19 -4.02
C ARG E 125 -78.04 14.25 -3.09
N ASP E 126 -79.12 13.64 -3.57
CA ASP E 126 -79.88 12.65 -2.76
C ASP E 126 -78.98 11.44 -2.48
N ARG E 127 -78.55 10.76 -3.54
CA ARG E 127 -77.83 9.46 -3.41
C ARG E 127 -76.44 9.73 -2.82
N LEU E 128 -75.85 10.89 -3.09
CA LEU E 128 -74.48 11.08 -2.57
C LEU E 128 -74.49 11.87 -1.27
N LYS E 129 -75.65 12.29 -0.79
CA LYS E 129 -75.77 12.50 0.68
C LYS E 129 -76.01 11.14 1.33
N ARG E 130 -76.68 10.23 0.63
CA ARG E 130 -76.77 8.83 1.10
C ARG E 130 -75.35 8.30 1.33
N LEU E 131 -74.42 8.53 0.40
CA LEU E 131 -73.06 7.94 0.50
C LEU E 131 -72.15 8.87 1.31
N ILE E 132 -72.54 10.15 1.43
CA ILE E 132 -71.98 11.00 2.52
C ILE E 132 -72.13 10.22 3.81
N ARG E 133 -73.34 9.69 4.05
CA ARG E 133 -73.68 9.07 5.35
C ARG E 133 -73.12 7.65 5.38
N GLN E 134 -73.15 6.96 4.24
CA GLN E 134 -72.90 5.49 4.23
C GLN E 134 -71.53 5.21 4.84
N LEU E 135 -70.46 5.78 4.30
CA LEU E 135 -69.12 5.50 4.85
C LEU E 135 -68.65 6.72 5.62
N ASP E 136 -69.28 6.92 6.77
CA ASP E 136 -68.82 7.89 7.81
C ASP E 136 -68.42 7.14 9.09
N VAL E 137 -68.89 5.91 9.27
CA VAL E 137 -69.14 5.24 10.58
C VAL E 137 -67.82 4.99 11.35
N GLU E 138 -67.87 4.03 12.29
CA GLU E 138 -66.70 3.56 13.08
C GLU E 138 -65.52 3.21 12.17
N MET E 139 -64.32 3.30 12.71
CA MET E 139 -63.07 2.95 11.98
C MET E 139 -62.75 1.47 12.25
N ALA E 140 -63.48 0.85 13.18
CA ALA E 140 -63.49 -0.61 13.47
C ALA E 140 -62.19 -1.05 14.15
N SER E 141 -61.43 -0.10 14.72
CA SER E 141 -60.25 -0.38 15.61
C SER E 141 -59.36 -1.47 14.99
N LYS E 142 -58.71 -1.14 13.88
CA LYS E 142 -57.94 -2.09 13.05
C LYS E 142 -56.96 -2.85 13.94
N GLY E 143 -56.48 -2.21 15.00
CA GLY E 143 -55.40 -2.76 15.83
C GLY E 143 -54.28 -3.30 14.95
N ASN E 144 -53.97 -2.59 13.86
CA ASN E 144 -52.96 -2.95 12.85
C ASN E 144 -51.71 -3.48 13.57
N ASN E 145 -51.37 -2.85 14.68
CA ASN E 145 -50.20 -3.24 15.51
C ASN E 145 -50.68 -3.54 16.94
N ARG E 146 -49.99 -4.48 17.59
CA ARG E 146 -50.20 -4.92 19.00
C ARG E 146 -48.84 -5.01 19.67
N VAL E 147 -48.82 -5.00 20.99
CA VAL E 147 -47.55 -5.18 21.72
C VAL E 147 -47.79 -6.28 22.73
N VAL E 148 -47.28 -7.47 22.41
CA VAL E 148 -47.48 -8.70 23.21
C VAL E 148 -46.40 -8.80 24.27
N TYR E 149 -46.84 -8.89 25.50
CA TYR E 149 -45.97 -8.97 26.68
C TYR E 149 -45.64 -10.44 26.86
N LEU E 150 -44.43 -10.81 26.45
CA LEU E 150 -43.89 -12.18 26.64
C LEU E 150 -44.00 -12.62 28.11
N LYS E 151 -44.62 -13.77 28.32
CA LYS E 151 -44.77 -14.45 29.63
C LYS E 151 -43.46 -15.09 30.06
N TYR E 152 -42.88 -16.04 29.32
CA TYR E 152 -41.59 -16.49 29.87
C TYR E 152 -40.50 -16.41 28.85
N ALA E 153 -40.46 -15.42 27.99
CA ALA E 153 -39.31 -15.60 27.11
C ALA E 153 -38.54 -14.32 26.87
N LYS E 154 -37.27 -14.46 26.57
CA LYS E 154 -36.59 -13.19 26.26
C LYS E 154 -37.02 -12.78 24.87
N ALA E 155 -37.49 -11.57 24.78
CA ALA E 155 -38.09 -11.10 23.52
C ALA E 155 -36.96 -10.66 22.61
N GLU E 156 -35.81 -10.36 23.20
CA GLU E 156 -34.66 -9.86 22.44
C GLU E 156 -34.30 -10.93 21.41
N ASP E 157 -34.72 -12.16 21.68
CA ASP E 157 -34.24 -13.37 20.95
C ASP E 157 -35.39 -13.94 20.13
N LEU E 158 -36.58 -13.80 20.66
CA LEU E 158 -37.79 -14.24 19.94
C LEU E 158 -37.98 -13.43 18.65
N VAL E 159 -37.69 -12.13 18.65
CA VAL E 159 -37.85 -11.28 17.42
C VAL E 159 -37.02 -11.85 16.28
N ASP E 160 -35.89 -12.46 16.61
CA ASP E 160 -35.00 -13.09 15.61
C ASP E 160 -35.78 -14.18 14.86
N VAL E 161 -36.50 -14.99 15.61
CA VAL E 161 -37.22 -16.16 15.06
C VAL E 161 -38.43 -15.68 14.32
N LEU E 162 -39.00 -14.58 14.74
CA LEU E 162 -40.29 -14.23 14.11
C LEU E 162 -40.00 -13.49 12.82
N LYS E 163 -38.74 -13.14 12.58
CA LYS E 163 -38.34 -12.42 11.34
C LYS E 163 -38.70 -13.29 10.12
N GLY E 164 -38.48 -14.60 10.22
CA GLY E 164 -38.69 -15.54 9.11
C GLY E 164 -40.16 -15.86 8.92
N VAL E 165 -40.91 -15.91 10.01
CA VAL E 165 -42.38 -16.16 10.02
C VAL E 165 -43.00 -14.89 9.50
N SER E 166 -42.30 -13.80 9.77
CA SER E 166 -42.96 -12.52 9.53
C SER E 166 -42.99 -12.26 8.02
N ASP E 167 -41.84 -11.95 7.45
CA ASP E 167 -41.69 -11.61 6.02
C ASP E 167 -42.28 -12.74 5.17
N ASN E 168 -41.83 -13.96 5.43
CA ASN E 168 -42.23 -15.16 4.62
C ASN E 168 -43.75 -15.22 4.59
N LEU E 169 -44.39 -15.13 5.75
CA LEU E 169 -45.87 -15.29 5.85
C LEU E 169 -46.53 -14.27 4.93
N GLN E 170 -46.08 -13.02 5.02
CA GLN E 170 -46.63 -11.87 4.23
C GLN E 170 -46.60 -12.21 2.73
N ALA E 171 -45.46 -12.73 2.24
CA ALA E 171 -45.29 -13.15 0.83
C ALA E 171 -46.28 -14.27 0.47
N VAL E 187 -45.06 -6.39 7.68
CA VAL E 187 -44.74 -7.16 8.91
C VAL E 187 -43.43 -6.65 9.51
N VAL E 188 -43.48 -5.83 10.57
CA VAL E 188 -42.25 -5.51 11.33
C VAL E 188 -42.44 -5.87 12.80
N ILE E 189 -41.67 -6.86 13.24
CA ILE E 189 -41.64 -7.36 14.65
C ILE E 189 -40.46 -6.69 15.33
N ALA E 190 -40.71 -6.01 16.44
CA ALA E 190 -39.60 -5.32 17.12
C ALA E 190 -39.69 -5.62 18.61
N ALA E 191 -38.58 -5.96 19.23
CA ALA E 191 -38.66 -6.38 20.64
C ALA E 191 -38.19 -5.23 21.50
N HIS E 192 -39.07 -4.73 22.37
CA HIS E 192 -38.71 -3.66 23.32
C HIS E 192 -38.10 -4.28 24.57
N GLN E 193 -36.78 -4.23 24.68
CA GLN E 193 -35.99 -4.90 25.75
C GLN E 193 -36.71 -4.70 27.07
N GLY E 194 -36.71 -3.44 27.50
CA GLY E 194 -37.25 -2.98 28.79
C GLY E 194 -38.29 -3.96 29.35
N THR E 195 -39.42 -4.12 28.68
CA THR E 195 -40.63 -4.70 29.28
C THR E 195 -40.70 -6.19 28.90
N ASN E 196 -39.64 -6.64 28.23
CA ASN E 196 -39.56 -7.99 27.60
C ASN E 196 -40.88 -8.18 26.88
N SER E 197 -41.22 -7.20 26.07
CA SER E 197 -42.44 -7.20 25.25
C SER E 197 -42.02 -6.88 23.85
N LEU E 198 -42.35 -7.78 22.93
CA LEU E 198 -42.00 -7.45 21.53
C LEU E 198 -43.24 -6.90 20.87
N VAL E 199 -42.99 -5.85 20.10
CA VAL E 199 -43.99 -5.02 19.41
C VAL E 199 -44.11 -5.53 18.00
N LEU E 200 -45.31 -5.98 17.68
CA LEU E 200 -45.61 -6.55 16.35
C LEU E 200 -46.38 -5.51 15.56
N THR E 201 -45.99 -5.28 14.32
CA THR E 201 -46.84 -4.48 13.41
C THR E 201 -46.99 -5.27 12.12
N ALA E 202 -48.13 -5.96 12.13
CA ALA E 202 -48.55 -7.07 11.24
C ALA E 202 -49.70 -6.58 10.33
N PRO E 203 -50.01 -7.22 9.16
CA PRO E 203 -51.39 -7.43 8.74
C PRO E 203 -52.18 -8.36 9.64
N PRO E 204 -53.51 -8.32 9.63
CA PRO E 204 -54.29 -8.92 10.71
C PRO E 204 -54.13 -10.43 10.76
N ASP E 205 -53.99 -11.06 9.61
CA ASP E 205 -53.71 -12.52 9.58
C ASP E 205 -52.28 -12.76 10.07
N ILE E 206 -51.32 -12.18 9.35
CA ILE E 206 -49.90 -12.27 9.79
C ILE E 206 -49.85 -12.04 11.31
N MET E 207 -50.72 -11.16 11.83
CA MET E 207 -50.74 -10.78 13.27
C MET E 207 -51.25 -11.99 14.04
N LEU E 208 -52.51 -12.37 13.77
CA LEU E 208 -53.09 -13.60 14.37
C LEU E 208 -52.10 -14.76 14.20
N ALA E 209 -51.24 -14.73 13.18
CA ALA E 209 -50.29 -15.85 12.99
C ALA E 209 -49.13 -15.70 13.97
N LEU E 210 -48.44 -14.57 13.91
CA LEU E 210 -47.27 -14.30 14.80
C LEU E 210 -47.74 -14.55 16.23
N GLN E 211 -49.00 -14.28 16.53
CA GLN E 211 -49.51 -14.38 17.92
C GLN E 211 -49.56 -15.87 18.29
N GLU E 212 -49.82 -16.74 17.32
CA GLU E 212 -49.99 -18.18 17.59
C GLU E 212 -48.62 -18.83 17.66
N VAL E 213 -47.62 -18.15 17.11
CA VAL E 213 -46.22 -18.65 17.08
C VAL E 213 -45.56 -18.26 18.39
N ILE E 214 -45.87 -17.08 18.88
CA ILE E 214 -45.22 -16.48 20.07
C ILE E 214 -45.81 -17.17 21.28
N THR E 215 -47.05 -17.64 21.16
CA THR E 215 -47.75 -18.25 22.30
C THR E 215 -47.24 -19.67 22.50
N GLN E 216 -46.63 -20.25 21.46
CA GLN E 216 -46.14 -21.65 21.53
C GLN E 216 -44.63 -21.63 21.77
N LEU E 217 -43.95 -20.54 21.49
CA LEU E 217 -42.50 -20.42 21.79
C LEU E 217 -42.32 -19.86 23.18
N ASP E 218 -43.41 -19.39 23.73
CA ASP E 218 -43.33 -18.62 24.97
C ASP E 218 -43.67 -19.53 26.14
N ILE E 219 -43.36 -20.81 26.04
CA ILE E 219 -43.62 -21.71 27.18
C ILE E 219 -42.49 -21.52 28.18
N ARG E 220 -42.75 -21.88 29.44
CA ARG E 220 -41.71 -21.81 30.50
C ARG E 220 -40.65 -22.84 30.14
N ARG E 221 -39.43 -22.59 30.57
CA ARG E 221 -38.37 -23.59 30.28
C ARG E 221 -38.16 -24.39 31.55
N ALA E 222 -38.12 -25.71 31.40
CA ALA E 222 -37.74 -26.52 32.57
C ALA E 222 -36.24 -26.34 32.82
N GLN E 223 -35.75 -26.85 33.93
CA GLN E 223 -34.31 -26.60 34.15
C GLN E 223 -33.65 -27.79 34.84
N VAL E 224 -32.42 -28.05 34.42
CA VAL E 224 -31.73 -29.28 34.88
C VAL E 224 -30.68 -28.92 35.93
N LEU E 225 -30.62 -29.72 36.97
CA LEU E 225 -29.53 -29.64 37.95
C LEU E 225 -28.45 -30.68 37.60
N ILE E 226 -27.49 -30.27 36.77
CA ILE E 226 -26.41 -31.15 36.25
C ILE E 226 -25.43 -31.39 37.39
N GLU E 227 -25.58 -32.51 38.04
CA GLU E 227 -24.59 -32.83 39.10
C GLU E 227 -23.60 -33.82 38.50
N ALA E 228 -22.43 -33.35 38.12
CA ALA E 228 -21.29 -34.23 37.78
C ALA E 228 -20.65 -34.82 39.03
N LEU E 229 -19.87 -35.88 38.86
CA LEU E 229 -19.42 -36.68 40.03
C LEU E 229 -18.11 -37.38 39.69
N ILE E 230 -17.05 -36.61 39.78
CA ILE E 230 -15.71 -37.01 39.34
C ILE E 230 -15.02 -37.73 40.47
N VAL E 231 -14.65 -38.97 40.24
CA VAL E 231 -14.11 -39.80 41.34
C VAL E 231 -12.74 -40.22 40.88
N GLU E 232 -11.69 -39.52 41.30
CA GLU E 232 -10.28 -39.88 41.01
C GLU E 232 -9.60 -40.63 42.16
N MET E 233 -9.48 -41.93 42.03
CA MET E 233 -9.06 -42.79 43.14
C MET E 233 -7.74 -43.51 42.78
N ALA E 234 -6.62 -43.03 43.31
CA ALA E 234 -5.25 -43.41 42.89
C ALA E 234 -4.48 -44.03 44.05
N GLU E 235 -3.74 -45.08 43.75
CA GLU E 235 -3.19 -45.98 44.76
C GLU E 235 -1.85 -46.45 44.24
N GLY E 236 -0.78 -46.14 44.96
CA GLY E 236 0.61 -46.38 44.53
C GLY E 236 1.36 -47.14 45.59
N ASP E 237 2.21 -48.06 45.16
CA ASP E 237 2.90 -48.97 46.08
C ASP E 237 4.25 -49.26 45.46
N GLY E 238 5.32 -48.82 46.10
CA GLY E 238 6.70 -49.03 45.63
C GLY E 238 7.51 -49.71 46.71
N VAL E 239 8.36 -50.62 46.30
CA VAL E 239 9.38 -51.23 47.17
C VAL E 239 10.75 -51.09 46.52
N ASN E 240 11.65 -50.30 47.07
CA ASN E 240 13.06 -50.34 46.67
C ASN E 240 13.87 -51.08 47.72
N LEU E 241 14.58 -52.10 47.29
CA LEU E 241 15.43 -52.81 48.26
C LEU E 241 16.72 -53.25 47.59
N GLY E 242 17.83 -52.81 48.12
CA GLY E 242 19.01 -53.00 47.30
C GLY E 242 20.24 -52.66 48.06
N VAL E 243 21.18 -53.57 48.04
CA VAL E 243 22.27 -53.44 49.02
C VAL E 243 23.55 -53.14 48.30
N GLN E 244 24.25 -52.13 48.73
CA GLN E 244 25.38 -51.74 47.90
C GLN E 244 26.64 -51.90 48.72
N TRP E 245 27.54 -52.69 48.19
CA TRP E 245 28.84 -52.85 48.85
C TRP E 245 29.79 -51.79 48.33
N GLY E 246 30.80 -51.40 49.10
CA GLY E 246 31.80 -50.43 48.62
C GLY E 246 33.07 -50.39 49.43
N ASN E 247 34.18 -50.26 48.75
CA ASN E 247 35.50 -50.15 49.40
C ASN E 247 36.28 -49.08 48.66
N LEU E 248 36.39 -47.91 49.25
CA LEU E 248 36.97 -46.74 48.54
C LEU E 248 38.50 -46.70 48.70
N GLU E 249 39.10 -47.36 49.70
CA GLU E 249 40.58 -47.48 49.80
C GLU E 249 41.13 -47.90 48.44
N THR E 250 40.57 -48.97 47.91
CA THR E 250 40.87 -49.51 46.57
C THR E 250 39.59 -49.59 45.75
N GLY E 251 39.15 -48.44 45.19
CA GLY E 251 37.94 -48.16 44.37
C GLY E 251 37.16 -49.39 43.96
N ALA E 252 36.42 -49.98 44.87
CA ALA E 252 35.67 -51.22 44.59
C ALA E 252 34.25 -50.97 45.00
N VAL E 253 33.41 -50.71 44.05
CA VAL E 253 32.01 -50.48 44.46
C VAL E 253 31.17 -51.59 43.87
N ILE E 254 30.12 -51.95 44.56
CA ILE E 254 28.97 -52.57 43.87
C ILE E 254 27.82 -51.61 43.95
N GLN E 255 27.83 -50.62 43.10
CA GLN E 255 26.84 -49.55 43.28
C GLN E 255 25.63 -49.79 42.38
N TYR E 256 24.52 -49.19 42.75
CA TYR E 256 23.30 -49.19 41.93
C TYR E 256 22.75 -47.77 41.84
N SER E 257 22.38 -47.32 40.65
CA SER E 257 21.72 -46.01 40.51
C SER E 257 20.26 -46.17 40.91
N ASN E 258 19.75 -47.37 40.78
CA ASN E 258 18.29 -47.46 40.89
C ASN E 258 17.86 -47.12 42.32
N THR E 259 18.77 -47.24 43.28
CA THR E 259 18.35 -47.02 44.68
C THR E 259 18.51 -45.56 44.99
N GLY E 260 17.81 -45.05 45.99
CA GLY E 260 18.06 -43.66 46.38
C GLY E 260 19.49 -43.26 46.08
N THR E 261 20.42 -43.67 46.94
CA THR E 261 21.75 -43.06 46.83
C THR E 261 22.71 -44.11 46.31
N PRO E 262 23.74 -43.75 45.53
CA PRO E 262 24.80 -44.68 45.18
C PRO E 262 26.06 -44.66 46.04
N ILE E 263 26.54 -45.82 46.45
CA ILE E 263 27.48 -45.96 47.60
C ILE E 263 28.64 -44.99 47.36
N GLY E 264 28.94 -44.68 46.09
CA GLY E 264 30.09 -43.80 45.80
C GLY E 264 29.91 -42.47 46.49
N LYS E 265 28.88 -41.75 46.07
CA LYS E 265 28.52 -40.45 46.67
C LYS E 265 28.63 -40.61 48.18
N VAL E 266 28.12 -41.70 48.74
CA VAL E 266 27.97 -41.81 50.22
C VAL E 266 29.35 -41.97 50.83
N MET E 267 30.17 -42.85 50.26
CA MET E 267 31.53 -43.04 50.83
C MET E 267 32.36 -41.77 50.62
N VAL E 268 32.29 -41.17 49.44
CA VAL E 268 33.04 -39.90 49.23
C VAL E 268 32.57 -38.91 50.30
N GLY E 269 31.25 -38.73 50.44
CA GLY E 269 30.63 -37.78 51.38
C GLY E 269 31.13 -38.04 52.78
N LEU E 270 31.24 -39.32 53.13
CA LEU E 270 31.65 -39.68 54.49
C LEU E 270 33.10 -39.32 54.69
N GLU E 271 33.91 -39.43 53.65
CA GLU E 271 35.34 -39.09 53.81
C GLU E 271 35.47 -37.58 53.93
N GLU E 272 34.75 -36.84 53.09
CA GLU E 272 34.79 -35.37 53.16
C GLU E 272 34.28 -34.89 54.53
N ALA E 273 33.33 -35.59 55.15
CA ALA E 273 32.69 -35.18 56.43
C ALA E 273 33.63 -35.55 57.57
N LYS E 274 34.75 -36.22 57.27
CA LYS E 274 35.77 -36.61 58.28
C LYS E 274 36.71 -35.43 58.53
N ASP E 275 37.32 -35.36 59.72
CA ASP E 275 38.29 -34.28 60.09
C ASP E 275 39.67 -34.61 59.48
N LYS E 276 40.08 -33.82 58.48
CA LYS E 276 41.40 -33.91 57.77
C LYS E 276 42.50 -33.29 58.64
N THR E 277 43.77 -33.50 58.30
CA THR E 277 44.95 -32.91 59.02
C THR E 277 46.01 -32.48 58.00
N VAL E 278 46.36 -31.20 57.98
CA VAL E 278 47.37 -30.61 57.05
C VAL E 278 48.59 -30.18 57.88
N THR E 279 49.68 -30.95 57.84
CA THR E 279 50.83 -30.88 58.80
C THR E 279 51.83 -29.81 58.39
N SER E 294 51.45 -28.55 63.01
CA SER E 294 50.32 -29.46 62.70
C SER E 294 49.00 -28.73 62.97
N ARG E 295 48.18 -28.55 61.93
CA ARG E 295 46.78 -28.05 62.07
C ARG E 295 45.82 -29.23 61.99
N THR E 296 44.63 -29.09 62.58
CA THR E 296 43.48 -29.99 62.29
C THR E 296 42.38 -29.15 61.63
N GLU E 297 41.55 -29.80 60.83
CA GLU E 297 40.41 -29.11 60.16
C GLU E 297 39.21 -30.04 60.12
N ALA E 298 38.03 -29.45 60.32
CA ALA E 298 36.77 -30.21 60.30
C ALA E 298 36.19 -30.10 58.91
N GLY E 299 36.07 -31.26 58.28
CA GLY E 299 35.58 -31.39 56.90
C GLY E 299 34.13 -30.98 56.78
N ASP E 300 33.79 -30.51 55.60
CA ASP E 300 32.42 -30.09 55.26
C ASP E 300 31.60 -31.35 54.99
N TYR E 301 30.43 -31.37 55.61
CA TYR E 301 29.41 -32.39 55.36
C TYR E 301 28.54 -31.93 54.19
N SER E 302 29.08 -31.13 53.28
CA SER E 302 28.28 -30.56 52.15
C SER E 302 28.12 -31.65 51.08
N THR E 303 29.06 -32.59 51.03
CA THR E 303 29.05 -33.66 50.01
C THR E 303 28.22 -34.82 50.55
N LEU E 304 28.32 -35.06 51.84
CA LEU E 304 27.55 -36.15 52.48
C LEU E 304 26.08 -35.74 52.53
N ALA E 305 25.81 -34.46 52.72
CA ALA E 305 24.43 -33.96 52.78
C ALA E 305 23.80 -34.04 51.39
N ALA E 306 24.57 -33.80 50.33
CA ALA E 306 24.07 -33.92 48.94
C ALA E 306 23.80 -35.39 48.62
N ALA E 307 24.48 -36.31 49.29
CA ALA E 307 24.24 -37.75 49.03
C ALA E 307 22.99 -38.22 49.77
N LEU E 308 23.01 -38.06 51.09
CA LEU E 308 21.96 -38.57 51.98
C LEU E 308 20.71 -37.73 51.75
N ALA E 309 20.84 -36.63 51.04
CA ALA E 309 19.73 -35.67 50.90
C ALA E 309 18.57 -36.42 50.26
N GLY E 310 18.91 -37.26 49.30
CA GLY E 310 17.94 -37.80 48.35
C GLY E 310 17.57 -39.21 48.74
N VAL E 311 17.73 -39.56 50.00
CA VAL E 311 17.45 -40.96 50.37
C VAL E 311 16.09 -41.04 51.00
N ASN E 312 15.15 -41.57 50.26
CA ASN E 312 13.80 -41.65 50.84
C ASN E 312 13.59 -43.11 51.12
N GLY E 313 14.10 -43.54 52.24
CA GLY E 313 13.74 -44.84 52.80
C GLY E 313 14.59 -45.07 54.00
N ALA E 314 15.56 -45.94 53.80
CA ALA E 314 16.50 -46.39 54.84
C ALA E 314 17.77 -46.80 54.13
N ALA E 315 18.83 -46.01 54.33
CA ALA E 315 20.16 -46.16 53.67
C ALA E 315 21.23 -46.41 54.72
N MET E 316 21.21 -47.61 55.29
CA MET E 316 22.00 -47.96 56.47
C MET E 316 23.31 -48.54 55.98
N SER E 317 24.38 -48.26 56.71
CA SER E 317 25.76 -48.69 56.36
C SER E 317 26.28 -49.63 57.44
N LEU E 318 26.33 -50.93 57.15
CA LEU E 318 27.13 -51.91 57.91
C LEU E 318 28.57 -51.80 57.43
N VAL E 319 29.38 -51.02 58.14
CA VAL E 319 30.82 -50.84 57.80
C VAL E 319 31.61 -52.01 58.36
N MET E 320 31.97 -52.96 57.49
CA MET E 320 32.70 -54.19 57.90
C MET E 320 34.15 -54.07 57.45
N GLY E 321 35.10 -53.92 58.38
CA GLY E 321 36.52 -53.64 58.06
C GLY E 321 36.73 -52.98 56.70
N ASP E 322 36.17 -51.78 56.49
CA ASP E 322 36.62 -50.91 55.37
C ASP E 322 35.89 -51.30 54.08
N TRP E 323 35.01 -52.28 54.14
CA TRP E 323 34.01 -52.51 53.09
C TRP E 323 32.64 -52.04 53.56
N THR E 324 32.27 -50.84 53.15
CA THR E 324 31.02 -50.18 53.57
C THR E 324 29.88 -50.76 52.74
N ALA E 325 29.00 -51.49 53.40
CA ALA E 325 27.82 -52.06 52.75
C ALA E 325 26.57 -51.19 53.06
N LEU E 326 26.24 -50.28 52.17
CA LEU E 326 25.02 -49.46 52.29
C LEU E 326 23.82 -50.27 51.78
N ILE E 327 23.06 -50.77 52.74
CA ILE E 327 21.72 -51.40 52.58
C ILE E 327 20.63 -50.36 52.53
N SER E 328 19.81 -50.43 51.51
CA SER E 328 18.74 -49.42 51.27
C SER E 328 17.43 -50.16 51.12
N ALA E 329 16.40 -49.61 51.74
CA ALA E 329 15.05 -50.19 51.69
C ALA E 329 14.04 -49.09 51.88
N VAL E 330 13.00 -49.12 51.07
CA VAL E 330 11.83 -48.24 51.25
C VAL E 330 10.61 -48.89 50.63
N SER E 331 9.48 -48.93 51.34
CA SER E 331 8.22 -49.47 50.79
C SER E 331 7.19 -48.34 50.72
N SER E 332 7.48 -47.34 49.88
CA SER E 332 6.58 -46.20 49.57
C SER E 332 5.19 -46.70 49.17
N ASP E 333 4.24 -46.65 50.08
CA ASP E 333 2.84 -47.06 49.83
C ASP E 333 1.99 -45.79 49.87
N SER E 334 1.78 -45.18 48.70
CA SER E 334 0.87 -44.02 48.51
C SER E 334 -0.59 -44.46 48.22
N ASN E 335 -1.49 -43.49 48.21
CA ASN E 335 -2.95 -43.71 48.19
C ASN E 335 -3.67 -42.35 48.12
N SER E 336 -4.61 -42.22 47.22
CA SER E 336 -5.28 -40.95 46.88
C SER E 336 -6.70 -41.29 46.51
N ASN E 337 -7.63 -40.47 46.93
CA ASN E 337 -9.05 -40.85 46.83
C ASN E 337 -9.84 -39.58 46.72
N ILE E 338 -9.69 -38.89 45.61
CA ILE E 338 -10.33 -37.57 45.38
C ILE E 338 -11.71 -37.79 44.80
N LEU E 339 -12.66 -37.04 45.32
CA LEU E 339 -14.04 -37.25 44.91
C LEU E 339 -14.74 -35.91 44.78
N SER E 340 -14.48 -35.20 43.70
CA SER E 340 -14.99 -33.83 43.50
C SER E 340 -16.24 -33.91 42.64
N SER E 341 -17.35 -33.35 43.11
CA SER E 341 -18.64 -33.34 42.36
C SER E 341 -19.16 -31.94 42.25
N PRO E 342 -19.13 -31.33 41.06
CA PRO E 342 -19.70 -30.04 40.83
C PRO E 342 -21.02 -30.18 40.09
N SER E 343 -22.06 -29.58 40.67
CA SER E 343 -23.35 -29.38 40.01
C SER E 343 -23.53 -27.92 39.61
N ILE E 344 -24.26 -27.80 38.54
CA ILE E 344 -24.62 -26.48 38.02
C ILE E 344 -26.09 -26.67 37.79
N THR E 345 -26.85 -25.60 37.88
CA THR E 345 -28.26 -25.64 37.47
C THR E 345 -28.37 -24.83 36.19
N VAL E 346 -29.10 -25.39 35.28
CA VAL E 346 -29.16 -24.56 34.07
C VAL E 346 -30.52 -24.67 33.44
N MET E 347 -30.86 -23.66 32.68
CA MET E 347 -32.18 -23.68 32.00
C MET E 347 -31.95 -24.52 30.77
N ASP E 348 -32.94 -25.37 30.46
CA ASP E 348 -32.80 -26.28 29.32
C ASP E 348 -32.39 -25.43 28.13
N ASN E 349 -31.39 -25.94 27.43
CA ASN E 349 -31.01 -25.43 26.12
C ASN E 349 -30.21 -24.17 26.30
N GLY E 350 -30.15 -23.65 27.53
CA GLY E 350 -29.14 -22.64 27.88
C GLY E 350 -27.81 -23.31 28.03
N GLU E 351 -26.73 -22.63 27.68
CA GLU E 351 -25.38 -23.07 28.11
C GLU E 351 -25.07 -22.56 29.51
N ALA E 352 -24.39 -23.40 30.27
CA ALA E 352 -23.97 -22.99 31.61
C ALA E 352 -22.60 -23.53 31.87
N SER E 353 -21.78 -22.64 32.35
CA SER E 353 -20.39 -22.92 32.70
C SER E 353 -20.34 -22.92 34.20
N PHE E 354 -19.29 -23.54 34.71
CA PHE E 354 -19.01 -23.62 36.14
C PHE E 354 -17.53 -23.84 36.26
N ILE E 355 -16.84 -23.08 37.05
CA ILE E 355 -15.37 -23.25 37.11
C ILE E 355 -14.90 -22.87 38.48
N VAL E 356 -14.35 -23.81 39.15
CA VAL E 356 -13.86 -23.62 40.51
C VAL E 356 -12.42 -23.98 40.49
N GLY E 357 -11.56 -22.99 40.52
CA GLY E 357 -10.29 -23.09 39.79
C GLY E 357 -9.33 -22.03 40.19
N GLU E 358 -8.44 -21.78 39.25
CA GLU E 358 -7.66 -20.56 39.24
C GLU E 358 -7.35 -20.22 37.82
N GLU E 359 -7.40 -18.95 37.51
CA GLU E 359 -6.88 -18.45 36.25
C GLU E 359 -5.38 -18.27 36.42
N VAL E 360 -4.58 -19.27 36.08
CA VAL E 360 -3.11 -19.08 35.94
C VAL E 360 -2.83 -18.46 34.59
N PRO E 361 -1.97 -17.47 34.55
CA PRO E 361 -1.51 -16.97 33.29
C PRO E 361 -0.29 -17.76 32.81
N VAL E 362 -0.23 -17.84 31.50
CA VAL E 362 0.73 -18.73 30.82
C VAL E 362 1.23 -18.03 29.59
N ILE E 363 2.52 -18.19 29.37
CA ILE E 363 3.17 -17.57 28.20
C ILE E 363 2.47 -18.07 26.95
N THR E 364 2.65 -17.33 25.87
CA THR E 364 2.27 -17.69 24.50
C THR E 364 3.25 -16.97 23.53
N VAL E 379 1.25 -13.40 26.82
CA VAL E 379 0.66 -13.98 28.08
C VAL E 379 -0.87 -14.03 27.97
N ASP E 380 -1.40 -15.23 27.94
CA ASP E 380 -2.85 -15.46 28.06
C ASP E 380 -3.10 -16.05 29.44
N ARG E 381 -4.35 -15.94 29.88
CA ARG E 381 -4.73 -16.29 31.27
C ARG E 381 -5.71 -17.44 31.21
N LYS E 382 -5.23 -18.66 31.34
CA LYS E 382 -6.13 -19.81 31.12
C LYS E 382 -6.55 -20.33 32.48
N GLU E 383 -7.84 -20.65 32.53
CA GLU E 383 -8.55 -21.11 33.74
C GLU E 383 -8.28 -22.58 33.98
N VAL E 384 -8.09 -22.95 35.20
CA VAL E 384 -7.56 -24.32 35.29
C VAL E 384 -8.12 -24.85 36.55
N GLY E 385 -9.18 -25.62 36.45
CA GLY E 385 -9.78 -26.02 37.72
C GLY E 385 -10.67 -27.17 37.52
N ILE E 386 -11.61 -27.39 38.41
CA ILE E 386 -12.83 -28.14 38.04
C ILE E 386 -13.67 -27.25 37.15
N LYS E 387 -13.61 -27.37 35.85
CA LYS E 387 -14.61 -26.78 34.94
C LYS E 387 -15.66 -27.81 34.54
N LEU E 388 -16.84 -27.33 34.18
CA LEU E 388 -17.98 -28.17 33.77
C LEU E 388 -18.86 -27.33 32.91
N LYS E 389 -18.90 -27.55 31.61
CA LYS E 389 -19.65 -26.59 30.79
C LYS E 389 -20.74 -27.31 30.02
N VAL E 390 -21.91 -27.46 30.61
CA VAL E 390 -22.96 -28.31 30.03
C VAL E 390 -23.97 -27.47 29.28
N VAL E 391 -24.39 -27.92 28.11
CA VAL E 391 -25.52 -27.30 27.41
C VAL E 391 -26.64 -28.29 27.47
N PRO E 392 -27.28 -28.39 28.62
CA PRO E 392 -28.21 -29.47 28.85
C PRO E 392 -29.45 -29.15 28.03
N GLN E 393 -29.97 -30.14 27.31
CA GLN E 393 -31.12 -29.96 26.38
C GLN E 393 -32.14 -31.06 26.58
N ILE E 394 -33.17 -30.80 27.38
CA ILE E 394 -34.16 -31.84 27.83
C ILE E 394 -35.00 -32.30 26.65
N ASN E 395 -35.17 -33.63 26.55
CA ASN E 395 -35.87 -34.35 25.44
C ASN E 395 -37.25 -34.79 25.95
N GLU E 396 -38.13 -35.25 25.06
CA GLU E 396 -39.37 -35.99 25.43
C GLU E 396 -39.00 -37.24 26.28
N GLY E 397 -39.86 -37.67 27.23
CA GLY E 397 -39.60 -38.85 28.09
C GLY E 397 -38.67 -38.50 29.23
N ASP E 398 -38.60 -37.22 29.58
CA ASP E 398 -37.68 -36.68 30.62
C ASP E 398 -36.32 -37.35 30.45
N SER E 399 -35.72 -37.20 29.27
CA SER E 399 -34.40 -37.77 28.97
C SER E 399 -33.49 -36.64 28.57
N VAL E 400 -32.74 -36.13 29.55
CA VAL E 400 -31.85 -34.98 29.26
C VAL E 400 -30.66 -35.38 28.41
N GLN E 401 -30.39 -34.57 27.43
CA GLN E 401 -29.30 -34.77 26.46
C GLN E 401 -28.27 -33.67 26.59
N LEU E 402 -27.23 -33.93 27.36
CA LEU E 402 -26.16 -32.99 27.77
C LEU E 402 -25.07 -32.92 26.70
N ASN E 403 -24.60 -31.72 26.34
CA ASN E 403 -23.34 -31.53 25.55
C ASN E 403 -22.25 -30.98 26.45
N ILE E 404 -21.50 -31.86 27.08
CA ILE E 404 -20.69 -31.52 28.27
C ILE E 404 -19.22 -31.38 27.89
N GLU E 405 -18.56 -30.43 28.50
CA GLU E 405 -17.10 -30.30 28.47
C GLU E 405 -16.68 -30.26 29.93
N GLN E 406 -16.08 -31.33 30.42
CA GLN E 406 -15.71 -31.43 31.86
C GLN E 406 -14.21 -31.63 32.10
N GLU E 407 -13.61 -30.76 32.91
CA GLU E 407 -12.14 -30.62 32.93
C GLU E 407 -11.76 -30.58 34.37
N VAL E 408 -11.16 -31.60 34.86
CA VAL E 408 -10.48 -31.22 36.09
C VAL E 408 -9.06 -30.99 35.73
N SER E 409 -8.50 -29.92 36.23
CA SER E 409 -7.12 -29.53 35.87
C SER E 409 -6.56 -28.72 37.03
N ASN E 410 -5.25 -28.55 37.03
CA ASN E 410 -4.53 -28.59 38.32
C ASN E 410 -3.11 -28.24 38.01
N VAL E 411 -2.92 -26.98 37.69
CA VAL E 411 -1.56 -26.43 37.42
C VAL E 411 -0.55 -27.05 38.40
N LEU E 412 0.36 -27.78 37.81
CA LEU E 412 1.52 -28.44 38.44
C LEU E 412 2.73 -27.57 38.09
N GLY E 413 3.92 -28.05 38.43
CA GLY E 413 5.16 -27.40 38.00
C GLY E 413 5.36 -27.48 36.50
N ALA E 414 6.34 -26.73 36.02
CA ALA E 414 6.89 -26.90 34.65
C ALA E 414 8.26 -27.57 34.68
N ASN E 415 8.40 -28.75 35.30
CA ASN E 415 9.71 -29.44 35.31
C ASN E 415 10.55 -28.88 34.15
N GLY E 416 10.21 -29.24 32.92
CA GLY E 416 11.18 -29.09 31.81
C GLY E 416 10.78 -27.87 31.04
N ALA E 417 9.48 -27.64 31.06
CA ALA E 417 8.85 -26.85 30.01
C ALA E 417 9.08 -25.38 30.34
N VAL E 418 9.00 -24.57 29.29
CA VAL E 418 9.05 -23.08 29.32
C VAL E 418 8.23 -22.60 30.51
N ASP E 419 6.93 -22.68 30.36
CA ASP E 419 5.99 -22.16 31.38
C ASP E 419 5.53 -23.35 32.24
N VAL E 420 4.50 -23.09 33.02
CA VAL E 420 3.86 -24.09 33.89
C VAL E 420 3.04 -25.05 33.04
N ARG E 421 3.20 -26.32 33.36
CA ARG E 421 2.43 -27.47 32.80
C ARG E 421 1.19 -27.62 33.67
N PHE E 422 0.02 -27.43 33.08
CA PHE E 422 -1.31 -27.78 33.62
C PHE E 422 -1.60 -29.27 33.49
N ALA E 423 -2.07 -29.87 34.55
CA ALA E 423 -2.43 -31.29 34.54
C ALA E 423 -3.90 -31.38 34.42
N LYS E 424 -4.28 -31.83 33.27
CA LYS E 424 -5.64 -31.58 32.76
C LYS E 424 -6.23 -32.94 32.53
N ARG E 425 -7.42 -33.15 33.01
CA ARG E 425 -8.18 -34.36 32.67
C ARG E 425 -9.47 -33.88 32.14
N GLN E 426 -9.52 -33.53 30.86
CA GLN E 426 -10.78 -33.09 30.28
C GLN E 426 -11.41 -34.18 29.47
N LEU E 427 -12.72 -34.10 29.37
CA LEU E 427 -13.57 -35.22 28.92
C LEU E 427 -14.75 -34.55 28.24
N ASN E 428 -14.66 -34.23 26.96
CA ASN E 428 -15.77 -33.42 26.42
C ASN E 428 -16.48 -34.25 25.38
N THR E 429 -17.75 -34.43 25.58
CA THR E 429 -18.55 -35.44 24.90
C THR E 429 -19.96 -34.93 24.84
N SER E 430 -20.85 -35.77 24.34
CA SER E 430 -22.29 -35.45 24.38
C SER E 430 -22.94 -36.73 24.80
N VAL E 431 -23.63 -36.73 25.90
CA VAL E 431 -24.35 -37.98 26.22
C VAL E 431 -25.80 -37.73 26.43
N ILE E 432 -26.54 -38.80 26.66
CA ILE E 432 -28.00 -38.64 26.79
C ILE E 432 -28.43 -39.52 27.94
N VAL E 433 -28.95 -38.85 28.95
CA VAL E 433 -29.10 -39.47 30.27
C VAL E 433 -30.56 -39.46 30.60
N GLN E 434 -30.94 -40.41 31.44
CA GLN E 434 -32.33 -40.34 31.94
C GLN E 434 -32.45 -39.13 32.85
N ASP E 435 -33.67 -38.72 33.09
CA ASP E 435 -33.96 -37.81 34.21
C ASP E 435 -33.70 -38.57 35.49
N GLY E 436 -32.71 -38.17 36.28
CA GLY E 436 -32.50 -38.66 37.66
C GLY E 436 -31.69 -39.94 37.80
N GLN E 437 -31.26 -40.58 36.70
CA GLN E 437 -30.30 -41.70 36.80
C GLN E 437 -28.92 -41.19 36.44
N MET E 438 -27.92 -41.76 37.06
CA MET E 438 -26.58 -41.28 36.77
C MET E 438 -26.11 -42.06 35.55
N LEU E 439 -25.22 -41.45 34.79
CA LEU E 439 -24.58 -42.16 33.65
C LEU E 439 -23.12 -41.80 33.68
N VAL E 440 -22.33 -42.73 33.20
CA VAL E 440 -20.87 -42.59 33.33
C VAL E 440 -20.27 -41.98 32.05
N LEU E 441 -19.81 -40.73 32.13
CA LEU E 441 -19.32 -40.04 30.93
C LEU E 441 -18.05 -40.76 30.52
N GLY E 442 -17.16 -40.92 31.50
CA GLY E 442 -15.73 -41.05 31.23
C GLY E 442 -15.08 -42.00 32.15
N GLY E 443 -13.78 -42.08 32.01
CA GLY E 443 -13.10 -43.13 32.74
C GLY E 443 -11.65 -43.11 32.39
N LEU E 444 -10.95 -43.84 33.24
CA LEU E 444 -9.60 -44.32 32.95
C LEU E 444 -9.20 -45.23 34.08
N ILE E 445 -8.90 -46.45 33.75
CA ILE E 445 -8.33 -47.36 34.74
C ILE E 445 -6.92 -47.64 34.31
N ASP E 446 -5.98 -46.82 34.75
CA ASP E 446 -4.56 -47.11 34.54
C ASP E 446 -4.11 -48.11 35.60
N GLU E 447 -3.31 -49.08 35.21
CA GLU E 447 -2.43 -49.78 36.15
C GLU E 447 -1.03 -49.78 35.56
N ARG E 448 0.00 -49.57 36.37
CA ARG E 448 1.41 -49.74 35.94
C ARG E 448 2.12 -50.68 36.91
N ALA E 449 3.21 -51.22 36.44
CA ALA E 449 4.01 -52.05 37.35
C ALA E 449 5.41 -52.15 36.78
N LEU E 450 6.32 -51.34 37.30
CA LEU E 450 7.71 -51.40 36.84
C LEU E 450 8.52 -52.15 37.89
N GLU E 451 8.97 -53.34 37.57
CA GLU E 451 10.13 -53.90 38.25
C GLU E 451 11.44 -53.38 37.64
N SER E 452 12.54 -53.49 38.37
CA SER E 452 13.94 -53.31 37.91
C SER E 452 14.84 -54.09 38.84
N GLU E 453 15.84 -54.75 38.31
CA GLU E 453 16.80 -55.30 39.28
C GLU E 453 18.15 -55.25 38.61
N SER E 454 19.02 -54.49 39.18
CA SER E 454 20.42 -54.60 38.81
C SER E 454 21.06 -55.63 39.74
N LYS E 455 21.76 -56.61 39.21
CA LYS E 455 22.47 -57.54 40.12
C LYS E 455 23.86 -57.82 39.64
N VAL E 456 24.65 -58.42 40.50
CA VAL E 456 26.02 -58.77 40.08
C VAL E 456 25.84 -60.07 39.34
N PRO E 457 25.28 -59.97 38.13
CA PRO E 457 24.92 -61.19 37.43
C PRO E 457 24.76 -62.39 38.34
N LEU E 458 25.73 -63.29 38.30
CA LEU E 458 25.40 -64.67 38.68
C LEU E 458 25.26 -64.77 40.21
N LEU E 459 25.96 -63.90 40.94
CA LEU E 459 25.95 -63.93 42.42
C LEU E 459 24.56 -63.50 42.90
N GLY E 460 23.88 -62.64 42.14
CA GLY E 460 22.51 -62.19 42.42
C GLY E 460 21.48 -63.24 42.04
N ASP E 461 21.92 -64.48 41.88
CA ASP E 461 20.97 -65.56 41.56
C ASP E 461 20.63 -66.30 42.85
N ILE E 462 21.64 -66.59 43.66
CA ILE E 462 21.50 -67.45 44.87
C ILE E 462 20.23 -66.98 45.59
N PRO E 463 19.36 -67.90 46.04
CA PRO E 463 18.07 -67.51 46.60
C PRO E 463 18.20 -66.72 47.91
N ILE E 464 19.06 -67.19 48.81
CA ILE E 464 19.15 -66.63 50.18
C ILE E 464 19.94 -65.33 50.09
N LEU E 465 21.14 -65.40 49.55
CA LEU E 465 22.17 -64.33 49.65
C LEU E 465 22.07 -63.42 48.43
N GLY E 466 21.25 -63.78 47.44
CA GLY E 466 21.20 -63.01 46.19
C GLY E 466 20.99 -61.55 46.50
N HIS E 467 20.14 -61.31 47.49
CA HIS E 467 19.60 -59.96 47.73
C HIS E 467 20.75 -59.08 48.13
N LEU E 468 21.92 -59.66 48.44
CA LEU E 468 23.06 -58.85 48.93
C LEU E 468 23.64 -58.18 47.70
N PHE E 469 23.54 -58.83 46.57
CA PHE E 469 24.20 -58.25 45.39
C PHE E 469 23.18 -57.56 44.48
N LYS E 470 21.92 -57.94 44.59
CA LYS E 470 20.83 -57.41 43.73
C LYS E 470 20.43 -56.05 44.25
N SER E 471 19.87 -55.23 43.38
CA SER E 471 19.10 -54.05 43.75
C SER E 471 17.79 -54.01 42.99
N THR E 472 16.76 -54.37 43.69
CA THR E 472 15.44 -54.49 43.04
C THR E 472 14.66 -53.24 43.36
N ASN E 473 13.87 -52.81 42.40
CA ASN E 473 13.09 -51.58 42.49
C ASN E 473 11.72 -51.85 41.86
N THR E 474 10.69 -51.92 42.66
CA THR E 474 9.36 -52.29 42.11
C THR E 474 8.41 -51.18 42.42
N GLN E 475 7.47 -50.95 41.54
CA GLN E 475 6.63 -49.75 41.59
C GLN E 475 5.34 -50.13 40.92
N VAL E 476 4.24 -49.85 41.57
CA VAL E 476 2.96 -50.25 40.99
C VAL E 476 2.04 -49.10 41.20
N GLU E 477 1.59 -48.47 40.14
CA GLU E 477 0.68 -47.33 40.26
C GLU E 477 -0.63 -47.75 39.62
N LYS E 478 -1.70 -47.53 40.33
CA LYS E 478 -3.04 -47.92 39.86
C LYS E 478 -3.94 -46.70 40.03
N LYS E 479 -4.58 -46.25 38.98
CA LYS E 479 -5.31 -44.97 38.98
C LYS E 479 -6.68 -45.13 38.32
N ASN E 480 -7.75 -44.88 39.06
CA ASN E 480 -9.14 -45.08 38.59
C ASN E 480 -9.76 -43.71 38.58
N LEU E 481 -9.94 -43.14 37.41
CA LEU E 481 -10.69 -41.90 37.23
C LEU E 481 -12.02 -42.16 36.50
N MET E 482 -13.17 -42.19 37.17
CA MET E 482 -14.50 -42.29 36.52
C MET E 482 -15.13 -40.93 36.69
N VAL E 483 -15.67 -40.34 35.64
CA VAL E 483 -16.60 -39.22 35.82
C VAL E 483 -18.00 -39.69 35.51
N PHE E 484 -18.81 -39.70 36.56
CA PHE E 484 -20.27 -39.83 36.40
C PHE E 484 -20.93 -38.46 36.27
N ILE E 485 -22.05 -38.44 35.58
CA ILE E 485 -22.89 -37.24 35.45
C ILE E 485 -24.33 -37.64 35.69
N LYS E 486 -25.06 -36.81 36.42
CA LYS E 486 -26.49 -37.03 36.76
C LYS E 486 -27.23 -35.75 36.51
N PRO E 487 -28.01 -35.70 35.42
CA PRO E 487 -28.92 -34.61 35.16
C PRO E 487 -30.19 -34.87 35.96
N THR E 488 -30.60 -33.84 36.67
CA THR E 488 -31.93 -33.79 37.28
C THR E 488 -32.69 -32.62 36.67
N ILE E 489 -33.92 -32.86 36.27
CA ILE E 489 -34.80 -31.87 35.61
C ILE E 489 -35.58 -31.25 36.74
N ILE E 490 -35.62 -29.93 36.74
CA ILE E 490 -36.40 -29.12 37.70
C ILE E 490 -37.48 -28.37 36.91
N ARG E 491 -38.67 -28.96 36.82
CA ARG E 491 -39.82 -28.36 36.10
C ARG E 491 -40.63 -27.52 37.07
N ASP E 492 -41.35 -28.23 37.92
CA ASP E 492 -42.20 -27.63 38.98
C ASP E 492 -41.26 -26.92 39.95
N GLY E 493 -41.57 -25.68 40.30
CA GLY E 493 -40.88 -24.99 41.40
C GLY E 493 -40.70 -25.92 42.58
N MET E 494 -41.76 -26.60 42.99
CA MET E 494 -41.68 -27.41 44.23
C MET E 494 -40.45 -28.32 44.14
N THR E 495 -40.11 -28.76 42.94
CA THR E 495 -38.97 -29.68 42.73
C THR E 495 -37.68 -28.96 43.14
N ALA E 496 -37.58 -27.68 42.76
CA ALA E 496 -36.40 -26.83 42.96
C ALA E 496 -36.22 -26.65 44.47
N ASP E 497 -37.32 -26.37 45.16
CA ASP E 497 -37.32 -26.16 46.61
C ASP E 497 -36.54 -27.33 47.22
N GLY E 498 -36.93 -28.53 46.83
CA GLY E 498 -36.29 -29.73 47.42
C GLY E 498 -34.83 -29.74 47.05
N ILE E 499 -34.56 -29.77 45.76
CA ILE E 499 -33.16 -29.92 45.28
C ILE E 499 -32.38 -28.95 46.15
N THR E 500 -32.88 -27.73 46.22
CA THR E 500 -32.12 -26.57 46.75
C THR E 500 -32.08 -26.78 48.25
N GLN E 501 -33.24 -26.73 48.86
CA GLN E 501 -33.33 -26.94 50.31
C GLN E 501 -32.33 -28.02 50.72
N ARG E 502 -32.62 -29.25 50.33
CA ARG E 502 -31.82 -30.42 50.77
C ARG E 502 -30.39 -29.93 50.90
N LYS E 503 -29.89 -29.27 49.85
CA LYS E 503 -28.46 -28.84 49.72
C LYS E 503 -28.16 -27.81 50.80
N TYR E 504 -28.92 -26.74 50.77
CA TYR E 504 -28.81 -25.59 51.69
C TYR E 504 -28.88 -26.11 53.11
N ASN E 505 -29.91 -26.89 53.36
CA ASN E 505 -30.25 -27.47 54.67
C ASN E 505 -29.11 -28.38 55.15
N TYR E 506 -28.34 -29.02 54.26
CA TYR E 506 -27.14 -29.88 54.49
C TYR E 506 -25.97 -29.02 54.94
N ILE E 507 -25.69 -27.95 54.22
CA ILE E 507 -24.65 -27.01 54.63
C ILE E 507 -25.04 -26.50 56.01
N ARG E 508 -26.24 -25.99 56.13
CA ARG E 508 -26.64 -25.43 57.43
C ARG E 508 -26.36 -26.49 58.49
N ALA E 509 -26.63 -27.75 58.22
CA ALA E 509 -26.39 -28.75 59.28
C ALA E 509 -24.90 -28.69 59.60
N GLU E 510 -24.06 -28.76 58.59
CA GLU E 510 -22.61 -28.81 58.86
C GLU E 510 -22.28 -27.62 59.73
N GLN E 511 -22.76 -26.45 59.33
CA GLN E 511 -22.23 -25.22 59.93
C GLN E 511 -22.72 -25.13 61.36
N LEU E 512 -23.94 -25.61 61.61
CA LEU E 512 -24.49 -25.57 62.98
C LEU E 512 -23.62 -26.50 63.76
N TYR E 513 -23.12 -27.47 63.06
CA TYR E 513 -22.30 -28.40 63.84
C TYR E 513 -21.12 -27.58 64.36
N LYS E 514 -20.45 -26.92 63.43
CA LYS E 514 -19.17 -26.28 63.76
C LYS E 514 -19.46 -25.25 64.83
N ALA E 515 -20.73 -24.97 65.02
CA ALA E 515 -21.08 -24.07 66.13
C ALA E 515 -21.17 -24.85 67.43
N GLU E 516 -21.34 -26.17 67.36
CA GLU E 516 -21.48 -26.90 68.63
C GLU E 516 -20.08 -27.06 69.21
N GLN E 517 -19.16 -27.30 68.29
CA GLN E 517 -17.70 -27.36 68.53
C GLN E 517 -17.09 -26.08 67.97
N GLY E 518 -17.26 -24.99 68.71
CA GLY E 518 -17.18 -23.60 68.21
C GLY E 518 -15.76 -23.17 67.88
N LEU E 519 -15.66 -22.22 66.96
CA LEU E 519 -14.43 -21.43 66.83
C LEU E 519 -13.63 -21.50 68.11
N LYS E 520 -12.39 -21.98 67.97
CA LYS E 520 -11.74 -22.77 69.01
C LYS E 520 -11.50 -21.83 70.19
N LEU E 521 -10.88 -20.70 69.91
CA LEU E 521 -10.53 -19.81 71.05
C LEU E 521 -11.46 -18.60 71.14
N MET E 522 -12.25 -18.32 70.12
CA MET E 522 -13.21 -17.18 70.11
C MET E 522 -14.49 -17.51 70.89
N ASP E 523 -15.40 -16.53 71.01
CA ASP E 523 -16.78 -16.76 71.49
C ASP E 523 -17.56 -17.46 70.39
N ASP E 524 -18.29 -18.50 70.77
CA ASP E 524 -18.88 -19.47 69.83
C ASP E 524 -19.83 -18.75 68.86
N GLY E 525 -20.18 -17.49 69.12
CA GLY E 525 -21.22 -16.74 68.38
C GLY E 525 -20.73 -16.23 67.04
N HIS E 526 -19.44 -16.27 66.76
CA HIS E 526 -18.94 -15.50 65.60
C HIS E 526 -18.93 -16.39 64.38
N ILE E 527 -19.20 -17.66 64.57
CA ILE E 527 -19.04 -18.65 63.47
C ILE E 527 -20.21 -18.52 62.54
N PRO E 528 -19.97 -18.19 61.26
CA PRO E 528 -21.06 -17.97 60.34
C PRO E 528 -21.88 -19.25 60.19
N VAL E 529 -23.17 -19.07 60.25
CA VAL E 529 -24.19 -20.14 60.18
C VAL E 529 -25.28 -19.61 59.26
N LEU E 530 -25.67 -20.42 58.30
CA LEU E 530 -26.80 -20.05 57.44
C LEU E 530 -28.03 -19.97 58.32
N PRO E 531 -28.92 -19.05 58.00
CA PRO E 531 -30.20 -19.01 58.70
C PRO E 531 -31.11 -20.18 58.32
N LYS E 532 -32.15 -20.44 59.11
CA LYS E 532 -33.13 -21.51 58.79
C LYS E 532 -33.74 -21.16 57.44
N PHE E 533 -33.85 -22.14 56.55
CA PHE E 533 -34.16 -21.93 55.12
C PHE E 533 -35.42 -21.09 54.89
N GLY E 534 -35.26 -19.96 54.21
CA GLY E 534 -36.32 -18.98 53.97
C GLY E 534 -36.68 -18.13 55.20
N GLU E 535 -35.85 -18.07 56.25
CA GLU E 535 -36.08 -17.16 57.42
C GLU E 535 -35.28 -15.87 57.23
N ASP E 536 -34.42 -15.83 56.23
CA ASP E 536 -33.59 -14.62 56.10
C ASP E 536 -32.73 -14.48 57.37
N LYS E 537 -32.06 -13.37 57.61
CA LYS E 537 -31.01 -13.37 58.67
C LYS E 537 -31.69 -13.24 60.03
N ARG E 538 -31.11 -13.79 61.09
CA ARG E 538 -31.43 -13.29 62.45
C ARG E 538 -30.21 -12.58 63.08
N HIS E 539 -30.33 -11.35 63.65
CA HIS E 539 -29.22 -10.62 64.34
C HIS E 539 -28.58 -11.56 65.33
N PRO E 540 -27.24 -11.50 65.43
CA PRO E 540 -26.54 -12.02 66.61
C PRO E 540 -27.37 -11.71 67.85
N ALA E 541 -27.28 -12.58 68.85
CA ALA E 541 -28.06 -12.51 70.11
C ALA E 541 -27.76 -11.20 70.84
N GLU E 542 -26.48 -10.91 71.10
CA GLU E 542 -26.13 -9.73 71.93
C GLU E 542 -26.86 -8.51 71.36
N ILE E 543 -26.77 -8.31 70.05
CA ILE E 543 -27.35 -7.13 69.37
C ILE E 543 -28.87 -7.22 69.50
N GLN E 544 -29.41 -8.41 69.35
CA GLN E 544 -30.87 -8.61 69.43
C GLN E 544 -31.29 -8.24 70.84
N ALA E 545 -30.48 -8.67 71.82
CA ALA E 545 -30.74 -8.38 73.25
C ALA E 545 -30.72 -6.88 73.45
N PHE E 546 -29.74 -6.21 72.83
CA PHE E 546 -29.56 -4.73 72.94
C PHE E 546 -30.80 -4.06 72.34
N ILE E 547 -31.26 -4.57 71.20
CA ILE E 547 -32.27 -3.85 70.37
C ILE E 547 -33.57 -3.78 71.17
N ASP E 548 -33.93 -4.88 71.82
CA ASP E 548 -35.21 -4.99 72.57
C ASP E 548 -35.12 -4.06 73.77
N GLN E 549 -33.96 -4.10 74.43
CA GLN E 549 -33.67 -3.24 75.61
C GLN E 549 -33.96 -1.81 75.21
N MET E 550 -33.45 -1.40 74.04
CA MET E 550 -33.69 -0.06 73.46
C MET E 550 -35.19 0.13 73.28
N GLU E 551 -35.84 -0.88 72.69
CA GLU E 551 -37.30 -0.89 72.42
C GLU E 551 -38.05 -0.70 73.75
N GLN E 552 -37.65 -1.45 74.77
CA GLN E 552 -38.25 -1.43 76.13
C GLN E 552 -38.15 0.00 76.68
N GLN E 553 -36.97 0.60 76.54
CA GLN E 553 -36.65 1.98 77.02
C GLN E 553 -37.60 2.98 76.35
N ASP F 1 -108.36 16.33 -16.32
CA ASP F 1 -108.06 16.99 -17.64
C ASP F 1 -107.12 18.18 -17.46
N ASN F 2 -106.59 18.39 -16.25
CA ASN F 2 -105.66 19.51 -15.97
C ASN F 2 -104.40 19.34 -16.82
N VAL F 3 -103.71 20.44 -17.10
CA VAL F 3 -102.41 20.41 -17.82
C VAL F 3 -101.29 20.68 -16.82
N ILE F 4 -100.48 19.65 -16.57
CA ILE F 4 -99.28 19.71 -15.70
C ILE F 4 -98.14 18.98 -16.40
N THR F 5 -96.91 19.31 -16.03
CA THR F 5 -95.67 18.64 -16.51
C THR F 5 -95.23 17.61 -15.46
N ARG F 6 -94.78 16.44 -15.89
CA ARG F 6 -94.26 15.40 -14.97
C ARG F 6 -92.82 15.07 -15.34
N VAL F 7 -91.94 15.10 -14.34
CA VAL F 7 -90.48 14.84 -14.50
C VAL F 7 -90.15 13.53 -13.78
N VAL F 8 -89.88 12.48 -14.55
CA VAL F 8 -89.64 11.11 -14.00
C VAL F 8 -88.43 10.50 -14.73
N ALA F 9 -87.78 9.52 -14.12
CA ALA F 9 -86.50 8.97 -14.61
C ALA F 9 -86.71 7.61 -15.30
N VAL F 10 -85.91 7.36 -16.32
CA VAL F 10 -85.55 5.99 -16.74
C VAL F 10 -84.03 5.89 -16.74
N ARG F 11 -83.51 5.23 -15.71
CA ARG F 11 -82.07 5.12 -15.39
C ARG F 11 -81.38 4.20 -16.42
N ASN F 12 -82.12 3.25 -17.02
CA ASN F 12 -81.60 1.99 -17.63
C ASN F 12 -80.97 2.25 -19.01
N VAL F 13 -81.72 2.88 -19.93
CA VAL F 13 -81.18 3.28 -21.26
C VAL F 13 -81.80 4.62 -21.68
N SER F 14 -81.11 5.34 -22.55
CA SER F 14 -81.53 6.67 -23.05
C SER F 14 -82.98 6.61 -23.53
N VAL F 15 -83.78 7.60 -23.14
CA VAL F 15 -85.27 7.58 -23.27
C VAL F 15 -85.65 8.12 -24.65
N ARG F 16 -84.69 8.60 -25.44
CA ARG F 16 -84.92 8.94 -26.88
C ARG F 16 -85.51 7.73 -27.60
N GLU F 17 -85.19 6.53 -27.11
CA GLU F 17 -85.70 5.23 -27.61
C GLU F 17 -87.24 5.23 -27.63
N LEU F 18 -87.90 6.04 -26.79
CA LEU F 18 -89.38 6.03 -26.66
C LEU F 18 -90.02 7.20 -27.42
N SER F 19 -89.25 8.01 -28.15
CA SER F 19 -89.79 9.25 -28.78
C SER F 19 -90.97 8.94 -29.71
N PRO F 20 -90.92 7.91 -30.59
CA PRO F 20 -92.02 7.70 -31.55
C PRO F 20 -93.33 7.26 -30.89
N LEU F 21 -93.24 6.34 -29.92
CA LEU F 21 -94.41 5.67 -29.29
C LEU F 21 -95.04 6.65 -28.27
N LEU F 22 -94.20 7.45 -27.61
CA LEU F 22 -94.68 8.50 -26.68
C LEU F 22 -95.40 9.60 -27.49
N ARG F 23 -94.84 10.03 -28.62
CA ARG F 23 -95.56 10.96 -29.53
C ARG F 23 -96.78 10.25 -30.13
N GLN F 24 -96.86 8.93 -29.99
CA GLN F 24 -98.10 8.17 -30.33
C GLN F 24 -99.19 8.54 -29.31
N LEU F 25 -98.85 8.62 -28.02
CA LEU F 25 -99.79 9.11 -26.97
C LEU F 25 -99.91 10.64 -27.04
N ILE F 26 -98.97 11.34 -27.70
CA ILE F 26 -99.14 12.79 -27.99
C ILE F 26 -100.06 12.92 -29.21
N ASP F 27 -100.09 11.89 -30.06
CA ASP F 27 -101.04 11.77 -31.19
C ASP F 27 -102.35 11.13 -30.72
N ASN F 28 -102.29 10.05 -29.92
CA ASN F 28 -103.48 9.24 -29.52
C ASN F 28 -104.61 10.15 -28.99
N ALA F 29 -104.27 11.26 -28.34
CA ALA F 29 -105.24 12.26 -27.84
C ALA F 29 -104.74 13.67 -28.16
N GLY F 30 -105.37 14.69 -27.58
CA GLY F 30 -105.10 16.12 -27.86
C GLY F 30 -103.66 16.51 -27.57
N ALA F 31 -103.13 17.48 -28.31
CA ALA F 31 -101.75 18.02 -28.16
C ALA F 31 -101.78 19.27 -27.28
N GLY F 32 -100.66 20.00 -27.23
CA GLY F 32 -100.29 20.87 -26.09
C GLY F 32 -99.27 20.17 -25.21
N ASN F 33 -99.07 18.87 -25.43
CA ASN F 33 -98.05 18.05 -24.75
C ASN F 33 -96.64 18.53 -25.16
N VAL F 34 -95.66 18.21 -24.32
CA VAL F 34 -94.26 17.95 -24.75
C VAL F 34 -93.82 16.66 -24.06
N VAL F 35 -92.93 15.91 -24.68
CA VAL F 35 -92.09 14.92 -23.95
C VAL F 35 -90.65 15.11 -24.40
N HIS F 36 -89.84 15.66 -23.52
CA HIS F 36 -88.44 16.06 -23.83
C HIS F 36 -87.48 15.20 -23.00
N TYR F 37 -86.50 14.61 -23.68
CA TYR F 37 -85.64 13.54 -23.13
C TYR F 37 -84.26 14.12 -22.88
N ASP F 38 -83.94 14.41 -21.63
CA ASP F 38 -82.68 15.14 -21.32
C ASP F 38 -81.52 14.17 -21.37
N PRO F 39 -80.48 14.46 -22.17
CA PRO F 39 -79.28 13.63 -22.22
C PRO F 39 -78.56 13.45 -20.87
N ALA F 40 -78.96 14.22 -19.85
CA ALA F 40 -78.60 13.97 -18.43
C ALA F 40 -79.31 12.72 -17.93
N ASN F 41 -80.25 12.19 -18.73
CA ASN F 41 -81.07 10.98 -18.42
C ASN F 41 -81.99 11.27 -17.23
N ILE F 42 -82.96 12.18 -17.42
CA ILE F 42 -84.28 12.24 -16.73
C ILE F 42 -85.32 12.45 -17.83
N ILE F 43 -86.58 12.73 -17.47
CA ILE F 43 -87.71 12.67 -18.43
C ILE F 43 -88.69 13.81 -18.16
N LEU F 44 -89.12 14.49 -19.22
CA LEU F 44 -90.13 15.58 -19.17
C LEU F 44 -91.37 15.17 -19.96
N ILE F 45 -92.54 15.29 -19.33
CA ILE F 45 -93.86 15.40 -20.03
C ILE F 45 -94.49 16.73 -19.64
N THR F 46 -95.37 17.24 -20.50
CA THR F 46 -96.26 18.38 -20.19
C THR F 46 -97.60 18.15 -20.90
N GLY F 47 -98.72 18.41 -20.22
CA GLY F 47 -100.07 18.27 -20.81
C GLY F 47 -101.08 17.70 -19.82
N ARG F 48 -102.14 17.08 -20.35
CA ARG F 48 -103.26 16.53 -19.55
C ARG F 48 -102.74 15.40 -18.66
N ALA F 49 -103.02 15.51 -17.36
CA ALA F 49 -102.55 14.61 -16.29
C ALA F 49 -102.85 13.16 -16.66
N ALA F 50 -103.93 12.90 -17.41
CA ALA F 50 -104.32 11.55 -17.85
C ALA F 50 -103.31 11.03 -18.87
N VAL F 51 -103.12 11.77 -19.96
CA VAL F 51 -102.26 11.34 -21.09
C VAL F 51 -100.80 11.49 -20.66
N VAL F 52 -100.51 12.46 -19.81
CA VAL F 52 -99.17 12.60 -19.15
C VAL F 52 -98.97 11.40 -18.22
N ASN F 53 -100.06 10.88 -17.65
CA ASN F 53 -100.02 9.73 -16.72
C ASN F 53 -99.70 8.47 -17.54
N ARG F 54 -100.36 8.31 -18.68
CA ARG F 54 -100.15 7.14 -19.58
C ARG F 54 -98.75 7.24 -20.17
N LEU F 55 -98.32 8.45 -20.51
CA LEU F 55 -96.96 8.71 -21.06
C LEU F 55 -95.92 8.34 -20.01
N ALA F 56 -96.19 8.65 -18.74
CA ALA F 56 -95.27 8.39 -17.62
C ALA F 56 -95.30 6.90 -17.29
N GLU F 57 -96.32 6.18 -17.78
CA GLU F 57 -96.53 4.75 -17.49
C GLU F 57 -95.72 3.92 -18.49
N ILE F 58 -95.73 4.28 -19.79
CA ILE F 58 -94.76 3.71 -20.77
C ILE F 58 -93.35 4.10 -20.29
N ILE F 59 -93.15 5.39 -20.04
CA ILE F 59 -91.88 5.96 -19.55
C ILE F 59 -91.42 5.18 -18.30
N LYS F 60 -92.21 5.21 -17.22
CA LYS F 60 -91.87 4.45 -15.99
C LYS F 60 -91.84 2.95 -16.31
N ARG F 61 -92.37 2.55 -17.46
CA ARG F 61 -92.37 1.12 -17.85
C ARG F 61 -91.01 0.80 -18.47
N VAL F 62 -90.24 1.83 -18.83
CA VAL F 62 -88.81 1.65 -19.17
C VAL F 62 -87.94 2.07 -17.99
N ASP F 63 -88.49 2.81 -17.02
CA ASP F 63 -87.80 3.07 -15.72
C ASP F 63 -87.68 1.74 -14.97
N GLN F 64 -88.79 1.25 -14.43
CA GLN F 64 -88.86 0.00 -13.63
C GLN F 64 -88.29 -1.15 -14.48
N ALA F 65 -88.23 -0.96 -15.80
CA ALA F 65 -87.77 -2.01 -16.74
C ALA F 65 -86.29 -2.32 -16.48
N GLY F 66 -85.50 -1.29 -16.20
CA GLY F 66 -84.06 -1.44 -15.92
C GLY F 66 -83.59 -0.51 -14.83
N ASN F 67 -84.17 -0.61 -13.63
CA ASN F 67 -83.75 0.26 -12.49
C ASN F 67 -82.38 -0.21 -12.00
N ARG F 68 -81.64 0.69 -11.36
CA ARG F 68 -80.27 0.41 -10.88
C ARG F 68 -80.01 1.13 -9.57
N GLU F 69 -79.78 0.36 -8.50
CA GLU F 69 -79.44 0.92 -7.16
C GLU F 69 -78.03 0.48 -6.78
N ILE F 70 -77.68 0.65 -5.50
CA ILE F 70 -76.33 0.25 -4.99
C ILE F 70 -76.48 -0.30 -3.57
N GLU F 71 -75.48 -1.10 -3.18
CA GLU F 71 -75.43 -1.70 -1.82
C GLU F 71 -74.06 -1.42 -1.21
N VAL F 72 -73.99 -1.48 0.11
CA VAL F 72 -72.73 -1.39 0.88
C VAL F 72 -72.81 -2.42 2.00
N VAL F 73 -72.00 -3.49 1.92
CA VAL F 73 -72.11 -4.61 2.88
C VAL F 73 -70.71 -5.04 3.32
N GLU F 74 -70.59 -5.35 4.60
CA GLU F 74 -69.28 -5.65 5.25
C GLU F 74 -68.76 -6.98 4.73
N LEU F 75 -67.49 -7.00 4.41
CA LEU F 75 -66.71 -8.24 4.27
C LEU F 75 -65.67 -8.26 5.39
N GLY F 76 -66.02 -8.86 6.54
CA GLY F 76 -65.15 -8.89 7.73
C GLY F 76 -63.84 -9.60 7.44
N ASN F 77 -63.79 -10.39 6.37
CA ASN F 77 -62.79 -11.46 6.20
C ASN F 77 -62.13 -11.33 4.83
N ALA F 78 -62.79 -11.81 3.79
CA ALA F 78 -62.22 -11.94 2.42
C ALA F 78 -61.83 -10.55 1.90
N SER F 79 -60.65 -10.43 1.32
CA SER F 79 -60.21 -9.12 0.75
C SER F 79 -61.22 -8.67 -0.31
N ALA F 80 -61.78 -7.49 -0.10
CA ALA F 80 -62.72 -6.89 -1.06
C ALA F 80 -62.10 -7.01 -2.46
N ALA F 81 -60.95 -6.36 -2.67
CA ALA F 81 -60.27 -6.35 -3.98
C ALA F 81 -60.23 -7.78 -4.54
N GLU F 82 -60.09 -8.77 -3.66
CA GLU F 82 -60.21 -10.18 -4.11
C GLU F 82 -61.66 -10.44 -4.50
N MET F 83 -62.61 -10.12 -3.63
CA MET F 83 -64.04 -10.36 -3.98
C MET F 83 -64.31 -9.74 -5.35
N VAL F 84 -63.84 -8.51 -5.53
CA VAL F 84 -63.83 -7.80 -6.83
C VAL F 84 -63.30 -8.78 -7.89
N ARG F 85 -62.01 -9.10 -7.83
CA ARG F 85 -61.33 -9.90 -8.89
C ARG F 85 -62.21 -11.11 -9.21
N ILE F 86 -62.69 -11.77 -8.16
CA ILE F 86 -63.22 -13.16 -8.29
C ILE F 86 -64.66 -13.07 -8.79
N VAL F 87 -65.26 -11.89 -8.69
CA VAL F 87 -66.53 -11.62 -9.40
C VAL F 87 -66.21 -11.06 -10.78
N ASP F 88 -65.03 -10.50 -10.98
CA ASP F 88 -64.70 -9.78 -12.24
C ASP F 88 -64.84 -10.76 -13.41
N ALA F 89 -64.41 -12.00 -13.18
CA ALA F 89 -64.58 -13.14 -14.11
C ALA F 89 -66.04 -13.22 -14.55
N LEU F 90 -66.97 -12.87 -13.66
CA LEU F 90 -68.43 -12.94 -13.96
C LEU F 90 -68.78 -11.79 -14.91
N ASN F 91 -69.62 -12.06 -15.90
CA ASN F 91 -69.80 -11.15 -17.06
C ASN F 91 -71.29 -10.99 -17.34
N LYS F 106 -71.25 -3.44 -11.29
CA LYS F 106 -69.83 -3.68 -10.95
C LYS F 106 -69.66 -3.65 -9.42
N LEU F 107 -68.45 -3.35 -8.94
CA LEU F 107 -67.98 -3.78 -7.59
C LEU F 107 -67.08 -2.73 -6.97
N VAL F 108 -67.20 -2.56 -5.65
CA VAL F 108 -66.22 -1.83 -4.82
C VAL F 108 -66.14 -2.51 -3.46
N ALA F 109 -65.31 -1.94 -2.57
CA ALA F 109 -65.36 -2.17 -1.12
C ALA F 109 -64.50 -1.11 -0.40
N ASP F 110 -64.49 -1.17 0.93
CA ASP F 110 -63.50 -0.41 1.72
C ASP F 110 -62.89 -1.33 2.78
N GLU F 111 -61.57 -1.26 2.94
CA GLU F 111 -60.90 -1.98 4.04
C GLU F 111 -60.63 -1.05 5.22
N ARG F 112 -61.11 0.21 5.22
CA ARG F 112 -61.33 0.91 6.52
C ARG F 112 -62.43 0.15 7.25
N THR F 113 -63.53 -0.06 6.55
CA THR F 113 -64.74 -0.76 7.03
C THR F 113 -64.60 -2.27 6.75
N ASN F 114 -63.92 -2.62 5.67
CA ASN F 114 -63.99 -3.99 5.09
C ASN F 114 -65.44 -4.29 4.72
N SER F 115 -65.94 -3.60 3.70
CA SER F 115 -67.35 -3.66 3.26
C SER F 115 -67.43 -3.64 1.74
N ILE F 116 -68.14 -4.62 1.19
CA ILE F 116 -68.46 -4.64 -0.27
C ILE F 116 -69.37 -3.45 -0.55
N LEU F 117 -69.00 -2.69 -1.56
CA LEU F 117 -69.90 -1.72 -2.19
C LEU F 117 -70.29 -2.29 -3.54
N ILE F 118 -71.47 -1.93 -4.03
CA ILE F 118 -71.86 -2.41 -5.38
C ILE F 118 -72.21 -1.21 -6.25
N SER F 119 -72.03 -1.37 -7.55
CA SER F 119 -72.62 -0.49 -8.59
C SER F 119 -73.40 -1.34 -9.57
N GLY F 120 -74.73 -1.29 -9.51
CA GLY F 120 -75.59 -1.90 -10.53
C GLY F 120 -76.89 -2.39 -9.95
N ASP F 121 -77.44 -3.46 -10.56
CA ASP F 121 -78.88 -3.81 -10.55
C ASP F 121 -79.33 -4.10 -9.13
N PRO F 122 -80.63 -3.92 -8.83
CA PRO F 122 -81.26 -4.66 -7.75
C PRO F 122 -81.40 -6.16 -8.03
N LYS F 123 -81.13 -6.59 -9.27
CA LYS F 123 -80.75 -8.00 -9.54
C LYS F 123 -79.29 -8.20 -9.10
N VAL F 124 -78.43 -7.23 -9.39
CA VAL F 124 -77.04 -7.23 -8.86
C VAL F 124 -77.12 -7.09 -7.33
N ARG F 125 -78.20 -6.50 -6.82
CA ARG F 125 -78.39 -6.39 -5.35
C ARG F 125 -78.85 -7.73 -4.78
N ASP F 126 -79.73 -8.45 -5.50
CA ASP F 126 -80.15 -9.81 -5.07
C ASP F 126 -78.94 -10.74 -5.09
N ARG F 127 -78.35 -10.93 -6.27
CA ARG F 127 -77.28 -11.95 -6.46
C ARG F 127 -76.02 -11.51 -5.70
N LEU F 128 -75.79 -10.20 -5.59
CA LEU F 128 -74.53 -9.80 -4.92
C LEU F 128 -74.76 -9.47 -3.45
N LYS F 129 -75.99 -9.53 -2.96
CA LYS F 129 -76.14 -9.82 -1.52
C LYS F 129 -75.97 -11.32 -1.30
N ARG F 130 -76.36 -12.13 -2.29
CA ARG F 130 -76.04 -13.57 -2.24
C ARG F 130 -74.52 -13.73 -2.06
N LEU F 131 -73.71 -12.99 -2.81
CA LEU F 131 -72.23 -13.18 -2.78
C LEU F 131 -71.62 -12.31 -1.68
N ILE F 132 -72.36 -11.29 -1.22
CA ILE F 132 -72.07 -10.67 0.10
C ILE F 132 -71.97 -11.82 1.11
N ARG F 133 -72.96 -12.70 1.09
CA ARG F 133 -73.10 -13.75 2.13
C ARG F 133 -72.16 -14.90 1.79
N GLN F 134 -72.00 -15.20 0.50
CA GLN F 134 -71.35 -16.48 0.08
C GLN F 134 -69.94 -16.52 0.70
N LEU F 135 -69.08 -15.56 0.42
CA LEU F 135 -67.71 -15.60 0.97
C LEU F 135 -67.60 -14.59 2.09
N ASP F 136 -68.26 -14.92 3.20
CA ASP F 136 -68.09 -14.22 4.49
C ASP F 136 -67.47 -15.16 5.54
N VAL F 137 -67.56 -16.47 5.33
CA VAL F 137 -67.60 -17.54 6.38
C VAL F 137 -66.26 -17.63 7.14
N GLU F 138 -66.01 -18.80 7.75
CA GLU F 138 -64.75 -19.15 8.46
C GLU F 138 -63.53 -18.85 7.59
N MET F 139 -62.40 -18.61 8.22
CA MET F 139 -61.10 -18.37 7.52
C MET F 139 -60.37 -19.71 7.38
N ALA F 140 -60.89 -20.74 8.04
CA ALA F 140 -60.49 -22.17 7.89
C ALA F 140 -59.10 -22.42 8.51
N SER F 141 -58.63 -21.52 9.40
CA SER F 141 -57.42 -21.72 10.24
C SER F 141 -56.27 -22.28 9.42
N LYS F 142 -55.75 -21.47 8.50
CA LYS F 142 -54.75 -21.86 7.48
C LYS F 142 -53.57 -22.56 8.19
N GLY F 143 -53.30 -22.16 9.43
CA GLY F 143 -52.09 -22.59 10.14
C GLY F 143 -50.87 -22.51 9.23
N ASN F 144 -50.80 -21.46 8.42
CA ASN F 144 -49.72 -21.21 7.43
C ASN F 144 -48.38 -21.56 8.05
N ASN F 145 -48.21 -21.21 9.33
CA ASN F 145 -46.98 -21.50 10.10
C ASN F 145 -47.33 -22.32 11.34
N ARG F 146 -46.39 -23.18 11.74
CA ARG F 146 -46.47 -24.05 12.95
C ARG F 146 -45.13 -23.95 13.67
N VAL F 147 -45.10 -24.34 14.93
CA VAL F 147 -43.82 -24.36 15.68
C VAL F 147 -43.73 -25.74 16.31
N VAL F 148 -42.90 -26.58 15.70
CA VAL F 148 -42.74 -28.01 16.10
C VAL F 148 -41.66 -28.11 17.15
N TYR F 149 -42.04 -28.67 18.27
CA TYR F 149 -41.17 -28.86 19.44
C TYR F 149 -40.43 -30.16 19.22
N LEU F 150 -39.17 -30.05 18.82
CA LEU F 150 -38.25 -31.21 18.65
C LEU F 150 -38.22 -32.06 19.92
N LYS F 151 -38.48 -33.35 19.74
CA LYS F 151 -38.42 -34.39 20.79
C LYS F 151 -36.96 -34.75 21.12
N TYR F 152 -36.15 -35.23 20.19
CA TYR F 152 -34.78 -35.45 20.68
C TYR F 152 -33.77 -34.77 19.80
N ALA F 153 -34.02 -33.59 19.27
CA ALA F 153 -32.88 -33.18 18.46
C ALA F 153 -32.52 -31.73 18.66
N LYS F 154 -31.26 -31.41 18.43
CA LYS F 154 -30.98 -29.98 18.56
C LYS F 154 -31.53 -29.31 17.30
N ALA F 155 -32.33 -28.31 17.53
CA ALA F 155 -33.04 -27.68 16.42
C ALA F 155 -32.10 -26.69 15.76
N GLU F 156 -31.08 -26.27 16.50
CA GLU F 156 -30.12 -25.27 15.99
C GLU F 156 -29.48 -25.84 14.74
N ASP F 157 -29.52 -27.17 14.60
CA ASP F 157 -28.72 -27.92 13.60
C ASP F 157 -29.67 -28.52 12.57
N LEU F 158 -30.84 -28.87 13.02
CA LEU F 158 -31.88 -29.40 12.12
C LEU F 158 -32.31 -28.33 11.10
N VAL F 159 -32.42 -27.07 11.50
CA VAL F 159 -32.82 -25.97 10.56
C VAL F 159 -31.88 -25.93 9.36
N ASP F 160 -30.62 -26.25 9.60
CA ASP F 160 -29.59 -26.30 8.53
C ASP F 160 -30.02 -27.29 7.45
N VAL F 161 -30.48 -28.45 7.87
CA VAL F 161 -30.83 -29.56 6.96
C VAL F 161 -32.14 -29.23 6.29
N LEU F 162 -33.00 -28.51 6.97
CA LEU F 162 -34.35 -28.37 6.37
C LEU F 162 -34.29 -27.23 5.36
N LYS F 163 -33.19 -26.49 5.33
CA LYS F 163 -33.02 -25.36 4.38
C LYS F 163 -33.13 -25.89 2.95
N GLY F 164 -32.55 -27.05 2.69
CA GLY F 164 -32.49 -27.63 1.34
C GLY F 164 -33.80 -28.29 0.94
N VAL F 165 -34.48 -28.87 1.92
CA VAL F 165 -35.82 -29.50 1.74
C VAL F 165 -36.79 -28.35 1.57
N SER F 166 -36.43 -27.25 2.19
CA SER F 166 -37.44 -26.19 2.27
C SER F 166 -37.56 -25.51 0.91
N ASP F 167 -36.53 -24.74 0.54
CA ASP F 167 -36.51 -23.97 -0.73
C ASP F 167 -36.75 -24.92 -1.90
N ASN F 168 -35.98 -25.99 -1.97
CA ASN F 168 -36.02 -26.95 -3.11
C ASN F 168 -37.46 -27.43 -3.28
N LEU F 169 -38.09 -27.87 -2.18
CA LEU F 169 -39.46 -28.45 -2.26
C LEU F 169 -40.39 -27.42 -2.89
N GLN F 170 -40.33 -26.17 -2.41
CA GLN F 170 -41.19 -25.04 -2.89
C GLN F 170 -41.07 -24.91 -4.40
N ALA F 171 -39.85 -24.92 -4.93
CA ALA F 171 -39.57 -24.85 -6.39
C ALA F 171 -40.19 -26.04 -7.13
N VAL F 187 -41.22 -20.62 2.10
CA VAL F 187 -40.68 -21.61 3.09
C VAL F 187 -39.57 -20.95 3.91
N VAL F 188 -39.85 -20.52 5.14
CA VAL F 188 -38.75 -20.13 6.06
C VAL F 188 -38.83 -20.94 7.34
N ILE F 189 -37.80 -21.75 7.54
CA ILE F 189 -37.61 -22.61 8.74
C ILE F 189 -36.67 -21.87 9.68
N ALA F 190 -37.10 -21.65 10.91
CA ALA F 190 -36.22 -20.92 11.85
C ALA F 190 -36.21 -21.65 13.17
N ALA F 191 -35.04 -21.84 13.74
CA ALA F 191 -34.96 -22.67 14.97
C ALA F 191 -34.85 -21.73 16.16
N HIS F 192 -35.82 -21.79 17.06
CA HIS F 192 -35.77 -20.99 18.31
C HIS F 192 -35.01 -21.75 19.36
N GLN F 193 -33.75 -21.37 19.58
CA GLN F 193 -32.81 -22.09 20.49
C GLN F 193 -33.54 -22.49 21.75
N GLY F 194 -33.89 -21.46 22.52
CA GLY F 194 -34.52 -21.58 23.83
C GLY F 194 -35.24 -22.92 24.02
N THR F 195 -36.27 -23.18 23.24
CA THR F 195 -37.26 -24.23 23.54
C THR F 195 -36.91 -25.50 22.76
N ASN F 196 -35.77 -25.43 22.07
CA ASN F 196 -35.32 -26.44 21.09
C ASN F 196 -36.52 -26.78 20.25
N SER F 197 -37.14 -25.73 19.72
CA SER F 197 -38.32 -25.83 18.84
C SER F 197 -38.02 -25.00 17.64
N LEU F 198 -38.09 -25.64 16.48
CA LEU F 198 -37.86 -24.84 15.26
C LEU F 198 -39.21 -24.48 14.69
N VAL F 199 -39.28 -23.22 14.27
CA VAL F 199 -40.50 -22.54 13.79
C VAL F 199 -40.47 -22.62 12.28
N LEU F 200 -41.49 -23.27 11.75
CA LEU F 200 -41.63 -23.49 10.30
C LEU F 200 -42.67 -22.52 9.78
N THR F 201 -42.39 -21.83 8.69
CA THR F 201 -43.42 -21.06 7.98
C THR F 201 -43.36 -21.45 6.52
N ALA F 202 -44.25 -22.40 6.24
CA ALA F 202 -44.34 -23.27 5.04
C ALA F 202 -45.59 -22.87 4.23
N PRO F 203 -45.71 -23.19 2.91
CA PRO F 203 -46.99 -23.66 2.34
C PRO F 203 -47.45 -24.99 2.87
N PRO F 204 -48.74 -25.32 2.76
CA PRO F 204 -49.31 -26.40 3.57
C PRO F 204 -48.72 -27.76 3.19
N ASP F 205 -48.42 -27.94 1.93
CA ASP F 205 -47.72 -29.20 1.51
C ASP F 205 -46.29 -29.15 2.01
N ILE F 206 -45.54 -28.15 1.58
CA ILE F 206 -44.15 -27.97 2.07
C ILE F 206 -44.16 -28.20 3.59
N MET F 207 -45.23 -27.79 4.28
CA MET F 207 -45.34 -27.88 5.75
C MET F 207 -45.49 -29.35 6.10
N LEU F 208 -46.57 -29.96 5.64
CA LEU F 208 -46.77 -31.42 5.82
C LEU F 208 -45.50 -32.16 5.40
N ALA F 209 -44.69 -31.60 4.50
CA ALA F 209 -43.47 -32.30 4.07
C ALA F 209 -42.38 -32.13 5.14
N LEU F 210 -42.04 -30.88 5.46
CA LEU F 210 -41.00 -30.57 6.48
C LEU F 210 -41.36 -31.36 7.73
N GLN F 211 -42.64 -31.55 8.00
CA GLN F 211 -43.08 -32.19 9.25
C GLN F 211 -42.70 -33.68 9.18
N GLU F 212 -42.71 -34.26 7.99
CA GLU F 212 -42.46 -35.70 7.82
C GLU F 212 -40.94 -35.94 7.81
N VAL F 213 -40.20 -34.88 7.55
CA VAL F 213 -38.71 -34.94 7.50
C VAL F 213 -38.19 -34.79 8.91
N ILE F 214 -38.82 -33.93 9.68
CA ILE F 214 -38.36 -33.56 11.04
C ILE F 214 -38.71 -34.71 11.96
N THR F 215 -39.76 -35.44 11.61
CA THR F 215 -40.26 -36.53 12.47
C THR F 215 -39.35 -37.76 12.29
N GLN F 216 -38.61 -37.81 11.19
CA GLN F 216 -37.74 -38.96 10.90
C GLN F 216 -36.29 -38.61 11.23
N LEU F 217 -35.96 -37.33 11.34
CA LEU F 217 -34.60 -36.91 11.77
C LEU F 217 -34.58 -36.76 13.27
N ASP F 218 -35.75 -36.79 13.85
CA ASP F 218 -35.88 -36.43 15.26
C ASP F 218 -35.95 -37.71 16.09
N ILE F 219 -35.27 -38.76 15.66
CA ILE F 219 -35.24 -40.00 16.47
C ILE F 219 -34.22 -39.81 17.56
N ARG F 220 -34.35 -40.57 18.64
CA ARG F 220 -33.36 -40.55 19.75
C ARG F 220 -32.05 -41.07 19.20
N ARG F 221 -30.94 -40.63 19.77
CA ARG F 221 -29.65 -41.16 19.29
C ARG F 221 -29.19 -42.21 20.28
N ALA F 222 -28.79 -43.36 19.77
CA ALA F 222 -28.18 -44.34 20.68
C ALA F 222 -26.80 -43.84 21.09
N GLN F 223 -26.17 -44.49 22.06
CA GLN F 223 -24.86 -43.94 22.44
C GLN F 223 -23.88 -45.04 22.80
N VAL F 224 -22.63 -44.82 22.42
CA VAL F 224 -21.61 -45.88 22.56
C VAL F 224 -20.69 -45.58 23.74
N LEU F 225 -20.39 -46.59 24.51
CA LEU F 225 -19.36 -46.51 25.56
C LEU F 225 -18.04 -47.05 25.01
N ILE F 226 -17.24 -46.17 24.40
CA ILE F 226 -15.96 -46.51 23.75
C ILE F 226 -14.95 -46.81 24.83
N GLU F 227 -14.76 -48.06 25.14
CA GLU F 227 -13.70 -48.40 26.12
C GLU F 227 -12.48 -48.85 25.34
N ALA F 228 -11.50 -47.98 25.20
CA ALA F 228 -10.15 -48.37 24.70
C ALA F 228 -9.35 -49.09 25.78
N LEU F 229 -8.30 -49.80 25.38
CA LEU F 229 -7.63 -50.75 26.29
C LEU F 229 -6.19 -50.91 25.88
N ILE F 230 -5.39 -49.95 26.26
CA ILE F 230 -4.00 -49.81 25.82
C ILE F 230 -3.12 -50.61 26.75
N VAL F 231 -2.41 -51.57 26.21
CA VAL F 231 -1.64 -52.51 27.06
C VAL F 231 -0.20 -52.38 26.60
N GLU F 232 0.60 -51.57 27.29
CA GLU F 232 2.05 -51.42 27.02
C GLU F 232 2.93 -52.25 27.94
N MET F 233 3.42 -53.36 27.46
CA MET F 233 4.08 -54.37 28.30
C MET F 233 5.54 -54.56 27.86
N ALA F 234 6.49 -53.97 28.58
CA ALA F 234 7.91 -53.81 28.18
C ALA F 234 8.84 -54.51 29.17
N GLU F 235 9.84 -55.17 28.64
CA GLU F 235 10.65 -56.14 29.40
C GLU F 235 12.05 -56.04 28.86
N GLY F 236 12.99 -55.66 29.72
CA GLY F 236 14.38 -55.37 29.35
C GLY F 236 15.33 -56.18 30.20
N ASP F 237 16.40 -56.65 29.59
CA ASP F 237 17.35 -57.56 30.26
C ASP F 237 18.71 -57.27 29.68
N GLY F 238 19.61 -56.76 30.50
CA GLY F 238 20.99 -56.44 30.10
C GLY F 238 21.98 -57.15 31.00
N VAL F 239 23.05 -57.61 30.40
CA VAL F 239 24.21 -58.14 31.14
C VAL F 239 25.47 -57.46 30.67
N ASN F 240 26.11 -56.64 31.48
CA ASN F 240 27.48 -56.16 31.19
C ASN F 240 28.47 -56.94 32.05
N LEU F 241 29.44 -57.55 31.40
CA LEU F 241 30.48 -58.23 32.19
C LEU F 241 31.82 -58.09 31.53
N GLY F 242 32.76 -57.52 32.24
CA GLY F 242 33.94 -57.13 31.49
C GLY F 242 35.03 -56.70 32.41
N VAL F 243 36.19 -57.25 32.20
CA VAL F 243 37.20 -57.13 33.26
C VAL F 243 38.33 -56.28 32.75
N GLN F 244 38.72 -55.30 33.51
CA GLN F 244 39.70 -54.38 32.92
C GLN F 244 40.94 -54.43 33.74
N TRP F 245 42.03 -54.74 33.08
CA TRP F 245 43.33 -54.73 33.76
C TRP F 245 43.93 -53.34 33.64
N GLY F 246 44.79 -52.92 34.56
CA GLY F 246 45.46 -51.61 34.45
C GLY F 246 46.67 -51.47 35.34
N ASN F 247 47.70 -50.84 34.81
CA ASN F 247 48.94 -50.56 35.56
C ASN F 247 49.37 -49.15 35.21
N LEU F 248 49.13 -48.21 36.13
CA LEU F 248 49.34 -46.78 35.83
C LEU F 248 50.80 -46.37 36.10
N GLU F 249 51.58 -47.09 36.92
CA GLU F 249 53.03 -46.82 37.10
C GLU F 249 53.68 -46.66 35.72
N THR F 250 53.43 -47.63 34.86
CA THR F 250 53.86 -47.65 33.45
C THR F 250 52.64 -47.84 32.55
N GLY F 251 51.89 -46.75 32.31
CA GLY F 251 50.66 -46.58 31.51
C GLY F 251 50.25 -47.80 30.71
N ALA F 252 49.71 -48.82 31.36
CA ALA F 252 49.35 -50.08 30.68
C ALA F 252 47.93 -50.36 31.02
N VAL F 253 47.04 -50.08 30.13
CA VAL F 253 45.64 -50.39 30.49
C VAL F 253 45.15 -51.46 29.53
N ILE F 254 44.25 -52.27 30.01
CA ILE F 254 43.32 -52.96 29.09
C ILE F 254 41.95 -52.42 29.35
N GLN F 255 41.66 -51.27 28.82
CA GLN F 255 40.41 -50.61 29.23
C GLN F 255 39.31 -50.91 28.20
N TYR F 256 38.07 -50.77 28.65
CA TYR F 256 36.89 -50.87 27.78
C TYR F 256 35.96 -49.70 28.05
N SER F 257 35.47 -49.04 27.02
CA SER F 257 34.45 -47.98 27.21
C SER F 257 33.11 -48.66 27.44
N ASN F 258 32.96 -49.85 26.93
CA ASN F 258 31.59 -50.37 26.89
C ASN F 258 31.10 -50.61 28.32
N THR F 259 32.01 -50.76 29.28
CA THR F 259 31.56 -51.09 30.65
C THR F 259 31.30 -49.79 31.38
N GLY F 260 30.49 -49.82 32.42
CA GLY F 260 30.33 -48.59 33.22
C GLY F 260 31.59 -47.74 33.14
N THR F 261 32.60 -48.10 33.91
CA THR F 261 33.70 -47.14 34.08
C THR F 261 34.91 -47.68 33.37
N PRO F 262 35.79 -46.83 32.80
CA PRO F 262 37.07 -47.29 32.28
C PRO F 262 38.28 -47.18 33.21
N ILE F 263 39.08 -48.23 33.30
CA ILE F 263 40.03 -48.43 34.43
C ILE F 263 40.85 -47.15 34.57
N GLY F 264 41.03 -46.40 33.48
CA GLY F 264 41.89 -45.21 33.52
C GLY F 264 41.34 -44.23 34.55
N LYS F 265 40.13 -43.74 34.28
CA LYS F 265 39.43 -42.84 35.19
C LYS F 265 39.59 -43.39 36.61
N VAL F 266 39.42 -44.70 36.79
CA VAL F 266 39.33 -45.28 38.16
C VAL F 266 40.71 -45.23 38.79
N MET F 267 41.73 -45.64 38.07
CA MET F 267 43.09 -45.59 38.66
C MET F 267 43.53 -44.13 38.89
N VAL F 268 43.27 -43.25 37.92
CA VAL F 268 43.61 -41.82 38.14
C VAL F 268 42.90 -41.36 39.41
N GLY F 269 41.58 -41.62 39.49
CA GLY F 269 40.73 -41.19 40.61
C GLY F 269 41.30 -41.71 41.92
N LEU F 270 41.77 -42.94 41.89
CA LEU F 270 42.28 -43.57 43.12
C LEU F 270 43.57 -42.89 43.53
N GLU F 271 44.36 -42.46 42.56
CA GLU F 271 45.63 -41.80 42.93
C GLU F 271 45.32 -40.42 43.48
N GLU F 272 44.41 -39.70 42.83
CA GLU F 272 44.03 -38.36 43.33
C GLU F 272 43.42 -38.46 44.74
N ALA F 273 42.72 -39.56 45.05
CA ALA F 273 42.00 -39.74 46.34
C ALA F 273 43.02 -40.16 47.40
N LYS F 274 44.29 -40.36 47.00
CA LYS F 274 45.38 -40.74 47.93
C LYS F 274 45.95 -39.47 48.59
N ASP F 275 46.52 -39.59 49.78
CA ASP F 275 47.14 -38.45 50.52
C ASP F 275 48.55 -38.18 49.95
N LYS F 276 48.72 -37.05 49.25
CA LYS F 276 50.00 -36.57 48.65
C LYS F 276 50.88 -35.94 49.73
N THR F 277 52.16 -35.68 49.45
CA THR F 277 53.12 -35.03 50.39
C THR F 277 54.02 -34.04 49.62
N VAL F 278 53.96 -32.76 50.00
CA VAL F 278 54.76 -31.67 49.35
C VAL F 278 55.81 -31.18 50.36
N THR F 279 57.07 -31.56 50.18
CA THR F 279 58.15 -31.50 51.21
C THR F 279 58.81 -30.11 51.24
N SER F 294 58.15 -30.42 55.93
CA SER F 294 57.31 -31.47 55.30
C SER F 294 55.83 -31.23 55.66
N ARG F 295 54.99 -30.99 54.65
CA ARG F 295 53.51 -30.95 54.84
C ARG F 295 52.93 -32.29 54.35
N THR F 296 51.76 -32.68 54.86
CA THR F 296 50.91 -33.72 54.24
C THR F 296 49.61 -33.07 53.77
N GLU F 297 48.98 -33.66 52.76
CA GLU F 297 47.71 -33.15 52.21
C GLU F 297 46.81 -34.32 51.82
N ALA F 298 45.53 -34.16 52.09
CA ALA F 298 44.53 -35.20 51.77
C ALA F 298 43.93 -34.85 50.41
N GLY F 299 44.13 -35.76 49.49
CA GLY F 299 43.69 -35.62 48.10
C GLY F 299 42.19 -35.61 48.00
N ASP F 300 41.70 -34.91 46.96
CA ASP F 300 40.26 -34.81 46.66
C ASP F 300 39.84 -36.11 45.99
N TYR F 301 38.74 -36.62 46.48
CA TYR F 301 38.05 -37.78 45.86
C TYR F 301 37.08 -37.26 44.82
N SER F 302 37.34 -36.11 44.21
CA SER F 302 36.41 -35.48 43.24
C SER F 302 36.55 -36.20 41.90
N THR F 303 37.72 -36.78 41.65
CA THR F 303 38.01 -37.45 40.37
C THR F 303 37.55 -38.91 40.49
N LEU F 304 37.74 -39.49 41.66
CA LEU F 304 37.32 -40.89 41.90
C LEU F 304 35.80 -40.94 41.96
N ALA F 305 35.17 -39.90 42.48
CA ALA F 305 33.70 -39.84 42.58
C ALA F 305 33.12 -39.67 41.19
N ALA F 306 33.78 -38.94 40.30
CA ALA F 306 33.32 -38.76 38.90
C ALA F 306 33.47 -40.09 38.15
N ALA F 307 34.39 -40.95 38.57
CA ALA F 307 34.58 -42.26 37.91
C ALA F 307 33.52 -43.24 38.38
N LEU F 308 33.51 -43.48 39.68
CA LEU F 308 32.65 -44.50 40.32
C LEU F 308 31.21 -44.02 40.24
N ALA F 309 31.02 -42.76 39.88
CA ALA F 309 29.67 -42.15 39.94
C ALA F 309 28.77 -42.98 39.03
N GLY F 310 29.33 -43.35 37.89
CA GLY F 310 28.55 -43.85 36.76
C GLY F 310 28.60 -45.35 36.70
N VAL F 311 28.87 -45.99 37.81
CA VAL F 311 29.01 -47.47 37.74
C VAL F 311 27.74 -48.11 38.23
N ASN F 312 26.99 -48.63 37.30
CA ASN F 312 25.72 -49.25 37.72
C ASN F 312 25.95 -50.73 37.55
N GLY F 313 26.57 -51.31 38.54
CA GLY F 313 26.58 -52.77 38.69
C GLY F 313 27.49 -53.10 39.82
N ALA F 314 28.66 -53.56 39.47
CA ALA F 314 29.71 -54.02 40.39
C ALA F 314 31.04 -53.83 39.69
N ALA F 315 31.83 -52.87 40.19
CA ALA F 315 33.14 -52.45 39.62
C ALA F 315 34.24 -52.69 40.64
N MET F 316 34.58 -53.96 40.82
CA MET F 316 35.44 -54.41 41.93
C MET F 316 36.87 -54.43 41.40
N SER F 317 37.81 -54.09 42.25
CA SER F 317 39.25 -53.99 41.89
C SER F 317 40.03 -55.02 42.69
N LEU F 318 40.45 -56.11 42.05
CA LEU F 318 41.51 -57.01 42.55
C LEU F 318 42.86 -56.37 42.24
N VAL F 319 43.41 -55.64 43.20
CA VAL F 319 44.73 -54.97 43.04
C VAL F 319 45.83 -55.98 43.30
N MET F 320 46.44 -56.49 42.23
CA MET F 320 47.49 -57.54 42.31
C MET F 320 48.85 -56.90 42.02
N GLY F 321 49.73 -56.78 43.02
CA GLY F 321 51.01 -56.03 42.91
C GLY F 321 51.00 -54.97 41.82
N ASP F 322 50.12 -53.96 41.92
CA ASP F 322 50.29 -52.72 41.13
C ASP F 322 49.68 -52.89 39.73
N TRP F 323 49.13 -54.05 39.45
CA TRP F 323 48.22 -54.23 38.30
C TRP F 323 46.78 -54.32 38.78
N THR F 324 46.07 -53.20 38.70
CA THR F 324 44.69 -53.07 39.20
C THR F 324 43.76 -53.66 38.16
N ALA F 325 43.13 -54.77 38.50
CA ALA F 325 42.15 -55.43 37.64
C ALA F 325 40.72 -55.08 38.08
N LEU F 326 40.13 -54.07 37.47
CA LEU F 326 38.73 -53.70 37.73
C LEU F 326 37.80 -54.61 36.92
N ILE F 327 37.23 -55.58 37.64
CA ILE F 327 36.13 -56.48 37.20
C ILE F 327 34.78 -55.81 37.37
N SER F 328 34.00 -55.81 36.31
CA SER F 328 32.70 -55.11 36.28
C SER F 328 31.65 -56.11 35.83
N ALA F 329 30.51 -56.07 36.50
CA ALA F 329 29.39 -56.97 36.18
C ALA F 329 28.09 -56.29 36.61
N VAL F 330 27.10 -56.37 35.75
CA VAL F 330 25.74 -55.94 36.08
C VAL F 330 24.75 -56.70 35.21
N SER F 331 23.68 -57.25 35.80
CA SER F 331 22.63 -57.93 35.02
C SER F 331 21.31 -57.16 35.19
N SER F 332 21.30 -55.93 34.71
CA SER F 332 20.11 -55.04 34.66
C SER F 332 18.91 -55.75 34.03
N ASP F 333 17.99 -56.25 34.84
CA ASP F 333 16.77 -56.95 34.37
C ASP F 333 15.59 -56.04 34.71
N SER F 334 15.21 -55.19 33.76
CA SER F 334 14.00 -54.32 33.84
C SER F 334 12.73 -55.04 33.33
N ASN F 335 11.58 -54.40 33.52
CA ASN F 335 10.24 -55.01 33.33
C ASN F 335 9.16 -53.95 33.60
N SER F 336 8.22 -53.82 32.70
CA SER F 336 7.21 -52.73 32.69
C SER F 336 5.94 -53.35 32.14
N ASN F 337 4.81 -52.98 32.71
CA ASN F 337 3.58 -53.69 32.39
C ASN F 337 2.44 -52.70 32.59
N ILE F 338 2.37 -51.71 31.74
CA ILE F 338 1.39 -50.61 31.84
C ILE F 338 0.12 -51.03 31.13
N LEU F 339 -1.00 -50.76 31.75
CA LEU F 339 -2.26 -51.21 31.21
C LEU F 339 -3.33 -50.14 31.42
N SER F 340 -3.29 -49.10 30.60
CA SER F 340 -4.18 -47.94 30.76
C SER F 340 -5.36 -48.10 29.83
N SER F 341 -6.57 -48.04 30.34
CA SER F 341 -7.82 -48.17 29.54
C SER F 341 -8.72 -46.99 29.79
N PRO F 342 -8.88 -46.08 28.83
CA PRO F 342 -9.80 -44.99 28.93
C PRO F 342 -11.04 -45.26 28.09
N SER F 343 -12.19 -45.18 28.75
CA SER F 343 -13.50 -45.15 28.07
C SER F 343 -14.10 -43.76 28.08
N ILE F 344 -14.84 -43.53 27.04
CA ILE F 344 -15.57 -42.27 26.90
C ILE F 344 -16.92 -42.78 26.51
N THR F 345 -17.96 -42.04 26.85
CA THR F 345 -19.29 -42.36 26.33
C THR F 345 -19.66 -41.28 25.34
N VAL F 346 -20.20 -41.71 24.25
CA VAL F 346 -20.51 -40.61 23.33
C VAL F 346 -21.79 -40.91 22.59
N MET F 347 -22.41 -39.86 22.13
CA MET F 347 -23.66 -40.04 21.38
C MET F 347 -23.23 -40.38 19.97
N ASP F 348 -23.94 -41.33 19.37
CA ASP F 348 -23.55 -41.80 18.03
C ASP F 348 -23.41 -40.55 17.16
N ASN F 349 -22.32 -40.54 16.42
CA ASN F 349 -22.11 -39.57 15.34
C ASN F 349 -21.69 -38.25 15.94
N GLY F 350 -21.79 -38.12 17.27
CA GLY F 350 -21.11 -37.02 17.96
C GLY F 350 -19.63 -37.32 18.02
N GLU F 351 -18.80 -36.29 17.95
CA GLU F 351 -17.38 -36.45 18.35
C GLU F 351 -17.21 -36.31 19.85
N ALA F 352 -16.32 -37.11 20.40
CA ALA F 352 -16.01 -37.01 21.82
C ALA F 352 -14.55 -37.20 22.01
N SER F 353 -14.02 -36.30 22.80
CA SER F 353 -12.60 -36.28 23.15
C SER F 353 -12.53 -36.71 24.60
N PHE F 354 -11.35 -37.12 24.98
CA PHE F 354 -11.03 -37.54 26.35
C PHE F 354 -9.56 -37.38 26.51
N ILE F 355 -9.11 -36.72 27.53
CA ILE F 355 -7.65 -36.48 27.65
C ILE F 355 -7.30 -36.40 29.11
N VAL F 356 -6.49 -37.32 29.52
CA VAL F 356 -6.06 -37.41 30.91
C VAL F 356 -4.58 -37.33 30.89
N GLY F 357 -4.04 -36.19 31.27
CA GLY F 357 -2.81 -35.72 30.64
C GLY F 357 -2.19 -34.59 31.39
N GLU F 358 -1.43 -33.84 30.63
CA GLU F 358 -1.02 -32.50 31.04
C GLU F 358 -0.83 -31.69 29.79
N GLU F 359 -1.26 -30.46 29.87
CA GLU F 359 -0.91 -29.47 28.84
C GLU F 359 0.48 -28.95 29.17
N VAL F 360 1.53 -29.54 28.61
CA VAL F 360 2.88 -28.92 28.65
C VAL F 360 2.95 -27.88 27.56
N PRO F 361 3.50 -26.72 27.87
CA PRO F 361 3.78 -25.76 26.84
C PRO F 361 5.17 -26.01 26.25
N VAL F 362 5.24 -25.68 24.98
CA VAL F 362 6.40 -26.02 24.15
C VAL F 362 6.67 -24.88 23.22
N ILE F 363 7.94 -24.59 23.06
CA ILE F 363 8.39 -23.51 22.17
C ILE F 363 7.85 -23.79 20.78
N THR F 364 7.81 -22.73 19.98
CA THR F 364 7.54 -22.74 18.53
C THR F 364 8.24 -21.53 17.90
N VAL F 379 5.34 -19.82 21.90
CA VAL F 379 4.95 -20.88 22.89
C VAL F 379 3.50 -21.32 22.65
N ASP F 380 3.33 -22.56 22.24
CA ASP F 380 2.02 -23.20 22.18
C ASP F 380 1.95 -24.22 23.30
N ARG F 381 0.73 -24.59 23.66
CA ARG F 381 0.48 -25.43 24.86
C ARG F 381 -0.13 -26.75 24.40
N LYS F 382 0.68 -27.76 24.21
CA LYS F 382 0.16 -29.00 23.61
C LYS F 382 -0.09 -29.99 24.73
N GLU F 383 -1.23 -30.65 24.59
CA GLU F 383 -1.77 -31.63 25.56
C GLU F 383 -1.08 -32.97 25.38
N VAL F 384 -0.79 -33.62 26.46
CA VAL F 384 0.11 -34.76 26.20
C VAL F 384 -0.25 -35.77 27.21
N GLY F 385 -1.05 -36.73 26.81
CA GLY F 385 -1.49 -37.64 27.86
C GLY F 385 -2.03 -38.88 27.28
N ILE F 386 -2.84 -39.60 27.99
CA ILE F 386 -3.80 -40.52 27.33
C ILE F 386 -4.88 -39.67 26.68
N LYS F 387 -4.79 -39.39 25.40
CA LYS F 387 -5.93 -38.86 24.62
C LYS F 387 -6.65 -39.98 23.88
N LEU F 388 -7.92 -39.75 23.57
CA LEU F 388 -8.77 -40.71 22.86
C LEU F 388 -9.86 -39.94 22.20
N LYS F 389 -9.84 -39.77 20.90
CA LYS F 389 -10.85 -38.86 20.34
C LYS F 389 -11.69 -39.60 19.31
N VAL F 390 -12.77 -40.23 19.75
CA VAL F 390 -13.54 -41.12 18.87
C VAL F 390 -14.76 -40.41 18.32
N VAL F 391 -15.03 -40.60 17.04
CA VAL F 391 -16.30 -40.13 16.45
C VAL F 391 -17.09 -41.38 16.14
N PRO F 392 -17.66 -41.99 17.16
CA PRO F 392 -18.24 -43.30 17.00
C PRO F 392 -19.53 -43.11 16.22
N GLN F 393 -19.75 -43.94 15.21
CA GLN F 393 -20.91 -43.82 14.29
C GLN F 393 -21.57 -45.16 14.08
N ILE F 394 -22.62 -45.46 14.85
CA ILE F 394 -23.26 -46.80 14.91
C ILE F 394 -23.94 -47.12 13.58
N ASN F 395 -23.72 -48.34 13.09
CA ASN F 395 -24.20 -48.87 11.78
C ASN F 395 -25.40 -49.81 12.03
N GLU F 396 -26.11 -50.22 10.99
CA GLU F 396 -27.08 -51.35 11.05
C GLU F 396 -26.36 -52.64 11.52
N GLY F 397 -27.04 -53.54 12.24
CA GLY F 397 -26.45 -54.81 12.74
C GLY F 397 -25.65 -54.57 14.00
N ASP F 398 -25.95 -53.48 14.71
CA ASP F 398 -25.22 -53.04 15.92
C ASP F 398 -23.72 -53.22 15.67
N SER F 399 -23.20 -52.57 14.64
CA SER F 399 -21.77 -52.64 14.28
C SER F 399 -21.24 -51.24 14.30
N VAL F 400 -20.65 -50.85 15.43
CA VAL F 400 -20.14 -49.46 15.54
C VAL F 400 -18.89 -49.26 14.71
N GLN F 401 -18.88 -48.14 14.02
CA GLN F 401 -17.79 -47.74 13.12
C GLN F 401 -17.11 -46.48 13.63
N LEU F 402 -16.02 -46.66 14.38
CA LEU F 402 -15.28 -45.61 15.13
C LEU F 402 -14.26 -44.94 14.21
N ASN F 403 -14.16 -43.60 14.24
CA ASN F 403 -13.02 -42.85 13.63
C ASN F 403 -12.13 -42.31 14.74
N ILE F 404 -11.13 -43.09 15.14
CA ILE F 404 -10.46 -42.91 16.45
C ILE F 404 -9.09 -42.27 16.22
N GLU F 405 -8.72 -41.40 17.13
CA GLU F 405 -7.37 -40.86 17.25
C GLU F 405 -6.96 -41.14 18.68
N GLN F 406 -6.07 -42.09 18.90
CA GLN F 406 -5.68 -42.51 20.26
C GLN F 406 -4.18 -42.34 20.57
N GLU F 407 -3.85 -41.62 21.63
CA GLU F 407 -2.49 -41.09 21.81
C GLU F 407 -2.13 -41.38 23.21
N VAL F 408 -1.27 -42.30 23.44
CA VAL F 408 -0.69 -42.12 24.78
C VAL F 408 0.60 -41.40 24.61
N SER F 409 0.84 -40.41 25.43
CA SER F 409 2.04 -39.57 25.30
C SER F 409 2.36 -39.02 26.67
N ASN F 410 3.57 -38.50 26.83
CA ASN F 410 4.29 -38.71 28.09
C ASN F 410 5.54 -37.91 28.01
N VAL F 411 5.36 -36.61 28.08
CA VAL F 411 6.49 -35.64 28.09
C VAL F 411 7.64 -36.22 28.92
N LEU F 412 8.72 -36.46 28.22
CA LEU F 412 10.03 -36.93 28.72
C LEU F 412 10.93 -35.71 28.72
N GLY F 413 12.21 -35.90 29.00
CA GLY F 413 13.22 -34.83 28.87
C GLY F 413 13.41 -34.42 27.42
N ALA F 414 14.13 -33.31 27.26
CA ALA F 414 14.69 -32.91 25.95
C ALA F 414 16.21 -33.16 25.88
N ASN F 415 16.68 -34.37 26.15
CA ASN F 415 18.13 -34.64 26.06
C ASN F 415 18.76 -33.55 25.18
N GLY F 416 18.54 -33.60 23.88
CA GLY F 416 19.40 -32.88 22.94
C GLY F 416 18.66 -31.63 22.52
N ALA F 417 17.35 -31.81 22.50
CA ALA F 417 16.51 -30.95 21.67
C ALA F 417 16.32 -29.63 22.42
N VAL F 418 15.99 -28.60 21.65
CA VAL F 418 15.61 -27.24 22.10
C VAL F 418 14.70 -27.37 23.31
N ASP F 419 13.47 -27.77 23.06
CA ASP F 419 12.44 -27.87 24.10
C ASP F 419 12.34 -29.32 24.55
N VAL F 420 11.29 -29.60 25.30
CA VAL F 420 10.97 -30.96 25.78
C VAL F 420 10.46 -31.81 24.64
N ARG F 421 10.97 -33.02 24.59
CA ARG F 421 10.57 -34.12 23.68
C ARG F 421 9.43 -34.85 24.37
N PHE F 422 8.25 -34.83 23.76
CA PHE F 422 7.08 -35.69 24.09
C PHE F 422 7.24 -37.08 23.52
N ALA F 423 6.96 -38.08 24.33
CA ALA F 423 7.04 -39.47 23.88
C ALA F 423 5.64 -39.93 23.63
N LYS F 424 5.40 -40.11 22.37
CA LYS F 424 4.03 -40.10 21.84
C LYS F 424 3.85 -41.44 21.20
N ARG F 425 2.77 -42.11 21.50
CA ARG F 425 2.39 -43.33 20.78
C ARG F 425 1.00 -43.10 20.30
N GLN F 426 0.84 -42.40 19.20
CA GLN F 426 -0.49 -42.18 18.67
C GLN F 426 -0.79 -43.11 17.52
N LEU F 427 -2.07 -43.37 17.36
CA LEU F 427 -2.56 -44.51 16.54
C LEU F 427 -3.90 -44.03 16.00
N ASN F 428 -3.91 -43.32 14.87
CA ASN F 428 -5.21 -42.73 14.50
C ASN F 428 -5.67 -43.37 13.21
N THR F 429 -6.83 -43.96 13.27
CA THR F 429 -7.30 -44.91 12.26
C THR F 429 -8.81 -44.81 12.24
N SER F 430 -9.42 -45.67 11.46
CA SER F 430 -10.89 -45.80 11.48
C SER F 430 -11.14 -47.27 11.45
N VAL F 431 -11.79 -47.78 12.46
CA VAL F 431 -12.11 -49.23 12.35
C VAL F 431 -13.59 -49.47 12.52
N ILE F 432 -13.97 -50.71 12.38
CA ILE F 432 -15.42 -51.01 12.44
C ILE F 432 -15.56 -52.27 13.25
N VAL F 433 -16.25 -52.11 14.36
CA VAL F 433 -16.20 -53.10 15.44
C VAL F 433 -17.60 -53.60 15.65
N GLN F 434 -17.68 -54.82 16.16
CA GLN F 434 -19.02 -55.28 16.54
C GLN F 434 -19.48 -54.49 17.75
N ASP F 435 -20.76 -54.52 18.00
CA ASP F 435 -21.29 -54.10 19.31
C ASP F 435 -20.81 -55.11 20.34
N GLY F 436 -19.97 -54.69 21.28
CA GLY F 436 -19.63 -55.49 22.47
C GLY F 436 -18.46 -56.47 22.30
N GLN F 437 -17.89 -56.61 21.11
CA GLN F 437 -16.65 -57.40 20.96
C GLN F 437 -15.47 -56.44 20.86
N MET F 438 -14.35 -56.88 21.37
CA MET F 438 -13.19 -55.98 21.32
C MET F 438 -12.53 -56.19 19.97
N LEU F 439 -11.86 -55.18 19.49
CA LEU F 439 -11.06 -55.30 18.26
C LEU F 439 -9.77 -54.57 18.49
N VAL F 440 -8.75 -55.06 17.83
CA VAL F 440 -7.38 -54.57 18.09
C VAL F 440 -7.00 -53.46 17.11
N LEU F 441 -6.92 -52.23 17.57
CA LEU F 441 -6.66 -51.09 16.65
C LEU F 441 -5.24 -51.28 16.16
N GLY F 442 -4.34 -51.46 17.11
CA GLY F 442 -2.94 -51.10 16.94
C GLY F 442 -2.02 -52.09 17.58
N GLY F 443 -0.76 -51.79 17.48
CA GLY F 443 0.20 -52.75 17.98
C GLY F 443 1.58 -52.21 17.76
N LEU F 444 2.48 -52.92 18.40
CA LEU F 444 3.90 -52.90 18.09
C LEU F 444 4.56 -53.96 18.94
N ILE F 445 5.19 -54.89 18.30
CA ILE F 445 6.01 -55.85 19.03
C ILE F 445 7.44 -55.60 18.64
N ASP F 446 8.10 -54.73 19.38
CA ASP F 446 9.55 -54.52 19.20
C ASP F 446 10.28 -55.63 19.96
N GLU F 447 11.32 -56.18 19.37
CA GLU F 447 12.37 -56.85 20.14
C GLU F 447 13.70 -56.29 19.68
N ARG F 448 14.64 -56.05 20.59
CA ARG F 448 16.03 -55.69 20.24
C ARG F 448 16.99 -56.64 20.95
N ALA F 449 18.18 -56.69 20.43
CA ALA F 449 19.20 -57.49 21.12
C ALA F 449 20.57 -57.02 20.66
N LEU F 450 21.21 -56.18 21.45
CA LEU F 450 22.55 -55.72 21.10
C LEU F 450 23.56 -56.50 21.95
N GLU F 451 24.32 -57.35 21.34
CA GLU F 451 25.61 -57.76 21.93
C GLU F 451 26.71 -56.73 21.58
N SER F 452 27.80 -56.74 22.34
CA SER F 452 29.07 -56.04 22.05
C SER F 452 30.17 -56.78 22.79
N GLU F 453 31.32 -56.95 22.17
CA GLU F 453 32.41 -57.49 23.00
C GLU F 453 33.67 -56.86 22.48
N SER F 454 34.29 -56.09 23.32
CA SER F 454 35.68 -55.70 23.03
C SER F 454 36.59 -56.73 23.67
N LYS F 455 37.53 -57.28 22.94
CA LYS F 455 38.47 -58.20 23.59
C LYS F 455 39.89 -57.93 23.17
N VAL F 456 40.83 -58.51 23.88
CA VAL F 456 42.23 -58.33 23.48
C VAL F 456 42.43 -59.35 22.39
N PRO F 457 41.85 -59.05 21.22
CA PRO F 457 41.86 -60.05 20.17
C PRO F 457 42.06 -61.47 20.68
N LEU F 458 43.24 -62.01 20.47
CA LEU F 458 43.33 -63.49 20.41
C LEU F 458 43.24 -64.05 21.83
N LEU F 459 43.67 -63.28 22.83
CA LEU F 459 43.68 -63.75 24.23
C LEU F 459 42.23 -63.89 24.71
N GLY F 460 41.33 -63.06 24.20
CA GLY F 460 39.89 -63.11 24.49
C GLY F 460 39.20 -64.24 23.73
N ASP F 461 39.97 -65.21 23.26
CA ASP F 461 39.37 -66.36 22.58
C ASP F 461 39.26 -67.52 23.57
N ILE F 462 40.33 -67.75 24.34
CA ILE F 462 40.46 -68.92 25.25
C ILE F 462 39.12 -69.06 25.96
N PRO F 463 38.55 -70.28 26.06
CA PRO F 463 37.20 -70.45 26.61
C PRO F 463 37.12 -70.07 28.09
N ILE F 464 38.08 -70.53 28.89
CA ILE F 464 38.02 -70.39 30.36
C ILE F 464 38.41 -68.95 30.71
N LEU F 465 39.58 -68.53 30.26
CA LEU F 465 40.25 -67.30 30.75
C LEU F 465 39.88 -66.13 29.82
N GLY F 466 39.20 -66.40 28.72
CA GLY F 466 38.91 -65.34 27.73
C GLY F 466 38.28 -64.16 28.44
N HIS F 467 37.42 -64.47 29.39
CA HIS F 467 36.50 -63.47 29.96
C HIS F 467 37.37 -62.45 30.68
N LEU F 468 38.65 -62.75 30.91
CA LEU F 468 39.53 -61.83 31.68
C LEU F 468 39.87 -60.69 30.75
N PHE F 469 39.95 -60.99 29.47
CA PHE F 469 40.40 -59.93 28.56
C PHE F 469 39.22 -59.31 27.82
N LYS F 470 38.11 -60.04 27.71
CA LYS F 470 36.92 -59.60 26.95
C LYS F 470 36.14 -58.62 27.83
N SER F 471 35.37 -57.77 27.17
CA SER F 471 34.29 -57.02 27.81
C SER F 471 33.02 -57.11 26.99
N THR F 472 32.14 -57.95 27.48
CA THR F 472 30.90 -58.22 26.73
C THR F 472 29.80 -57.39 27.33
N ASN F 473 28.91 -56.93 26.48
CA ASN F 473 27.80 -56.06 26.86
C ASN F 473 26.58 -56.49 26.07
N THR F 474 25.60 -57.08 26.73
CA THR F 474 24.45 -57.64 26.01
C THR F 474 23.21 -56.96 26.55
N GLN F 475 22.25 -56.76 25.70
CA GLN F 475 21.10 -55.91 26.03
C GLN F 475 19.96 -56.42 25.18
N VAL F 476 18.84 -56.66 25.80
CA VAL F 476 17.71 -57.20 25.04
C VAL F 476 16.50 -56.48 25.50
N GLU F 477 15.88 -55.71 24.63
CA GLU F 477 14.68 -54.96 24.99
C GLU F 477 13.54 -55.52 24.16
N LYS F 478 12.46 -55.83 24.82
CA LYS F 478 11.28 -56.42 24.17
C LYS F 478 10.07 -55.60 24.61
N LYS F 479 9.32 -55.06 23.68
CA LYS F 479 8.25 -54.10 23.99
C LYS F 479 6.98 -54.42 23.22
N ASN F 480 5.90 -54.70 23.91
CA ASN F 480 4.61 -55.14 23.30
C ASN F 480 3.63 -54.06 23.64
N LEU F 481 3.28 -53.23 22.68
CA LEU F 481 2.20 -52.26 22.79
C LEU F 481 1.00 -52.67 21.91
N MET F 482 -0.09 -53.22 22.47
CA MET F 482 -1.34 -53.47 21.71
C MET F 482 -2.34 -52.46 22.22
N VAL F 483 -3.02 -51.75 21.33
CA VAL F 483 -4.23 -51.04 21.77
C VAL F 483 -5.44 -51.76 21.23
N PHE F 484 -6.21 -52.30 22.16
CA PHE F 484 -7.58 -52.78 21.86
C PHE F 484 -8.60 -51.68 22.09
N ILE F 485 -9.69 -51.77 21.35
CA ILE F 485 -10.85 -50.87 21.50
C ILE F 485 -12.11 -51.70 21.51
N LYS F 486 -13.04 -51.35 22.39
CA LYS F 486 -14.34 -52.06 22.55
C LYS F 486 -15.41 -51.02 22.61
N PRO F 487 -16.19 -50.88 21.52
CA PRO F 487 -17.38 -50.06 21.52
C PRO F 487 -18.51 -50.89 22.11
N THR F 488 -19.20 -50.26 23.04
CA THR F 488 -20.47 -50.77 23.55
C THR F 488 -21.55 -49.73 23.25
N ILE F 489 -22.66 -50.17 22.69
CA ILE F 489 -23.78 -49.32 22.28
C ILE F 489 -24.71 -49.30 23.48
N ILE F 490 -25.12 -48.10 23.85
CA ILE F 490 -26.10 -47.87 24.94
C ILE F 490 -27.36 -47.24 24.32
N ARG F 491 -28.32 -48.09 23.98
CA ARG F 491 -29.61 -47.65 23.36
C ARG F 491 -30.62 -47.39 24.48
N ASP F 492 -31.09 -48.50 25.04
CA ASP F 492 -32.07 -48.49 26.15
C ASP F 492 -31.35 -47.87 27.35
N GLY F 493 -32.00 -46.92 28.01
CA GLY F 493 -31.54 -46.42 29.31
C GLY F 493 -31.08 -47.57 30.19
N MET F 494 -31.90 -48.61 30.31
CA MET F 494 -31.57 -49.69 31.27
C MET F 494 -30.13 -50.15 31.02
N THR F 495 -29.70 -50.11 29.77
CA THR F 495 -28.35 -50.58 29.40
C THR F 495 -27.31 -49.68 30.09
N ALA F 496 -27.59 -48.38 30.09
CA ALA F 496 -26.70 -47.33 30.63
C ALA F 496 -26.56 -47.56 32.13
N ASP F 497 -27.69 -47.81 32.79
CA ASP F 497 -27.74 -48.06 34.24
C ASP F 497 -26.65 -49.08 34.54
N GLY F 498 -26.67 -50.17 33.80
CA GLY F 498 -25.72 -51.26 34.06
C GLY F 498 -24.32 -50.76 33.82
N ILE F 499 -24.06 -50.33 32.60
CA ILE F 499 -22.69 -49.93 32.21
C ILE F 499 -22.21 -49.10 33.37
N THR F 500 -23.04 -48.12 33.75
CA THR F 500 -22.64 -47.03 34.65
C THR F 500 -22.52 -47.64 36.02
N GLN F 501 -23.64 -48.09 36.53
CA GLN F 501 -23.65 -48.73 37.85
C GLN F 501 -22.38 -49.56 38.00
N ARG F 502 -22.30 -50.67 37.26
CA ARG F 502 -21.20 -51.64 37.41
C ARG F 502 -19.97 -50.84 37.78
N LYS F 503 -19.69 -49.78 37.01
CA LYS F 503 -18.45 -48.95 37.11
C LYS F 503 -18.45 -48.25 38.45
N TYR F 504 -19.49 -47.47 38.68
CA TYR F 504 -19.70 -46.65 39.90
C TYR F 504 -19.61 -47.57 41.11
N ASN F 505 -20.36 -48.65 41.03
CA ASN F 505 -20.50 -49.66 42.10
C ASN F 505 -19.15 -50.31 42.38
N TYR F 506 -18.23 -50.42 41.40
CA TYR F 506 -16.83 -50.94 41.47
C TYR F 506 -15.96 -49.96 42.23
N ILE F 507 -16.01 -48.69 41.86
CA ILE F 507 -15.28 -47.67 42.61
C ILE F 507 -15.78 -47.72 44.04
N ARG F 508 -17.08 -47.62 44.21
CA ARG F 508 -17.60 -47.60 45.58
C ARG F 508 -17.02 -48.82 46.32
N ALA F 509 -16.92 -49.96 45.69
CA ALA F 509 -16.40 -51.11 46.43
C ALA F 509 -14.99 -50.74 46.87
N GLU F 510 -14.16 -50.27 45.94
CA GLU F 510 -12.76 -50.00 46.29
C GLU F 510 -12.79 -49.07 47.49
N GLN F 511 -13.59 -48.03 47.41
CA GLN F 511 -13.42 -46.94 48.37
C GLN F 511 -13.91 -47.41 49.72
N LEU F 512 -14.93 -48.25 49.74
CA LEU F 512 -15.45 -48.78 51.02
C LEU F 512 -14.35 -49.62 51.57
N TYR F 513 -13.59 -50.15 50.66
CA TYR F 513 -12.54 -51.00 51.19
C TYR F 513 -11.63 -50.09 52.01
N LYS F 514 -11.20 -49.03 51.37
CA LYS F 514 -10.14 -48.18 51.95
C LYS F 514 -10.71 -47.63 53.26
N ALA F 515 -12.01 -47.78 53.42
CA ALA F 515 -12.58 -47.39 54.71
C ALA F 515 -12.43 -48.52 55.72
N GLU F 516 -12.22 -49.74 55.27
CA GLU F 516 -12.13 -50.83 56.27
C GLU F 516 -10.74 -50.76 56.88
N GLN F 517 -9.79 -50.45 56.00
CA GLN F 517 -8.38 -50.17 56.32
C GLN F 517 -8.17 -48.67 56.20
N GLY F 518 -8.64 -47.92 57.20
CA GLY F 518 -8.96 -46.48 57.13
C GLY F 518 -7.74 -45.60 57.04
N LEU F 519 -7.93 -44.44 56.45
CA LEU F 519 -6.98 -43.33 56.64
C LEU F 519 -6.17 -43.56 57.91
N LYS F 520 -4.85 -43.60 57.72
CA LYS F 520 -3.99 -44.45 58.54
C LYS F 520 -4.01 -43.88 59.94
N LEU F 521 -3.75 -42.59 60.06
CA LEU F 521 -3.66 -42.01 61.42
C LEU F 521 -4.90 -41.20 61.79
N MET F 522 -5.75 -40.86 60.83
CA MET F 522 -7.00 -40.08 61.08
C MET F 522 -8.12 -40.97 61.64
N ASP F 523 -9.26 -40.36 61.96
CA ASP F 523 -10.52 -41.09 62.25
C ASP F 523 -11.07 -41.62 60.94
N ASP F 524 -11.47 -42.89 60.95
CA ASP F 524 -11.78 -43.66 59.73
C ASP F 524 -12.90 -42.98 58.93
N GLY F 525 -13.60 -42.00 59.52
CA GLY F 525 -14.81 -41.38 58.95
C GLY F 525 -14.50 -40.38 57.85
N HIS F 526 -13.25 -39.97 57.68
CA HIS F 526 -13.01 -38.79 56.82
C HIS F 526 -12.76 -39.24 55.40
N ILE F 527 -12.65 -40.55 55.18
CA ILE F 527 -12.22 -41.08 53.87
C ILE F 527 -13.40 -41.01 52.93
N PRO F 528 -13.26 -40.26 51.82
CA PRO F 528 -14.38 -40.09 50.91
C PRO F 528 -14.79 -41.45 50.34
N VAL F 529 -16.09 -41.66 50.36
CA VAL F 529 -16.76 -42.90 49.91
C VAL F 529 -17.96 -42.45 49.09
N LEU F 530 -18.10 -43.01 47.91
CA LEU F 530 -19.31 -42.73 47.12
C LEU F 530 -20.49 -43.26 47.88
N PRO F 531 -21.62 -42.58 47.78
CA PRO F 531 -22.85 -43.11 48.36
C PRO F 531 -23.39 -44.32 47.59
N LYS F 532 -24.30 -45.08 48.20
CA LYS F 532 -24.94 -46.23 47.51
C LYS F 532 -25.64 -45.69 46.28
N PHE F 533 -25.48 -46.35 45.15
CA PHE F 533 -25.84 -45.82 43.81
C PHE F 533 -27.30 -45.34 43.74
N GLY F 534 -27.47 -44.05 43.42
CA GLY F 534 -28.78 -43.38 43.39
C GLY F 534 -29.35 -43.07 44.78
N GLU F 535 -28.56 -43.10 45.87
CA GLU F 535 -29.03 -42.67 47.22
C GLU F 535 -28.63 -41.21 47.48
N ASP F 536 -27.84 -40.65 46.59
CA ASP F 536 -27.38 -39.27 46.87
C ASP F 536 -26.58 -39.28 48.19
N LYS F 537 -26.25 -38.15 48.79
CA LYS F 537 -25.24 -38.16 49.87
C LYS F 537 -25.91 -38.63 51.16
N ARG F 538 -25.19 -39.27 52.06
CA ARG F 538 -25.63 -39.32 53.48
C ARG F 538 -24.67 -38.51 54.38
N HIS F 539 -25.13 -37.60 55.27
CA HIS F 539 -24.28 -36.82 56.22
C HIS F 539 -23.37 -37.80 56.94
N PRO F 540 -22.10 -37.40 57.16
CA PRO F 540 -21.27 -38.02 58.18
C PRO F 540 -22.15 -38.33 59.41
N ALA F 541 -21.79 -39.41 60.13
CA ALA F 541 -22.56 -39.93 61.28
C ALA F 541 -22.64 -38.86 62.38
N GLU F 542 -21.49 -38.33 62.81
CA GLU F 542 -21.49 -37.39 63.96
C GLU F 542 -22.54 -36.31 63.71
N ILE F 543 -22.54 -35.73 62.52
CA ILE F 543 -23.44 -34.59 62.17
C ILE F 543 -24.86 -35.13 62.15
N GLN F 544 -25.04 -36.34 61.63
CA GLN F 544 -26.38 -36.94 61.53
C GLN F 544 -26.87 -37.14 62.96
N ALA F 545 -25.96 -37.60 63.83
CA ALA F 545 -26.28 -37.84 65.25
C ALA F 545 -26.69 -36.51 65.88
N PHE F 546 -25.96 -35.44 65.57
CA PHE F 546 -26.21 -34.08 66.10
C PHE F 546 -27.59 -33.64 65.62
N ILE F 547 -27.89 -33.88 64.35
CA ILE F 547 -29.08 -33.27 63.69
C ILE F 547 -30.33 -33.78 64.37
N ASP F 548 -30.36 -35.10 64.66
CA ASP F 548 -31.54 -35.77 65.25
C ASP F 548 -31.71 -35.24 66.65
N GLN F 549 -30.58 -35.15 67.37
CA GLN F 549 -30.54 -34.64 68.76
C GLN F 549 -31.23 -33.29 68.76
N MET F 550 -30.87 -32.43 67.79
CA MET F 550 -31.48 -31.10 67.62
C MET F 550 -32.98 -31.28 67.38
N GLU F 551 -33.33 -32.22 66.49
CA GLU F 551 -34.73 -32.54 66.12
C GLU F 551 -35.49 -32.97 67.37
N GLN F 552 -34.88 -33.85 68.16
CA GLN F 552 -35.45 -34.39 69.42
C GLN F 552 -35.75 -33.23 70.38
N GLN F 553 -34.79 -32.30 70.50
CA GLN F 553 -34.88 -31.11 71.37
C GLN F 553 -36.07 -30.24 70.95
N ASP G 1 -108.62 -10.36 -19.14
CA ASP G 1 -108.55 -9.30 -20.18
C ASP G 1 -107.99 -7.99 -19.60
N ASN G 2 -107.53 -8.01 -18.35
CA ASN G 2 -106.97 -6.80 -17.70
C ASN G 2 -105.72 -6.37 -18.46
N VAL G 3 -105.38 -5.08 -18.37
CA VAL G 3 -104.13 -4.53 -18.97
C VAL G 3 -103.12 -4.26 -17.84
N ILE G 4 -102.05 -5.06 -17.84
CA ILE G 4 -100.91 -4.92 -16.90
C ILE G 4 -99.60 -5.08 -17.68
N THR G 5 -98.52 -4.54 -17.14
CA THR G 5 -97.15 -4.67 -17.69
C THR G 5 -96.42 -5.79 -16.95
N ARG G 6 -95.67 -6.62 -17.68
CA ARG G 6 -94.86 -7.69 -17.05
C ARG G 6 -93.38 -7.48 -17.39
N VAL G 7 -92.54 -7.51 -16.36
CA VAL G 7 -91.07 -7.29 -16.47
C VAL G 7 -90.37 -8.61 -16.13
N VAL G 8 -89.80 -9.27 -17.14
CA VAL G 8 -89.18 -10.62 -16.99
C VAL G 8 -87.87 -10.63 -17.78
N ALA G 9 -86.95 -11.52 -17.42
CA ALA G 9 -85.57 -11.53 -17.95
C ALA G 9 -85.40 -12.62 -19.01
N VAL G 10 -84.56 -12.32 -19.99
CA VAL G 10 -83.82 -13.35 -20.77
C VAL G 10 -82.34 -13.02 -20.67
N ARG G 11 -81.64 -13.79 -19.83
CA ARG G 11 -80.22 -13.58 -19.46
C ARG G 11 -79.31 -13.92 -20.66
N ASN G 12 -79.75 -14.82 -21.56
CA ASN G 12 -78.89 -15.64 -22.46
C ASN G 12 -78.39 -14.83 -23.65
N VAL G 13 -79.29 -14.19 -24.40
CA VAL G 13 -78.90 -13.28 -25.53
C VAL G 13 -79.89 -12.11 -25.58
N SER G 14 -79.44 -10.98 -26.15
CA SER G 14 -80.23 -9.73 -26.29
C SER G 14 -81.60 -10.07 -26.88
N VAL G 15 -82.66 -9.50 -26.28
CA VAL G 15 -84.07 -9.89 -26.53
C VAL G 15 -84.61 -9.09 -27.71
N ARG G 16 -83.83 -8.15 -28.26
CA ARG G 16 -84.16 -7.48 -29.56
C ARG G 16 -84.40 -8.54 -30.63
N GLU G 17 -83.74 -9.69 -30.48
CA GLU G 17 -83.86 -10.88 -31.37
C GLU G 17 -85.33 -11.30 -31.51
N LEU G 18 -86.18 -10.99 -30.52
CA LEU G 18 -87.60 -11.45 -30.52
C LEU G 18 -88.56 -10.34 -30.96
N SER G 19 -88.06 -9.15 -31.37
CA SER G 19 -88.94 -7.99 -31.65
C SER G 19 -89.99 -8.33 -32.72
N PRO G 20 -89.65 -9.00 -33.86
CA PRO G 20 -90.66 -9.21 -34.91
C PRO G 20 -91.77 -10.18 -34.51
N LEU G 21 -91.41 -11.28 -33.84
CA LEU G 21 -92.34 -12.40 -33.51
C LEU G 21 -93.20 -11.98 -32.32
N LEU G 22 -92.63 -11.21 -31.39
CA LEU G 22 -93.39 -10.65 -30.23
C LEU G 22 -94.40 -9.62 -30.74
N ARG G 23 -94.00 -8.73 -31.66
CA ARG G 23 -94.97 -7.81 -32.32
C ARG G 23 -95.93 -8.63 -33.20
N GLN G 24 -95.62 -9.91 -33.45
CA GLN G 24 -96.59 -10.83 -34.08
C GLN G 24 -97.74 -11.10 -33.09
N LEU G 25 -97.43 -11.31 -31.81
CA LEU G 25 -98.46 -11.43 -30.74
C LEU G 25 -99.02 -10.05 -30.38
N ILE G 26 -98.32 -8.97 -30.73
CA ILE G 26 -98.91 -7.60 -30.61
C ILE G 26 -99.84 -7.38 -31.80
N ASP G 27 -99.56 -8.07 -32.91
CA ASP G 27 -100.46 -8.11 -34.11
C ASP G 27 -101.53 -9.19 -33.93
N ASN G 28 -101.16 -10.40 -33.47
CA ASN G 28 -102.05 -11.59 -33.40
C ASN G 28 -103.39 -11.23 -32.74
N ALA G 29 -103.38 -10.32 -31.76
CA ALA G 29 -104.59 -9.82 -31.08
C ALA G 29 -104.51 -8.29 -30.95
N GLY G 30 -105.41 -7.70 -30.14
CA GLY G 30 -105.56 -6.25 -29.98
C GLY G 30 -104.28 -5.57 -29.49
N ALA G 31 -104.06 -4.31 -29.88
CA ALA G 31 -102.90 -3.49 -29.47
C ALA G 31 -103.29 -2.62 -28.28
N GLY G 32 -102.44 -1.65 -27.94
CA GLY G 32 -102.31 -1.08 -26.58
C GLY G 32 -101.13 -1.71 -25.84
N ASN G 33 -100.57 -2.78 -26.42
CA ASN G 33 -99.33 -3.44 -25.93
C ASN G 33 -98.14 -2.49 -26.06
N VAL G 34 -97.10 -2.75 -25.28
CA VAL G 34 -95.69 -2.48 -25.66
C VAL G 34 -94.88 -3.73 -25.33
N VAL G 35 -93.83 -3.99 -26.09
CA VAL G 35 -92.74 -4.88 -25.60
C VAL G 35 -91.41 -4.17 -25.86
N HIS G 36 -90.78 -3.69 -24.80
CA HIS G 36 -89.56 -2.85 -24.88
C HIS G 36 -88.39 -3.62 -24.27
N TYR G 37 -87.29 -3.69 -25.00
CA TYR G 37 -86.14 -4.58 -24.72
C TYR G 37 -84.99 -3.74 -24.21
N ASP G 38 -84.75 -3.76 -22.90
CA ASP G 38 -83.76 -2.84 -22.30
C ASP G 38 -82.37 -3.38 -22.53
N PRO G 39 -81.46 -2.58 -23.14
CA PRO G 39 -80.07 -2.99 -23.34
C PRO G 39 -79.32 -3.38 -22.05
N ALA G 40 -79.90 -3.07 -20.88
CA ALA G 40 -79.48 -3.61 -19.57
C ALA G 40 -79.80 -5.11 -19.50
N ASN G 41 -80.55 -5.62 -20.49
CA ASN G 41 -80.99 -7.04 -20.60
C ASN G 41 -81.94 -7.38 -19.44
N ILE G 42 -83.13 -6.75 -19.45
CA ILE G 42 -84.40 -7.28 -18.86
C ILE G 42 -85.47 -7.06 -19.94
N ILE G 43 -86.76 -7.26 -19.61
CA ILE G 43 -87.83 -7.34 -20.63
C ILE G 43 -89.09 -6.65 -20.12
N LEU G 44 -89.71 -5.84 -20.97
CA LEU G 44 -90.99 -5.14 -20.69
C LEU G 44 -92.07 -5.63 -21.67
N ILE G 45 -93.22 -6.03 -21.11
CA ILE G 45 -94.52 -6.08 -21.84
C ILE G 45 -95.51 -5.16 -21.14
N THR G 46 -96.50 -4.69 -21.88
CA THR G 46 -97.69 -3.98 -21.34
C THR G 46 -98.90 -4.35 -22.19
N GLY G 47 -100.05 -4.63 -21.55
CA GLY G 47 -101.30 -4.97 -22.24
C GLY G 47 -102.09 -6.05 -21.54
N ARG G 48 -102.93 -6.75 -22.30
CA ARG G 48 -103.83 -7.81 -21.78
C ARG G 48 -103.02 -8.97 -21.22
N ALA G 49 -103.30 -9.32 -19.97
CA ALA G 49 -102.57 -10.32 -19.17
C ALA G 49 -102.45 -11.63 -19.96
N ALA G 50 -103.41 -11.95 -20.82
CA ALA G 50 -103.41 -13.16 -21.67
C ALA G 50 -102.29 -13.05 -22.72
N VAL G 51 -102.34 -12.01 -23.53
CA VAL G 51 -101.39 -11.83 -24.67
C VAL G 51 -100.03 -11.41 -24.10
N VAL G 52 -100.04 -10.69 -22.98
CA VAL G 52 -98.80 -10.39 -22.22
C VAL G 52 -98.24 -11.70 -21.65
N ASN G 53 -99.13 -12.64 -21.34
CA ASN G 53 -98.75 -13.97 -20.78
C ASN G 53 -98.08 -14.78 -21.89
N ARG G 54 -98.68 -14.78 -23.09
CA ARG G 54 -98.16 -15.52 -24.26
C ARG G 54 -96.84 -14.87 -24.69
N LEU G 55 -96.79 -13.54 -24.63
CA LEU G 55 -95.58 -12.76 -24.99
C LEU G 55 -94.46 -13.12 -24.00
N ALA G 56 -94.81 -13.29 -22.72
CA ALA G 56 -93.82 -13.60 -21.66
C ALA G 56 -93.42 -15.07 -21.77
N GLU G 57 -94.19 -15.87 -22.52
CA GLU G 57 -93.98 -17.32 -22.68
C GLU G 57 -92.97 -17.55 -23.81
N ILE G 58 -93.10 -16.86 -24.94
CA ILE G 58 -92.02 -16.80 -25.97
C ILE G 58 -90.79 -16.21 -25.29
N ILE G 59 -90.96 -15.04 -24.66
CA ILE G 59 -89.90 -14.31 -23.93
C ILE G 59 -89.22 -15.26 -22.93
N LYS G 60 -89.97 -15.78 -21.95
CA LYS G 60 -89.42 -16.74 -20.96
C LYS G 60 -88.97 -18.00 -21.69
N ARG G 61 -89.36 -18.18 -22.96
CA ARG G 61 -88.96 -19.37 -23.74
C ARG G 61 -87.57 -19.10 -24.33
N VAL G 62 -87.14 -17.84 -24.31
CA VAL G 62 -85.71 -17.51 -24.59
C VAL G 62 -84.99 -17.23 -23.25
N ASP G 63 -85.72 -16.98 -22.16
CA ASP G 63 -85.13 -16.96 -20.80
C ASP G 63 -84.62 -18.34 -20.44
N GLN G 64 -85.54 -19.27 -20.16
CA GLN G 64 -85.22 -20.66 -19.76
C GLN G 64 -84.37 -21.32 -20.85
N ALA G 65 -84.38 -20.74 -22.06
CA ALA G 65 -83.64 -21.29 -23.22
C ALA G 65 -82.14 -21.23 -22.95
N GLY G 66 -81.67 -20.15 -22.33
CA GLY G 66 -80.24 -19.97 -22.01
C GLY G 66 -80.05 -19.31 -20.66
N ASN G 67 -80.56 -19.93 -19.58
CA ASN G 67 -80.39 -19.36 -18.22
C ASN G 67 -78.94 -19.54 -17.77
N ARG G 68 -78.49 -18.70 -16.84
CA ARG G 68 -77.09 -18.72 -16.36
C ARG G 68 -77.04 -18.38 -14.88
N GLU G 69 -76.59 -19.33 -14.06
CA GLU G 69 -76.41 -19.13 -12.61
C GLU G 69 -74.93 -19.24 -12.25
N ILE G 70 -74.63 -19.37 -10.96
CA ILE G 70 -73.22 -19.51 -10.48
C ILE G 70 -73.18 -20.48 -9.30
N GLU G 71 -72.00 -21.05 -9.06
CA GLU G 71 -71.76 -21.97 -7.93
C GLU G 71 -70.53 -21.52 -7.18
N VAL G 72 -70.44 -21.94 -5.92
CA VAL G 72 -69.24 -21.75 -5.07
C VAL G 72 -69.01 -23.04 -4.29
N VAL G 73 -67.94 -23.77 -4.62
CA VAL G 73 -67.70 -25.11 -4.03
C VAL G 73 -66.24 -25.23 -3.63
N GLU G 74 -66.01 -25.86 -2.48
CA GLU G 74 -64.66 -25.97 -1.84
C GLU G 74 -63.80 -26.90 -2.69
N LEU G 75 -62.57 -26.46 -2.90
CA LEU G 75 -61.46 -27.33 -3.33
C LEU G 75 -60.46 -27.40 -2.18
N GLY G 76 -60.61 -28.37 -1.28
CA GLY G 76 -59.76 -28.54 -0.09
C GLY G 76 -58.30 -28.72 -0.47
N ASN G 77 -58.04 -29.11 -1.72
CA ASN G 77 -56.77 -29.77 -2.11
C ASN G 77 -56.19 -29.05 -3.32
N ALA G 78 -56.70 -29.37 -4.52
CA ALA G 78 -56.12 -28.91 -5.82
C ALA G 78 -56.17 -27.39 -5.88
N SER G 79 -55.07 -26.77 -6.31
CA SER G 79 -55.03 -25.30 -6.45
C SER G 79 -56.13 -24.85 -7.41
N ALA G 80 -57.02 -23.99 -6.91
CA ALA G 80 -58.09 -23.41 -7.74
C ALA G 80 -57.48 -22.94 -9.05
N ALA G 81 -56.56 -21.97 -8.99
CA ALA G 81 -55.92 -21.37 -10.18
C ALA G 81 -55.49 -22.51 -11.12
N GLU G 82 -55.06 -23.63 -10.55
CA GLU G 82 -54.77 -24.81 -11.39
C GLU G 82 -56.09 -25.34 -11.96
N MET G 83 -57.08 -25.57 -11.11
CA MET G 83 -58.38 -26.09 -11.61
C MET G 83 -58.84 -25.19 -12.76
N VAL G 84 -58.74 -23.88 -12.55
CA VAL G 84 -58.94 -22.84 -13.59
C VAL G 84 -58.17 -23.27 -14.84
N ARG G 85 -56.84 -23.23 -14.77
CA ARG G 85 -55.98 -23.46 -15.96
C ARG G 85 -56.47 -24.71 -16.67
N ILE G 86 -56.72 -25.76 -15.91
CA ILE G 86 -56.84 -27.14 -16.47
C ILE G 86 -58.24 -27.31 -17.03
N VAL G 87 -59.15 -26.43 -16.64
CA VAL G 87 -60.46 -26.32 -17.34
C VAL G 87 -60.33 -25.31 -18.48
N ASP G 88 -59.36 -24.42 -18.41
CA ASP G 88 -59.27 -23.30 -19.39
C ASP G 88 -59.12 -23.89 -20.79
N ALA G 89 -58.36 -24.96 -20.89
CA ALA G 89 -58.19 -25.78 -22.12
C ALA G 89 -59.57 -26.13 -22.68
N LEU G 90 -60.56 -26.33 -21.80
CA LEU G 90 -61.93 -26.71 -22.22
C LEU G 90 -62.61 -25.49 -22.83
N ASN G 91 -63.33 -25.69 -23.93
CA ASN G 91 -63.78 -24.56 -24.80
C ASN G 91 -65.25 -24.78 -25.16
N LYS G 106 -67.36 -19.60 -17.16
CA LYS G 106 -65.92 -19.53 -16.80
C LYS G 106 -65.75 -19.91 -15.32
N LEU G 107 -64.67 -19.44 -14.67
CA LEU G 107 -64.10 -20.10 -13.48
C LEU G 107 -63.52 -19.08 -12.51
N VAL G 108 -63.68 -19.35 -11.23
CA VAL G 108 -62.93 -18.64 -10.14
C VAL G 108 -62.65 -19.65 -9.02
N ALA G 109 -62.02 -19.16 -7.95
CA ALA G 109 -61.98 -19.81 -6.64
C ALA G 109 -61.46 -18.83 -5.58
N ASP G 110 -61.42 -19.26 -4.32
CA ASP G 110 -60.67 -18.53 -3.28
C ASP G 110 -59.81 -19.52 -2.49
N GLU G 111 -58.58 -19.13 -2.21
CA GLU G 111 -57.72 -19.93 -1.32
C GLU G 111 -57.71 -19.35 0.10
N ARG G 112 -58.52 -18.34 0.43
CA ARG G 112 -58.92 -18.13 1.85
C ARG G 112 -59.76 -19.36 2.24
N THR G 113 -60.75 -19.64 1.42
CA THR G 113 -61.71 -20.77 1.60
C THR G 113 -61.15 -22.01 0.92
N ASN G 114 -60.40 -21.84 -0.17
CA ASN G 114 -60.08 -22.94 -1.12
C ASN G 114 -61.40 -23.50 -1.67
N SER G 115 -62.07 -22.70 -2.50
CA SER G 115 -63.42 -23.02 -3.02
C SER G 115 -63.50 -22.58 -4.48
N ILE G 116 -63.92 -23.50 -5.35
CA ILE G 116 -64.24 -23.18 -6.77
C ILE G 116 -65.44 -22.26 -6.76
N LEU G 117 -65.32 -21.17 -7.50
CA LEU G 117 -66.47 -20.34 -7.89
C LEU G 117 -66.69 -20.57 -9.37
N ILE G 118 -67.92 -20.43 -9.82
CA ILE G 118 -68.19 -20.58 -11.27
C ILE G 118 -68.87 -19.32 -11.79
N SER G 119 -68.67 -19.03 -13.06
CA SER G 119 -69.49 -18.08 -13.84
C SER G 119 -70.00 -18.80 -15.09
N GLY G 120 -71.28 -19.13 -15.11
CA GLY G 120 -71.94 -19.63 -16.34
C GLY G 120 -73.04 -20.62 -16.03
N ASP G 121 -73.26 -21.55 -16.95
CA ASP G 121 -74.55 -22.28 -17.15
C ASP G 121 -74.88 -23.10 -15.91
N PRO G 122 -76.18 -23.38 -15.67
CA PRO G 122 -76.55 -24.56 -14.89
C PRO G 122 -76.24 -25.88 -15.61
N LYS G 123 -75.89 -25.83 -16.88
CA LYS G 123 -75.12 -26.94 -17.51
C LYS G 123 -73.67 -26.84 -17.05
N VAL G 124 -73.11 -25.64 -16.98
CA VAL G 124 -71.78 -25.41 -16.37
C VAL G 124 -71.88 -25.75 -14.88
N ARG G 125 -73.09 -25.66 -14.31
CA ARG G 125 -73.28 -26.04 -12.88
C ARG G 125 -73.33 -27.56 -12.77
N ASP G 126 -73.97 -28.25 -13.71
CA ASP G 126 -73.98 -29.74 -13.72
C ASP G 126 -72.56 -30.25 -13.92
N ARG G 127 -71.94 -29.92 -15.04
CA ARG G 127 -70.63 -30.50 -15.43
C ARG G 127 -69.55 -29.96 -14.50
N LEU G 128 -69.70 -28.74 -13.99
CA LEU G 128 -68.59 -28.20 -13.15
C LEU G 128 -68.90 -28.41 -11.67
N LYS G 129 -70.05 -28.96 -11.32
CA LYS G 129 -70.10 -29.69 -10.03
C LYS G 129 -69.51 -31.07 -10.24
N ARG G 130 -69.65 -31.63 -11.44
CA ARG G 130 -68.93 -32.88 -11.78
C ARG G 130 -67.42 -32.66 -11.55
N LEU G 131 -66.87 -31.53 -11.99
CA LEU G 131 -65.40 -31.30 -11.90
C LEU G 131 -65.07 -30.66 -10.56
N ILE G 132 -66.05 -30.06 -9.88
CA ILE G 132 -65.94 -29.82 -8.42
C ILE G 132 -65.51 -31.13 -7.77
N ARG G 133 -66.20 -32.21 -8.12
CA ARG G 133 -66.03 -33.52 -7.44
C ARG G 133 -64.80 -34.21 -8.02
N GLN G 134 -64.57 -34.05 -9.32
CA GLN G 134 -63.58 -34.91 -10.03
C GLN G 134 -62.21 -34.75 -9.36
N LEU G 135 -61.67 -33.54 -9.28
CA LEU G 135 -60.34 -33.37 -8.66
C LEU G 135 -60.51 -32.74 -7.29
N ASP G 136 -61.03 -33.55 -6.38
CA ASP G 136 -61.07 -33.25 -4.93
C ASP G 136 -60.20 -34.24 -4.15
N VAL G 137 -59.91 -35.40 -4.74
CA VAL G 137 -59.62 -36.70 -4.03
C VAL G 137 -58.31 -36.64 -3.25
N GLU G 138 -57.73 -37.82 -2.97
CA GLU G 138 -56.42 -38.00 -2.29
C GLU G 138 -55.35 -37.14 -2.95
N MET G 139 -54.32 -36.78 -2.18
CA MET G 139 -53.16 -36.00 -2.68
C MET G 139 -52.07 -36.97 -3.14
N ALA G 140 -52.26 -38.27 -2.86
CA ALA G 140 -51.46 -39.41 -3.38
C ALA G 140 -50.06 -39.43 -2.75
N SER G 141 -49.87 -38.75 -1.62
CA SER G 141 -48.66 -38.85 -0.76
C SER G 141 -47.38 -38.79 -1.61
N LYS G 142 -47.13 -37.62 -2.21
CA LYS G 142 -46.07 -37.41 -3.22
C LYS G 142 -44.74 -37.93 -2.66
N GLY G 143 -44.57 -37.85 -1.35
CA GLY G 143 -43.28 -38.13 -0.70
C GLY G 143 -42.15 -37.44 -1.45
N ASN G 144 -42.39 -36.22 -1.93
CA ASN G 144 -41.45 -35.39 -2.72
C ASN G 144 -40.05 -35.54 -2.13
N ASN G 145 -39.98 -35.54 -0.80
CA ASN G 145 -38.71 -35.69 -0.06
C ASN G 145 -38.78 -36.91 0.87
N ARG G 146 -37.63 -37.55 1.09
CA ARG G 146 -37.44 -38.72 1.98
C ARG G 146 -36.18 -38.48 2.80
N VAL G 147 -36.03 -39.19 3.89
CA VAL G 147 -34.79 -39.07 4.71
C VAL G 147 -34.29 -40.49 4.92
N VAL G 148 -33.27 -40.85 4.17
CA VAL G 148 -32.70 -42.23 4.15
C VAL G 148 -31.63 -42.34 5.20
N TYR G 149 -31.83 -43.29 6.09
CA TYR G 149 -30.92 -43.57 7.22
C TYR G 149 -29.84 -44.48 6.68
N LEU G 150 -28.67 -43.91 6.43
CA LEU G 150 -27.46 -44.66 6.01
C LEU G 150 -27.17 -45.81 6.98
N LYS G 151 -27.06 -47.01 6.43
CA LYS G 151 -26.68 -48.26 7.13
C LYS G 151 -25.18 -48.27 7.46
N TYR G 152 -24.27 -48.21 6.49
CA TYR G 152 -22.90 -48.17 7.00
C TYR G 152 -22.13 -47.01 6.43
N ALA G 153 -22.72 -45.85 6.25
CA ALA G 153 -21.74 -44.92 5.67
C ALA G 153 -21.81 -43.55 6.30
N LYS G 154 -20.70 -42.84 6.27
CA LYS G 154 -20.85 -41.48 6.82
C LYS G 154 -21.58 -40.67 5.77
N ALA G 155 -22.63 -40.03 6.21
CA ALA G 155 -23.50 -39.33 5.28
C ALA G 155 -22.90 -37.97 5.00
N GLU G 156 -22.04 -37.52 5.91
CA GLU G 156 -21.42 -36.19 5.79
C GLU G 156 -20.65 -36.16 4.47
N ASP G 157 -20.30 -37.36 3.96
CA ASP G 157 -19.33 -37.52 2.86
C ASP G 157 -20.08 -38.03 1.62
N LEU G 158 -21.09 -38.81 1.86
CA LEU G 158 -21.95 -39.32 0.77
C LEU G 158 -22.68 -38.16 0.07
N VAL G 159 -23.14 -37.14 0.80
CA VAL G 159 -23.85 -35.98 0.19
C VAL G 159 -22.96 -35.32 -0.86
N ASP G 160 -21.67 -35.34 -0.64
CA ASP G 160 -20.68 -34.77 -1.60
C ASP G 160 -20.82 -35.49 -2.95
N VAL G 161 -20.92 -36.80 -2.91
CA VAL G 161 -20.94 -37.64 -4.13
C VAL G 161 -22.30 -37.52 -4.77
N LEU G 162 -23.33 -37.28 -3.98
CA LEU G 162 -24.66 -37.35 -4.62
C LEU G 162 -24.94 -36.00 -5.25
N LYS G 163 -24.11 -35.00 -4.99
CA LYS G 163 -24.28 -33.65 -5.55
C LYS G 163 -24.24 -33.74 -7.09
N GLY G 164 -23.35 -34.56 -7.62
CA GLY G 164 -23.14 -34.68 -9.07
C GLY G 164 -24.21 -35.52 -9.74
N VAL G 165 -24.69 -36.54 -9.02
CA VAL G 165 -25.79 -37.43 -9.48
C VAL G 165 -27.05 -36.60 -9.38
N SER G 166 -27.03 -35.68 -8.45
CA SER G 166 -28.29 -35.01 -8.14
C SER G 166 -28.61 -34.02 -9.26
N ASP G 167 -27.87 -32.92 -9.32
CA ASP G 167 -28.07 -31.83 -10.31
C ASP G 167 -28.06 -32.42 -11.72
N ASN G 168 -27.00 -33.17 -12.03
CA ASN G 168 -26.77 -33.72 -13.39
C ASN G 168 -28.02 -34.51 -13.80
N LEU G 169 -28.47 -35.41 -12.93
CA LEU G 169 -29.62 -36.30 -13.27
C LEU G 169 -30.82 -35.43 -13.64
N GLN G 170 -31.11 -34.41 -12.84
CA GLN G 170 -32.27 -33.48 -13.02
C GLN G 170 -32.20 -32.88 -14.43
N ALA G 171 -31.04 -32.40 -14.85
CA ALA G 171 -30.81 -31.81 -16.19
C ALA G 171 -31.07 -32.86 -17.29
N VAL G 187 -33.52 -30.92 -7.00
CA VAL G 187 -32.71 -31.97 -6.30
C VAL G 187 -31.82 -31.30 -5.25
N VAL G 188 -32.20 -31.36 -3.97
CA VAL G 188 -31.26 -30.95 -2.90
C VAL G 188 -31.08 -32.09 -1.90
N ILE G 189 -29.86 -32.61 -1.87
CA ILE G 189 -29.42 -33.70 -0.95
C ILE G 189 -28.72 -33.04 0.22
N ALA G 190 -29.18 -33.33 1.42
CA ALA G 190 -28.54 -32.69 2.60
C ALA G 190 -28.31 -33.74 3.66
N ALA G 191 -27.12 -33.77 4.24
CA ALA G 191 -26.82 -34.87 5.17
C ALA G 191 -26.95 -34.32 6.58
N HIS G 192 -27.86 -34.91 7.36
CA HIS G 192 -28.03 -34.54 8.79
C HIS G 192 -27.07 -35.33 9.64
N GLN G 193 -25.97 -34.70 10.05
CA GLN G 193 -24.85 -35.34 10.78
C GLN G 193 -25.41 -36.29 11.82
N GLY G 194 -26.04 -35.68 12.81
CA GLY G 194 -26.61 -36.35 13.99
C GLY G 194 -26.90 -37.83 13.73
N THR G 195 -27.82 -38.12 12.83
CA THR G 195 -28.47 -39.45 12.75
C THR G 195 -27.77 -40.28 11.67
N ASN G 196 -26.70 -39.70 11.11
CA ASN G 196 -25.99 -40.22 9.92
C ASN G 196 -27.06 -40.61 8.93
N SER G 197 -27.96 -39.67 8.68
CA SER G 197 -29.08 -39.82 7.73
C SER G 197 -29.04 -38.63 6.83
N LEU G 198 -28.92 -38.89 5.53
CA LEU G 198 -28.95 -37.73 4.62
C LEU G 198 -30.35 -37.61 4.07
N VAL G 199 -30.79 -36.36 4.04
CA VAL G 199 -32.15 -35.93 3.67
C VAL G 199 -32.11 -35.54 2.21
N LEU G 200 -32.91 -36.27 1.44
CA LEU G 200 -33.00 -36.08 -0.02
C LEU G 200 -34.28 -35.33 -0.32
N THR G 201 -34.21 -34.30 -1.15
CA THR G 201 -35.44 -33.67 -1.68
C THR G 201 -35.28 -33.58 -3.18
N ALA G 202 -35.86 -34.62 -3.78
CA ALA G 202 -35.71 -35.08 -5.19
C ALA G 202 -37.03 -34.84 -5.95
N PRO G 203 -37.07 -34.76 -7.31
CA PRO G 203 -38.16 -35.38 -8.08
C PRO G 203 -38.22 -36.89 -7.99
N PRO G 204 -39.36 -37.51 -8.28
CA PRO G 204 -39.59 -38.89 -7.86
C PRO G 204 -38.64 -39.86 -8.56
N ASP G 205 -38.30 -39.58 -9.81
CA ASP G 205 -37.28 -40.39 -10.51
C ASP G 205 -35.91 -40.10 -9.91
N ILE G 206 -35.49 -38.85 -9.98
CA ILE G 206 -34.21 -38.45 -9.35
C ILE G 206 -34.13 -39.11 -7.97
N MET G 207 -35.28 -39.23 -7.28
CA MET G 207 -35.34 -39.79 -5.90
C MET G 207 -35.05 -41.27 -5.99
N LEU G 208 -35.92 -42.00 -6.70
CA LEU G 208 -35.68 -43.44 -6.96
C LEU G 208 -34.26 -43.63 -7.47
N ALA G 209 -33.66 -42.63 -8.11
CA ALA G 209 -32.29 -42.81 -8.62
C ALA G 209 -31.28 -42.67 -7.48
N LEU G 210 -31.32 -41.52 -6.79
CA LEU G 210 -30.40 -41.25 -5.65
C LEU G 210 -30.50 -42.44 -4.71
N GLN G 211 -31.67 -43.05 -4.59
CA GLN G 211 -31.89 -44.14 -3.62
C GLN G 211 -31.10 -45.36 -4.08
N GLU G 212 -30.96 -45.54 -5.39
CA GLU G 212 -30.30 -46.75 -5.94
C GLU G 212 -28.78 -46.54 -5.91
N VAL G 213 -28.38 -45.27 -5.79
CA VAL G 213 -26.94 -44.90 -5.74
C VAL G 213 -26.46 -45.04 -4.32
N ILE G 214 -27.31 -44.67 -3.38
CA ILE G 214 -26.97 -44.59 -1.94
C ILE G 214 -26.95 -46.01 -1.43
N THR G 215 -27.76 -46.87 -2.04
CA THR G 215 -27.90 -48.26 -1.58
C THR G 215 -26.70 -49.07 -2.02
N GLN G 216 -25.98 -48.60 -3.03
CA GLN G 216 -24.82 -49.32 -3.57
C GLN G 216 -23.54 -48.69 -3.03
N LEU G 217 -23.57 -47.47 -2.55
CA LEU G 217 -22.39 -46.83 -1.91
C LEU G 217 -22.40 -47.12 -0.44
N ASP G 218 -23.51 -47.66 0.02
CA ASP G 218 -23.72 -47.78 1.46
C ASP G 218 -23.41 -49.21 1.88
N ILE G 219 -22.46 -49.85 1.22
CA ILE G 219 -22.08 -51.22 1.65
C ILE G 219 -21.12 -51.07 2.83
N ARG G 220 -21.02 -52.13 3.62
CA ARG G 220 -20.08 -52.15 4.76
C ARG G 220 -18.67 -52.12 4.19
N ARG G 221 -17.74 -51.58 4.94
CA ARG G 221 -16.35 -51.57 4.42
C ARG G 221 -15.60 -52.69 5.11
N ALA G 222 -14.88 -53.48 4.32
CA ALA G 222 -14.00 -54.48 4.96
C ALA G 222 -12.82 -53.76 5.60
N GLN G 223 -12.02 -54.46 6.36
CA GLN G 223 -10.92 -53.70 7.00
C GLN G 223 -9.66 -54.54 7.11
N VAL G 224 -8.54 -53.87 6.91
CA VAL G 224 -7.25 -54.61 6.81
C VAL G 224 -6.46 -54.42 8.10
N LEU G 225 -5.88 -55.49 8.57
CA LEU G 225 -4.90 -55.44 9.68
C LEU G 225 -3.47 -55.41 9.09
N ILE G 226 -2.98 -54.21 8.82
CA ILE G 226 -1.66 -53.97 8.20
C ILE G 226 -0.59 -54.27 9.23
N GLU G 227 -0.04 -55.46 9.17
CA GLU G 227 1.07 -55.75 10.09
C GLU G 227 2.37 -55.60 9.31
N ALA G 228 3.06 -54.49 9.50
CA ALA G 228 4.45 -54.32 9.02
C ALA G 228 5.44 -55.09 9.90
N LEU G 229 6.64 -55.32 9.40
CA LEU G 229 7.57 -56.27 10.05
C LEU G 229 9.00 -55.90 9.71
N ILE G 230 9.48 -54.92 10.41
CA ILE G 230 10.77 -54.27 10.15
C ILE G 230 11.85 -55.03 10.87
N VAL G 231 12.81 -55.54 10.14
CA VAL G 231 13.82 -56.44 10.73
C VAL G 231 15.16 -55.79 10.44
N GLU G 232 15.70 -55.04 11.38
CA GLU G 232 17.04 -54.41 11.28
C GLU G 232 18.13 -55.20 11.99
N MET G 233 18.92 -55.93 11.25
CA MET G 233 19.85 -56.92 11.81
C MET G 233 21.29 -56.56 11.46
N ALA G 234 22.03 -55.97 12.39
CA ALA G 234 23.34 -55.31 12.16
C ALA G 234 24.44 -55.98 12.98
N GLU G 235 25.59 -56.15 12.35
CA GLU G 235 26.65 -57.04 12.86
C GLU G 235 27.96 -56.39 12.48
N GLY G 236 28.77 -56.05 13.47
CA GLY G 236 30.01 -55.28 13.31
C GLY G 236 31.16 -56.01 13.97
N ASP G 237 32.32 -55.96 13.33
CA ASP G 237 33.49 -56.74 13.78
C ASP G 237 34.70 -55.91 13.42
N GLY G 238 35.43 -55.44 14.41
CA GLY G 238 36.65 -54.65 14.23
C GLY G 238 37.81 -55.29 14.96
N VAL G 239 38.97 -55.24 14.34
CA VAL G 239 40.23 -55.62 14.98
C VAL G 239 41.25 -54.50 14.82
N ASN G 240 41.62 -53.81 15.88
CA ASN G 240 42.79 -52.91 15.84
C ASN G 240 43.97 -53.59 16.51
N LEU G 241 45.08 -53.69 15.80
CA LEU G 241 46.27 -54.27 16.43
C LEU G 241 47.51 -53.57 15.95
N GLY G 242 48.26 -53.00 16.85
CA GLY G 242 49.27 -52.09 16.33
C GLY G 242 50.20 -51.66 17.42
N VAL G 243 51.47 -51.80 17.15
CA VAL G 243 52.42 -51.71 18.27
C VAL G 243 53.24 -50.47 18.12
N GLN G 244 53.33 -49.68 19.15
CA GLN G 244 54.00 -48.40 18.91
C GLN G 244 55.22 -48.34 19.79
N TRP G 245 56.34 -48.13 19.15
CA TRP G 245 57.59 -47.96 19.91
C TRP G 245 57.76 -46.48 20.24
N GLY G 246 58.47 -46.13 21.30
CA GLY G 246 58.74 -44.72 21.62
C GLY G 246 59.87 -44.51 22.60
N ASN G 247 60.66 -43.49 22.35
CA ASN G 247 61.78 -43.12 23.24
C ASN G 247 61.77 -41.60 23.35
N LEU G 248 61.30 -41.08 24.46
CA LEU G 248 61.09 -39.63 24.61
C LEU G 248 62.37 -38.92 25.10
N GLU G 249 63.32 -39.62 25.73
CA GLU G 249 64.63 -39.03 26.09
C GLU G 249 65.19 -38.28 24.87
N THR G 250 65.23 -38.99 23.75
CA THR G 250 65.63 -38.47 22.43
C THR G 250 64.51 -38.71 21.42
N GLY G 251 63.47 -37.85 21.45
CA GLY G 251 62.24 -37.81 20.64
C GLY G 251 62.19 -38.79 19.49
N ALA G 252 61.98 -40.07 19.78
CA ALA G 252 61.99 -41.11 18.75
C ALA G 252 60.72 -41.88 18.89
N VAL G 253 59.76 -41.60 18.05
CA VAL G 253 58.52 -42.38 18.20
C VAL G 253 58.35 -43.21 16.95
N ILE G 254 57.72 -44.35 17.10
CA ILE G 254 57.02 -44.96 15.95
C ILE G 254 55.55 -44.93 16.25
N GLN G 255 54.94 -43.80 16.05
CA GLN G 255 53.56 -43.67 16.53
C GLN G 255 52.59 -43.94 15.39
N TYR G 256 51.37 -44.29 15.76
CA TYR G 256 50.26 -44.44 14.80
C TYR G 256 49.03 -43.72 15.33
N SER G 257 48.35 -42.94 14.50
CA SER G 257 47.08 -42.32 14.92
C SER G 257 45.99 -43.37 14.83
N ASN G 258 46.19 -44.36 14.00
CA ASN G 258 45.02 -45.21 13.70
C ASN G 258 44.64 -45.99 14.95
N THR G 259 45.56 -46.14 15.90
CA THR G 259 45.24 -46.98 17.09
C THR G 259 44.62 -46.08 18.13
N GLY G 260 43.86 -46.64 19.05
CA GLY G 260 43.37 -45.80 20.15
C GLY G 260 44.33 -44.65 20.41
N THR G 261 45.41 -44.92 21.13
CA THR G 261 46.19 -43.79 21.66
C THR G 261 47.50 -43.74 20.90
N PRO G 262 48.09 -42.55 20.67
CA PRO G 262 49.44 -42.46 20.14
C PRO G 262 50.57 -42.29 21.16
N ILE G 263 51.64 -43.06 21.01
CA ILE G 263 52.61 -43.31 22.10
C ILE G 263 53.04 -41.95 22.65
N GLY G 264 52.99 -40.89 21.83
CA GLY G 264 53.47 -39.58 22.29
C GLY G 264 52.67 -39.15 23.51
N LYS G 265 51.37 -38.95 23.29
CA LYS G 265 50.44 -38.59 24.38
C LYS G 265 50.77 -39.47 25.58
N VAL G 266 50.99 -40.76 25.37
CA VAL G 266 51.08 -41.72 26.50
C VAL G 266 52.39 -41.48 27.23
N MET G 267 53.49 -41.36 26.50
CA MET G 267 54.78 -41.11 27.18
C MET G 267 54.77 -39.73 27.85
N VAL G 268 54.28 -38.71 27.16
CA VAL G 268 54.19 -37.37 27.80
C VAL G 268 53.38 -37.53 29.09
N GLY G 269 52.21 -38.15 29.00
CA GLY G 269 51.27 -38.33 30.13
C GLY G 269 51.98 -39.03 31.26
N LEU G 270 52.78 -40.02 30.93
CA LEU G 270 53.47 -40.81 31.96
C LEU G 270 54.51 -39.95 32.64
N GLU G 271 55.13 -39.05 31.90
CA GLU G 271 56.17 -38.19 32.54
C GLU G 271 55.48 -37.18 33.43
N GLU G 272 54.39 -36.60 32.95
CA GLU G 272 53.64 -35.62 33.79
C GLU G 272 53.10 -36.30 35.04
N ALA G 273 52.74 -37.59 34.98
CA ALA G 273 52.12 -38.34 36.11
C ALA G 273 53.23 -38.75 37.08
N LYS G 274 54.50 -38.46 36.73
CA LYS G 274 55.67 -38.77 37.60
C LYS G 274 55.85 -37.65 38.63
N ASP G 275 56.44 -37.95 39.79
CA ASP G 275 56.72 -36.96 40.86
C ASP G 275 57.99 -36.16 40.49
N LYS G 276 57.81 -34.87 40.16
CA LYS G 276 58.89 -33.88 39.83
C LYS G 276 59.56 -33.39 41.11
N THR G 277 60.71 -32.72 41.01
CA THR G 277 61.45 -32.12 42.17
C THR G 277 62.02 -30.76 41.79
N VAL G 278 61.61 -29.70 42.50
CA VAL G 278 62.04 -28.30 42.27
C VAL G 278 62.91 -27.86 43.45
N THR G 279 64.24 -27.80 43.27
CA THR G 279 65.25 -27.72 44.36
C THR G 279 65.47 -26.27 44.81
N SER G 294 65.00 -28.19 49.19
CA SER G 294 64.49 -29.18 48.20
C SER G 294 63.01 -29.48 48.49
N ARG G 295 62.12 -29.19 47.54
CA ARG G 295 60.70 -29.63 47.61
C ARG G 295 60.52 -30.86 46.72
N THR G 296 59.52 -31.70 47.01
CA THR G 296 59.01 -32.70 46.06
C THR G 296 57.57 -32.33 45.70
N GLU G 297 57.13 -32.75 44.52
CA GLU G 297 55.75 -32.47 44.05
C GLU G 297 55.23 -33.67 43.27
N ALA G 298 53.95 -33.97 43.47
CA ALA G 298 53.29 -35.09 42.78
C ALA G 298 52.60 -34.54 41.54
N GLY G 299 53.06 -35.04 40.41
CA GLY G 299 52.58 -34.61 39.09
C GLY G 299 51.14 -34.99 38.88
N ASP G 300 50.46 -34.19 38.05
CA ASP G 300 49.05 -34.41 37.68
C ASP G 300 49.02 -35.51 36.64
N TYR G 301 48.11 -36.44 36.88
CA TYR G 301 47.78 -37.50 35.91
C TYR G 301 46.69 -36.99 34.99
N SER G 302 46.60 -35.68 34.76
CA SER G 302 45.52 -35.09 33.93
C SER G 302 45.85 -35.30 32.45
N THR G 303 47.13 -35.44 32.14
CA THR G 303 47.59 -35.60 30.75
C THR G 303 47.57 -37.09 30.42
N LEU G 304 47.92 -37.91 31.39
CA LEU G 304 47.93 -39.37 31.18
C LEU G 304 46.48 -39.85 31.10
N ALA G 305 45.60 -39.24 31.85
CA ALA G 305 44.17 -39.62 31.86
C ALA G 305 43.55 -39.22 30.53
N ALA G 306 43.95 -38.10 29.93
CA ALA G 306 43.45 -37.66 28.61
C ALA G 306 43.97 -38.61 27.52
N ALA G 307 45.11 -39.26 27.76
CA ALA G 307 45.66 -40.20 26.75
C ALA G 307 44.94 -41.54 26.85
N LEU G 308 45.01 -42.15 28.04
CA LEU G 308 44.49 -43.51 28.28
C LEU G 308 42.97 -43.44 28.24
N ALA G 309 42.41 -42.24 28.24
CA ALA G 309 40.95 -42.08 28.36
C ALA G 309 40.32 -42.80 27.19
N GLY G 310 40.96 -42.66 26.04
CA GLY G 310 40.33 -42.99 24.76
C GLY G 310 40.81 -44.34 24.28
N VAL G 311 41.27 -45.18 25.18
CA VAL G 311 41.83 -46.47 24.70
C VAL G 311 40.80 -47.55 24.89
N ASN G 312 40.21 -47.96 23.79
CA ASN G 312 39.19 -49.01 23.92
C ASN G 312 39.81 -50.25 23.35
N GLY G 313 40.60 -50.90 24.19
CA GLY G 313 41.04 -52.26 23.90
C GLY G 313 42.01 -52.65 24.97
N ALA G 314 43.27 -52.64 24.58
CA ALA G 314 44.40 -53.05 25.41
C ALA G 314 45.62 -52.30 24.89
N ALA G 315 46.10 -51.35 25.70
CA ALA G 315 47.23 -50.42 25.39
C ALA G 315 48.36 -50.64 26.36
N MET G 316 49.05 -51.76 26.22
CA MET G 316 50.02 -52.26 27.20
C MET G 316 51.38 -51.72 26.79
N SER G 317 52.21 -51.40 27.78
CA SER G 317 53.54 -50.81 27.57
C SER G 317 54.61 -51.76 28.10
N LEU G 318 55.31 -52.46 27.21
CA LEU G 318 56.59 -53.14 27.52
C LEU G 318 57.69 -52.09 27.51
N VAL G 319 58.03 -51.55 28.67
CA VAL G 319 59.09 -50.51 28.81
C VAL G 319 60.45 -51.22 28.85
N MET G 320 61.16 -51.20 27.73
CA MET G 320 62.46 -51.90 27.59
C MET G 320 63.58 -50.85 27.59
N GLY G 321 64.39 -50.79 28.65
CA GLY G 321 65.41 -49.72 28.86
C GLY G 321 65.08 -48.43 28.12
N ASP G 322 63.95 -47.79 28.44
CA ASP G 322 63.74 -46.37 28.06
C ASP G 322 63.20 -46.27 26.62
N TRP G 323 63.00 -47.40 25.98
CA TRP G 323 62.18 -47.48 24.76
C TRP G 323 60.83 -48.11 25.08
N THR G 324 59.83 -47.26 25.27
CA THR G 324 58.47 -47.66 25.68
C THR G 324 57.73 -48.16 24.45
N ALA G 325 57.46 -49.45 24.43
CA ALA G 325 56.70 -50.06 23.32
C ALA G 325 55.24 -50.27 23.74
N LEU G 326 54.37 -49.33 23.40
CA LEU G 326 52.92 -49.46 23.64
C LEU G 326 52.30 -50.32 22.53
N ILE G 327 52.04 -51.57 22.90
CA ILE G 327 51.23 -52.57 22.15
C ILE G 327 49.75 -52.38 22.39
N SER G 328 49.00 -52.27 21.33
CA SER G 328 47.54 -51.99 21.40
C SER G 328 46.81 -53.08 20.61
N ALA G 329 45.72 -53.56 21.17
CA ALA G 329 44.91 -54.59 20.53
C ALA G 329 43.48 -54.45 21.03
N VAL G 330 42.54 -54.55 20.11
CA VAL G 330 41.12 -54.64 20.44
C VAL G 330 40.37 -55.35 19.33
N SER G 331 39.52 -56.32 19.64
CA SER G 331 38.70 -57.02 18.63
C SER G 331 37.22 -56.72 18.91
N SER G 332 36.84 -55.46 18.80
CA SER G 332 35.45 -54.96 18.92
C SER G 332 34.50 -55.77 18.02
N ASP G 333 33.77 -56.73 18.58
CA ASP G 333 32.80 -57.55 17.84
C ASP G 333 31.41 -57.14 18.34
N SER G 334 30.79 -56.20 17.65
CA SER G 334 29.38 -55.75 17.88
C SER G 334 28.37 -56.61 17.09
N ASN G 335 27.10 -56.40 17.36
CA ASN G 335 25.98 -57.27 16.92
C ASN G 335 24.64 -56.67 17.39
N SER G 336 23.69 -56.57 16.50
CA SER G 336 22.41 -55.86 16.72
C SER G 336 21.37 -56.61 15.92
N ASN G 337 20.19 -56.75 16.47
CA ASN G 337 19.20 -57.66 15.88
C ASN G 337 17.84 -57.12 16.27
N ILE G 338 17.49 -55.98 15.75
CA ILE G 338 16.21 -55.28 16.07
C ILE G 338 15.12 -55.81 15.18
N LEU G 339 13.98 -56.06 15.77
CA LEU G 339 12.89 -56.66 15.02
C LEU G 339 11.56 -56.04 15.44
N SER G 340 11.29 -54.84 14.97
CA SER G 340 10.11 -54.06 15.38
C SER G 340 9.02 -54.26 14.34
N SER G 341 7.84 -54.70 14.77
CA SER G 341 6.67 -54.93 13.87
C SER G 341 5.48 -54.18 14.38
N PRO G 342 5.05 -53.11 13.71
CA PRO G 342 3.86 -52.39 14.05
C PRO G 342 2.74 -52.74 13.07
N SER G 343 1.62 -53.18 13.64
CA SER G 343 0.36 -53.32 12.91
C SER G 343 -0.63 -52.21 13.27
N ILE G 344 -1.41 -51.90 12.28
CA ILE G 344 -2.46 -50.91 12.45
C ILE G 344 -3.62 -51.64 11.82
N THR G 345 -4.82 -51.35 12.28
CA THR G 345 -6.02 -51.86 11.60
C THR G 345 -6.68 -50.68 10.94
N VAL G 346 -7.10 -50.90 9.73
CA VAL G 346 -7.71 -49.72 9.15
C VAL G 346 -8.86 -50.12 8.26
N MET G 347 -9.76 -49.19 8.06
CA MET G 347 -10.92 -49.49 7.20
C MET G 347 -10.42 -49.27 5.79
N ASP G 348 -10.83 -50.15 4.89
CA ASP G 348 -10.34 -50.07 3.50
C ASP G 348 -10.57 -48.64 3.04
N ASN G 349 -9.54 -48.11 2.42
CA ASN G 349 -9.63 -46.84 1.68
C ASN G 349 -9.61 -45.70 2.67
N GLY G 350 -9.72 -46.00 3.96
CA GLY G 350 -9.38 -45.01 4.99
C GLY G 350 -7.88 -44.88 5.07
N GLU G 351 -7.37 -43.70 5.37
CA GLU G 351 -5.97 -43.56 5.81
C GLU G 351 -5.83 -43.84 7.30
N ALA G 352 -4.74 -44.48 7.65
CA ALA G 352 -4.45 -44.73 9.06
C ALA G 352 -3.00 -44.56 9.30
N SER G 353 -2.74 -43.80 10.34
CA SER G 353 -1.38 -43.49 10.80
C SER G 353 -1.18 -44.30 12.06
N PHE G 354 0.07 -44.46 12.41
CA PHE G 354 0.50 -45.17 13.61
C PHE G 354 1.87 -44.64 13.93
N ILE G 355 2.12 -44.22 15.13
CA ILE G 355 3.46 -43.64 15.42
C ILE G 355 3.79 -43.91 16.86
N VAL G 356 4.82 -44.63 17.06
CA VAL G 356 5.27 -45.01 18.39
C VAL G 356 6.67 -44.52 18.50
N GLY G 357 6.86 -43.44 19.23
CA GLY G 357 7.90 -42.49 18.86
C GLY G 357 8.18 -41.51 19.95
N GLU G 358 8.69 -40.38 19.50
CA GLU G 358 8.69 -39.16 20.30
C GLU G 358 8.63 -38.01 19.35
N GLU G 359 7.87 -37.02 19.74
CA GLU G 359 7.91 -35.72 19.06
C GLU G 359 9.08 -34.95 19.64
N VAL G 360 10.25 -35.02 19.02
CA VAL G 360 11.37 -34.09 19.33
C VAL G 360 11.13 -32.80 18.59
N PRO G 361 11.32 -31.68 19.26
CA PRO G 361 11.31 -30.42 18.57
C PRO G 361 12.70 -30.08 18.05
N VAL G 362 12.65 -29.39 16.93
CA VAL G 362 13.87 -29.13 16.12
C VAL G 362 13.78 -27.74 15.58
N ILE G 363 14.92 -27.07 15.61
CA ILE G 363 15.02 -25.70 15.10
C ILE G 363 14.58 -25.69 13.65
N THR G 364 14.22 -24.50 13.19
CA THR G 364 13.95 -24.16 11.78
C THR G 364 14.28 -22.67 11.59
N VAL G 379 11.03 -23.10 15.66
CA VAL G 379 10.98 -24.47 16.27
C VAL G 379 9.72 -25.20 15.82
N ASP G 380 9.91 -26.26 15.05
CA ASP G 380 8.84 -27.20 14.71
C ASP G 380 9.07 -28.48 15.50
N ARG G 381 8.02 -29.27 15.64
CA ARG G 381 8.03 -30.46 16.52
C ARG G 381 7.82 -31.70 15.66
N LYS G 382 8.89 -32.33 15.25
CA LYS G 382 8.73 -33.43 14.29
C LYS G 382 8.80 -34.74 15.05
N GLU G 383 7.90 -35.63 14.64
CA GLU G 383 7.67 -36.95 15.25
C GLU G 383 8.71 -37.94 14.76
N VAL G 384 9.19 -38.77 15.62
CA VAL G 384 10.37 -39.48 15.11
C VAL G 384 10.33 -40.81 15.77
N GLY G 385 9.85 -41.78 15.04
CA GLY G 385 9.69 -43.05 15.76
C GLY G 385 9.53 -44.15 14.80
N ILE G 386 8.96 -45.26 15.22
CA ILE G 386 8.30 -46.17 14.25
C ILE G 386 7.02 -45.50 13.79
N LYS G 387 7.01 -44.83 12.66
CA LYS G 387 5.75 -44.44 11.98
C LYS G 387 5.39 -45.44 10.89
N LEU G 388 4.10 -45.50 10.57
CA LEU G 388 3.56 -46.41 9.55
C LEU G 388 2.28 -45.81 9.06
N LYS G 389 2.24 -45.26 7.86
CA LYS G 389 1.00 -44.54 7.51
C LYS G 389 0.40 -45.14 6.25
N VAL G 390 -0.44 -46.15 6.41
CA VAL G 390 -0.93 -46.93 5.25
C VAL G 390 -2.31 -46.45 4.84
N VAL G 391 -2.53 -46.32 3.55
CA VAL G 391 -3.89 -46.07 3.03
C VAL G 391 -4.29 -47.33 2.31
N PRO G 392 -4.65 -48.36 3.07
CA PRO G 392 -4.83 -49.67 2.49
C PRO G 392 -6.12 -49.63 1.72
N GLN G 393 -6.11 -50.14 0.49
CA GLN G 393 -7.26 -50.08 -0.45
C GLN G 393 -7.51 -51.44 -1.08
N ILE G 394 -8.42 -52.23 -0.51
CA ILE G 394 -8.66 -53.65 -0.88
C ILE G 394 -9.23 -53.73 -2.29
N ASN G 395 -8.67 -54.65 -3.09
CA ASN G 395 -8.99 -54.88 -4.54
C ASN G 395 -9.87 -56.14 -4.65
N GLU G 396 -10.43 -56.41 -5.82
CA GLU G 396 -11.04 -57.73 -6.16
C GLU G 396 -9.98 -58.85 -6.02
N GLY G 397 -10.36 -60.07 -5.64
CA GLY G 397 -9.43 -61.21 -5.48
C GLY G 397 -8.72 -61.15 -4.15
N ASP G 398 -9.31 -60.44 -3.18
CA ASP G 398 -8.72 -60.20 -1.85
C ASP G 398 -7.24 -59.87 -2.03
N SER G 399 -6.94 -58.83 -2.78
CA SER G 399 -5.55 -58.39 -3.04
C SER G 399 -5.44 -56.96 -2.58
N VAL G 400 -4.99 -56.77 -1.34
CA VAL G 400 -4.88 -55.40 -0.79
C VAL G 400 -3.76 -54.61 -1.44
N GLN G 401 -4.08 -53.39 -1.78
CA GLN G 401 -3.16 -52.46 -2.45
C GLN G 401 -2.87 -51.26 -1.53
N LEU G 402 -1.77 -51.35 -0.80
CA LEU G 402 -1.35 -50.41 0.27
C LEU G 402 -0.58 -49.25 -0.34
N ASN G 403 -0.86 -48.00 0.08
CA ASN G 403 0.01 -46.82 -0.20
C ASN G 403 0.71 -46.39 1.08
N ILE G 404 1.89 -46.96 1.32
CA ILE G 404 2.50 -46.98 2.67
C ILE G 404 3.63 -45.95 2.74
N GLU G 405 3.73 -45.32 3.88
CA GLU G 405 4.88 -44.49 4.26
C GLU G 405 5.36 -45.05 5.57
N GLN G 406 6.50 -45.73 5.57
CA GLN G 406 7.00 -46.41 6.79
C GLN G 406 8.39 -45.94 7.24
N GLU G 407 8.52 -45.50 8.48
CA GLU G 407 9.67 -44.69 8.91
C GLU G 407 10.10 -45.27 10.20
N VAL G 408 11.21 -45.94 10.22
CA VAL G 408 11.71 -46.00 11.59
C VAL G 408 12.74 -44.94 11.73
N SER G 409 12.70 -44.22 12.81
CA SER G 409 13.61 -43.08 13.02
C SER G 409 13.76 -42.89 14.52
N ASN G 410 14.77 -42.12 14.91
CA ASN G 410 15.54 -42.50 16.11
C ASN G 410 16.50 -41.38 16.36
N VAL G 411 15.95 -40.26 16.79
CA VAL G 411 16.76 -39.08 17.15
C VAL G 411 18.04 -39.52 17.86
N LEU G 412 19.14 -39.24 17.20
CA LEU G 412 20.53 -39.45 17.65
C LEU G 412 21.03 -38.08 18.08
N GLY G 413 22.32 -37.98 18.38
CA GLY G 413 22.97 -36.69 18.64
C GLY G 413 23.02 -35.83 17.39
N ALA G 414 23.39 -34.57 17.61
CA ALA G 414 23.81 -33.66 16.51
C ALA G 414 25.32 -33.44 16.48
N ASN G 415 26.12 -34.50 16.43
CA ASN G 415 27.59 -34.32 16.38
C ASN G 415 27.88 -32.88 15.90
N GLY G 416 27.66 -32.62 14.61
CA GLY G 416 28.27 -31.44 14.00
C GLY G 416 27.20 -30.38 13.89
N ALA G 417 25.99 -30.89 13.73
CA ALA G 417 24.93 -30.09 13.12
C ALA G 417 24.37 -29.16 14.20
N VAL G 418 23.77 -28.09 13.73
CA VAL G 418 23.01 -27.08 14.53
C VAL G 418 22.19 -27.82 15.57
N ASP G 419 21.12 -28.45 15.11
CA ASP G 419 20.17 -29.13 16.01
C ASP G 419 20.51 -30.62 16.02
N VAL G 420 19.59 -31.40 16.57
CA VAL G 420 19.68 -32.87 16.63
C VAL G 420 19.42 -33.45 15.26
N ARG G 421 20.26 -34.40 14.90
CA ARG G 421 20.18 -35.24 13.67
C ARG G 421 19.31 -36.43 14.04
N PHE G 422 18.16 -36.56 13.38
CA PHE G 422 17.28 -37.77 13.35
C PHE G 422 17.84 -38.83 12.43
N ALA G 423 17.87 -40.06 12.90
CA ALA G 423 18.34 -41.18 12.08
C ALA G 423 17.14 -41.92 11.60
N LYS G 424 16.93 -41.77 10.33
CA LYS G 424 15.62 -41.99 9.72
C LYS G 424 15.83 -43.07 8.71
N ARG G 425 14.98 -44.07 8.73
CA ARG G 425 14.97 -45.08 7.66
C ARG G 425 13.56 -45.12 7.17
N GLN G 426 13.21 -44.19 6.29
CA GLN G 426 11.85 -44.21 5.75
C GLN G 426 11.83 -44.81 4.37
N LEU G 427 10.68 -45.35 4.04
CA LEU G 427 10.53 -46.27 2.90
C LEU G 427 9.10 -46.04 2.41
N ASN G 428 8.87 -45.07 1.54
CA ASN G 428 7.46 -44.78 1.26
C ASN G 428 7.19 -45.12 -0.19
N THR G 429 6.25 -46.00 -0.40
CA THR G 429 6.06 -46.70 -1.66
C THR G 429 4.60 -47.03 -1.76
N SER G 430 4.24 -47.76 -2.80
CA SER G 430 2.87 -48.28 -2.94
C SER G 430 3.04 -49.69 -3.39
N VAL G 431 2.59 -50.64 -2.63
CA VAL G 431 2.69 -52.01 -3.17
C VAL G 431 1.35 -52.69 -3.20
N ILE G 432 1.34 -53.90 -3.71
CA ILE G 432 0.05 -54.59 -3.86
C ILE G 432 0.28 -56.02 -3.44
N VAL G 433 -0.41 -56.39 -2.39
CA VAL G 433 -0.07 -57.60 -1.64
C VAL G 433 -1.26 -58.52 -1.70
N GLN G 434 -0.98 -59.80 -1.57
CA GLN G 434 -2.13 -60.71 -1.43
C GLN G 434 -2.78 -60.47 -0.08
N ASP G 435 -4.01 -60.92 0.06
CA ASP G 435 -4.62 -61.07 1.38
C ASP G 435 -3.85 -62.15 2.11
N GLY G 436 -3.16 -61.82 3.20
CA GLY G 436 -2.58 -62.81 4.14
C GLY G 436 -1.20 -63.33 3.79
N GLN G 437 -0.62 -62.94 2.64
CA GLN G 437 0.80 -63.29 2.38
C GLN G 437 1.65 -62.05 2.63
N MET G 438 2.86 -62.29 3.07
CA MET G 438 3.70 -61.14 3.38
C MET G 438 4.39 -60.75 2.08
N LEU G 439 4.72 -59.48 1.96
CA LEU G 439 5.51 -59.01 0.81
C LEU G 439 6.54 -58.06 1.34
N VAL G 440 7.66 -58.02 0.64
CA VAL G 440 8.82 -57.27 1.14
C VAL G 440 8.86 -55.87 0.55
N LEU G 441 8.59 -54.84 1.35
CA LEU G 441 8.50 -53.47 0.81
C LEU G 441 9.91 -53.10 0.39
N GLY G 442 10.84 -53.31 1.32
CA GLY G 442 12.07 -52.53 1.36
C GLY G 442 13.23 -53.36 1.77
N GLY G 443 14.35 -52.69 1.88
CA GLY G 443 15.56 -53.46 2.13
C GLY G 443 16.72 -52.53 2.19
N LEU G 444 17.79 -53.12 2.65
CA LEU G 444 19.14 -52.61 2.48
C LEU G 444 20.09 -53.66 3.04
N ILE G 445 20.96 -54.14 2.20
CA ILE G 445 22.03 -55.01 2.68
C ILE G 445 23.32 -54.25 2.50
N ASP G 446 23.71 -53.49 3.49
CA ASP G 446 25.04 -52.86 3.50
C ASP G 446 26.05 -53.89 3.96
N GLU G 447 27.20 -53.93 3.32
CA GLU G 447 28.41 -54.48 3.94
C GLU G 447 29.52 -53.45 3.77
N ARG G 448 30.36 -53.25 4.77
CA ARG G 448 31.59 -52.43 4.65
C ARG G 448 32.79 -53.24 5.12
N ALA G 449 33.94 -52.80 4.71
CA ALA G 449 35.15 -53.45 5.21
C ALA G 449 36.32 -52.50 5.01
N LEU G 450 36.70 -51.79 6.06
CA LEU G 450 37.85 -50.88 5.97
C LEU G 450 39.04 -51.57 6.63
N GLU G 451 40.01 -51.95 5.85
CA GLU G 451 41.36 -52.14 6.39
C GLU G 451 42.12 -50.79 6.44
N SER G 452 43.17 -50.73 7.25
CA SER G 452 44.20 -49.65 7.26
C SER G 452 45.47 -50.25 7.84
N GLU G 453 46.61 -49.90 7.29
CA GLU G 453 47.81 -50.33 8.01
C GLU G 453 48.84 -49.27 7.79
N SER G 454 49.22 -48.63 8.85
CA SER G 454 50.42 -47.80 8.80
C SER G 454 51.60 -48.68 9.19
N LYS G 455 52.66 -48.70 8.40
CA LYS G 455 53.84 -49.48 8.83
C LYS G 455 55.11 -48.71 8.62
N VAL G 456 56.19 -49.20 9.20
CA VAL G 456 57.47 -48.51 8.98
C VAL G 456 57.94 -49.06 7.65
N PRO G 457 57.29 -48.61 6.58
CA PRO G 457 57.58 -49.21 5.30
C PRO G 457 58.18 -50.60 5.39
N LEU G 458 59.47 -50.71 5.12
CA LEU G 458 59.98 -52.01 4.66
C LEU G 458 60.06 -52.97 5.84
N LEU G 459 60.26 -52.44 7.05
CA LEU G 459 60.43 -53.29 8.26
C LEU G 459 59.08 -53.95 8.56
N GLY G 460 57.98 -53.29 8.23
CA GLY G 460 56.62 -53.83 8.39
C GLY G 460 56.28 -54.83 7.30
N ASP G 461 57.29 -55.37 6.64
CA ASP G 461 57.03 -56.38 5.60
C ASP G 461 57.28 -57.76 6.21
N ILE G 462 58.37 -57.91 6.96
CA ILE G 462 58.84 -59.21 7.50
C ILE G 462 57.60 -59.92 8.04
N PRO G 463 57.41 -61.22 7.74
CA PRO G 463 56.17 -61.91 8.13
C PRO G 463 56.00 -62.03 9.64
N ILE G 464 57.07 -62.42 10.34
CA ILE G 464 56.98 -62.74 11.78
C ILE G 464 56.94 -61.41 12.56
N LEU G 465 57.94 -60.58 12.33
CA LEU G 465 58.24 -59.40 13.20
C LEU G 465 57.54 -58.18 12.63
N GLY G 466 56.95 -58.27 11.45
CA GLY G 466 56.35 -57.10 10.78
C GLY G 466 55.42 -56.39 11.74
N HIS G 467 54.68 -57.21 12.50
CA HIS G 467 53.53 -56.71 13.26
C HIS G 467 54.08 -55.76 14.31
N LEU G 468 55.39 -55.75 14.53
CA LEU G 468 55.97 -54.89 15.60
C LEU G 468 55.97 -53.48 15.06
N PHE G 469 56.12 -53.34 13.76
CA PHE G 469 56.23 -51.98 13.22
C PHE G 469 54.92 -51.53 12.60
N LYS G 470 54.06 -52.46 12.21
CA LYS G 470 52.78 -52.18 11.53
C LYS G 470 51.77 -51.76 12.57
N SER G 471 50.78 -51.00 12.14
CA SER G 471 49.52 -50.80 12.89
C SER G 471 48.33 -51.00 11.98
N THR G 472 47.74 -52.16 12.14
CA THR G 472 46.63 -52.53 11.25
C THR G 472 45.33 -52.25 11.98
N ASN G 473 44.35 -51.82 11.23
CA ASN G 473 43.03 -51.45 11.76
C ASN G 473 41.97 -51.96 10.79
N THR G 474 41.22 -52.96 11.17
CA THR G 474 40.26 -53.56 10.24
C THR G 474 38.89 -53.46 10.85
N GLN G 475 37.90 -53.29 10.03
CA GLN G 475 36.56 -52.93 10.50
C GLN G 475 35.60 -53.46 9.46
N VAL G 476 34.61 -54.17 9.89
CA VAL G 476 33.68 -54.76 8.92
C VAL G 476 32.32 -54.57 9.48
N GLU G 477 31.50 -53.78 8.82
CA GLU G 477 30.14 -53.53 9.30
C GLU G 477 29.20 -54.12 8.25
N LYS G 478 28.25 -54.90 8.72
CA LYS G 478 27.28 -55.57 7.84
C LYS G 478 25.90 -55.29 8.40
N LYS G 479 25.01 -54.74 7.61
CA LYS G 479 23.72 -54.25 8.10
C LYS G 479 22.59 -54.67 7.17
N ASN G 480 21.63 -55.42 7.67
CA ASN G 480 20.52 -56.00 6.86
C ASN G 480 19.28 -55.38 7.42
N LEU G 481 18.69 -54.44 6.71
CA LEU G 481 17.38 -53.88 7.02
C LEU G 481 16.34 -54.34 5.97
N MET G 482 15.46 -55.30 6.26
CA MET G 482 14.32 -55.65 5.37
C MET G 482 13.09 -55.14 6.07
N VAL G 483 12.22 -54.44 5.38
CA VAL G 483 10.86 -54.25 5.90
C VAL G 483 9.90 -55.09 5.09
N PHE G 484 9.33 -56.09 5.76
CA PHE G 484 8.16 -56.81 5.24
C PHE G 484 6.86 -56.16 5.69
N ILE G 485 5.84 -56.31 4.88
CA ILE G 485 4.47 -55.87 5.19
C ILE G 485 3.51 -56.98 4.86
N LYS G 486 2.53 -57.18 5.73
CA LYS G 486 1.49 -58.23 5.58
C LYS G 486 0.15 -57.60 5.86
N PRO G 487 -0.64 -57.37 4.81
CA PRO G 487 -2.02 -56.93 4.95
C PRO G 487 -2.85 -58.18 5.19
N THR G 488 -3.68 -58.08 6.21
CA THR G 488 -4.76 -59.05 6.45
C THR G 488 -6.09 -58.31 6.38
N ILE G 489 -7.02 -58.87 5.63
CA ILE G 489 -8.35 -58.28 5.40
C ILE G 489 -9.23 -58.86 6.48
N ILE G 490 -9.97 -58.00 7.15
CA ILE G 490 -10.97 -58.37 8.19
C ILE G 490 -12.35 -57.97 7.67
N ARG G 491 -13.03 -58.91 7.03
CA ARG G 491 -14.40 -58.69 6.47
C ARG G 491 -15.43 -59.06 7.53
N ASP G 492 -15.56 -60.36 7.72
CA ASP G 492 -16.48 -60.96 8.71
C ASP G 492 -15.97 -60.55 10.09
N GLY G 493 -16.86 -60.06 10.94
CA GLY G 493 -16.54 -59.86 12.36
C GLY G 493 -15.77 -61.04 12.91
N MET G 494 -16.25 -62.26 12.66
CA MET G 494 -15.61 -63.44 13.29
C MET G 494 -14.11 -63.38 13.04
N THR G 495 -13.71 -62.84 11.88
CA THR G 495 -12.29 -62.78 11.49
C THR G 495 -11.54 -61.89 12.49
N ALA G 496 -12.18 -60.77 12.84
CA ALA G 496 -11.64 -59.72 13.73
C ALA G 496 -11.42 -60.34 15.10
N ASP G 497 -12.42 -61.07 15.57
CA ASP G 497 -12.38 -61.75 16.89
C ASP G 497 -11.04 -62.47 16.97
N GLY G 498 -10.75 -63.25 15.94
CA GLY G 498 -9.52 -64.06 15.95
C GLY G 498 -8.33 -63.14 15.98
N ILE G 499 -8.22 -62.31 14.95
CA ILE G 499 -7.03 -61.46 14.78
C ILE G 499 -6.80 -60.90 16.18
N THR G 500 -7.87 -60.36 16.75
CA THR G 500 -7.80 -59.51 17.96
C THR G 500 -7.49 -60.45 19.10
N GLN G 501 -8.43 -61.32 19.37
CA GLN G 501 -8.24 -62.30 20.45
C GLN G 501 -6.78 -62.75 20.45
N ARG G 502 -6.40 -63.51 19.44
CA ARG G 502 -5.06 -64.14 19.39
C ARG G 502 -4.11 -63.17 20.06
N LYS G 503 -4.15 -61.90 19.65
CA LYS G 503 -3.20 -60.82 20.08
C LYS G 503 -3.39 -60.58 21.57
N TYR G 504 -4.61 -60.23 21.92
CA TYR G 504 -5.03 -59.91 23.30
C TYR G 504 -4.66 -61.06 24.20
N ASN G 505 -5.08 -62.25 23.77
CA ASN G 505 -4.91 -63.52 24.48
C ASN G 505 -3.42 -63.84 24.67
N TYR G 506 -2.52 -63.38 23.77
CA TYR G 506 -1.04 -63.48 23.80
C TYR G 506 -0.48 -62.58 24.87
N ILE G 507 -0.90 -61.33 24.87
CA ILE G 507 -0.48 -60.40 25.94
C ILE G 507 -0.93 -61.01 27.26
N ARG G 508 -2.20 -61.33 27.35
CA ARG G 508 -2.69 -61.87 28.62
C ARG G 508 -1.79 -63.02 29.02
N ALA G 509 -1.37 -63.85 28.09
CA ALA G 509 -0.53 -64.98 28.52
C ALA G 509 0.72 -64.39 29.15
N GLU G 510 1.37 -63.46 28.47
CA GLU G 510 2.64 -62.92 28.98
C GLU G 510 2.36 -62.43 30.39
N GLN G 511 1.29 -61.68 30.55
CA GLN G 511 1.14 -60.92 31.80
C GLN G 511 0.83 -61.89 32.91
N LEU G 512 0.10 -62.95 32.61
CA LEU G 512 -0.24 -63.95 33.63
C LEU G 512 1.06 -64.57 34.01
N TYR G 513 1.93 -64.58 33.04
CA TYR G 513 3.19 -65.22 33.39
C TYR G 513 3.80 -64.37 34.50
N LYS G 514 3.91 -63.09 34.23
CA LYS G 514 4.68 -62.20 35.11
C LYS G 514 3.98 -62.23 36.46
N ALA G 515 2.79 -62.80 36.48
CA ALA G 515 2.15 -62.96 37.79
C ALA G 515 2.63 -64.26 38.44
N GLU G 516 3.17 -65.18 37.67
CA GLU G 516 3.59 -66.44 38.32
C GLU G 516 4.90 -66.17 39.02
N GLN G 517 5.71 -65.36 38.35
CA GLN G 517 6.98 -64.81 38.83
C GLN G 517 6.76 -63.34 39.17
N GLY G 518 6.11 -63.09 40.31
CA GLY G 518 5.38 -61.85 40.62
C GLY G 518 6.30 -60.67 40.88
N LEU G 519 5.77 -59.48 40.64
CA LEU G 519 6.37 -58.27 41.21
C LEU G 519 7.22 -58.62 42.42
N LYS G 520 8.48 -58.25 42.33
CA LYS G 520 9.57 -59.04 42.94
C LYS G 520 9.38 -58.93 44.44
N LEU G 521 9.27 -57.71 44.94
CA LEU G 521 9.21 -57.56 46.40
C LEU G 521 7.79 -57.26 46.90
N MET G 522 6.87 -56.90 46.01
CA MET G 522 5.45 -56.62 46.38
C MET G 522 4.64 -57.91 46.57
N ASP G 523 3.38 -57.76 46.97
CA ASP G 523 2.38 -58.87 46.93
C ASP G 523 2.00 -59.12 45.47
N ASP G 524 1.98 -60.39 45.10
CA ASP G 524 1.90 -60.82 43.69
C ASP G 524 0.61 -60.27 43.04
N GLY G 525 -0.32 -59.75 43.85
CA GLY G 525 -1.68 -59.35 43.39
C GLY G 525 -1.67 -58.03 42.65
N HIS G 526 -0.60 -57.25 42.68
CA HIS G 526 -0.71 -55.85 42.21
C HIS G 526 -0.36 -55.78 40.75
N ILE G 527 0.12 -56.87 40.18
CA ILE G 527 0.67 -56.85 38.81
C ILE G 527 -0.49 -56.84 37.84
N PRO G 528 -0.59 -55.80 37.00
CA PRO G 528 -1.71 -55.68 36.10
C PRO G 528 -1.73 -56.88 35.14
N VAL G 529 -2.91 -57.43 35.00
CA VAL G 529 -3.20 -58.62 34.16
C VAL G 529 -4.49 -58.30 33.42
N LEU G 530 -4.48 -58.49 32.13
CA LEU G 530 -5.71 -58.35 31.36
C LEU G 530 -6.70 -59.39 31.83
N PRO G 531 -7.97 -59.04 31.85
CA PRO G 531 -8.99 -60.04 32.16
C PRO G 531 -9.16 -61.07 31.04
N LYS G 532 -9.81 -62.19 31.33
CA LYS G 532 -10.09 -63.22 30.30
C LYS G 532 -10.94 -62.55 29.23
N PHE G 533 -10.60 -62.78 27.96
CA PHE G 533 -11.12 -62.00 26.80
C PHE G 533 -12.65 -61.94 26.77
N GLY G 534 -13.19 -60.72 26.82
CA GLY G 534 -14.64 -60.46 26.89
C GLY G 534 -15.26 -60.75 28.26
N GLU G 535 -14.49 -60.87 29.35
CA GLU G 535 -15.05 -61.02 30.72
C GLU G 535 -15.08 -59.66 31.43
N ASP G 536 -14.49 -58.66 30.79
CA ASP G 536 -14.45 -57.36 31.49
C ASP G 536 -13.67 -57.53 32.81
N LYS G 537 -13.68 -56.57 33.73
CA LYS G 537 -12.68 -56.62 34.83
C LYS G 537 -13.18 -57.62 35.89
N ARG G 538 -12.29 -58.27 36.62
CA ARG G 538 -12.68 -58.86 37.93
C ARG G 538 -11.98 -58.11 39.09
N HIS G 539 -12.69 -57.66 40.17
CA HIS G 539 -12.08 -57.00 41.36
C HIS G 539 -10.93 -57.86 41.84
N PRO G 540 -9.83 -57.21 42.26
CA PRO G 540 -8.84 -57.85 43.12
C PRO G 540 -9.58 -58.74 44.13
N ALA G 541 -8.93 -59.83 44.54
CA ALA G 541 -9.49 -60.86 45.43
C ALA G 541 -9.86 -60.23 46.78
N GLU G 542 -8.92 -59.55 47.42
CA GLU G 542 -9.17 -59.04 48.80
C GLU G 542 -10.49 -58.27 48.79
N ILE G 543 -10.66 -57.38 47.82
CA ILE G 543 -11.85 -56.49 47.74
C ILE G 543 -13.06 -57.37 47.45
N GLN G 544 -12.89 -58.36 46.60
CA GLN G 544 -14.01 -59.26 46.23
C GLN G 544 -14.40 -60.00 47.50
N ALA G 545 -13.39 -60.43 48.27
CA ALA G 545 -13.61 -61.15 49.54
C ALA G 545 -14.39 -60.23 50.50
N PHE G 546 -13.99 -58.96 50.55
CA PHE G 546 -14.61 -57.94 51.42
C PHE G 546 -16.07 -57.78 51.00
N ILE G 547 -16.31 -57.72 49.68
CA ILE G 547 -17.62 -57.29 49.14
C ILE G 547 -18.66 -58.32 49.54
N ASP G 548 -18.32 -59.60 49.45
CA ASP G 548 -19.25 -60.73 49.72
C ASP G 548 -19.55 -60.70 51.22
N GLN G 549 -18.49 -60.52 52.00
CA GLN G 549 -18.58 -60.45 53.49
C GLN G 549 -19.64 -59.40 53.81
N MET G 550 -19.54 -58.24 53.16
CA MET G 550 -20.52 -57.14 53.32
C MET G 550 -21.90 -57.66 52.93
N GLU G 551 -21.97 -58.34 51.79
CA GLU G 551 -23.22 -58.91 51.23
C GLU G 551 -23.81 -59.89 52.25
N GLN G 552 -22.97 -60.76 52.80
CA GLN G 552 -23.34 -61.78 53.82
C GLN G 552 -23.96 -61.09 55.03
N GLN G 553 -23.31 -60.00 55.49
CA GLN G 553 -23.73 -59.19 56.66
C GLN G 553 -25.13 -58.61 56.40
N ASP H 1 -101.25 -34.02 -29.44
CA ASP H 1 -101.49 -32.72 -30.14
C ASP H 1 -101.32 -31.54 -29.17
N ASN H 2 -100.87 -31.80 -27.94
CA ASN H 2 -100.66 -30.72 -26.93
C ASN H 2 -99.58 -29.75 -27.45
N VAL H 3 -99.64 -28.51 -26.98
CA VAL H 3 -98.60 -27.49 -27.29
C VAL H 3 -97.71 -27.30 -26.07
N ILE H 4 -96.45 -27.73 -26.21
CA ILE H 4 -95.39 -27.56 -25.18
C ILE H 4 -94.11 -27.11 -25.88
N THR H 5 -93.21 -26.48 -25.13
CA THR H 5 -91.87 -26.05 -25.60
C THR H 5 -90.84 -27.09 -25.15
N ARG H 6 -89.88 -27.43 -26.02
CA ARG H 6 -88.80 -28.37 -25.66
C ARG H 6 -87.45 -27.67 -25.81
N VAL H 7 -86.62 -27.75 -24.77
CA VAL H 7 -85.27 -27.12 -24.72
C VAL H 7 -84.23 -28.23 -24.71
N VAL H 8 -83.51 -28.38 -25.83
CA VAL H 8 -82.52 -29.48 -26.02
C VAL H 8 -81.26 -28.89 -26.66
N ALA H 9 -80.13 -29.56 -26.52
CA ALA H 9 -78.80 -29.03 -26.91
C ALA H 9 -78.34 -29.66 -28.22
N VAL H 10 -77.63 -28.87 -29.02
CA VAL H 10 -76.63 -29.38 -29.99
C VAL H 10 -75.31 -28.70 -29.70
N ARG H 11 -74.41 -29.45 -29.07
CA ARG H 11 -73.11 -28.96 -28.54
C ARG H 11 -72.15 -28.68 -29.71
N ASN H 12 -72.32 -29.36 -30.86
CA ASN H 12 -71.28 -29.61 -31.90
C ASN H 12 -71.04 -28.36 -32.76
N VAL H 13 -72.09 -27.81 -33.37
CA VAL H 13 -71.99 -26.54 -34.15
C VAL H 13 -73.28 -25.73 -33.95
N SER H 14 -73.18 -24.41 -34.14
CA SER H 14 -74.30 -23.45 -33.97
C SER H 14 -75.52 -23.96 -34.73
N VAL H 15 -76.69 -23.91 -34.08
CA VAL H 15 -77.93 -24.59 -34.53
C VAL H 15 -78.69 -23.66 -35.48
N ARG H 16 -78.22 -22.42 -35.68
CA ARG H 16 -78.75 -21.52 -36.74
C ARG H 16 -78.68 -22.24 -38.09
N GLU H 17 -77.71 -23.14 -38.23
CA GLU H 17 -77.49 -24.00 -39.43
C GLU H 17 -78.78 -24.75 -39.78
N LEU H 18 -79.68 -25.00 -38.82
CA LEU H 18 -80.90 -25.82 -39.06
C LEU H 18 -82.15 -24.93 -39.23
N SER H 19 -82.02 -23.60 -39.25
CA SER H 19 -83.20 -22.69 -39.26
C SER H 19 -84.11 -22.98 -40.46
N PRO H 20 -83.61 -23.17 -41.70
CA PRO H 20 -84.52 -23.32 -42.85
C PRO H 20 -85.31 -24.64 -42.82
N LEU H 21 -84.64 -25.74 -42.47
CA LEU H 21 -85.20 -27.12 -42.55
C LEU H 21 -86.14 -27.34 -41.35
N LEU H 22 -85.80 -26.75 -40.20
CA LEU H 22 -86.67 -26.78 -39.00
C LEU H 22 -87.94 -25.97 -39.26
N ARG H 23 -87.83 -24.78 -39.86
CA ARG H 23 -89.02 -24.01 -40.30
C ARG H 23 -89.72 -24.77 -41.44
N GLN H 24 -89.06 -25.77 -42.02
CA GLN H 24 -89.74 -26.70 -42.96
C GLN H 24 -90.74 -27.56 -42.18
N LEU H 25 -90.37 -28.04 -40.99
CA LEU H 25 -91.30 -28.76 -40.08
C LEU H 25 -92.23 -27.76 -39.38
N ILE H 26 -91.89 -26.47 -39.36
CA ILE H 26 -92.84 -25.42 -38.89
C ILE H 26 -93.81 -25.12 -40.05
N ASP H 27 -93.36 -25.35 -41.28
CA ASP H 27 -94.22 -25.28 -42.49
C ASP H 27 -94.93 -26.62 -42.72
N ASN H 28 -94.22 -27.76 -42.60
CA ASN H 28 -94.73 -29.12 -42.95
C ASN H 28 -96.11 -29.36 -42.31
N ALA H 29 -96.35 -28.81 -41.11
CA ALA H 29 -97.65 -28.89 -40.41
C ALA H 29 -98.01 -27.51 -39.84
N GLY H 30 -99.03 -27.46 -38.98
CA GLY H 30 -99.60 -26.22 -38.42
C GLY H 30 -98.56 -25.39 -37.66
N ALA H 31 -98.72 -24.07 -37.66
CA ALA H 31 -97.83 -23.11 -36.95
C ALA H 31 -98.45 -22.77 -35.59
N GLY H 32 -97.90 -21.74 -34.92
CA GLY H 32 -97.93 -21.59 -33.45
C GLY H 32 -96.62 -22.05 -32.84
N ASN H 33 -95.78 -22.71 -33.65
CA ASN H 33 -94.40 -23.11 -33.27
C ASN H 33 -93.53 -21.87 -33.04
N VAL H 34 -92.45 -22.05 -32.29
CA VAL H 34 -91.18 -21.30 -32.47
C VAL H 34 -90.05 -22.32 -32.46
N VAL H 35 -88.96 -22.03 -33.16
CA VAL H 35 -87.66 -22.69 -32.86
C VAL H 35 -86.60 -21.59 -32.82
N HIS H 36 -86.12 -21.29 -31.62
CA HIS H 36 -85.20 -20.16 -31.36
C HIS H 36 -83.85 -20.72 -30.91
N TYR H 37 -82.78 -20.26 -31.55
CA TYR H 37 -81.42 -20.84 -31.45
C TYR H 37 -80.56 -19.89 -30.62
N ASP H 38 -80.31 -20.23 -29.37
CA ASP H 38 -79.62 -19.29 -28.46
C ASP H 38 -78.13 -19.34 -28.72
N PRO H 39 -77.50 -18.17 -29.01
CA PRO H 39 -76.05 -18.10 -29.21
C PRO H 39 -75.22 -18.62 -28.03
N ALA H 40 -75.85 -18.85 -26.87
CA ALA H 40 -75.27 -19.62 -25.75
C ALA H 40 -75.14 -21.10 -26.14
N ASN H 41 -75.72 -21.48 -27.29
CA ASN H 41 -75.74 -22.86 -27.83
C ASN H 41 -76.55 -23.79 -26.90
N ILE H 42 -77.86 -23.54 -26.81
CA ILE H 42 -78.92 -24.54 -26.51
C ILE H 42 -80.03 -24.32 -27.54
N ILE H 43 -81.18 -24.96 -27.38
CA ILE H 43 -82.20 -25.04 -28.46
C ILE H 43 -83.61 -24.91 -27.86
N LEU H 44 -84.44 -24.08 -28.49
CA LEU H 44 -85.87 -23.88 -28.13
C LEU H 44 -86.78 -24.36 -29.28
N ILE H 45 -87.75 -25.19 -28.95
CA ILE H 45 -88.98 -25.39 -29.76
C ILE H 45 -90.19 -25.04 -28.90
N THR H 46 -91.29 -24.66 -29.56
CA THR H 46 -92.62 -24.51 -28.92
C THR H 46 -93.68 -24.93 -29.92
N GLY H 47 -94.69 -25.69 -29.48
CA GLY H 47 -95.80 -26.13 -30.34
C GLY H 47 -96.25 -27.55 -30.03
N ARG H 48 -96.85 -28.21 -31.03
CA ARG H 48 -97.41 -29.58 -30.89
C ARG H 48 -96.28 -30.58 -30.62
N ALA H 49 -96.45 -31.34 -29.55
CA ALA H 49 -95.45 -32.30 -29.02
C ALA H 49 -94.96 -33.22 -30.14
N ALA H 50 -95.81 -33.52 -31.13
CA ALA H 50 -95.46 -34.39 -32.28
C ALA H 50 -94.44 -33.67 -33.16
N VAL H 51 -94.79 -32.48 -33.65
CA VAL H 51 -93.95 -31.71 -34.62
C VAL H 51 -92.76 -31.13 -33.84
N VAL H 52 -92.96 -30.81 -32.58
CA VAL H 52 -91.84 -30.40 -31.66
C VAL H 52 -90.93 -31.62 -31.46
N ASN H 53 -91.51 -32.82 -31.49
CA ASN H 53 -90.76 -34.09 -31.31
C ASN H 53 -89.90 -34.32 -32.55
N ARG H 54 -90.49 -34.14 -33.73
CA ARG H 54 -89.79 -34.33 -35.03
C ARG H 54 -88.72 -33.23 -35.16
N LEU H 55 -89.05 -32.02 -34.72
CA LEU H 55 -88.11 -30.87 -34.75
C LEU H 55 -86.92 -31.16 -33.83
N ALA H 56 -87.19 -31.80 -32.67
CA ALA H 56 -86.15 -32.12 -31.67
C ALA H 56 -85.34 -33.32 -32.18
N GLU H 57 -85.87 -34.05 -33.17
CA GLU H 57 -85.24 -35.27 -33.71
C GLU H 57 -84.22 -34.87 -34.79
N ILE H 58 -84.56 -33.93 -35.68
CA ILE H 58 -83.55 -33.28 -36.57
C ILE H 58 -82.53 -32.59 -35.66
N ILE H 59 -83.03 -31.76 -34.75
CA ILE H 59 -82.21 -31.01 -33.75
C ILE H 59 -81.28 -31.99 -33.02
N LYS H 60 -81.83 -32.96 -32.29
CA LYS H 60 -81.03 -33.98 -31.57
C LYS H 60 -80.24 -34.79 -32.60
N ARG H 61 -80.59 -34.69 -33.88
CA ARG H 61 -79.86 -35.44 -34.93
C ARG H 61 -78.62 -34.63 -35.31
N VAL H 62 -78.56 -33.36 -34.91
CA VAL H 62 -77.29 -32.58 -34.96
C VAL H 62 -76.67 -32.52 -33.57
N ASP H 63 -77.43 -32.82 -32.51
CA ASP H 63 -76.85 -33.02 -31.16
C ASP H 63 -75.96 -34.27 -31.17
N GLN H 64 -76.57 -35.44 -31.23
CA GLN H 64 -75.88 -36.75 -31.22
C GLN H 64 -74.87 -36.79 -32.39
N ALA H 65 -75.06 -35.91 -33.37
CA ALA H 65 -74.22 -35.86 -34.59
C ALA H 65 -72.79 -35.48 -34.20
N GLY H 66 -72.63 -34.54 -33.26
CA GLY H 66 -71.32 -34.07 -32.80
C GLY H 66 -71.31 -33.82 -31.30
N ASN H 67 -71.61 -34.84 -30.49
CA ASN H 67 -71.60 -34.69 -29.01
C ASN H 67 -70.15 -34.57 -28.53
N ARG H 68 -69.96 -33.96 -27.37
CA ARG H 68 -68.61 -33.72 -26.82
C ARG H 68 -68.65 -33.84 -25.30
N GLU H 69 -67.93 -34.82 -24.75
CA GLU H 69 -67.80 -35.02 -23.28
C GLU H 69 -66.34 -34.81 -22.87
N ILE H 70 -66.01 -35.22 -21.65
CA ILE H 70 -64.61 -35.10 -21.13
C ILE H 70 -64.29 -36.32 -20.27
N GLU H 71 -62.98 -36.58 -20.13
CA GLU H 71 -62.48 -37.69 -19.29
C GLU H 71 -61.41 -37.16 -18.34
N VAL H 72 -61.20 -37.89 -17.25
CA VAL H 72 -60.10 -37.63 -16.30
C VAL H 72 -59.49 -38.98 -15.91
N VAL H 73 -58.27 -39.24 -16.34
CA VAL H 73 -57.64 -40.58 -16.15
C VAL H 73 -56.20 -40.41 -15.69
N GLU H 74 -55.79 -41.26 -14.75
CA GLU H 74 -54.47 -41.17 -14.07
C GLU H 74 -53.38 -41.53 -15.08
N LEU H 75 -52.33 -40.72 -15.06
CA LEU H 75 -51.03 -41.09 -15.63
C LEU H 75 -50.03 -41.20 -14.47
N GLY H 76 -49.89 -42.41 -13.91
CA GLY H 76 -49.03 -42.66 -12.74
C GLY H 76 -47.58 -42.34 -13.06
N ASN H 77 -47.23 -42.25 -14.34
CA ASN H 77 -45.82 -42.37 -14.81
C ASN H 77 -45.48 -41.19 -15.72
N ALA H 78 -45.90 -41.26 -16.99
CA ALA H 78 -45.48 -40.32 -18.05
C ALA H 78 -45.96 -38.91 -17.69
N SER H 79 -45.09 -37.92 -17.84
CA SER H 79 -45.49 -36.51 -17.55
C SER H 79 -46.69 -36.14 -18.41
N ALA H 80 -47.77 -35.74 -17.77
CA ALA H 80 -48.97 -35.27 -18.48
C ALA H 80 -48.53 -34.28 -19.56
N ALA H 81 -47.94 -33.15 -19.14
CA ALA H 81 -47.52 -32.08 -20.06
C ALA H 81 -46.78 -32.71 -21.25
N GLU H 82 -46.05 -33.80 -21.00
CA GLU H 82 -45.43 -34.55 -22.11
C GLU H 82 -46.54 -35.23 -22.91
N MET H 83 -47.42 -35.97 -22.24
CA MET H 83 -48.52 -36.66 -22.96
C MET H 83 -49.23 -35.62 -23.84
N VAL H 84 -49.51 -34.46 -23.26
CA VAL H 84 -50.02 -33.26 -23.98
C VAL H 84 -49.17 -33.07 -25.23
N ARG H 85 -47.90 -32.68 -25.05
CA ARG H 85 -47.03 -32.29 -26.19
C ARG H 85 -47.15 -33.37 -27.27
N ILE H 86 -47.06 -34.63 -26.85
CA ILE H 86 -46.79 -35.74 -27.79
C ILE H 86 -48.09 -36.13 -28.48
N VAL H 87 -49.21 -35.69 -27.92
CA VAL H 87 -50.50 -35.75 -28.67
C VAL H 87 -50.68 -34.46 -29.45
N ASP H 88 -50.00 -33.38 -29.05
CA ASP H 88 -50.26 -32.05 -29.66
C ASP H 88 -49.96 -32.14 -31.17
N ALA H 89 -48.91 -32.88 -31.51
CA ALA H 89 -48.54 -33.21 -32.91
C ALA H 89 -49.77 -33.77 -33.64
N LEU H 90 -50.64 -34.48 -32.93
CA LEU H 90 -51.85 -35.08 -33.54
C LEU H 90 -52.86 -33.97 -33.83
N ASN H 91 -53.51 -34.04 -34.99
CA ASN H 91 -54.27 -32.89 -35.54
C ASN H 91 -55.62 -33.40 -36.04
N LYS H 106 -59.04 -31.56 -27.09
CA LYS H 106 -57.68 -31.21 -26.62
C LYS H 106 -57.39 -31.94 -25.30
N LEU H 107 -56.49 -31.41 -24.47
CA LEU H 107 -55.73 -32.22 -23.47
C LEU H 107 -55.47 -31.41 -22.21
N VAL H 108 -55.53 -32.07 -21.06
CA VAL H 108 -55.01 -31.55 -19.77
C VAL H 108 -54.44 -32.71 -18.98
N ALA H 109 -53.96 -32.40 -17.77
CA ALA H 109 -53.72 -33.38 -16.68
C ALA H 109 -53.50 -32.65 -15.36
N ASP H 110 -53.32 -33.40 -14.28
CA ASP H 110 -52.81 -32.84 -13.01
C ASP H 110 -51.70 -33.73 -12.47
N GLU H 111 -50.62 -33.11 -12.00
CA GLU H 111 -49.55 -33.87 -11.31
C GLU H 111 -49.71 -33.76 -9.79
N ARG H 112 -50.78 -33.16 -9.25
CA ARG H 112 -51.21 -33.50 -7.86
C ARG H 112 -51.64 -34.96 -7.90
N THR H 113 -52.52 -35.26 -8.84
CA THR H 113 -53.11 -36.61 -9.07
C THR H 113 -52.22 -37.39 -10.04
N ASN H 114 -51.56 -36.70 -10.97
CA ASN H 114 -50.95 -37.33 -12.16
C ASN H 114 -52.05 -38.06 -12.95
N SER H 115 -52.94 -37.27 -13.56
CA SER H 115 -54.13 -37.78 -14.27
C SER H 115 -54.36 -36.97 -15.54
N ILE H 116 -54.50 -37.67 -16.66
CA ILE H 116 -54.91 -37.05 -17.95
C ILE H 116 -56.33 -36.54 -17.77
N LEU H 117 -56.53 -35.30 -18.14
CA LEU H 117 -57.88 -34.75 -18.38
C LEU H 117 -58.03 -34.58 -19.87
N ILE H 118 -59.26 -34.66 -20.36
CA ILE H 118 -59.48 -34.44 -21.80
C ILE H 118 -60.51 -33.33 -21.99
N SER H 119 -60.41 -32.63 -23.11
CA SER H 119 -61.49 -31.77 -23.64
C SER H 119 -61.79 -32.19 -25.08
N GLY H 120 -62.91 -32.85 -25.30
CA GLY H 120 -63.41 -33.13 -26.66
C GLY H 120 -64.17 -34.43 -26.72
N ASP H 121 -64.13 -35.07 -27.89
CA ASP H 121 -65.14 -36.03 -28.38
C ASP H 121 -65.22 -37.24 -27.46
N PRO H 122 -66.38 -37.93 -27.41
CA PRO H 122 -66.39 -39.34 -27.04
C PRO H 122 -65.73 -40.26 -28.07
N LYS H 123 -65.41 -39.73 -29.26
CA LYS H 123 -64.37 -40.34 -30.11
C LYS H 123 -62.99 -40.00 -29.53
N VAL H 124 -62.81 -38.75 -29.08
CA VAL H 124 -61.59 -38.35 -28.33
C VAL H 124 -61.58 -39.13 -27.01
N ARG H 125 -62.75 -39.56 -26.52
CA ARG H 125 -62.81 -40.37 -25.29
C ARG H 125 -62.42 -41.82 -25.61
N ASP H 126 -62.84 -42.35 -26.76
CA ASP H 126 -62.43 -43.71 -27.20
C ASP H 126 -60.91 -43.72 -27.42
N ARG H 127 -60.44 -42.91 -28.36
CA ARG H 127 -59.02 -42.96 -28.80
C ARG H 127 -58.12 -42.44 -27.66
N LEU H 128 -58.61 -41.51 -26.85
CA LEU H 128 -57.70 -40.98 -25.81
C LEU H 128 -57.92 -41.67 -24.48
N LYS H 129 -58.86 -42.61 -24.38
CA LYS H 129 -58.68 -43.67 -23.36
C LYS H 129 -57.71 -44.71 -23.92
N ARG H 130 -57.71 -44.90 -25.24
CA ARG H 130 -56.67 -45.73 -25.86
C ARG H 130 -55.29 -45.18 -25.45
N LEU H 131 -55.08 -43.87 -25.51
CA LEU H 131 -53.74 -43.28 -25.25
C LEU H 131 -53.59 -43.00 -23.76
N ILE H 132 -54.70 -42.93 -23.02
CA ILE H 132 -54.64 -43.10 -21.55
C ILE H 132 -53.85 -44.38 -21.28
N ARG H 133 -54.21 -45.45 -21.96
CA ARG H 133 -53.66 -46.80 -21.67
C ARG H 133 -52.29 -46.91 -22.33
N GLN H 134 -52.13 -46.33 -23.52
CA GLN H 134 -50.93 -46.62 -24.36
C GLN H 134 -49.66 -46.29 -23.57
N LEU H 135 -49.50 -45.07 -23.11
CA LEU H 135 -48.27 -44.71 -22.37
C LEU H 135 -48.60 -44.60 -20.89
N ASP H 136 -48.86 -45.76 -20.29
CA ASP H 136 -48.96 -45.91 -18.82
C ASP H 136 -47.83 -46.82 -18.29
N VAL H 137 -47.23 -47.63 -19.16
CA VAL H 137 -46.58 -48.94 -18.85
C VAL H 137 -45.34 -48.75 -17.97
N GLU H 138 -44.44 -49.75 -18.00
CA GLU H 138 -43.12 -49.75 -17.30
C GLU H 138 -42.35 -48.47 -17.62
N MET H 139 -41.46 -48.08 -16.70
CA MET H 139 -40.58 -46.89 -16.87
C MET H 139 -39.27 -47.34 -17.51
N ALA H 140 -39.07 -48.66 -17.62
CA ALA H 140 -37.98 -49.34 -18.37
C ALA H 140 -36.62 -49.14 -17.66
N SER H 141 -36.63 -48.79 -16.37
CA SER H 141 -35.43 -48.79 -15.49
C SER H 141 -34.24 -48.13 -16.19
N LYS H 142 -34.34 -46.82 -16.42
CA LYS H 142 -33.39 -46.03 -17.24
C LYS H 142 -31.96 -46.31 -16.76
N GLY H 143 -31.81 -46.58 -15.46
CA GLY H 143 -30.48 -46.67 -14.83
C GLY H 143 -29.60 -45.51 -15.28
N ASN H 144 -30.19 -44.31 -15.40
CA ASN H 144 -29.53 -43.06 -15.85
C ASN H 144 -28.14 -42.98 -15.22
N ASN H 145 -28.06 -43.36 -13.95
CA ASN H 145 -26.79 -43.36 -13.17
C ASN H 145 -26.51 -44.77 -12.64
N ARG H 146 -25.22 -45.11 -12.54
CA ARG H 146 -24.69 -46.39 -12.00
C ARG H 146 -23.54 -46.05 -11.06
N VAL H 147 -23.18 -46.99 -10.20
CA VAL H 147 -22.02 -46.76 -9.30
C VAL H 147 -21.14 -48.00 -9.45
N VAL H 148 -20.05 -47.82 -10.20
CA VAL H 148 -19.11 -48.92 -10.58
C VAL H 148 -18.05 -49.02 -9.51
N TYR H 149 -17.95 -50.21 -8.96
CA TYR H 149 -17.00 -50.54 -7.89
C TYR H 149 -15.70 -50.92 -8.57
N LEU H 150 -14.75 -50.00 -8.57
CA LEU H 150 -13.39 -50.23 -9.09
C LEU H 150 -12.76 -51.49 -8.47
N LYS H 151 -12.31 -52.39 -9.33
CA LYS H 151 -11.58 -53.63 -8.99
C LYS H 151 -10.14 -53.32 -8.57
N TYR H 152 -9.30 -52.73 -9.41
CA TYR H 152 -7.98 -52.46 -8.81
C TYR H 152 -7.59 -51.03 -8.96
N ALA H 153 -8.49 -50.07 -8.85
CA ALA H 153 -7.84 -48.78 -9.06
C ALA H 153 -8.29 -47.73 -8.07
N LYS H 154 -7.43 -46.77 -7.82
CA LYS H 154 -7.95 -45.73 -6.91
C LYS H 154 -8.90 -44.88 -7.74
N ALA H 155 -10.09 -44.71 -7.21
CA ALA H 155 -11.13 -44.04 -7.96
C ALA H 155 -10.95 -42.55 -7.80
N GLU H 156 -10.24 -42.17 -6.74
CA GLU H 156 -10.03 -40.74 -6.43
C GLU H 156 -9.32 -40.12 -7.62
N ASP H 157 -8.65 -40.96 -8.42
CA ASP H 157 -7.69 -40.52 -9.46
C ASP H 157 -8.27 -40.82 -10.84
N LEU H 158 -9.01 -41.89 -10.91
CA LEU H 158 -9.70 -42.26 -12.16
C LEU H 158 -10.73 -41.20 -12.55
N VAL H 159 -11.46 -40.62 -11.59
CA VAL H 159 -12.48 -39.57 -11.90
C VAL H 159 -11.83 -38.42 -12.65
N ASP H 160 -10.58 -38.14 -12.35
CA ASP H 160 -9.81 -37.06 -13.03
C ASP H 160 -9.75 -37.35 -14.53
N VAL H 161 -9.47 -38.59 -14.88
CA VAL H 161 -9.26 -39.01 -16.28
C VAL H 161 -10.61 -39.08 -16.96
N LEU H 162 -11.65 -39.39 -16.22
CA LEU H 162 -12.91 -39.64 -16.95
C LEU H 162 -13.58 -38.29 -17.18
N LYS H 163 -13.06 -37.23 -16.59
CA LYS H 163 -13.63 -35.87 -16.75
C LYS H 163 -13.58 -35.49 -18.24
N GLY H 164 -12.49 -35.84 -18.92
CA GLY H 164 -12.27 -35.45 -20.33
C GLY H 164 -13.06 -36.33 -21.28
N VAL H 165 -13.23 -37.60 -20.93
CA VAL H 165 -14.02 -38.59 -21.69
C VAL H 165 -15.46 -38.21 -21.47
N SER H 166 -15.69 -37.63 -20.32
CA SER H 166 -17.09 -37.47 -19.91
C SER H 166 -17.70 -36.32 -20.73
N ASP H 167 -17.30 -35.09 -20.42
CA ASP H 167 -17.83 -33.86 -21.06
C ASP H 167 -17.65 -33.98 -22.58
N ASN H 168 -16.42 -34.28 -23.01
CA ASN H 168 -16.07 -34.31 -24.46
C ASN H 168 -17.04 -35.26 -25.16
N LEU H 169 -17.22 -36.46 -24.62
CA LEU H 169 -18.05 -37.50 -25.29
C LEU H 169 -19.46 -36.93 -25.49
N GLN H 170 -20.02 -36.32 -24.44
CA GLN H 170 -21.40 -35.74 -24.45
C GLN H 170 -21.53 -34.75 -25.61
N ALA H 171 -20.55 -33.86 -25.79
CA ALA H 171 -20.51 -32.87 -26.89
C ALA H 171 -20.48 -33.58 -28.26
N VAL H 187 -23.27 -35.53 -18.07
CA VAL H 187 -22.19 -36.46 -17.62
C VAL H 187 -21.52 -35.91 -16.36
N VAL H 188 -21.85 -36.44 -15.19
CA VAL H 188 -21.05 -36.12 -13.97
C VAL H 188 -20.54 -37.41 -13.34
N ILE H 189 -19.21 -37.56 -13.37
CA ILE H 189 -18.47 -38.70 -12.77
C ILE H 189 -17.98 -38.26 -11.41
N ALA H 190 -18.33 -39.00 -10.36
CA ALA H 190 -17.89 -38.58 -9.02
C ALA H 190 -17.35 -39.79 -8.29
N ALA H 191 -16.22 -39.66 -7.64
CA ALA H 191 -15.58 -40.85 -7.04
C ALA H 191 -15.87 -40.81 -5.55
N HIS H 192 -16.55 -41.83 -5.05
CA HIS H 192 -16.82 -41.95 -3.58
C HIS H 192 -15.65 -42.66 -2.93
N GLN H 193 -14.78 -41.91 -2.28
CA GLN H 193 -13.51 -42.39 -1.68
C GLN H 193 -13.76 -43.72 -1.01
N GLY H 194 -14.53 -43.64 0.07
CA GLY H 194 -14.87 -44.75 0.97
C GLY H 194 -14.72 -46.11 0.28
N THR H 195 -15.53 -46.37 -0.74
CA THR H 195 -15.77 -47.74 -1.24
C THR H 195 -14.88 -47.99 -2.46
N ASN H 196 -14.03 -46.99 -2.74
CA ASN H 196 -13.22 -46.91 -3.97
C ASN H 196 -14.13 -47.28 -5.12
N SER H 197 -15.27 -46.59 -5.15
CA SER H 197 -16.31 -46.77 -6.19
C SER H 197 -16.61 -45.39 -6.71
N LEU H 198 -16.44 -45.22 -8.01
CA LEU H 198 -16.82 -43.91 -8.54
C LEU H 198 -18.19 -44.02 -9.15
N VAL H 199 -18.97 -42.99 -8.87
CA VAL H 199 -20.41 -42.86 -9.19
C VAL H 199 -20.49 -42.07 -10.48
N LEU H 200 -21.06 -42.73 -11.49
CA LEU H 200 -21.22 -42.15 -12.82
C LEU H 200 -22.66 -41.73 -12.99
N THR H 201 -22.89 -40.53 -13.49
CA THR H 201 -24.26 -40.15 -13.90
C THR H 201 -24.16 -39.57 -15.30
N ALA H 202 -24.42 -40.49 -16.22
CA ALA H 202 -24.15 -40.45 -17.68
C ALA H 202 -25.49 -40.37 -18.43
N PRO H 203 -25.57 -39.92 -19.72
CA PRO H 203 -26.45 -40.56 -20.71
C PRO H 203 -26.06 -41.98 -21.06
N PRO H 204 -26.98 -42.78 -21.60
CA PRO H 204 -26.80 -44.23 -21.61
C PRO H 204 -25.62 -44.64 -22.48
N ASP H 205 -25.39 -43.92 -23.57
CA ASP H 205 -24.18 -44.18 -24.41
C ASP H 205 -22.95 -43.72 -23.64
N ILE H 206 -22.91 -42.43 -23.33
CA ILE H 206 -21.78 -41.89 -22.51
C ILE H 206 -21.51 -42.89 -21.37
N MET H 207 -22.56 -43.52 -20.83
CA MET H 207 -22.45 -44.45 -19.67
C MET H 207 -21.74 -45.69 -20.17
N LEU H 208 -22.37 -46.39 -21.11
CA LEU H 208 -21.75 -47.57 -21.75
C LEU H 208 -20.33 -47.20 -22.19
N ALA H 209 -20.05 -45.93 -22.47
CA ALA H 209 -18.68 -45.56 -22.91
C ALA H 209 -17.75 -45.50 -21.70
N LEU H 210 -18.11 -44.66 -20.72
CA LEU H 210 -17.29 -44.48 -19.48
C LEU H 210 -17.04 -45.88 -18.93
N GLN H 211 -17.99 -46.80 -19.08
CA GLN H 211 -17.87 -48.14 -18.46
C GLN H 211 -16.78 -48.91 -19.20
N GLU H 212 -16.60 -48.65 -20.49
CA GLU H 212 -15.61 -49.40 -21.31
C GLU H 212 -14.24 -48.80 -21.11
N VAL H 213 -14.20 -47.57 -20.61
CA VAL H 213 -12.93 -46.84 -20.36
C VAL H 213 -12.42 -47.25 -18.99
N ILE H 214 -13.33 -47.42 -18.05
CA ILE H 214 -13.01 -47.69 -16.63
C ILE H 214 -12.58 -49.13 -16.54
N THR H 215 -13.11 -49.96 -17.44
CA THR H 215 -12.85 -51.40 -17.40
C THR H 215 -11.46 -51.68 -17.97
N GLN H 216 -10.92 -50.75 -18.74
CA GLN H 216 -9.61 -50.92 -19.38
C GLN H 216 -8.55 -50.15 -18.59
N LEU H 217 -8.94 -49.19 -17.78
CA LEU H 217 -7.97 -48.46 -16.90
C LEU H 217 -7.89 -49.17 -15.57
N ASP H 218 -8.79 -50.10 -15.37
CA ASP H 218 -8.95 -50.70 -14.05
C ASP H 218 -8.23 -52.04 -14.03
N ILE H 219 -7.15 -52.16 -14.77
CA ILE H 219 -6.38 -53.43 -14.73
C ILE H 219 -5.50 -53.39 -13.48
N ARG H 220 -5.09 -54.57 -13.02
CA ARG H 220 -4.17 -54.66 -11.86
C ARG H 220 -2.84 -54.07 -12.30
N ARG H 221 -2.08 -53.53 -11.35
CA ARG H 221 -0.77 -52.98 -11.74
C ARG H 221 0.28 -54.01 -11.35
N ALA H 222 1.18 -54.29 -12.27
CA ALA H 222 2.32 -55.15 -11.88
C ALA H 222 3.25 -54.35 -10.97
N GLN H 223 4.22 -55.00 -10.38
CA GLN H 223 5.07 -54.18 -9.47
C GLN H 223 6.51 -54.63 -9.51
N VAL H 224 7.40 -53.66 -9.43
CA VAL H 224 8.85 -53.94 -9.64
C VAL H 224 9.56 -53.94 -8.29
N LEU H 225 10.44 -54.89 -8.10
CA LEU H 225 11.37 -54.89 -6.96
C LEU H 225 12.71 -54.29 -7.40
N ILE H 226 12.84 -52.97 -7.28
CA ILE H 226 14.04 -52.21 -7.71
C ILE H 226 15.15 -52.49 -6.73
N GLU H 227 16.01 -53.42 -7.07
CA GLU H 227 17.18 -53.65 -6.20
C GLU H 227 18.37 -52.92 -6.80
N ALA H 228 18.71 -51.76 -6.26
CA ALA H 228 19.99 -51.09 -6.56
C ALA H 228 21.17 -51.76 -5.86
N LEU H 229 22.38 -51.50 -6.32
CA LEU H 229 23.54 -52.30 -5.89
C LEU H 229 24.81 -51.47 -6.00
N ILE H 230 24.99 -50.63 -5.01
CA ILE H 230 26.04 -49.61 -4.99
C ILE H 230 27.31 -50.21 -4.44
N VAL H 231 28.36 -50.21 -5.22
CA VAL H 231 29.59 -50.92 -4.82
C VAL H 231 30.68 -49.87 -4.81
N GLU H 232 30.99 -49.31 -3.66
CA GLU H 232 32.09 -48.33 -3.47
C GLU H 232 33.38 -48.96 -2.93
N MET H 233 34.33 -49.20 -3.79
CA MET H 233 35.51 -50.00 -3.46
C MET H 233 36.79 -49.16 -3.60
N ALA H 234 37.34 -48.70 -2.48
CA ALA H 234 38.40 -47.67 -2.41
C ALA H 234 39.66 -48.21 -1.74
N GLU H 235 40.79 -47.86 -2.30
CA GLU H 235 42.08 -48.53 -1.99
C GLU H 235 43.14 -47.47 -2.07
N GLY H 236 43.82 -47.23 -0.95
CA GLY H 236 44.79 -46.13 -0.80
C GLY H 236 46.11 -46.66 -0.29
N ASP H 237 47.19 -46.12 -0.79
CA ASP H 237 48.55 -46.63 -0.49
C ASP H 237 49.47 -45.43 -0.52
N GLY H 238 50.03 -45.09 0.62
CA GLY H 238 50.97 -43.97 0.77
C GLY H 238 52.27 -44.44 1.37
N VAL H 239 53.36 -43.90 0.88
CA VAL H 239 54.69 -44.09 1.47
C VAL H 239 55.33 -42.73 1.72
N ASN H 240 55.51 -42.31 2.96
CA ASN H 240 56.37 -41.16 3.27
C ASN H 240 57.71 -41.64 3.81
N LEU H 241 58.78 -41.23 3.17
CA LEU H 241 60.10 -41.61 3.70
C LEU H 241 61.07 -40.47 3.54
N GLY H 242 61.63 -40.01 4.63
CA GLY H 242 62.34 -38.75 4.47
C GLY H 242 63.11 -38.42 5.70
N VAL H 243 64.36 -38.10 5.49
CA VAL H 243 65.25 -38.09 6.65
C VAL H 243 65.69 -36.69 6.93
N GLN H 244 65.56 -36.24 8.15
CA GLN H 244 65.83 -34.82 8.34
C GLN H 244 66.99 -34.69 9.29
N TRP H 245 68.00 -33.99 8.82
CA TRP H 245 69.15 -33.71 9.69
C TRP H 245 68.89 -32.42 10.43
N GLY H 246 69.49 -32.21 11.60
CA GLY H 246 69.34 -30.94 12.33
C GLY H 246 70.37 -30.73 13.41
N ASN H 247 70.83 -29.49 13.53
CA ASN H 247 71.81 -29.11 14.57
C ASN H 247 71.37 -27.75 15.09
N LEU H 248 70.77 -27.74 16.28
CA LEU H 248 70.15 -26.51 16.82
C LEU H 248 71.18 -25.65 17.59
N GLU H 249 72.29 -26.21 18.06
CA GLU H 249 73.39 -25.40 18.68
C GLU H 249 73.70 -24.21 17.76
N THR H 250 73.93 -24.52 16.49
CA THR H 250 74.14 -23.54 15.41
C THR H 250 73.14 -23.77 14.30
N GLY H 251 71.90 -23.28 14.49
CA GLY H 251 70.68 -23.36 13.63
C GLY H 251 70.92 -23.93 12.25
N ALA H 252 71.08 -25.24 12.16
CA ALA H 252 71.38 -25.89 10.86
C ALA H 252 70.38 -26.99 10.68
N VAL H 253 69.39 -26.76 9.89
CA VAL H 253 68.42 -27.85 9.71
C VAL H 253 68.47 -28.29 8.27
N ILE H 254 68.22 -29.55 8.04
CA ILE H 254 67.71 -29.96 6.72
C ILE H 254 66.30 -30.43 6.90
N GLN H 255 65.38 -29.51 6.99
CA GLN H 255 64.03 -29.92 7.38
C GLN H 255 63.17 -30.10 6.13
N TYR H 256 62.11 -30.86 6.29
CA TYR H 256 61.07 -31.03 5.25
C TYR H 256 59.68 -30.87 5.88
N SER H 257 58.81 -30.11 5.25
CA SER H 257 57.42 -29.99 5.72
C SER H 257 56.67 -31.24 5.26
N ASN H 258 57.15 -31.85 4.20
CA ASN H 258 56.27 -32.86 3.59
C ASN H 258 56.13 -34.05 4.54
N THR H 259 57.07 -34.21 5.47
CA THR H 259 57.02 -35.41 6.33
C THR H 259 56.17 -35.07 7.54
N GLY H 260 55.63 -36.07 8.20
CA GLY H 260 54.92 -35.77 9.46
C GLY H 260 55.50 -34.52 10.12
N THR H 261 56.62 -34.68 10.81
CA THR H 261 57.04 -33.58 11.68
C THR H 261 58.29 -32.95 11.08
N PRO H 262 58.50 -31.63 11.23
CA PRO H 262 59.77 -31.03 10.86
C PRO H 262 60.81 -30.86 11.97
N ILE H 263 62.06 -31.22 11.69
CA ILE H 263 63.07 -31.50 12.73
C ILE H 263 63.10 -30.29 13.68
N GLY H 264 62.74 -29.11 13.19
CA GLY H 264 62.82 -27.91 14.04
C GLY H 264 61.94 -28.09 15.27
N LYS H 265 60.64 -28.21 15.02
CA LYS H 265 59.66 -28.46 16.09
C LYS H 265 60.24 -29.52 17.01
N VAL H 266 60.82 -30.58 16.46
CA VAL H 266 61.20 -31.77 17.27
C VAL H 266 62.39 -31.40 18.14
N MET H 267 63.39 -30.76 17.56
CA MET H 267 64.57 -30.38 18.38
C MET H 267 64.18 -29.32 19.40
N VAL H 268 63.40 -28.32 19.00
CA VAL H 268 62.94 -27.31 19.99
C VAL H 268 62.22 -28.05 21.12
N GLY H 269 61.27 -28.93 20.76
CA GLY H 269 60.44 -29.68 21.72
C GLY H 269 61.33 -30.46 22.66
N LEU H 270 62.38 -31.04 22.11
CA LEU H 270 63.27 -31.88 22.93
C LEU H 270 64.03 -31.01 23.90
N GLU H 271 64.36 -29.78 23.50
CA GLU H 271 65.11 -28.91 24.43
C GLU H 271 64.17 -28.44 25.52
N GLU H 272 62.95 -28.06 25.15
CA GLU H 272 61.97 -27.63 26.16
C GLU H 272 61.66 -28.77 27.13
N ALA H 273 61.69 -30.02 26.68
CA ALA H 273 61.32 -31.22 27.49
C ALA H 273 62.51 -31.58 28.39
N LYS H 274 63.63 -30.86 28.24
CA LYS H 274 64.85 -31.08 29.06
C LYS H 274 64.72 -30.30 30.38
N ASP H 275 65.38 -30.75 31.44
CA ASP H 275 65.37 -30.08 32.77
C ASP H 275 66.35 -28.89 32.75
N LYS H 276 65.80 -27.66 32.79
CA LYS H 276 66.55 -26.38 32.82
C LYS H 276 67.07 -26.11 34.25
N THR H 277 67.97 -25.14 34.43
CA THR H 277 68.53 -24.74 35.76
C THR H 277 68.67 -23.21 35.83
N VAL H 278 67.98 -22.58 36.79
CA VAL H 278 67.99 -21.10 36.99
C VAL H 278 68.70 -20.81 38.32
N THR H 279 69.96 -20.33 38.25
CA THR H 279 70.92 -20.30 39.40
C THR H 279 70.71 -19.04 40.25
N SER H 294 70.84 -22.21 43.84
CA SER H 294 70.65 -22.97 42.59
C SER H 294 69.33 -23.75 42.67
N ARG H 295 68.38 -23.46 41.78
CA ARG H 295 67.14 -24.27 41.62
C ARG H 295 67.31 -25.18 40.39
N THR H 296 66.59 -26.31 40.37
CA THR H 296 66.38 -27.08 39.13
C THR H 296 64.89 -27.03 38.78
N GLU H 297 64.57 -27.18 37.49
CA GLU H 297 63.17 -27.19 37.03
C GLU H 297 63.01 -28.21 35.90
N ALA H 298 61.87 -28.90 35.92
CA ALA H 298 61.56 -29.91 34.89
C ALA H 298 60.73 -29.23 33.81
N GLY H 299 61.30 -29.22 32.62
CA GLY H 299 60.71 -28.57 31.45
C GLY H 299 59.43 -29.26 31.02
N ASP H 300 58.55 -28.46 30.41
CA ASP H 300 57.26 -28.95 29.88
C ASP H 300 57.53 -29.66 28.56
N TYR H 301 56.93 -30.83 28.46
CA TYR H 301 56.92 -31.60 27.21
C TYR H 301 55.70 -31.17 26.39
N SER H 302 55.25 -29.93 26.54
CA SER H 302 54.03 -29.44 25.84
C SER H 302 54.39 -29.11 24.40
N THR H 303 55.66 -28.78 24.16
CA THR H 303 56.13 -28.39 22.81
C THR H 303 56.54 -29.66 22.07
N LEU H 304 57.12 -30.60 22.79
CA LEU H 304 57.54 -31.88 22.18
C LEU H 304 56.30 -32.70 21.85
N ALA H 305 55.28 -32.60 22.68
CA ALA H 305 54.03 -33.35 22.47
C ALA H 305 53.30 -32.77 21.25
N ALA H 306 53.36 -31.45 21.04
CA ALA H 306 52.75 -30.80 19.87
C ALA H 306 53.50 -31.20 18.60
N ALA H 307 54.78 -31.55 18.73
CA ALA H 307 55.56 -31.96 17.54
C ALA H 307 55.26 -33.42 17.20
N LEU H 308 55.52 -34.30 18.15
CA LEU H 308 55.41 -35.76 17.97
C LEU H 308 53.94 -36.11 17.83
N ALA H 309 53.06 -35.17 18.13
CA ALA H 309 51.62 -35.46 18.18
C ALA H 309 51.21 -35.95 16.80
N GLY H 310 51.76 -35.30 15.80
CA GLY H 310 51.25 -35.40 14.43
C GLY H 310 52.08 -36.36 13.62
N VAL H 311 52.78 -37.27 14.28
CA VAL H 311 53.68 -38.15 13.49
C VAL H 311 53.01 -39.47 13.29
N ASN H 312 52.56 -39.70 12.08
CA ASN H 312 51.88 -40.98 11.83
C ASN H 312 52.84 -41.77 10.98
N GLY H 313 53.78 -42.39 11.65
CA GLY H 313 54.59 -43.42 11.02
C GLY H 313 55.65 -43.84 12.00
N ALA H 314 56.84 -43.36 11.72
CA ALA H 314 58.06 -43.65 12.49
C ALA H 314 58.99 -42.49 12.31
N ALA H 315 59.20 -41.72 13.39
CA ALA H 315 60.00 -40.46 13.43
C ALA H 315 61.16 -40.64 14.39
N MET H 316 62.14 -41.42 13.98
CA MET H 316 63.22 -41.90 14.85
C MET H 316 64.37 -40.91 14.72
N SER H 317 65.07 -40.68 15.81
CA SER H 317 66.18 -39.71 15.88
C SER H 317 67.48 -40.44 16.21
N LEU H 318 68.35 -40.63 15.20
CA LEU H 318 69.76 -40.98 15.41
C LEU H 318 70.52 -39.70 15.77
N VAL H 319 70.69 -39.46 17.06
CA VAL H 319 71.42 -38.26 17.57
C VAL H 319 72.92 -38.55 17.50
N MET H 320 73.59 -38.00 16.49
CA MET H 320 75.05 -38.22 16.27
C MET H 320 75.81 -36.95 16.66
N GLY H 321 76.58 -36.99 17.76
CA GLY H 321 77.23 -35.78 18.34
C GLY H 321 76.54 -34.47 17.97
N ASP H 322 75.28 -34.30 18.37
CA ASP H 322 74.67 -32.94 18.39
C ASP H 322 74.11 -32.59 17.01
N TRP H 323 74.25 -33.49 16.04
CA TRP H 323 73.46 -33.43 14.80
C TRP H 323 72.35 -34.48 14.83
N THR H 324 71.16 -34.03 15.17
CA THR H 324 69.97 -34.90 15.35
C THR H 324 69.40 -35.20 13.97
N ALA H 325 69.51 -36.45 13.55
CA ALA H 325 68.95 -36.89 12.28
C ALA H 325 67.60 -37.61 12.51
N LEU H 326 66.50 -36.89 12.38
CA LEU H 326 65.17 -37.48 12.47
C LEU H 326 64.79 -38.12 11.12
N ILE H 327 64.91 -39.44 11.09
CA ILE H 327 64.41 -40.36 10.03
C ILE H 327 62.95 -40.67 10.20
N SER H 328 62.17 -40.47 9.17
CA SER H 328 60.71 -40.63 9.20
C SER H 328 60.32 -41.59 8.08
N ALA H 329 59.41 -42.50 8.40
CA ALA H 329 58.92 -43.49 7.42
C ALA H 329 57.53 -43.90 7.83
N VAL H 330 56.65 -43.98 6.85
CA VAL H 330 55.31 -44.56 7.04
C VAL H 330 54.79 -45.08 5.72
N SER H 331 54.26 -46.30 5.68
CA SER H 331 53.66 -46.86 4.45
C SER H 331 52.15 -47.09 4.69
N SER H 332 51.43 -46.00 4.91
CA SER H 332 49.95 -45.98 5.07
C SER H 332 49.27 -46.72 3.91
N ASP H 333 48.86 -47.95 4.11
CA ASP H 333 48.15 -48.77 3.10
C ASP H 333 46.71 -48.91 3.58
N SER H 334 45.83 -48.02 3.14
CA SER H 334 44.37 -48.08 3.39
C SER H 334 43.63 -48.91 2.31
N ASN H 335 42.35 -49.16 2.54
CA ASN H 335 41.53 -50.12 1.78
C ASN H 335 40.09 -50.09 2.30
N SER H 336 39.14 -49.99 1.40
CA SER H 336 37.71 -49.76 1.71
C SER H 336 36.92 -50.51 0.66
N ASN H 337 35.83 -51.12 1.07
CA ASN H 337 35.15 -52.06 0.16
C ASN H 337 33.69 -52.06 0.59
N ILE H 338 33.02 -50.96 0.38
CA ILE H 338 31.60 -50.77 0.79
C ILE H 338 30.70 -51.30 -0.30
N LEU H 339 29.68 -52.01 0.11
CA LEU H 339 28.80 -52.65 -0.86
C LEU H 339 27.35 -52.57 -0.37
N SER H 340 26.75 -51.41 -0.51
CA SER H 340 25.40 -51.15 0.03
C SER H 340 24.40 -51.33 -1.11
N SER H 341 23.40 -52.18 -0.91
CA SER H 341 22.34 -52.45 -1.93
C SER H 341 20.99 -52.25 -1.32
N PRO H 342 20.27 -51.18 -1.69
CA PRO H 342 18.92 -50.97 -1.24
C PRO H 342 17.94 -51.31 -2.36
N SER H 343 17.00 -52.18 -2.03
CA SER H 343 15.82 -52.45 -2.88
C SER H 343 14.57 -51.82 -2.29
N ILE H 344 13.72 -51.46 -3.20
CA ILE H 344 12.42 -50.90 -2.85
C ILE H 344 11.51 -51.70 -3.72
N THR H 345 10.28 -51.91 -3.30
CA THR H 345 9.28 -52.50 -4.18
C THR H 345 8.29 -51.40 -4.53
N VAL H 346 7.96 -51.37 -5.78
CA VAL H 346 7.01 -50.29 -6.05
C VAL H 346 6.02 -50.71 -7.10
N MET H 347 4.89 -50.06 -7.08
CA MET H 347 3.86 -50.39 -8.08
C MET H 347 4.26 -49.64 -9.33
N ASP H 348 4.11 -50.29 -10.47
CA ASP H 348 4.54 -49.68 -11.73
C ASP H 348 3.91 -48.30 -11.79
N ASN H 349 4.73 -47.35 -12.14
CA ASN H 349 4.28 -46.00 -12.50
C ASN H 349 3.98 -45.23 -11.23
N GLY H 350 3.97 -45.92 -10.09
CA GLY H 350 4.02 -45.22 -8.80
C GLY H 350 5.43 -44.72 -8.57
N GLU H 351 5.57 -43.58 -7.91
CA GLU H 351 6.88 -43.19 -7.34
C GLU H 351 7.11 -43.84 -5.98
N ALA H 352 8.34 -44.23 -5.75
CA ALA H 352 8.70 -44.79 -4.45
C ALA H 352 10.04 -44.31 -4.06
N SER H 353 10.09 -43.86 -2.83
CA SER H 353 11.30 -43.33 -2.20
C SER H 353 11.74 -44.38 -1.21
N PHE H 354 12.99 -44.29 -0.84
CA PHE H 354 13.63 -45.17 0.14
C PHE H 354 14.78 -44.40 0.70
N ILE H 355 14.92 -44.30 1.98
CA ILE H 355 16.03 -43.49 2.53
C ILE H 355 16.44 -44.06 3.86
N VAL H 356 17.64 -44.50 3.91
CA VAL H 356 18.19 -45.11 5.11
C VAL H 356 19.39 -44.31 5.47
N GLY H 357 19.28 -43.48 6.49
CA GLY H 357 20.00 -42.21 6.49
C GLY H 357 19.99 -41.56 7.82
N GLU H 358 20.15 -40.25 7.75
CA GLU H 358 19.80 -39.37 8.87
C GLU H 358 19.40 -38.06 8.28
N GLU H 359 18.39 -37.48 8.89
CA GLU H 359 18.04 -36.07 8.61
C GLU H 359 18.96 -35.22 9.47
N VAL H 360 20.09 -34.79 8.94
CA VAL H 360 20.90 -33.70 9.59
C VAL H 360 20.29 -32.38 9.23
N PRO H 361 20.16 -31.50 10.21
CA PRO H 361 19.77 -30.15 9.91
C PRO H 361 21.00 -29.30 9.61
N VAL H 362 20.75 -28.35 8.74
CA VAL H 362 21.83 -27.53 8.13
C VAL H 362 21.34 -26.13 8.01
N ILE H 363 22.24 -25.22 8.31
CA ILE H 363 21.94 -23.78 8.22
C ILE H 363 21.49 -23.48 6.80
N THR H 364 20.80 -22.34 6.67
CA THR H 364 20.44 -21.71 5.39
C THR H 364 20.33 -20.19 5.63
N VAL H 379 17.37 -22.68 9.20
CA VAL H 379 17.71 -24.13 9.39
C VAL H 379 16.72 -25.01 8.65
N ASP H 380 17.20 -25.70 7.63
CA ASP H 380 16.43 -26.76 6.95
C ASP H 380 17.05 -28.10 7.35
N ARG H 381 16.26 -29.15 7.19
CA ARG H 381 16.62 -30.49 7.70
C ARG H 381 16.77 -31.42 6.51
N LYS H 382 17.97 -31.60 6.01
CA LYS H 382 18.13 -32.35 4.77
C LYS H 382 18.58 -33.76 5.13
N GLU H 383 17.96 -34.69 4.41
CA GLU H 383 18.13 -36.15 4.60
C GLU H 383 19.41 -36.61 3.92
N VAL H 384 20.11 -37.50 4.55
CA VAL H 384 21.45 -37.66 3.95
C VAL H 384 21.80 -39.08 4.19
N GLY H 385 21.60 -39.90 3.19
CA GLY H 385 21.83 -41.31 3.50
C GLY H 385 21.98 -42.08 2.26
N ILE H 386 21.76 -43.37 2.30
CA ILE H 386 21.40 -44.10 1.06
C ILE H 386 19.96 -43.71 0.71
N LYS H 387 19.75 -42.77 -0.18
CA LYS H 387 18.42 -42.55 -0.81
C LYS H 387 18.35 -43.26 -2.17
N LEU H 388 17.13 -43.57 -2.58
CA LEU H 388 16.87 -44.25 -3.85
C LEU H 388 15.46 -43.92 -4.25
N LYS H 389 15.26 -43.07 -5.24
CA LYS H 389 13.85 -42.66 -5.46
C LYS H 389 13.44 -43.00 -6.89
N VAL H 390 12.92 -44.21 -7.09
CA VAL H 390 12.66 -44.70 -8.45
C VAL H 390 11.20 -44.53 -8.81
N VAL H 391 10.94 -44.09 -10.03
CA VAL H 391 9.57 -44.09 -10.56
C VAL H 391 9.54 -45.14 -11.63
N PRO H 392 9.50 -46.40 -11.23
CA PRO H 392 9.70 -47.49 -12.17
C PRO H 392 8.43 -47.57 -12.99
N GLN H 393 8.59 -47.68 -14.31
CA GLN H 393 7.45 -47.68 -15.28
C GLN H 393 7.60 -48.79 -16.29
N ILE H 394 6.96 -49.94 -16.04
CA ILE H 394 7.14 -51.19 -16.82
C ILE H 394 6.61 -51.01 -18.23
N ASN H 395 7.39 -51.45 -19.22
CA ASN H 395 7.14 -51.33 -20.69
C ASN H 395 6.66 -52.69 -21.22
N GLU H 396 6.19 -52.74 -22.46
CA GLU H 396 5.99 -54.01 -23.21
C GLU H 396 7.32 -54.79 -23.31
N GLY H 397 7.32 -56.14 -23.34
CA GLY H 397 8.53 -56.96 -23.43
C GLY H 397 9.21 -57.09 -22.08
N ASP H 398 8.45 -56.90 -21.00
CA ASP H 398 8.96 -56.90 -19.62
C ASP H 398 10.28 -56.15 -19.58
N SER H 399 10.26 -54.89 -19.99
CA SER H 399 11.45 -54.02 -19.99
C SER H 399 11.16 -52.82 -19.14
N VAL H 400 11.55 -52.89 -17.87
CA VAL H 400 11.26 -51.77 -16.95
C VAL H 400 12.09 -50.55 -17.25
N GLN H 401 11.44 -49.42 -17.25
CA GLN H 401 12.05 -48.11 -17.55
C GLN H 401 11.99 -47.21 -16.33
N LEU H 402 13.08 -47.20 -15.56
CA LEU H 402 13.22 -46.54 -14.24
C LEU H 402 13.62 -45.08 -14.43
N ASN H 403 12.99 -44.14 -13.70
CA ASN H 403 13.47 -42.73 -13.55
C ASN H 403 14.05 -42.52 -12.16
N ILE H 404 15.34 -42.79 -12.01
CA ILE H 404 15.95 -43.05 -10.68
C ILE H 404 16.73 -41.81 -10.23
N GLU H 405 16.66 -41.54 -8.95
CA GLU H 405 17.52 -40.56 -8.27
C GLU H 405 18.17 -41.34 -7.14
N GLN H 406 19.44 -41.65 -7.24
CA GLN H 406 20.14 -42.49 -6.23
C GLN H 406 21.33 -41.80 -5.56
N GLU H 407 21.35 -41.73 -4.24
CA GLU H 407 22.21 -40.79 -3.52
C GLU H 407 22.82 -41.57 -2.40
N VAL H 408 24.06 -41.87 -2.50
CA VAL H 408 24.57 -42.21 -1.17
C VAL H 408 25.26 -40.99 -0.66
N SER H 409 25.02 -40.67 0.58
CA SER H 409 25.55 -39.43 1.17
C SER H 409 25.66 -39.66 2.67
N ASN H 410 26.41 -38.79 3.33
CA ASN H 410 27.27 -39.28 4.44
C ASN H 410 27.87 -38.07 5.06
N VAL H 411 27.04 -37.32 5.75
CA VAL H 411 27.47 -36.12 6.50
C VAL H 411 28.83 -36.39 7.15
N LEU H 412 29.80 -35.62 6.68
CA LEU H 412 31.19 -35.57 7.15
C LEU H 412 31.29 -34.30 7.99
N GLY H 413 32.49 -33.94 8.40
CA GLY H 413 32.74 -32.65 9.06
C GLY H 413 32.54 -31.48 8.12
N ALA H 414 32.54 -30.28 8.71
CA ALA H 414 32.65 -29.02 7.96
C ALA H 414 34.04 -28.39 8.10
N ASN H 415 35.12 -29.11 7.80
CA ASN H 415 36.47 -28.52 7.91
C ASN H 415 36.33 -26.99 7.88
N GLY H 416 36.03 -26.43 6.72
CA GLY H 416 36.26 -24.99 6.52
C GLY H 416 34.93 -24.30 6.64
N ALA H 417 33.93 -25.06 6.26
CA ALA H 417 32.68 -24.45 5.82
C ALA H 417 31.88 -24.08 7.07
N VAL H 418 30.98 -23.12 6.89
CA VAL H 418 29.98 -22.65 7.88
C VAL H 418 29.42 -23.87 8.60
N ASP H 419 28.58 -24.60 7.91
CA ASP H 419 27.86 -25.75 8.50
C ASP H 419 28.62 -27.02 8.11
N VAL H 420 27.96 -28.15 8.35
CA VAL H 420 28.48 -29.49 7.98
C VAL H 420 28.38 -29.69 6.49
N ARG H 421 29.45 -30.22 5.95
CA ARG H 421 29.60 -30.65 4.53
C ARG H 421 29.12 -32.09 4.47
N PHE H 422 28.05 -32.33 3.73
CA PHE H 422 27.57 -33.67 3.28
C PHE H 422 28.38 -34.21 2.14
N ALA H 423 28.79 -35.46 2.24
CA ALA H 423 29.54 -36.11 1.17
C ALA H 423 28.59 -36.98 0.41
N LYS H 424 28.35 -36.53 -0.78
CA LYS H 424 27.15 -36.91 -1.52
C LYS H 424 27.66 -37.54 -2.78
N ARG H 425 27.13 -38.69 -3.11
CA ARG H 425 27.39 -39.31 -4.43
C ARG H 425 26.06 -39.58 -5.00
N GLN H 426 25.44 -38.58 -5.61
CA GLN H 426 24.14 -38.81 -6.24
C GLN H 426 24.28 -38.96 -7.72
N LEU H 427 23.33 -39.68 -8.29
CA LEU H 427 23.43 -40.23 -9.65
C LEU H 427 22.00 -40.27 -10.15
N ASN H 428 21.49 -39.20 -10.72
CA ASN H 428 20.05 -39.24 -11.03
C ASN H 428 19.88 -39.20 -12.53
N THR H 429 19.22 -40.20 -13.05
CA THR H 429 19.24 -40.51 -14.46
C THR H 429 17.92 -41.19 -14.76
N SER H 430 17.77 -41.65 -15.99
CA SER H 430 16.62 -42.47 -16.38
C SER H 430 17.20 -43.57 -17.20
N VAL H 431 17.03 -44.79 -16.78
CA VAL H 431 17.52 -45.86 -17.68
C VAL H 431 16.44 -46.84 -17.99
N ILE H 432 16.76 -47.80 -18.84
CA ILE H 432 15.71 -48.75 -19.27
C ILE H 432 16.36 -50.12 -19.27
N VAL H 433 15.81 -50.96 -18.42
CA VAL H 433 16.49 -52.19 -18.02
C VAL H 433 15.61 -53.34 -18.42
N GLN H 434 16.25 -54.47 -18.64
CA GLN H 434 15.41 -55.66 -18.85
C GLN H 434 14.73 -56.03 -17.55
N ASP H 435 13.70 -56.83 -17.65
CA ASP H 435 13.17 -57.53 -16.47
C ASP H 435 14.22 -58.51 -16.02
N GLY H 436 14.80 -58.34 -14.84
CA GLY H 436 15.65 -59.35 -14.17
C GLY H 436 17.12 -59.35 -14.56
N GLN H 437 17.56 -58.49 -15.50
CA GLN H 437 19.00 -58.32 -15.75
C GLN H 437 19.46 -57.05 -15.08
N MET H 438 20.69 -57.06 -14.63
CA MET H 438 21.17 -55.86 -13.95
C MET H 438 21.70 -54.93 -15.03
N LEU H 439 21.66 -53.65 -14.76
CA LEU H 439 22.28 -52.65 -15.66
C LEU H 439 22.99 -51.65 -14.80
N VAL H 440 24.04 -51.10 -15.38
CA VAL H 440 24.94 -50.24 -14.59
C VAL H 440 24.56 -48.78 -14.76
N LEU H 441 24.03 -48.14 -13.73
CA LEU H 441 23.53 -46.76 -13.85
C LEU H 441 24.78 -45.90 -14.03
N GLY H 442 25.74 -46.11 -13.15
CA GLY H 442 26.70 -45.07 -12.79
C GLY H 442 28.05 -45.62 -12.53
N GLY H 443 28.92 -44.74 -12.15
CA GLY H 443 30.30 -45.18 -12.06
C GLY H 443 31.15 -44.02 -11.66
N LEU H 444 32.36 -44.40 -11.29
CA LEU H 444 33.50 -43.51 -11.21
C LEU H 444 34.71 -44.36 -10.90
N ILE H 445 35.68 -44.32 -11.77
CA ILE H 445 36.96 -44.96 -11.48
C ILE H 445 37.98 -43.85 -11.34
N ASP H 446 38.14 -43.34 -10.15
CA ASP H 446 39.22 -42.39 -9.86
C ASP H 446 40.50 -43.19 -9.63
N GLU H 447 41.61 -42.71 -10.17
CA GLU H 447 42.93 -43.06 -9.64
C GLU H 447 43.69 -41.77 -9.43
N ARG H 448 44.45 -41.65 -8.35
CA ARG H 448 45.38 -40.52 -8.14
C ARG H 448 46.77 -41.07 -7.82
N ALA H 449 47.75 -40.23 -8.02
CA ALA H 449 49.10 -40.63 -7.63
C ALA H 449 49.94 -39.39 -7.45
N LEU H 450 50.11 -38.94 -6.23
CA LEU H 450 50.95 -37.77 -5.97
C LEU H 450 52.30 -38.26 -5.44
N GLU H 451 53.33 -38.11 -6.23
CA GLU H 451 54.68 -38.06 -5.65
C GLU H 451 55.01 -36.64 -5.15
N SER H 452 56.03 -36.52 -4.30
CA SER H 452 56.69 -35.25 -3.90
C SER H 452 58.09 -35.62 -3.42
N GLU H 453 59.07 -34.82 -3.76
CA GLU H 453 60.36 -35.08 -3.10
C GLU H 453 61.02 -33.76 -2.92
N SER H 454 61.22 -33.39 -1.70
CA SER H 454 62.13 -32.29 -1.43
C SER H 454 63.52 -32.88 -1.21
N LYS H 455 64.54 -32.36 -1.90
CA LYS H 455 65.88 -32.88 -1.62
C LYS H 455 66.88 -31.76 -1.52
N VAL H 456 68.06 -32.09 -1.03
CA VAL H 456 69.08 -31.04 -0.93
C VAL H 456 69.69 -31.00 -2.31
N PRO H 457 68.93 -30.46 -3.26
CA PRO H 457 69.35 -30.55 -4.65
C PRO H 457 70.33 -31.69 -4.90
N LEU H 458 71.60 -31.34 -5.09
CA LEU H 458 72.45 -32.25 -5.87
C LEU H 458 72.84 -33.46 -5.01
N LEU H 459 72.88 -33.28 -3.68
CA LEU H 459 73.29 -34.36 -2.76
C LEU H 459 72.20 -35.44 -2.76
N GLY H 460 70.94 -35.05 -2.97
CA GLY H 460 69.79 -35.96 -3.08
C GLY H 460 69.74 -36.65 -4.43
N ASP H 461 70.87 -36.65 -5.14
CA ASP H 461 70.91 -37.35 -6.44
C ASP H 461 71.55 -38.72 -6.23
N ILE H 462 72.64 -38.76 -5.48
CA ILE H 462 73.47 -39.99 -5.29
C ILE H 462 72.49 -41.14 -5.07
N PRO H 463 72.67 -42.30 -5.74
CA PRO H 463 71.69 -43.38 -5.67
C PRO H 463 71.58 -44.00 -4.26
N ILE H 464 72.72 -44.24 -3.63
CA ILE H 464 72.75 -45.00 -2.35
C ILE H 464 72.34 -44.04 -1.24
N LEU H 465 73.05 -42.92 -1.13
CA LEU H 465 73.00 -42.03 0.04
C LEU H 465 71.97 -40.93 -0.20
N GLY H 466 71.41 -40.84 -1.40
CA GLY H 466 70.51 -39.72 -1.74
C GLY H 466 69.42 -39.63 -0.69
N HIS H 467 68.96 -40.79 -0.25
CA HIS H 467 67.72 -40.88 0.54
C HIS H 467 67.97 -40.17 1.85
N LEU H 468 69.23 -39.85 2.16
CA LEU H 468 69.56 -39.23 3.47
C LEU H 468 69.14 -37.79 3.36
N PHE H 469 69.23 -37.24 2.17
CA PHE H 469 68.94 -35.80 2.05
C PHE H 469 67.54 -35.56 1.49
N LYS H 470 66.99 -36.55 0.79
CA LYS H 470 65.68 -36.43 0.11
C LYS H 470 64.59 -36.65 1.16
N SER H 471 63.43 -36.09 0.88
CA SER H 471 62.18 -36.48 1.55
C SER H 471 61.08 -36.72 0.55
N THR H 472 60.84 -37.98 0.32
CA THR H 472 59.88 -38.39 -0.72
C THR H 472 58.56 -38.69 -0.04
N ASN H 473 57.50 -38.37 -0.71
CA ASN H 473 56.13 -38.54 -0.21
C ASN H 473 55.26 -39.01 -1.35
N THR H 474 54.84 -40.25 -1.32
CA THR H 474 54.08 -40.80 -2.46
C THR H 474 52.74 -41.26 -1.95
N GLN H 475 51.73 -41.14 -2.77
CA GLN H 475 50.35 -41.33 -2.32
C GLN H 475 49.59 -41.77 -3.54
N VAL H 476 48.85 -42.83 -3.40
CA VAL H 476 48.11 -43.33 -4.57
C VAL H 476 46.75 -43.70 -4.08
N GLU H 477 45.74 -43.02 -4.55
CA GLU H 477 44.36 -43.31 -4.12
C GLU H 477 43.63 -43.80 -5.35
N LYS H 478 42.95 -44.91 -5.22
CA LYS H 478 42.21 -45.53 -6.32
C LYS H 478 40.80 -45.83 -5.81
N LYS H 479 39.78 -45.32 -6.47
CA LYS H 479 38.41 -45.39 -5.96
C LYS H 479 37.44 -45.81 -7.05
N ASN H 480 36.75 -46.93 -6.86
CA ASN H 480 35.84 -47.51 -7.88
C ASN H 480 34.48 -47.47 -7.27
N LEU H 481 33.64 -46.56 -7.73
CA LEU H 481 32.22 -46.50 -7.37
C LEU H 481 31.34 -46.89 -8.57
N MET H 482 30.78 -48.10 -8.64
CA MET H 482 29.79 -48.48 -9.68
C MET H 482 28.47 -48.57 -8.96
N VAL H 483 27.43 -47.97 -9.49
CA VAL H 483 26.07 -48.32 -9.04
C VAL H 483 25.39 -49.11 -10.12
N PHE H 484 25.13 -50.38 -9.80
CA PHE H 484 24.23 -51.21 -10.61
C PHE H 484 22.80 -51.11 -10.08
N ILE H 485 21.85 -51.30 -10.98
CA ILE H 485 20.42 -51.36 -10.65
C ILE H 485 19.81 -52.55 -11.36
N LYS H 486 18.94 -53.26 -10.67
CA LYS H 486 18.24 -54.47 -11.18
C LYS H 486 16.78 -54.34 -10.83
N PRO H 487 15.95 -54.03 -11.84
CA PRO H 487 14.52 -54.07 -11.68
C PRO H 487 14.07 -55.50 -11.87
N THR H 488 13.25 -55.94 -10.93
CA THR H 488 12.51 -57.21 -11.06
C THR H 488 11.02 -56.88 -11.02
N ILE H 489 10.27 -57.42 -11.95
CA ILE H 489 8.83 -57.19 -12.11
C ILE H 489 8.17 -58.29 -11.32
N ILE H 490 7.22 -57.90 -10.49
CA ILE H 490 6.38 -58.83 -9.68
C ILE H 490 4.94 -58.69 -10.16
N ARG H 491 4.54 -59.55 -11.09
CA ARG H 491 3.17 -59.56 -11.66
C ARG H 491 2.30 -60.50 -10.82
N ASP H 492 2.54 -61.78 -11.04
CA ASP H 492 1.85 -62.87 -10.34
C ASP H 492 2.23 -62.77 -8.87
N GLY H 493 1.26 -62.82 -7.98
CA GLY H 493 1.52 -62.98 -6.53
C GLY H 493 2.60 -64.00 -6.30
N MET H 494 2.50 -65.17 -6.92
CA MET H 494 3.45 -66.25 -6.60
C MET H 494 4.87 -65.70 -6.72
N THR H 495 5.08 -64.77 -7.64
CA THR H 495 6.43 -64.20 -7.89
C THR H 495 6.88 -63.47 -6.62
N ALA H 496 5.96 -62.74 -6.01
CA ALA H 496 6.20 -61.88 -4.82
C ALA H 496 6.59 -62.79 -3.67
N ASP H 497 5.84 -63.88 -3.51
CA ASP H 497 6.09 -64.87 -2.44
C ASP H 497 7.58 -65.18 -2.47
N GLY H 498 8.07 -65.53 -3.64
CA GLY H 498 9.48 -65.92 -3.77
C GLY H 498 10.36 -64.75 -3.39
N ILE H 499 10.22 -63.66 -4.14
CA ILE H 499 11.11 -62.50 -3.96
C ILE H 499 11.18 -62.34 -2.44
N THR H 500 10.01 -62.31 -1.83
CA THR H 500 9.84 -61.86 -0.43
C THR H 500 10.42 -62.98 0.43
N GLN H 501 9.78 -64.12 0.36
CA GLN H 501 10.25 -65.28 1.12
C GLN H 501 11.77 -65.28 1.11
N ARG H 502 12.35 -65.57 -0.05
CA ARG H 502 13.81 -65.75 -0.18
C ARG H 502 14.45 -64.81 0.82
N LYS H 503 14.04 -63.54 0.78
CA LYS H 503 14.64 -62.42 1.57
C LYS H 503 14.42 -62.69 3.04
N TYR H 504 13.15 -62.80 3.40
CA TYR H 504 12.66 -63.03 4.77
C TYR H 504 13.35 -64.26 5.33
N ASN H 505 13.29 -65.33 4.55
CA ASN H 505 13.82 -66.65 4.89
C ASN H 505 15.34 -66.58 5.08
N TYR H 506 16.06 -65.66 4.43
CA TYR H 506 17.52 -65.34 4.53
C TYR H 506 17.81 -64.68 5.86
N ILE H 507 17.04 -63.65 6.18
CA ILE H 507 17.19 -63.01 7.50
C ILE H 507 16.95 -64.09 8.54
N ARG H 508 15.82 -64.75 8.45
CA ARG H 508 15.52 -65.76 9.47
C ARG H 508 16.73 -66.68 9.60
N ALA H 509 17.36 -67.04 8.50
CA ALA H 509 18.49 -67.97 8.65
C ALA H 509 19.52 -67.26 9.51
N GLU H 510 19.87 -66.03 9.17
CA GLU H 510 20.93 -65.33 9.91
C GLU H 510 20.54 -65.38 11.38
N GLN H 511 19.30 -65.03 11.67
CA GLN H 511 18.96 -64.75 13.06
C GLN H 511 18.94 -66.05 13.83
N LEU H 512 18.54 -67.13 13.18
CA LEU H 512 18.51 -68.44 13.85
C LEU H 512 19.94 -68.78 14.13
N TYR H 513 20.77 -68.25 13.27
CA TYR H 513 22.17 -68.59 13.52
C TYR H 513 22.52 -67.98 14.87
N LYS H 514 22.25 -66.70 14.98
CA LYS H 514 22.74 -65.92 16.13
C LYS H 514 22.10 -66.55 17.36
N ALA H 515 21.12 -67.39 17.14
CA ALA H 515 20.56 -68.12 18.29
C ALA H 515 21.39 -69.35 18.57
N GLU H 516 22.18 -69.83 17.62
CA GLU H 516 22.94 -71.06 17.90
C GLU H 516 24.13 -70.65 18.76
N GLN H 517 24.67 -69.49 18.41
CA GLN H 517 25.73 -68.78 19.12
C GLN H 517 25.10 -67.60 19.84
N GLY H 518 24.41 -67.89 20.95
CA GLY H 518 23.36 -67.04 21.55
C GLY H 518 23.91 -65.79 22.21
N LEU H 519 23.06 -64.78 22.28
CA LEU H 519 23.29 -63.66 23.21
C LEU H 519 24.21 -64.11 24.33
N LYS H 520 25.32 -63.39 24.44
CA LYS H 520 26.59 -63.97 24.88
C LYS H 520 26.41 -64.37 26.34
N LEU H 521 25.94 -63.44 27.15
CA LEU H 521 25.86 -63.76 28.59
C LEU H 521 24.43 -64.03 29.04
N MET H 522 23.42 -63.69 28.23
CA MET H 522 21.99 -63.93 28.54
C MET H 522 21.59 -65.39 28.30
N ASP H 523 20.33 -65.73 28.63
CA ASP H 523 19.70 -67.00 28.21
C ASP H 523 19.40 -66.91 26.72
N ASP H 524 19.75 -67.97 26.00
CA ASP H 524 19.77 -67.96 24.52
C ASP H 524 18.38 -67.62 23.96
N GLY H 525 17.33 -67.65 24.79
CA GLY H 525 15.93 -67.53 24.36
C GLY H 525 15.53 -66.10 24.03
N HIS H 526 16.35 -65.11 24.37
CA HIS H 526 15.82 -63.73 24.32
C HIS H 526 16.13 -63.12 22.97
N ILE H 527 16.89 -63.83 22.16
CA ILE H 527 17.39 -63.25 20.89
C ILE H 527 16.27 -63.27 19.89
N PRO H 528 15.87 -62.10 19.37
CA PRO H 528 14.74 -62.04 18.46
C PRO H 528 15.07 -62.84 17.20
N VAL H 529 14.09 -63.64 16.82
CA VAL H 529 14.15 -64.56 15.66
C VAL H 529 12.83 -64.40 14.94
N LEU H 530 12.88 -64.20 13.65
CA LEU H 530 11.64 -64.18 12.86
C LEU H 530 11.01 -65.55 12.95
N PRO H 531 9.69 -65.59 12.96
CA PRO H 531 8.99 -66.87 12.91
C PRO H 531 9.12 -67.53 11.53
N LYS H 532 8.83 -68.83 11.43
CA LYS H 532 8.84 -69.54 10.14
C LYS H 532 7.83 -68.85 9.23
N PHE H 533 8.20 -68.59 7.98
CA PHE H 533 7.48 -67.67 7.06
C PHE H 533 5.99 -68.04 6.93
N GLY H 534 5.12 -67.09 7.28
CA GLY H 534 3.66 -67.27 7.32
C GLY H 534 3.17 -68.11 8.49
N GLU H 535 3.95 -68.34 9.56
CA GLU H 535 3.47 -69.02 10.79
C GLU H 535 3.05 -68.00 11.85
N ASP H 536 3.31 -66.74 11.58
CA ASP H 536 2.98 -65.74 12.62
C ASP H 536 3.80 -66.07 13.89
N LYS H 537 3.53 -65.48 15.04
CA LYS H 537 4.51 -65.57 16.15
C LYS H 537 4.32 -66.93 16.83
N ARG H 538 5.38 -67.50 17.41
CA ARG H 538 5.18 -68.53 18.47
C ARG H 538 5.64 -67.99 19.84
N HIS H 539 4.85 -68.10 20.94
CA HIS H 539 5.26 -67.67 22.32
C HIS H 539 6.61 -68.28 22.63
N PRO H 540 7.48 -67.50 23.30
CA PRO H 540 8.62 -68.07 24.01
C PRO H 540 8.19 -69.38 24.66
N ALA H 541 9.13 -70.32 24.79
CA ALA H 541 8.90 -71.69 25.30
C ALA H 541 8.38 -71.61 26.75
N GLU H 542 9.09 -70.92 27.63
CA GLU H 542 8.71 -70.91 29.07
C GLU H 542 7.22 -70.59 29.18
N ILE H 543 6.79 -69.53 28.49
CA ILE H 543 5.39 -69.02 28.58
C ILE H 543 4.50 -70.08 27.97
N GLN H 544 4.93 -70.70 26.87
CA GLN H 544 4.12 -71.72 26.19
C GLN H 544 3.97 -72.89 27.16
N ALA H 545 5.07 -73.22 27.85
CA ALA H 545 5.07 -74.31 28.84
C ALA H 545 4.08 -73.97 29.95
N PHE H 546 4.09 -72.71 30.40
CA PHE H 546 3.20 -72.20 31.48
C PHE H 546 1.76 -72.34 31.01
N ILE H 547 1.50 -71.97 29.74
CA ILE H 547 0.12 -71.78 29.24
C ILE H 547 -0.58 -73.14 29.26
N ASP H 548 0.12 -74.18 28.83
CA ASP H 548 -0.44 -75.55 28.71
C ASP H 548 -0.72 -76.05 30.11
N GLN H 549 0.25 -75.82 31.00
CA GLN H 549 0.16 -76.22 32.43
C GLN H 549 -1.15 -75.65 32.96
N MET H 550 -1.41 -74.38 32.68
CA MET H 550 -2.66 -73.68 33.07
C MET H 550 -3.84 -74.44 32.44
N GLU H 551 -3.71 -74.74 31.15
CA GLU H 551 -4.75 -75.45 30.36
C GLU H 551 -5.02 -76.81 31.00
N GLN H 552 -3.95 -77.53 31.36
CA GLN H 552 -4.01 -78.87 32.00
C GLN H 552 -4.78 -78.76 33.31
N GLN H 553 -4.47 -77.72 34.10
CA GLN H 553 -5.10 -77.45 35.43
C GLN H 553 -6.61 -77.24 35.23
N ASP I 1 -87.49 -50.52 -45.53
CA ASP I 1 -88.08 -49.18 -45.84
C ASP I 1 -88.25 -48.35 -44.57
N ASN I 2 -87.73 -48.82 -43.43
CA ASN I 2 -87.81 -48.08 -42.14
C ASN I 2 -87.08 -46.74 -42.28
N VAL I 3 -87.48 -45.77 -41.47
CA VAL I 3 -86.78 -44.44 -41.41
C VAL I 3 -85.97 -44.38 -40.11
N ILE I 4 -84.64 -44.39 -40.27
CA ILE I 4 -83.66 -44.24 -39.17
C ILE I 4 -82.57 -43.27 -39.61
N THR I 5 -81.90 -42.66 -38.64
CA THR I 5 -80.73 -41.76 -38.85
C THR I 5 -79.44 -42.56 -38.65
N ARG I 6 -78.44 -42.34 -39.50
CA ARG I 6 -77.12 -43.00 -39.35
C ARG I 6 -76.03 -41.95 -39.20
N VAL I 7 -75.21 -42.10 -38.16
CA VAL I 7 -74.10 -41.16 -37.82
C VAL I 7 -72.78 -41.89 -38.06
N VAL I 8 -72.05 -41.50 -39.11
CA VAL I 8 -70.79 -42.17 -39.53
C VAL I 8 -69.77 -41.09 -39.89
N ALA I 9 -68.49 -41.43 -39.84
CA ALA I 9 -67.38 -40.46 -39.98
C ALA I 9 -66.76 -40.52 -41.38
N VAL I 10 -66.32 -39.37 -41.85
CA VAL I 10 -65.23 -39.27 -42.86
C VAL I 10 -64.16 -38.36 -42.29
N ARG I 11 -63.07 -38.98 -41.82
CA ARG I 11 -61.96 -38.34 -41.09
C ARG I 11 -61.14 -37.48 -42.05
N ASN I 12 -61.13 -37.80 -43.35
CA ASN I 12 -60.06 -37.43 -44.34
C ASN I 12 -60.19 -35.97 -44.79
N VAL I 13 -61.37 -35.58 -45.29
CA VAL I 13 -61.65 -34.17 -45.67
C VAL I 13 -63.12 -33.84 -45.34
N SER I 14 -63.39 -32.55 -45.14
CA SER I 14 -64.74 -32.03 -44.78
C SER I 14 -65.78 -32.61 -45.76
N VAL I 15 -66.90 -33.07 -45.20
CA VAL I 15 -67.90 -33.91 -45.93
C VAL I 15 -68.91 -32.99 -46.63
N ARG I 16 -68.82 -31.67 -46.42
CA ARG I 16 -69.59 -30.67 -47.21
C ARG I 16 -69.32 -30.91 -48.70
N GLU I 17 -68.14 -31.44 -49.02
CA GLU I 17 -67.71 -31.80 -50.39
C GLU I 17 -68.73 -32.74 -51.06
N LEU I 18 -69.49 -33.51 -50.27
CA LEU I 18 -70.43 -34.52 -50.82
C LEU I 18 -71.88 -34.00 -50.83
N SER I 19 -72.14 -32.75 -50.45
CA SER I 19 -73.54 -32.25 -50.30
C SER I 19 -74.34 -32.41 -51.59
N PRO I 20 -73.83 -32.07 -52.80
CA PRO I 20 -74.66 -32.12 -54.00
C PRO I 20 -75.03 -33.56 -54.41
N LEU I 21 -74.07 -34.48 -54.35
CA LEU I 21 -74.22 -35.88 -54.86
C LEU I 21 -75.04 -36.68 -53.84
N LEU I 22 -74.88 -36.38 -52.55
CA LEU I 22 -75.69 -37.03 -51.48
C LEU I 22 -77.14 -36.56 -51.60
N ARG I 23 -77.37 -35.26 -51.81
CA ARG I 23 -78.74 -34.75 -52.11
C ARG I 23 -79.21 -35.31 -53.46
N GLN I 24 -78.29 -35.87 -54.25
CA GLN I 24 -78.69 -36.63 -55.47
C GLN I 24 -79.39 -37.92 -55.04
N LEU I 25 -78.88 -38.62 -54.02
CA LEU I 25 -79.56 -39.80 -53.43
C LEU I 25 -80.74 -39.35 -52.55
N ILE I 26 -80.78 -38.08 -52.12
CA ILE I 26 -81.99 -37.52 -51.45
C ILE I 26 -83.01 -37.17 -52.54
N ASP I 27 -82.53 -36.90 -53.75
CA ASP I 27 -83.38 -36.71 -54.96
C ASP I 27 -83.68 -38.07 -55.62
N ASN I 28 -82.66 -38.95 -55.77
CA ASN I 28 -82.77 -40.23 -56.53
C ASN I 28 -84.01 -41.02 -56.09
N ALA I 29 -84.40 -40.94 -54.81
CA ALA I 29 -85.61 -41.58 -54.26
C ALA I 29 -86.35 -40.60 -53.34
N GLY I 30 -87.32 -41.09 -52.58
CA GLY I 30 -88.22 -40.28 -51.73
C GLY I 30 -87.46 -39.47 -50.69
N ALA I 31 -88.00 -38.30 -50.33
CA ALA I 31 -87.42 -37.39 -49.31
C ALA I 31 -88.08 -37.65 -47.95
N GLY I 32 -87.85 -36.75 -46.98
CA GLY I 32 -87.90 -37.05 -45.54
C GLY I 32 -86.50 -37.28 -44.99
N ASN I 33 -85.52 -37.40 -45.89
CA ASN I 33 -84.08 -37.50 -45.54
C ASN I 33 -83.61 -36.20 -44.90
N VAL I 34 -82.52 -36.29 -44.15
CA VAL I 34 -81.52 -35.19 -44.01
C VAL I 34 -80.14 -35.81 -44.20
N VAL I 35 -79.19 -35.05 -44.72
CA VAL I 35 -77.75 -35.37 -44.52
C VAL I 35 -77.04 -34.08 -44.09
N HIS I 36 -76.65 -34.03 -42.82
CA HIS I 36 -76.09 -32.82 -42.19
C HIS I 36 -74.64 -33.09 -41.80
N TYR I 37 -73.76 -32.18 -42.20
CA TYR I 37 -72.29 -32.36 -42.16
C TYR I 37 -71.73 -31.50 -41.04
N ASP I 38 -71.37 -32.12 -39.92
CA ASP I 38 -70.99 -31.32 -38.73
C ASP I 38 -69.54 -30.88 -38.89
N PRO I 39 -69.28 -29.55 -38.79
CA PRO I 39 -67.90 -29.03 -38.85
C PRO I 39 -66.94 -29.63 -37.80
N ALA I 40 -67.47 -30.35 -36.81
CA ALA I 40 -66.69 -31.23 -35.91
C ALA I 40 -66.15 -32.44 -36.70
N ASN I 41 -66.60 -32.60 -37.94
CA ASN I 41 -66.22 -33.72 -38.87
C ASN I 41 -66.73 -35.06 -38.31
N ILE I 42 -68.05 -35.22 -38.25
CA ILE I 42 -68.77 -36.52 -38.32
C ILE I 42 -69.91 -36.31 -39.33
N ILE I 43 -70.83 -37.27 -39.44
CA ILE I 43 -71.80 -37.30 -40.58
C ILE I 43 -73.17 -37.75 -40.07
N LEU I 44 -74.21 -37.04 -40.51
CA LEU I 44 -75.64 -37.37 -40.21
C LEU I 44 -76.38 -37.71 -41.50
N ILE I 45 -77.08 -38.85 -41.51
CA ILE I 45 -78.20 -39.13 -42.43
C ILE I 45 -79.45 -39.38 -41.60
N THR I 46 -80.62 -39.15 -42.19
CA THR I 46 -81.93 -39.57 -41.64
C THR I 46 -82.84 -39.96 -42.81
N GLY I 47 -83.58 -41.05 -42.67
CA GLY I 47 -84.53 -41.53 -43.71
C GLY I 47 -84.54 -43.04 -43.87
N ARG I 48 -84.94 -43.51 -45.04
CA ARG I 48 -85.08 -44.95 -45.35
C ARG I 48 -83.71 -45.63 -45.29
N ALA I 49 -83.63 -46.70 -44.49
CA ALA I 49 -82.40 -47.46 -44.19
C ALA I 49 -81.68 -47.83 -45.48
N ALA I 50 -82.42 -48.05 -46.58
CA ALA I 50 -81.85 -48.40 -47.90
C ALA I 50 -81.08 -47.20 -48.46
N VAL I 51 -81.77 -46.08 -48.61
CA VAL I 51 -81.19 -44.85 -49.26
C VAL I 51 -80.21 -44.21 -48.26
N VAL I 52 -80.48 -44.35 -46.96
CA VAL I 52 -79.52 -43.94 -45.90
C VAL I 52 -78.30 -44.86 -45.98
N ASN I 53 -78.51 -46.10 -46.40
CA ASN I 53 -77.41 -47.11 -46.53
C ASN I 53 -76.54 -46.72 -47.73
N ARG I 54 -77.16 -46.36 -48.85
CA ARG I 54 -76.46 -45.95 -50.08
C ARG I 54 -75.75 -44.62 -49.81
N LEU I 55 -76.41 -43.74 -49.07
CA LEU I 55 -75.84 -42.41 -48.69
C LEU I 55 -74.62 -42.63 -47.81
N ALA I 56 -74.68 -43.62 -46.91
CA ALA I 56 -73.57 -43.92 -45.97
C ALA I 56 -72.47 -44.64 -46.72
N GLU I 57 -72.77 -45.16 -47.92
CA GLU I 57 -71.82 -45.95 -48.75
C GLU I 57 -70.97 -44.98 -49.58
N ILE I 58 -71.56 -43.95 -50.19
CA ILE I 58 -70.80 -42.82 -50.77
C ILE I 58 -70.01 -42.17 -49.63
N ILE I 59 -70.72 -41.82 -48.56
CA ILE I 59 -70.14 -41.20 -47.33
C ILE I 59 -68.97 -42.05 -46.84
N LYS I 60 -69.21 -43.31 -46.46
CA LYS I 60 -68.13 -44.22 -46.01
C LYS I 60 -67.16 -44.45 -47.16
N ARG I 61 -67.53 -44.07 -48.39
CA ARG I 61 -66.63 -44.24 -49.55
C ARG I 61 -65.67 -43.05 -49.59
N VAL I 62 -65.98 -42.00 -48.84
CA VAL I 62 -64.99 -40.91 -48.58
C VAL I 62 -64.41 -41.09 -47.17
N ASP I 63 -65.03 -41.90 -46.30
CA ASP I 63 -64.41 -42.32 -45.03
C ASP I 63 -63.19 -43.20 -45.33
N GLN I 64 -63.45 -44.43 -45.77
CA GLN I 64 -62.40 -45.43 -46.08
C GLN I 64 -61.45 -44.85 -47.12
N ALA I 65 -61.88 -43.80 -47.83
CA ALA I 65 -61.09 -43.17 -48.91
C ALA I 65 -59.83 -42.53 -48.32
N GLY I 66 -59.95 -41.92 -47.15
CA GLY I 66 -58.82 -41.25 -46.46
C GLY I 66 -58.88 -41.47 -44.97
N ASN I 67 -58.87 -42.72 -44.50
CA ASN I 67 -58.89 -43.01 -43.04
C ASN I 67 -57.53 -42.65 -42.44
N ARG I 68 -57.51 -42.38 -41.14
CA ARG I 68 -56.27 -41.95 -40.46
C ARG I 68 -56.25 -42.51 -39.03
N GLU I 69 -55.28 -43.37 -38.74
CA GLU I 69 -55.08 -43.94 -37.39
C GLU I 69 -53.74 -43.48 -36.83
N ILE I 70 -53.29 -44.13 -35.74
CA ILE I 70 -51.99 -43.78 -35.11
C ILE I 70 -51.30 -45.06 -34.61
N GLU I 71 -49.99 -44.98 -34.45
CA GLU I 71 -49.18 -46.10 -33.94
C GLU I 71 -48.30 -45.60 -32.80
N VAL I 72 -47.87 -46.53 -31.95
CA VAL I 72 -46.87 -46.27 -30.87
C VAL I 72 -45.91 -47.45 -30.84
N VAL I 73 -44.67 -47.22 -31.24
CA VAL I 73 -43.68 -48.33 -31.39
C VAL I 73 -42.34 -47.90 -30.79
N GLU I 74 -41.70 -48.84 -30.10
CA GLU I 74 -40.45 -48.59 -29.33
C GLU I 74 -39.32 -48.32 -30.31
N LEU I 75 -38.55 -47.30 -29.98
CA LEU I 75 -37.20 -47.10 -30.53
C LEU I 75 -36.20 -47.27 -29.39
N GLY I 76 -35.70 -48.50 -29.19
CA GLY I 76 -34.79 -48.83 -28.07
C GLY I 76 -33.50 -48.04 -28.17
N ASN I 77 -33.21 -47.48 -29.34
CA ASN I 77 -31.83 -47.08 -29.71
C ASN I 77 -31.86 -45.63 -30.23
N ALA I 78 -32.24 -45.45 -31.49
CA ALA I 78 -32.14 -44.15 -32.21
C ALA I 78 -32.99 -43.10 -31.49
N SER I 79 -32.45 -41.91 -31.29
CA SER I 79 -33.22 -40.82 -30.64
C SER I 79 -34.48 -40.55 -31.45
N ALA I 80 -35.63 -40.68 -30.81
CA ALA I 80 -36.93 -40.37 -31.44
C ALA I 80 -36.80 -39.03 -32.15
N ALA I 81 -36.55 -37.96 -31.39
CA ALA I 81 -36.47 -36.59 -31.94
C ALA I 81 -35.59 -36.61 -33.19
N GLU I 82 -34.57 -37.47 -33.21
CA GLU I 82 -33.77 -37.66 -34.44
C GLU I 82 -34.66 -38.36 -35.47
N MET I 83 -35.28 -39.48 -35.12
CA MET I 83 -36.14 -40.20 -36.08
C MET I 83 -37.13 -39.19 -36.69
N VAL I 84 -37.73 -38.38 -35.81
CA VAL I 84 -38.56 -37.21 -36.20
C VAL I 84 -37.82 -36.43 -37.28
N ARG I 85 -36.72 -35.78 -36.90
CA ARG I 85 -36.00 -34.84 -37.81
C ARG I 85 -35.82 -35.53 -39.15
N ILE I 86 -35.38 -36.78 -39.12
CA ILE I 86 -34.79 -37.46 -40.30
C ILE I 86 -35.95 -37.97 -41.17
N VAL I 87 -37.13 -38.04 -40.60
CA VAL I 87 -38.36 -38.24 -41.42
C VAL I 87 -38.91 -36.87 -41.82
N ASP I 88 -38.58 -35.83 -41.08
CA ASP I 88 -39.21 -34.49 -41.30
C ASP I 88 -38.92 -34.04 -42.74
N ALA I 89 -37.70 -34.33 -43.21
CA ALA I 89 -37.26 -34.12 -44.61
C ALA I 89 -38.28 -34.74 -45.56
N LEU I 90 -38.91 -35.85 -45.14
CA LEU I 90 -39.90 -36.56 -45.99
C LEU I 90 -41.19 -35.75 -46.02
N ASN I 91 -41.82 -35.64 -47.18
CA ASN I 91 -42.88 -34.63 -47.43
C ASN I 91 -44.06 -35.32 -48.13
N LYS I 106 -47.73 -37.25 -39.38
CA LYS I 106 -46.51 -36.68 -38.71
C LYS I 106 -46.01 -37.66 -37.64
N LEU I 107 -45.29 -37.17 -36.63
CA LEU I 107 -44.34 -37.99 -35.85
C LEU I 107 -44.29 -37.54 -34.39
N VAL I 108 -44.16 -38.50 -33.49
CA VAL I 108 -43.79 -38.27 -32.07
C VAL I 108 -42.90 -39.41 -31.59
N ALA I 109 -42.52 -39.35 -30.32
CA ALA I 109 -42.01 -40.50 -29.55
C ALA I 109 -41.99 -40.15 -28.06
N ASP I 110 -41.60 -41.11 -27.22
CA ASP I 110 -41.26 -40.83 -25.81
C ASP I 110 -39.92 -41.49 -25.48
N GLU I 111 -39.07 -40.77 -24.76
CA GLU I 111 -37.83 -41.37 -24.23
C GLU I 111 -37.99 -41.75 -22.76
N ARG I 112 -39.19 -41.67 -22.16
CA ARG I 112 -39.48 -42.51 -20.96
C ARG I 112 -39.47 -43.96 -21.46
N THR I 113 -40.24 -44.20 -22.51
CA THR I 113 -40.40 -45.53 -23.15
C THR I 113 -39.34 -45.71 -24.24
N ASN I 114 -38.92 -44.61 -24.87
CA ASN I 114 -38.17 -44.66 -26.15
C ASN I 114 -39.02 -45.40 -27.19
N SER I 115 -40.09 -44.75 -27.62
CA SER I 115 -41.11 -45.35 -28.53
C SER I 115 -41.57 -44.29 -29.52
N ILE I 116 -41.52 -44.65 -30.81
CA ILE I 116 -42.10 -43.81 -31.89
C ILE I 116 -43.61 -43.79 -31.69
N LEU I 117 -44.16 -42.60 -31.71
CA LEU I 117 -45.61 -42.41 -31.87
C LEU I 117 -45.82 -41.86 -33.27
N ILE I 118 -46.98 -42.13 -33.85
CA ILE I 118 -47.27 -41.55 -35.18
C ILE I 118 -48.57 -40.77 -35.12
N SER I 119 -48.69 -39.78 -35.99
CA SER I 119 -49.97 -39.12 -36.32
C SER I 119 -50.15 -39.17 -37.84
N GLY I 120 -51.05 -40.02 -38.32
CA GLY I 120 -51.46 -40.01 -39.74
C GLY I 120 -51.82 -41.40 -40.23
N ASP I 121 -51.60 -41.62 -41.53
CA ASP I 121 -52.30 -42.65 -42.35
C ASP I 121 -52.02 -44.03 -41.81
N PRO I 122 -52.93 -45.00 -42.05
CA PRO I 122 -52.54 -46.40 -42.10
C PRO I 122 -51.64 -46.76 -43.29
N LYS I 123 -51.51 -45.84 -44.26
CA LYS I 123 -50.33 -45.84 -45.16
C LYS I 123 -49.11 -45.32 -44.41
N VAL I 124 -49.30 -44.27 -43.61
CA VAL I 124 -48.23 -43.79 -42.69
C VAL I 124 -47.98 -44.89 -41.65
N ARG I 125 -48.97 -45.75 -41.40
CA ARG I 125 -48.79 -46.88 -40.45
C ARG I 125 -48.00 -47.99 -41.15
N ASP I 126 -48.27 -48.25 -42.43
CA ASP I 126 -47.48 -49.25 -43.21
C ASP I 126 -46.03 -48.78 -43.30
N ARG I 127 -45.80 -47.62 -43.93
CA ARG I 127 -44.44 -47.15 -44.26
C ARG I 127 -43.73 -46.77 -42.96
N LEU I 128 -44.46 -46.29 -41.96
CA LEU I 128 -43.73 -45.86 -40.74
C LEU I 128 -43.72 -46.94 -39.68
N LYS I 129 -44.36 -48.09 -39.92
CA LYS I 129 -43.87 -49.31 -39.24
C LYS I 129 -42.65 -49.83 -40.00
N ARG I 130 -42.60 -49.62 -41.30
CA ARG I 130 -41.37 -49.91 -42.06
C ARG I 130 -40.20 -49.14 -41.42
N LEU I 131 -40.38 -47.86 -41.09
CA LEU I 131 -39.27 -47.03 -40.57
C LEU I 131 -39.18 -47.17 -39.05
N ILE I 132 -40.26 -47.63 -38.41
CA ILE I 132 -40.14 -48.21 -37.03
C ILE I 132 -39.02 -49.23 -37.08
N ARG I 133 -39.06 -50.11 -38.08
CA ARG I 133 -38.14 -51.28 -38.14
C ARG I 133 -36.80 -50.80 -38.69
N GLN I 134 -36.82 -49.87 -39.64
CA GLN I 134 -35.60 -49.57 -40.45
C GLN I 134 -34.48 -49.15 -39.50
N LEU I 135 -34.67 -48.12 -38.70
CA LEU I 135 -33.58 -47.67 -37.80
C LEU I 135 -33.91 -48.09 -36.38
N ASP I 136 -33.83 -49.40 -36.16
CA ASP I 136 -33.86 -50.01 -34.80
C ASP I 136 -32.52 -50.67 -34.47
N VAL I 137 -31.72 -50.98 -35.49
CA VAL I 137 -30.71 -52.10 -35.51
C VAL I 137 -29.56 -51.84 -34.53
N GLU I 138 -28.42 -52.49 -34.77
CA GLU I 138 -27.15 -52.32 -34.01
C GLU I 138 -26.78 -50.84 -33.87
N MET I 139 -26.04 -50.51 -32.83
CA MET I 139 -25.54 -49.13 -32.58
C MET I 139 -24.15 -48.99 -33.22
N ALA I 140 -23.59 -50.11 -33.69
CA ALA I 140 -22.36 -50.21 -34.52
C ALA I 140 -21.11 -49.87 -33.69
N SER I 141 -21.20 -49.92 -32.35
CA SER I 141 -20.03 -49.84 -31.42
C SER I 141 -19.09 -48.70 -31.83
N LYS I 142 -19.56 -47.46 -31.69
CA LYS I 142 -18.88 -46.24 -32.17
C LYS I 142 -17.44 -46.24 -31.67
N GLY I 143 -17.21 -46.83 -30.50
CA GLY I 143 -15.91 -46.73 -29.82
C GLY I 143 -15.40 -45.31 -29.83
N ASN I 144 -16.31 -44.35 -29.65
CA ASN I 144 -16.04 -42.89 -29.67
C ASN I 144 -14.73 -42.61 -28.94
N ASN I 145 -14.54 -43.31 -27.83
CA ASN I 145 -13.30 -43.19 -26.99
C ASN I 145 -12.62 -44.56 -26.87
N ARG I 146 -11.30 -44.54 -26.78
CA ARG I 146 -10.41 -45.71 -26.59
C ARG I 146 -9.41 -45.38 -25.49
N VAL I 147 -8.78 -46.38 -24.92
CA VAL I 147 -7.72 -46.12 -23.90
C VAL I 147 -6.53 -46.96 -24.35
N VAL I 148 -5.55 -46.27 -24.93
CA VAL I 148 -4.34 -46.90 -25.52
C VAL I 148 -3.27 -47.03 -24.45
N TYR I 149 -2.83 -48.25 -24.26
CA TYR I 149 -1.81 -48.59 -23.25
C TYR I 149 -0.46 -48.38 -23.92
N LEU I 150 0.18 -47.27 -23.58
CA LEU I 150 1.55 -46.95 -24.04
C LEU I 150 2.51 -48.11 -23.76
N LYS I 151 3.19 -48.55 -24.81
CA LYS I 151 4.25 -49.59 -24.78
C LYS I 151 5.55 -49.03 -24.18
N TYR I 152 6.18 -48.01 -24.75
CA TYR I 152 7.37 -47.57 -24.00
C TYR I 152 7.33 -46.10 -23.71
N ALA I 153 6.20 -45.52 -23.40
CA ALA I 153 6.45 -44.09 -23.18
C ALA I 153 5.72 -43.56 -21.96
N LYS I 154 6.27 -42.51 -21.38
CA LYS I 154 5.48 -41.97 -20.26
C LYS I 154 4.32 -41.21 -20.87
N ALA I 155 3.14 -41.55 -20.42
CA ALA I 155 1.93 -41.01 -21.03
C ALA I 155 1.68 -39.63 -20.43
N GLU I 156 2.27 -39.40 -19.26
CA GLU I 156 2.06 -38.13 -18.54
C GLU I 156 2.55 -37.01 -19.44
N ASP I 157 3.42 -37.36 -20.39
CA ASP I 157 4.21 -36.38 -21.19
C ASP I 157 3.72 -36.42 -22.64
N LEU I 158 3.32 -37.57 -23.06
CA LEU I 158 2.76 -37.74 -24.42
C LEU I 158 1.45 -36.95 -24.57
N VAL I 159 0.60 -36.89 -23.54
CA VAL I 159 -0.68 -36.12 -23.62
C VAL I 159 -0.40 -34.67 -23.96
N ASP I 160 0.72 -34.16 -23.49
CA ASP I 160 1.14 -32.75 -23.78
C ASP I 160 1.26 -32.57 -25.29
N VAL I 161 1.89 -33.51 -25.95
CA VAL I 161 2.19 -33.43 -27.39
C VAL I 161 0.92 -33.66 -28.17
N LEU I 162 0.02 -34.45 -27.62
CA LEU I 162 -1.12 -34.81 -28.49
C LEU I 162 -2.15 -33.70 -28.38
N LYS I 163 -1.96 -32.75 -27.47
CA LYS I 163 -2.89 -31.62 -27.29
C LYS I 163 -2.97 -30.82 -28.59
N GLY I 164 -1.83 -30.64 -29.26
CA GLY I 164 -1.75 -29.81 -30.48
C GLY I 164 -2.27 -30.55 -31.70
N VAL I 165 -2.05 -31.87 -31.73
CA VAL I 165 -2.54 -32.76 -32.81
C VAL I 165 -4.03 -32.88 -32.59
N SER I 166 -4.40 -32.76 -31.33
CA SER I 166 -5.78 -33.12 -31.02
C SER I 166 -6.71 -31.99 -31.52
N ASP I 167 -6.68 -30.85 -30.84
CA ASP I 167 -7.54 -29.69 -31.14
C ASP I 167 -7.35 -29.30 -32.62
N ASN I 168 -6.09 -29.10 -33.02
CA ASN I 168 -5.75 -28.60 -34.38
C ASN I 168 -6.42 -29.53 -35.40
N LEU I 169 -6.23 -30.85 -35.24
CA LEU I 169 -6.75 -31.82 -36.23
C LEU I 169 -8.25 -31.64 -36.38
N GLN I 170 -8.96 -31.54 -35.25
CA GLN I 170 -10.44 -31.39 -35.19
C GLN I 170 -10.86 -30.18 -36.03
N ALA I 171 -10.19 -29.04 -35.86
CA ALA I 171 -10.45 -27.79 -36.63
C ALA I 171 -10.22 -28.03 -38.14
N VAL I 187 -12.25 -33.59 -29.16
CA VAL I 187 -10.93 -34.28 -28.93
C VAL I 187 -10.44 -33.97 -27.51
N VAL I 188 -10.59 -34.89 -26.57
CA VAL I 188 -9.90 -34.75 -25.26
C VAL I 188 -9.04 -35.96 -24.99
N ILE I 189 -7.72 -35.72 -24.95
CA ILE I 189 -6.68 -36.74 -24.65
C ILE I 189 -6.33 -36.60 -23.18
N ALA I 190 -6.43 -37.68 -22.43
CA ALA I 190 -6.12 -37.57 -20.99
C ALA I 190 -5.24 -38.75 -20.60
N ALA I 191 -4.19 -38.50 -19.86
CA ALA I 191 -3.24 -39.59 -19.58
C ALA I 191 -3.50 -40.07 -18.16
N HIS I 192 -3.86 -41.35 -18.02
CA HIS I 192 -4.06 -41.96 -16.68
C HIS I 192 -2.74 -42.48 -16.18
N GLN I 193 -2.12 -41.74 -15.26
CA GLN I 193 -0.75 -42.01 -14.74
C GLN I 193 -0.61 -43.50 -14.50
N GLY I 194 -1.36 -43.95 -13.49
CA GLY I 194 -1.35 -45.33 -12.98
C GLY I 194 -0.83 -46.32 -14.02
N THR I 195 -1.54 -46.49 -15.13
CA THR I 195 -1.37 -47.67 -16.01
C THR I 195 -0.46 -47.27 -17.19
N ASN I 196 0.06 -46.05 -17.10
CA ASN I 196 0.82 -45.38 -18.19
C ASN I 196 0.02 -45.63 -19.46
N SER I 197 -1.27 -45.31 -19.38
CA SER I 197 -2.21 -45.46 -20.50
C SER I 197 -2.91 -44.12 -20.63
N LEU I 198 -2.81 -43.54 -21.82
CA LEU I 198 -3.55 -42.28 -21.99
C LEU I 198 -4.85 -42.60 -22.69
N VAL I 199 -5.89 -41.95 -22.19
CA VAL I 199 -7.30 -42.13 -22.57
C VAL I 199 -7.63 -41.05 -23.57
N LEU I 200 -7.98 -41.52 -24.77
CA LEU I 200 -8.31 -40.64 -25.89
C LEU I 200 -9.82 -40.60 -26.04
N THR I 201 -10.39 -39.42 -26.19
CA THR I 201 -11.82 -39.32 -26.58
C THR I 201 -11.90 -38.35 -27.75
N ALA I 202 -11.89 -39.01 -28.91
CA ALA I 202 -11.66 -38.47 -30.27
C ALA I 202 -12.98 -38.54 -31.07
N PRO I 203 -13.20 -37.77 -32.17
CA PRO I 203 -13.86 -38.30 -33.37
C PRO I 203 -13.09 -39.39 -34.08
N PRO I 204 -13.75 -40.23 -34.89
CA PRO I 204 -13.15 -41.49 -35.31
C PRO I 204 -11.91 -41.28 -36.17
N ASP I 205 -11.91 -40.24 -36.98
CA ASP I 205 -10.69 -39.89 -37.76
C ASP I 205 -9.63 -39.36 -36.80
N ILE I 206 -9.95 -38.26 -36.13
CA ILE I 206 -9.03 -37.70 -35.11
C ILE I 206 -8.47 -38.87 -34.29
N MET I 207 -9.29 -39.89 -34.04
CA MET I 207 -8.90 -41.06 -33.19
C MET I 207 -7.88 -41.85 -33.96
N LEU I 208 -8.29 -42.40 -35.11
CA LEU I 208 -7.35 -43.10 -36.01
C LEU I 208 -6.11 -42.24 -36.21
N ALA I 209 -6.21 -40.92 -36.10
CA ALA I 209 -5.01 -40.07 -36.31
C ALA I 209 -4.13 -40.10 -35.06
N LEU I 210 -4.70 -39.74 -33.92
CA LEU I 210 -3.95 -39.72 -32.62
C LEU I 210 -3.30 -41.08 -32.47
N GLN I 211 -3.95 -42.14 -32.95
CA GLN I 211 -3.45 -43.51 -32.75
C GLN I 211 -2.18 -43.69 -33.58
N GLU I 212 -2.09 -43.02 -34.73
CA GLU I 212 -0.95 -43.19 -35.66
C GLU I 212 0.20 -42.33 -35.18
N VAL I 213 -0.12 -41.34 -34.35
CA VAL I 213 0.89 -40.39 -33.81
C VAL I 213 1.52 -41.03 -32.58
N ILE I 214 0.69 -41.73 -31.79
CA ILE I 214 1.10 -42.29 -30.49
C ILE I 214 1.92 -43.52 -30.78
N THR I 215 1.66 -44.16 -31.91
CA THR I 215 2.33 -45.42 -32.27
C THR I 215 3.73 -45.12 -32.78
N GLN I 216 3.97 -43.88 -33.21
CA GLN I 216 5.26 -43.50 -33.78
C GLN I 216 6.06 -42.73 -32.73
N LEU I 217 5.42 -42.19 -31.71
CA LEU I 217 6.14 -41.53 -30.59
C LEU I 217 6.44 -42.54 -29.52
N ASP I 218 5.85 -43.69 -29.66
CA ASP I 218 5.88 -44.68 -28.57
C ASP I 218 6.96 -45.71 -28.88
N ILE I 219 8.03 -45.31 -29.55
CA ILE I 219 9.13 -46.27 -29.82
C ILE I 219 9.97 -46.35 -28.55
N ARG I 220 10.70 -47.45 -28.40
CA ARG I 220 11.63 -47.62 -27.27
C ARG I 220 12.72 -46.59 -27.40
N ARG I 221 13.30 -46.17 -26.30
CA ARG I 221 14.40 -45.19 -26.40
C ARG I 221 15.69 -45.94 -26.24
N ALA I 222 16.64 -45.68 -27.13
CA ALA I 222 17.98 -46.27 -26.93
C ALA I 222 18.64 -45.54 -25.75
N GLN I 223 19.77 -46.03 -25.30
CA GLN I 223 20.36 -45.33 -24.14
C GLN I 223 21.87 -45.32 -24.20
N VAL I 224 22.44 -44.21 -23.78
CA VAL I 224 23.90 -44.00 -23.94
C VAL I 224 24.60 -44.19 -22.60
N LEU I 225 25.72 -44.87 -22.63
CA LEU I 225 26.62 -44.96 -21.47
C LEU I 225 27.73 -43.92 -21.61
N ILE I 226 27.47 -42.71 -21.11
CA ILE I 226 28.39 -41.54 -21.21
C ILE I 226 29.55 -41.78 -20.27
N GLU I 227 30.63 -42.28 -20.81
CA GLU I 227 31.83 -42.43 -19.94
C GLU I 227 32.75 -41.26 -20.21
N ALA I 228 32.75 -40.27 -19.34
CA ALA I 228 33.78 -39.20 -19.34
C ALA I 228 35.11 -39.71 -18.77
N LEU I 229 36.19 -38.99 -19.05
CA LEU I 229 37.54 -39.53 -18.78
C LEU I 229 38.50 -38.38 -18.55
N ILE I 230 38.46 -37.86 -17.36
CA ILE I 230 39.16 -36.64 -16.96
C ILE I 230 40.56 -37.01 -16.51
N VAL I 231 41.56 -36.48 -17.17
CA VAL I 231 42.95 -36.90 -16.91
C VAL I 231 43.68 -35.64 -16.51
N GLU I 232 43.83 -35.39 -15.22
CA GLU I 232 44.61 -34.24 -14.68
C GLU I 232 46.02 -34.62 -14.25
N MET I 233 47.00 -34.32 -15.08
CA MET I 233 48.37 -34.82 -14.90
C MET I 233 49.35 -33.65 -14.69
N ALA I 234 49.75 -33.41 -13.45
CA ALA I 234 50.47 -32.19 -13.01
C ALA I 234 51.83 -32.54 -12.43
N GLU I 235 52.82 -31.74 -12.77
CA GLU I 235 54.24 -32.09 -12.57
C GLU I 235 54.95 -30.79 -12.26
N GLY I 236 55.54 -30.72 -11.08
CA GLY I 236 56.15 -29.48 -10.54
C GLY I 236 57.58 -29.75 -10.11
N ASP I 237 58.46 -28.81 -10.34
CA ASP I 237 59.91 -28.98 -10.11
C ASP I 237 60.44 -27.63 -9.71
N GLY I 238 60.89 -27.50 -8.49
CA GLY I 238 61.47 -26.25 -7.96
C GLY I 238 62.87 -26.51 -7.43
N VAL I 239 63.75 -25.56 -7.66
CA VAL I 239 65.08 -25.54 -7.04
C VAL I 239 65.30 -24.19 -6.36
N ASN I 240 65.36 -24.13 -5.05
CA ASN I 240 65.86 -22.92 -4.36
C ASN I 240 67.28 -23.16 -3.89
N LEU I 241 68.19 -22.29 -4.29
CA LEU I 241 69.56 -22.42 -3.79
C LEU I 241 70.17 -21.06 -3.56
N GLY I 242 70.58 -20.81 -2.34
CA GLY I 242 70.90 -19.41 -2.08
C GLY I 242 71.55 -19.27 -0.75
N VAL I 243 72.67 -18.57 -0.76
CA VAL I 243 73.53 -18.66 0.43
C VAL I 243 73.54 -17.33 1.13
N GLN I 244 73.31 -17.32 2.40
CA GLN I 244 73.15 -16.00 3.02
C GLN I 244 74.23 -15.83 4.04
N TRP I 245 74.99 -14.78 3.88
CA TRP I 245 76.03 -14.45 4.86
C TRP I 245 75.42 -13.56 5.92
N GLY I 246 75.93 -13.56 7.15
CA GLY I 246 75.44 -12.65 8.20
C GLY I 246 76.37 -12.49 9.37
N ASN I 247 76.46 -11.27 9.86
CA ASN I 247 77.29 -10.96 11.04
C ASN I 247 76.49 -10.00 11.90
N LEU I 248 75.93 -10.50 12.99
CA LEU I 248 74.98 -9.70 13.81
C LEU I 248 75.73 -8.87 14.86
N GLU I 249 76.96 -9.20 15.25
CA GLU I 249 77.78 -8.35 16.15
C GLU I 249 77.73 -6.90 15.63
N THR I 250 78.02 -6.74 14.35
CA THR I 250 77.94 -5.47 13.62
C THR I 250 77.03 -5.63 12.41
N GLY I 251 75.70 -5.59 12.63
CA GLY I 251 74.56 -5.73 11.71
C GLY I 251 74.94 -5.79 10.24
N ALA I 252 75.46 -6.91 9.78
CA ALA I 252 75.93 -7.03 8.40
C ALA I 252 75.28 -8.27 7.83
N VAL I 253 74.25 -8.09 7.06
CA VAL I 253 73.64 -9.32 6.51
C VAL I 253 73.80 -9.27 5.00
N ILE I 254 73.91 -10.44 4.41
CA ILE I 254 73.53 -10.55 2.99
C ILE I 254 72.32 -11.44 2.92
N GLN I 255 71.18 -10.87 3.20
CA GLN I 255 70.00 -11.74 3.35
C GLN I 255 69.21 -11.77 2.05
N TYR I 256 68.43 -12.81 1.90
CA TYR I 256 67.47 -12.96 0.78
C TYR I 256 66.10 -13.37 1.32
N SER I 257 65.04 -12.73 0.87
CA SER I 257 63.67 -13.16 1.25
C SER I 257 63.31 -14.37 0.40
N ASN I 258 63.94 -14.47 -0.76
CA ASN I 258 63.38 -15.46 -1.70
C ASN I 258 63.59 -16.87 -1.13
N THR I 259 64.56 -17.03 -0.22
CA THR I 259 64.86 -18.39 0.26
C THR I 259 63.96 -18.68 1.45
N GLY I 260 63.73 -19.94 1.76
CA GLY I 260 62.98 -20.22 2.99
C GLY I 260 63.20 -19.12 4.02
N THR I 261 64.32 -19.16 4.71
CA THR I 261 64.42 -18.29 5.89
C THR I 261 65.42 -17.20 5.59
N PRO I 262 65.25 -15.98 6.13
CA PRO I 262 66.28 -14.95 6.04
C PRO I 262 67.24 -14.83 7.22
N ILE I 263 68.54 -14.74 6.95
CA ILE I 263 69.60 -15.02 7.95
C ILE I 263 69.29 -14.19 9.19
N GLY I 264 68.59 -13.07 9.04
CA GLY I 264 68.33 -12.20 10.21
C GLY I 264 67.56 -12.97 11.26
N LYS I 265 66.34 -13.37 10.89
CA LYS I 265 65.48 -14.19 11.77
C LYS I 265 66.35 -15.27 12.39
N VAL I 266 67.21 -15.91 11.60
CA VAL I 266 67.92 -17.13 12.07
C VAL I 266 68.96 -16.71 13.09
N MET I 267 69.74 -15.69 12.79
CA MET I 267 70.76 -15.26 13.77
C MET I 267 70.09 -14.70 15.03
N VAL I 268 69.05 -13.89 14.87
CA VAL I 268 68.33 -13.38 16.07
C VAL I 268 67.87 -14.60 16.87
N GLY I 269 67.21 -15.55 16.21
CA GLY I 269 66.64 -16.76 16.85
C GLY I 269 67.72 -17.50 17.59
N LEU I 270 68.90 -17.57 16.98
CA LEU I 270 70.01 -18.33 17.60
C LEU I 270 70.49 -17.60 18.83
N GLU I 271 70.45 -16.28 18.82
CA GLU I 271 70.92 -15.55 20.01
C GLU I 271 69.89 -15.71 21.12
N GLU I 272 68.62 -15.58 20.78
CA GLU I 272 67.56 -15.76 21.80
C GLU I 272 67.60 -17.18 22.37
N ALA I 273 67.99 -18.18 21.59
CA ALA I 273 67.99 -19.61 21.99
C ALA I 273 69.24 -19.87 22.84
N LYS I 274 70.11 -18.86 22.98
CA LYS I 274 71.34 -18.96 23.81
C LYS I 274 71.00 -18.68 25.28
N ASP I 275 71.78 -19.23 26.21
CA ASP I 275 71.58 -19.01 27.68
C ASP I 275 72.18 -17.64 28.07
N LYS I 276 71.31 -16.68 28.41
CA LYS I 276 71.65 -15.30 28.87
C LYS I 276 72.09 -15.34 30.34
N THR I 277 72.67 -14.25 30.87
CA THR I 277 73.10 -14.13 32.29
C THR I 277 72.80 -12.72 32.81
N VAL I 278 71.97 -12.61 33.84
CA VAL I 278 71.56 -11.31 34.46
C VAL I 278 72.17 -11.23 35.87
N THR I 279 73.23 -10.44 36.03
CA THR I 279 74.17 -10.48 37.20
C THR I 279 73.64 -9.64 38.37
N SER I 294 74.67 -13.55 40.92
CA SER I 294 74.69 -13.94 39.48
C SER I 294 73.65 -15.03 39.25
N ARG I 295 72.65 -14.78 38.41
CA ARG I 295 71.70 -15.81 37.92
C ARG I 295 72.11 -16.24 36.50
N THR I 296 71.75 -17.46 36.10
CA THR I 296 71.76 -17.86 34.68
C THR I 296 70.31 -18.13 34.24
N GLU I 297 70.04 -17.97 32.95
CA GLU I 297 68.69 -18.22 32.40
C GLU I 297 68.81 -18.87 31.02
N ALA I 298 67.93 -19.81 30.76
CA ALA I 298 67.91 -20.53 29.46
C ALA I 298 66.91 -19.81 28.55
N GLY I 299 67.44 -19.30 27.46
CA GLY I 299 66.68 -18.53 26.48
C GLY I 299 65.65 -19.39 25.79
N ASP I 300 64.56 -18.74 25.37
CA ASP I 300 63.46 -19.38 24.62
C ASP I 300 63.92 -19.57 23.19
N TYR I 301 63.69 -20.77 22.71
CA TYR I 301 63.87 -21.11 21.28
C TYR I 301 62.59 -20.80 20.54
N SER I 302 61.79 -19.85 21.00
CA SER I 302 60.48 -19.53 20.38
C SER I 302 60.71 -18.70 19.12
N THR I 303 61.83 -17.98 19.08
CA THR I 303 62.16 -17.10 17.94
C THR I 303 62.90 -17.92 16.90
N LEU I 304 63.74 -18.83 17.35
CA LEU I 304 64.51 -19.69 16.44
C LEU I 304 63.54 -20.70 15.80
N ALA I 305 62.55 -21.14 16.55
CA ALA I 305 61.57 -22.11 16.03
C ALA I 305 60.70 -21.41 14.99
N ALA I 306 60.37 -20.13 15.17
CA ALA I 306 59.57 -19.36 14.18
C ALA I 306 60.41 -19.15 12.92
N ALA I 307 61.73 -19.14 13.03
CA ALA I 307 62.59 -18.96 11.84
C ALA I 307 62.71 -20.27 11.07
N LEU I 308 63.22 -21.28 11.75
CA LEU I 308 63.54 -22.59 11.15
C LEU I 308 62.23 -23.28 10.80
N ALA I 309 61.12 -22.75 11.30
CA ALA I 309 59.82 -23.44 11.15
C ALA I 309 59.56 -23.60 9.68
N GLY I 310 59.90 -22.55 8.92
CA GLY I 310 59.41 -22.38 7.56
C GLY I 310 60.49 -22.78 6.58
N VAL I 311 61.42 -23.62 6.99
CA VAL I 311 62.52 -23.94 6.07
C VAL I 311 62.25 -25.28 5.44
N ASN I 312 61.88 -25.24 4.18
CA ASN I 312 61.59 -26.53 3.53
C ASN I 312 62.73 -26.73 2.57
N GLY I 313 63.82 -27.23 3.09
CA GLY I 313 64.88 -27.78 2.26
C GLY I 313 66.03 -28.15 3.16
N ALA I 314 67.02 -27.29 3.13
CA ALA I 314 68.29 -27.46 3.87
C ALA I 314 68.85 -26.08 4.10
N ALA I 315 68.83 -25.63 5.36
CA ALA I 315 69.24 -24.28 5.82
C ALA I 315 70.41 -24.40 6.77
N MET I 316 71.57 -24.73 6.23
CA MET I 316 72.76 -25.12 7.01
C MET I 316 73.56 -23.85 7.25
N SER I 317 74.18 -23.77 8.42
CA SER I 317 74.98 -22.60 8.85
C SER I 317 76.43 -23.01 9.04
N LEU I 318 77.30 -22.63 8.10
CA LEU I 318 78.76 -22.62 8.30
C LEU I 318 79.12 -21.35 9.07
N VAL I 319 79.23 -21.47 10.39
CA VAL I 319 79.59 -20.32 11.27
C VAL I 319 81.10 -20.14 11.24
N MET I 320 81.58 -19.16 10.48
CA MET I 320 83.03 -18.89 10.31
C MET I 320 83.40 -17.63 11.11
N GLY I 321 84.16 -17.77 12.20
CA GLY I 321 84.45 -16.67 13.14
C GLY I 321 83.40 -15.55 13.12
N ASP I 322 82.15 -15.86 13.45
CA ASP I 322 81.17 -14.80 13.82
C ASP I 322 80.52 -14.22 12.55
N TRP I 323 80.89 -14.73 11.40
CA TRP I 323 80.11 -14.52 10.16
C TRP I 323 79.37 -15.79 9.81
N THR I 324 78.08 -15.82 10.17
CA THR I 324 77.21 -16.99 10.00
C THR I 324 76.74 -17.02 8.55
N ALA I 325 77.20 -18.00 7.81
CA ALA I 325 76.77 -18.19 6.41
C ALA I 325 75.70 -19.29 6.32
N LEU I 326 74.43 -18.90 6.33
CA LEU I 326 73.32 -19.84 6.14
C LEU I 326 73.13 -20.13 4.65
N ILE I 327 73.62 -21.29 4.25
CA ILE I 327 73.40 -21.95 2.94
C ILE I 327 72.09 -22.69 2.91
N SER I 328 71.29 -22.42 1.90
CA SER I 328 69.93 -22.99 1.78
C SER I 328 69.82 -23.65 0.41
N ALA I 329 69.22 -24.82 0.38
CA ALA I 329 69.02 -25.57 -0.86
C ALA I 329 67.80 -26.45 -0.70
N VAL I 330 66.97 -26.48 -1.72
CA VAL I 330 65.86 -27.44 -1.81
C VAL I 330 65.50 -27.67 -3.27
N SER I 331 65.34 -28.92 -3.69
CA SER I 331 64.91 -29.24 -5.07
C SER I 331 63.55 -29.93 -5.01
N SER I 332 62.54 -29.21 -4.54
CA SER I 332 61.12 -29.63 -4.50
C SER I 332 60.67 -30.16 -5.88
N ASP I 333 60.62 -31.47 -6.06
CA ASP I 333 60.18 -32.11 -7.31
C ASP I 333 58.85 -32.80 -7.01
N SER I 334 57.74 -32.09 -7.24
CA SER I 334 56.36 -32.63 -7.15
C SER I 334 55.89 -33.27 -8.46
N ASN I 335 54.74 -33.92 -8.41
CA ASN I 335 54.22 -34.81 -9.47
C ASN I 335 52.83 -35.34 -9.08
N SER I 336 51.89 -35.25 -9.98
CA SER I 336 50.45 -35.52 -9.72
C SER I 336 49.90 -36.10 -11.00
N ASN I 337 49.04 -37.09 -10.86
CA ASN I 337 48.65 -37.86 -12.04
C ASN I 337 47.26 -38.41 -11.76
N ILE I 338 46.29 -37.51 -11.69
CA ILE I 338 44.89 -37.86 -11.35
C ILE I 338 44.16 -38.27 -12.60
N LEU I 339 43.39 -39.33 -12.50
CA LEU I 339 42.72 -39.87 -13.67
C LEU I 339 41.33 -40.34 -13.30
N SER I 340 40.41 -39.41 -13.14
CA SER I 340 39.04 -39.71 -12.66
C SER I 340 38.13 -39.82 -13.87
N SER I 341 37.42 -40.93 -14.00
CA SER I 341 36.48 -41.17 -15.13
C SER I 341 35.12 -41.53 -14.58
N PRO I 342 34.12 -40.66 -14.69
CA PRO I 342 32.77 -40.97 -14.30
C PRO I 342 31.92 -41.22 -15.55
N SER I 343 31.27 -42.37 -15.56
CA SER I 343 30.21 -42.69 -16.52
C SER I 343 28.84 -42.64 -15.87
N ILE I 344 27.92 -42.28 -16.71
CA ILE I 344 26.51 -42.24 -16.31
C ILE I 344 25.87 -42.96 -17.45
N THR I 345 24.76 -43.62 -17.19
CA THR I 345 23.95 -44.18 -18.28
C THR I 345 22.69 -43.34 -18.38
N VAL I 346 22.35 -43.03 -19.59
CA VAL I 346 21.13 -42.23 -19.61
C VAL I 346 20.29 -42.59 -20.81
N MET I 347 19.02 -42.31 -20.70
CA MET I 347 18.13 -42.61 -21.82
C MET I 347 18.28 -41.44 -22.77
N ASP I 348 18.31 -41.73 -24.05
CA ASP I 348 18.54 -40.68 -25.05
C ASP I 348 17.53 -39.58 -24.76
N ASN I 349 18.04 -38.37 -24.76
CA ASN I 349 17.21 -37.16 -24.75
C ASN I 349 16.71 -36.92 -23.34
N GLY I 350 16.92 -37.89 -22.45
CA GLY I 350 16.78 -37.62 -21.02
C GLY I 350 17.98 -36.84 -20.54
N GLU I 351 17.79 -35.95 -19.57
CA GLU I 351 18.95 -35.40 -18.83
C GLU I 351 19.36 -36.33 -17.70
N ALA I 352 20.66 -36.42 -17.49
CA ALA I 352 21.18 -37.21 -16.40
C ALA I 352 22.33 -36.51 -15.77
N SER I 353 22.26 -36.45 -14.46
CA SER I 353 23.27 -35.82 -13.62
C SER I 353 24.00 -36.95 -12.95
N PHE I 354 25.18 -36.63 -12.47
CA PHE I 354 26.04 -37.54 -11.74
C PHE I 354 26.94 -36.69 -10.89
N ILE I 355 27.05 -36.93 -9.62
CA ILE I 355 27.90 -36.04 -8.79
C ILE I 355 28.45 -36.83 -7.66
N VAL I 356 29.74 -36.92 -7.63
CA VAL I 356 30.46 -37.68 -6.62
C VAL I 356 31.38 -36.73 -5.96
N GLY I 357 31.04 -36.30 -4.75
CA GLY I 357 31.35 -34.94 -4.35
C GLY I 357 31.17 -34.75 -2.88
N GLU I 358 30.95 -33.48 -2.57
CA GLU I 358 30.39 -33.10 -1.28
C GLU I 358 29.61 -31.85 -1.48
N GLU I 359 28.50 -31.77 -0.81
CA GLU I 359 27.74 -30.51 -0.70
C GLU I 359 28.39 -29.72 0.43
N VAL I 360 29.34 -28.85 0.13
CA VAL I 360 29.82 -27.83 1.12
C VAL I 360 28.85 -26.69 1.11
N PRO I 361 28.47 -26.21 2.28
CA PRO I 361 27.71 -24.99 2.36
C PRO I 361 28.64 -23.78 2.41
N VAL I 362 28.12 -22.72 1.83
CA VAL I 362 28.91 -21.51 1.56
C VAL I 362 28.04 -20.31 1.81
N ILE I 363 28.65 -19.32 2.42
CA ILE I 363 27.94 -18.07 2.73
C ILE I 363 27.41 -17.50 1.43
N THR I 364 26.42 -16.62 1.56
CA THR I 364 25.87 -15.76 0.50
C THR I 364 25.32 -14.48 1.17
N VAL I 379 23.25 -18.62 3.64
CA VAL I 379 24.00 -19.91 3.42
C VAL I 379 23.30 -20.77 2.39
N ASP I 380 23.94 -20.97 1.26
CA ASP I 380 23.51 -21.94 0.26
C ASP I 380 24.48 -23.11 0.30
N ARG I 381 24.03 -24.25 -0.22
CA ARG I 381 24.78 -25.52 -0.09
C ARG I 381 25.17 -25.99 -1.48
N LYS I 382 26.36 -25.66 -1.91
CA LYS I 382 26.72 -25.94 -3.31
C LYS I 382 27.55 -27.21 -3.33
N GLU I 383 27.23 -28.02 -4.33
CA GLU I 383 27.82 -29.36 -4.56
C GLU I 383 29.16 -29.24 -5.23
N VAL I 384 30.10 -30.03 -4.83
CA VAL I 384 31.42 -29.64 -5.35
C VAL I 384 32.16 -30.90 -5.51
N GLY I 385 32.19 -31.41 -6.71
CA GLY I 385 32.83 -32.73 -6.80
C GLY I 385 33.18 -33.03 -8.20
N ILE I 386 33.35 -34.28 -8.55
CA ILE I 386 33.18 -34.68 -9.96
C ILE I 386 31.71 -34.62 -10.29
N LYS I 387 31.22 -33.56 -10.89
CA LYS I 387 29.88 -33.54 -11.53
C LYS I 387 30.00 -33.80 -13.03
N LEU I 388 28.92 -34.30 -13.62
CA LEU I 388 28.84 -34.62 -15.05
C LEU I 388 27.39 -34.58 -15.43
N LYS I 389 26.95 -33.59 -16.16
CA LYS I 389 25.49 -33.53 -16.35
C LYS I 389 25.17 -33.54 -17.84
N VAL I 390 25.03 -34.72 -18.42
CA VAL I 390 24.91 -34.85 -19.88
C VAL I 390 23.47 -35.00 -20.30
N VAL I 391 23.07 -34.30 -21.35
CA VAL I 391 21.74 -34.52 -21.95
C VAL I 391 22.01 -35.19 -23.28
N PRO I 392 22.33 -36.47 -23.26
CA PRO I 392 22.83 -37.12 -24.45
C PRO I 392 21.64 -37.30 -25.37
N GLN I 393 21.81 -36.98 -26.64
CA GLN I 393 20.70 -37.00 -27.64
C GLN I 393 21.15 -37.68 -28.92
N ILE I 394 20.87 -38.98 -29.05
CA ILE I 394 21.40 -39.83 -30.15
C ILE I 394 20.83 -39.40 -31.48
N ASN I 395 21.69 -39.30 -32.49
CA ASN I 395 21.40 -38.82 -33.88
C ASN I 395 21.34 -40.04 -34.81
N GLU I 396 20.87 -39.86 -36.05
CA GLU I 396 21.05 -40.85 -37.14
C GLU I 396 22.54 -41.16 -37.36
N GLY I 397 22.93 -42.38 -37.77
CA GLY I 397 24.33 -42.77 -38.00
C GLY I 397 25.03 -43.10 -36.69
N ASP I 398 24.25 -43.46 -35.68
CA ASP I 398 24.76 -43.73 -34.31
C ASP I 398 25.81 -42.68 -33.96
N SER I 399 25.43 -41.41 -34.00
CA SER I 399 26.32 -40.29 -33.66
C SER I 399 25.69 -39.52 -32.52
N VAL I 400 26.10 -39.85 -31.30
CA VAL I 400 25.52 -39.18 -30.12
C VAL I 400 25.96 -37.74 -30.01
N GLN I 401 25.00 -36.90 -29.73
CA GLN I 401 25.22 -35.44 -29.59
C GLN I 401 24.92 -35.00 -28.17
N LEU I 402 25.95 -34.91 -27.35
CA LEU I 402 25.91 -34.65 -25.89
C LEU I 402 25.87 -33.16 -25.63
N ASN I 403 25.01 -32.69 -24.71
CA ASN I 403 25.07 -31.31 -24.13
C ASN I 403 25.57 -31.37 -22.70
N ILE I 404 26.88 -31.30 -22.53
CA ILE I 404 27.55 -31.75 -21.28
C ILE I 404 27.95 -30.54 -20.44
N GLU I 405 27.82 -30.70 -19.15
CA GLU I 405 28.37 -29.76 -18.15
C GLU I 405 29.22 -30.63 -17.25
N GLN I 406 30.53 -30.53 -17.34
CA GLN I 406 31.45 -31.40 -16.57
C GLN I 406 32.41 -30.63 -15.64
N GLU I 407 32.40 -30.97 -14.35
CA GLU I 407 32.98 -30.08 -13.33
C GLU I 407 33.79 -30.96 -12.46
N VAL I 408 35.07 -30.88 -12.54
CA VAL I 408 35.68 -31.43 -11.32
C VAL I 408 35.98 -30.27 -10.42
N SER I 409 35.66 -30.40 -9.17
CA SER I 409 35.83 -29.30 -8.21
C SER I 409 36.02 -29.92 -6.83
N ASN I 410 36.49 -29.11 -5.89
CA ASN I 410 37.46 -29.64 -4.91
C ASN I 410 37.70 -28.55 -3.93
N VAL I 411 36.68 -28.29 -3.12
CA VAL I 411 36.77 -27.30 -2.03
C VAL I 411 38.15 -27.36 -1.38
N LEU I 412 38.85 -26.26 -1.53
CA LEU I 412 40.18 -25.96 -0.96
C LEU I 412 39.91 -25.02 0.21
N GLY I 413 40.97 -24.48 0.80
CA GLY I 413 40.85 -23.42 1.82
C GLY I 413 40.30 -22.13 1.24
N ALA I 414 39.95 -21.22 2.15
CA ALA I 414 39.70 -19.81 1.79
C ALA I 414 40.85 -18.90 2.23
N ASN I 415 42.09 -19.17 1.81
CA ASN I 415 43.22 -18.29 2.19
C ASN I 415 42.64 -16.92 2.59
N GLY I 416 42.18 -16.15 1.61
CA GLY I 416 41.98 -14.71 1.84
C GLY I 416 40.52 -14.48 2.06
N ALA I 417 39.77 -15.34 1.40
CA ALA I 417 38.39 -15.00 1.06
C ALA I 417 37.54 -15.25 2.30
N VAL I 418 36.40 -14.57 2.33
CA VAL I 418 35.31 -14.70 3.33
C VAL I 418 35.13 -16.18 3.64
N ASP I 419 34.53 -16.88 2.70
CA ASP I 419 34.19 -18.30 2.88
C ASP I 419 35.26 -19.15 2.20
N VAL I 420 34.97 -20.42 2.05
CA VAL I 420 35.84 -21.40 1.36
C VAL I 420 35.79 -21.16 -0.13
N ARG I 421 36.97 -21.19 -0.72
CA ARG I 421 37.22 -21.11 -2.18
C ARG I 421 37.17 -22.55 -2.68
N PHE I 422 36.20 -22.85 -3.55
CA PHE I 422 36.12 -24.08 -4.39
C PHE I 422 37.06 -24.01 -5.57
N ALA I 423 37.79 -25.07 -5.81
CA ALA I 423 38.70 -25.14 -6.97
C ALA I 423 38.03 -25.98 -8.00
N LYS I 424 37.65 -25.28 -9.03
CA LYS I 424 36.61 -25.75 -9.94
C LYS I 424 37.25 -25.82 -11.29
N ARG I 425 37.08 -26.92 -11.97
CA ARG I 425 37.50 -27.01 -13.38
C ARG I 425 36.29 -27.47 -14.12
N GLN I 426 35.40 -26.54 -14.45
CA GLN I 426 34.23 -26.93 -15.21
C GLN I 426 34.37 -26.59 -16.66
N LEU I 427 33.67 -27.35 -17.48
CA LEU I 427 33.92 -27.42 -18.93
C LEU I 427 32.56 -27.71 -19.54
N ASN I 428 31.75 -26.69 -19.81
CA ASN I 428 30.38 -27.04 -20.22
C ASN I 428 30.18 -26.61 -21.65
N THR I 429 29.84 -27.55 -22.49
CA THR I 429 29.92 -27.42 -23.93
C THR I 429 28.86 -28.31 -24.52
N SER I 430 28.84 -28.41 -25.83
CA SER I 430 27.97 -29.37 -26.51
C SER I 430 28.83 -29.97 -27.58
N VAL I 431 29.03 -31.25 -27.53
CA VAL I 431 29.79 -31.83 -28.65
C VAL I 431 29.04 -32.94 -29.33
N ILE I 432 29.62 -33.47 -30.38
CA ILE I 432 28.89 -34.51 -31.14
C ILE I 432 29.89 -35.58 -31.48
N VAL I 433 29.62 -36.74 -30.95
CA VAL I 433 30.63 -37.80 -30.87
C VAL I 433 30.11 -38.98 -31.64
N GLN I 434 31.05 -39.78 -32.13
CA GLN I 434 30.59 -41.02 -32.74
C GLN I 434 30.06 -41.93 -31.65
N ASP I 435 29.29 -42.92 -32.04
CA ASP I 435 29.01 -44.06 -31.15
C ASP I 435 30.31 -44.81 -30.94
N GLY I 436 30.82 -44.83 -29.71
CA GLY I 436 31.93 -45.72 -29.31
C GLY I 436 33.34 -45.19 -29.58
N GLN I 437 33.49 -44.02 -30.19
CA GLN I 437 34.83 -43.38 -30.26
C GLN I 437 34.91 -42.29 -29.21
N MET I 438 36.10 -42.08 -28.70
CA MET I 438 36.21 -41.06 -27.66
C MET I 438 36.45 -39.74 -28.39
N LEU I 439 36.03 -38.66 -27.77
CA LEU I 439 36.33 -37.32 -28.31
C LEU I 439 36.74 -36.45 -27.15
N VAL I 440 37.58 -35.50 -27.46
CA VAL I 440 38.20 -34.68 -26.40
C VAL I 440 37.42 -33.40 -26.17
N LEU I 441 36.72 -33.28 -25.04
CA LEU I 441 35.86 -32.11 -24.81
C LEU I 441 36.80 -30.93 -24.64
N GLY I 442 37.78 -31.11 -23.77
CA GLY I 442 38.40 -30.00 -23.06
C GLY I 442 39.87 -30.21 -22.88
N GLY I 443 40.46 -29.27 -22.20
CA GLY I 443 41.90 -29.31 -22.13
C GLY I 443 42.38 -28.14 -21.35
N LEU I 444 43.65 -28.26 -21.01
CA LEU I 444 44.49 -27.16 -20.60
C LEU I 444 45.90 -27.68 -20.45
N ILE I 445 46.80 -27.12 -21.20
CA ILE I 445 48.21 -27.44 -21.00
C ILE I 445 48.88 -26.19 -20.49
N ASP I 446 48.90 -26.03 -19.18
CA ASP I 446 49.65 -24.94 -18.55
C ASP I 446 51.12 -25.38 -18.47
N GLU I 447 52.03 -24.49 -18.76
CA GLU I 447 53.40 -24.60 -18.25
C GLU I 447 53.78 -23.25 -17.63
N ARG I 448 54.47 -23.25 -16.50
CA ARG I 448 55.04 -22.02 -15.91
C ARG I 448 56.53 -22.23 -15.67
N ALA I 449 57.22 -21.13 -15.53
CA ALA I 449 58.63 -21.24 -15.17
C ALA I 449 59.09 -19.92 -14.59
N LEU I 450 59.14 -19.83 -13.27
CA LEU I 450 59.61 -18.60 -12.63
C LEU I 450 61.04 -18.83 -12.16
N GLU I 451 61.99 -18.18 -12.79
CA GLU I 451 63.27 -17.93 -12.12
C GLU I 451 63.19 -16.68 -11.23
N SER I 452 64.12 -16.54 -10.30
CA SER I 452 64.40 -15.32 -9.50
C SER I 452 65.85 -15.40 -9.04
N GLU I 453 66.55 -14.30 -9.06
CA GLU I 453 67.87 -14.39 -8.41
C GLU I 453 68.13 -13.03 -7.81
N SER I 454 68.22 -13.01 -6.53
CA SER I 454 68.78 -11.82 -5.88
C SER I 454 70.28 -12.05 -5.74
N LYS I 455 71.10 -11.10 -6.17
CA LYS I 455 72.54 -11.27 -5.94
C LYS I 455 73.17 -10.00 -5.43
N VAL I 456 74.40 -10.11 -4.98
CA VAL I 456 75.09 -8.90 -4.51
C VAL I 456 75.63 -8.29 -5.78
N PRO I 457 74.74 -7.73 -6.59
CA PRO I 457 75.16 -7.29 -7.91
C PRO I 457 76.42 -7.98 -8.40
N LEU I 458 77.53 -7.25 -8.38
CA LEU I 458 78.60 -7.61 -9.33
C LEU I 458 79.33 -8.87 -8.82
N LEU I 459 79.33 -9.07 -7.50
CA LEU I 459 80.04 -10.22 -6.89
C LEU I 459 79.31 -11.50 -7.28
N GLY I 460 77.99 -11.44 -7.46
CA GLY I 460 77.16 -12.56 -7.91
C GLY I 460 77.30 -12.80 -9.41
N ASP I 461 78.36 -12.30 -10.01
CA ASP I 461 78.59 -12.53 -11.45
C ASP I 461 79.59 -13.68 -11.59
N ILE I 462 80.67 -13.63 -10.80
CA ILE I 462 81.82 -14.58 -10.92
C ILE I 462 81.22 -15.96 -11.09
N PRO I 463 81.72 -16.77 -12.06
CA PRO I 463 81.09 -18.06 -12.37
C PRO I 463 81.17 -19.06 -11.21
N ILE I 464 82.34 -19.16 -10.59
CA ILE I 464 82.60 -20.23 -9.59
C ILE I 464 81.93 -19.79 -8.28
N LEU I 465 82.29 -18.60 -7.80
CA LEU I 465 82.00 -18.15 -6.42
C LEU I 465 80.70 -17.35 -6.42
N GLY I 466 80.13 -17.07 -7.59
CA GLY I 466 78.94 -16.20 -7.66
C GLY I 466 77.88 -16.73 -6.71
N HIS I 467 77.78 -18.05 -6.67
CA HIS I 467 76.63 -18.70 -6.04
C HIS I 467 76.68 -18.37 -4.55
N LEU I 468 77.80 -17.83 -4.08
CA LEU I 468 77.94 -17.56 -2.62
C LEU I 468 77.12 -16.32 -2.34
N PHE I 469 77.04 -15.45 -3.32
CA PHE I 469 76.35 -14.17 -3.04
C PHE I 469 74.94 -14.17 -3.62
N LYS I 470 74.69 -15.02 -4.61
CA LYS I 470 73.38 -15.09 -5.32
C LYS I 470 72.42 -15.89 -4.47
N SER I 471 71.14 -15.63 -4.67
CA SER I 471 70.06 -16.53 -4.23
C SER I 471 69.08 -16.76 -5.35
N THR I 472 69.21 -17.91 -5.94
CA THR I 472 68.39 -18.23 -7.11
C THR I 472 67.23 -19.08 -6.65
N ASN I 473 66.10 -18.88 -7.28
CA ASN I 473 64.86 -19.57 -6.95
C ASN I 473 64.14 -19.91 -8.25
N THR I 474 64.09 -21.17 -8.61
CA THR I 474 63.51 -21.54 -9.91
C THR I 474 62.37 -22.49 -9.66
N GLN I 475 61.36 -22.41 -10.48
CA GLN I 475 60.09 -23.10 -10.21
C GLN I 475 59.47 -23.36 -11.56
N VAL I 476 59.07 -24.57 -11.79
CA VAL I 476 58.49 -24.90 -13.10
C VAL I 476 57.31 -25.75 -12.83
N GLU I 477 56.13 -25.28 -13.18
CA GLU I 477 54.90 -26.03 -12.95
C GLU I 477 54.32 -26.33 -14.32
N LYS I 478 54.00 -27.58 -14.55
CA LYS I 478 53.45 -28.03 -15.84
C LYS I 478 52.20 -28.84 -15.54
N LYS I 479 51.08 -28.47 -16.11
CA LYS I 479 49.78 -29.06 -15.74
C LYS I 479 48.97 -29.39 -16.99
N ASN I 480 48.63 -30.66 -17.17
CA ASN I 480 47.92 -31.14 -18.38
C ASN I 480 46.60 -31.66 -17.88
N LEU I 481 45.54 -30.93 -18.13
CA LEU I 481 44.17 -31.37 -17.88
C LEU I 481 43.43 -31.62 -19.20
N MET I 482 43.23 -32.87 -19.65
CA MET I 482 42.39 -33.19 -20.84
C MET I 482 41.15 -33.84 -20.28
N VAL I 483 39.98 -33.42 -20.69
CA VAL I 483 38.79 -34.26 -20.46
C VAL I 483 38.35 -34.86 -21.77
N PHE I 484 38.47 -36.18 -21.85
CA PHE I 484 37.83 -36.95 -22.92
C PHE I 484 36.43 -37.41 -22.50
N ILE I 485 35.58 -37.57 -23.49
CA ILE I 485 34.23 -38.13 -23.30
C ILE I 485 33.98 -39.17 -24.36
N LYS I 486 33.36 -40.27 -23.96
CA LYS I 486 33.03 -41.41 -24.85
C LYS I 486 31.61 -41.81 -24.60
N PRO I 487 30.71 -41.47 -25.54
CA PRO I 487 29.34 -41.94 -25.51
C PRO I 487 29.33 -43.32 -26.13
N THR I 488 28.69 -44.23 -25.42
CA THR I 488 28.33 -45.55 -25.96
C THR I 488 26.81 -45.67 -25.94
N ILE I 489 26.25 -46.10 -27.04
CA ILE I 489 24.79 -46.24 -27.23
C ILE I 489 24.50 -47.66 -26.84
N ILE I 490 23.47 -47.81 -26.00
CA ILE I 490 22.95 -49.14 -25.56
C ILE I 490 21.52 -49.28 -26.10
N ARG I 491 21.38 -49.90 -27.26
CA ARG I 491 20.06 -50.12 -27.91
C ARG I 491 19.51 -51.46 -27.44
N ASP I 492 20.11 -52.51 -28.00
CA ASP I 492 19.76 -53.91 -27.69
C ASP I 492 20.12 -54.14 -26.23
N GLY I 493 19.20 -54.71 -25.46
CA GLY I 493 19.51 -55.20 -24.12
C GLY I 493 20.85 -55.91 -24.09
N MET I 494 21.07 -56.83 -25.02
CA MET I 494 22.30 -57.66 -24.96
C MET I 494 23.50 -56.72 -24.81
N THR I 495 23.43 -55.54 -25.41
CA THR I 495 24.55 -54.57 -25.38
C THR I 495 24.80 -54.15 -23.93
N ALA I 496 23.70 -53.92 -23.20
CA ALA I 496 23.69 -53.42 -21.81
C ALA I 496 24.34 -54.48 -20.94
N ASP I 497 23.95 -55.73 -21.15
CA ASP I 497 24.48 -56.89 -20.39
C ASP I 497 26.00 -56.75 -20.40
N GLY I 498 26.55 -56.58 -21.58
CA GLY I 498 28.01 -56.51 -21.71
C GLY I 498 28.52 -55.31 -20.95
N ILE I 499 28.07 -54.13 -21.36
CA ILE I 499 28.59 -52.88 -20.79
C ILE I 499 28.63 -53.15 -19.29
N THR I 500 27.50 -53.64 -18.78
CA THR I 500 27.23 -53.69 -17.33
C THR I 500 28.11 -54.80 -16.79
N GLN I 501 27.83 -55.99 -17.23
CA GLN I 501 28.62 -57.16 -16.80
C GLN I 501 30.08 -56.74 -16.70
N ARG I 502 30.71 -56.50 -17.84
CA ARG I 502 32.16 -56.22 -17.90
C ARG I 502 32.50 -55.47 -16.64
N LYS I 503 31.75 -54.41 -16.34
CA LYS I 503 32.01 -53.45 -15.22
C LYS I 503 31.88 -54.20 -13.92
N TYR I 504 30.71 -54.76 -13.70
CA TYR I 504 30.32 -55.51 -12.49
C TYR I 504 31.34 -56.60 -12.26
N ASN I 505 31.58 -57.37 -13.31
CA ASN I 505 32.47 -58.53 -13.32
C ASN I 505 33.91 -58.10 -12.99
N TYR I 506 34.33 -56.86 -13.31
CA TYR I 506 35.64 -56.20 -13.01
C TYR I 506 35.73 -55.91 -11.53
N ILE I 507 34.71 -55.27 -10.98
CA ILE I 507 34.67 -55.03 -9.52
C ILE I 507 34.77 -56.39 -8.86
N ARG I 508 33.87 -57.28 -9.22
CA ARG I 508 33.89 -58.59 -8.56
C ARG I 508 35.31 -59.13 -8.62
N ALA I 509 36.01 -58.97 -9.71
CA ALA I 509 37.37 -59.54 -9.75
C ALA I 509 38.16 -58.87 -8.64
N GLU I 510 38.12 -57.55 -8.58
CA GLU I 510 38.95 -56.83 -7.59
C GLU I 510 38.60 -57.42 -6.24
N GLN I 511 37.33 -57.52 -5.96
CA GLN I 511 36.92 -57.78 -4.58
C GLN I 511 37.30 -59.20 -4.22
N LEU I 512 37.22 -60.10 -5.18
CA LEU I 512 37.57 -61.51 -4.91
C LEU I 512 39.04 -61.49 -4.63
N TYR I 513 39.67 -60.53 -5.24
CA TYR I 513 41.11 -60.53 -4.99
C TYR I 513 41.28 -60.27 -3.50
N LYS I 514 40.66 -59.20 -3.05
CA LYS I 514 40.92 -58.70 -1.70
C LYS I 514 40.50 -59.82 -0.75
N ALA I 515 39.80 -60.80 -1.28
CA ALA I 515 39.47 -61.95 -0.43
C ALA I 515 40.64 -62.94 -0.45
N GLU I 516 41.52 -62.87 -1.43
CA GLU I 516 42.61 -63.86 -1.45
C GLU I 516 43.63 -63.41 -0.43
N GLN I 517 43.81 -62.10 -0.40
CA GLN I 517 44.63 -61.37 0.58
C GLN I 517 43.69 -60.67 1.55
N GLY I 518 43.12 -61.45 2.48
CA GLY I 518 41.88 -61.16 3.21
C GLY I 518 42.05 -60.06 4.25
N LEU I 519 40.96 -59.37 4.53
CA LEU I 519 40.86 -58.57 5.76
C LEU I 519 41.88 -59.06 6.76
N LYS I 520 42.74 -58.12 7.17
CA LYS I 520 44.13 -58.44 7.52
C LYS I 520 44.08 -59.29 8.78
N LEU I 521 43.38 -58.80 9.79
CA LEU I 521 43.40 -59.54 11.07
C LEU I 521 42.11 -60.32 11.30
N MET I 522 41.05 -60.05 10.55
CA MET I 522 39.75 -60.77 10.68
C MET I 522 39.78 -62.13 9.99
N ASP I 523 38.68 -62.89 10.12
CA ASP I 523 38.44 -64.11 9.31
C ASP I 523 38.09 -63.68 7.89
N ASP I 524 38.72 -64.33 6.92
CA ASP I 524 38.75 -63.88 5.51
C ASP I 524 37.32 -63.79 4.96
N GLY I 525 36.32 -64.34 5.68
CA GLY I 525 34.93 -64.49 5.19
C GLY I 525 34.14 -63.21 5.26
N HIS I 526 34.63 -62.17 5.92
CA HIS I 526 33.74 -61.03 6.24
C HIS I 526 33.84 -60.00 5.15
N ILE I 527 34.77 -60.19 4.22
CA ILE I 527 35.07 -59.14 3.22
C ILE I 527 34.00 -59.18 2.16
N PRO I 528 33.27 -58.07 1.97
CA PRO I 528 32.17 -58.06 1.03
C PRO I 528 32.70 -58.33 -0.37
N VAL I 529 31.99 -59.22 -1.05
CA VAL I 529 32.30 -59.70 -2.41
C VAL I 529 30.97 -59.71 -3.15
N LEU I 530 30.95 -59.14 -4.32
CA LEU I 530 29.76 -59.22 -5.16
C LEU I 530 29.54 -60.68 -5.51
N PRO I 531 28.28 -61.09 -5.61
CA PRO I 531 27.99 -62.44 -6.08
C PRO I 531 28.29 -62.60 -7.58
N LYS I 532 28.38 -63.83 -8.06
CA LYS I 532 28.58 -64.09 -9.51
C LYS I 532 27.41 -63.48 -10.25
N PHE I 533 27.68 -62.78 -11.34
CA PHE I 533 26.71 -61.87 -12.01
C PHE I 533 25.39 -62.57 -12.36
N GLY I 534 24.29 -62.05 -11.81
CA GLY I 534 22.94 -62.63 -11.94
C GLY I 534 22.72 -63.89 -11.10
N GLU I 535 23.55 -64.18 -10.08
CA GLU I 535 23.30 -65.32 -9.13
C GLU I 535 22.61 -64.80 -7.87
N ASP I 536 22.50 -63.49 -7.74
CA ASP I 536 21.91 -62.98 -6.49
C ASP I 536 22.80 -63.43 -5.31
N LYS I 537 22.38 -63.31 -4.06
CA LYS I 537 23.35 -63.45 -2.95
C LYS I 537 23.59 -64.95 -2.71
N ARG I 538 24.76 -65.35 -2.24
CA ARG I 538 24.87 -66.66 -1.54
C ARG I 538 25.18 -66.44 -0.04
N HIS I 539 24.47 -67.08 0.92
CA HIS I 539 24.75 -66.99 2.39
C HIS I 539 26.22 -67.26 2.62
N PRO I 540 26.83 -66.49 3.54
CA PRO I 540 28.10 -66.91 4.15
C PRO I 540 28.06 -68.43 4.37
N ALA I 541 29.23 -69.06 4.29
CA ALA I 541 29.41 -70.53 4.38
C ALA I 541 28.90 -71.03 5.73
N GLU I 542 29.40 -70.46 6.83
CA GLU I 542 29.05 -70.99 8.18
C GLU I 542 27.53 -71.14 8.25
N ILE I 543 26.80 -70.09 7.87
CA ILE I 543 25.32 -70.04 7.99
C ILE I 543 24.76 -71.08 7.04
N GLN I 544 25.34 -71.19 5.85
CA GLN I 544 24.85 -72.15 4.85
C GLN I 544 25.05 -73.55 5.42
N ALA I 545 26.20 -73.74 6.07
CA ALA I 545 26.53 -75.04 6.71
C ALA I 545 25.50 -75.33 7.79
N PHE I 546 25.15 -74.30 8.57
CA PHE I 546 24.17 -74.41 9.68
C PHE I 546 22.82 -74.80 9.08
N ILE I 547 22.46 -74.16 7.97
CA ILE I 547 21.06 -74.22 7.44
C ILE I 547 20.78 -75.66 7.02
N ASP I 548 21.76 -76.29 6.36
CA ASP I 548 21.61 -77.66 5.81
C ASP I 548 21.50 -78.61 6.99
N GLN I 549 22.37 -78.40 7.97
CA GLN I 549 22.42 -79.20 9.21
C GLN I 549 21.01 -79.21 9.80
N MET I 550 20.39 -78.03 9.86
CA MET I 550 19.00 -77.87 10.35
C MET I 550 18.07 -78.69 9.45
N GLU I 551 18.27 -78.55 8.13
CA GLU I 551 17.48 -79.25 7.09
C GLU I 551 17.60 -80.76 7.31
N GLN I 552 18.84 -81.23 7.50
CA GLN I 552 19.18 -82.66 7.74
C GLN I 552 18.42 -83.16 8.96
N GLN I 553 18.43 -82.36 10.03
CA GLN I 553 17.76 -82.67 11.33
C GLN I 553 16.26 -82.85 11.10
N ASP J 1 -69.65 -57.07 -64.57
CA ASP J 1 -70.62 -55.93 -64.53
C ASP J 1 -71.01 -55.60 -63.08
N ASN J 2 -70.37 -56.23 -62.09
CA ASN J 2 -70.66 -55.96 -60.66
C ASN J 2 -70.34 -54.49 -60.34
N VAL J 3 -71.00 -53.96 -59.32
CA VAL J 3 -70.71 -52.58 -58.83
C VAL J 3 -69.94 -52.68 -57.51
N ILE J 4 -68.68 -52.26 -57.57
CA ILE J 4 -67.76 -52.18 -56.40
C ILE J 4 -67.01 -50.85 -56.46
N THR J 5 -66.52 -50.40 -55.30
CA THR J 5 -65.67 -49.19 -55.17
C THR J 5 -64.20 -49.62 -55.10
N ARG J 6 -63.31 -48.89 -55.78
CA ARG J 6 -61.86 -49.18 -55.72
C ARG J 6 -61.12 -47.95 -55.19
N VAL J 7 -60.28 -48.17 -54.18
CA VAL J 7 -59.48 -47.11 -53.51
C VAL J 7 -58.01 -47.33 -53.84
N VAL J 8 -57.43 -46.46 -54.68
CA VAL J 8 -56.05 -46.60 -55.18
C VAL J 8 -55.37 -45.22 -55.14
N ALA J 9 -54.05 -45.19 -55.10
CA ALA J 9 -53.26 -43.96 -54.86
C ALA J 9 -52.67 -43.42 -56.16
N VAL J 10 -52.60 -42.10 -56.26
CA VAL J 10 -51.58 -41.41 -57.11
C VAL J 10 -50.82 -40.46 -56.22
N ARG J 11 -49.59 -40.86 -55.88
CA ARG J 11 -48.70 -40.18 -54.90
C ARG J 11 -48.18 -38.87 -55.51
N ASN J 12 -48.09 -38.78 -56.85
CA ASN J 12 -47.17 -37.86 -57.60
C ASN J 12 -47.73 -36.42 -57.63
N VAL J 13 -48.97 -36.25 -58.08
CA VAL J 13 -49.66 -34.92 -58.06
C VAL J 13 -51.14 -35.12 -57.76
N SER J 14 -51.79 -34.09 -57.22
CA SER J 14 -53.22 -34.09 -56.83
C SER J 14 -54.06 -34.62 -58.01
N VAL J 15 -54.99 -35.53 -57.70
CA VAL J 15 -55.72 -36.35 -58.70
C VAL J 15 -56.95 -35.58 -59.19
N ARG J 16 -57.24 -34.42 -58.61
CA ARG J 16 -58.28 -33.48 -59.15
C ARG J 16 -57.98 -33.19 -60.62
N GLU J 17 -56.70 -33.24 -60.97
CA GLU J 17 -56.18 -33.05 -62.36
C GLU J 17 -56.89 -34.00 -63.34
N LEU J 18 -57.40 -35.14 -62.86
CA LEU J 18 -58.02 -36.17 -63.75
C LEU J 18 -59.56 -36.10 -63.72
N SER J 19 -60.16 -35.13 -63.02
CA SER J 19 -61.64 -35.11 -62.83
C SER J 19 -62.38 -35.10 -64.17
N PRO J 20 -62.00 -34.28 -65.19
CA PRO J 20 -62.79 -34.21 -66.42
C PRO J 20 -62.74 -35.51 -67.25
N LEU J 21 -61.55 -36.10 -67.38
CA LEU J 21 -61.29 -37.27 -68.28
C LEU J 21 -61.84 -38.53 -67.59
N LEU J 22 -61.75 -38.60 -66.27
CA LEU J 22 -62.33 -39.72 -65.49
C LEU J 22 -63.86 -39.66 -65.58
N ARG J 23 -64.47 -38.48 -65.43
CA ARG J 23 -65.93 -38.31 -65.67
C ARG J 23 -66.23 -38.54 -67.16
N GLN J 24 -65.19 -38.58 -68.00
CA GLN J 24 -65.36 -39.02 -69.42
C GLN J 24 -65.66 -40.53 -69.43
N LEU J 25 -64.96 -41.31 -68.61
CA LEU J 25 -65.27 -42.76 -68.43
C LEU J 25 -66.51 -42.94 -67.55
N ILE J 26 -66.91 -41.91 -66.79
CA ILE J 26 -68.22 -41.94 -66.08
C ILE J 26 -69.32 -41.58 -67.10
N ASP J 27 -68.94 -40.83 -68.15
CA ASP J 27 -69.82 -40.55 -69.31
C ASP J 27 -69.73 -41.68 -70.35
N ASN J 28 -68.50 -42.15 -70.66
CA ASN J 28 -68.24 -43.14 -71.76
C ASN J 28 -69.21 -44.33 -71.66
N ALA J 29 -69.58 -44.74 -70.45
CA ALA J 29 -70.55 -45.82 -70.19
C ALA J 29 -71.54 -45.39 -69.10
N GLY J 30 -72.33 -46.34 -68.59
CA GLY J 30 -73.41 -46.10 -67.61
C GLY J 30 -72.90 -45.45 -66.33
N ALA J 31 -73.75 -44.64 -65.68
CA ALA J 31 -73.45 -43.94 -64.40
C ALA J 31 -73.99 -44.77 -63.23
N GLY J 32 -74.02 -44.17 -62.03
CA GLY J 32 -73.96 -44.89 -60.75
C GLY J 32 -72.55 -44.88 -60.18
N ASN J 33 -71.58 -44.46 -61.00
CA ASN J 33 -70.17 -44.25 -60.59
C ASN J 33 -70.09 -43.11 -59.57
N VAL J 34 -69.01 -43.12 -58.80
CA VAL J 34 -68.37 -41.88 -58.28
C VAL J 34 -66.87 -42.00 -58.53
N VAL J 35 -66.19 -40.89 -58.73
CA VAL J 35 -64.71 -40.84 -58.53
C VAL J 35 -64.41 -39.60 -57.69
N HIS J 36 -64.03 -39.82 -56.44
CA HIS J 36 -63.84 -38.74 -55.44
C HIS J 36 -62.36 -38.71 -55.04
N TYR J 37 -61.79 -37.51 -55.10
CA TYR J 37 -60.33 -37.27 -55.01
C TYR J 37 -60.02 -36.67 -53.65
N ASP J 38 -59.50 -37.45 -52.73
CA ASP J 38 -59.34 -36.97 -51.33
C ASP J 38 -58.09 -36.12 -51.25
N PRO J 39 -58.21 -34.86 -50.75
CA PRO J 39 -57.06 -33.99 -50.55
C PRO J 39 -55.96 -34.58 -49.65
N ALA J 40 -56.25 -35.68 -48.95
CA ALA J 40 -55.23 -36.53 -48.28
C ALA J 40 -54.37 -37.25 -49.33
N ASN J 41 -54.76 -37.16 -50.60
CA ASN J 41 -54.10 -37.79 -51.78
C ASN J 41 -54.18 -39.32 -51.65
N ILE J 42 -55.41 -39.87 -51.75
CA ILE J 42 -55.72 -41.24 -52.25
C ILE J 42 -56.88 -41.07 -53.24
N ILE J 43 -57.49 -42.16 -53.69
CA ILE J 43 -58.42 -42.12 -54.86
C ILE J 43 -59.60 -43.06 -54.61
N LEU J 44 -60.81 -42.58 -54.91
CA LEU J 44 -62.07 -43.36 -54.82
C LEU J 44 -62.70 -43.49 -56.20
N ILE J 45 -63.03 -44.72 -56.58
CA ILE J 45 -64.05 -45.02 -57.64
C ILE J 45 -65.16 -45.85 -57.01
N THR J 46 -66.34 -45.78 -57.60
CA THR J 46 -67.47 -46.69 -57.30
C THR J 46 -68.25 -46.96 -58.59
N GLY J 47 -68.64 -48.21 -58.83
CA GLY J 47 -69.42 -48.59 -60.03
C GLY J 47 -69.00 -49.93 -60.60
N ARG J 48 -69.26 -50.13 -61.90
CA ARG J 48 -68.98 -51.40 -62.61
C ARG J 48 -67.47 -51.65 -62.65
N ALA J 49 -67.08 -52.84 -62.19
CA ALA J 49 -65.68 -53.28 -62.02
C ALA J 49 -64.90 -53.04 -63.31
N ALA J 50 -65.55 -53.12 -64.47
CA ALA J 50 -64.91 -52.89 -65.79
C ALA J 50 -64.54 -51.41 -65.92
N VAL J 51 -65.52 -50.53 -65.80
CA VAL J 51 -65.33 -49.06 -66.02
C VAL J 51 -64.56 -48.50 -64.81
N VAL J 52 -64.77 -49.08 -63.64
CA VAL J 52 -63.96 -48.76 -62.42
C VAL J 52 -62.52 -49.24 -62.68
N ASN J 53 -62.35 -50.31 -63.44
CA ASN J 53 -61.03 -50.88 -63.78
C ASN J 53 -60.33 -49.93 -64.74
N ARG J 54 -61.03 -49.45 -65.75
CA ARG J 54 -60.48 -48.51 -66.77
C ARG J 54 -60.19 -47.18 -66.07
N LEU J 55 -61.07 -46.77 -65.16
CA LEU J 55 -60.90 -45.51 -64.38
C LEU J 55 -59.65 -45.63 -63.50
N ALA J 56 -59.42 -46.82 -62.93
CA ALA J 56 -58.27 -47.07 -62.03
C ALA J 56 -57.00 -47.20 -62.89
N GLU J 57 -57.16 -47.40 -64.20
CA GLU J 57 -56.03 -47.60 -65.15
C GLU J 57 -55.50 -46.25 -65.59
N ILE J 58 -56.38 -45.29 -65.93
CA ILE J 58 -55.98 -43.86 -66.10
C ILE J 58 -55.40 -43.39 -64.77
N ILE J 59 -56.17 -43.59 -63.69
CA ILE J 59 -55.77 -43.21 -62.30
C ILE J 59 -54.40 -43.82 -61.98
N LYS J 60 -54.26 -45.15 -62.01
CA LYS J 60 -52.96 -45.82 -61.75
C LYS J 60 -51.98 -45.41 -62.85
N ARG J 61 -52.46 -44.81 -63.93
CA ARG J 61 -51.56 -44.36 -65.03
C ARG J 61 -50.98 -43.00 -64.65
N VAL J 62 -51.57 -42.35 -63.65
CA VAL J 62 -50.94 -41.16 -63.02
C VAL J 62 -50.31 -41.58 -61.69
N ASP J 63 -50.67 -42.74 -61.13
CA ASP J 63 -49.94 -43.33 -59.98
C ASP J 63 -48.53 -43.71 -60.44
N GLN J 64 -48.41 -44.77 -61.23
CA GLN J 64 -47.13 -45.30 -61.73
C GLN J 64 -46.39 -44.19 -62.48
N ALA J 65 -47.12 -43.15 -62.90
CA ALA J 65 -46.56 -42.03 -63.69
C ALA J 65 -45.53 -41.28 -62.84
N GLY J 66 -45.81 -41.09 -61.56
CA GLY J 66 -44.92 -40.38 -60.64
C GLY J 66 -44.88 -41.02 -59.27
N ASN J 67 -44.51 -42.30 -59.18
CA ASN J 67 -44.44 -43.01 -57.87
C ASN J 67 -43.24 -42.48 -57.09
N ARG J 68 -43.28 -42.60 -55.76
CA ARG J 68 -42.21 -42.07 -54.89
C ARG J 68 -42.02 -43.00 -53.69
N GLU J 69 -40.84 -43.60 -53.58
CA GLU J 69 -40.47 -44.47 -52.44
C GLU J 69 -39.32 -43.84 -51.66
N ILE J 70 -38.69 -44.63 -50.79
CA ILE J 70 -37.53 -44.14 -49.98
C ILE J 70 -36.51 -45.27 -49.82
N GLU J 71 -35.26 -44.87 -49.55
CA GLU J 71 -34.16 -45.83 -49.31
C GLU J 71 -33.45 -45.46 -48.01
N VAL J 72 -32.76 -46.44 -47.44
CA VAL J 72 -31.88 -46.25 -46.26
C VAL J 72 -30.61 -47.06 -46.50
N VAL J 73 -29.49 -46.39 -46.71
CA VAL J 73 -28.23 -47.08 -47.11
C VAL J 73 -27.06 -46.50 -46.31
N GLU J 74 -26.17 -47.39 -45.88
CA GLU J 74 -25.03 -47.04 -44.97
C GLU J 74 -24.04 -46.19 -45.74
N LEU J 75 -23.59 -45.14 -45.08
CA LEU J 75 -22.36 -44.41 -45.46
C LEU J 75 -21.35 -44.63 -44.34
N GLY J 76 -20.51 -45.67 -44.45
CA GLY J 76 -19.53 -46.05 -43.42
C GLY J 76 -18.53 -44.92 -43.18
N ASN J 77 -18.42 -43.99 -44.12
CA ASN J 77 -17.23 -43.13 -44.25
C ASN J 77 -17.67 -41.66 -44.33
N ALA J 78 -18.10 -41.22 -45.51
CA ALA J 78 -18.38 -39.80 -45.82
C ALA J 78 -19.49 -39.29 -44.90
N SER J 79 -19.32 -38.11 -44.33
CA SER J 79 -20.37 -37.52 -43.45
C SER J 79 -21.66 -37.39 -44.25
N ALA J 80 -22.71 -38.03 -43.75
CA ALA J 80 -24.05 -37.92 -44.36
C ALA J 80 -24.33 -36.44 -44.65
N ALA J 81 -24.38 -35.62 -43.60
CA ALA J 81 -24.71 -34.18 -43.72
C ALA J 81 -23.87 -33.59 -44.87
N GLU J 82 -22.65 -34.09 -45.04
CA GLU J 82 -21.85 -33.67 -46.22
C GLU J 82 -22.50 -34.25 -47.47
N MET J 83 -22.77 -35.55 -47.49
CA MET J 83 -23.40 -36.17 -48.69
C MET J 83 -24.64 -35.34 -49.05
N VAL J 84 -25.43 -35.01 -48.03
CA VAL J 84 -26.57 -34.07 -48.13
C VAL J 84 -26.10 -32.83 -48.87
N ARG J 85 -25.23 -32.04 -48.26
CA ARG J 85 -24.82 -30.72 -48.80
C ARG J 85 -24.46 -30.90 -50.27
N ILE J 86 -23.67 -31.94 -50.56
CA ILE J 86 -22.94 -32.03 -51.84
C ILE J 86 -23.90 -32.56 -52.90
N VAL J 87 -25.02 -33.13 -52.47
CA VAL J 87 -26.14 -33.41 -53.40
C VAL J 87 -27.06 -32.20 -53.43
N ASP J 88 -27.04 -31.36 -52.40
CA ASP J 88 -28.02 -30.25 -52.28
C ASP J 88 -27.88 -29.33 -53.50
N ALA J 89 -26.64 -29.12 -53.94
CA ALA J 89 -26.31 -28.40 -55.18
C ALA J 89 -27.12 -28.97 -56.34
N LEU J 90 -27.39 -30.28 -56.31
CA LEU J 90 -28.14 -30.95 -57.40
C LEU J 90 -29.62 -30.55 -57.29
N ASN J 91 -30.26 -30.28 -58.43
CA ASN J 91 -31.57 -29.58 -58.46
C ASN J 91 -32.50 -30.31 -59.41
N LYS J 106 -35.37 -35.73 -51.89
CA LYS J 106 -34.37 -35.07 -51.00
C LYS J 106 -33.60 -36.14 -50.21
N LEU J 107 -33.05 -35.78 -49.04
CA LEU J 107 -31.88 -36.50 -48.46
C LEU J 107 -31.95 -36.51 -46.94
N VAL J 108 -31.53 -37.62 -46.35
CA VAL J 108 -31.24 -37.71 -44.90
C VAL J 108 -30.05 -38.65 -44.70
N ALA J 109 -29.68 -38.87 -43.43
CA ALA J 109 -28.86 -40.00 -42.99
C ALA J 109 -28.92 -40.12 -41.46
N ASP J 110 -28.25 -41.13 -40.91
CA ASP J 110 -27.99 -41.20 -39.46
C ASP J 110 -26.53 -41.53 -39.22
N GLU J 111 -25.90 -40.84 -38.27
CA GLU J 111 -24.53 -41.20 -37.85
C GLU J 111 -24.56 -42.03 -36.56
N ARG J 112 -25.73 -42.45 -36.05
CA ARG J 112 -25.76 -43.66 -35.17
C ARG J 112 -25.35 -44.84 -36.04
N THR J 113 -26.02 -44.97 -37.18
CA THR J 113 -25.82 -46.04 -38.19
C THR J 113 -24.75 -45.59 -39.19
N ASN J 114 -24.67 -44.29 -39.46
CA ASN J 114 -23.94 -43.75 -40.64
C ASN J 114 -24.55 -44.35 -41.90
N SER J 115 -25.79 -43.94 -42.21
CA SER J 115 -26.59 -44.49 -43.33
C SER J 115 -27.34 -43.36 -44.01
N ILE J 116 -27.20 -43.29 -45.33
CA ILE J 116 -28.02 -42.36 -46.17
C ILE J 116 -29.46 -42.83 -46.09
N LEU J 117 -30.33 -41.89 -45.81
CA LEU J 117 -31.78 -42.07 -46.01
C LEU J 117 -32.16 -41.21 -47.21
N ILE J 118 -33.20 -41.60 -47.93
CA ILE J 118 -33.66 -40.77 -49.06
C ILE J 118 -35.13 -40.44 -48.88
N SER J 119 -35.54 -39.30 -49.42
CA SER J 119 -36.96 -38.96 -49.67
C SER J 119 -37.12 -38.60 -51.14
N GLY J 120 -37.75 -39.49 -51.91
CA GLY J 120 -38.16 -39.18 -53.29
C GLY J 120 -38.10 -40.40 -54.18
N ASP J 121 -37.84 -40.16 -55.47
CA ASP J 121 -38.23 -41.05 -56.59
C ASP J 121 -37.55 -42.40 -56.46
N PRO J 122 -38.15 -43.47 -57.03
CA PRO J 122 -37.37 -44.63 -57.45
C PRO J 122 -36.42 -44.34 -58.63
N LYS J 123 -36.56 -43.18 -59.28
CA LYS J 123 -35.45 -42.59 -60.06
C LYS J 123 -34.42 -41.99 -59.09
N VAL J 124 -34.89 -41.32 -58.05
CA VAL J 124 -34.01 -40.85 -56.94
C VAL J 124 -33.44 -42.10 -56.25
N ARG J 125 -34.14 -43.23 -56.32
CA ARG J 125 -33.63 -44.50 -55.73
C ARG J 125 -32.56 -45.09 -56.65
N ASP J 126 -32.75 -45.01 -57.97
CA ASP J 126 -31.72 -45.50 -58.94
C ASP J 126 -30.46 -44.62 -58.79
N ARG J 127 -30.60 -43.32 -59.05
CA ARG J 127 -29.43 -42.40 -59.11
C ARG J 127 -28.84 -42.24 -57.71
N LEU J 128 -29.66 -42.31 -56.67
CA LEU J 128 -29.08 -42.06 -55.32
C LEU J 128 -28.75 -43.38 -54.63
N LYS J 129 -29.03 -44.53 -55.24
CA LYS J 129 -28.20 -45.71 -54.90
C LYS J 129 -26.89 -45.62 -55.67
N ARG J 130 -26.93 -45.03 -56.86
CA ARG J 130 -25.67 -44.72 -57.57
C ARG J 130 -24.76 -43.89 -56.65
N LEU J 131 -25.30 -42.87 -55.98
CA LEU J 131 -24.47 -41.96 -55.16
C LEU J 131 -24.33 -42.51 -53.74
N ILE J 132 -25.23 -43.41 -53.34
CA ILE J 132 -24.94 -44.31 -52.19
C ILE J 132 -23.56 -44.92 -52.44
N ARG J 133 -23.35 -45.44 -53.65
CA ARG J 133 -22.13 -46.24 -53.97
C ARG J 133 -20.99 -45.27 -54.26
N GLN J 134 -21.30 -44.14 -54.91
CA GLN J 134 -20.24 -43.29 -55.50
C GLN J 134 -19.26 -42.87 -54.39
N LEU J 135 -19.74 -42.22 -53.34
CA LEU J 135 -18.81 -41.77 -52.28
C LEU J 135 -19.00 -42.66 -51.06
N ASP J 136 -18.53 -43.90 -51.21
CA ASP J 136 -18.37 -44.86 -50.10
C ASP J 136 -16.89 -45.19 -49.87
N VAL J 137 -16.05 -44.95 -50.87
CA VAL J 137 -14.76 -45.68 -51.13
C VAL J 137 -13.72 -45.42 -50.03
N GLU J 138 -12.44 -45.62 -50.37
CA GLU J 138 -11.26 -45.35 -49.50
C GLU J 138 -11.35 -43.94 -48.92
N MET J 139 -10.71 -43.73 -47.77
CA MET J 139 -10.62 -42.41 -47.10
C MET J 139 -9.34 -41.70 -47.56
N ALA J 140 -8.48 -42.44 -48.29
CA ALA J 140 -7.30 -41.93 -49.02
C ALA J 140 -6.17 -41.52 -48.04
N SER J 141 -6.23 -42.00 -46.79
CA SER J 141 -5.13 -41.88 -45.78
C SER J 141 -4.56 -40.46 -45.78
N LYS J 142 -5.37 -39.50 -45.31
CA LYS J 142 -5.08 -38.05 -45.37
C LYS J 142 -3.69 -37.80 -44.79
N GLY J 143 -3.29 -38.61 -43.82
CA GLY J 143 -2.07 -38.36 -43.04
C GLY J 143 -1.99 -36.90 -42.62
N ASN J 144 -3.14 -36.33 -42.24
CA ASN J 144 -3.31 -34.91 -41.82
C ASN J 144 -2.13 -34.51 -40.94
N ASN J 145 -1.73 -35.42 -40.06
CA ASN J 145 -0.58 -35.22 -39.13
C ASN J 145 0.47 -36.31 -39.36
N ARG J 146 1.74 -35.95 -39.15
CA ARG J 146 2.92 -36.84 -39.25
C ARG J 146 3.79 -36.56 -38.03
N VAL J 147 4.69 -37.48 -37.72
CA VAL J 147 5.64 -37.26 -36.60
C VAL J 147 7.03 -37.55 -37.16
N VAL J 148 7.76 -36.48 -37.44
CA VAL J 148 9.09 -36.55 -38.10
C VAL J 148 10.16 -36.67 -37.04
N TYR J 149 10.93 -37.73 -37.16
CA TYR J 149 12.03 -38.06 -36.23
C TYR J 149 13.24 -37.29 -36.71
N LEU J 150 13.54 -36.20 -36.01
CA LEU J 150 14.76 -35.38 -36.26
C LEU J 150 16.02 -36.26 -36.25
N LYS J 151 16.78 -36.16 -37.33
CA LYS J 151 18.09 -36.83 -37.51
C LYS J 151 19.18 -36.13 -36.68
N TYR J 152 19.49 -34.87 -36.89
CA TYR J 152 20.50 -34.35 -35.96
C TYR J 152 20.04 -33.11 -35.26
N ALA J 153 18.80 -32.98 -34.88
CA ALA J 153 18.63 -31.67 -34.24
C ALA J 153 17.79 -31.74 -32.99
N LYS J 154 18.02 -30.81 -32.09
CA LYS J 154 17.12 -30.87 -30.93
C LYS J 154 15.79 -30.31 -31.38
N ALA J 155 14.76 -31.08 -31.13
CA ALA J 155 13.44 -30.74 -31.66
C ALA J 155 12.81 -29.73 -30.71
N GLU J 156 13.32 -29.70 -29.48
CA GLU J 156 12.76 -28.82 -28.45
C GLU J 156 12.89 -27.38 -28.95
N ASP J 157 13.82 -27.18 -29.89
CA ASP J 157 14.28 -25.83 -30.31
C ASP J 157 13.82 -25.57 -31.74
N LEU J 158 13.77 -26.62 -32.52
CA LEU J 158 13.26 -26.53 -33.90
C LEU J 158 11.78 -26.11 -33.91
N VAL J 159 10.96 -26.61 -32.98
CA VAL J 159 9.51 -26.24 -32.93
C VAL J 159 9.36 -24.73 -32.82
N ASP J 160 10.28 -24.08 -32.14
CA ASP J 160 10.29 -22.60 -31.99
C ASP J 160 10.33 -21.95 -33.37
N VAL J 161 11.19 -22.45 -34.22
CA VAL J 161 11.44 -21.86 -35.55
C VAL J 161 10.28 -22.19 -36.45
N LEU J 162 9.66 -23.33 -36.23
CA LEU J 162 8.67 -23.73 -37.24
C LEU J 162 7.35 -23.03 -36.90
N LYS J 163 7.28 -22.38 -35.74
CA LYS J 163 6.06 -21.65 -35.31
C LYS J 163 5.74 -20.57 -36.34
N GLY J 164 6.77 -19.88 -36.84
CA GLY J 164 6.60 -18.75 -37.76
C GLY J 164 6.30 -19.21 -39.18
N VAL J 165 6.88 -20.34 -39.57
CA VAL J 165 6.67 -20.97 -40.90
C VAL J 165 5.27 -21.56 -40.84
N SER J 166 4.89 -21.92 -39.63
CA SER J 166 3.67 -22.73 -39.53
C SER J 166 2.47 -21.82 -39.76
N ASP J 167 2.18 -20.96 -38.78
CA ASP J 167 1.01 -20.04 -38.80
C ASP J 167 1.07 -19.20 -40.09
N ASN J 168 2.21 -18.55 -40.32
CA ASN J 168 2.38 -17.61 -41.45
C ASN J 168 2.00 -18.34 -42.74
N LEU J 169 2.55 -19.53 -42.95
CA LEU J 169 2.33 -20.28 -44.21
C LEU J 169 0.83 -20.48 -44.42
N GLN J 170 0.14 -20.93 -43.36
CA GLN J 170 -1.33 -21.21 -43.37
C GLN J 170 -2.08 -19.98 -43.86
N ALA J 171 -1.76 -18.79 -43.33
CA ALA J 171 -2.38 -17.51 -43.73
C ALA J 171 -2.11 -17.22 -45.23
N VAL J 187 -2.35 -25.51 -38.37
CA VAL J 187 -0.89 -25.83 -38.26
C VAL J 187 -0.50 -25.83 -36.78
N VAL J 188 -0.37 -27.00 -36.15
CA VAL J 188 0.26 -27.06 -34.80
C VAL J 188 1.44 -28.01 -34.82
N ILE J 189 2.63 -27.45 -34.62
CA ILE J 189 3.92 -28.17 -34.54
C ILE J 189 4.24 -28.37 -33.07
N ALA J 190 4.44 -29.61 -32.67
CA ALA J 190 4.74 -29.86 -31.24
C ALA J 190 5.92 -30.79 -31.14
N ALA J 191 6.87 -30.50 -30.28
CA ALA J 191 8.10 -31.31 -30.25
C ALA J 191 8.00 -32.24 -29.06
N HIS J 192 8.02 -33.55 -29.32
CA HIS J 192 8.02 -34.56 -28.22
C HIS J 192 9.44 -34.82 -27.79
N GLN J 193 9.83 -34.23 -26.66
CA GLN J 193 11.23 -34.27 -26.14
C GLN J 193 11.79 -35.67 -26.31
N GLY J 194 11.21 -36.58 -25.54
CA GLY J 194 11.62 -37.99 -25.45
C GLY J 194 12.40 -38.44 -26.69
N THR J 195 11.76 -38.46 -27.85
CA THR J 195 12.24 -39.23 -29.02
C THR J 195 12.99 -38.27 -29.95
N ASN J 196 13.13 -37.03 -29.49
CA ASN J 196 13.65 -35.89 -30.28
C ASN J 196 12.95 -35.96 -31.63
N SER J 197 11.63 -36.05 -31.55
CA SER J 197 10.75 -36.11 -32.74
C SER J 197 9.70 -35.06 -32.53
N LEU J 198 9.62 -34.14 -33.48
CA LEU J 198 8.54 -33.15 -33.34
C LEU J 198 7.38 -33.58 -34.20
N VAL J 199 6.21 -33.43 -33.61
CA VAL J 199 4.91 -33.88 -34.14
C VAL J 199 4.27 -32.69 -34.82
N LEU J 200 4.05 -32.86 -36.12
CA LEU J 200 3.47 -31.81 -36.97
C LEU J 200 2.02 -32.16 -37.22
N THR J 201 1.12 -31.21 -37.07
CA THR J 201 -0.27 -31.39 -37.52
C THR J 201 -0.63 -30.18 -38.37
N ALA J 202 -0.45 -30.44 -39.66
CA ALA J 202 -0.40 -29.47 -40.79
C ALA J 202 -1.65 -29.68 -41.68
N PRO J 203 -2.09 -28.70 -42.52
CA PRO J 203 -2.59 -29.02 -43.87
C PRO J 203 -1.54 -29.59 -44.80
N PRO J 204 -1.93 -30.29 -45.87
CA PRO J 204 -1.00 -31.16 -46.58
C PRO J 204 0.12 -30.37 -47.25
N ASP J 205 -0.19 -29.18 -47.73
CA ASP J 205 0.87 -28.29 -48.28
C ASP J 205 1.74 -27.79 -47.14
N ILE J 206 1.12 -27.07 -46.20
CA ILE J 206 1.85 -26.61 -45.00
C ILE J 206 2.73 -27.76 -44.50
N MET J 207 2.24 -29.00 -44.61
CA MET J 207 2.95 -30.22 -44.10
C MET J 207 4.16 -30.42 -45.00
N LEU J 208 3.91 -30.69 -46.28
CA LEU J 208 5.00 -30.81 -47.28
C LEU J 208 5.95 -29.62 -47.13
N ALA J 209 5.47 -28.47 -46.65
CA ALA J 209 6.37 -27.31 -46.51
C ALA J 209 7.25 -27.46 -45.27
N LEU J 210 6.60 -27.62 -44.11
CA LEU J 210 7.32 -27.77 -42.81
C LEU J 210 8.34 -28.89 -43.01
N GLN J 211 8.02 -29.89 -43.82
CA GLN J 211 8.89 -31.06 -43.98
C GLN J 211 10.15 -30.64 -44.73
N GLU J 212 10.03 -29.66 -45.62
CA GLU J 212 11.16 -29.23 -46.48
C GLU J 212 12.02 -28.25 -45.68
N VAL J 213 11.44 -27.68 -44.63
CA VAL J 213 12.14 -26.69 -43.76
C VAL J 213 12.94 -27.47 -42.72
N ILE J 214 12.35 -28.56 -42.23
CA ILE J 214 12.93 -29.35 -41.12
C ILE J 214 14.06 -30.16 -41.69
N THR J 215 13.97 -30.49 -42.98
CA THR J 215 14.98 -31.35 -43.63
C THR J 215 16.22 -30.52 -43.93
N GLN J 216 16.09 -29.21 -43.97
CA GLN J 216 17.22 -28.32 -44.30
C GLN J 216 17.77 -27.70 -43.01
N LEU J 217 17.01 -27.70 -41.93
CA LEU J 217 17.52 -27.23 -40.62
C LEU J 217 18.11 -28.39 -39.86
N ASP J 218 17.88 -29.57 -40.37
CA ASP J 218 18.21 -30.78 -39.61
C ASP J 218 19.53 -31.32 -40.12
N ILE J 219 20.43 -30.46 -40.57
CA ILE J 219 21.76 -30.96 -41.01
C ILE J 219 22.60 -31.18 -39.75
N ARG J 220 23.62 -32.02 -39.88
CA ARG J 220 24.57 -32.25 -38.77
C ARG J 220 25.31 -30.96 -38.52
N ARG J 221 25.76 -30.74 -37.30
CA ARG J 221 26.52 -29.51 -37.03
C ARG J 221 27.99 -29.89 -37.00
N ALA J 222 28.80 -29.13 -37.71
CA ALA J 222 30.26 -29.35 -37.57
C ALA J 222 30.69 -28.85 -36.19
N GLN J 223 31.93 -29.14 -35.81
CA GLN J 223 32.29 -28.65 -34.46
C GLN J 223 33.74 -28.21 -34.40
N VAL J 224 33.97 -27.16 -33.63
CA VAL J 224 35.31 -26.52 -33.63
C VAL J 224 36.05 -26.90 -32.34
N LEU J 225 37.31 -27.20 -32.49
CA LEU J 225 38.21 -27.37 -31.33
C LEU J 225 38.98 -26.06 -31.09
N ILE J 226 38.39 -25.18 -30.28
CA ILE J 226 38.93 -23.83 -29.98
C ILE J 226 40.12 -24.00 -29.06
N GLU J 227 41.31 -24.00 -29.63
CA GLU J 227 42.49 -24.06 -28.76
C GLU J 227 43.03 -22.65 -28.62
N ALA J 228 42.76 -22.00 -27.50
CA ALA J 228 43.44 -20.74 -27.11
C ALA J 228 44.86 -20.99 -26.62
N LEU J 229 45.69 -19.97 -26.59
CA LEU J 229 47.14 -20.15 -26.39
C LEU J 229 47.74 -18.91 -25.77
N ILE J 230 47.55 -18.80 -24.48
CA ILE J 230 47.87 -17.61 -23.70
C ILE J 230 49.32 -17.69 -23.27
N VAL J 231 50.12 -16.73 -23.68
CA VAL J 231 51.58 -16.81 -23.44
C VAL J 231 51.93 -15.57 -22.65
N GLU J 232 52.01 -15.67 -21.33
CA GLU J 232 52.43 -14.57 -20.43
C GLU J 232 53.89 -14.65 -20.01
N MET J 233 54.73 -13.86 -20.64
CA MET J 233 56.18 -13.99 -20.51
C MET J 233 56.79 -12.71 -19.90
N ALA J 234 57.12 -12.75 -18.62
CA ALA J 234 57.46 -11.56 -17.80
C ALA J 234 58.87 -11.67 -17.23
N GLU J 235 59.59 -10.56 -17.27
CA GLU J 235 61.04 -10.55 -17.06
C GLU J 235 61.35 -9.26 -16.34
N GLY J 236 61.91 -9.37 -15.14
CA GLY J 236 62.16 -8.23 -14.24
C GLY J 236 63.60 -8.22 -13.80
N ASP J 237 64.17 -7.03 -13.70
CA ASP J 237 65.61 -6.87 -13.40
C ASP J 237 65.73 -5.59 -12.60
N GLY J 238 66.15 -5.71 -11.36
CA GLY J 238 66.34 -4.57 -10.45
C GLY J 238 67.76 -4.57 -9.90
N VAL J 239 68.32 -3.39 -9.78
CA VAL J 239 69.60 -3.18 -9.09
C VAL J 239 69.44 -2.09 -8.05
N ASN J 240 69.49 -2.40 -6.77
CA ASN J 240 69.62 -1.37 -5.72
C ASN J 240 71.06 -1.32 -5.23
N LEU J 241 71.67 -0.16 -5.30
CA LEU J 241 73.03 -0.05 -4.76
C LEU J 241 73.23 1.29 -4.10
N GLY J 242 73.56 1.28 -2.83
CA GLY J 242 73.46 2.57 -2.16
C GLY J 242 74.06 2.50 -0.80
N VAL J 243 74.92 3.44 -0.53
CA VAL J 243 75.79 3.25 0.65
C VAL J 243 75.42 4.27 1.69
N GLN J 244 75.20 3.83 2.90
CA GLN J 244 74.69 4.80 3.84
C GLN J 244 75.69 4.96 4.96
N TRP J 245 76.11 6.18 5.16
CA TRP J 245 77.02 6.48 6.28
C TRP J 245 76.18 6.81 7.50
N GLY J 246 76.69 6.60 8.71
CA GLY J 246 75.96 6.97 9.93
C GLY J 246 76.82 7.03 11.17
N ASN J 247 76.57 8.03 11.99
CA ASN J 247 77.28 8.20 13.27
C ASN J 247 76.24 8.59 14.30
N LEU J 248 75.86 7.66 15.16
CA LEU J 248 74.74 7.88 16.10
C LEU J 248 75.22 8.55 17.40
N GLU J 249 76.51 8.47 17.77
CA GLU J 249 77.06 9.22 18.93
C GLU J 249 76.58 10.67 18.84
N THR J 250 76.80 11.28 17.69
CA THR J 250 76.35 12.63 17.35
C THR J 250 75.51 12.60 16.08
N GLY J 251 74.23 12.19 16.21
CA GLY J 251 73.16 12.01 15.19
C GLY J 251 73.53 12.50 13.80
N ALA J 252 74.35 11.76 13.09
CA ALA J 252 74.81 12.19 11.76
C ALA J 252 74.55 11.05 10.82
N VAL J 253 73.49 11.15 10.06
CA VAL J 253 73.26 10.03 9.13
C VAL J 253 73.39 10.56 7.72
N ILE J 254 73.82 9.71 6.82
CA ILE J 254 73.49 9.90 5.41
C ILE J 254 72.57 8.78 5.01
N GLN J 255 71.32 8.90 5.34
CA GLN J 255 70.45 7.73 5.16
C GLN J 255 69.68 7.87 3.84
N TYR J 256 69.22 6.74 3.33
CA TYR J 256 68.34 6.68 2.16
C TYR J 256 67.16 5.76 2.45
N SER J 257 65.95 6.19 2.13
CA SER J 257 64.77 5.30 2.26
C SER J 257 64.78 4.34 1.08
N ASN J 258 65.37 4.76 -0.02
CA ASN J 258 65.12 3.97 -1.23
C ASN J 258 65.75 2.59 -1.08
N THR J 259 66.72 2.44 -0.19
CA THR J 259 67.41 1.12 -0.10
C THR J 259 66.65 0.27 0.89
N GLY J 260 66.79 -1.04 0.81
CA GLY J 260 66.16 -1.87 1.85
C GLY J 260 66.06 -1.10 3.16
N THR J 261 67.16 -1.03 3.90
CA THR J 261 67.02 -0.56 5.29
C THR J 261 67.65 0.80 5.38
N PRO J 262 67.13 1.71 6.23
CA PRO J 262 67.83 2.96 6.52
C PRO J 262 68.73 2.99 7.76
N ILE J 263 69.94 3.52 7.61
CA ILE J 263 71.05 3.26 8.57
C ILE J 263 70.53 3.56 9.98
N GLY J 264 69.54 4.45 10.11
CA GLY J 264 69.05 4.83 11.44
C GLY J 264 68.54 3.59 12.17
N LYS J 265 67.49 3.00 11.61
CA LYS J 265 66.91 1.76 12.15
C LYS J 265 68.06 0.83 12.50
N VAL J 266 69.06 0.70 11.63
CA VAL J 266 70.10 -0.35 11.78
C VAL J 266 70.99 0.01 12.95
N MET J 267 71.43 1.27 13.02
CA MET J 267 72.30 1.64 14.16
C MET J 267 71.50 1.60 15.47
N VAL J 268 70.27 2.11 15.47
CA VAL J 268 69.45 2.02 16.70
C VAL J 268 69.36 0.53 17.10
N GLY J 269 68.99 -0.32 16.14
CA GLY J 269 68.81 -1.77 16.36
C GLY J 269 70.07 -2.37 16.94
N LEU J 270 71.21 -1.93 16.43
CA LEU J 270 72.49 -2.50 16.87
C LEU J 270 72.76 -2.07 18.30
N GLU J 271 72.34 -0.87 18.67
CA GLU J 271 72.59 -0.41 20.05
C GLU J 271 71.67 -1.17 20.99
N GLU J 272 70.40 -1.32 20.60
CA GLU J 272 69.45 -2.07 21.43
C GLU J 272 69.91 -3.53 21.59
N ALA J 273 70.56 -4.11 20.58
CA ALA J 273 70.97 -5.53 20.57
C ALA J 273 72.25 -5.68 21.39
N LYS J 274 72.80 -4.55 21.88
CA LYS J 274 74.02 -4.55 22.73
C LYS J 274 73.62 -4.82 24.18
N ASP J 275 74.54 -5.37 24.98
CA ASP J 275 74.31 -5.66 26.42
C ASP J 275 74.49 -4.36 27.24
N LYS J 276 73.38 -3.83 27.78
CA LYS J 276 73.31 -2.61 28.64
C LYS J 276 73.77 -2.95 30.06
N THR J 277 74.01 -1.96 30.93
CA THR J 277 74.40 -2.14 32.35
C THR J 277 73.71 -1.09 33.22
N VAL J 278 72.90 -1.53 34.18
CA VAL J 278 72.13 -0.64 35.11
C VAL J 278 72.71 -0.81 36.51
N THR J 279 73.50 0.16 36.99
CA THR J 279 74.42 0.04 38.16
C THR J 279 73.68 0.29 39.48
N SER J 294 75.83 -3.72 40.87
CA SER J 294 75.94 -3.65 39.39
C SER J 294 75.25 -4.87 38.78
N ARG J 295 74.20 -4.66 37.97
CA ARG J 295 73.59 -5.73 37.14
C ARG J 295 74.09 -5.59 35.70
N THR J 296 74.10 -6.68 34.94
CA THR J 296 74.21 -6.63 33.46
C THR J 296 72.90 -7.15 32.86
N GLU J 297 72.59 -6.70 31.65
CA GLU J 297 71.35 -7.12 30.94
C GLU J 297 71.65 -7.28 29.46
N ALA J 298 71.06 -8.30 28.87
CA ALA J 298 71.24 -8.59 27.43
C ALA J 298 70.07 -7.96 26.69
N GLY J 299 70.43 -7.02 25.83
CA GLY J 299 69.46 -6.23 25.06
C GLY J 299 68.71 -7.09 24.07
N ASP J 300 67.48 -6.68 23.77
CA ASP J 300 66.60 -7.36 22.80
C ASP J 300 67.07 -6.97 21.41
N TYR J 301 67.19 -7.99 20.58
CA TYR J 301 67.46 -7.83 19.14
C TYR J 301 66.12 -7.68 18.42
N SER J 302 65.10 -7.17 19.07
CA SER J 302 63.74 -7.06 18.46
C SER J 302 63.71 -5.87 17.52
N THR J 303 64.58 -4.89 17.77
CA THR J 303 64.62 -3.65 16.96
C THR J 303 65.56 -3.89 15.79
N LEU J 304 66.63 -4.62 16.04
CA LEU J 304 67.61 -4.93 14.97
C LEU J 304 66.97 -5.93 14.00
N ALA J 305 66.15 -6.83 14.51
CA ALA J 305 65.48 -7.84 13.67
C ALA J 305 64.43 -7.13 12.80
N ALA J 306 63.76 -6.11 13.31
CA ALA J 306 62.76 -5.33 12.54
C ALA J 306 63.49 -4.53 11.45
N ALA J 307 64.75 -4.19 11.66
CA ALA J 307 65.52 -3.43 10.63
C ALA J 307 65.99 -4.37 9.53
N LEU J 308 66.79 -5.36 9.94
CA LEU J 308 67.46 -6.28 9.01
C LEU J 308 66.40 -7.18 8.38
N ALA J 309 65.19 -7.15 8.93
CA ALA J 309 64.15 -8.10 8.49
C ALA J 309 63.92 -7.87 7.01
N GLY J 310 63.94 -6.61 6.62
CA GLY J 310 63.41 -6.19 5.33
C GLY J 310 64.54 -5.96 4.36
N VAL J 311 65.69 -6.59 4.58
CA VAL J 311 66.83 -6.30 3.69
C VAL J 311 66.96 -7.41 2.68
N ASN J 312 66.56 -7.12 1.47
CA ASN J 312 66.65 -8.18 0.46
C ASN J 312 67.80 -7.77 -0.44
N GLY J 313 68.98 -8.08 0.01
CA GLY J 313 70.15 -8.03 -0.86
C GLY J 313 71.36 -8.32 -0.03
N ALA J 314 72.07 -7.26 0.27
CA ALA J 314 73.34 -7.27 1.02
C ALA J 314 73.48 -5.92 1.68
N ALA J 315 73.35 -5.89 3.01
CA ALA J 315 73.36 -4.68 3.86
C ALA J 315 74.52 -4.73 4.84
N MET J 316 75.72 -4.55 4.31
CA MET J 316 76.97 -4.81 5.04
C MET J 316 77.39 -3.50 5.69
N SER J 317 77.97 -3.60 6.87
CA SER J 317 78.38 -2.43 7.68
C SER J 317 79.90 -2.46 7.86
N LEU J 318 80.62 -1.60 7.13
CA LEU J 318 82.02 -1.25 7.43
C LEU J 318 82.01 -0.21 8.56
N VAL J 319 82.16 -0.67 9.79
CA VAL J 319 82.17 0.22 11.00
C VAL J 319 83.57 0.80 11.13
N MET J 320 83.74 2.07 10.72
CA MET J 320 85.05 2.76 10.74
C MET J 320 85.06 3.78 11.88
N GLY J 321 85.83 3.54 12.95
CA GLY J 321 85.80 4.36 14.19
C GLY J 321 84.48 5.09 14.41
N ASP J 322 83.38 4.36 14.54
CA ASP J 322 82.14 4.95 15.12
C ASP J 322 81.33 5.67 14.03
N TRP J 323 81.83 5.66 12.80
CA TRP J 323 81.01 5.99 11.63
C TRP J 323 80.64 4.72 10.87
N THR J 324 79.43 4.24 11.11
CA THR J 324 78.92 2.97 10.55
C THR J 324 78.46 3.24 9.13
N ALA J 325 79.18 2.69 8.17
CA ALA J 325 78.82 2.81 6.75
C ALA J 325 78.10 1.54 6.27
N LEU J 326 76.78 1.53 6.28
CA LEU J 326 75.98 0.43 5.76
C LEU J 326 75.87 0.56 4.23
N ILE J 327 76.68 -0.26 3.55
CA ILE J 327 76.64 -0.53 2.09
C ILE J 327 75.60 -1.58 1.75
N SER J 328 74.74 -1.25 0.81
CA SER J 328 73.60 -2.11 0.43
C SER J 328 73.67 -2.34 -1.07
N ALA J 329 73.43 -3.57 -1.48
CA ALA J 329 73.45 -3.94 -2.90
C ALA J 329 72.53 -5.14 -3.08
N VAL J 330 71.74 -5.09 -4.13
CA VAL J 330 70.95 -6.25 -4.57
C VAL J 330 70.66 -6.13 -6.06
N SER J 331 70.86 -7.19 -6.84
CA SER J 331 70.53 -7.19 -8.28
C SER J 331 69.42 -8.23 -8.53
N SER J 332 68.26 -7.98 -7.95
CA SER J 332 67.02 -8.78 -8.14
C SER J 332 66.71 -8.98 -9.63
N ASP J 333 67.05 -10.12 -10.18
CA ASP J 333 66.80 -10.46 -11.60
C ASP J 333 65.73 -11.56 -11.60
N SER J 334 64.46 -11.14 -11.71
CA SER J 334 63.29 -12.05 -11.87
C SER J 334 63.01 -12.39 -13.34
N ASN J 335 62.09 -13.31 -13.57
CA ASN J 335 61.84 -13.95 -14.88
C ASN J 335 60.67 -14.93 -14.76
N SER J 336 59.73 -14.86 -15.66
CA SER J 336 58.44 -15.57 -15.60
C SER J 336 58.06 -15.89 -17.04
N ASN J 337 57.53 -17.07 -17.26
CA ASN J 337 57.36 -17.54 -18.64
C ASN J 337 56.19 -18.50 -18.62
N ILE J 338 55.01 -17.98 -18.37
CA ILE J 338 53.78 -18.79 -18.25
C ILE J 338 53.18 -18.99 -19.62
N LEU J 339 52.75 -20.20 -19.89
CA LEU J 339 52.26 -20.53 -21.21
C LEU J 339 51.05 -21.46 -21.09
N SER J 340 49.91 -20.91 -20.75
CA SER J 340 48.69 -21.71 -20.48
C SER J 340 47.84 -21.71 -21.73
N SER J 341 47.48 -22.88 -22.24
CA SER J 341 46.63 -23.02 -23.45
C SER J 341 45.44 -23.90 -23.14
N PRO J 342 44.23 -23.35 -23.06
CA PRO J 342 43.03 -24.12 -22.89
C PRO J 342 42.28 -24.21 -24.20
N SER J 343 41.99 -25.45 -24.60
CA SER J 343 41.06 -25.76 -25.70
C SER J 343 39.73 -26.27 -25.16
N ILE J 344 38.74 -25.96 -25.93
CA ILE J 344 37.38 -26.43 -25.63
C ILE J 344 36.96 -26.94 -26.98
N THR J 345 36.09 -27.92 -27.00
CA THR J 345 35.47 -28.33 -28.27
C THR J 345 34.03 -27.89 -28.22
N VAL J 346 33.59 -27.34 -29.32
CA VAL J 346 32.19 -26.95 -29.20
C VAL J 346 31.49 -27.15 -30.51
N MET J 347 30.18 -27.29 -30.41
CA MET J 347 29.40 -27.47 -31.64
C MET J 347 29.20 -26.08 -32.19
N ASP J 348 29.30 -25.97 -33.51
CA ASP J 348 29.20 -24.65 -34.15
C ASP J 348 27.93 -24.01 -33.62
N ASN J 349 28.07 -22.76 -33.25
CA ASN J 349 26.93 -21.87 -32.96
C ASN J 349 26.41 -22.21 -31.58
N GLY J 350 26.88 -23.31 -30.99
CA GLY J 350 26.69 -23.51 -29.55
C GLY J 350 27.61 -22.61 -28.80
N GLU J 351 27.19 -22.13 -27.62
CA GLU J 351 28.15 -21.53 -26.66
C GLU J 351 28.82 -22.61 -25.82
N ALA J 352 30.09 -22.38 -25.55
CA ALA J 352 30.83 -23.30 -24.68
C ALA J 352 31.73 -22.51 -23.80
N SER J 353 31.66 -22.86 -22.54
CA SER J 353 32.46 -22.25 -21.48
C SER J 353 33.49 -23.28 -21.10
N PHE J 354 34.53 -22.80 -20.47
CA PHE J 354 35.63 -23.61 -19.96
C PHE J 354 36.25 -22.84 -18.84
N ILE J 355 36.43 -23.40 -17.69
CA ILE J 355 37.00 -22.61 -16.58
C ILE J 355 37.77 -23.51 -15.68
N VAL J 356 39.03 -23.24 -15.59
CA VAL J 356 39.94 -24.03 -14.78
C VAL J 356 40.56 -23.09 -13.80
N GLY J 357 40.12 -23.16 -12.56
CA GLY J 357 40.05 -21.94 -11.75
C GLY J 357 39.83 -22.24 -10.31
N GLU J 358 39.25 -21.25 -9.67
CA GLU J 358 38.62 -21.44 -8.37
C GLU J 358 37.51 -20.44 -8.26
N GLU J 359 36.41 -20.88 -7.70
CA GLU J 359 35.35 -19.97 -7.29
C GLU J 359 35.74 -19.41 -5.93
N VAL J 360 36.41 -18.26 -5.89
CA VAL J 360 36.58 -17.50 -4.62
C VAL J 360 35.32 -16.71 -4.37
N PRO J 361 34.83 -16.72 -3.14
CA PRO J 361 33.75 -15.84 -2.79
C PRO J 361 34.30 -14.50 -2.33
N VAL J 362 33.49 -13.50 -2.61
CA VAL J 362 33.90 -12.09 -2.47
C VAL J 362 32.71 -11.32 -1.95
N ILE J 363 33.01 -10.41 -1.03
CA ILE J 363 31.98 -9.56 -0.44
C ILE J 363 31.30 -8.79 -1.56
N THR J 364 30.10 -8.31 -1.23
CA THR J 364 29.30 -7.36 -2.04
C THR J 364 28.41 -6.55 -1.07
N VAL J 379 27.67 -11.62 -0.09
CA VAL J 379 28.75 -12.53 -0.60
C VAL J 379 28.31 -13.21 -1.90
N ASP J 380 28.98 -12.87 -2.98
CA ASP J 380 28.83 -13.60 -4.25
C ASP J 380 30.10 -14.41 -4.46
N ARG J 381 29.99 -15.42 -5.31
CA ARG J 381 31.06 -16.42 -5.50
C ARG J 381 31.56 -16.32 -6.93
N LYS J 382 32.61 -15.56 -7.16
CA LYS J 382 33.02 -15.31 -8.55
C LYS J 382 34.18 -16.24 -8.86
N GLU J 383 34.10 -16.78 -10.08
CA GLU J 383 35.04 -17.77 -10.63
C GLU J 383 36.29 -17.06 -11.14
N VAL J 384 37.42 -17.66 -10.91
CA VAL J 384 38.57 -16.78 -11.20
C VAL J 384 39.64 -17.68 -11.64
N GLY J 385 39.81 -17.79 -12.94
CA GLY J 385 40.79 -18.78 -13.36
C GLY J 385 41.21 -18.54 -14.75
N ILE J 386 41.71 -19.54 -15.43
CA ILE J 386 41.67 -19.54 -16.90
C ILE J 386 40.22 -19.80 -17.32
N LYS J 387 39.44 -18.78 -17.62
CA LYS J 387 38.16 -18.95 -18.33
C LYS J 387 38.33 -18.71 -19.84
N LEU J 388 37.42 -19.30 -20.61
CA LEU J 388 37.43 -19.20 -22.07
C LEU J 388 36.04 -19.44 -22.54
N LYS J 389 35.30 -18.44 -22.98
CA LYS J 389 33.89 -18.73 -23.27
C LYS J 389 33.58 -18.39 -24.72
N VAL J 390 33.78 -19.35 -25.62
CA VAL J 390 33.68 -19.06 -27.05
C VAL J 390 32.33 -19.47 -27.60
N VAL J 391 31.75 -18.64 -28.44
CA VAL J 391 30.54 -19.03 -29.19
C VAL J 391 30.97 -19.17 -30.62
N PRO J 392 31.65 -20.25 -30.94
CA PRO J 392 32.30 -20.37 -32.23
C PRO J 392 31.20 -20.59 -33.24
N GLN J 393 31.25 -19.88 -34.36
CA GLN J 393 30.20 -19.90 -35.40
C GLN J 393 30.82 -20.03 -36.78
N ILE J 394 30.92 -21.25 -37.30
CA ILE J 394 31.66 -21.57 -38.55
C ILE J 394 30.97 -20.94 -39.76
N ASN J 395 31.76 -20.30 -40.62
CA ASN J 395 31.33 -19.54 -41.84
C ASN J 395 31.60 -20.40 -43.08
N GLU J 396 31.10 -20.00 -44.24
CA GLU J 396 31.54 -20.55 -45.56
C GLU J 396 33.06 -20.33 -45.74
N GLY J 397 33.77 -21.23 -46.45
CA GLY J 397 35.22 -21.11 -46.67
C GLY J 397 36.00 -21.61 -45.47
N ASP J 398 35.37 -22.45 -44.65
CA ASP J 398 35.95 -22.96 -43.40
C ASP J 398 36.65 -21.82 -42.68
N SER J 399 35.92 -20.75 -42.38
CA SER J 399 36.46 -19.58 -41.67
C SER J 399 35.66 -19.39 -40.42
N VAL J 400 36.15 -19.94 -39.31
CA VAL J 400 35.41 -19.83 -38.03
C VAL J 400 35.42 -18.43 -37.48
N GLN J 401 34.27 -18.00 -37.05
CA GLN J 401 34.04 -16.65 -36.49
C GLN J 401 33.64 -16.75 -35.02
N LEU J 402 34.63 -16.63 -34.14
CA LEU J 402 34.53 -16.84 -32.67
C LEU J 402 34.06 -15.55 -32.00
N ASN J 403 33.11 -15.64 -31.04
CA ASN J 403 32.77 -14.54 -30.10
C ASN J 403 33.29 -14.87 -28.71
N ILE J 404 34.53 -14.50 -28.43
CA ILE J 404 35.31 -15.09 -27.32
C ILE J 404 35.35 -14.12 -26.14
N GLU J 405 35.28 -14.68 -24.95
CA GLU J 405 35.55 -13.96 -23.70
C GLU J 405 36.62 -14.79 -23.02
N GLN J 406 37.85 -14.30 -22.97
CA GLN J 406 38.98 -15.07 -22.41
C GLN J 406 39.69 -14.38 -21.23
N GLU J 407 39.80 -15.06 -20.10
CA GLU J 407 40.10 -14.40 -18.83
C GLU J 407 41.15 -15.23 -18.18
N VAL J 408 42.35 -14.77 -18.14
CA VAL J 408 43.09 -15.46 -17.09
C VAL J 408 43.06 -14.59 -15.88
N SER J 409 42.81 -15.17 -14.74
CA SER J 409 42.67 -14.39 -13.50
C SER J 409 43.04 -15.31 -12.35
N ASN J 410 43.28 -14.72 -11.19
CA ASN J 410 44.37 -15.24 -10.33
C ASN J 410 44.30 -14.46 -9.05
N VAL J 411 43.26 -14.76 -8.29
CA VAL J 411 43.05 -14.15 -6.96
C VAL J 411 44.40 -14.00 -6.24
N LEU J 412 44.75 -12.75 -6.02
CA LEU J 412 45.94 -12.27 -5.29
C LEU J 412 45.43 -11.84 -3.93
N GLY J 413 46.29 -11.23 -3.13
CA GLY J 413 45.88 -10.60 -1.86
C GLY J 413 44.98 -9.40 -2.09
N ALA J 414 44.40 -8.94 -0.99
CA ALA J 414 43.75 -7.61 -0.94
C ALA J 414 44.59 -6.58 -0.18
N ASN J 415 45.85 -6.37 -0.56
CA ASN J 415 46.67 -5.36 0.15
C ASN J 415 45.73 -4.40 0.87
N GLY J 416 45.05 -3.52 0.13
CA GLY J 416 44.46 -2.32 0.75
C GLY J 416 42.99 -2.58 0.90
N ALA J 417 42.51 -3.38 -0.03
CA ALA J 417 41.08 -3.34 -0.36
C ALA J 417 40.35 -4.18 0.69
N VAL J 418 39.07 -3.89 0.82
CA VAL J 418 38.08 -4.62 1.66
C VAL J 418 38.33 -6.11 1.52
N ASP J 419 37.94 -6.63 0.37
CA ASP J 419 38.03 -8.09 0.11
C ASP J 419 39.29 -8.35 -0.70
N VAL J 420 39.39 -9.56 -1.22
CA VAL J 420 40.49 -10.01 -2.10
C VAL J 420 40.36 -9.37 -3.45
N ARG J 421 41.49 -8.89 -3.94
CA ARG J 421 41.70 -8.32 -5.30
C ARG J 421 42.06 -9.50 -6.19
N PHE J 422 41.21 -9.78 -7.18
CA PHE J 422 41.47 -10.68 -8.33
C PHE J 422 42.33 -10.01 -9.38
N ALA J 423 43.34 -10.70 -9.85
CA ALA J 423 44.22 -10.18 -10.90
C ALA J 423 43.82 -10.81 -12.19
N LYS J 424 43.24 -9.98 -12.99
CA LYS J 424 42.37 -10.44 -14.08
C LYS J 424 42.99 -9.91 -15.33
N ARG J 425 43.13 -10.77 -16.31
CA ARG J 425 43.55 -10.32 -17.65
C ARG J 425 42.52 -10.85 -18.58
N GLN J 426 41.40 -10.16 -18.71
CA GLN J 426 40.37 -10.61 -19.63
C GLN J 426 40.40 -9.84 -20.91
N LEU J 427 39.94 -10.48 -21.96
CA LEU J 427 40.18 -10.05 -23.35
C LEU J 427 38.95 -10.51 -24.11
N ASN J 428 37.88 -9.72 -24.14
CA ASN J 428 36.67 -10.31 -24.74
C ASN J 428 36.34 -9.54 -25.99
N THR J 429 36.28 -10.26 -27.09
CA THR J 429 36.31 -9.68 -28.42
C THR J 429 35.55 -10.62 -29.31
N SER J 430 35.55 -10.32 -30.60
CA SER J 430 34.97 -11.24 -31.59
C SER J 430 35.95 -11.24 -32.72
N VAL J 431 36.52 -12.38 -33.03
CA VAL J 431 37.40 -12.36 -34.21
C VAL J 431 36.99 -13.39 -35.23
N ILE J 432 37.69 -13.40 -36.34
CA ILE J 432 37.28 -14.32 -37.42
C ILE J 432 38.55 -14.92 -37.97
N VAL J 433 38.63 -16.22 -37.82
CA VAL J 433 39.91 -16.93 -37.97
C VAL J 433 39.75 -17.91 -39.08
N GLN J 434 40.86 -18.25 -39.70
CA GLN J 434 40.77 -19.33 -40.68
C GLN J 434 40.53 -20.63 -39.93
N ASP J 435 40.08 -21.63 -40.65
CA ASP J 435 40.14 -23.02 -40.15
C ASP J 435 41.60 -23.40 -40.06
N GLY J 436 42.11 -23.65 -38.86
CA GLY J 436 43.44 -24.27 -38.64
C GLY J 436 44.62 -23.32 -38.62
N GLN J 437 44.43 -22.02 -38.86
CA GLN J 437 45.53 -21.04 -38.66
C GLN J 437 45.30 -20.32 -37.35
N MET J 438 46.38 -19.96 -36.70
CA MET J 438 46.21 -19.29 -35.41
C MET J 438 46.05 -17.81 -35.72
N LEU J 439 45.36 -17.12 -34.85
CA LEU J 439 45.24 -15.66 -34.95
C LEU J 439 45.39 -15.10 -33.57
N VAL J 440 45.93 -13.90 -33.53
CA VAL J 440 46.30 -13.29 -32.23
C VAL J 440 45.18 -12.41 -31.71
N LEU J 441 44.50 -12.83 -30.65
CA LEU J 441 43.33 -12.06 -30.15
C LEU J 441 43.90 -10.77 -29.59
N GLY J 442 44.90 -10.92 -28.74
CA GLY J 442 45.18 -9.94 -27.71
C GLY J 442 46.64 -9.77 -27.47
N GLY J 443 46.94 -8.93 -26.52
CA GLY J 443 48.34 -8.61 -26.34
C GLY J 443 48.47 -7.64 -25.22
N LEU J 444 49.72 -7.50 -24.84
CA LEU J 444 50.22 -6.38 -24.07
C LEU J 444 51.71 -6.51 -23.97
N ILE J 445 52.41 -5.52 -24.45
CA ILE J 445 53.85 -5.48 -24.25
C ILE J 445 54.13 -4.31 -23.35
N ASP J 446 54.12 -4.55 -22.05
CA ASP J 446 54.55 -3.52 -21.08
C ASP J 446 56.08 -3.55 -21.01
N GLU J 447 56.69 -2.38 -20.98
CA GLU J 447 58.03 -2.25 -20.41
C GLU J 447 58.01 -1.11 -19.41
N ARG J 448 58.69 -1.25 -18.28
CA ARG J 448 58.89 -0.14 -17.32
C ARG J 448 60.38 0.01 -17.02
N ALA J 449 60.72 1.17 -16.54
CA ALA J 449 62.12 1.35 -16.12
C ALA J 449 62.17 2.52 -15.15
N LEU J 450 62.20 2.23 -13.86
CA LEU J 450 62.31 3.29 -12.86
C LEU J 450 63.75 3.34 -12.38
N GLU J 451 64.47 4.38 -12.72
CA GLU J 451 65.62 4.77 -11.92
C GLU J 451 65.19 5.62 -10.70
N SER J 452 66.06 5.74 -9.71
CA SER J 452 65.99 6.69 -8.58
C SER J 452 67.40 6.89 -8.04
N GLU J 453 67.75 8.09 -7.70
CA GLU J 453 69.05 8.19 -7.00
C GLU J 453 68.92 9.32 -6.03
N SER J 454 69.01 9.00 -4.78
CA SER J 454 69.20 10.05 -3.78
C SER J 454 70.71 10.22 -3.59
N LYS J 455 71.21 11.44 -3.67
CA LYS J 455 72.66 11.61 -3.39
C LYS J 455 72.89 12.80 -2.50
N VAL J 456 74.10 12.90 -2.00
CA VAL J 456 74.41 14.07 -1.16
C VAL J 456 74.76 15.15 -2.16
N PRO J 457 73.72 15.65 -2.84
CA PRO J 457 73.99 16.56 -3.94
C PRO J 457 75.39 16.43 -4.52
N LEU J 458 76.25 17.39 -4.21
CA LEU J 458 77.37 17.64 -5.13
C LEU J 458 78.42 16.54 -4.94
N LEU J 459 78.51 15.96 -3.75
CA LEU J 459 79.53 14.93 -3.45
C LEU J 459 79.19 13.67 -4.24
N GLY J 460 77.90 13.42 -4.50
CA GLY J 460 77.42 12.29 -5.30
C GLY J 460 77.60 12.56 -6.80
N ASP J 461 78.47 13.49 -7.13
CA ASP J 461 78.74 13.75 -8.56
C ASP J 461 80.04 13.03 -8.95
N ILE J 462 81.06 13.13 -8.09
CA ILE J 462 82.43 12.62 -8.39
C ILE J 462 82.25 11.25 -9.00
N PRO J 463 82.96 10.92 -10.11
CA PRO J 463 82.72 9.68 -10.83
C PRO J 463 83.10 8.44 -10.01
N ILE J 464 84.26 8.49 -9.35
CA ILE J 464 84.82 7.29 -8.67
C ILE J 464 84.06 7.12 -7.34
N LEU J 465 84.08 8.17 -6.53
CA LEU J 465 83.68 8.09 -5.10
C LEU J 465 82.20 8.47 -4.98
N GLY J 466 81.57 8.91 -6.04
CA GLY J 466 80.17 9.39 -5.96
C GLY J 466 79.32 8.34 -5.30
N HIS J 467 79.61 7.08 -5.63
CA HIS J 467 78.70 5.97 -5.30
C HIS J 467 78.67 5.86 -3.79
N LEU J 468 79.59 6.52 -3.09
CA LEU J 468 79.66 6.39 -1.61
C LEU J 468 78.52 7.21 -1.07
N PHE J 469 78.19 8.28 -1.75
CA PHE J 469 77.16 9.16 -1.17
C PHE J 469 75.81 8.94 -1.83
N LYS J 470 75.79 8.38 -3.05
CA LYS J 470 74.56 8.17 -3.85
C LYS J 470 73.87 6.92 -3.32
N SER J 471 72.57 6.85 -3.53
CA SER J 471 71.81 5.60 -3.45
C SER J 471 70.92 5.45 -4.67
N THR J 472 71.37 4.61 -5.55
CA THR J 472 70.67 4.44 -6.83
C THR J 472 69.80 3.20 -6.72
N ASN J 473 68.66 3.25 -7.35
CA ASN J 473 67.66 2.18 -7.32
C ASN J 473 67.07 2.06 -8.72
N THR J 474 67.38 1.00 -9.41
CA THR J 474 66.92 0.89 -10.81
C THR J 474 66.10 -0.38 -10.92
N GLN J 475 65.10 -0.34 -11.76
CA GLN J 475 64.08 -1.41 -11.79
C GLN J 475 63.55 -1.41 -13.20
N VAL J 476 63.51 -2.57 -13.80
CA VAL J 476 63.05 -2.64 -15.18
C VAL J 476 62.16 -3.82 -15.27
N GLU J 477 60.90 -3.61 -15.54
CA GLU J 477 59.94 -4.73 -15.66
C GLU J 477 59.46 -4.75 -17.09
N LYS J 478 59.51 -5.91 -17.69
CA LYS J 478 59.10 -6.09 -19.09
C LYS J 478 58.14 -7.26 -19.13
N LYS J 479 56.95 -7.07 -19.65
CA LYS J 479 55.88 -8.08 -19.57
C LYS J 479 55.18 -8.25 -20.91
N ASN J 480 55.21 -9.44 -21.47
CA ASN J 480 54.67 -9.73 -22.83
C ASN J 480 53.56 -10.71 -22.59
N LEU J 481 52.33 -10.26 -22.70
CA LEU J 481 51.15 -11.12 -22.70
C LEU J 481 50.50 -11.17 -24.09
N MET J 482 50.67 -12.22 -24.90
CA MET J 482 49.93 -12.40 -26.17
C MET J 482 48.94 -13.51 -25.91
N VAL J 483 47.69 -13.33 -26.27
CA VAL J 483 46.80 -14.50 -26.39
C VAL J 483 46.54 -14.78 -27.85
N PHE J 484 47.03 -15.93 -28.28
CA PHE J 484 46.63 -16.50 -29.58
C PHE J 484 45.43 -17.42 -29.42
N ILE J 485 44.65 -17.52 -30.47
CA ILE J 485 43.51 -18.46 -30.55
C ILE J 485 43.57 -19.18 -31.88
N LYS J 486 43.29 -20.46 -31.87
CA LYS J 486 43.31 -21.34 -33.07
C LYS J 486 42.05 -22.17 -33.04
N PRO J 487 41.08 -21.83 -33.91
CA PRO J 487 39.91 -22.65 -34.12
C PRO J 487 40.30 -23.73 -35.12
N THR J 488 39.95 -24.96 -34.74
CA THR J 488 39.98 -26.10 -35.66
C THR J 488 38.56 -26.64 -35.79
N ILE J 489 38.13 -26.87 -37.01
CA ILE J 489 36.77 -27.35 -37.34
C ILE J 489 36.89 -28.84 -37.40
N ILE J 490 35.98 -29.51 -36.72
CA ILE J 490 35.87 -30.99 -36.72
C ILE J 490 34.53 -31.37 -37.37
N ARG J 491 34.56 -31.62 -38.67
CA ARG J 491 33.35 -31.99 -39.46
C ARG J 491 33.21 -33.51 -39.45
N ASP J 492 34.09 -34.14 -40.22
CA ASP J 492 34.16 -35.61 -40.35
C ASP J 492 34.58 -36.15 -38.99
N GLY J 493 33.88 -37.15 -38.50
CA GLY J 493 34.32 -37.93 -37.32
C GLY J 493 35.81 -38.20 -37.40
N MET J 494 36.27 -38.71 -38.54
CA MET J 494 37.68 -39.14 -38.62
C MET J 494 38.58 -38.00 -38.12
N THR J 495 38.17 -36.76 -38.35
CA THR J 495 38.96 -35.57 -37.97
C THR J 495 39.09 -35.55 -36.44
N ALA J 496 37.98 -35.85 -35.77
CA ALA J 496 37.85 -35.81 -34.29
C ALA J 496 38.78 -36.86 -33.72
N ASP J 497 38.76 -38.05 -34.31
CA ASP J 497 39.61 -39.18 -33.87
C ASP J 497 41.02 -38.63 -33.72
N GLY J 498 41.49 -37.96 -34.77
CA GLY J 498 42.87 -37.47 -34.75
C GLY J 498 43.01 -36.45 -33.65
N ILE J 499 42.24 -35.37 -33.74
CA ILE J 499 42.39 -34.26 -32.79
C ILE J 499 42.52 -34.94 -31.44
N THR J 500 41.58 -35.84 -31.17
CA THR J 500 41.36 -36.40 -29.83
C THR J 500 42.52 -37.32 -29.56
N GLN J 501 42.59 -38.37 -30.34
CA GLN J 501 43.69 -39.34 -30.20
C GLN J 501 44.97 -38.57 -29.88
N ARG J 502 45.49 -37.84 -30.85
CA ARG J 502 46.80 -37.17 -30.73
C ARG J 502 46.92 -36.76 -29.27
N LYS J 503 45.90 -36.09 -28.75
CA LYS J 503 45.89 -35.48 -27.38
C LYS J 503 45.99 -36.58 -26.35
N TYR J 504 45.03 -37.48 -26.40
CA TYR J 504 44.88 -38.63 -25.48
C TYR J 504 46.19 -39.42 -25.50
N ASN J 505 46.62 -39.73 -26.71
CA ASN J 505 47.82 -40.54 -26.99
C ASN J 505 49.07 -39.85 -26.44
N TYR J 506 49.11 -38.50 -26.35
CA TYR J 506 50.18 -37.63 -25.78
C TYR J 506 50.19 -37.77 -24.27
N ILE J 507 49.03 -37.63 -23.64
CA ILE J 507 48.95 -37.85 -22.19
C ILE J 507 49.43 -39.27 -21.93
N ARG J 508 48.83 -40.23 -22.60
CA ARG J 508 49.23 -41.62 -22.34
C ARG J 508 50.74 -41.70 -22.44
N ALA J 509 51.35 -41.03 -23.39
CA ALA J 509 52.82 -41.17 -23.49
C ALA J 509 53.39 -40.66 -22.17
N GLU J 510 52.99 -39.48 -21.75
CA GLU J 510 53.58 -38.88 -20.54
C GLU J 510 53.43 -39.92 -19.44
N GLN J 511 52.24 -40.47 -19.30
CA GLN J 511 51.95 -41.21 -18.08
C GLN J 511 52.72 -42.51 -18.11
N LEU J 512 52.89 -43.08 -19.29
CA LEU J 512 53.64 -44.35 -19.41
C LEU J 512 55.04 -44.00 -19.02
N TYR J 513 55.36 -42.76 -19.29
CA TYR J 513 56.74 -42.43 -18.94
C TYR J 513 56.85 -42.58 -17.43
N LYS J 514 55.95 -41.92 -16.74
CA LYS J 514 56.06 -41.80 -15.28
C LYS J 514 55.99 -43.21 -14.73
N ALA J 515 55.59 -44.14 -15.56
CA ALA J 515 55.64 -45.54 -15.11
C ALA J 515 57.04 -46.11 -15.32
N GLU J 516 57.84 -45.51 -16.18
CA GLU J 516 59.17 -46.11 -16.40
C GLU J 516 60.04 -45.72 -15.22
N GLN J 517 59.83 -44.48 -14.79
CA GLN J 517 60.42 -43.86 -13.59
C GLN J 517 59.32 -43.78 -12.53
N GLY J 518 59.01 -44.92 -11.91
CA GLY J 518 57.75 -45.21 -11.21
C GLY J 518 57.60 -44.45 -9.92
N LEU J 519 56.36 -44.23 -9.52
CA LEU J 519 56.05 -43.88 -8.13
C LEU J 519 57.18 -44.35 -7.22
N LYS J 520 57.73 -43.37 -6.51
CA LYS J 520 59.16 -43.37 -6.17
C LYS J 520 59.37 -44.54 -5.21
N LEU J 521 58.57 -44.59 -4.16
CA LEU J 521 58.82 -45.63 -3.14
C LEU J 521 57.81 -46.78 -3.23
N MET J 522 56.71 -46.60 -3.96
CA MET J 522 55.67 -47.65 -4.14
C MET J 522 56.09 -48.70 -5.18
N ASP J 523 55.25 -49.73 -5.36
CA ASP J 523 55.36 -50.66 -6.51
C ASP J 523 54.90 -49.95 -7.76
N ASP J 524 55.67 -50.08 -8.83
CA ASP J 524 55.54 -49.25 -10.05
C ASP J 524 54.14 -49.41 -10.65
N GLY J 525 53.36 -50.40 -10.20
CA GLY J 525 52.07 -50.78 -10.80
C GLY J 525 50.94 -49.84 -10.44
N HIS J 526 51.12 -48.96 -9.46
CA HIS J 526 49.94 -48.26 -8.91
C HIS J 526 49.73 -46.96 -9.65
N ILE J 527 50.66 -46.60 -10.53
CA ILE J 527 50.65 -45.26 -11.16
C ILE J 527 49.61 -45.29 -12.26
N PRO J 528 48.60 -44.42 -12.18
CA PRO J 528 47.52 -44.44 -13.15
C PRO J 528 48.10 -44.13 -14.54
N VAL J 529 47.67 -44.94 -15.49
CA VAL J 529 48.09 -44.89 -16.90
C VAL J 529 46.82 -45.05 -17.71
N LEU J 530 46.61 -44.18 -18.67
CA LEU J 530 45.48 -44.35 -19.59
C LEU J 530 45.69 -45.63 -20.35
N PRO J 531 44.62 -46.32 -20.67
CA PRO J 531 44.73 -47.50 -21.53
C PRO J 531 45.04 -47.12 -22.99
N LYS J 532 45.48 -48.09 -23.78
CA LYS J 532 45.73 -47.84 -25.23
C LYS J 532 44.42 -47.39 -25.85
N PHE J 533 44.46 -46.35 -26.66
CA PHE J 533 43.27 -45.59 -27.12
C PHE J 533 42.20 -46.50 -27.76
N GLY J 534 41.01 -46.49 -27.17
CA GLY J 534 39.88 -47.36 -27.57
C GLY J 534 40.03 -48.81 -27.13
N GLU J 535 40.93 -49.16 -26.18
CA GLU J 535 41.03 -50.53 -25.62
C GLU J 535 40.24 -50.63 -24.32
N ASP J 536 39.76 -49.50 -23.83
CA ASP J 536 39.05 -49.56 -22.53
C ASP J 536 40.05 -50.09 -21.47
N LYS J 537 39.62 -50.46 -20.28
CA LYS J 537 40.61 -50.65 -19.18
C LYS J 537 41.25 -52.02 -19.35
N ARG J 538 42.49 -52.20 -18.92
CA ARG J 538 43.00 -53.57 -18.62
C ARG J 538 43.25 -53.73 -17.11
N HIS J 539 42.75 -54.80 -16.42
CA HIS J 539 43.02 -55.07 -14.98
C HIS J 539 44.50 -54.97 -14.73
N PRO J 540 44.88 -54.38 -13.57
CA PRO J 540 46.21 -54.59 -13.02
C PRO J 540 46.61 -56.05 -13.24
N ALA J 541 47.93 -56.28 -13.41
CA ALA J 541 48.51 -57.60 -13.73
C ALA J 541 48.18 -58.60 -12.62
N GLU J 542 48.51 -58.26 -11.38
CA GLU J 542 48.34 -59.23 -10.27
C GLU J 542 46.93 -59.82 -10.34
N ILE J 543 45.93 -58.95 -10.46
CA ILE J 543 44.49 -59.36 -10.45
C ILE J 543 44.25 -60.18 -11.70
N GLN J 544 44.82 -59.77 -12.82
CA GLN J 544 44.62 -60.49 -14.10
C GLN J 544 45.22 -61.87 -13.92
N ALA J 545 46.38 -61.93 -13.27
CA ALA J 545 47.08 -63.21 -13.02
C ALA J 545 46.19 -64.09 -12.15
N PHE J 546 45.57 -63.48 -11.13
CA PHE J 546 44.68 -64.18 -10.17
C PHE J 546 43.49 -64.73 -10.96
N ILE J 547 42.94 -63.91 -11.86
CA ILE J 547 41.63 -64.20 -12.48
C ILE J 547 41.75 -65.47 -13.32
N ASP J 548 42.86 -65.58 -14.06
CA ASP J 548 43.11 -66.70 -14.99
C ASP J 548 43.29 -67.97 -14.15
N GLN J 549 44.07 -67.81 -13.08
CA GLN J 549 44.37 -68.90 -12.13
C GLN J 549 43.02 -69.47 -11.67
N MET J 550 42.09 -68.59 -11.31
CA MET J 550 40.72 -68.96 -10.90
C MET J 550 40.07 -69.70 -12.08
N GLU J 551 40.19 -69.13 -13.28
CA GLU J 551 39.62 -69.69 -14.52
C GLU J 551 40.18 -71.10 -14.74
N GLN J 552 41.50 -71.24 -14.59
CA GLN J 552 42.24 -72.52 -14.77
C GLN J 552 41.67 -73.56 -13.79
N GLN J 553 41.47 -73.14 -12.53
CA GLN J 553 40.93 -74.00 -11.43
C GLN J 553 39.53 -74.51 -11.81
N ASP K 1 -50.95 -52.45 -83.24
CA ASP K 1 -52.21 -51.70 -82.95
C ASP K 1 -52.66 -51.92 -81.51
N ASN K 2 -51.86 -52.60 -80.69
CA ASN K 2 -52.21 -52.87 -79.26
C ASN K 2 -52.31 -51.53 -78.53
N VAL K 3 -53.09 -51.51 -77.44
CA VAL K 3 -53.21 -50.32 -76.56
C VAL K 3 -52.42 -50.59 -75.27
N ILE K 4 -51.33 -49.84 -75.11
CA ILE K 4 -50.47 -49.86 -73.90
C ILE K 4 -50.12 -48.41 -73.51
N THR K 5 -49.77 -48.20 -72.25
CA THR K 5 -49.31 -46.91 -71.72
C THR K 5 -47.78 -46.91 -71.66
N ARG K 6 -47.15 -45.79 -72.03
CA ARG K 6 -45.67 -45.67 -71.96
C ARG K 6 -45.31 -44.50 -71.04
N VAL K 7 -44.42 -44.76 -70.08
CA VAL K 7 -43.97 -43.77 -69.06
C VAL K 7 -42.49 -43.47 -69.33
N VAL K 8 -42.20 -42.28 -69.84
CA VAL K 8 -40.83 -41.86 -70.26
C VAL K 8 -40.59 -40.43 -69.77
N ALA K 9 -39.32 -40.05 -69.62
CA ALA K 9 -38.93 -38.77 -68.98
C ALA K 9 -38.52 -37.73 -70.03
N VAL K 10 -38.83 -36.47 -69.75
CA VAL K 10 -38.08 -35.32 -70.28
C VAL K 10 -37.60 -34.49 -69.09
N ARG K 11 -36.31 -34.62 -68.80
CA ARG K 11 -35.65 -34.04 -67.61
C ARG K 11 -35.53 -32.52 -67.77
N ASN K 12 -35.48 -32.01 -69.02
CA ASN K 12 -34.88 -30.69 -69.39
C ASN K 12 -35.83 -29.53 -69.06
N VAL K 13 -37.07 -29.58 -69.53
CA VAL K 13 -38.11 -28.56 -69.19
C VAL K 13 -39.46 -29.25 -69.08
N SER K 14 -40.38 -28.64 -68.31
CA SER K 14 -41.74 -29.14 -68.06
C SER K 14 -42.40 -29.53 -69.39
N VAL K 15 -43.03 -30.70 -69.42
CA VAL K 15 -43.50 -31.36 -70.67
C VAL K 15 -44.91 -30.86 -71.02
N ARG K 16 -45.52 -30.04 -70.14
CA ARG K 16 -46.79 -29.31 -70.46
C ARG K 16 -46.59 -28.53 -71.77
N GLU K 17 -45.35 -28.12 -72.03
CA GLU K 17 -44.93 -27.39 -73.25
C GLU K 17 -45.35 -28.17 -74.51
N LEU K 18 -45.50 -29.49 -74.43
CA LEU K 18 -45.81 -30.34 -75.61
C LEU K 18 -47.29 -30.72 -75.69
N SER K 19 -48.15 -30.20 -74.79
CA SER K 19 -49.57 -30.65 -74.71
C SER K 19 -50.29 -30.45 -76.04
N PRO K 20 -50.17 -29.29 -76.75
CA PRO K 20 -50.97 -29.09 -77.97
C PRO K 20 -50.55 -30.01 -79.13
N LEU K 21 -49.24 -30.19 -79.33
CA LEU K 21 -48.67 -30.92 -80.50
C LEU K 21 -48.82 -32.43 -80.25
N LEU K 22 -48.71 -32.86 -79.00
CA LEU K 22 -48.93 -34.28 -78.61
C LEU K 22 -50.41 -34.61 -78.80
N ARG K 23 -51.34 -33.75 -78.37
CA ARG K 23 -52.78 -33.93 -78.67
C ARG K 23 -53.01 -33.79 -80.18
N GLN K 24 -52.02 -33.27 -80.92
CA GLN K 24 -52.07 -33.30 -82.40
C GLN K 24 -51.93 -34.77 -82.87
N LEU K 25 -51.03 -35.54 -82.26
CA LEU K 25 -50.90 -37.00 -82.53
C LEU K 25 -52.04 -37.76 -81.83
N ILE K 26 -52.70 -37.16 -80.84
CA ILE K 26 -53.94 -37.75 -80.27
C ILE K 26 -55.10 -37.44 -81.22
N ASP K 27 -54.98 -36.34 -81.98
CA ASP K 27 -55.91 -35.98 -83.08
C ASP K 27 -55.49 -36.68 -84.38
N ASN K 28 -54.20 -36.69 -84.73
CA ASN K 28 -53.67 -37.18 -86.04
C ASN K 28 -54.25 -38.57 -86.36
N ALA K 29 -54.48 -39.40 -85.34
CA ALA K 29 -55.09 -40.75 -85.49
C ALA K 29 -56.15 -40.94 -84.39
N GLY K 30 -56.63 -42.19 -84.22
CA GLY K 30 -57.72 -42.55 -83.30
C GLY K 30 -57.41 -42.19 -81.85
N ALA K 31 -58.45 -41.88 -81.07
CA ALA K 31 -58.35 -41.54 -79.64
C ALA K 31 -58.63 -42.79 -78.79
N GLY K 32 -58.80 -42.61 -77.49
CA GLY K 32 -58.54 -43.64 -76.45
C GLY K 32 -57.18 -43.40 -75.80
N ASN K 33 -56.39 -42.50 -76.39
CA ASN K 33 -55.09 -42.04 -75.82
C ASN K 33 -55.32 -41.28 -74.52
N VAL K 34 -54.29 -41.21 -73.70
CA VAL K 34 -54.02 -40.05 -72.80
C VAL K 34 -52.56 -39.68 -72.98
N VAL K 35 -52.22 -38.40 -72.80
CA VAL K 35 -50.83 -38.01 -72.47
C VAL K 35 -50.87 -37.05 -71.30
N HIS K 36 -50.45 -37.52 -70.13
CA HIS K 36 -50.56 -36.76 -68.86
C HIS K 36 -49.16 -36.43 -68.35
N TYR K 37 -48.95 -35.17 -68.02
CA TYR K 37 -47.61 -34.58 -67.76
C TYR K 37 -47.48 -34.33 -66.26
N ASP K 38 -46.75 -35.18 -65.56
CA ASP K 38 -46.72 -35.11 -64.09
C ASP K 38 -45.76 -34.00 -63.66
N PRO K 39 -46.25 -33.04 -62.84
CA PRO K 39 -45.38 -31.98 -62.31
C PRO K 39 -44.16 -32.47 -61.53
N ALA K 40 -44.11 -33.77 -61.19
CA ALA K 40 -42.88 -34.46 -60.72
C ALA K 40 -41.86 -34.56 -61.86
N ASN K 41 -42.29 -34.22 -63.09
CA ASN K 41 -41.47 -34.28 -64.34
C ASN K 41 -41.12 -35.73 -64.66
N ILE K 42 -42.13 -36.54 -65.00
CA ILE K 42 -42.05 -37.73 -65.90
C ILE K 42 -43.21 -37.60 -66.89
N ILE K 43 -43.48 -38.64 -67.68
CA ILE K 43 -44.39 -38.52 -68.85
C ILE K 43 -45.25 -39.78 -68.97
N LEU K 44 -46.55 -39.58 -69.20
CA LEU K 44 -47.53 -40.67 -69.43
C LEU K 44 -48.11 -40.55 -70.86
N ILE K 45 -48.07 -41.66 -71.60
CA ILE K 45 -48.97 -41.91 -72.76
C ILE K 45 -49.79 -43.16 -72.49
N THR K 46 -50.96 -43.25 -73.12
CA THR K 46 -51.77 -44.50 -73.18
C THR K 46 -52.45 -44.56 -74.55
N GLY K 47 -52.47 -45.75 -75.16
CA GLY K 47 -53.12 -45.97 -76.47
C GLY K 47 -52.33 -46.91 -77.37
N ARG K 48 -52.54 -46.77 -78.68
CA ARG K 48 -51.91 -47.64 -79.71
C ARG K 48 -50.39 -47.45 -79.71
N ALA K 49 -49.67 -48.56 -79.57
CA ALA K 49 -48.21 -48.63 -79.42
C ALA K 49 -47.54 -47.81 -80.53
N ALA K 50 -48.15 -47.72 -81.71
CA ALA K 50 -47.63 -46.95 -82.86
C ALA K 50 -47.68 -45.44 -82.53
N VAL K 51 -48.88 -44.95 -82.24
CA VAL K 51 -49.11 -43.50 -82.02
C VAL K 51 -48.54 -43.12 -80.65
N VAL K 52 -48.56 -44.05 -79.70
CA VAL K 52 -47.86 -43.89 -78.40
C VAL K 52 -46.35 -43.85 -78.65
N ASN K 53 -45.90 -44.56 -79.68
CA ASN K 53 -44.46 -44.62 -80.08
C ASN K 53 -44.06 -43.27 -80.66
N ARG K 54 -44.90 -42.73 -81.55
CA ARG K 54 -44.65 -41.41 -82.20
C ARG K 54 -44.73 -40.33 -81.14
N LEU K 55 -45.69 -40.46 -80.21
CA LEU K 55 -45.89 -39.49 -79.11
C LEU K 55 -44.64 -39.52 -78.20
N ALA K 56 -44.07 -40.71 -77.98
CA ALA K 56 -42.89 -40.88 -77.11
C ALA K 56 -41.65 -40.39 -77.86
N GLU K 57 -41.75 -40.24 -79.18
CA GLU K 57 -40.63 -39.84 -80.06
C GLU K 57 -40.52 -38.31 -80.07
N ILE K 58 -41.64 -37.58 -80.17
CA ILE K 58 -41.67 -36.11 -79.90
C ILE K 58 -41.23 -35.92 -78.46
N ILE K 59 -41.90 -36.63 -77.54
CA ILE K 59 -41.62 -36.59 -76.08
C ILE K 59 -40.13 -36.86 -75.85
N LYS K 60 -39.62 -38.03 -76.23
CA LYS K 60 -38.18 -38.35 -76.08
C LYS K 60 -37.36 -37.38 -76.93
N ARG K 61 -38.00 -36.64 -77.83
CA ARG K 61 -37.28 -35.66 -78.69
C ARG K 61 -37.12 -34.37 -77.90
N VAL K 62 -37.86 -34.23 -76.80
CA VAL K 62 -37.59 -33.16 -75.81
C VAL K 62 -36.84 -33.75 -74.60
N ASP K 63 -36.85 -35.08 -74.44
CA ASP K 63 -35.97 -35.76 -73.45
C ASP K 63 -34.51 -35.58 -73.88
N GLN K 64 -34.11 -36.29 -74.94
CA GLN K 64 -32.72 -36.26 -75.48
C GLN K 64 -32.35 -34.83 -75.83
N ALA K 65 -33.35 -33.95 -75.97
CA ALA K 65 -33.15 -32.54 -76.37
C ALA K 65 -32.37 -31.81 -75.27
N GLY K 66 -32.68 -32.10 -74.01
CA GLY K 66 -32.01 -31.46 -72.85
C GLY K 66 -31.79 -32.46 -71.73
N ASN K 67 -31.05 -33.54 -71.98
CA ASN K 67 -30.77 -34.55 -70.93
C ASN K 67 -29.76 -33.96 -69.94
N ARG K 68 -29.75 -34.48 -68.71
CA ARG K 68 -28.87 -33.96 -67.64
C ARG K 68 -28.41 -35.12 -66.75
N GLU K 69 -27.11 -35.37 -66.73
CA GLU K 69 -26.49 -36.40 -65.87
C GLU K 69 -25.56 -35.73 -64.84
N ILE K 70 -24.72 -36.52 -64.19
CA ILE K 70 -23.75 -36.00 -63.19
C ILE K 70 -22.44 -36.79 -63.28
N GLU K 71 -21.37 -36.17 -62.81
CA GLU K 71 -20.02 -36.81 -62.78
C GLU K 71 -19.45 -36.66 -61.38
N VAL K 72 -18.50 -37.53 -61.06
CA VAL K 72 -17.70 -37.46 -59.80
C VAL K 72 -16.25 -37.79 -60.16
N VAL K 73 -15.37 -36.79 -60.10
CA VAL K 73 -13.97 -36.96 -60.57
C VAL K 73 -13.02 -36.34 -59.56
N GLU K 74 -11.90 -37.03 -59.33
CA GLU K 74 -10.89 -36.66 -58.29
C GLU K 74 -10.20 -35.39 -58.71
N LEU K 75 -10.07 -34.49 -57.73
CA LEU K 75 -9.10 -33.38 -57.79
C LEU K 75 -8.05 -33.62 -56.71
N GLY K 76 -6.96 -34.32 -57.06
CA GLY K 76 -5.90 -34.69 -56.11
C GLY K 76 -5.26 -33.46 -55.48
N ASN K 77 -5.44 -32.30 -56.11
CA ASN K 77 -4.54 -31.13 -55.89
C ASN K 77 -5.38 -29.89 -55.58
N ALA K 78 -5.94 -29.26 -56.62
CA ALA K 78 -6.62 -27.95 -56.53
C ALA K 78 -7.82 -28.07 -55.60
N SER K 79 -7.98 -27.11 -54.69
CA SER K 79 -9.15 -27.13 -53.76
C SER K 79 -10.44 -27.13 -54.58
N ALA K 80 -11.26 -28.14 -54.38
CA ALA K 80 -12.58 -28.24 -55.03
C ALA K 80 -13.27 -26.88 -54.90
N ALA K 81 -13.55 -26.46 -53.67
CA ALA K 81 -14.27 -25.20 -53.39
C ALA K 81 -13.65 -24.09 -54.26
N GLU K 82 -12.35 -24.14 -54.48
CA GLU K 82 -11.71 -23.19 -55.42
C GLU K 82 -12.18 -23.53 -56.82
N MET K 83 -12.07 -24.79 -57.25
CA MET K 83 -12.50 -25.17 -58.61
C MET K 83 -13.93 -24.65 -58.81
N VAL K 84 -14.77 -24.88 -57.81
CA VAL K 84 -16.14 -24.31 -57.72
C VAL K 84 -16.05 -22.82 -58.04
N ARG K 85 -15.43 -22.04 -57.15
CA ARG K 85 -15.43 -20.56 -57.27
C ARG K 85 -15.05 -20.19 -58.70
N ILE K 86 -14.00 -20.84 -59.20
CA ILE K 86 -13.28 -20.34 -60.40
C ILE K 86 -14.06 -20.78 -61.64
N VAL K 87 -14.96 -21.73 -61.47
CA VAL K 87 -15.96 -22.02 -62.53
C VAL K 87 -17.19 -21.16 -62.29
N ASP K 88 -17.40 -20.69 -61.06
CA ASP K 88 -18.66 -19.99 -60.70
C ASP K 88 -18.81 -18.76 -61.60
N ALA K 89 -17.69 -18.10 -61.85
CA ALA K 89 -17.57 -16.97 -62.80
C ALA K 89 -18.20 -17.37 -64.15
N LEU K 90 -18.09 -18.65 -64.51
CA LEU K 90 -18.63 -19.15 -65.80
C LEU K 90 -20.15 -19.22 -65.70
N ASN K 91 -20.84 -18.80 -66.76
CA ASN K 91 -22.30 -18.52 -66.69
C ASN K 91 -22.98 -19.14 -67.91
N LYS K 106 -24.12 -27.15 -62.43
CA LYS K 106 -23.34 -26.53 -61.32
C LYS K 106 -22.29 -27.53 -60.82
N LEU K 107 -21.85 -27.40 -59.57
CA LEU K 107 -20.52 -27.90 -59.12
C LEU K 107 -20.57 -28.38 -57.69
N VAL K 108 -19.84 -29.45 -57.40
CA VAL K 108 -19.53 -29.89 -56.02
C VAL K 108 -18.12 -30.47 -56.01
N ALA K 109 -17.69 -30.94 -54.83
CA ALA K 109 -16.57 -31.88 -54.67
C ALA K 109 -16.57 -32.46 -53.25
N ASP K 110 -15.64 -33.36 -52.96
CA ASP K 110 -15.36 -33.78 -51.57
C ASP K 110 -13.85 -33.75 -51.33
N GLU K 111 -13.44 -33.23 -50.18
CA GLU K 111 -12.04 -33.29 -49.78
C GLU K 111 -11.80 -34.45 -48.79
N ARG K 112 -12.79 -35.31 -48.51
CA ARG K 112 -12.46 -36.68 -48.01
C ARG K 112 -11.73 -37.38 -49.15
N THR K 113 -12.35 -37.36 -50.33
CA THR K 113 -11.86 -37.97 -51.58
C THR K 113 -10.98 -36.97 -52.32
N ASN K 114 -11.28 -35.68 -52.21
CA ASN K 114 -10.75 -34.64 -53.12
C ASN K 114 -11.18 -34.99 -54.56
N SER K 115 -12.48 -34.85 -54.82
CA SER K 115 -13.11 -35.26 -56.10
C SER K 115 -14.16 -34.23 -56.49
N ILE K 116 -14.07 -33.73 -57.72
CA ILE K 116 -15.12 -32.86 -58.32
C ILE K 116 -16.36 -33.72 -58.49
N LEU K 117 -17.48 -33.18 -58.01
CA LEU K 117 -18.81 -33.68 -58.37
C LEU K 117 -19.43 -32.65 -59.30
N ILE K 118 -20.30 -33.09 -60.17
CA ILE K 118 -21.00 -32.12 -61.06
C ILE K 118 -22.51 -32.28 -60.89
N SER K 119 -23.22 -31.19 -61.13
CA SER K 119 -24.69 -31.20 -61.36
C SER K 119 -24.98 -30.48 -62.68
N GLY K 120 -25.31 -31.24 -63.72
CA GLY K 120 -25.81 -30.66 -64.98
C GLY K 120 -25.42 -31.50 -66.17
N ASP K 121 -25.25 -30.83 -67.32
CA ASP K 121 -25.39 -31.41 -68.68
C ASP K 121 -24.34 -32.50 -68.89
N PRO K 122 -24.60 -33.47 -69.78
CA PRO K 122 -23.53 -34.19 -70.45
C PRO K 122 -22.72 -33.32 -71.43
N LYS K 123 -23.19 -32.11 -71.72
CA LYS K 123 -22.30 -31.03 -72.22
C LYS K 123 -21.49 -30.49 -71.05
N VAL K 124 -22.11 -30.32 -69.89
CA VAL K 124 -21.39 -29.97 -68.63
C VAL K 124 -20.48 -31.16 -68.28
N ARG K 125 -20.83 -32.36 -68.74
CA ARG K 125 -19.97 -33.55 -68.49
C ARG K 125 -18.79 -33.53 -69.46
N ASP K 126 -19.00 -33.12 -70.71
CA ASP K 126 -17.88 -32.99 -71.69
C ASP K 126 -16.93 -31.88 -71.20
N ARG K 127 -17.43 -30.66 -71.09
CA ARG K 127 -16.58 -29.48 -70.81
C ARG K 127 -16.06 -29.57 -69.38
N LEU K 128 -16.81 -30.17 -68.46
CA LEU K 128 -16.30 -30.18 -67.07
C LEU K 128 -15.60 -31.50 -66.75
N LYS K 129 -15.55 -32.44 -67.68
CA LYS K 129 -14.42 -33.40 -67.63
C LYS K 129 -13.19 -32.72 -68.25
N ARG K 130 -13.41 -31.84 -69.21
CA ARG K 130 -12.29 -30.99 -69.71
C ARG K 130 -11.66 -30.26 -68.52
N LEU K 131 -12.47 -29.68 -67.64
CA LEU K 131 -11.92 -28.85 -66.52
C LEU K 131 -11.62 -29.74 -65.32
N ILE K 132 -12.21 -30.93 -65.26
CA ILE K 132 -11.66 -32.01 -64.40
C ILE K 132 -10.16 -32.11 -64.71
N ARG K 133 -9.82 -32.18 -66.00
CA ARG K 133 -8.45 -32.46 -66.44
C ARG K 133 -7.63 -31.18 -66.36
N GLN K 134 -8.25 -30.04 -66.68
CA GLN K 134 -7.48 -28.79 -66.92
C GLN K 134 -6.67 -28.46 -65.66
N LEU K 135 -7.30 -28.31 -64.51
CA LEU K 135 -6.52 -27.96 -63.29
C LEU K 135 -6.43 -29.20 -62.40
N ASP K 136 -5.64 -30.15 -62.87
CA ASP K 136 -5.20 -31.32 -62.06
C ASP K 136 -3.69 -31.27 -61.83
N VAL K 137 -2.95 -30.52 -62.65
CA VAL K 137 -1.51 -30.75 -63.01
C VAL K 137 -0.58 -30.55 -61.81
N GLU K 138 0.71 -30.29 -62.09
CA GLU K 138 1.76 -29.97 -61.10
C GLU K 138 1.29 -28.87 -60.14
N MET K 139 1.85 -28.85 -58.93
CA MET K 139 1.56 -27.82 -57.91
C MET K 139 2.57 -26.68 -58.06
N ALA K 140 3.60 -26.89 -58.89
CA ALA K 140 4.58 -25.88 -59.35
C ALA K 140 5.53 -25.48 -58.21
N SER K 141 5.64 -26.31 -57.17
CA SER K 141 6.67 -26.20 -56.10
C SER K 141 6.81 -24.75 -55.63
N LYS K 142 5.77 -24.24 -54.96
CA LYS K 142 5.61 -22.81 -54.59
C LYS K 142 6.88 -22.35 -53.86
N GLY K 143 7.51 -23.28 -53.13
CA GLY K 143 8.63 -22.93 -52.23
C GLY K 143 8.28 -21.70 -51.40
N ASN K 144 7.02 -21.62 -50.96
CA ASN K 144 6.45 -20.48 -50.17
C ASN K 144 7.48 -20.04 -49.12
N ASN K 145 8.13 -21.03 -48.52
CA ASN K 145 9.18 -20.80 -47.49
C ASN K 145 10.50 -21.44 -47.93
N ARG K 146 11.62 -20.82 -47.54
CA ARG K 146 13.00 -21.27 -47.79
C ARG K 146 13.78 -21.13 -46.48
N VAL K 147 14.90 -21.82 -46.38
CA VAL K 147 15.76 -21.68 -45.17
C VAL K 147 17.16 -21.40 -45.69
N VAL K 148 17.55 -20.14 -45.60
CA VAL K 148 18.84 -19.63 -46.15
C VAL K 148 19.91 -19.76 -45.08
N TYR K 149 20.95 -20.47 -45.45
CA TYR K 149 22.10 -20.76 -44.58
C TYR K 149 23.04 -19.58 -44.72
N LEU K 150 23.02 -18.70 -43.72
CA LEU K 150 23.95 -17.54 -43.63
C LEU K 150 25.40 -17.99 -43.77
N LYS K 151 26.10 -17.38 -44.71
CA LYS K 151 27.55 -17.56 -44.98
C LYS K 151 28.40 -16.86 -43.92
N TYR K 152 28.32 -15.56 -43.72
CA TYR K 152 29.16 -15.09 -42.61
C TYR K 152 28.37 -14.29 -41.62
N ALA K 153 27.14 -14.62 -41.32
CA ALA K 153 26.62 -13.66 -40.35
C ALA K 153 25.84 -14.33 -39.23
N LYS K 154 25.79 -13.67 -38.09
CA LYS K 154 24.96 -14.32 -37.06
C LYS K 154 23.51 -14.05 -37.44
N ALA K 155 22.77 -15.12 -37.51
CA ALA K 155 21.39 -15.01 -38.00
C ALA K 155 20.51 -14.55 -36.85
N GLU K 156 21.00 -14.74 -35.63
CA GLU K 156 20.22 -14.40 -34.44
C GLU K 156 19.94 -12.89 -34.50
N ASP K 157 20.76 -12.18 -35.27
CA ASP K 157 20.80 -10.69 -35.25
C ASP K 157 20.27 -10.16 -36.58
N LEU K 158 20.51 -10.90 -37.62
CA LEU K 158 19.99 -10.55 -38.95
C LEU K 158 18.45 -10.58 -38.96
N VAL K 159 17.82 -11.53 -38.28
CA VAL K 159 16.32 -11.62 -38.23
C VAL K 159 15.74 -10.31 -37.71
N ASP K 160 16.45 -9.67 -36.80
CA ASP K 160 16.03 -8.36 -36.23
C ASP K 160 15.87 -7.34 -37.37
N VAL K 161 16.83 -7.31 -38.26
CA VAL K 161 16.89 -6.31 -39.35
C VAL K 161 15.87 -6.67 -40.39
N LEU K 162 15.60 -7.95 -40.55
CA LEU K 162 14.74 -8.28 -41.70
C LEU K 162 13.30 -8.11 -41.27
N LYS K 163 13.05 -7.88 -39.99
CA LYS K 163 11.68 -7.69 -39.46
C LYS K 163 11.05 -6.47 -40.16
N GLY K 164 11.82 -5.42 -40.36
CA GLY K 164 11.33 -4.15 -40.93
C GLY K 164 11.17 -4.24 -42.44
N VAL K 165 12.04 -4.99 -43.08
CA VAL K 165 12.01 -5.24 -44.55
C VAL K 165 10.85 -6.18 -44.77
N SER K 166 10.59 -6.97 -43.75
CA SER K 166 9.66 -8.07 -43.98
C SER K 166 8.24 -7.50 -44.02
N ASP K 167 7.72 -7.11 -42.87
CA ASP K 167 6.35 -6.58 -42.72
C ASP K 167 6.14 -5.42 -43.69
N ASN K 168 7.04 -4.44 -43.64
CA ASN K 168 6.92 -3.19 -44.44
C ASN K 168 6.76 -3.59 -45.91
N LEU K 169 7.63 -4.46 -46.42
CA LEU K 169 7.63 -4.83 -47.86
C LEU K 169 6.24 -5.37 -48.21
N GLN K 170 5.71 -6.28 -47.39
CA GLN K 170 4.40 -6.95 -47.59
C GLN K 170 3.31 -5.89 -47.76
N ALA K 171 3.29 -4.87 -46.90
CA ALA K 171 2.32 -3.74 -46.97
C ALA K 171 2.48 -2.96 -48.28
N VAL K 187 4.71 -12.64 -44.13
CA VAL K 187 6.20 -12.57 -44.00
C VAL K 187 6.59 -12.89 -42.55
N VAL K 188 7.05 -14.11 -42.28
CA VAL K 188 7.68 -14.39 -40.96
C VAL K 188 9.10 -14.92 -41.16
N ILE K 189 10.07 -14.13 -40.71
CA ILE K 189 11.52 -14.46 -40.75
C ILE K 189 11.89 -14.99 -39.38
N ALA K 190 12.45 -16.19 -39.33
CA ALA K 190 12.81 -16.75 -38.02
C ALA K 190 14.22 -17.32 -38.10
N ALA K 191 15.05 -17.03 -37.12
CA ALA K 191 16.46 -17.44 -37.23
C ALA K 191 16.65 -18.67 -36.37
N HIS K 192 17.04 -19.78 -36.98
CA HIS K 192 17.33 -21.03 -36.24
C HIS K 192 18.78 -21.01 -35.78
N GLN K 193 19.00 -20.70 -34.50
CA GLN K 193 20.35 -20.49 -33.90
C GLN K 193 21.29 -21.54 -34.43
N GLY K 194 21.01 -22.78 -34.00
CA GLY K 194 21.81 -23.98 -34.28
C GLY K 194 22.66 -23.81 -35.53
N THR K 195 22.05 -23.67 -36.69
CA THR K 195 22.72 -23.88 -38.00
C THR K 195 23.15 -22.53 -38.56
N ASN K 196 22.94 -21.49 -37.75
CA ASN K 196 23.11 -20.08 -38.14
C ASN K 196 22.44 -19.94 -39.50
N SER K 197 21.20 -20.40 -39.56
CA SER K 197 20.36 -20.35 -40.77
C SER K 197 19.06 -19.75 -40.36
N LEU K 198 18.70 -18.65 -41.01
CA LEU K 198 17.38 -18.08 -40.68
C LEU K 198 16.40 -18.55 -41.72
N VAL K 199 15.23 -18.91 -41.19
CA VAL K 199 14.11 -19.52 -41.93
C VAL K 199 13.15 -18.41 -42.28
N LEU K 200 12.98 -18.25 -43.59
CA LEU K 200 12.11 -17.19 -44.14
C LEU K 200 10.82 -17.85 -44.59
N THR K 201 9.69 -17.26 -44.24
CA THR K 201 8.40 -17.69 -44.84
C THR K 201 7.69 -16.44 -45.32
N ALA K 202 7.93 -16.23 -46.61
CA ALA K 202 7.69 -15.02 -47.42
C ALA K 202 6.54 -15.28 -48.41
N PRO K 203 5.83 -14.26 -48.99
CA PRO K 203 5.43 -14.29 -50.39
C PRO K 203 6.59 -14.25 -51.37
N PRO K 204 6.40 -14.68 -52.62
CA PRO K 204 7.54 -15.01 -53.47
C PRO K 204 8.38 -13.78 -53.81
N ASP K 205 7.73 -12.63 -53.95
CA ASP K 205 8.48 -11.37 -54.14
C ASP K 205 9.18 -11.00 -52.83
N ILE K 206 8.39 -10.80 -51.79
CA ILE K 206 8.98 -10.52 -50.45
C ILE K 206 10.16 -11.48 -50.23
N MET K 207 10.05 -12.71 -50.74
CA MET K 207 11.08 -13.77 -50.54
C MET K 207 12.29 -13.36 -51.36
N LEU K 208 12.11 -13.30 -52.68
CA LEU K 208 13.19 -12.81 -53.58
C LEU K 208 13.74 -11.51 -53.03
N ALA K 209 12.97 -10.73 -52.29
CA ALA K 209 13.49 -9.45 -51.75
C ALA K 209 14.38 -9.72 -50.54
N LEU K 210 13.83 -10.39 -49.53
CA LEU K 210 14.57 -10.72 -48.28
C LEU K 210 15.87 -11.40 -48.71
N GLN K 211 15.84 -12.16 -49.79
CA GLN K 211 17.02 -12.94 -50.21
C GLN K 211 18.09 -11.98 -50.71
N GLU K 212 17.68 -10.85 -51.30
CA GLU K 212 18.64 -9.90 -51.90
C GLU K 212 19.18 -9.00 -50.80
N VAL K 213 18.47 -8.94 -49.68
CA VAL K 213 18.86 -8.11 -48.51
C VAL K 213 19.86 -8.90 -47.69
N ILE K 214 19.63 -10.20 -47.57
CA ILE K 214 20.40 -11.09 -46.69
C ILE K 214 21.72 -11.35 -47.38
N THR K 215 21.72 -11.29 -48.71
CA THR K 215 22.91 -11.61 -49.50
C THR K 215 23.87 -10.43 -49.46
N GLN K 216 23.37 -9.24 -49.13
CA GLN K 216 24.20 -8.03 -49.11
C GLN K 216 24.56 -7.70 -47.66
N LEU K 217 23.84 -8.21 -46.67
CA LEU K 217 24.21 -8.03 -45.25
C LEU K 217 25.11 -9.15 -44.81
N ASP K 218 25.22 -10.14 -45.65
CA ASP K 218 25.89 -11.37 -45.25
C ASP K 218 27.31 -11.36 -45.80
N ILE K 219 27.92 -10.19 -45.90
CA ILE K 219 29.33 -10.14 -46.37
C ILE K 219 30.21 -10.48 -45.17
N ARG K 220 31.43 -10.93 -45.45
CA ARG K 220 32.42 -11.21 -44.39
C ARG K 220 32.76 -9.89 -43.72
N ARG K 221 33.13 -9.93 -42.46
CA ARG K 221 33.52 -8.67 -41.80
C ARG K 221 35.03 -8.61 -41.76
N ALA K 222 35.59 -7.48 -42.16
CA ALA K 222 37.05 -7.32 -41.99
C ALA K 222 37.33 -7.15 -40.49
N GLN K 223 38.59 -7.16 -40.12
CA GLN K 223 38.82 -7.04 -38.67
C GLN K 223 40.09 -6.25 -38.37
N VAL K 224 40.01 -5.45 -37.32
CA VAL K 224 41.10 -4.49 -37.03
C VAL K 224 41.94 -5.02 -35.86
N LEU K 225 43.23 -4.91 -35.98
CA LEU K 225 44.15 -5.15 -34.85
C LEU K 225 44.51 -3.81 -34.19
N ILE K 226 43.70 -3.40 -33.21
CA ILE K 226 43.84 -2.12 -32.50
C ILE K 226 45.04 -2.21 -31.58
N GLU K 227 46.16 -1.71 -32.03
CA GLU K 227 47.33 -1.70 -31.13
C GLU K 227 47.44 -0.29 -30.55
N ALA K 228 47.00 -0.11 -29.31
CA ALA K 228 47.29 1.12 -28.54
C ALA K 228 48.74 1.13 -28.02
N LEU K 229 49.23 2.30 -27.64
CA LEU K 229 50.67 2.47 -27.39
C LEU K 229 50.90 3.59 -26.40
N ILE K 230 50.70 3.26 -25.15
CA ILE K 230 50.67 4.22 -24.04
C ILE K 230 52.09 4.41 -23.54
N VAL K 231 52.57 5.63 -23.59
CA VAL K 231 53.99 5.89 -23.28
C VAL K 231 53.97 6.88 -22.14
N GLU K 232 54.10 6.42 -20.92
CA GLU K 232 54.19 7.29 -19.71
C GLU K 232 55.62 7.50 -19.22
N MET K 233 56.19 8.63 -19.53
CA MET K 233 57.62 8.88 -19.33
C MET K 233 57.84 10.04 -18.34
N ALA K 234 58.18 9.72 -17.10
CA ALA K 234 58.17 10.66 -15.95
C ALA K 234 59.56 10.78 -15.34
N GLU K 235 59.93 12.00 -15.00
CA GLU K 235 61.33 12.37 -14.69
C GLU K 235 61.26 13.41 -13.61
N GLY K 236 61.83 13.11 -12.45
CA GLY K 236 61.75 13.95 -11.25
C GLY K 236 63.13 14.24 -10.71
N ASP K 237 63.34 15.45 -10.22
CA ASP K 237 64.66 15.91 -9.79
C ASP K 237 64.43 16.88 -8.66
N GLY K 238 64.87 16.52 -7.47
CA GLY K 238 64.74 17.35 -6.26
C GLY K 238 66.10 17.58 -5.63
N VAL K 239 66.31 18.77 -5.15
CA VAL K 239 67.48 19.11 -4.31
C VAL K 239 67.02 19.76 -3.03
N ASN K 240 67.17 19.12 -1.89
CA ASN K 240 67.01 19.79 -0.58
C ASN K 240 68.38 20.08 0.01
N LEU K 241 68.62 21.33 0.32
CA LEU K 241 69.90 21.65 0.98
C LEU K 241 69.71 22.74 2.00
N GLY K 242 70.05 22.45 3.23
CA GLY K 242 69.60 23.40 4.24
C GLY K 242 70.19 23.10 5.56
N VAL K 243 70.75 24.11 6.16
CA VAL K 243 71.65 23.84 7.29
C VAL K 243 71.02 24.36 8.55
N GLN K 244 70.95 23.55 9.56
CA GLN K 244 70.18 24.02 10.71
C GLN K 244 71.10 24.10 11.89
N TRP K 245 71.15 25.28 12.47
CA TRP K 245 71.95 25.47 13.68
C TRP K 245 71.07 25.17 14.88
N GLY K 246 71.63 24.77 16.01
CA GLY K 246 70.83 24.55 17.23
C GLY K 246 71.65 24.48 18.50
N ASN K 247 71.13 25.07 19.55
CA ASN K 247 71.78 25.05 20.88
C ASN K 247 70.68 24.82 21.90
N LEU K 248 70.59 23.61 22.42
CA LEU K 248 69.47 23.22 23.30
C LEU K 248 69.75 23.58 24.76
N GLU K 249 71.01 23.75 25.19
CA GLU K 249 71.33 24.24 26.56
C GLU K 249 70.46 25.47 26.86
N THR K 250 70.48 26.42 25.94
CA THR K 250 69.65 27.65 25.97
C THR K 250 68.85 27.74 24.68
N GLY K 251 67.73 26.98 24.60
CA GLY K 251 66.76 26.83 23.49
C GLY K 251 66.95 27.78 22.33
N ALA K 252 67.95 27.55 21.49
CA ALA K 252 68.26 28.46 20.39
C ALA K 252 68.32 27.62 19.14
N VAL K 253 67.28 27.64 18.36
CA VAL K 253 67.36 26.83 17.14
C VAL K 253 67.32 27.76 15.95
N ILE K 254 67.97 27.36 14.89
CA ILE K 254 67.58 27.88 13.56
C ILE K 254 67.02 26.72 12.79
N GLN K 255 65.79 26.38 13.05
CA GLN K 255 65.29 25.12 12.47
C GLN K 255 64.51 25.43 11.19
N TYR K 256 64.38 24.41 10.35
CA TYR K 256 63.54 24.46 9.15
C TYR K 256 62.68 23.21 9.07
N SER K 257 61.40 23.35 8.79
CA SER K 257 60.53 22.18 8.58
C SER K 257 60.79 21.65 7.17
N ASN K 258 61.24 22.52 6.29
CA ASN K 258 61.21 22.09 4.89
C ASN K 258 62.20 20.97 4.69
N THR K 259 63.19 20.82 5.57
CA THR K 259 64.22 19.80 5.34
C THR K 259 63.76 18.52 5.98
N GLY K 260 64.27 17.37 5.54
CA GLY K 260 63.91 16.13 6.25
C GLY K 260 63.61 16.43 7.71
N THR K 261 64.65 16.58 8.51
CA THR K 261 64.39 16.55 9.97
C THR K 261 64.61 17.94 10.50
N PRO K 262 63.87 18.38 11.54
CA PRO K 262 64.17 19.63 12.22
C PRO K 262 65.04 19.54 13.47
N ILE K 263 66.04 20.40 13.58
CA ILE K 263 67.19 20.20 14.51
C ILE K 263 66.61 19.91 15.90
N GLY K 264 65.42 20.40 16.19
CA GLY K 264 64.85 20.22 17.54
C GLY K 264 64.73 18.74 17.84
N LYS K 265 63.89 18.07 17.06
CA LYS K 265 63.69 16.61 17.17
C LYS K 265 65.07 15.98 17.33
N VAL K 266 66.05 16.40 16.54
CA VAL K 266 67.35 15.68 16.46
C VAL K 266 68.10 15.92 17.76
N MET K 267 68.17 17.16 18.21
CA MET K 267 68.90 17.41 19.47
C MET K 267 68.16 16.77 20.65
N VAL K 268 66.85 16.89 20.70
CA VAL K 268 66.09 16.22 21.79
C VAL K 268 66.45 14.72 21.74
N GLY K 269 66.33 14.11 20.56
CA GLY K 269 66.57 12.67 20.34
C GLY K 269 67.95 12.31 20.82
N LEU K 270 68.91 13.17 20.54
CA LEU K 270 70.30 12.87 20.90
C LEU K 270 70.45 12.92 22.40
N GLU K 271 69.71 13.80 23.07
CA GLU K 271 69.84 13.87 24.54
C GLU K 271 69.18 12.64 25.15
N GLU K 272 68.01 12.28 24.64
CA GLU K 272 67.32 11.08 25.16
C GLU K 272 68.18 9.82 24.91
N ALA K 273 68.96 9.78 23.83
CA ALA K 273 69.76 8.60 23.44
C ALA K 273 71.04 8.57 24.28
N LYS K 274 71.24 9.61 25.12
CA LYS K 274 72.42 9.70 26.02
C LYS K 274 72.14 8.91 27.31
N ASP K 275 73.18 8.42 27.98
CA ASP K 275 73.06 7.68 29.26
C ASP K 275 72.86 8.67 30.42
N LYS K 276 71.65 8.69 31.01
CA LYS K 276 71.24 9.53 32.17
C LYS K 276 71.79 8.92 33.47
N THR K 277 71.74 9.66 34.59
CA THR K 277 72.19 9.17 35.93
C THR K 277 71.23 9.68 37.01
N VAL K 278 70.59 8.77 37.74
CA VAL K 278 69.61 9.09 38.82
C VAL K 278 70.24 8.67 40.16
N THR K 279 70.71 9.65 40.96
CA THR K 279 71.63 9.43 42.11
C THR K 279 70.84 9.09 43.39
N SER K 294 74.12 5.60 43.73
CA SER K 294 74.18 6.13 42.34
C SER K 294 73.87 5.01 41.35
N ARG K 295 72.80 5.15 40.56
CA ARG K 295 72.51 4.25 39.42
C ARG K 295 72.93 4.94 38.11
N THR K 296 73.24 4.17 37.07
CA THR K 296 73.32 4.68 35.69
C THR K 296 72.21 4.02 34.87
N GLU K 297 71.77 4.69 33.81
CA GLU K 297 70.71 4.17 32.93
C GLU K 297 71.01 4.55 31.48
N ALA K 298 70.75 3.62 30.58
CA ALA K 298 70.98 3.85 29.14
C ALA K 298 69.66 4.32 28.53
N GLY K 299 69.71 5.53 28.01
CA GLY K 299 68.55 6.21 27.42
C GLY K 299 68.07 5.50 26.17
N ASP K 300 66.78 5.63 25.92
CA ASP K 300 66.12 5.06 24.73
C ASP K 300 66.46 5.95 23.54
N TYR K 301 66.85 5.30 22.47
CA TYR K 301 67.05 5.94 21.16
C TYR K 301 65.73 5.92 20.40
N SER K 302 64.60 5.91 21.10
CA SER K 302 63.26 5.81 20.45
C SER K 302 62.88 7.18 19.89
N THR K 303 63.43 8.23 20.47
CA THR K 303 63.10 9.62 20.06
C THR K 303 64.07 10.01 18.94
N LEU K 304 65.31 9.56 19.04
CA LEU K 304 66.31 9.86 18.01
C LEU K 304 65.98 9.06 16.76
N ALA K 305 65.46 7.86 16.92
CA ALA K 305 65.10 7.00 15.78
C ALA K 305 63.89 7.60 15.07
N ALA K 306 62.95 8.20 15.80
CA ALA K 306 61.77 8.86 15.20
C ALA K 306 62.21 10.12 14.45
N ALA K 307 63.34 10.73 14.84
CA ALA K 307 63.83 11.93 14.14
C ALA K 307 64.55 11.53 12.87
N LEU K 308 65.60 10.72 13.02
CA LEU K 308 66.50 10.34 11.92
C LEU K 308 65.74 9.41 10.99
N ALA K 309 64.58 8.94 11.42
CA ALA K 309 63.85 7.92 10.66
C ALA K 309 63.55 8.50 9.29
N GLY K 310 63.19 9.77 9.29
CA GLY K 310 62.56 10.39 8.13
C GLY K 310 63.57 11.20 7.35
N VAL K 311 64.84 10.88 7.48
CA VAL K 311 65.85 11.72 6.79
C VAL K 311 66.27 11.04 5.52
N ASN K 312 65.81 11.57 4.42
CA ASN K 312 66.19 10.92 3.15
C ASN K 312 67.14 11.86 2.50
N GLY K 313 68.38 11.78 2.93
CA GLY K 313 69.48 12.41 2.20
C GLY K 313 70.73 12.23 3.00
N ALA K 314 71.11 13.32 3.64
CA ALA K 314 72.33 13.43 4.45
C ALA K 314 72.08 14.52 5.48
N ALA K 315 71.97 14.11 6.75
CA ALA K 315 71.63 14.97 7.92
C ALA K 315 72.77 14.95 8.91
N MET K 316 73.87 15.61 8.55
CA MET K 316 75.15 15.51 9.27
C MET K 316 75.17 16.63 10.30
N SER K 317 75.77 16.34 11.45
CA SER K 317 75.84 17.29 12.58
C SER K 317 77.30 17.64 12.86
N LEU K 318 77.73 18.83 12.47
CA LEU K 318 78.98 19.46 12.96
C LEU K 318 78.67 20.07 14.33
N VAL K 319 78.97 19.32 15.39
CA VAL K 319 78.74 19.79 16.78
C VAL K 319 79.92 20.68 17.20
N MET K 320 79.71 21.99 17.17
CA MET K 320 80.76 22.98 17.48
C MET K 320 80.49 23.58 18.87
N GLY K 321 81.31 23.27 19.88
CA GLY K 321 81.06 23.63 21.29
C GLY K 321 79.59 23.87 21.61
N ASP K 322 78.73 22.86 21.45
CA ASP K 322 77.38 22.88 22.08
C ASP K 322 76.39 23.65 21.18
N TRP K 323 76.86 24.13 20.05
CA TRP K 323 75.96 24.56 18.96
C TRP K 323 75.97 23.52 17.84
N THR K 324 74.96 22.67 17.84
CA THR K 324 74.83 21.54 16.91
C THR K 324 74.30 22.06 15.59
N ALA K 325 75.14 22.04 14.56
CA ALA K 325 74.74 22.48 13.22
C ALA K 325 74.41 21.26 12.35
N LEU K 326 73.15 20.88 12.26
CA LEU K 326 72.70 19.80 11.38
C LEU K 326 72.54 20.35 9.95
N ILE K 327 73.54 20.02 9.13
CA ILE K 327 73.56 20.18 7.66
C ILE K 327 72.85 19.05 6.96
N SER K 328 71.92 19.39 6.09
CA SER K 328 71.09 18.40 5.39
C SER K 328 71.20 18.65 3.89
N ALA K 329 71.33 17.58 3.13
CA ALA K 329 71.44 17.67 1.67
C ALA K 329 70.91 16.37 1.08
N VAL K 330 70.13 16.51 0.03
CA VAL K 330 69.70 15.35 -0.78
C VAL K 330 69.37 15.83 -2.19
N SER K 331 69.86 15.14 -3.22
CA SER K 331 69.53 15.47 -4.63
C SER K 331 68.77 14.29 -5.24
N SER K 332 67.58 14.02 -4.70
CA SER K 332 66.63 13.00 -5.21
C SER K 332 66.38 13.18 -6.72
N ASP K 333 67.03 12.39 -7.55
CA ASP K 333 66.86 12.42 -9.01
C ASP K 333 66.15 11.12 -9.41
N SER K 334 64.82 11.19 -9.49
CA SER K 334 63.96 10.08 -9.98
C SER K 334 63.77 10.13 -11.51
N ASN K 335 63.16 9.09 -12.06
CA ASN K 335 63.08 8.82 -13.51
C ASN K 335 62.25 7.56 -13.77
N SER K 336 61.31 7.64 -14.68
CA SER K 336 60.29 6.61 -14.93
C SER K 336 60.00 6.64 -16.42
N ASN K 337 59.83 5.48 -17.00
CA ASN K 337 59.79 5.41 -18.47
C ASN K 337 58.94 4.20 -18.81
N ILE K 338 57.66 4.28 -18.53
CA ILE K 338 56.71 3.16 -18.73
C ILE K 338 56.20 3.22 -20.15
N LEU K 339 56.13 2.06 -20.78
CA LEU K 339 55.74 2.01 -22.16
C LEU K 339 54.85 0.80 -22.41
N SER K 340 53.60 0.87 -22.01
CA SER K 340 52.66 -0.26 -22.07
C SER K 340 51.83 -0.13 -23.33
N SER K 341 51.83 -1.16 -24.18
CA SER K 341 51.04 -1.16 -25.45
C SER K 341 50.16 -2.39 -25.49
N PRO K 342 48.84 -2.24 -25.35
CA PRO K 342 47.92 -3.33 -25.50
C PRO K 342 47.22 -3.24 -26.84
N SER K 343 47.29 -4.34 -27.59
CA SER K 343 46.48 -4.55 -28.79
C SER K 343 45.36 -5.55 -28.53
N ILE K 344 44.31 -5.32 -29.25
CA ILE K 344 43.15 -6.20 -29.20
C ILE K 344 42.87 -6.38 -30.66
N THR K 345 42.33 -7.52 -31.04
CA THR K 345 41.84 -7.70 -32.41
C THR K 345 40.33 -7.71 -32.35
N VAL K 346 39.75 -7.01 -33.28
CA VAL K 346 38.29 -7.06 -33.14
C VAL K 346 37.66 -7.06 -34.51
N MET K 347 36.45 -7.57 -34.56
CA MET K 347 35.74 -7.60 -35.85
C MET K 347 35.15 -6.22 -36.00
N ASP K 348 35.20 -5.69 -37.21
CA ASP K 348 34.71 -4.33 -37.45
C ASP K 348 33.32 -4.25 -36.87
N ASN K 349 33.09 -3.19 -36.14
CA ASN K 349 31.75 -2.79 -35.69
C ASN K 349 31.36 -3.64 -34.52
N GLY K 350 32.14 -4.68 -34.23
CA GLY K 350 32.03 -5.35 -32.92
C GLY K 350 32.66 -4.49 -31.87
N GLU K 351 32.13 -4.52 -30.65
CA GLU K 351 32.88 -3.99 -29.49
C GLU K 351 33.85 -5.03 -28.94
N ALA K 352 35.00 -4.55 -28.52
CA ALA K 352 35.98 -5.43 -27.89
C ALA K 352 36.63 -4.73 -26.76
N SER K 353 36.67 -5.44 -25.67
CA SER K 353 37.27 -4.98 -24.42
C SER K 353 38.56 -5.75 -24.28
N PHE K 354 39.42 -5.20 -23.45
CA PHE K 354 40.71 -5.79 -23.11
C PHE K 354 41.10 -5.23 -21.78
N ILE K 355 41.45 -6.04 -20.83
CA ILE K 355 41.77 -5.48 -19.49
C ILE K 355 42.79 -6.36 -18.83
N VAL K 356 43.91 -5.79 -18.57
CA VAL K 356 45.02 -6.50 -17.96
C VAL K 356 45.35 -5.77 -16.71
N GLY K 357 44.96 -6.31 -15.57
CA GLY K 357 44.55 -5.45 -14.46
C GLY K 357 44.44 -6.22 -13.19
N GLU K 358 43.61 -5.66 -12.33
CA GLU K 358 43.07 -6.39 -11.20
C GLU K 358 41.72 -5.82 -10.89
N GLU K 359 40.80 -6.70 -10.56
CA GLU K 359 39.52 -6.28 -9.98
C GLU K 359 39.75 -6.05 -8.50
N VAL K 360 40.06 -4.84 -8.09
CA VAL K 360 40.01 -4.47 -6.64
C VAL K 360 38.59 -4.16 -6.28
N PRO K 361 38.14 -4.68 -5.14
CA PRO K 361 36.86 -4.27 -4.63
C PRO K 361 37.00 -3.03 -3.76
N VAL K 362 35.92 -2.26 -3.81
CA VAL K 362 35.91 -0.90 -3.23
C VAL K 362 34.56 -0.68 -2.62
N ILE K 363 34.60 -0.04 -1.46
CA ILE K 363 33.37 0.28 -0.73
C ILE K 363 32.48 1.12 -1.62
N THR K 364 31.21 1.14 -1.28
CA THR K 364 30.17 2.03 -1.83
C THR K 364 29.09 2.24 -0.74
N VAL K 379 29.84 -2.91 -1.31
CA VAL K 379 31.13 -3.29 -1.97
C VAL K 379 30.89 -3.65 -3.44
N ASP K 380 31.43 -2.84 -4.33
CA ASP K 380 31.48 -3.16 -5.77
C ASP K 380 32.93 -3.49 -6.10
N ARG K 381 33.10 -4.19 -7.21
CA ARG K 381 34.41 -4.74 -7.59
C ARG K 381 34.86 -4.10 -8.90
N LYS K 382 35.64 -3.05 -8.82
CA LYS K 382 35.94 -2.29 -10.04
C LYS K 382 37.32 -2.72 -10.52
N GLU K 383 37.38 -2.88 -11.84
CA GLU K 383 38.57 -3.36 -12.58
C GLU K 383 39.56 -2.23 -12.77
N VAL K 384 40.81 -2.51 -12.63
CA VAL K 384 41.65 -1.31 -12.57
C VAL K 384 42.94 -1.71 -13.18
N GLY K 385 43.11 -1.36 -14.42
CA GLY K 385 44.34 -1.89 -15.04
C GLY K 385 44.65 -1.15 -16.26
N ILE K 386 45.42 -1.72 -17.16
CA ILE K 386 45.34 -1.29 -18.57
C ILE K 386 44.04 -1.81 -19.15
N LYS K 387 43.00 -1.01 -19.21
CA LYS K 387 41.81 -1.31 -20.04
C LYS K 387 41.89 -0.60 -21.39
N LEU K 388 41.19 -1.16 -22.36
CA LEU K 388 41.15 -0.63 -23.74
C LEU K 388 39.88 -1.11 -24.36
N LYS K 389 38.88 -0.26 -24.55
CA LYS K 389 37.62 -0.83 -25.01
C LYS K 389 37.20 -0.18 -26.32
N VAL K 390 37.65 -0.74 -27.44
CA VAL K 390 37.47 -0.07 -28.74
C VAL K 390 36.29 -0.67 -29.49
N VAL K 391 35.48 0.18 -30.09
CA VAL K 391 34.43 -0.29 -31.01
C VAL K 391 34.87 0.13 -32.38
N PRO K 392 35.82 -0.58 -32.95
CA PRO K 392 36.46 -0.12 -34.16
C PRO K 392 35.47 -0.34 -35.28
N GLN K 393 35.30 0.66 -36.14
CA GLN K 393 34.28 0.66 -37.22
C GLN K 393 34.90 1.12 -38.53
N ILE K 394 35.34 0.18 -39.36
CA ILE K 394 36.13 0.47 -40.60
C ILE K 394 35.28 1.21 -41.62
N ASN K 395 35.85 2.27 -42.21
CA ASN K 395 35.20 3.20 -43.17
C ASN K 395 35.70 2.86 -44.58
N GLU K 396 35.10 3.44 -45.62
CA GLU K 396 35.65 3.44 -47.00
C GLU K 396 37.05 4.11 -47.00
N GLY K 397 37.98 3.70 -47.89
CA GLY K 397 39.34 4.26 -47.96
C GLY K 397 40.23 3.68 -46.89
N ASP K 398 39.89 2.49 -46.40
CA ASP K 398 40.60 1.81 -45.30
C ASP K 398 40.95 2.84 -44.22
N SER K 399 39.94 3.52 -43.69
CA SER K 399 40.13 4.54 -42.64
C SER K 399 39.32 4.12 -41.45
N VAL K 400 39.96 3.43 -40.51
CA VAL K 400 39.23 2.94 -39.31
C VAL K 400 38.85 4.06 -38.39
N GLN K 401 37.62 4.00 -37.93
CA GLN K 401 37.02 5.01 -37.04
C GLN K 401 36.68 4.37 -35.69
N LEU K 402 37.60 4.51 -34.74
CA LEU K 402 37.58 3.85 -33.41
C LEU K 402 36.77 4.70 -32.43
N ASN K 403 35.89 4.07 -31.62
CA ASN K 403 35.27 4.71 -30.43
C ASN K 403 35.87 4.14 -29.16
N ILE K 404 36.95 4.74 -28.68
CA ILE K 404 37.88 4.09 -27.73
C ILE K 404 37.66 4.63 -26.33
N GLU K 405 37.76 3.75 -25.36
CA GLU K 405 37.83 4.12 -23.93
C GLU K 405 39.09 3.45 -23.44
N GLN K 406 40.13 4.23 -23.17
CA GLN K 406 41.44 3.68 -22.76
C GLN K 406 41.93 4.15 -21.39
N GLU K 407 42.24 3.22 -20.49
CA GLU K 407 42.36 3.54 -19.06
C GLU K 407 43.61 2.88 -18.61
N VAL K 408 44.62 3.62 -18.34
CA VAL K 408 45.55 2.88 -17.48
C VAL K 408 45.28 3.32 -16.08
N SER K 409 45.22 2.39 -15.17
CA SER K 409 44.87 2.68 -13.77
C SER K 409 45.50 1.60 -12.91
N ASN K 410 45.57 1.88 -11.61
CA ASN K 410 46.76 1.46 -10.85
C ASN K 410 46.48 1.76 -9.42
N VAL K 411 45.58 0.98 -8.85
CA VAL K 411 45.23 1.10 -7.42
C VAL K 411 46.49 1.38 -6.60
N LEU K 412 46.46 2.56 -6.00
CA LEU K 412 47.47 3.10 -5.08
C LEU K 412 46.87 2.95 -3.69
N GLY K 413 47.52 3.52 -2.68
CA GLY K 413 46.97 3.60 -1.33
C GLY K 413 45.76 4.51 -1.27
N ALA K 414 45.07 4.46 -0.13
CA ALA K 414 44.07 5.47 0.24
C ALA K 414 44.59 6.43 1.33
N ASN K 415 45.73 7.07 1.12
CA ASN K 415 46.24 8.02 2.15
C ASN K 415 45.06 8.44 3.05
N GLY K 416 44.16 9.26 2.52
CA GLY K 416 43.26 10.01 3.41
C GLY K 416 41.92 9.32 3.38
N ALA K 417 41.68 8.74 2.22
CA ALA K 417 40.30 8.46 1.81
C ALA K 417 39.86 7.19 2.52
N VAL K 418 38.54 7.06 2.63
CA VAL K 418 37.81 5.87 3.15
C VAL K 418 38.48 4.63 2.61
N ASP K 419 38.25 4.38 1.33
CA ASP K 419 38.74 3.14 0.68
C ASP K 419 40.03 3.49 -0.07
N VAL K 420 40.45 2.57 -0.91
CA VAL K 420 41.63 2.72 -1.79
C VAL K 420 41.31 3.67 -2.92
N ARG K 421 42.25 4.57 -3.16
CA ARG K 421 42.28 5.55 -4.28
C ARG K 421 42.94 4.83 -5.44
N PHE K 422 42.21 4.63 -6.53
CA PHE K 422 42.70 4.22 -7.87
C PHE K 422 43.32 5.39 -8.61
N ALA K 423 44.49 5.18 -9.18
CA ALA K 423 45.16 6.21 -9.97
C ALA K 423 44.94 5.89 -11.41
N LYS K 424 44.15 6.73 -11.99
CA LYS K 424 43.43 6.40 -13.22
C LYS K 424 43.86 7.41 -14.22
N ARG K 425 44.24 6.96 -15.39
CA ARG K 425 44.50 7.88 -16.51
C ARG K 425 43.65 7.37 -17.63
N GLN K 426 42.38 7.74 -17.63
CA GLN K 426 41.52 7.31 -18.73
C GLN K 426 41.31 8.41 -19.72
N LEU K 427 41.04 8.00 -20.94
CA LEU K 427 41.13 8.87 -22.13
C LEU K 427 40.08 8.34 -23.08
N ASN K 428 38.83 8.77 -22.97
CA ASN K 428 37.84 8.08 -23.80
C ASN K 428 37.29 9.05 -24.81
N THR K 429 37.42 8.71 -26.06
CA THR K 429 37.28 9.64 -27.17
C THR K 429 36.81 8.83 -28.35
N SER K 430 36.70 9.48 -29.49
CA SER K 430 36.40 8.77 -30.74
C SER K 430 37.34 9.37 -31.75
N VAL K 431 38.20 8.58 -32.32
CA VAL K 431 39.03 9.20 -33.38
C VAL K 431 38.92 8.45 -34.68
N ILE K 432 39.59 8.95 -35.69
CA ILE K 432 39.44 8.32 -37.01
C ILE K 432 40.82 8.29 -37.61
N VAL K 433 41.29 7.07 -37.84
CA VAL K 433 42.71 6.83 -38.09
C VAL K 433 42.82 6.21 -39.44
N GLN K 434 43.98 6.41 -40.05
CA GLN K 434 44.20 5.67 -41.30
C GLN K 434 44.35 4.20 -40.98
N ASP K 435 44.20 3.37 -41.98
CA ASP K 435 44.66 1.97 -41.89
C ASP K 435 46.17 1.99 -41.80
N GLY K 436 46.73 1.56 -40.68
CA GLY K 436 48.19 1.29 -40.55
C GLY K 436 49.05 2.49 -40.17
N GLN K 437 48.49 3.70 -40.05
CA GLN K 437 49.27 4.83 -39.49
C GLN K 437 48.85 5.04 -38.05
N MET K 438 49.79 5.48 -37.25
CA MET K 438 49.45 5.66 -35.85
C MET K 438 48.87 7.06 -35.72
N LEU K 439 48.01 7.24 -34.75
CA LEU K 439 47.48 8.58 -34.44
C LEU K 439 47.47 8.73 -32.94
N VAL K 440 47.64 9.96 -32.53
CA VAL K 440 47.84 10.24 -31.08
C VAL K 440 46.52 10.58 -30.41
N LEU K 441 45.99 9.69 -29.57
CA LEU K 441 44.66 9.91 -28.97
C LEU K 441 44.84 11.09 -28.02
N GLY K 442 45.85 10.98 -27.17
CA GLY K 442 45.85 11.63 -25.87
C GLY K 442 47.19 12.13 -25.50
N GLY K 443 47.26 12.68 -24.33
CA GLY K 443 48.50 13.33 -23.96
C GLY K 443 48.36 13.93 -22.60
N LEU K 444 49.52 14.30 -22.11
CA LEU K 444 49.68 15.23 -21.01
C LEU K 444 51.15 15.50 -20.84
N ILE K 445 51.53 16.73 -20.97
CA ILE K 445 52.90 17.12 -20.65
C ILE K 445 52.84 18.00 -19.43
N ASP K 446 52.91 17.39 -18.27
CA ASP K 446 53.03 18.16 -17.02
C ASP K 446 54.50 18.55 -16.85
N GLU K 447 54.75 19.77 -16.42
CA GLU K 447 56.02 20.10 -15.75
C GLU K 447 55.67 20.84 -14.46
N ARG K 448 56.37 20.56 -13.37
CA ARG K 448 56.26 21.35 -12.13
C ARG K 448 57.65 21.82 -11.69
N ALA K 449 57.65 22.82 -10.87
CA ALA K 449 58.93 23.26 -10.31
C ALA K 449 58.65 24.05 -9.04
N LEU K 450 58.78 23.41 -7.89
CA LEU K 450 58.59 24.11 -6.62
C LEU K 450 59.95 24.42 -6.03
N GLU K 451 60.33 25.67 -6.01
CA GLU K 451 61.34 26.12 -5.04
C GLU K 451 60.70 26.42 -3.68
N SER K 452 61.50 26.46 -2.63
CA SER K 452 61.17 26.99 -1.28
C SER K 452 62.47 27.40 -0.61
N GLU K 453 62.48 28.50 0.09
CA GLU K 453 63.69 28.74 0.88
C GLU K 453 63.25 29.45 2.13
N SER K 454 63.44 28.81 3.23
CA SER K 454 63.35 29.53 4.49
C SER K 454 64.73 30.04 4.84
N LYS K 455 64.86 31.32 5.15
CA LYS K 455 66.19 31.81 5.57
C LYS K 455 66.10 32.70 6.78
N VAL K 456 67.23 32.97 7.39
CA VAL K 456 67.20 33.88 8.55
C VAL K 456 67.21 35.25 7.92
N PRO K 457 66.06 35.63 7.34
CA PRO K 457 66.05 36.86 6.57
C PRO K 457 67.43 37.30 6.09
N LEU K 458 67.97 38.33 6.72
CA LEU K 458 68.97 39.14 5.99
C LEU K 458 70.29 38.37 5.94
N LEU K 459 70.55 37.51 6.92
CA LEU K 459 71.83 36.77 6.99
C LEU K 459 71.85 35.75 5.85
N GLY K 460 70.69 35.24 5.44
CA GLY K 460 70.55 34.31 4.30
C GLY K 460 70.63 35.04 2.97
N ASP K 461 71.19 36.25 2.98
CA ASP K 461 71.36 36.98 1.71
C ASP K 461 72.80 36.80 1.23
N ILE K 462 73.76 36.92 2.16
CA ILE K 462 75.22 36.93 1.83
C ILE K 462 75.43 35.81 0.83
N PRO K 463 76.19 36.03 -0.26
CA PRO K 463 76.32 35.03 -1.32
C PRO K 463 77.05 33.77 -0.86
N ILE K 464 78.15 33.94 -0.13
CA ILE K 464 79.03 32.80 0.23
C ILE K 464 78.38 32.05 1.38
N LEU K 465 78.09 32.76 2.47
CA LEU K 465 77.76 32.16 3.78
C LEU K 465 76.24 32.05 3.90
N GLY K 466 75.49 32.59 2.95
CA GLY K 466 74.01 32.62 3.06
C GLY K 466 73.51 31.23 3.34
N HIS K 467 74.14 30.27 2.67
CA HIS K 467 73.59 28.90 2.60
C HIS K 467 73.61 28.34 4.01
N LEU K 468 74.31 29.00 4.94
CA LEU K 468 74.43 28.45 6.31
C LEU K 468 73.11 28.72 6.99
N PHE K 469 72.47 29.81 6.62
CA PHE K 469 71.24 30.16 7.35
C PHE K 469 70.01 29.77 6.54
N LYS K 470 70.14 29.63 5.23
CA LYS K 470 69.01 29.32 4.32
C LYS K 470 68.72 27.84 4.40
N SER K 471 67.49 27.48 4.08
CA SER K 471 67.11 26.10 3.75
C SER K 471 66.29 26.07 2.48
N THR K 472 66.96 25.68 1.42
CA THR K 472 66.32 25.71 0.10
C THR K 472 65.86 24.31 -0.22
N ASN K 473 64.74 24.23 -0.89
CA ASN K 473 64.10 22.96 -1.24
C ASN K 473 63.54 23.09 -2.65
N THR K 474 64.13 22.42 -3.60
CA THR K 474 63.72 22.59 -5.00
C THR K 474 63.29 21.24 -5.53
N GLN K 475 62.32 21.24 -6.40
CA GLN K 475 61.66 20.01 -6.81
C GLN K 475 61.13 20.26 -8.20
N VAL K 476 61.42 19.37 -9.10
CA VAL K 476 60.98 19.59 -10.48
C VAL K 476 60.47 18.28 -10.97
N GLU K 477 59.20 18.20 -11.27
CA GLU K 477 58.61 16.97 -11.76
C GLU K 477 58.13 17.23 -13.18
N LYS K 478 58.50 16.36 -14.08
CA LYS K 478 58.15 16.50 -15.50
C LYS K 478 57.57 15.17 -15.95
N LYS K 479 56.37 15.17 -16.48
CA LYS K 479 55.64 13.92 -16.77
C LYS K 479 55.00 13.97 -18.15
N ASN K 480 55.37 13.06 -19.03
CA ASN K 480 54.93 13.04 -20.44
C ASN K 480 54.15 11.77 -20.59
N LEU K 481 52.83 11.86 -20.66
CA LEU K 481 51.95 10.74 -20.99
C LEU K 481 51.33 10.94 -22.38
N MET K 482 51.79 10.25 -23.44
CA MET K 482 51.12 10.27 -24.76
C MET K 482 50.50 8.90 -24.91
N VAL K 483 49.24 8.82 -25.29
CA VAL K 483 48.72 7.55 -25.80
C VAL K 483 48.54 7.64 -27.30
N PHE K 484 49.33 6.87 -28.01
CA PHE K 484 49.10 6.62 -29.44
C PHE K 484 48.23 5.39 -29.64
N ILE K 485 47.50 5.39 -30.74
CA ILE K 485 46.69 4.23 -31.16
C ILE K 485 46.92 3.99 -32.63
N LYS K 486 47.03 2.73 -33.01
CA LYS K 486 47.28 2.29 -34.41
C LYS K 486 46.31 1.18 -34.71
N PRO K 487 45.28 1.47 -35.52
CA PRO K 487 44.40 0.46 -36.04
C PRO K 487 45.06 -0.14 -37.27
N THR K 488 45.09 -1.45 -37.28
CA THR K 488 45.44 -2.22 -38.49
C THR K 488 44.24 -3.07 -38.88
N ILE K 489 43.87 -3.04 -40.14
CA ILE K 489 42.71 -3.75 -40.70
C ILE K 489 43.26 -5.07 -41.17
N ILE K 490 42.58 -6.14 -40.78
CA ILE K 490 42.89 -7.52 -41.21
C ILE K 490 41.71 -8.04 -42.04
N ARG K 491 41.81 -7.88 -43.36
CA ARG K 491 40.75 -8.33 -44.31
C ARG K 491 41.06 -9.76 -44.74
N ASP K 492 42.06 -9.86 -45.59
CA ASP K 492 42.56 -11.14 -46.14
C ASP K 492 43.13 -11.92 -44.95
N GLY K 493 42.75 -13.18 -44.82
CA GLY K 493 43.41 -14.11 -43.89
C GLY K 493 44.91 -13.93 -43.93
N MET K 494 45.50 -13.93 -45.12
CA MET K 494 46.97 -13.89 -45.22
C MET K 494 47.50 -12.76 -44.35
N THR K 495 46.74 -11.67 -44.25
CA THR K 495 47.17 -10.48 -43.48
C THR K 495 47.30 -10.87 -42.01
N ALA K 496 46.33 -11.65 -41.53
CA ALA K 496 46.20 -12.09 -40.12
C ALA K 496 47.41 -12.96 -39.80
N ASP K 497 47.72 -13.87 -40.71
CA ASP K 497 48.86 -14.80 -40.55
C ASP K 497 50.06 -13.95 -40.14
N GLY K 498 50.31 -12.90 -40.91
CA GLY K 498 51.49 -12.06 -40.66
C GLY K 498 51.35 -11.43 -39.29
N ILE K 499 50.30 -10.63 -39.14
CA ILE K 499 50.12 -9.85 -37.90
C ILE K 499 50.46 -10.83 -36.79
N THR K 500 49.82 -12.00 -36.87
CA THR K 500 49.78 -12.97 -35.76
C THR K 500 51.17 -13.57 -35.69
N GLN K 501 51.53 -14.28 -36.73
CA GLN K 501 52.85 -14.90 -36.78
C GLN K 501 53.87 -13.94 -36.14
N ARG K 502 54.14 -12.84 -36.84
CA ARG K 502 55.20 -11.90 -36.42
C ARG K 502 55.23 -11.92 -34.91
N LYS K 503 54.05 -11.75 -34.29
CA LYS K 503 53.88 -11.59 -32.82
C LYS K 503 54.30 -12.87 -32.14
N TYR K 504 53.64 -13.95 -32.52
CA TYR K 504 53.84 -15.31 -31.98
C TYR K 504 55.31 -15.67 -32.11
N ASN K 505 55.81 -15.48 -33.33
CA ASN K 505 57.19 -15.81 -33.74
C ASN K 505 58.19 -14.99 -32.93
N TYR K 506 57.84 -13.77 -32.45
CA TYR K 506 58.62 -12.84 -31.58
C TYR K 506 58.69 -13.41 -30.18
N ILE K 507 57.55 -13.80 -29.62
CA ILE K 507 57.54 -14.46 -28.30
C ILE K 507 58.42 -15.69 -28.42
N ARG K 508 58.12 -16.53 -29.39
CA ARG K 508 58.89 -17.77 -29.49
C ARG K 508 60.37 -17.39 -29.50
N ALA K 509 60.76 -16.33 -30.17
CA ALA K 509 62.19 -16.02 -30.19
C ALA K 509 62.61 -15.78 -28.75
N GLU K 510 61.89 -14.94 -28.04
CA GLU K 510 62.30 -14.59 -26.67
C GLU K 510 62.46 -15.91 -25.92
N GLN K 511 61.48 -16.77 -26.04
CA GLN K 511 61.41 -17.90 -25.11
C GLN K 511 62.53 -18.86 -25.45
N LEU K 512 62.85 -18.99 -26.72
CA LEU K 512 63.93 -19.90 -27.15
C LEU K 512 65.17 -19.30 -26.57
N TYR K 513 65.13 -18.01 -26.45
CA TYR K 513 66.35 -17.42 -25.91
C TYR K 513 66.52 -17.99 -24.51
N LYS K 514 65.47 -17.84 -23.73
CA LYS K 514 65.56 -18.12 -22.29
C LYS K 514 65.91 -19.59 -22.17
N ALA K 515 65.79 -20.31 -23.27
CA ALA K 515 66.22 -21.70 -23.23
C ALA K 515 67.73 -21.77 -23.48
N GLU K 516 68.32 -20.75 -24.07
CA GLU K 516 69.76 -20.86 -24.35
C GLU K 516 70.50 -20.61 -23.05
N GLN K 517 69.94 -19.66 -22.31
CA GLN K 517 70.34 -19.28 -20.94
C GLN K 517 69.28 -19.83 -19.98
N GLY K 518 69.33 -21.14 -19.74
CA GLY K 518 68.21 -21.96 -19.25
C GLY K 518 67.85 -21.70 -17.81
N LEU K 519 66.60 -21.96 -17.47
CA LEU K 519 66.23 -22.15 -16.05
C LEU K 519 67.45 -22.52 -15.23
N LYS K 520 67.71 -21.68 -14.24
CA LYS K 520 69.08 -21.39 -13.80
C LYS K 520 69.63 -22.68 -13.20
N LEU K 521 68.87 -23.26 -12.27
CA LEU K 521 69.43 -24.44 -11.58
C LEU K 521 68.79 -25.74 -12.07
N MET K 522 67.68 -25.67 -12.80
CA MET K 522 66.98 -26.88 -13.35
C MET K 522 67.67 -27.40 -14.61
N ASP K 523 67.17 -28.52 -15.13
CA ASP K 523 67.53 -29.01 -16.50
C ASP K 523 66.86 -28.10 -17.52
N ASP K 524 67.64 -27.69 -18.52
CA ASP K 524 67.26 -26.61 -19.46
C ASP K 524 65.96 -26.98 -20.19
N GLY K 525 65.50 -28.23 -20.09
CA GLY K 525 64.38 -28.77 -20.88
C GLY K 525 63.03 -28.32 -20.35
N HIS K 526 62.95 -27.76 -19.15
CA HIS K 526 61.62 -27.60 -18.51
C HIS K 526 61.04 -26.26 -18.87
N ILE K 527 61.82 -25.42 -19.53
CA ILE K 527 61.42 -24.01 -19.75
C ILE K 527 60.42 -23.99 -20.89
N PRO K 528 59.20 -23.51 -20.63
CA PRO K 528 58.17 -23.53 -21.67
C PRO K 528 58.62 -22.69 -22.85
N VAL K 529 58.43 -23.26 -24.02
CA VAL K 529 58.80 -22.68 -25.32
C VAL K 529 57.62 -22.95 -26.25
N LEU K 530 57.17 -21.92 -26.92
CA LEU K 530 56.13 -22.12 -27.94
C LEU K 530 56.69 -23.00 -29.03
N PRO K 531 55.85 -23.85 -29.59
CA PRO K 531 56.28 -24.64 -30.74
C PRO K 531 56.46 -23.79 -32.00
N LYS K 532 57.15 -24.29 -33.01
CA LYS K 532 57.30 -23.58 -34.30
C LYS K 532 55.91 -23.34 -34.86
N PHE K 533 55.65 -22.13 -35.34
CA PHE K 533 54.28 -21.64 -35.65
C PHE K 533 53.52 -22.58 -36.60
N GLY K 534 52.37 -23.08 -36.13
CA GLY K 534 51.54 -24.06 -36.84
C GLY K 534 52.11 -25.49 -36.83
N GLU K 535 53.08 -25.83 -35.95
CA GLU K 535 53.57 -27.23 -35.80
C GLU K 535 52.86 -27.92 -34.65
N ASP K 536 52.08 -27.16 -33.89
CA ASP K 536 51.44 -27.80 -32.72
C ASP K 536 52.55 -28.32 -31.78
N LYS K 537 52.25 -29.13 -30.78
CA LYS K 537 53.26 -29.35 -29.70
C LYS K 537 54.28 -30.37 -30.21
N ARG K 538 55.51 -30.32 -29.75
CA ARG K 538 56.40 -31.52 -29.83
C ARG K 538 56.69 -32.05 -28.40
N HIS K 539 56.54 -33.36 -28.09
CA HIS K 539 56.87 -33.98 -26.77
C HIS K 539 58.28 -33.54 -26.39
N PRO K 540 58.48 -33.23 -25.09
CA PRO K 540 59.83 -33.21 -24.52
C PRO K 540 60.63 -34.37 -25.13
N ALA K 541 61.95 -34.17 -25.24
CA ALA K 541 62.89 -35.11 -25.89
C ALA K 541 62.87 -36.45 -25.13
N GLU K 542 63.10 -36.42 -23.82
CA GLU K 542 63.23 -37.68 -23.06
C GLU K 542 62.05 -38.59 -23.40
N ILE K 543 60.83 -38.03 -23.34
CA ILE K 543 59.58 -38.81 -23.55
C ILE K 543 59.56 -39.26 -25.01
N GLN K 544 59.99 -38.40 -25.90
CA GLN K 544 59.98 -38.73 -27.35
C GLN K 544 60.96 -39.88 -27.53
N ALA K 545 62.10 -39.80 -26.84
CA ALA K 545 63.14 -40.85 -26.90
C ALA K 545 62.54 -42.16 -26.38
N PHE K 546 61.78 -42.07 -25.29
CA PHE K 546 61.14 -43.24 -24.65
C PHE K 546 60.15 -43.84 -25.64
N ILE K 547 59.38 -42.98 -26.32
CA ILE K 547 58.20 -43.43 -27.10
C ILE K 547 58.69 -44.30 -28.25
N ASP K 548 59.77 -43.87 -28.90
CA ASP K 548 60.32 -44.56 -30.09
C ASP K 548 60.87 -45.91 -29.62
N GLN K 549 61.58 -45.87 -28.50
CA GLN K 549 62.18 -47.08 -27.88
C GLN K 549 61.06 -48.10 -27.72
N MET K 550 59.92 -47.65 -27.19
CA MET K 550 58.71 -48.50 -27.02
C MET K 550 58.29 -49.01 -28.40
N GLU K 551 58.23 -48.10 -29.37
CA GLU K 551 57.84 -48.40 -30.77
C GLU K 551 58.79 -49.46 -31.34
N GLN K 552 60.09 -49.28 -31.13
CA GLN K 552 61.17 -50.19 -31.61
C GLN K 552 60.92 -51.58 -31.01
N GLN K 553 60.61 -51.64 -29.71
CA GLN K 553 60.36 -52.88 -28.94
C GLN K 553 59.17 -53.62 -29.56
N ASP L 1 -34.53 -37.57 -98.35
CA ASP L 1 -35.95 -37.30 -97.96
C ASP L 1 -36.30 -38.04 -96.68
N ASN L 2 -35.34 -38.69 -96.02
CA ASN L 2 -35.58 -39.43 -94.76
C ASN L 2 -36.06 -38.46 -93.68
N VAL L 3 -36.80 -38.97 -92.71
CA VAL L 3 -37.24 -38.18 -91.53
C VAL L 3 -36.40 -38.58 -90.31
N ILE L 4 -35.57 -37.63 -89.86
CA ILE L 4 -34.73 -37.78 -88.65
C ILE L 4 -34.80 -36.47 -87.84
N THR L 5 -34.52 -36.56 -86.55
CA THR L 5 -34.44 -35.40 -85.63
C THR L 5 -32.97 -35.00 -85.46
N ARG L 6 -32.70 -33.70 -85.45
CA ARG L 6 -31.32 -33.19 -85.23
C ARG L 6 -31.29 -32.29 -84.00
N VAL L 7 -30.37 -32.57 -83.08
CA VAL L 7 -30.21 -31.83 -81.80
C VAL L 7 -28.88 -31.07 -81.85
N VAL L 8 -28.96 -29.75 -81.98
CA VAL L 8 -27.77 -28.86 -82.16
C VAL L 8 -27.94 -27.64 -81.27
N ALA L 9 -26.84 -26.97 -80.91
CA ALA L 9 -26.82 -25.89 -79.91
C ALA L 9 -26.75 -24.52 -80.59
N VAL L 10 -27.39 -23.54 -79.98
CA VAL L 10 -27.01 -22.11 -80.10
C VAL L 10 -26.79 -21.57 -78.70
N ARG L 11 -25.50 -21.43 -78.35
CA ARG L 11 -25.02 -21.05 -77.00
C ARG L 11 -25.35 -19.58 -76.71
N ASN L 12 -25.45 -18.74 -77.75
CA ASN L 12 -25.27 -17.25 -77.70
C ASN L 12 -26.50 -16.56 -77.11
N VAL L 13 -27.69 -16.80 -77.68
CA VAL L 13 -28.97 -16.26 -77.14
C VAL L 13 -30.07 -17.30 -77.33
N SER L 14 -31.11 -17.22 -76.49
CA SER L 14 -32.28 -18.15 -76.49
C SER L 14 -32.81 -18.28 -77.93
N VAL L 15 -33.07 -19.52 -78.33
CA VAL L 15 -33.34 -19.88 -79.75
C VAL L 15 -34.84 -19.72 -80.04
N ARG L 16 -35.66 -19.39 -79.03
CA ARG L 16 -37.07 -18.99 -79.23
C ARG L 16 -37.13 -17.84 -80.23
N GLU L 17 -36.06 -17.03 -80.27
CA GLU L 17 -35.89 -15.89 -81.20
C GLU L 17 -36.08 -16.35 -82.66
N LEU L 18 -35.84 -17.63 -82.96
CA LEU L 18 -35.90 -18.14 -84.36
C LEU L 18 -37.22 -18.87 -84.64
N SER L 19 -38.17 -18.91 -83.71
CA SER L 19 -39.41 -19.73 -83.87
C SER L 19 -40.17 -19.35 -85.15
N PRO L 20 -40.39 -18.06 -85.49
CA PRO L 20 -41.22 -17.73 -86.65
C PRO L 20 -40.57 -18.12 -87.99
N LEU L 21 -39.26 -17.86 -88.13
CA LEU L 21 -38.52 -18.02 -89.42
C LEU L 21 -38.23 -19.51 -89.63
N LEU L 22 -37.98 -20.24 -88.53
CA LEU L 22 -37.79 -21.71 -88.59
C LEU L 22 -39.11 -22.39 -88.99
N ARG L 23 -40.23 -21.97 -88.39
CA ARG L 23 -41.57 -22.45 -88.83
C ARG L 23 -41.85 -21.94 -90.25
N GLN L 24 -41.06 -20.98 -90.74
CA GLN L 24 -41.11 -20.59 -92.18
C GLN L 24 -40.56 -21.74 -93.02
N LEU L 25 -39.47 -22.38 -92.59
CA LEU L 25 -38.93 -23.59 -93.25
C LEU L 25 -39.78 -24.81 -92.89
N ILE L 26 -40.59 -24.74 -91.82
CA ILE L 26 -41.60 -25.81 -91.54
C ILE L 26 -42.81 -25.56 -92.45
N ASP L 27 -43.01 -24.29 -92.85
CA ASP L 27 -44.02 -23.90 -93.87
C ASP L 27 -43.44 -24.04 -95.29
N ASN L 28 -42.19 -23.58 -95.52
CA ASN L 28 -41.57 -23.50 -96.88
C ASN L 28 -41.72 -24.84 -97.62
N ALA L 29 -41.69 -25.96 -96.90
CA ALA L 29 -41.89 -27.32 -97.47
C ALA L 29 -42.83 -28.12 -96.56
N GLY L 30 -42.93 -29.43 -96.80
CA GLY L 30 -43.87 -30.34 -96.10
C GLY L 30 -43.66 -30.36 -94.60
N ALA L 31 -44.74 -30.59 -93.84
CA ALA L 31 -44.72 -30.67 -92.36
C ALA L 31 -44.62 -32.14 -91.93
N GLY L 32 -44.83 -32.41 -90.63
CA GLY L 32 -44.27 -33.58 -89.92
C GLY L 32 -43.04 -33.18 -89.14
N ASN L 33 -42.53 -31.96 -89.38
CA ASN L 33 -41.42 -31.35 -88.61
C ASN L 33 -41.85 -31.10 -87.17
N VAL L 34 -40.87 -30.98 -86.28
CA VAL L 34 -40.94 -30.13 -85.07
C VAL L 34 -39.65 -29.33 -85.01
N VAL L 35 -39.69 -28.12 -84.45
CA VAL L 35 -38.47 -27.47 -83.92
C VAL L 35 -38.78 -26.94 -82.54
N HIS L 36 -38.22 -27.60 -81.52
CA HIS L 36 -38.53 -27.32 -80.10
C HIS L 36 -37.28 -26.78 -79.41
N TYR L 37 -37.44 -25.66 -78.71
CA TYR L 37 -36.33 -24.83 -78.19
C TYR L 37 -36.26 -25.01 -76.69
N ASP L 38 -35.30 -25.79 -76.21
CA ASP L 38 -35.29 -26.15 -74.77
C ASP L 38 -34.68 -25.01 -73.98
N PRO L 39 -35.41 -24.50 -72.96
CA PRO L 39 -34.89 -23.44 -72.08
C PRO L 39 -33.55 -23.78 -71.39
N ALA L 40 -33.14 -25.05 -71.45
CA ALA L 40 -31.75 -25.48 -71.09
C ALA L 40 -30.77 -24.95 -72.14
N ASN L 41 -31.28 -24.39 -73.23
CA ASN L 41 -30.50 -23.85 -74.39
C ASN L 41 -29.74 -24.98 -75.10
N ILE L 42 -30.48 -25.90 -75.72
CA ILE L 42 -30.07 -26.71 -76.90
C ILE L 42 -31.23 -26.63 -77.90
N ILE L 43 -31.20 -27.41 -78.97
CA ILE L 43 -32.13 -27.22 -80.12
C ILE L 43 -32.58 -28.57 -80.66
N LEU L 44 -33.88 -28.68 -80.94
CA LEU L 44 -34.52 -29.88 -81.54
C LEU L 44 -35.11 -29.52 -82.91
N ILE L 45 -34.77 -30.31 -83.93
CA ILE L 45 -35.57 -30.44 -85.18
C ILE L 45 -35.99 -31.89 -85.34
N THR L 46 -37.08 -32.12 -86.06
CA THR L 46 -37.51 -33.46 -86.53
C THR L 46 -38.15 -33.30 -87.90
N GLY L 47 -37.84 -34.20 -88.83
CA GLY L 47 -38.41 -34.20 -90.20
C GLY L 47 -37.40 -34.57 -91.27
N ARG L 48 -37.64 -34.12 -92.49
CA ARG L 48 -36.81 -34.44 -93.67
C ARG L 48 -35.41 -33.85 -93.50
N ALA L 49 -34.39 -34.70 -93.63
CA ALA L 49 -32.96 -34.39 -93.40
C ALA L 49 -32.57 -33.14 -94.18
N ALA L 50 -33.21 -32.87 -95.33
CA ALA L 50 -32.93 -31.68 -96.16
C ALA L 50 -33.42 -30.43 -95.43
N VAL L 51 -34.70 -30.39 -95.09
CA VAL L 51 -35.34 -29.19 -94.48
C VAL L 51 -34.88 -29.09 -93.03
N VAL L 52 -34.62 -30.23 -92.39
CA VAL L 52 -33.99 -30.27 -91.04
C VAL L 52 -32.56 -29.74 -91.17
N ASN L 53 -31.93 -29.96 -92.32
CA ASN L 53 -30.54 -29.50 -92.60
C ASN L 53 -30.56 -27.98 -92.74
N ARG L 54 -31.52 -27.45 -93.50
CA ARG L 54 -31.66 -25.99 -93.73
C ARG L 54 -32.05 -25.34 -92.41
N LEU L 55 -32.91 -26.00 -91.64
CA LEU L 55 -33.38 -25.50 -90.32
C LEU L 55 -32.17 -25.44 -89.38
N ALA L 56 -31.28 -26.44 -89.46
CA ALA L 56 -30.08 -26.52 -88.58
C ALA L 56 -29.05 -25.51 -89.07
N GLU L 57 -29.20 -25.00 -90.29
CA GLU L 57 -28.25 -24.06 -90.93
C GLU L 57 -28.59 -22.64 -90.49
N ILE L 58 -29.86 -22.25 -90.47
CA ILE L 58 -30.31 -20.99 -89.79
C ILE L 58 -29.94 -21.13 -88.32
N ILE L 59 -30.37 -22.22 -87.70
CA ILE L 59 -30.09 -22.55 -86.28
C ILE L 59 -28.58 -22.44 -86.01
N LYS L 60 -27.77 -23.26 -86.67
CA LYS L 60 -26.29 -23.20 -86.52
C LYS L 60 -25.80 -21.84 -86.99
N ARG L 61 -26.63 -21.07 -87.70
CA ARG L 61 -26.22 -19.73 -88.18
C ARG L 61 -26.44 -18.73 -87.03
N VAL L 62 -27.18 -19.13 -86.00
CA VAL L 62 -27.22 -18.37 -84.73
C VAL L 62 -26.33 -19.06 -83.69
N ASP L 63 -25.95 -20.33 -83.91
CA ASP L 63 -24.90 -21.00 -83.10
C ASP L 63 -23.56 -20.30 -83.35
N GLN L 64 -22.98 -20.53 -84.52
CA GLN L 64 -21.67 -19.96 -84.93
C GLN L 64 -21.73 -18.44 -84.82
N ALA L 65 -22.94 -17.88 -84.80
CA ALA L 65 -23.15 -16.41 -84.75
C ALA L 65 -22.60 -15.85 -83.44
N GLY L 66 -22.81 -16.58 -82.34
CA GLY L 66 -22.34 -16.15 -81.01
C GLY L 66 -21.83 -17.32 -80.19
N ASN L 67 -20.81 -18.05 -80.70
CA ASN L 67 -20.23 -19.20 -79.96
C ASN L 67 -19.43 -18.67 -78.76
N ARG L 68 -19.26 -19.51 -77.75
CA ARG L 68 -18.56 -19.10 -76.51
C ARG L 68 -17.78 -20.29 -75.95
N GLU L 69 -16.45 -20.16 -75.90
CA GLU L 69 -15.56 -21.19 -75.32
C GLU L 69 -14.85 -20.62 -74.09
N ILE L 70 -13.81 -21.30 -73.63
CA ILE L 70 -13.02 -20.85 -72.44
C ILE L 70 -11.54 -21.18 -72.65
N GLU L 71 -10.69 -20.46 -71.95
CA GLU L 71 -9.22 -20.67 -72.00
C GLU L 71 -8.69 -20.79 -70.57
N VAL L 72 -7.53 -21.42 -70.44
CA VAL L 72 -6.77 -21.50 -69.16
C VAL L 72 -5.29 -21.28 -69.49
N VAL L 73 -4.73 -20.15 -69.08
CA VAL L 73 -3.35 -19.78 -69.48
C VAL L 73 -2.60 -19.25 -68.26
N GLU L 74 -1.33 -19.63 -68.16
CA GLU L 74 -0.48 -19.33 -66.97
C GLU L 74 -0.18 -17.84 -66.95
N LEU L 75 -0.30 -17.28 -65.76
CA LEU L 75 0.32 -15.97 -65.43
C LEU L 75 1.39 -16.23 -64.38
N GLY L 76 2.63 -16.45 -64.82
CA GLY L 76 3.77 -16.79 -63.95
C GLY L 76 4.04 -15.68 -62.95
N ASN L 77 3.54 -14.48 -63.22
CA ASN L 77 4.05 -13.23 -62.63
C ASN L 77 2.88 -12.42 -62.04
N ALA L 78 2.16 -11.69 -62.89
CA ALA L 78 1.14 -10.70 -62.48
C ALA L 78 0.03 -11.42 -61.72
N SER L 79 -0.40 -10.86 -60.59
CA SER L 79 -1.50 -11.46 -59.80
C SER L 79 -2.74 -11.58 -60.68
N ALA L 80 -3.23 -12.80 -60.83
CA ALA L 80 -4.47 -13.06 -61.58
C ALA L 80 -5.52 -12.04 -61.13
N ALA L 81 -5.91 -12.10 -59.86
CA ALA L 81 -6.96 -11.23 -59.28
C ALA L 81 -6.69 -9.80 -59.74
N GLU L 82 -5.43 -9.41 -59.88
CA GLU L 82 -5.10 -8.09 -60.45
C GLU L 82 -5.47 -8.12 -61.93
N MET L 83 -4.99 -9.11 -62.68
CA MET L 83 -5.32 -9.17 -64.13
C MET L 83 -6.84 -9.04 -64.27
N VAL L 84 -7.56 -9.78 -63.45
CA VAL L 84 -9.04 -9.66 -63.30
C VAL L 84 -9.38 -8.18 -63.18
N ARG L 85 -9.02 -7.56 -62.06
CA ARG L 85 -9.44 -6.17 -61.74
C ARG L 85 -9.19 -5.31 -62.98
N ILE L 86 -8.01 -5.45 -63.56
CA ILE L 86 -7.47 -4.45 -64.52
C ILE L 86 -8.11 -4.69 -65.88
N VAL L 87 -8.69 -5.87 -66.06
CA VAL L 87 -9.58 -6.10 -67.24
C VAL L 87 -11.01 -5.73 -66.85
N ASP L 88 -11.33 -5.72 -65.56
CA ASP L 88 -12.73 -5.54 -65.12
C ASP L 88 -13.24 -4.19 -65.63
N ALA L 89 -12.36 -3.19 -65.60
CA ALA L 89 -12.59 -1.85 -66.18
C ALA L 89 -13.09 -2.00 -67.62
N LEU L 90 -12.61 -3.02 -68.32
CA LEU L 90 -12.99 -3.25 -69.75
C LEU L 90 -14.43 -3.78 -69.78
N ASN L 91 -15.23 -3.29 -70.73
CA ASN L 91 -16.70 -3.46 -70.69
C ASN L 91 -17.17 -3.88 -72.10
N LYS L 106 -15.92 -13.09 -69.21
CA LYS L 106 -15.35 -12.64 -67.91
C LYS L 106 -14.04 -13.40 -67.65
N LEU L 107 -13.64 -13.53 -66.38
CA LEU L 107 -12.22 -13.74 -66.00
C LEU L 107 -12.12 -14.62 -64.75
N VAL L 108 -11.11 -15.49 -64.74
CA VAL L 108 -10.66 -16.20 -63.52
C VAL L 108 -9.14 -16.35 -63.57
N ALA L 109 -8.59 -17.01 -62.56
CA ALA L 109 -7.24 -17.60 -62.57
C ALA L 109 -7.07 -18.56 -61.39
N ASP L 110 -5.91 -19.21 -61.30
CA ASP L 110 -5.51 -19.92 -60.06
C ASP L 110 -4.08 -19.55 -59.72
N GLU L 111 -3.83 -19.31 -58.44
CA GLU L 111 -2.45 -19.09 -57.96
C GLU L 111 -1.88 -20.38 -57.33
N ARG L 112 -2.58 -21.53 -57.38
CA ARG L 112 -1.86 -22.83 -57.28
C ARG L 112 -0.97 -22.93 -58.53
N THR L 113 -1.60 -22.72 -59.67
CA THR L 113 -0.95 -22.78 -61.02
C THR L 113 -0.41 -21.40 -61.38
N ASN L 114 -1.07 -20.34 -60.92
CA ASN L 114 -0.87 -18.97 -61.45
C ASN L 114 -1.19 -18.98 -62.95
N SER L 115 -2.48 -19.14 -63.26
CA SER L 115 -2.97 -19.29 -64.65
C SER L 115 -4.29 -18.55 -64.81
N ILE L 116 -4.34 -17.69 -65.83
CA ILE L 116 -5.60 -17.02 -66.24
C ILE L 116 -6.56 -18.09 -66.74
N LEU L 117 -7.77 -18.05 -66.21
CA LEU L 117 -8.90 -18.78 -66.80
C LEU L 117 -9.80 -17.74 -67.44
N ILE L 118 -10.53 -18.12 -68.47
CA ILE L 118 -11.48 -17.17 -69.08
C ILE L 118 -12.87 -17.77 -69.09
N SER L 119 -13.88 -16.92 -69.06
CA SER L 119 -15.29 -17.27 -69.40
C SER L 119 -15.77 -16.30 -70.48
N GLY L 120 -15.89 -16.78 -71.71
CA GLY L 120 -16.54 -16.02 -72.78
C GLY L 120 -15.94 -16.32 -74.14
N ASP L 121 -15.99 -15.32 -75.02
CA ASP L 121 -15.96 -15.49 -76.50
C ASP L 121 -14.65 -16.13 -76.93
N PRO L 122 -14.64 -16.83 -78.08
CA PRO L 122 -13.40 -17.00 -78.86
C PRO L 122 -12.88 -15.68 -79.47
N LYS L 123 -13.69 -14.63 -79.44
CA LYS L 123 -13.16 -13.24 -79.54
C LYS L 123 -12.51 -12.87 -78.21
N VAL L 124 -13.16 -13.23 -77.10
CA VAL L 124 -12.55 -13.07 -75.75
C VAL L 124 -11.34 -14.01 -75.68
N ARG L 125 -11.32 -15.07 -76.48
CA ARG L 125 -10.15 -16.00 -76.52
C ARG L 125 -9.04 -15.36 -77.35
N ASP L 126 -9.37 -14.68 -78.45
CA ASP L 126 -8.35 -13.95 -79.27
C ASP L 126 -7.75 -12.83 -78.42
N ARG L 127 -8.59 -11.87 -77.99
CA ARG L 127 -8.12 -10.65 -77.32
C ARG L 127 -7.56 -11.01 -75.93
N LEU L 128 -8.10 -12.04 -75.29
CA LEU L 128 -7.61 -12.32 -73.92
C LEU L 128 -6.55 -13.41 -73.94
N LYS L 129 -6.24 -14.00 -75.09
CA LYS L 129 -4.87 -14.57 -75.24
C LYS L 129 -3.90 -13.43 -75.54
N ARG L 130 -4.38 -12.40 -76.23
CA ARG L 130 -3.56 -11.17 -76.38
C ARG L 130 -3.15 -10.67 -74.98
N LEU L 131 -4.07 -10.62 -74.03
CA LEU L 131 -3.78 -10.04 -72.69
C LEU L 131 -3.23 -11.12 -71.77
N ILE L 132 -3.45 -12.39 -72.10
CA ILE L 132 -2.60 -13.48 -71.55
C ILE L 132 -1.14 -13.07 -71.76
N ARG L 133 -0.82 -12.66 -72.98
CA ARG L 133 0.58 -12.41 -73.37
C ARG L 133 1.00 -11.03 -72.87
N GLN L 134 0.07 -10.06 -72.90
CA GLN L 134 0.45 -8.64 -72.71
C GLN L 134 1.15 -8.49 -71.35
N LEU L 135 0.51 -8.87 -70.25
CA LEU L 135 1.16 -8.69 -68.94
C LEU L 135 1.61 -10.05 -68.44
N ASP L 136 2.64 -10.56 -69.09
CA ASP L 136 3.41 -11.75 -68.63
C ASP L 136 4.85 -11.36 -68.27
N VAL L 137 5.33 -10.22 -68.79
CA VAL L 137 6.77 -9.93 -69.09
C VAL L 137 7.61 -9.85 -67.82
N GLU L 138 8.76 -9.16 -67.91
CA GLU L 138 9.69 -8.88 -66.78
C GLU L 138 8.93 -8.27 -65.60
N MET L 139 9.47 -8.45 -64.39
CA MET L 139 8.89 -7.89 -63.14
C MET L 139 9.54 -6.53 -62.89
N ALA L 140 10.58 -6.20 -63.67
CA ALA L 140 11.24 -4.86 -63.74
C ALA L 140 12.05 -4.57 -62.46
N SER L 141 12.38 -5.60 -61.68
CA SER L 141 13.33 -5.54 -60.54
C SER L 141 13.06 -4.31 -59.67
N LYS L 142 11.91 -4.32 -58.98
CA LYS L 142 11.37 -3.16 -58.23
C LYS L 142 12.46 -2.62 -57.30
N GLY L 143 13.33 -3.50 -56.82
CA GLY L 143 14.31 -3.14 -55.78
C GLY L 143 13.64 -2.37 -54.67
N ASN L 144 12.41 -2.76 -54.31
CA ASN L 144 11.56 -2.11 -53.28
C ASN L 144 12.42 -1.74 -52.08
N ASN L 145 13.35 -2.64 -51.73
CA ASN L 145 14.29 -2.44 -50.60
C ASN L 145 15.74 -2.53 -51.12
N ARG L 146 16.62 -1.77 -50.48
CA ARG L 146 18.09 -1.73 -50.75
C ARG L 146 18.81 -1.76 -49.41
N VAL L 147 20.08 -2.11 -49.41
CA VAL L 147 20.86 -2.10 -48.16
C VAL L 147 22.12 -1.30 -48.47
N VAL L 148 22.14 -0.06 -47.98
CA VAL L 148 23.22 0.93 -48.26
C VAL L 148 24.30 0.79 -47.21
N TYR L 149 25.50 0.53 -47.68
CA TYR L 149 26.69 0.33 -46.84
C TYR L 149 27.25 1.72 -46.57
N LEU L 150 26.99 2.21 -45.36
CA LEU L 150 27.54 3.50 -44.88
C LEU L 150 29.07 3.54 -45.03
N LYS L 151 29.55 4.57 -45.70
CA LYS L 151 30.98 4.89 -45.90
C LYS L 151 31.61 5.44 -44.61
N TYR L 152 31.16 6.56 -44.07
CA TYR L 152 31.84 6.89 -42.81
C TYR L 152 30.86 7.12 -41.70
N ALA L 153 29.78 6.38 -41.59
CA ALA L 153 29.00 6.82 -40.43
C ALA L 153 28.46 5.67 -39.62
N LYS L 154 28.25 5.92 -38.34
CA LYS L 154 27.65 4.79 -37.61
C LYS L 154 26.19 4.75 -38.00
N ALA L 155 25.77 3.58 -38.42
CA ALA L 155 24.42 3.44 -38.96
C ALA L 155 23.46 3.29 -37.81
N GLU L 156 23.99 2.88 -36.66
CA GLU L 156 23.16 2.63 -35.47
C GLU L 156 22.45 3.94 -35.13
N ASP L 157 23.02 5.06 -35.60
CA ASP L 157 22.64 6.42 -35.15
C ASP L 157 21.96 7.15 -36.31
N LEU L 158 22.40 6.84 -37.50
CA LEU L 158 21.78 7.42 -38.71
C LEU L 158 20.32 6.96 -38.85
N VAL L 159 20.00 5.72 -38.51
CA VAL L 159 18.59 5.21 -38.61
C VAL L 159 17.66 6.08 -37.77
N ASP L 160 18.17 6.60 -36.67
CA ASP L 160 17.39 7.52 -35.79
C ASP L 160 16.93 8.73 -36.58
N VAL L 161 17.83 9.30 -37.36
CA VAL L 161 17.59 10.55 -38.10
C VAL L 161 16.71 10.24 -39.28
N LEU L 162 16.82 9.04 -39.82
CA LEU L 162 16.08 8.84 -41.08
C LEU L 162 14.64 8.47 -40.74
N LYS L 163 14.36 8.23 -39.47
CA LYS L 163 13.00 7.87 -39.01
C LYS L 163 12.03 9.02 -39.37
N GLY L 164 12.48 10.26 -39.21
CA GLY L 164 11.63 11.44 -39.43
C GLY L 164 11.48 11.77 -40.90
N VAL L 165 12.54 11.51 -41.67
CA VAL L 165 12.56 11.70 -43.15
C VAL L 165 11.71 10.58 -43.71
N SER L 166 11.72 9.49 -42.98
CA SER L 166 11.14 8.29 -43.58
C SER L 166 9.62 8.43 -43.57
N ASP L 167 9.01 8.32 -42.39
CA ASP L 167 7.53 8.36 -42.21
C ASP L 167 7.00 9.66 -42.81
N ASN L 168 7.58 10.78 -42.43
CA ASN L 168 7.10 12.13 -42.85
C ASN L 168 7.04 12.16 -44.37
N LEU L 169 8.12 11.75 -45.03
CA LEU L 169 8.20 11.84 -46.51
C LEU L 169 7.03 11.06 -47.12
N GLN L 170 6.80 9.84 -46.63
CA GLN L 170 5.73 8.92 -47.11
C GLN L 170 4.38 9.64 -47.06
N ALA L 171 4.07 10.29 -45.95
CA ALA L 171 2.83 11.08 -45.76
C ALA L 171 2.73 12.23 -46.78
N VAL L 187 7.70 2.78 -45.41
CA VAL L 187 9.11 3.23 -45.15
C VAL L 187 9.58 2.61 -43.83
N VAL L 188 10.38 1.54 -43.88
CA VAL L 188 11.09 1.08 -42.65
C VAL L 188 12.60 1.04 -42.89
N ILE L 189 13.30 1.91 -42.16
CA ILE L 189 14.78 2.02 -42.18
C ILE L 189 15.30 1.23 -41.00
N ALA L 190 16.19 0.28 -41.25
CA ALA L 190 16.70 -0.52 -40.13
C ALA L 190 18.21 -0.62 -40.26
N ALA L 191 18.93 -0.42 -39.18
CA ALA L 191 20.41 -0.37 -39.29
C ALA L 191 20.95 -1.71 -38.81
N HIS L 192 21.63 -2.43 -39.69
CA HIS L 192 22.29 -3.71 -39.30
C HIS L 192 23.67 -3.42 -38.75
N GLN L 193 23.80 -3.45 -37.43
CA GLN L 193 25.03 -3.06 -36.69
C GLN L 193 26.25 -3.61 -37.43
N GLY L 194 26.32 -4.94 -37.39
CA GLY L 194 27.43 -5.73 -37.94
C GLY L 194 28.20 -4.97 -39.02
N THR L 195 27.55 -4.68 -40.14
CA THR L 195 28.24 -4.30 -41.39
C THR L 195 28.26 -2.78 -41.51
N ASN L 196 27.77 -2.12 -40.46
CA ASN L 196 27.50 -0.67 -40.42
C ASN L 196 26.83 -0.33 -41.73
N SER L 197 25.77 -1.08 -42.01
CA SER L 197 24.94 -0.91 -43.22
C SER L 197 23.53 -0.83 -42.75
N LEU L 198 22.86 0.26 -43.09
CA LEU L 198 21.45 0.31 -42.70
C LEU L 198 20.62 -0.08 -43.91
N VAL L 199 19.61 -0.89 -43.60
CA VAL L 199 18.70 -1.55 -44.56
C VAL L 199 17.47 -0.68 -44.66
N LEU L 200 17.24 -0.20 -45.87
CA LEU L 200 16.10 0.68 -46.16
C LEU L 200 15.04 -0.14 -46.87
N THR L 201 13.79 -0.02 -46.45
CA THR L 201 12.68 -0.60 -47.24
C THR L 201 11.64 0.50 -47.40
N ALA L 202 11.79 1.13 -48.56
CA ALA L 202 11.20 2.42 -49.00
C ALA L 202 10.17 2.15 -50.12
N PRO L 203 9.19 3.05 -50.42
CA PRO L 203 8.81 3.33 -51.80
C PRO L 203 9.89 3.98 -52.64
N PRO L 204 9.82 3.89 -53.97
CA PRO L 204 10.99 4.17 -54.79
C PRO L 204 11.44 5.62 -54.70
N ASP L 205 10.49 6.52 -54.56
CA ASP L 205 10.85 7.95 -54.32
C ASP L 205 11.43 8.10 -52.92
N ILE L 206 10.62 7.75 -51.92
CA ILE L 206 11.11 7.77 -50.51
C ILE L 206 12.52 7.17 -50.50
N MET L 207 12.77 6.15 -51.33
CA MET L 207 14.06 5.41 -51.37
C MET L 207 15.09 6.36 -51.95
N LEU L 208 14.89 6.76 -53.21
CA LEU L 208 15.77 7.77 -53.85
C LEU L 208 15.94 8.97 -52.91
N ALA L 209 14.97 9.23 -52.03
CA ALA L 209 15.11 10.39 -51.11
C ALA L 209 16.06 10.04 -49.97
N LEU L 210 15.73 8.97 -49.23
CA LEU L 210 16.55 8.51 -48.08
C LEU L 210 17.98 8.38 -48.58
N GLN L 211 18.16 7.99 -49.84
CA GLN L 211 19.51 7.72 -50.37
C GLN L 211 20.25 9.05 -50.50
N GLU L 212 19.53 10.14 -50.77
CA GLU L 212 20.17 11.45 -51.00
C GLU L 212 20.44 12.11 -49.65
N VAL L 213 19.76 11.62 -48.61
CA VAL L 213 19.91 12.16 -47.24
C VAL L 213 21.10 11.46 -46.60
N ILE L 214 21.25 10.17 -46.87
CA ILE L 214 22.26 9.32 -46.23
C ILE L 214 23.59 9.65 -46.86
N THR L 215 23.56 10.09 -48.11
CA THR L 215 24.78 10.38 -48.87
C THR L 215 25.37 11.71 -48.41
N GLN L 216 24.54 12.54 -47.80
CA GLN L 216 24.98 13.89 -47.37
C GLN L 216 25.25 13.87 -45.86
N LEU L 217 24.72 12.90 -45.13
CA LEU L 217 25.03 12.76 -43.69
C LEU L 217 26.23 11.86 -43.52
N ASP L 218 26.60 11.22 -44.60
CA ASP L 218 27.60 10.16 -44.51
C ASP L 218 28.95 10.73 -44.93
N ILE L 219 29.20 11.99 -44.65
CA ILE L 219 30.54 12.57 -44.97
C ILE L 219 31.49 12.16 -43.86
N ARG L 220 32.78 12.17 -44.16
CA ARG L 220 33.82 11.87 -43.15
C ARG L 220 33.77 12.98 -42.11
N ARG L 221 34.16 12.67 -40.89
CA ARG L 221 34.17 13.74 -39.87
C ARG L 221 35.61 14.20 -39.71
N ALA L 222 35.80 15.50 -39.72
CA ALA L 222 37.16 16.00 -39.39
C ALA L 222 37.40 15.80 -37.90
N GLN L 223 38.61 16.02 -37.45
CA GLN L 223 38.81 15.77 -36.00
C GLN L 223 39.80 16.75 -35.40
N VAL L 224 39.50 17.16 -34.18
CA VAL L 224 40.29 18.25 -33.55
C VAL L 224 41.24 17.65 -32.51
N LEU L 225 42.45 18.15 -32.50
CA LEU L 225 43.41 17.86 -31.42
C LEU L 225 43.37 18.99 -30.38
N ILE L 226 42.50 18.84 -29.39
CA ILE L 226 42.26 19.84 -28.33
C ILE L 226 43.44 19.82 -27.39
N GLU L 227 44.37 20.72 -27.59
CA GLU L 227 45.50 20.79 -26.64
C GLU L 227 45.21 21.94 -25.68
N ALA L 228 44.74 21.62 -24.47
CA ALA L 228 44.68 22.59 -23.36
C ALA L 228 46.06 22.85 -22.75
N LEU L 229 46.20 23.94 -22.02
CA LEU L 229 47.54 24.43 -21.63
C LEU L 229 47.43 25.22 -20.34
N ILE L 230 47.36 24.49 -19.26
CA ILE L 230 47.07 25.03 -17.93
C ILE L 230 48.37 25.46 -17.28
N VAL L 231 48.49 26.72 -16.96
CA VAL L 231 49.77 27.25 -16.48
C VAL L 231 49.48 27.83 -15.10
N GLU L 232 49.75 27.08 -14.05
CA GLU L 232 49.60 27.54 -12.64
C GLU L 232 50.91 27.98 -12.01
N MET L 233 51.13 29.28 -11.94
CA MET L 233 52.43 29.84 -11.57
C MET L 233 52.32 30.66 -10.28
N ALA L 234 52.74 30.11 -9.16
CA ALA L 234 52.48 30.62 -7.79
C ALA L 234 53.78 30.93 -7.06
N GLU L 235 53.78 32.05 -6.36
CA GLU L 235 55.02 32.68 -5.86
C GLU L 235 54.67 33.31 -4.53
N GLY L 236 55.31 32.85 -3.47
CA GLY L 236 55.01 33.23 -2.09
C GLY L 236 56.25 33.72 -1.39
N ASP L 237 56.11 34.74 -0.56
CA ASP L 237 57.25 35.40 0.09
C ASP L 237 56.76 35.88 1.44
N GLY L 238 57.29 35.33 2.50
CA GLY L 238 56.94 35.70 3.88
C GLY L 238 58.19 36.10 4.64
N VAL L 239 58.04 37.11 5.47
CA VAL L 239 59.07 37.50 6.44
C VAL L 239 58.46 37.59 7.83
N ASN L 240 58.80 36.70 8.74
CA ASN L 240 58.47 36.89 10.17
C ASN L 240 59.70 37.36 10.93
N LEU L 241 59.58 38.47 11.60
CA LEU L 241 60.72 38.93 12.41
C LEU L 241 60.23 39.56 13.69
N GLY L 242 60.65 39.04 14.81
CA GLY L 242 59.95 39.47 16.00
C GLY L 242 60.63 38.98 17.22
N VAL L 243 60.87 39.90 18.13
CA VAL L 243 61.82 39.55 19.20
C VAL L 243 61.08 39.48 20.50
N GLN L 244 61.26 38.41 21.23
CA GLN L 244 60.39 38.29 22.40
C GLN L 244 61.27 38.28 23.63
N TRP L 245 60.99 39.20 24.51
CA TRP L 245 61.71 39.23 25.79
C TRP L 245 60.96 38.37 26.79
N GLY L 246 61.62 37.82 27.80
CA GLY L 246 60.94 37.04 28.85
C GLY L 246 61.76 36.83 30.09
N ASN L 247 61.09 36.92 31.23
CA ASN L 247 61.74 36.68 32.54
C ASN L 247 60.76 35.86 33.37
N LEU L 248 61.03 34.58 33.51
CA LEU L 248 60.08 33.65 34.15
C LEU L 248 60.26 33.62 35.67
N GLU L 249 61.41 34.01 36.23
CA GLU L 249 61.59 34.15 37.70
C GLU L 249 60.41 34.93 38.27
N THR L 250 60.14 36.09 37.67
CA THR L 250 59.00 36.96 37.98
C THR L 250 58.19 37.21 36.72
N GLY L 251 57.35 36.23 36.33
CA GLY L 251 56.44 36.15 35.16
C GLY L 251 56.34 37.41 34.34
N ALA L 252 57.35 37.72 33.55
CA ALA L 252 57.38 38.97 32.78
C ALA L 252 57.66 38.58 31.35
N VAL L 253 56.66 38.55 30.54
CA VAL L 253 56.97 38.18 29.14
C VAL L 253 56.63 39.37 28.27
N ILE L 254 57.37 39.51 27.19
CA ILE L 254 56.82 40.25 26.04
C ILE L 254 56.62 39.27 24.92
N GLN L 255 55.55 38.54 24.98
CA GLN L 255 55.42 37.42 24.03
C GLN L 255 54.57 37.86 22.84
N TYR L 256 54.73 37.15 21.74
CA TYR L 256 53.91 37.31 20.54
C TYR L 256 53.44 35.96 20.04
N SER L 257 52.17 35.82 19.71
CA SER L 257 51.66 34.56 19.11
C SER L 257 52.05 34.57 17.64
N ASN L 258 52.22 35.75 17.08
CA ASN L 258 52.30 35.77 15.62
C ASN L 258 53.58 35.06 15.17
N THR L 259 54.57 34.95 16.05
CA THR L 259 55.86 34.36 15.61
C THR L 259 55.78 32.87 15.82
N GLY L 260 56.60 32.10 15.11
CA GLY L 260 56.63 30.67 15.41
C GLY L 260 56.27 30.41 16.87
N THR L 261 57.22 30.60 17.76
CA THR L 261 57.00 30.08 19.13
C THR L 261 56.81 31.26 20.05
N PRO L 262 55.99 31.15 21.11
CA PRO L 262 55.92 32.17 22.14
C PRO L 262 56.79 31.96 23.38
N ILE L 263 57.51 32.99 23.80
CA ILE L 263 58.68 32.86 24.71
C ILE L 263 58.22 32.02 25.92
N GLY L 264 56.94 32.05 26.25
CA GLY L 264 56.46 31.33 27.44
C GLY L 264 56.77 29.85 27.30
N LYS L 265 56.15 29.24 26.29
CA LYS L 265 56.39 27.81 25.98
C LYS L 265 57.89 27.57 26.05
N VAL L 266 58.70 28.47 25.49
CA VAL L 266 60.15 28.19 25.31
C VAL L 266 60.82 28.23 26.67
N MET L 267 60.52 29.25 27.46
CA MET L 267 61.16 29.32 28.79
C MET L 267 60.66 28.17 29.68
N VAL L 268 59.36 27.90 29.66
CA VAL L 268 58.85 26.76 30.46
C VAL L 268 59.61 25.50 30.01
N GLY L 269 59.67 25.26 28.69
CA GLY L 269 60.30 24.08 28.09
C GLY L 269 61.74 23.98 28.55
N LEU L 270 62.41 25.13 28.59
CA LEU L 270 63.83 25.13 28.96
C LEU L 270 63.97 24.78 30.43
N GLU L 271 63.02 25.18 31.25
CA GLU L 271 63.14 24.85 32.69
C GLU L 271 62.86 23.36 32.87
N GLU L 272 61.84 22.86 32.19
CA GLU L 272 61.53 21.41 32.30
C GLU L 272 62.72 20.58 31.78
N ALA L 273 63.46 21.07 30.79
CA ALA L 273 64.57 20.32 30.14
C ALA L 273 65.80 20.42 31.04
N LYS L 274 65.71 21.16 32.14
CA LYS L 274 66.82 21.32 33.12
C LYS L 274 66.79 20.14 34.10
N ASP L 275 67.94 19.78 34.68
CA ASP L 275 68.05 18.68 35.68
C ASP L 275 67.59 19.19 37.06
N LYS L 276 66.43 18.70 37.53
CA LYS L 276 65.81 19.02 38.85
C LYS L 276 66.51 18.22 39.96
N THR L 277 66.28 18.55 41.23
CA THR L 277 66.85 17.84 42.41
C THR L 277 65.80 17.72 43.52
N VAL L 278 65.47 16.49 43.91
CA VAL L 278 64.45 16.20 44.97
C VAL L 278 65.18 15.60 46.17
N THR L 279 65.36 16.38 47.24
CA THR L 279 66.31 16.10 48.36
C THR L 279 65.66 15.20 49.43
N SER L 294 69.80 12.82 48.99
CA SER L 294 69.70 13.73 47.82
C SER L 294 69.72 12.91 46.52
N ARG L 295 68.64 12.97 45.73
CA ARG L 295 68.62 12.40 44.36
C ARG L 295 68.81 13.54 43.35
N THR L 296 69.31 13.21 42.16
CA THR L 296 69.22 14.11 40.99
C THR L 296 68.34 13.45 39.94
N GLU L 297 67.70 14.26 39.09
CA GLU L 297 66.85 13.73 38.00
C GLU L 297 67.02 14.60 36.75
N ALA L 298 67.02 13.95 35.60
CA ALA L 298 67.16 14.64 34.31
C ALA L 298 65.76 14.89 33.77
N GLY L 299 65.46 16.17 33.62
CA GLY L 299 64.14 16.62 33.17
C GLY L 299 63.88 16.22 31.73
N ASP L 300 62.59 16.06 31.43
CA ASP L 300 62.12 15.70 30.07
C ASP L 300 62.17 16.96 29.22
N TYR L 301 62.73 16.78 28.05
CA TYR L 301 62.71 17.81 26.99
C TYR L 301 61.45 17.64 26.15
N SER L 302 60.37 17.12 26.74
CA SER L 302 59.12 16.84 25.99
C SER L 302 58.35 18.16 25.81
N THR L 303 58.58 19.10 26.71
CA THR L 303 57.87 20.40 26.68
C THR L 303 58.66 21.35 25.81
N LEU L 304 59.98 21.26 25.87
CA LEU L 304 60.85 22.12 25.05
C LEU L 304 60.75 21.66 23.59
N ALA L 305 60.59 20.38 23.37
CA ALA L 305 60.49 19.83 22.01
C ALA L 305 59.14 20.25 21.41
N ALA L 306 58.08 20.33 22.21
CA ALA L 306 56.75 20.78 21.74
C ALA L 306 56.82 22.27 21.41
N ALA L 307 57.72 23.01 22.04
CA ALA L 307 57.84 24.47 21.75
C ALA L 307 58.63 24.68 20.48
N LEU L 308 59.86 24.19 20.48
CA LEU L 308 60.83 24.41 19.38
C LEU L 308 60.35 23.63 18.17
N ALA L 309 59.38 22.74 18.36
CA ALA L 309 58.97 21.83 17.28
C ALA L 309 58.51 22.69 16.11
N GLY L 310 57.80 23.75 16.44
CA GLY L 310 57.00 24.49 15.47
C GLY L 310 57.72 25.73 15.03
N VAL L 311 59.04 25.75 15.16
CA VAL L 311 59.75 27.01 14.82
C VAL L 311 60.35 26.88 13.45
N ASN L 312 59.73 27.55 12.51
CA ASN L 312 60.27 27.44 11.14
C ASN L 312 60.92 28.77 10.87
N GLY L 313 62.13 28.91 11.34
CA GLY L 313 62.99 30.00 10.91
C GLY L 313 64.24 29.95 11.72
N ALA L 314 64.30 30.86 12.67
CA ALA L 314 65.45 31.06 13.57
C ALA L 314 64.90 31.68 14.85
N ALA L 315 64.92 30.90 15.93
CA ALA L 315 64.36 31.26 17.26
C ALA L 315 65.47 31.26 18.30
N MET L 316 66.33 32.27 18.22
CA MET L 316 67.59 32.32 18.98
C MET L 316 67.30 33.05 20.28
N SER L 317 67.97 32.62 21.34
CA SER L 317 67.78 33.17 22.71
C SER L 317 69.08 33.81 23.17
N LEU L 318 69.15 35.14 23.17
CA LEU L 318 70.16 35.92 23.92
C LEU L 318 69.71 35.98 25.38
N VAL L 319 70.21 35.07 26.19
CA VAL L 319 69.88 35.02 27.66
C VAL L 319 70.75 36.04 28.38
N MET L 320 70.18 37.19 28.72
CA MET L 320 70.90 38.29 29.40
C MET L 320 70.49 38.34 30.87
N GLY L 321 71.37 37.98 31.81
CA GLY L 321 71.04 37.83 33.24
C GLY L 321 69.56 37.55 33.50
N ASP L 322 69.03 36.44 32.99
CA ASP L 322 67.74 35.90 33.49
C ASP L 322 66.56 36.59 32.78
N TRP L 323 66.85 37.50 31.87
CA TRP L 323 65.87 37.96 30.88
C TRP L 323 66.16 37.34 29.51
N THR L 324 65.44 36.29 29.19
CA THR L 324 65.63 35.49 27.97
C THR L 324 64.96 36.22 26.82
N ALA L 325 65.74 36.74 25.90
CA ALA L 325 65.23 37.42 24.71
C ALA L 325 65.27 36.46 23.50
N LEU L 326 64.16 35.80 23.22
CA LEU L 326 64.04 34.95 22.02
C LEU L 326 63.71 35.82 20.81
N ILE L 327 64.75 36.04 20.01
CA ILE L 327 64.72 36.63 18.65
C ILE L 327 64.36 35.61 17.60
N SER L 328 63.37 35.92 16.80
CA SER L 328 62.84 34.98 15.78
C SER L 328 62.86 35.69 14.43
N ALA L 329 63.28 34.97 13.41
CA ALA L 329 63.34 35.51 12.05
C ALA L 329 63.21 34.35 11.07
N VAL L 330 62.41 34.56 10.05
CA VAL L 330 62.32 33.64 8.92
C VAL L 330 61.85 34.38 7.69
N SER L 331 62.51 34.20 6.54
CA SER L 331 62.08 34.82 5.27
C SER L 331 61.69 33.72 4.28
N SER L 332 60.63 32.98 4.63
CA SER L 332 60.01 31.94 3.78
C SER L 332 59.70 32.48 2.38
N ASP L 333 60.54 32.17 1.41
CA ASP L 333 60.37 32.59 0.00
C ASP L 333 60.05 31.32 -0.80
N SER L 334 58.76 31.03 -0.96
CA SER L 334 58.25 29.93 -1.82
C SER L 334 58.04 30.38 -3.28
N ASN L 335 57.74 29.42 -4.14
CA ASN L 335 57.74 29.59 -5.62
C ASN L 335 57.30 28.27 -6.28
N SER L 336 56.37 28.37 -7.20
CA SER L 336 55.68 27.20 -7.81
C SER L 336 55.38 27.59 -9.24
N ASN L 337 55.55 26.66 -10.15
CA ASN L 337 55.50 27.01 -11.57
C ASN L 337 55.05 25.78 -12.31
N ILE L 338 53.80 25.40 -12.11
CA ILE L 338 53.21 24.18 -12.70
C ILE L 338 52.69 24.50 -14.08
N LEU L 339 52.95 23.62 -15.01
CA LEU L 339 52.57 23.87 -16.39
C LEU L 339 52.07 22.59 -17.03
N SER L 340 50.85 22.20 -16.72
CA SER L 340 50.28 20.91 -17.18
C SER L 340 49.44 21.16 -18.41
N SER L 341 49.71 20.47 -19.50
CA SER L 341 48.95 20.63 -20.77
C SER L 341 48.47 19.28 -21.24
N PRO L 342 47.15 19.01 -21.16
CA PRO L 342 46.59 17.80 -21.68
C PRO L 342 45.87 18.09 -23.00
N SER L 343 46.25 17.33 -24.01
CA SER L 343 45.51 17.25 -25.28
C SER L 343 44.74 15.95 -25.40
N ILE L 344 43.66 16.09 -26.10
CA ILE L 344 42.80 14.95 -26.41
C ILE L 344 42.58 15.14 -27.87
N THR L 345 42.38 14.06 -28.59
CA THR L 345 41.95 14.16 -29.99
C THR L 345 40.51 13.71 -30.05
N VAL L 346 39.74 14.47 -30.78
CA VAL L 346 38.37 13.96 -30.78
C VAL L 346 37.75 14.20 -32.13
N MET L 347 36.73 13.41 -32.42
CA MET L 347 36.05 13.57 -33.71
C MET L 347 35.08 14.71 -33.50
N ASP L 348 34.97 15.56 -34.51
CA ASP L 348 34.11 16.75 -34.38
C ASP L 348 32.75 16.26 -33.91
N ASN L 349 32.24 16.96 -32.92
CA ASN L 349 30.85 16.82 -32.49
C ASN L 349 30.73 15.57 -31.64
N GLY L 350 31.77 14.76 -31.60
CA GLY L 350 31.88 13.73 -30.56
C GLY L 350 32.24 14.37 -29.25
N GLU L 351 31.76 13.84 -28.14
CA GLU L 351 32.34 14.19 -26.82
C GLU L 351 33.57 13.35 -26.52
N ALA L 352 34.54 13.99 -25.90
CA ALA L 352 35.74 13.27 -25.47
C ALA L 352 36.17 13.75 -24.14
N SER L 353 36.42 12.79 -23.30
CA SER L 353 36.88 13.02 -21.92
C SER L 353 38.33 12.63 -21.91
N PHE L 354 39.01 13.12 -20.90
CA PHE L 354 40.42 12.84 -20.65
C PHE L 354 40.65 13.07 -19.19
N ILE L 355 41.22 12.15 -18.48
CA ILE L 355 41.38 12.34 -17.02
C ILE L 355 42.62 11.63 -16.56
N VAL L 356 43.52 12.39 -16.07
CA VAL L 356 44.80 11.86 -15.60
C VAL L 356 44.91 12.27 -14.17
N GLY L 357 44.71 11.33 -13.27
CA GLY L 357 44.08 11.66 -12.00
C GLY L 357 44.22 10.56 -11.01
N GLU L 358 43.27 10.59 -10.10
CA GLU L 358 42.97 9.43 -9.26
C GLU L 358 41.52 9.50 -8.91
N GLU L 359 40.90 8.33 -8.91
CA GLU L 359 39.56 8.19 -8.34
C GLU L 359 39.73 8.03 -6.84
N VAL L 360 39.67 9.10 -6.07
CA VAL L 360 39.53 9.01 -4.58
C VAL L 360 38.09 8.77 -4.26
N PRO L 361 37.81 7.85 -3.36
CA PRO L 361 36.48 7.70 -2.85
C PRO L 361 36.26 8.62 -1.65
N VAL L 362 35.01 9.05 -1.56
CA VAL L 362 34.62 10.12 -0.63
C VAL L 362 33.27 9.76 -0.08
N ILE L 363 33.14 10.01 1.21
CA ILE L 363 31.87 9.75 1.92
C ILE L 363 30.77 10.52 1.22
N THR L 364 29.53 10.09 1.46
CA THR L 364 28.30 10.79 1.10
C THR L 364 27.21 10.39 2.12
N VAL L 379 29.40 6.01 0.17
CA VAL L 379 30.74 6.22 -0.47
C VAL L 379 30.60 6.26 -1.99
N ASP L 380 30.87 7.41 -2.56
CA ASP L 380 30.99 7.56 -4.02
C ASP L 380 32.47 7.76 -4.32
N ARG L 381 32.84 7.50 -5.58
CA ARG L 381 34.26 7.46 -6.00
C ARG L 381 34.47 8.56 -7.03
N LYS L 382 34.92 9.72 -6.60
CA LYS L 382 34.98 10.85 -7.52
C LYS L 382 36.41 11.00 -8.00
N GLU L 383 36.51 11.25 -9.30
CA GLU L 383 37.77 11.35 -10.05
C GLU L 383 38.39 12.72 -9.84
N VAL L 384 39.67 12.77 -9.70
CA VAL L 384 40.13 14.08 -9.23
C VAL L 384 41.47 14.25 -9.83
N GLY L 385 41.53 14.98 -10.91
CA GLY L 385 42.85 15.03 -11.54
C GLY L 385 42.92 16.16 -12.48
N ILE L 386 43.82 16.12 -13.45
CA ILE L 386 43.60 16.90 -14.68
C ILE L 386 42.50 16.24 -15.48
N LYS L 387 41.27 16.71 -15.38
CA LYS L 387 40.21 16.34 -16.35
C LYS L 387 40.07 17.41 -17.43
N LEU L 388 39.56 16.99 -18.58
CA LEU L 388 39.35 17.87 -19.73
C LEU L 388 38.26 17.27 -20.57
N LYS L 389 37.07 17.82 -20.58
CA LYS L 389 36.01 17.08 -21.29
C LYS L 389 35.41 17.95 -22.38
N VAL L 390 35.99 17.89 -23.57
CA VAL L 390 35.61 18.82 -24.64
C VAL L 390 34.65 18.18 -25.61
N VAL L 391 33.62 18.91 -26.00
CA VAL L 391 32.74 18.45 -27.10
C VAL L 391 33.02 19.37 -28.26
N PRO L 392 34.14 19.15 -28.93
CA PRO L 392 34.61 20.10 -29.91
C PRO L 392 33.71 19.96 -31.11
N GLN L 393 33.25 21.08 -31.66
CA GLN L 393 32.27 21.12 -32.78
C GLN L 393 32.71 22.10 -33.84
N ILE L 394 33.39 21.61 -34.88
CA ILE L 394 34.06 22.45 -35.91
C ILE L 394 33.02 23.19 -36.74
N ASN L 395 33.26 24.49 -36.96
CA ASN L 395 32.35 25.45 -37.67
C ASN L 395 32.91 25.70 -39.08
N GLU L 396 32.15 26.36 -39.94
CA GLU L 396 32.67 26.94 -41.22
C GLU L 396 33.82 27.93 -40.92
N GLY L 397 34.81 28.07 -41.81
CA GLY L 397 35.96 28.99 -41.62
C GLY L 397 36.99 28.39 -40.70
N ASP L 398 37.01 27.06 -40.59
CA ASP L 398 37.90 26.31 -39.68
C ASP L 398 37.95 27.04 -38.34
N SER L 399 36.80 27.22 -37.71
CA SER L 399 36.69 27.89 -36.40
C SER L 399 36.04 26.93 -35.45
N VAL L 400 36.87 26.20 -34.69
CA VAL L 400 36.32 25.19 -33.75
C VAL L 400 35.64 25.85 -32.57
N GLN L 401 34.50 25.32 -32.25
CA GLN L 401 33.65 25.81 -31.14
C GLN L 401 33.51 24.74 -30.07
N LEU L 402 34.36 24.83 -29.06
CA LEU L 402 34.54 23.83 -27.97
C LEU L 402 33.53 24.09 -26.86
N ASN L 403 32.88 23.03 -26.32
CA ASN L 403 32.11 23.08 -25.05
C ASN L 403 32.87 22.36 -23.96
N ILE L 404 33.73 23.07 -23.25
CA ILE L 404 34.83 22.46 -22.46
C ILE L 404 34.46 22.48 -20.98
N GLU L 405 34.82 21.41 -20.30
CA GLU L 405 34.80 21.34 -18.83
C GLU L 405 36.21 20.94 -18.44
N GLN L 406 36.98 21.86 -17.89
CA GLN L 406 38.40 21.60 -17.55
C GLN L 406 38.75 21.77 -16.07
N GLU L 407 39.31 20.73 -15.45
CA GLU L 407 39.34 20.63 -13.98
C GLU L 407 40.73 20.24 -13.63
N VAL L 408 41.49 21.12 -13.08
CA VAL L 408 42.60 20.45 -12.41
C VAL L 408 42.23 20.36 -10.97
N SER L 409 42.45 19.22 -10.38
CA SER L 409 42.05 18.98 -8.99
C SER L 409 42.97 17.91 -8.42
N ASN L 410 42.97 17.78 -7.11
CA ASN L 410 44.24 17.52 -6.41
C ASN L 410 43.90 17.31 -4.97
N VAL L 411 43.27 16.18 -4.73
CA VAL L 411 42.92 15.76 -3.35
C VAL L 411 44.05 16.13 -2.39
N LEU L 412 43.70 17.02 -1.49
CA LEU L 412 44.52 17.53 -0.37
C LEU L 412 43.99 16.82 0.87
N GLY L 413 44.47 17.22 2.04
CA GLY L 413 43.93 16.74 3.32
C GLY L 413 42.50 17.22 3.54
N ALA L 414 41.88 16.64 4.56
CA ALA L 414 40.62 17.17 5.14
C ALA L 414 40.86 17.88 6.48
N ASN L 415 41.76 18.85 6.56
CA ASN L 415 41.99 19.56 7.85
C ASN L 415 40.76 19.34 8.73
N GLY L 416 39.65 20.00 8.41
CA GLY L 416 38.57 20.17 9.39
C GLY L 416 37.50 19.18 9.07
N ALA L 417 37.43 18.91 7.77
CA ALA L 417 36.18 18.40 7.19
C ALA L 417 36.12 16.90 7.48
N VAL L 418 34.90 16.39 7.45
CA VAL L 418 34.54 14.94 7.55
C VAL L 418 35.55 14.15 6.72
N ASP L 419 35.39 14.23 5.43
CA ASP L 419 36.20 13.44 4.48
C ASP L 419 37.33 14.34 3.95
N VAL L 420 37.99 13.86 2.92
CA VAL L 420 39.07 14.58 2.22
C VAL L 420 38.48 15.69 1.39
N ARG L 421 39.11 16.84 1.49
CA ARG L 421 38.84 18.07 0.70
C ARG L 421 39.68 17.95 -0.57
N PHE L 422 39.03 17.89 -1.71
CA PHE L 422 39.61 18.05 -3.08
C PHE L 422 39.85 19.51 -3.41
N ALA L 423 41.03 19.81 -3.92
CA ALA L 423 41.37 21.17 -4.33
C ALA L 423 41.23 21.24 -5.81
N LYS L 424 40.22 21.96 -6.19
CA LYS L 424 39.61 21.81 -7.51
C LYS L 424 39.73 23.16 -8.15
N ARG L 425 40.21 23.21 -9.35
CA ARG L 425 40.18 24.44 -10.16
C ARG L 425 39.50 24.07 -11.42
N GLN L 426 38.17 24.06 -11.42
CA GLN L 426 37.47 23.75 -12.66
C GLN L 426 36.94 25.00 -13.31
N LEU L 427 36.79 24.91 -14.62
CA LEU L 427 36.61 26.08 -15.49
C LEU L 427 35.75 25.58 -16.64
N ASN L 428 34.43 25.59 -16.50
CA ASN L 428 33.67 24.93 -17.56
C ASN L 428 32.85 25.96 -18.29
N THR L 429 33.06 26.05 -19.57
CA THR L 429 32.65 27.19 -20.38
C THR L 429 32.41 26.67 -21.77
N SER L 430 32.11 27.57 -22.69
CA SER L 430 32.02 27.21 -24.11
C SER L 430 32.73 28.32 -24.82
N VAL L 431 33.78 28.01 -25.53
CA VAL L 431 34.39 29.11 -26.31
C VAL L 431 34.48 28.77 -27.76
N ILE L 432 34.97 29.72 -28.54
CA ILE L 432 35.00 29.49 -29.99
C ILE L 432 36.33 30.03 -30.48
N VAL L 433 37.11 29.11 -31.00
CA VAL L 433 38.54 29.35 -31.20
C VAL L 433 38.82 29.21 -32.67
N GLN L 434 39.86 29.90 -33.10
CA GLN L 434 40.28 29.66 -34.49
C GLN L 434 40.85 28.26 -34.59
N ASP L 435 40.93 27.75 -35.80
CA ASP L 435 41.78 26.58 -36.08
C ASP L 435 43.22 27.00 -35.87
N GLY L 436 43.91 26.43 -34.88
CA GLY L 436 45.37 26.55 -34.72
C GLY L 436 45.85 27.77 -33.96
N GLN L 437 44.97 28.69 -33.54
CA GLN L 437 45.39 29.78 -32.62
C GLN L 437 44.96 29.42 -31.21
N MET L 438 45.73 29.84 -30.26
CA MET L 438 45.37 29.50 -28.88
C MET L 438 44.41 30.57 -28.41
N LEU L 439 43.54 30.22 -27.49
CA LEU L 439 42.66 31.21 -26.86
C LEU L 439 42.62 30.90 -25.39
N VAL L 440 42.43 31.94 -24.62
CA VAL L 440 42.55 31.82 -23.15
C VAL L 440 41.18 31.57 -22.51
N LEU L 441 40.94 30.38 -22.00
CA LEU L 441 39.62 30.03 -21.46
C LEU L 441 39.47 30.87 -20.21
N GLY L 442 40.47 30.80 -19.36
CA GLY L 442 40.29 31.03 -17.93
C GLY L 442 41.45 31.73 -17.32
N GLY L 443 41.36 31.89 -16.03
CA GLY L 443 42.37 32.74 -15.41
C GLY L 443 42.07 32.85 -13.95
N LEU L 444 43.09 33.35 -13.29
CA LEU L 444 42.98 33.93 -11.96
C LEU L 444 44.32 34.54 -11.61
N ILE L 445 44.33 35.80 -11.36
CA ILE L 445 45.53 36.44 -10.84
C ILE L 445 45.22 36.88 -9.42
N ASP L 446 45.48 36.00 -8.48
CA ASP L 446 45.38 36.37 -7.06
C ASP L 446 46.68 37.08 -6.67
N GLU L 447 46.58 38.14 -5.90
CA GLU L 447 47.70 38.59 -5.07
C GLU L 447 47.17 38.80 -3.65
N ARG L 448 47.93 38.41 -2.64
CA ARG L 448 47.61 38.74 -1.23
C ARG L 448 48.81 39.41 -0.57
N ALA L 449 48.52 40.09 0.51
CA ALA L 449 49.63 40.68 1.26
C ALA L 449 49.15 40.96 2.67
N LEU L 450 49.47 40.07 3.60
CA LEU L 450 49.10 40.29 5.00
C LEU L 450 50.33 40.77 5.75
N GLU L 451 50.33 42.01 6.16
CA GLU L 451 51.18 42.41 7.29
C GLU L 451 50.48 42.10 8.63
N SER L 452 51.26 42.06 9.71
CA SER L 452 50.80 42.04 11.12
C SER L 452 51.94 42.58 11.97
N GLU L 453 51.62 43.39 12.96
CA GLU L 453 52.73 43.72 13.87
C GLU L 453 52.12 43.87 15.23
N SER L 454 52.49 43.01 16.12
CA SER L 454 52.20 43.26 17.52
C SER L 454 53.39 44.03 18.11
N LYS L 455 53.15 45.15 18.79
CA LYS L 455 54.29 45.83 19.42
C LYS L 455 53.96 46.27 20.82
N VAL L 456 54.97 46.66 21.55
CA VAL L 456 54.68 47.13 22.92
C VAL L 456 54.29 48.58 22.72
N PRO L 457 53.08 48.77 22.19
CA PRO L 457 52.71 50.12 21.80
C PRO L 457 53.89 51.04 21.57
N LEU L 458 54.12 51.95 22.51
CA LEU L 458 54.84 53.18 22.12
C LEU L 458 56.33 52.87 21.95
N LEU L 459 56.83 51.85 22.67
CA LEU L 459 58.27 51.50 22.62
C LEU L 459 58.58 50.92 21.24
N GLY L 460 57.62 50.25 20.62
CA GLY L 460 57.73 49.71 19.26
C GLY L 460 57.59 50.79 18.20
N ASP L 461 57.77 52.04 18.59
CA ASP L 461 57.71 53.14 17.60
C ASP L 461 59.14 53.52 17.20
N ILE L 462 60.03 53.62 18.19
CA ILE L 462 61.42 54.12 17.99
C ILE L 462 61.94 53.45 16.74
N PRO L 463 62.59 54.19 15.82
CA PRO L 463 62.99 53.63 14.53
C PRO L 463 64.05 52.53 14.66
N ILE L 464 65.07 52.79 15.48
CA ILE L 464 66.25 51.89 15.56
C ILE L 464 65.86 50.67 16.40
N LEU L 465 65.39 50.92 17.62
CA LEU L 465 65.24 49.89 18.68
C LEU L 465 63.83 49.33 18.63
N GLY L 466 62.94 49.90 17.83
CA GLY L 466 61.53 49.49 17.83
C GLY L 466 61.44 47.99 17.68
N HIS L 467 62.31 47.48 16.81
CA HIS L 467 62.18 46.10 16.31
C HIS L 467 62.37 45.17 17.50
N LEU L 468 62.86 45.69 18.63
CA LEU L 468 63.15 44.83 19.79
C LEU L 468 61.82 44.51 20.42
N PHE L 469 60.89 45.42 20.32
CA PHE L 469 59.61 45.19 21.02
C PHE L 469 58.53 44.73 20.05
N LYS L 470 58.69 45.02 18.77
CA LYS L 470 57.69 44.70 17.72
C LYS L 470 57.84 43.25 17.36
N SER L 471 56.76 42.68 16.86
CA SER L 471 56.79 41.41 16.12
C SER L 471 56.00 41.52 14.83
N THR L 472 56.73 41.66 13.77
CA THR L 472 56.12 41.91 12.46
C THR L 472 56.07 40.58 11.72
N ASN L 473 55.02 40.40 10.97
CA ASN L 473 54.76 39.17 10.23
C ASN L 473 54.18 39.54 8.87
N THR L 474 54.93 39.38 7.82
CA THR L 474 54.46 39.84 6.50
C THR L 474 54.44 38.64 5.57
N GLN L 475 53.50 38.63 4.67
CA GLN L 475 53.22 37.43 3.87
C GLN L 475 52.62 37.94 2.58
N VAL L 476 53.15 37.47 1.48
CA VAL L 476 52.66 37.96 0.20
C VAL L 476 52.54 36.76 -0.68
N GLU L 477 51.34 36.42 -1.09
CA GLU L 477 51.12 35.26 -1.95
C GLU L 477 50.57 35.79 -3.26
N LYS L 478 51.17 35.37 -4.35
CA LYS L 478 50.78 35.81 -5.69
C LYS L 478 50.61 34.57 -6.55
N LYS L 479 49.45 34.39 -7.15
CA LYS L 479 49.10 33.14 -7.83
C LYS L 479 48.47 33.41 -9.19
N ASN L 480 49.08 32.94 -10.26
CA ASN L 480 48.63 33.22 -11.65
C ASN L 480 48.26 31.88 -12.21
N LEU L 481 46.98 31.62 -12.35
CA LEU L 481 46.44 30.45 -13.05
C LEU L 481 45.78 30.87 -14.37
N MET L 482 46.40 30.69 -15.54
CA MET L 482 45.75 30.90 -16.85
C MET L 482 45.54 29.52 -17.43
N VAL L 483 44.36 29.21 -17.92
CA VAL L 483 44.22 28.05 -18.81
C VAL L 483 43.99 28.54 -20.23
N PHE L 484 44.99 28.26 -21.06
CA PHE L 484 44.82 28.38 -22.52
C PHE L 484 44.33 27.07 -23.13
N ILE L 485 43.62 27.20 -24.23
CA ILE L 485 43.16 26.05 -25.03
C ILE L 485 43.44 26.32 -26.49
N LYS L 486 43.91 25.31 -27.19
CA LYS L 486 44.28 25.40 -28.63
C LYS L 486 43.66 24.20 -29.32
N PRO L 487 42.58 24.41 -30.09
CA PRO L 487 42.02 23.40 -30.93
C PRO L 487 42.81 23.40 -32.24
N THR L 488 43.21 22.21 -32.63
CA THR L 488 43.76 21.97 -33.97
C THR L 488 42.85 20.97 -34.67
N ILE L 489 42.48 21.27 -35.90
CA ILE L 489 41.57 20.46 -36.72
C ILE L 489 42.47 19.54 -37.50
N ILE L 490 42.13 18.26 -37.49
CA ILE L 490 42.82 17.21 -38.27
C ILE L 490 41.83 16.65 -39.30
N ARG L 491 41.86 17.21 -40.51
CA ARG L 491 40.97 16.79 -41.61
C ARG L 491 41.67 15.70 -42.41
N ASP L 492 42.66 16.14 -43.18
CA ASP L 492 43.50 15.26 -44.03
C ASP L 492 44.28 14.36 -43.09
N GLY L 493 44.29 13.06 -43.36
CA GLY L 493 45.20 12.13 -42.67
C GLY L 493 46.58 12.73 -42.55
N MET L 494 47.13 13.26 -43.64
CA MET L 494 48.53 13.71 -43.62
C MET L 494 48.71 14.64 -42.42
N THR L 495 47.67 15.39 -42.06
CA THR L 495 47.74 16.37 -40.96
C THR L 495 48.00 15.62 -39.65
N ALA L 496 47.30 14.49 -39.50
CA ALA L 496 47.32 13.64 -38.28
C ALA L 496 48.72 13.08 -38.14
N ASP L 497 49.29 12.60 -39.25
CA ASP L 497 50.64 12.02 -39.26
C ASP L 497 51.55 13.01 -38.55
N GLY L 498 51.48 14.26 -38.96
CA GLY L 498 52.37 15.29 -38.39
C GLY L 498 52.07 15.43 -36.91
N ILE L 499 50.83 15.81 -36.62
CA ILE L 499 50.45 16.12 -35.23
C ILE L 499 51.07 14.98 -34.43
N THR L 500 50.80 13.77 -34.88
CA THR L 500 51.04 12.54 -34.09
C THR L 500 52.54 12.34 -34.08
N GLN L 501 53.08 12.11 -35.26
CA GLN L 501 54.53 11.93 -35.39
C GLN L 501 55.23 12.90 -34.44
N ARG L 502 55.17 14.18 -34.76
CA ARG L 502 55.92 15.22 -34.01
C ARG L 502 55.96 14.75 -32.58
N LYS L 503 54.79 14.41 -32.02
CA LYS L 503 54.60 14.07 -30.58
C LYS L 503 55.38 12.81 -30.27
N TYR L 504 55.05 11.75 -30.98
CA TYR L 504 55.65 10.41 -30.85
C TYR L 504 57.15 10.53 -30.97
N ASN L 505 57.56 11.20 -32.03
CA ASN L 505 58.96 11.40 -32.41
C ASN L 505 59.70 12.19 -31.32
N TYR L 506 59.03 13.07 -30.55
CA TYR L 506 59.51 13.87 -29.39
C TYR L 506 59.76 12.96 -28.21
N ILE L 507 58.78 12.13 -27.88
CA ILE L 507 58.98 11.13 -26.81
C ILE L 507 60.17 10.29 -27.21
N ARG L 508 60.11 9.72 -28.39
CA ARG L 508 61.22 8.83 -28.80
C ARG L 508 62.53 9.59 -28.58
N ALA L 509 62.57 10.87 -28.89
CA ALA L 509 63.86 11.56 -28.71
C ALA L 509 64.21 11.46 -27.23
N GLU L 510 63.27 11.82 -26.36
CA GLU L 510 63.58 11.85 -24.92
C GLU L 510 64.12 10.47 -24.57
N GLN L 511 63.43 9.45 -25.00
CA GLN L 511 63.71 8.12 -24.44
C GLN L 511 65.05 7.65 -24.96
N LEU L 512 65.38 8.00 -26.19
CA LEU L 512 66.67 7.59 -26.77
C LEU L 512 67.70 8.31 -25.96
N TYR L 513 67.28 9.45 -25.47
CA TYR L 513 68.30 10.17 -24.71
C TYR L 513 68.63 9.28 -23.52
N LYS L 514 67.59 8.90 -22.80
CA LYS L 514 67.77 8.24 -21.50
C LYS L 514 68.54 6.96 -21.78
N ALA L 515 68.61 6.60 -23.04
CA ALA L 515 69.44 5.43 -23.36
C ALA L 515 70.89 5.85 -23.52
N GLU L 516 71.16 7.13 -23.74
CA GLU L 516 72.57 7.51 -23.94
C GLU L 516 73.21 7.56 -22.56
N GLN L 517 72.41 8.06 -21.63
CA GLN L 517 72.70 8.10 -20.18
C GLN L 517 71.86 7.03 -19.51
N GLY L 518 72.27 5.77 -19.65
CA GLY L 518 71.45 4.56 -19.51
C GLY L 518 71.05 4.27 -18.07
N LEU L 519 69.93 3.59 -17.91
CA LEU L 519 69.63 2.90 -16.65
C LEU L 519 70.92 2.67 -15.88
N LYS L 520 70.93 3.20 -14.66
CA LYS L 520 72.17 3.72 -14.06
C LYS L 520 73.06 2.52 -13.81
N LEU L 521 72.53 1.51 -13.14
CA LEU L 521 73.40 0.37 -12.78
C LEU L 521 73.17 -0.85 -13.67
N MET L 522 72.07 -0.88 -14.43
CA MET L 522 71.74 -2.00 -15.35
C MET L 522 72.54 -1.93 -16.65
N ASP L 523 72.37 -2.93 -17.51
CA ASP L 523 72.85 -2.89 -18.92
C ASP L 523 71.94 -1.94 -19.70
N ASP L 524 72.56 -1.06 -20.48
CA ASP L 524 71.88 0.10 -21.09
C ASP L 524 70.73 -0.36 -21.98
N GLY L 525 70.66 -1.67 -22.30
CA GLY L 525 69.70 -2.23 -23.29
C GLY L 525 68.30 -2.37 -22.76
N HIS L 526 68.09 -2.21 -21.45
CA HIS L 526 66.77 -2.64 -20.91
C HIS L 526 65.83 -1.47 -20.90
N ILE L 527 66.33 -0.29 -21.22
CA ILE L 527 65.53 0.95 -21.08
C ILE L 527 64.56 1.02 -22.23
N PRO L 528 63.24 1.06 -21.94
CA PRO L 528 62.26 1.05 -23.00
C PRO L 528 62.43 2.30 -23.86
N VAL L 529 62.40 2.07 -25.16
CA VAL L 529 62.58 3.09 -26.21
C VAL L 529 61.52 2.79 -27.26
N LEU L 530 60.78 3.80 -27.65
CA LEU L 530 59.84 3.64 -28.76
C LEU L 530 60.61 3.29 -30.00
N PRO L 531 60.04 2.46 -30.85
CA PRO L 531 60.67 2.19 -32.14
C PRO L 531 60.59 3.40 -33.09
N LYS L 532 61.38 3.42 -34.15
CA LYS L 532 61.32 4.50 -35.16
C LYS L 532 59.91 4.49 -35.73
N PHE L 533 59.30 5.67 -35.87
CA PHE L 533 57.85 5.83 -36.13
C PHE L 533 57.38 5.04 -37.36
N GLY L 534 56.43 4.13 -37.13
CA GLY L 534 55.91 3.20 -38.15
C GLY L 534 56.87 2.06 -38.50
N GLU L 535 57.90 1.75 -37.70
CA GLU L 535 58.77 0.56 -37.92
C GLU L 535 58.31 -0.61 -37.07
N ASP L 536 57.35 -0.36 -36.20
CA ASP L 536 56.93 -1.47 -35.31
C ASP L 536 58.15 -1.90 -34.47
N LYS L 537 58.12 -3.03 -33.76
CA LYS L 537 59.16 -3.26 -32.73
C LYS L 537 60.42 -3.76 -33.43
N ARG L 538 61.60 -3.50 -32.89
CA ARG L 538 62.78 -4.34 -33.23
C ARG L 538 63.23 -5.15 -32.00
N HIS L 539 63.46 -6.49 -32.09
CA HIS L 539 63.97 -7.34 -30.96
C HIS L 539 65.20 -6.66 -30.38
N PRO L 540 65.32 -6.71 -29.03
CA PRO L 540 66.60 -6.48 -28.38
C PRO L 540 67.70 -7.14 -29.23
N ALA L 541 68.91 -6.56 -29.19
CA ALA L 541 70.07 -6.97 -30.00
C ALA L 541 70.45 -8.41 -29.65
N GLU L 542 70.67 -8.71 -28.38
CA GLU L 542 71.17 -10.06 -28.00
C GLU L 542 70.29 -11.12 -28.68
N ILE L 543 68.97 -10.96 -28.55
CA ILE L 543 67.99 -11.96 -29.07
C ILE L 543 68.09 -11.94 -30.58
N GLN L 544 68.24 -10.76 -31.17
CA GLN L 544 68.32 -10.65 -32.64
C GLN L 544 69.59 -11.38 -33.08
N ALA L 545 70.66 -11.19 -32.30
CA ALA L 545 71.95 -11.84 -32.58
C ALA L 545 71.77 -13.36 -32.51
N PHE L 546 71.02 -13.82 -31.49
CA PHE L 546 70.75 -15.25 -31.26
C PHE L 546 69.97 -15.79 -32.47
N ILE L 547 68.97 -15.01 -32.92
CA ILE L 547 67.96 -15.52 -33.88
C ILE L 547 68.68 -15.84 -35.20
N ASP L 548 69.58 -14.95 -35.61
CA ASP L 548 70.30 -15.08 -36.91
C ASP L 548 71.21 -16.29 -36.81
N GLN L 549 71.90 -16.40 -35.67
CA GLN L 549 72.82 -17.51 -35.37
C GLN L 549 72.05 -18.80 -35.60
N MET L 550 70.83 -18.86 -35.05
CA MET L 550 69.93 -20.03 -35.23
C MET L 550 69.65 -20.20 -36.72
N GLU L 551 69.34 -19.10 -37.39
CA GLU L 551 69.02 -19.06 -38.85
C GLU L 551 70.23 -19.61 -39.62
N GLN L 552 71.42 -19.13 -39.27
CA GLN L 552 72.71 -19.53 -39.89
C GLN L 552 72.90 -21.04 -39.75
N GLN L 553 72.63 -21.57 -38.54
CA GLN L 553 72.75 -23.01 -38.19
C GLN L 553 71.81 -23.82 -39.09
N ASP M 1 -23.28 -14.88 -107.31
CA ASP M 1 -24.71 -15.14 -106.95
C ASP M 1 -24.81 -16.32 -105.97
N ASN M 2 -23.69 -16.82 -105.45
CA ASN M 2 -23.68 -17.94 -104.48
C ASN M 2 -24.42 -17.50 -103.21
N VAL M 3 -24.96 -18.47 -102.48
CA VAL M 3 -25.61 -18.22 -101.16
C VAL M 3 -24.68 -18.70 -100.06
N ILE M 4 -24.15 -17.75 -99.29
CA ILE M 4 -23.28 -17.99 -98.11
C ILE M 4 -23.73 -17.07 -96.97
N THR M 5 -23.41 -17.45 -95.74
CA THR M 5 -23.67 -16.64 -94.53
C THR M 5 -22.38 -15.91 -94.14
N ARG M 6 -22.49 -14.64 -93.74
CA ARG M 6 -21.31 -13.87 -93.28
C ARG M 6 -21.54 -13.41 -91.84
N VAL M 7 -20.56 -13.68 -90.98
CA VAL M 7 -20.60 -13.34 -89.53
C VAL M 7 -19.55 -12.25 -89.26
N VAL M 8 -20.01 -11.03 -89.01
CA VAL M 8 -19.12 -9.84 -88.83
C VAL M 8 -19.64 -9.02 -87.64
N ALA M 9 -18.76 -8.22 -87.04
CA ALA M 9 -19.06 -7.52 -85.76
C ALA M 9 -19.38 -6.04 -86.01
N VAL M 10 -20.28 -5.51 -85.20
CA VAL M 10 -20.32 -4.06 -84.89
C VAL M 10 -20.24 -3.92 -83.37
N ARG M 11 -19.06 -3.53 -82.90
CA ARG M 11 -18.70 -3.46 -81.47
C ARG M 11 -19.43 -2.30 -80.80
N ASN M 12 -19.78 -1.24 -81.56
CA ASN M 12 -20.02 0.15 -81.07
C ASN M 12 -21.40 0.27 -80.41
N VAL M 13 -22.47 -0.12 -81.10
CA VAL M 13 -23.86 -0.14 -80.53
C VAL M 13 -24.61 -1.34 -81.09
N SER M 14 -25.63 -1.80 -80.34
CA SER M 14 -26.47 -2.97 -80.71
C SER M 14 -26.96 -2.81 -82.16
N VAL M 15 -26.85 -3.90 -82.92
CA VAL M 15 -27.03 -3.89 -84.40
C VAL M 15 -28.51 -4.07 -84.75
N ARG M 16 -29.37 -4.29 -83.74
CA ARG M 16 -30.85 -4.27 -83.92
C ARG M 16 -31.24 -2.93 -84.55
N GLU M 17 -30.46 -1.89 -84.28
CA GLU M 17 -30.63 -0.52 -84.83
C GLU M 17 -30.69 -0.56 -86.37
N LEU M 18 -30.10 -1.57 -87.01
CA LEU M 18 -30.02 -1.65 -88.50
C LEU M 18 -31.08 -2.59 -89.07
N SER M 19 -31.97 -3.17 -88.27
CA SER M 19 -32.91 -4.22 -88.75
C SER M 19 -33.77 -3.70 -89.92
N PRO M 20 -34.35 -2.48 -89.88
CA PRO M 20 -35.26 -2.07 -90.96
C PRO M 20 -34.54 -1.86 -92.31
N LEU M 21 -33.37 -1.20 -92.27
CA LEU M 21 -32.62 -0.77 -93.48
C LEU M 21 -31.92 -2.00 -94.09
N LEU M 22 -31.45 -2.92 -93.24
CA LEU M 22 -30.84 -4.19 -93.70
C LEU M 22 -31.93 -5.06 -94.36
N ARG M 23 -33.11 -5.17 -93.77
CA ARG M 23 -34.26 -5.85 -94.43
C ARG M 23 -34.69 -5.04 -95.65
N GLN M 24 -34.21 -3.80 -95.79
CA GLN M 24 -34.38 -3.03 -97.05
C GLN M 24 -33.54 -3.67 -98.15
N LEU M 25 -32.30 -4.08 -97.84
CA LEU M 25 -31.45 -4.85 -98.78
C LEU M 25 -31.91 -6.31 -98.84
N ILE M 26 -32.68 -6.79 -97.86
CA ILE M 26 -33.35 -8.12 -97.97
C ILE M 26 -34.58 -7.96 -98.86
N ASP M 27 -35.15 -6.74 -98.91
CA ASP M 27 -36.24 -6.36 -99.84
C ASP M 27 -35.66 -5.91 -101.18
N ASN M 28 -34.60 -5.08 -101.18
CA ASN M 28 -34.04 -4.43 -102.41
C ASN M 28 -33.81 -5.47 -103.51
N ALA M 29 -33.45 -6.71 -103.15
CA ALA M 29 -33.25 -7.83 -104.08
C ALA M 29 -33.91 -9.09 -103.52
N GLY M 30 -33.63 -10.25 -104.13
CA GLY M 30 -34.25 -11.55 -103.81
C GLY M 30 -34.03 -11.96 -102.35
N ALA M 31 -34.99 -12.69 -101.77
CA ALA M 31 -34.94 -13.20 -100.38
C ALA M 31 -34.42 -14.65 -100.38
N GLY M 32 -34.53 -15.33 -99.24
CA GLY M 32 -33.65 -16.45 -98.85
C GLY M 32 -32.58 -15.98 -97.88
N ASN M 33 -32.45 -14.65 -97.73
CA ASN M 33 -31.55 -14.01 -96.74
C ASN M 33 -32.02 -14.32 -95.33
N VAL M 34 -31.11 -14.21 -94.37
CA VAL M 34 -31.41 -13.80 -92.97
C VAL M 34 -30.40 -12.71 -92.60
N VAL M 35 -30.78 -11.80 -91.72
CA VAL M 35 -29.79 -11.02 -90.94
C VAL M 35 -30.23 -11.04 -89.48
N HIS M 36 -29.49 -11.78 -88.66
CA HIS M 36 -29.86 -12.03 -87.24
C HIS M 36 -28.81 -11.39 -86.34
N TYR M 37 -29.28 -10.61 -85.36
CA TYR M 37 -28.44 -9.70 -84.55
C TYR M 37 -28.31 -10.30 -83.16
N ASP M 38 -27.17 -10.88 -82.85
CA ASP M 38 -27.02 -11.63 -81.59
C ASP M 38 -26.77 -10.64 -80.45
N PRO M 39 -27.60 -10.68 -79.37
CA PRO M 39 -27.40 -9.83 -78.20
C PRO M 39 -26.02 -9.98 -77.54
N ALA M 40 -25.25 -11.01 -77.92
CA ALA M 40 -23.80 -11.12 -77.60
C ALA M 40 -23.01 -10.06 -78.38
N ASN M 41 -23.67 -9.36 -79.31
CA ASN M 41 -23.10 -8.31 -80.19
C ASN M 41 -22.05 -8.92 -81.13
N ILE M 42 -22.51 -9.78 -82.05
CA ILE M 42 -21.89 -10.05 -83.38
C ILE M 42 -23.04 -10.01 -84.40
N ILE M 43 -22.80 -10.41 -85.64
CA ILE M 43 -23.75 -10.14 -86.76
C ILE M 43 -23.80 -11.35 -87.69
N LEU M 44 -25.02 -11.73 -88.08
CA LEU M 44 -25.28 -12.83 -89.05
C LEU M 44 -25.97 -12.26 -90.30
N ILE M 45 -25.43 -12.59 -91.47
CA ILE M 45 -26.18 -12.54 -92.76
C ILE M 45 -26.17 -13.95 -93.36
N THR M 46 -27.16 -14.25 -94.19
CA THR M 46 -27.18 -15.45 -95.06
C THR M 46 -27.85 -15.09 -96.38
N GLY M 47 -27.30 -15.55 -97.50
CA GLY M 47 -27.87 -15.30 -98.85
C GLY M 47 -26.79 -15.05 -99.89
N ARG M 48 -27.18 -14.34 -100.97
CA ARG M 48 -26.29 -14.05 -102.11
C ARG M 48 -25.12 -13.17 -101.66
N ALA M 49 -23.91 -13.63 -101.96
CA ALA M 49 -22.62 -13.02 -101.55
C ALA M 49 -22.62 -11.53 -101.90
N ALA M 50 -23.31 -11.13 -102.97
CA ALA M 50 -23.41 -9.71 -103.41
C ALA M 50 -24.22 -8.92 -102.40
N VAL M 51 -25.46 -9.34 -102.16
CA VAL M 51 -26.41 -8.61 -101.27
C VAL M 51 -25.99 -8.82 -99.82
N VAL M 52 -25.41 -9.97 -99.52
CA VAL M 52 -24.77 -10.23 -98.20
C VAL M 52 -23.56 -9.31 -98.06
N ASN M 53 -22.90 -9.00 -99.18
CA ASN M 53 -21.71 -8.11 -99.21
C ASN M 53 -22.16 -6.69 -98.91
N ARG M 54 -23.24 -6.25 -99.55
CA ARG M 54 -23.80 -4.88 -99.37
C ARG M 54 -24.35 -4.78 -97.96
N LEU M 55 -24.98 -5.85 -97.48
CA LEU M 55 -25.55 -5.91 -96.10
C LEU M 55 -24.40 -5.80 -95.09
N ALA M 56 -23.27 -6.44 -95.38
CA ALA M 56 -22.09 -6.45 -94.48
C ALA M 56 -21.39 -5.09 -94.58
N GLU M 57 -21.69 -4.31 -95.61
CA GLU M 57 -21.06 -2.99 -95.88
C GLU M 57 -21.78 -1.92 -95.08
N ILE M 58 -23.12 -1.93 -95.05
CA ILE M 58 -23.90 -1.10 -94.08
C ILE M 58 -23.50 -1.55 -92.68
N ILE M 59 -23.58 -2.85 -92.44
CA ILE M 59 -23.21 -3.49 -91.14
C ILE M 59 -21.80 -3.05 -90.75
N LYS M 60 -20.79 -3.38 -91.55
CA LYS M 60 -19.39 -2.97 -91.27
C LYS M 60 -19.30 -1.44 -91.29
N ARG M 61 -20.33 -0.77 -91.81
CA ARG M 61 -20.34 0.72 -91.86
C ARG M 61 -20.82 1.22 -90.51
N VAL M 62 -21.41 0.36 -89.69
CA VAL M 62 -21.65 0.67 -88.25
C VAL M 62 -20.58 -0.03 -87.39
N ASP M 63 -19.85 -1.02 -87.93
CA ASP M 63 -18.65 -1.58 -87.26
C ASP M 63 -17.57 -0.49 -87.21
N GLN M 64 -16.97 -0.19 -88.36
CA GLN M 64 -15.87 0.81 -88.47
C GLN M 64 -16.37 2.15 -87.95
N ALA M 65 -17.69 2.32 -87.84
CA ALA M 65 -18.32 3.59 -87.41
C ALA M 65 -17.94 3.87 -85.95
N GLY M 66 -17.91 2.82 -85.12
CA GLY M 66 -17.57 2.94 -83.69
C GLY M 66 -16.73 1.77 -83.21
N ASN M 67 -15.56 1.55 -83.82
CA ASN M 67 -14.68 0.43 -83.40
C ASN M 67 -14.03 0.78 -82.05
N ARG M 68 -13.62 -0.23 -81.30
CA ARG M 68 -13.05 -0.03 -79.95
C ARG M 68 -11.96 -1.06 -79.69
N GLU M 69 -10.72 -0.59 -79.51
CA GLU M 69 -9.57 -1.45 -79.18
C GLU M 69 -9.04 -1.10 -77.79
N ILE M 70 -7.84 -1.58 -77.46
CA ILE M 70 -7.21 -1.29 -76.16
C ILE M 70 -5.70 -1.12 -76.34
N GLU M 71 -5.08 -0.43 -75.38
CA GLU M 71 -3.61 -0.20 -75.38
C GLU M 71 -3.06 -0.58 -74.02
N VAL M 72 -1.77 -0.87 -73.99
CA VAL M 72 -1.01 -1.11 -72.72
C VAL M 72 0.35 -0.41 -72.87
N VAL M 73 0.56 0.66 -72.12
CA VAL M 73 1.78 1.50 -72.28
C VAL M 73 2.34 1.84 -70.90
N GLU M 74 3.67 1.80 -70.81
CA GLU M 74 4.43 1.97 -69.54
C GLU M 74 4.28 3.41 -69.06
N LEU M 75 4.01 3.54 -67.78
CA LEU M 75 4.22 4.80 -67.04
C LEU M 75 5.34 4.56 -66.03
N GLY M 76 6.59 4.83 -66.43
CA GLY M 76 7.78 4.57 -65.59
C GLY M 76 7.73 5.39 -64.30
N ASN M 77 6.89 6.42 -64.26
CA ASN M 77 7.04 7.53 -63.29
C ASN M 77 5.70 7.78 -62.60
N ALA M 78 4.79 8.49 -63.26
CA ALA M 78 3.52 8.98 -62.66
C ALA M 78 2.69 7.79 -62.21
N SER M 79 2.12 7.86 -61.01
CA SER M 79 1.25 6.77 -60.51
C SER M 79 0.09 6.58 -61.48
N ALA M 80 -0.04 5.36 -62.01
CA ALA M 80 -1.16 5.00 -62.90
C ALA M 80 -2.45 5.50 -62.25
N ALA M 81 -2.79 4.97 -61.08
CA ALA M 81 -4.03 5.31 -60.36
C ALA M 81 -4.20 6.83 -60.37
N GLU M 82 -3.10 7.57 -60.30
CA GLU M 82 -3.17 9.05 -60.44
C GLU M 82 -3.54 9.36 -61.90
N MET M 83 -2.80 8.80 -62.86
CA MET M 83 -3.10 9.07 -64.29
C MET M 83 -4.60 8.81 -64.50
N VAL M 84 -5.09 7.69 -63.98
CA VAL M 84 -6.53 7.35 -63.92
C VAL M 84 -7.28 8.57 -63.41
N ARG M 85 -7.10 8.91 -62.13
CA ARG M 85 -7.89 9.97 -61.47
C ARG M 85 -7.92 11.20 -62.38
N ILE M 86 -6.75 11.56 -62.90
CA ILE M 86 -6.53 12.91 -63.48
C ILE M 86 -7.08 12.91 -64.90
N VAL M 87 -7.30 11.73 -65.45
CA VAL M 87 -8.10 11.61 -66.70
C VAL M 87 -9.57 11.44 -66.34
N ASP M 88 -9.87 10.98 -65.12
CA ASP M 88 -11.27 10.62 -64.76
C ASP M 88 -12.14 11.87 -64.90
N ALA M 89 -11.59 13.02 -64.52
CA ALA M 89 -12.20 14.35 -64.72
C ALA M 89 -12.64 14.51 -66.17
N LEU M 90 -11.90 13.91 -67.10
CA LEU M 90 -12.22 14.01 -68.55
C LEU M 90 -13.44 13.14 -68.85
N ASN M 91 -14.35 13.64 -69.67
CA ASN M 91 -15.72 13.05 -69.79
C ASN M 91 -16.06 12.93 -71.27
N LYS M 106 -12.19 4.05 -71.07
CA LYS M 106 -11.76 4.24 -69.65
C LYS M 106 -10.29 3.82 -69.51
N LEU M 107 -9.85 3.44 -68.31
CA LEU M 107 -8.43 3.53 -67.91
C LEU M 107 -8.06 2.39 -66.96
N VAL M 108 -6.85 1.87 -67.12
CA VAL M 108 -6.20 0.98 -66.12
C VAL M 108 -4.70 1.29 -66.09
N ALA M 109 -3.98 0.53 -65.27
CA ALA M 109 -2.52 0.37 -65.35
C ALA M 109 -2.07 -0.80 -64.48
N ASP M 110 -0.77 -1.10 -64.49
CA ASP M 110 -0.16 -2.01 -63.49
C ASP M 110 1.10 -1.37 -62.94
N GLU M 111 1.29 -1.45 -61.63
CA GLU M 111 2.54 -1.02 -61.00
C GLU M 111 3.47 -2.22 -60.73
N ARG M 112 3.12 -3.45 -61.15
CA ARG M 112 4.18 -4.47 -61.38
C ARG M 112 5.06 -3.95 -62.52
N THR M 113 4.39 -3.59 -63.62
CA THR M 113 5.01 -3.08 -64.86
C THR M 113 5.14 -1.55 -64.77
N ASN M 114 4.20 -0.91 -64.07
CA ASN M 114 3.99 0.57 -64.17
C ASN M 114 3.67 0.91 -65.65
N SER M 115 2.48 0.50 -66.09
CA SER M 115 2.04 0.63 -67.49
C SER M 115 0.57 1.00 -67.53
N ILE M 116 0.25 2.06 -68.28
CA ILE M 116 -1.15 2.44 -68.57
C ILE M 116 -1.76 1.34 -69.41
N LEU M 117 -2.92 0.89 -69.01
CA LEU M 117 -3.81 0.09 -69.85
C LEU M 117 -4.98 0.98 -70.23
N ILE M 118 -5.57 0.73 -71.38
CA ILE M 118 -6.76 1.52 -71.78
C ILE M 118 -7.93 0.58 -72.05
N SER M 119 -9.14 1.07 -71.86
CA SER M 119 -10.38 0.46 -72.39
C SER M 119 -11.13 1.53 -73.18
N GLY M 120 -11.12 1.42 -74.50
CA GLY M 120 -11.98 2.26 -75.36
C GLY M 120 -11.34 2.54 -76.69
N ASP M 121 -11.67 3.70 -77.27
CA ASP M 121 -11.61 3.99 -78.72
C ASP M 121 -10.17 3.90 -79.21
N PRO M 122 -9.97 3.60 -80.52
CA PRO M 122 -8.75 4.02 -81.20
C PRO M 122 -8.64 5.54 -81.38
N LYS M 123 -9.71 6.28 -81.11
CA LYS M 123 -9.60 7.72 -80.77
C LYS M 123 -9.08 7.85 -79.34
N VAL M 124 -9.58 7.02 -78.44
CA VAL M 124 -9.04 6.93 -77.05
C VAL M 124 -7.60 6.39 -77.15
N ARG M 125 -7.29 5.66 -78.23
CA ARG M 125 -5.90 5.15 -78.45
C ARG M 125 -5.03 6.29 -78.96
N ASP M 126 -5.56 7.14 -79.85
CA ASP M 126 -4.79 8.32 -80.34
C ASP M 126 -4.55 9.27 -79.16
N ARG M 127 -5.61 9.78 -78.54
CA ARG M 127 -5.50 10.84 -77.51
C ARG M 127 -4.85 10.26 -76.26
N LEU M 128 -5.06 8.97 -75.97
CA LEU M 128 -4.50 8.44 -74.72
C LEU M 128 -3.17 7.75 -74.96
N LYS M 129 -2.72 7.64 -76.21
CA LYS M 129 -1.25 7.54 -76.40
C LYS M 129 -0.65 8.93 -76.30
N ARG M 130 -1.40 9.96 -76.69
CA ARG M 130 -0.97 11.35 -76.43
C ARG M 130 -0.71 11.50 -74.93
N LEU M 131 -1.61 11.02 -74.07
CA LEU M 131 -1.48 11.23 -72.60
C LEU M 131 -0.62 10.12 -71.99
N ILE M 132 -0.47 8.99 -72.68
CA ILE M 132 0.67 8.07 -72.40
C ILE M 132 1.94 8.92 -72.37
N ARG M 133 2.11 9.74 -73.39
CA ARG M 133 3.39 10.48 -73.61
C ARG M 133 3.38 11.71 -72.70
N GLN M 134 2.22 12.34 -72.51
CA GLN M 134 2.17 13.69 -71.90
C GLN M 134 2.82 13.63 -70.51
N LEU M 135 2.33 12.79 -69.62
CA LEU M 135 2.91 12.73 -68.26
C LEU M 135 3.73 11.47 -68.14
N ASP M 136 4.86 11.48 -68.82
CA ASP M 136 5.94 10.47 -68.65
C ASP M 136 7.22 11.12 -68.10
N VAL M 137 7.35 12.44 -68.23
CA VAL M 137 8.64 13.19 -68.33
C VAL M 137 9.43 13.14 -67.02
N GLU M 138 10.33 14.11 -66.83
CA GLU M 138 11.14 14.30 -65.60
C GLU M 138 10.26 14.28 -64.35
N MET M 139 10.85 13.91 -63.21
CA MET M 139 10.15 13.90 -61.90
C MET M 139 10.37 15.25 -61.22
N ALA M 140 11.26 16.07 -61.78
CA ALA M 140 11.51 17.49 -61.44
C ALA M 140 12.21 17.62 -60.07
N SER M 141 12.84 16.54 -59.59
CA SER M 141 13.74 16.54 -58.40
C SER M 141 13.13 17.33 -57.25
N LYS M 142 12.04 16.80 -56.68
CA LYS M 142 11.20 17.48 -55.67
C LYS M 142 12.10 18.00 -54.55
N GLY M 143 13.20 17.30 -54.28
CA GLY M 143 14.04 17.58 -53.11
C GLY M 143 13.19 17.77 -51.87
N ASN M 144 12.13 16.97 -51.74
CA ASN M 144 11.14 17.01 -50.63
C ASN M 144 11.88 17.24 -49.32
N ASN M 145 13.02 16.57 -49.17
CA ASN M 145 13.88 16.69 -47.96
C ASN M 145 15.29 17.16 -48.37
N ARG M 146 15.92 17.91 -47.48
CA ARG M 146 17.30 18.44 -47.60
C ARG M 146 18.02 18.20 -46.28
N VAL M 147 19.33 18.24 -46.29
CA VAL M 147 20.10 18.10 -45.02
C VAL M 147 21.07 19.28 -45.00
N VAL M 148 20.73 20.27 -44.19
CA VAL M 148 21.49 21.55 -44.09
C VAL M 148 22.57 21.41 -43.04
N TYR M 149 23.78 21.65 -43.47
CA TYR M 149 24.98 21.55 -42.63
C TYR M 149 25.13 22.89 -41.93
N LEU M 150 24.74 22.92 -40.66
CA LEU M 150 24.91 24.11 -39.79
C LEU M 150 26.36 24.61 -39.81
N LYS M 151 26.51 25.88 -40.12
CA LYS M 151 27.79 26.63 -40.11
C LYS M 151 28.26 26.93 -38.68
N TYR M 152 27.50 27.66 -37.87
CA TYR M 152 28.06 27.78 -36.51
C TYR M 152 27.08 27.39 -35.46
N ALA M 153 26.27 26.38 -35.66
CA ALA M 153 25.40 26.24 -34.48
C ALA M 153 25.23 24.79 -34.07
N LYS M 154 24.97 24.58 -32.80
CA LYS M 154 24.72 23.17 -32.47
C LYS M 154 23.33 22.84 -32.96
N ALA M 155 23.26 21.78 -33.73
CA ALA M 155 22.01 21.44 -34.40
C ALA M 155 21.14 20.69 -33.40
N GLU M 156 21.77 20.12 -32.38
CA GLU M 156 21.06 19.32 -31.39
C GLU M 156 20.01 20.21 -30.74
N ASP M 157 20.23 21.53 -30.82
CA ASP M 157 19.48 22.54 -30.04
C ASP M 157 18.60 23.35 -30.98
N LEU M 158 19.10 23.55 -32.18
CA LEU M 158 18.33 24.25 -33.22
C LEU M 158 17.06 23.48 -33.58
N VAL M 159 17.12 22.14 -33.65
CA VAL M 159 15.92 21.33 -33.99
C VAL M 159 14.78 21.62 -33.02
N ASP M 160 15.12 21.92 -31.78
CA ASP M 160 14.13 22.27 -30.73
C ASP M 160 13.32 23.49 -31.18
N VAL M 161 14.02 24.48 -31.69
CA VAL M 161 13.41 25.78 -32.06
C VAL M 161 12.66 25.61 -33.34
N LEU M 162 13.09 24.70 -34.20
CA LEU M 162 12.43 24.68 -35.51
C LEU M 162 11.17 23.84 -35.39
N LYS M 163 10.98 23.17 -34.26
CA LYS M 163 9.78 22.33 -34.04
C LYS M 163 8.53 23.21 -34.13
N GLY M 164 8.60 24.42 -33.58
CA GLY M 164 7.45 25.33 -33.52
C GLY M 164 7.19 26.03 -34.85
N VAL M 165 8.27 26.31 -35.59
CA VAL M 165 8.22 26.93 -36.93
C VAL M 165 7.72 25.83 -37.86
N SER M 166 8.05 24.62 -37.47
CA SER M 166 7.83 23.53 -38.43
C SER M 166 6.33 23.24 -38.50
N ASP M 167 5.80 22.63 -37.45
CA ASP M 167 4.38 22.20 -37.37
C ASP M 167 3.48 23.42 -37.62
N ASN M 168 3.72 24.50 -36.88
CA ASN M 168 2.87 25.71 -36.93
C ASN M 168 2.79 26.17 -38.39
N LEU M 169 3.94 26.29 -39.05
CA LEU M 169 3.97 26.83 -40.44
C LEU M 169 3.07 25.97 -41.32
N GLN M 170 3.20 24.65 -41.22
CA GLN M 170 2.44 23.66 -42.03
C GLN M 170 0.95 23.93 -41.87
N ALA M 171 0.47 24.11 -40.64
CA ALA M 171 -0.95 24.42 -40.33
C ALA M 171 -1.38 25.76 -40.99
N VAL M 187 6.10 18.10 -42.01
CA VAL M 187 7.33 18.81 -41.52
C VAL M 187 7.98 17.99 -40.40
N VAL M 188 9.05 17.26 -40.69
CA VAL M 188 9.87 16.66 -39.60
C VAL M 188 11.32 17.11 -39.73
N ILE M 189 11.76 17.89 -38.74
CA ILE M 189 13.15 18.41 -38.61
C ILE M 189 13.88 17.49 -37.66
N ALA M 190 15.01 16.95 -38.10
CA ALA M 190 15.74 16.02 -37.22
C ALA M 190 17.21 16.38 -37.26
N ALA M 191 17.86 16.45 -36.12
CA ALA M 191 19.25 16.94 -36.10
C ALA M 191 20.16 15.73 -35.98
N HIS M 192 21.02 15.51 -36.97
CA HIS M 192 22.02 14.41 -36.92
C HIS M 192 23.25 14.90 -36.21
N GLN M 193 23.41 14.52 -34.94
CA GLN M 193 24.49 15.00 -34.04
C GLN M 193 25.79 15.05 -34.81
N GLY M 194 26.26 13.84 -35.14
CA GLY M 194 27.54 13.59 -35.81
C GLY M 194 28.05 14.81 -36.56
N THR M 195 27.32 15.24 -37.60
CA THR M 195 27.86 16.14 -38.64
C THR M 195 27.44 17.58 -38.31
N ASN M 196 26.80 17.72 -37.16
CA ASN M 196 26.12 18.97 -36.72
C ASN M 196 25.36 19.48 -37.92
N SER M 197 24.56 18.58 -38.49
CA SER M 197 23.71 18.87 -39.67
C SER M 197 22.34 18.40 -39.30
N LEU M 198 21.38 19.32 -39.36
CA LEU M 198 20.01 18.85 -39.08
C LEU M 198 19.32 18.62 -40.41
N VAL M 199 18.60 17.52 -40.42
CA VAL M 199 17.91 16.94 -41.59
C VAL M 199 16.47 17.41 -41.53
N LEU M 200 16.10 18.15 -42.58
CA LEU M 200 14.75 18.73 -42.69
C LEU M 200 13.97 17.89 -43.68
N THR M 201 12.74 17.53 -43.35
CA THR M 201 11.83 16.92 -44.34
C THR M 201 10.52 17.68 -44.26
N ALA M 202 10.47 18.65 -45.18
CA ALA M 202 9.53 19.79 -45.27
C ALA M 202 8.61 19.59 -46.49
N PRO M 203 7.41 20.23 -46.60
CA PRO M 203 6.94 20.79 -47.88
C PRO M 203 7.79 21.92 -48.40
N PRO M 204 7.74 22.22 -49.71
CA PRO M 204 8.77 23.04 -50.33
C PRO M 204 8.78 24.47 -49.79
N ASP M 205 7.62 24.99 -49.47
CA ASP M 205 7.56 26.33 -48.80
C ASP M 205 8.07 26.20 -47.37
N ILE M 206 7.41 25.37 -46.58
CA ILE M 206 7.88 25.11 -45.20
C ILE M 206 9.41 24.93 -45.25
N MET M 207 9.93 24.32 -46.32
CA MET M 207 11.38 24.02 -46.47
C MET M 207 12.10 25.35 -46.68
N LEU M 208 11.77 26.03 -47.77
CA LEU M 208 12.32 27.38 -48.03
C LEU M 208 12.15 28.25 -46.78
N ALA M 209 11.15 27.96 -45.93
CA ALA M 209 10.96 28.78 -44.72
C ALA M 209 11.98 28.38 -43.66
N LEU M 210 11.99 27.11 -43.28
CA LEU M 210 12.91 26.57 -42.25
C LEU M 210 14.32 26.99 -42.65
N GLN M 211 14.59 27.07 -43.96
CA GLN M 211 15.96 27.35 -44.44
C GLN M 211 16.28 28.81 -44.12
N GLU M 212 15.28 29.69 -44.13
CA GLU M 212 15.49 31.14 -43.92
C GLU M 212 15.59 31.41 -42.43
N VAL M 213 15.08 30.47 -41.63
CA VAL M 213 15.09 30.58 -40.14
C VAL M 213 16.44 30.10 -39.64
N ILE M 214 16.94 29.05 -40.26
CA ILE M 214 18.18 28.35 -39.81
C ILE M 214 19.33 29.21 -40.23
N THR M 215 19.17 29.98 -41.30
CA THR M 215 20.27 30.80 -41.85
C THR M 215 20.44 32.05 -40.99
N GLN M 216 19.41 32.41 -40.22
CA GLN M 216 19.45 33.63 -39.40
C GLN M 216 19.73 33.24 -37.95
N LEU M 217 19.50 31.99 -37.56
CA LEU M 217 19.86 31.51 -36.20
C LEU M 217 21.27 30.98 -36.21
N ASP M 218 21.80 30.82 -37.39
CA ASP M 218 23.06 30.11 -37.54
C ASP M 218 24.19 31.12 -37.67
N ILE M 219 24.07 32.27 -37.02
CA ILE M 219 25.17 33.25 -37.07
C ILE M 219 26.20 32.81 -36.05
N ARG M 220 27.44 33.26 -36.24
CA ARG M 220 28.53 32.99 -35.27
C ARG M 220 28.18 33.68 -33.97
N ARG M 221 28.65 33.15 -32.85
CA ARG M 221 28.36 33.82 -31.58
C ARG M 221 29.60 34.60 -31.18
N ALA M 222 29.42 35.85 -30.80
CA ALA M 222 30.57 36.58 -30.26
C ALA M 222 30.88 36.02 -28.87
N GLN M 223 31.98 36.44 -28.28
CA GLN M 223 32.27 35.83 -26.95
C GLN M 223 32.93 36.83 -26.02
N VAL M 224 32.55 36.75 -24.76
CA VAL M 224 32.98 37.78 -23.78
C VAL M 224 34.08 37.20 -22.89
N LEU M 225 35.09 37.99 -22.64
CA LEU M 225 36.11 37.67 -21.63
C LEU M 225 35.76 38.38 -20.31
N ILE M 226 34.97 37.70 -19.48
CA ILE M 226 34.46 38.25 -18.20
C ILE M 226 35.62 38.28 -17.22
N GLU M 227 36.23 39.42 -17.08
CA GLU M 227 37.30 39.52 -16.06
C GLU M 227 36.71 40.19 -14.84
N ALA M 228 36.37 39.42 -13.82
CA ALA M 228 36.04 39.96 -12.48
C ALA M 228 37.30 40.41 -11.74
N LEU M 229 37.12 41.23 -10.71
CA LEU M 229 38.28 41.93 -10.09
C LEU M 229 37.96 42.24 -8.65
N ILE M 230 38.10 41.24 -7.82
CA ILE M 230 37.69 41.25 -6.42
C ILE M 230 38.82 41.82 -5.58
N VAL M 231 38.57 42.91 -4.90
CA VAL M 231 39.65 43.61 -4.18
C VAL M 231 39.22 43.65 -2.73
N GLU M 232 39.70 42.73 -1.92
CA GLU M 232 39.44 42.69 -0.46
C GLU M 232 40.58 43.28 0.37
N MET M 233 40.42 44.50 0.82
CA MET M 233 41.51 45.27 1.44
C MET M 233 41.17 45.60 2.90
N ALA M 234 41.74 44.88 3.85
CA ALA M 234 41.36 44.87 5.28
C ALA M 234 42.53 45.32 6.16
N GLU M 235 42.21 46.13 7.15
CA GLU M 235 43.22 46.90 7.90
C GLU M 235 42.72 46.98 9.32
N GLY M 236 43.48 46.42 10.26
CA GLY M 236 43.09 46.28 11.66
C GLY M 236 44.15 46.86 12.57
N ASP M 237 43.72 47.51 13.63
CA ASP M 237 44.62 48.24 14.52
C ASP M 237 44.03 48.15 15.91
N GLY M 238 44.72 47.47 16.81
CA GLY M 238 44.29 47.31 18.21
C GLY M 238 45.37 47.79 19.15
N VAL M 239 44.95 48.43 20.23
CA VAL M 239 45.83 48.79 21.34
C VAL M 239 45.24 48.29 22.64
N ASN M 240 45.83 47.31 23.29
CA ASN M 240 45.48 46.96 24.67
C ASN M 240 46.53 47.51 25.63
N LEU M 241 46.09 48.30 26.58
CA LEU M 241 47.06 48.80 27.57
C LEU M 241 46.43 48.86 28.94
N GLY M 242 46.99 48.17 29.88
CA GLY M 242 46.21 48.02 31.11
C GLY M 242 47.01 47.40 32.18
N VAL M 243 46.99 48.03 33.32
CA VAL M 243 48.01 47.66 34.32
C VAL M 243 47.34 47.01 35.49
N GLN M 244 47.82 45.86 35.90
CA GLN M 244 47.05 45.17 36.91
C GLN M 244 47.89 45.04 38.15
N TRP M 245 47.36 45.54 39.24
CA TRP M 245 48.06 45.39 40.52
C TRP M 245 47.60 44.11 41.17
N GLY M 246 48.41 43.49 42.02
CA GLY M 246 47.99 42.27 42.75
C GLY M 246 48.84 41.94 43.94
N ASN M 247 48.20 41.50 45.00
CA ASN M 247 48.89 41.08 46.24
C ASN M 247 48.20 39.82 46.73
N LEU M 248 48.83 38.68 46.51
CA LEU M 248 48.19 37.38 46.78
C LEU M 248 48.38 36.94 48.25
N GLU M 249 49.39 37.46 48.98
CA GLU M 249 49.54 37.20 50.43
C GLU M 249 48.19 37.42 51.11
N THR M 250 47.59 38.58 50.85
CA THR M 250 46.24 38.97 51.31
C THR M 250 45.39 39.35 50.11
N GLY M 251 44.86 38.33 49.40
CA GLY M 251 44.00 38.34 48.19
C GLY M 251 43.53 39.73 47.76
N ALA M 252 44.41 40.52 47.17
CA ALA M 252 44.07 41.90 46.79
C ALA M 252 44.43 42.04 45.34
N VAL M 253 43.47 41.97 44.47
CA VAL M 253 43.85 42.13 43.06
C VAL M 253 43.19 43.39 42.54
N ILE M 254 43.84 44.03 41.60
CA ILE M 254 43.09 44.90 40.67
C ILE M 254 43.17 44.27 39.31
N GLN M 255 42.35 43.29 39.08
CA GLN M 255 42.54 42.51 37.84
C GLN M 255 41.59 43.03 36.76
N TYR M 256 41.94 42.75 35.52
CA TYR M 256 41.09 43.02 34.36
C TYR M 256 41.02 41.80 33.46
N SER M 257 39.85 41.41 33.02
CA SER M 257 39.72 40.31 32.04
C SER M 257 40.08 40.86 30.66
N ASN M 258 39.89 42.15 30.48
CA ASN M 258 39.95 42.62 29.09
C ASN M 258 41.37 42.46 28.57
N THR M 259 42.37 42.38 29.45
CA THR M 259 43.75 42.32 28.97
C THR M 259 44.11 40.87 28.73
N GLY M 260 45.11 40.61 27.90
CA GLY M 260 45.56 39.22 27.78
C GLY M 260 45.31 38.45 29.06
N THR M 261 46.18 38.63 30.05
CA THR M 261 46.12 37.69 31.18
C THR M 261 45.61 38.44 32.38
N PRO M 262 44.86 37.80 33.30
CA PRO M 262 44.52 38.42 34.57
C PRO M 262 45.42 38.09 35.76
N ILE M 263 45.82 39.12 36.52
CA ILE M 263 46.99 39.04 37.43
C ILE M 263 46.81 37.79 38.31
N GLY M 264 45.56 37.36 38.54
CA GLY M 264 45.33 36.22 39.44
C GLY M 264 46.05 35.00 38.90
N LYS M 265 45.62 34.57 37.72
CA LYS M 265 46.25 33.42 37.03
C LYS M 265 47.76 33.59 37.14
N VAL M 266 48.27 34.81 36.93
CA VAL M 266 49.74 35.01 36.78
C VAL M 266 50.38 34.83 38.15
N MET M 267 49.82 35.46 39.17
CA MET M 267 50.42 35.29 40.51
C MET M 267 50.28 33.85 41.00
N VAL M 268 49.11 33.24 40.80
CA VAL M 268 48.97 31.81 41.19
C VAL M 268 50.05 31.02 40.46
N GLY M 269 50.16 31.21 39.15
CA GLY M 269 51.10 30.47 38.28
C GLY M 269 52.51 30.65 38.80
N LEU M 270 52.82 31.87 39.22
CA LEU M 270 54.18 32.17 39.69
C LEU M 270 54.44 31.44 40.99
N GLU M 271 53.42 31.30 41.82
CA GLU M 271 53.64 30.60 43.11
C GLU M 271 53.81 29.12 42.84
N GLU M 272 52.97 28.57 41.96
CA GLU M 272 53.10 27.13 41.63
C GLU M 272 54.46 26.85 40.98
N ALA M 273 55.02 27.81 40.23
CA ALA M 273 56.29 27.62 39.48
C ALA M 273 57.45 27.78 40.46
N LYS M 274 57.16 28.12 41.73
CA LYS M 274 58.19 28.27 42.79
C LYS M 274 58.51 26.90 43.39
N ASP M 275 59.71 26.72 43.93
CA ASP M 275 60.14 25.45 44.58
C ASP M 275 59.57 25.38 46.01
N LYS M 276 58.61 24.47 46.23
CA LYS M 276 57.94 24.20 47.54
C LYS M 276 58.86 23.35 48.42
N THR M 277 58.55 23.19 49.72
CA THR M 277 59.31 22.35 50.68
C THR M 277 58.35 21.63 51.62
N VAL M 278 58.38 20.30 51.62
CA VAL M 278 57.50 19.44 52.47
C VAL M 278 58.38 18.74 53.51
N THR M 279 58.34 19.19 54.77
CA THR M 279 59.35 18.88 55.83
C THR M 279 59.02 17.56 56.53
N SER M 294 63.64 16.63 55.76
CA SER M 294 63.27 17.78 54.89
C SER M 294 63.51 17.42 53.42
N ARG M 295 62.46 17.42 52.60
CA ARG M 295 62.57 17.29 51.12
C ARG M 295 62.42 18.68 50.50
N THR M 296 62.98 18.88 49.31
CA THR M 296 62.63 20.03 48.44
C THR M 296 61.97 19.49 47.17
N GLU M 297 61.12 20.29 46.55
CA GLU M 297 60.42 19.91 45.30
C GLU M 297 60.33 21.11 44.37
N ALA M 298 60.51 20.85 43.08
CA ALA M 298 60.43 21.90 42.06
C ALA M 298 59.02 21.91 41.50
N GLY M 299 58.37 23.03 41.69
CA GLY M 299 56.97 23.23 41.29
C GLY M 299 56.83 23.21 39.78
N ASP M 300 55.64 22.79 39.34
CA ASP M 300 55.27 22.74 37.92
C ASP M 300 54.95 24.14 37.47
N TYR M 301 55.53 24.48 36.34
CA TYR M 301 55.20 25.74 35.62
C TYR M 301 54.03 25.48 34.69
N SER M 302 53.15 24.52 35.01
CA SER M 302 52.03 24.15 34.12
C SER M 302 50.92 25.19 34.26
N THR M 303 50.87 25.86 35.41
CA THR M 303 49.81 26.85 35.70
C THR M 303 50.29 28.20 35.20
N LEU M 304 51.58 28.47 35.33
CA LEU M 304 52.16 29.74 34.86
C LEU M 304 52.18 29.72 33.33
N ALA M 305 52.40 28.57 32.73
CA ALA M 305 52.44 28.43 31.27
C ALA M 305 51.02 28.63 30.72
N ALA M 306 50.00 28.17 31.42
CA ALA M 306 48.58 28.35 31.00
C ALA M 306 48.22 29.83 31.12
N ALA M 307 48.87 30.57 32.00
CA ALA M 307 48.56 32.01 32.15
C ALA M 307 49.25 32.81 31.05
N LEU M 308 50.57 32.70 31.00
CA LEU M 308 51.42 33.49 30.10
C LEU M 308 51.18 33.01 28.67
N ALA M 309 50.50 31.87 28.53
CA ALA M 309 50.36 31.24 27.21
C ALA M 309 49.67 32.23 26.31
N GLY M 310 48.68 32.91 26.87
CA GLY M 310 47.69 33.66 26.09
C GLY M 310 48.03 35.12 26.09
N VAL M 311 49.28 35.47 26.31
CA VAL M 311 49.60 36.91 26.39
C VAL M 311 50.19 37.36 25.09
N ASN M 312 49.39 38.08 24.34
CA ASN M 312 49.93 38.54 23.05
C ASN M 312 50.16 40.02 23.22
N GLY M 313 51.28 40.34 23.80
CA GLY M 313 51.79 41.70 23.76
C GLY M 313 53.01 41.76 24.61
N ALA M 314 52.82 42.34 25.79
CA ALA M 314 53.87 42.58 26.79
C ALA M 314 53.18 42.62 28.13
N ALA M 315 53.43 41.58 28.95
CA ALA M 315 52.82 41.36 30.29
C ALA M 315 53.89 41.36 31.36
N MET M 316 54.42 42.55 31.65
CA MET M 316 55.62 42.73 32.47
C MET M 316 55.15 42.92 33.90
N SER M 317 55.92 42.40 34.85
CA SER M 317 55.58 42.46 36.29
C SER M 317 56.65 43.26 37.03
N LEU M 318 56.33 44.49 37.41
CA LEU M 318 57.09 45.26 38.42
C LEU M 318 56.66 44.77 39.80
N VAL M 319 57.42 43.83 40.36
CA VAL M 319 57.12 43.26 41.71
C VAL M 319 57.67 44.22 42.76
N MET M 320 56.79 45.00 43.37
CA MET M 320 57.18 46.01 44.39
C MET M 320 56.77 45.51 45.78
N GLY M 321 57.73 45.16 46.63
CA GLY M 321 57.47 44.51 47.94
C GLY M 321 56.14 43.76 48.00
N ASP M 322 55.95 42.75 47.15
CA ASP M 322 54.87 41.75 47.38
C ASP M 322 53.54 42.26 46.81
N TRP M 323 53.55 43.44 46.21
CA TRP M 323 52.46 43.88 45.33
C TRP M 323 52.91 43.81 43.87
N THR M 324 52.52 42.72 43.21
CA THR M 324 52.92 42.42 41.83
C THR M 324 52.04 43.24 40.89
N ALA M 325 52.65 44.21 40.21
CA ALA M 325 51.94 45.04 39.23
C ALA M 325 52.24 44.53 37.81
N LEU M 326 51.38 43.70 37.26
CA LEU M 326 51.48 43.24 35.88
C LEU M 326 50.91 44.30 34.94
N ILE M 327 51.83 45.02 34.32
CA ILE M 327 51.62 45.97 33.18
C ILE M 327 51.56 45.25 31.86
N SER M 328 50.51 45.49 31.11
CA SER M 328 50.27 44.78 29.83
C SER M 328 50.07 45.83 28.74
N ALA M 329 50.67 45.59 27.59
CA ALA M 329 50.56 46.50 26.45
C ALA M 329 50.75 45.69 25.18
N VAL M 330 49.91 45.97 24.20
CA VAL M 330 50.08 45.43 22.84
C VAL M 330 49.41 46.35 21.85
N SER M 331 50.08 46.70 20.75
CA SER M 331 49.48 47.54 19.69
C SER M 331 49.40 46.70 18.40
N SER M 332 48.61 45.63 18.44
CA SER M 332 48.30 44.75 17.29
C SER M 332 47.84 45.57 16.07
N ASP M 333 48.73 45.81 15.12
CA ASP M 333 48.41 46.56 13.89
C ASP M 333 48.48 45.56 12.73
N SER M 334 47.33 44.98 12.39
CA SER M 334 47.13 44.08 11.22
C SER M 334 46.79 44.87 9.94
N ASN M 335 46.79 44.17 8.81
CA ASN M 335 46.72 44.76 7.45
C ASN M 335 46.67 43.63 6.41
N SER M 336 45.74 43.72 5.49
CA SER M 336 45.41 42.64 4.53
C SER M 336 44.99 43.33 3.24
N ASN M 337 45.41 42.79 2.12
CA ASN M 337 45.26 43.54 0.87
C ASN M 337 45.17 42.50 -0.23
N ILE M 338 44.09 41.76 -0.24
CA ILE M 338 43.87 40.64 -1.19
C ILE M 338 43.25 41.18 -2.46
N LEU M 339 43.75 40.73 -3.58
CA LEU M 339 43.31 41.27 -4.85
C LEU M 339 43.19 40.15 -5.88
N SER M 340 42.14 39.36 -5.78
CA SER M 340 41.96 38.17 -6.63
C SER M 340 41.06 38.53 -7.79
N SER M 341 41.52 38.29 -9.02
CA SER M 341 40.73 38.59 -10.25
C SER M 341 40.65 37.36 -11.11
N PRO M 342 39.47 36.73 -11.22
CA PRO M 342 39.27 35.61 -12.10
C PRO M 342 38.49 36.06 -13.33
N SER M 343 39.05 35.78 -14.49
CA SER M 343 38.36 35.89 -15.78
C SER M 343 38.00 34.52 -16.33
N ILE M 344 36.92 34.55 -17.04
CA ILE M 344 36.42 33.35 -17.72
C ILE M 344 36.14 33.90 -19.08
N THR M 345 36.24 33.07 -20.09
CA THR M 345 35.79 33.46 -21.43
C THR M 345 34.54 32.67 -21.72
N VAL M 346 33.58 33.36 -22.26
CA VAL M 346 32.40 32.52 -22.52
C VAL M 346 31.73 32.96 -23.79
N MET M 347 30.99 32.05 -24.36
CA MET M 347 30.27 32.37 -25.60
C MET M 347 29.02 33.09 -25.15
N ASP M 348 28.66 34.14 -25.88
CA ASP M 348 27.49 34.94 -25.48
C ASP M 348 26.34 33.97 -25.27
N ASN M 349 25.66 34.18 -24.18
CA ASN M 349 24.37 33.54 -23.90
C ASN M 349 24.62 32.12 -23.45
N GLY M 350 25.86 31.65 -23.57
CA GLY M 350 26.27 30.43 -22.86
C GLY M 350 26.45 30.74 -21.40
N GLU M 351 26.15 29.79 -20.52
CA GLU M 351 26.61 29.88 -19.12
C GLU M 351 28.03 29.37 -18.97
N ALA M 352 28.79 30.03 -18.13
CA ALA M 352 30.15 29.58 -17.84
C ALA M 352 30.43 29.76 -16.40
N SER M 353 30.97 28.69 -15.85
CA SER M 353 31.35 28.62 -14.44
C SER M 353 32.85 28.67 -14.42
N PHE M 354 33.37 29.00 -13.27
CA PHE M 354 34.80 29.07 -13.00
C PHE M 354 34.96 28.91 -11.52
N ILE M 355 35.80 28.02 -11.07
CA ILE M 355 35.90 27.81 -9.60
C ILE M 355 37.29 27.37 -9.28
N VAL M 356 37.95 28.16 -8.52
CA VAL M 356 39.33 27.90 -8.12
C VAL M 356 39.34 27.88 -6.64
N GLY M 357 39.43 26.70 -6.06
CA GLY M 357 38.73 26.44 -4.80
C GLY M 357 39.19 25.18 -4.15
N GLU M 358 38.29 24.68 -3.34
CA GLU M 358 38.34 23.29 -2.90
C GLU M 358 36.94 22.84 -2.66
N GLU M 359 36.68 21.62 -3.04
CA GLU M 359 35.44 20.94 -2.63
C GLU M 359 35.66 20.39 -1.23
N VAL M 360 35.31 21.14 -0.19
CA VAL M 360 35.22 20.57 1.19
C VAL M 360 33.91 19.85 1.31
N PRO M 361 33.93 18.67 1.89
CA PRO M 361 32.69 18.02 2.24
C PRO M 361 32.23 18.45 3.62
N VAL M 362 30.92 18.46 3.73
CA VAL M 362 30.24 19.05 4.91
C VAL M 362 29.05 18.19 5.23
N ILE M 363 28.87 18.00 6.52
CA ILE M 363 27.74 17.19 7.02
C ILE M 363 26.45 17.82 6.51
N THR M 364 25.40 17.01 6.51
CA THR M 364 24.00 17.39 6.27
C THR M 364 23.10 16.41 7.04
N VAL M 379 26.42 13.61 4.12
CA VAL M 379 27.64 14.37 3.66
C VAL M 379 27.48 14.82 2.21
N ASP M 380 27.40 16.11 2.01
CA ASP M 380 27.47 16.71 0.66
C ASP M 380 28.82 17.39 0.54
N ARG M 381 29.23 17.62 -0.70
CA ARG M 381 30.58 18.12 -1.01
C ARG M 381 30.47 19.48 -1.66
N LYS M 382 30.58 20.53 -0.88
CA LYS M 382 30.29 21.86 -1.44
C LYS M 382 31.63 22.53 -1.74
N GLU M 383 31.63 23.17 -2.91
CA GLU M 383 32.80 23.85 -3.50
C GLU M 383 33.00 25.20 -2.86
N VAL M 384 34.22 25.56 -2.61
CA VAL M 384 34.29 26.76 -1.75
C VAL M 384 35.51 27.45 -2.18
N GLY M 385 35.35 28.47 -2.99
CA GLY M 385 36.59 29.06 -3.49
C GLY M 385 36.32 30.39 -4.07
N ILE M 386 37.18 30.88 -4.93
CA ILE M 386 36.75 31.90 -5.90
C ILE M 386 35.87 31.23 -6.93
N LYS M 387 34.56 31.28 -6.80
CA LYS M 387 33.64 30.94 -7.91
C LYS M 387 33.19 32.20 -8.65
N LEU M 388 32.81 32.02 -9.91
CA LEU M 388 32.33 33.10 -10.77
C LEU M 388 31.46 32.49 -11.82
N LYS M 389 30.16 32.67 -11.77
CA LYS M 389 29.36 31.91 -12.73
C LYS M 389 28.52 32.85 -13.57
N VAL M 390 29.08 33.31 -14.69
CA VAL M 390 28.44 34.39 -15.47
C VAL M 390 27.69 33.81 -16.65
N VAL M 391 26.49 34.31 -16.90
CA VAL M 391 25.77 33.97 -18.14
C VAL M 391 25.76 35.22 -18.97
N PRO M 392 26.89 35.54 -19.59
CA PRO M 392 27.06 36.83 -20.21
C PRO M 392 26.22 36.80 -21.47
N GLN M 393 25.45 37.86 -21.71
CA GLN M 393 24.49 37.95 -22.84
C GLN M 393 24.63 39.29 -23.54
N ILE M 394 25.41 39.34 -24.62
CA ILE M 394 25.79 40.59 -25.32
C ILE M 394 24.57 41.22 -25.98
N ASN M 395 24.42 42.54 -25.80
CA ASN M 395 23.27 43.38 -26.26
C ASN M 395 23.73 44.17 -27.50
N GLU M 396 22.80 44.82 -28.21
CA GLU M 396 23.12 45.87 -29.21
C GLU M 396 23.93 47.01 -28.56
N GLY M 397 24.84 47.68 -29.29
CA GLY M 397 25.66 48.78 -28.75
C GLY M 397 26.84 48.25 -27.97
N ASP M 398 27.23 47.01 -28.24
CA ASP M 398 28.32 46.29 -27.52
C ASP M 398 28.17 46.58 -26.03
N SER M 399 27.02 46.24 -25.47
CA SER M 399 26.74 46.44 -24.03
C SER M 399 26.40 45.09 -23.44
N VAL M 400 27.41 44.45 -22.87
CA VAL M 400 27.18 43.10 -22.30
C VAL M 400 26.37 43.15 -21.04
N GLN M 401 25.42 42.25 -20.97
CA GLN M 401 24.48 42.13 -19.84
C GLN M 401 24.66 40.80 -19.12
N LEU M 402 25.46 40.81 -18.06
CA LEU M 402 25.94 39.64 -17.30
C LEU M 402 24.91 39.26 -16.24
N ASN M 403 24.59 37.96 -16.08
CA ASN M 403 23.85 37.42 -14.90
C ASN M 403 24.80 36.64 -14.01
N ILE M 404 25.42 37.33 -13.07
CA ILE M 404 26.66 36.83 -12.41
C ILE M 404 26.32 36.31 -11.01
N GLU M 405 26.98 35.25 -10.63
CA GLU M 405 26.99 34.73 -9.26
C GLU M 405 28.46 34.65 -8.89
N GLN M 406 28.94 35.53 -8.05
CA GLN M 406 30.38 35.61 -7.70
C GLN M 406 30.68 35.41 -6.20
N GLU M 407 31.52 34.45 -5.86
CA GLU M 407 31.60 33.94 -4.49
C GLU M 407 33.05 33.86 -4.18
N VAL M 408 33.54 34.72 -3.35
CA VAL M 408 34.79 34.20 -2.80
C VAL M 408 34.48 33.60 -1.48
N SER M 409 35.02 32.44 -1.22
CA SER M 409 34.72 31.69 0.01
C SER M 409 35.92 30.81 0.32
N ASN M 410 35.96 30.30 1.54
CA ASN M 410 37.27 30.21 2.23
C ASN M 410 37.01 29.49 3.51
N VAL M 411 36.75 28.21 3.38
CA VAL M 411 36.53 27.31 4.54
C VAL M 411 37.51 27.69 5.67
N LEU M 412 36.93 28.14 6.75
CA LEU M 412 37.58 28.51 8.02
C LEU M 412 37.30 27.34 8.97
N GLY M 413 37.63 27.51 10.24
CA GLY M 413 37.26 26.53 11.28
C GLY M 413 35.77 26.51 11.53
N ALA M 414 35.34 25.52 12.29
CA ALA M 414 33.99 25.49 12.90
C ALA M 414 34.03 25.79 14.40
N ASN M 415 34.61 26.91 14.82
CA ASN M 415 34.63 27.25 16.26
C ASN M 415 33.53 26.44 16.96
N GLY M 416 32.27 26.82 16.76
CA GLY M 416 31.20 26.38 17.66
C GLY M 416 30.47 25.28 16.98
N ALA M 417 30.47 25.39 15.67
CA ALA M 417 29.42 24.75 14.87
C ALA M 417 29.80 23.28 14.70
N VAL M 418 28.78 22.48 14.44
CA VAL M 418 28.85 21.03 14.10
C VAL M 418 30.03 20.83 13.16
N ASP M 419 29.85 21.23 11.93
CA ASP M 419 30.85 21.03 10.86
C ASP M 419 31.66 22.31 10.70
N VAL M 420 32.42 22.36 9.63
CA VAL M 420 33.24 23.53 9.25
C VAL M 420 32.33 24.63 8.73
N ARG M 421 32.61 25.83 9.20
CA ARG M 421 32.00 27.11 8.77
C ARG M 421 32.82 27.61 7.60
N PHE M 422 32.20 27.71 6.43
CA PHE M 422 32.70 28.42 5.22
C PHE M 422 32.51 29.92 5.34
N ALA M 423 33.54 30.66 5.01
CA ALA M 423 33.48 32.13 5.03
C ALA M 423 33.31 32.59 3.63
N LYS M 424 32.13 33.08 3.40
CA LYS M 424 31.58 33.17 2.06
C LYS M 424 31.30 34.62 1.84
N ARG M 425 31.73 35.14 0.72
CA ARG M 425 31.34 36.51 0.32
C ARG M 425 30.78 36.36 -1.05
N GLN M 426 29.52 35.97 -1.15
CA GLN M 426 28.91 35.86 -2.47
C GLN M 426 28.04 37.04 -2.78
N LEU M 427 27.91 37.30 -4.06
CA LEU M 427 27.39 38.58 -4.58
C LEU M 427 26.71 38.22 -5.88
N ASN M 428 25.44 37.83 -5.85
CA ASN M 428 24.89 37.33 -7.12
C ASN M 428 23.80 38.27 -7.57
N THR M 429 23.96 38.79 -8.75
CA THR M 429 23.23 39.94 -9.24
C THR M 429 23.13 39.81 -10.73
N SER M 430 22.58 40.82 -11.37
CA SER M 430 22.59 40.89 -12.84
C SER M 430 22.95 42.31 -13.15
N VAL M 431 24.03 42.53 -13.84
CA VAL M 431 24.29 43.94 -14.21
C VAL M 431 24.46 44.09 -15.70
N ILE M 432 24.64 45.31 -16.13
CA ILE M 432 24.72 45.54 -17.58
C ILE M 432 25.84 46.54 -17.79
N VAL M 433 26.85 46.08 -18.49
CA VAL M 433 28.15 46.76 -18.51
C VAL M 433 28.43 47.14 -19.92
N GLN M 434 29.23 48.19 -20.06
CA GLN M 434 29.69 48.49 -21.43
C GLN M 434 30.63 47.39 -21.88
N ASP M 435 30.85 47.32 -23.17
CA ASP M 435 31.99 46.56 -23.71
C ASP M 435 33.25 47.28 -23.28
N GLY M 436 34.07 46.66 -22.45
CA GLY M 436 35.45 47.13 -22.15
C GLY M 436 35.57 48.16 -21.04
N GLN M 437 34.47 48.62 -20.45
CA GLN M 437 34.57 49.46 -19.22
C GLN M 437 34.27 48.60 -18.01
N MET M 438 34.89 48.92 -16.92
CA MET M 438 34.66 48.10 -15.74
C MET M 438 33.43 48.68 -15.05
N LEU M 439 32.72 47.84 -14.33
CA LEU M 439 31.59 48.31 -13.51
C LEU M 439 31.66 47.58 -12.20
N VAL M 440 31.18 48.26 -11.19
CA VAL M 440 31.35 47.75 -9.80
C VAL M 440 30.13 46.96 -9.37
N LEU M 441 30.25 45.63 -9.25
CA LEU M 441 29.08 44.79 -8.93
C LEU M 441 28.70 45.15 -7.50
N GLY M 442 29.69 45.11 -6.63
CA GLY M 442 29.46 44.85 -5.21
C GLY M 442 30.38 45.65 -4.35
N GLY M 443 30.26 45.39 -3.07
CA GLY M 443 30.99 46.25 -2.17
C GLY M 443 30.69 45.84 -0.76
N LEU M 444 31.52 46.39 0.10
CA LEU M 444 31.27 46.49 1.52
C LEU M 444 32.38 47.31 2.13
N ILE M 445 32.02 48.40 2.74
CA ILE M 445 33.00 49.17 3.50
C ILE M 445 32.60 49.06 4.95
N ASP M 446 33.09 48.05 5.62
CA ASP M 446 32.92 47.95 7.08
C ASP M 446 33.96 48.83 7.75
N GLU M 447 33.57 49.55 8.79
CA GLU M 447 34.52 50.02 9.79
C GLU M 447 33.97 49.65 11.16
N ARG M 448 34.82 49.21 12.08
CA ARG M 448 34.42 49.00 13.50
C ARG M 448 35.38 49.76 14.41
N ALA M 449 34.93 49.99 15.60
CA ALA M 449 35.83 50.61 16.58
C ALA M 449 35.31 50.32 17.97
N LEU M 450 35.88 49.32 18.63
CA LEU M 450 35.46 49.00 19.99
C LEU M 450 36.51 49.55 20.95
N GLU M 451 36.17 50.57 21.69
CA GLU M 451 36.88 50.85 22.95
C GLU M 451 36.31 49.98 24.09
N SER M 452 37.07 49.83 25.16
CA SER M 452 36.66 49.27 26.47
C SER M 452 37.60 49.83 27.53
N GLU M 453 37.08 50.19 28.68
CA GLU M 453 38.05 50.51 29.73
C GLU M 453 37.43 50.10 31.02
N SER M 454 38.06 49.14 31.65
CA SER M 454 37.72 48.88 33.05
C SER M 454 38.64 49.73 33.91
N LYS M 455 38.10 50.49 34.86
CA LYS M 455 38.99 51.24 35.75
C LYS M 455 38.56 51.12 37.19
N VAL M 456 39.43 51.55 38.08
CA VAL M 456 39.04 51.50 39.50
C VAL M 456 38.24 52.77 39.69
N PRO M 457 37.02 52.78 39.15
CA PRO M 457 36.27 54.02 39.13
C PRO M 457 37.14 55.26 39.27
N LEU M 458 37.11 55.87 40.44
CA LEU M 458 37.43 57.31 40.47
C LEU M 458 38.95 57.50 40.33
N LEU M 459 39.73 56.50 40.77
CA LEU M 459 41.20 56.59 40.73
C LEU M 459 41.66 56.56 39.27
N GLY M 460 40.92 55.85 38.41
CA GLY M 460 41.17 55.79 36.97
C GLY M 460 40.72 57.06 36.25
N ASP M 461 40.54 58.14 36.99
CA ASP M 461 40.14 59.41 36.37
C ASP M 461 41.41 60.27 36.19
N ILE M 462 42.24 60.33 37.24
CA ILE M 462 43.42 61.22 37.30
C ILE M 462 44.11 61.13 35.95
N PRO M 463 44.50 62.25 35.33
CA PRO M 463 45.03 62.24 33.96
C PRO M 463 46.37 61.49 33.86
N ILE M 464 47.27 61.75 34.80
CA ILE M 464 48.67 61.24 34.70
C ILE M 464 48.64 59.78 35.13
N LEU M 465 48.13 59.52 36.33
CA LEU M 465 48.30 58.23 37.03
C LEU M 465 47.10 57.33 36.73
N GLY M 466 46.09 57.84 36.05
CA GLY M 466 44.86 57.06 35.83
C GLY M 466 45.21 55.72 35.24
N HIS M 467 46.18 55.75 34.33
CA HIS M 467 46.44 54.61 33.45
C HIS M 467 46.90 53.46 34.35
N LEU M 468 47.23 53.74 35.61
CA LEU M 468 47.77 52.68 36.49
C LEU M 468 46.59 51.84 36.90
N PHE M 469 45.44 52.45 37.00
CA PHE M 469 44.29 51.67 37.51
C PHE M 469 43.38 51.24 36.36
N LYS M 470 43.43 51.93 35.23
CA LYS M 470 42.56 51.67 34.07
C LYS M 470 43.12 50.48 33.31
N SER M 471 42.25 49.80 32.59
CA SER M 471 42.63 48.87 31.52
C SER M 471 41.83 49.14 30.27
N THR M 472 42.49 49.80 29.35
CA THR M 472 41.80 50.22 28.12
C THR M 472 42.13 49.22 27.04
N ASN M 473 41.16 48.97 26.19
CA ASN M 473 41.26 48.00 25.10
C ASN M 473 40.59 48.59 23.87
N THR M 474 41.34 48.96 22.88
CA THR M 474 40.75 49.64 21.71
C THR M 474 41.07 48.81 20.49
N GLN M 475 40.16 48.80 19.55
CA GLN M 475 40.23 47.87 18.42
C GLN M 475 39.50 48.55 17.29
N VAL M 476 40.13 48.59 16.14
CA VAL M 476 39.49 49.27 15.01
C VAL M 476 39.72 48.40 13.82
N GLU M 477 38.67 47.88 13.25
CA GLU M 477 38.78 47.02 12.07
C GLU M 477 38.09 47.74 10.93
N LYS M 478 38.78 47.83 9.83
CA LYS M 478 38.26 48.53 8.64
C LYS M 478 38.44 47.60 7.45
N LYS M 479 37.38 47.29 6.73
CA LYS M 479 37.40 46.24 5.70
C LYS M 479 36.70 46.73 4.44
N ASN M 480 37.41 46.78 3.33
CA ASN M 480 36.89 47.32 2.04
C ASN M 480 36.91 46.15 1.09
N LEU M 481 35.76 45.61 0.79
CA LEU M 481 35.58 44.60 -0.25
C LEU M 481 34.81 45.18 -1.45
N MET M 482 35.45 45.53 -2.57
CA MET M 482 34.75 45.94 -3.82
C MET M 482 34.94 44.80 -4.77
N VAL M 483 33.89 44.33 -5.42
CA VAL M 483 34.08 43.49 -6.62
C VAL M 483 33.71 44.29 -7.85
N PHE M 484 34.73 44.55 -8.64
CA PHE M 484 34.52 45.05 -10.01
C PHE M 484 34.43 43.89 -11.01
N ILE M 485 33.70 44.14 -12.07
CA ILE M 485 33.58 43.19 -13.20
C ILE M 485 33.76 43.96 -14.49
N LYS M 486 34.49 43.37 -15.43
CA LYS M 486 34.79 43.97 -16.76
C LYS M 486 34.55 42.91 -17.79
N PRO M 487 33.45 43.03 -18.55
CA PRO M 487 33.18 42.20 -19.70
C PRO M 487 33.93 42.81 -20.86
N THR M 488 34.65 41.94 -21.55
CA THR M 488 35.24 42.26 -22.86
C THR M 488 34.65 41.31 -23.89
N ILE M 489 34.20 41.86 -25.00
CA ILE M 489 33.55 41.10 -26.09
C ILE M 489 34.66 40.74 -27.03
N ILE M 490 34.70 39.47 -27.41
CA ILE M 490 35.66 38.93 -28.40
C ILE M 490 34.87 38.46 -29.63
N ARG M 491 34.72 39.33 -30.61
CA ARG M 491 33.98 39.03 -31.86
C ARG M 491 34.96 38.45 -32.88
N ASP M 492 35.77 39.35 -33.42
CA ASP M 492 36.81 39.04 -34.41
C ASP M 492 37.83 38.15 -33.71
N GLY M 493 38.20 37.04 -34.33
CA GLY M 493 39.35 36.24 -33.88
C GLY M 493 40.51 37.13 -33.48
N MET M 494 40.87 38.08 -34.35
CA MET M 494 42.08 38.88 -34.07
C MET M 494 42.00 39.44 -32.65
N THR M 495 40.80 39.74 -32.19
CA THR M 495 40.60 40.33 -30.84
C THR M 495 41.07 39.32 -29.79
N ALA M 496 40.72 38.04 -30.02
CA ALA M 496 40.99 36.92 -29.10
C ALA M 496 42.51 36.76 -29.01
N ASP M 497 43.17 36.80 -30.16
CA ASP M 497 44.64 36.66 -30.24
C ASP M 497 45.23 37.60 -29.21
N GLY M 498 44.80 38.85 -29.25
CA GLY M 498 45.36 39.86 -28.34
C GLY M 498 45.04 39.48 -26.92
N ILE M 499 43.76 39.39 -26.62
CA ILE M 499 43.32 39.15 -25.23
C ILE M 499 44.24 38.05 -24.74
N THR M 500 44.33 36.99 -25.54
CA THR M 500 44.92 35.72 -25.12
C THR M 500 46.42 35.95 -25.06
N GLN M 501 46.99 36.22 -26.20
CA GLN M 501 48.43 36.50 -26.27
C GLN M 501 48.82 37.31 -25.03
N ARG M 502 48.40 38.56 -24.98
CA ARG M 502 48.82 39.50 -23.92
C ARG M 502 49.01 38.66 -22.67
N LYS M 503 48.00 37.86 -22.33
CA LYS M 503 47.92 37.06 -21.06
C LYS M 503 49.04 36.04 -21.07
N TYR M 504 49.03 35.19 -22.08
CA TYR M 504 49.98 34.08 -22.28
C TYR M 504 51.39 34.66 -22.25
N ASN M 505 51.58 35.70 -23.04
CA ASN M 505 52.85 36.38 -23.24
C ASN M 505 53.34 36.99 -21.92
N TYR M 506 52.46 37.37 -20.99
CA TYR M 506 52.70 37.90 -19.61
C TYR M 506 53.21 36.78 -18.72
N ILE M 507 52.51 35.65 -18.71
CA ILE M 507 53.00 34.48 -17.96
C ILE M 507 54.38 34.16 -18.50
N ARG M 508 54.48 33.97 -19.79
CA ARG M 508 55.79 33.59 -20.35
C ARG M 508 56.82 34.58 -19.83
N ALA M 509 56.51 35.86 -19.76
CA ALA M 509 57.54 36.78 -19.29
C ALA M 509 57.91 36.37 -17.88
N GLU M 510 56.92 36.17 -17.02
CA GLU M 510 57.22 35.86 -15.61
C GLU M 510 58.14 34.65 -15.63
N GLN M 511 57.77 33.64 -16.38
CA GLN M 511 58.42 32.34 -16.21
C GLN M 511 59.84 32.44 -16.73
N LEU M 512 60.04 33.22 -17.78
CA LEU M 512 61.39 33.37 -18.36
C LEU M 512 62.18 34.08 -17.30
N TYR M 513 61.45 34.85 -16.54
CA TYR M 513 62.23 35.57 -15.53
C TYR M 513 62.81 34.50 -14.62
N LYS M 514 61.93 33.65 -14.12
CA LYS M 514 62.31 32.71 -13.05
C LYS M 514 63.40 31.83 -13.63
N ALA M 515 63.57 31.90 -14.93
CA ALA M 515 64.69 31.16 -15.52
C ALA M 515 65.96 31.99 -15.43
N GLU M 516 65.85 33.30 -15.25
CA GLU M 516 67.09 34.09 -15.23
C GLU M 516 67.70 33.91 -13.85
N GLN M 517 66.80 33.86 -12.88
CA GLN M 517 67.10 33.56 -11.46
C GLN M 517 66.59 32.15 -11.19
N GLY M 518 67.35 31.16 -11.65
CA GLY M 518 66.90 29.78 -11.93
C GLY M 518 66.63 28.98 -10.66
N LEU M 519 65.74 28.00 -10.79
CA LEU M 519 65.67 26.91 -9.80
C LEU M 519 66.98 26.83 -9.03
N LYS M 520 66.85 26.97 -7.72
CA LYS M 520 67.89 27.60 -6.90
C LYS M 520 69.10 26.68 -6.94
N LEU M 521 68.88 25.41 -6.63
CA LEU M 521 70.05 24.51 -6.54
C LEU M 521 70.16 23.60 -7.77
N MET M 522 69.12 23.49 -8.58
CA MET M 522 69.13 22.63 -9.81
C MET M 522 69.84 23.31 -10.97
N ASP M 523 69.97 22.60 -12.09
CA ASP M 523 70.40 23.19 -13.38
C ASP M 523 69.26 24.03 -13.93
N ASP M 524 69.59 25.24 -14.38
CA ASP M 524 68.59 26.30 -14.68
C ASP M 524 67.61 25.81 -15.76
N GLY M 525 67.91 24.69 -16.43
CA GLY M 525 67.16 24.21 -17.61
C GLY M 525 65.85 23.54 -17.24
N HIS M 526 65.61 23.23 -15.98
CA HIS M 526 64.49 22.31 -15.67
C HIS M 526 63.25 23.12 -15.40
N ILE M 527 63.38 24.43 -15.34
CA ILE M 527 62.26 25.30 -14.90
C ILE M 527 61.30 25.43 -16.06
N PRO M 528 60.04 25.02 -15.87
CA PRO M 528 59.09 25.05 -16.96
C PRO M 528 58.88 26.50 -17.41
N VAL M 529 58.91 26.66 -18.72
CA VAL M 529 58.77 27.95 -19.42
C VAL M 529 57.83 27.69 -20.59
N LEU M 530 56.83 28.53 -20.72
CA LEU M 530 55.96 28.44 -21.90
C LEU M 530 56.79 28.71 -23.12
N PRO M 531 56.48 28.04 -24.22
CA PRO M 531 57.14 28.35 -25.48
C PRO M 531 56.70 29.71 -26.05
N LYS M 532 57.44 30.27 -26.99
CA LYS M 532 57.06 31.53 -27.66
C LYS M 532 55.72 31.30 -28.32
N PHE M 533 54.80 32.25 -28.16
CA PHE M 533 53.36 32.07 -28.47
C PHE M 533 53.12 31.59 -29.91
N GLY M 534 52.47 30.42 -30.02
CA GLY M 534 52.23 29.73 -31.31
C GLY M 534 53.48 29.06 -31.89
N GLU M 535 54.55 28.82 -31.12
CA GLU M 535 55.73 28.04 -31.61
C GLU M 535 55.62 26.58 -31.17
N ASP M 536 54.64 26.29 -30.33
CA ASP M 536 54.57 24.90 -29.82
C ASP M 536 55.88 24.60 -29.06
N LYS M 537 56.18 23.35 -28.71
CA LYS M 537 57.25 23.12 -27.71
C LYS M 537 58.60 23.23 -28.44
N ARG M 538 59.66 23.64 -27.75
CA ARG M 538 61.03 23.29 -28.23
C ARG M 538 61.71 22.31 -27.25
N HIS M 539 62.32 21.18 -27.70
CA HIS M 539 63.06 20.22 -26.83
C HIS M 539 64.05 21.00 -25.99
N PRO M 540 64.19 20.60 -24.70
CA PRO M 540 65.37 20.95 -23.93
C PRO M 540 66.60 20.91 -24.84
N ALA M 541 67.58 21.78 -24.53
CA ALA M 541 68.80 21.96 -25.34
C ALA M 541 69.59 20.64 -25.41
N GLU M 542 69.90 20.05 -24.26
CA GLU M 542 70.76 18.84 -24.23
C GLU M 542 70.21 17.84 -25.25
N ILE M 543 68.92 17.57 -25.19
CA ILE M 543 68.25 16.55 -26.04
C ILE M 543 68.33 17.03 -27.49
N GLN M 544 68.13 18.32 -27.70
CA GLN M 544 68.16 18.89 -29.06
C GLN M 544 69.57 18.70 -29.59
N ALA M 545 70.56 18.94 -28.71
CA ALA M 545 71.98 18.80 -29.07
C ALA M 545 72.24 17.34 -29.45
N PHE M 546 71.68 16.42 -28.66
CA PHE M 546 71.83 14.95 -28.87
C PHE M 546 71.22 14.60 -30.23
N ILE M 547 70.04 15.17 -30.52
CA ILE M 547 69.21 14.70 -31.66
C ILE M 547 69.97 14.99 -32.95
N ASP M 548 70.57 16.17 -33.03
CA ASP M 548 71.28 16.64 -34.25
C ASP M 548 72.50 15.76 -34.43
N GLN M 549 73.20 15.52 -33.32
CA GLN M 549 74.42 14.67 -33.28
C GLN M 549 74.05 13.33 -33.92
N MET M 550 72.91 12.78 -33.51
CA MET M 550 72.37 11.52 -34.08
C MET M 550 72.14 11.72 -35.58
N GLU M 551 71.51 12.84 -35.92
CA GLU M 551 71.19 13.20 -37.33
C GLU M 551 72.49 13.27 -38.13
N GLN M 552 73.51 13.94 -37.57
CA GLN M 552 74.85 14.12 -38.19
C GLN M 552 75.46 12.74 -38.47
N GLN M 553 75.36 11.84 -37.49
CA GLN M 553 75.90 10.45 -37.54
C GLN M 553 75.24 9.69 -38.70
N ASP N 1 -19.09 11.62 -108.50
CA ASP N 1 -20.37 10.86 -108.35
C ASP N 1 -20.13 9.47 -107.76
N ASN N 2 -18.90 9.17 -107.34
CA ASN N 2 -18.56 7.85 -106.74
C ASN N 2 -19.36 7.67 -105.46
N VAL N 3 -19.60 6.41 -105.08
CA VAL N 3 -20.28 6.08 -103.80
C VAL N 3 -19.23 5.57 -102.80
N ILE N 4 -19.00 6.37 -101.76
CA ILE N 4 -18.08 6.02 -100.64
C ILE N 4 -18.77 6.42 -99.33
N THR N 5 -18.34 5.79 -98.23
CA THR N 5 -18.80 6.11 -96.85
C THR N 5 -17.78 7.01 -96.18
N ARG N 6 -18.24 8.02 -95.44
CA ARG N 6 -17.33 8.92 -94.69
C ARG N 6 -17.67 8.86 -93.20
N VAL N 7 -16.65 8.63 -92.38
CA VAL N 7 -16.77 8.50 -90.90
C VAL N 7 -16.08 9.71 -90.26
N VAL N 8 -16.86 10.62 -89.70
CA VAL N 8 -16.36 11.90 -89.13
C VAL N 8 -17.08 12.16 -87.80
N ALA N 9 -16.47 12.96 -86.93
CA ALA N 9 -16.93 13.14 -85.54
C ALA N 9 -17.67 14.47 -85.37
N VAL N 10 -18.68 14.48 -84.51
CA VAL N 10 -19.12 15.69 -83.80
C VAL N 10 -19.08 15.39 -82.30
N ARG N 11 -18.06 15.93 -81.65
CA ARG N 11 -17.71 15.67 -80.24
C ARG N 11 -18.73 16.35 -79.32
N ASN N 12 -19.40 17.43 -79.78
CA ASN N 12 -20.02 18.50 -78.93
C ASN N 12 -21.37 18.03 -78.37
N VAL N 13 -22.29 17.58 -79.22
CA VAL N 13 -23.60 17.01 -78.79
C VAL N 13 -23.98 15.87 -79.72
N SER N 14 -24.82 14.95 -79.22
CA SER N 14 -25.29 13.75 -79.96
C SER N 14 -25.81 14.18 -81.33
N VAL N 15 -25.42 13.44 -82.37
CA VAL N 15 -25.60 13.84 -83.79
C VAL N 15 -26.96 13.36 -84.28
N ARG N 16 -27.72 12.62 -83.45
CA ARG N 16 -29.15 12.29 -83.73
C ARG N 16 -29.92 13.59 -83.98
N GLU N 17 -29.46 14.68 -83.37
CA GLU N 17 -30.01 16.04 -83.52
C GLU N 17 -30.08 16.44 -85.00
N LEU N 18 -29.23 15.87 -85.86
CA LEU N 18 -29.15 16.27 -87.29
C LEU N 18 -29.90 15.27 -88.20
N SER N 19 -30.57 14.26 -87.65
CA SER N 19 -31.18 13.18 -88.49
C SER N 19 -32.16 13.75 -89.52
N PRO N 20 -33.08 14.70 -89.18
CA PRO N 20 -34.07 15.14 -90.17
C PRO N 20 -33.46 15.94 -91.34
N LEU N 21 -32.52 16.84 -91.03
CA LEU N 21 -31.94 17.81 -92.01
C LEU N 21 -30.92 17.07 -92.88
N LEU N 22 -30.21 16.10 -92.30
CA LEU N 22 -29.26 15.24 -93.05
C LEU N 22 -30.05 14.34 -94.01
N ARG N 23 -31.15 13.74 -93.56
CA ARG N 23 -32.06 13.00 -94.48
C ARG N 23 -32.72 13.97 -95.46
N GLN N 24 -32.61 15.28 -95.19
CA GLN N 24 -33.02 16.30 -96.19
C GLN N 24 -32.03 16.27 -97.36
N LEU N 25 -30.72 16.16 -97.08
CA LEU N 25 -29.70 15.97 -98.14
C LEU N 25 -29.72 14.52 -98.65
N ILE N 26 -30.32 13.58 -97.91
CA ILE N 26 -30.57 12.22 -98.44
C ILE N 26 -31.82 12.28 -99.34
N ASP N 27 -32.69 13.25 -99.08
CA ASP N 27 -33.87 13.57 -99.94
C ASP N 27 -33.44 14.54 -101.06
N ASN N 28 -32.67 15.60 -100.74
CA ASN N 28 -32.33 16.70 -101.68
C ASN N 28 -31.82 16.14 -103.02
N ALA N 29 -31.12 15.00 -102.99
CA ALA N 29 -30.63 14.30 -104.20
C ALA N 29 -30.89 12.80 -104.07
N GLY N 30 -30.30 12.00 -104.96
CA GLY N 30 -30.51 10.54 -105.06
C GLY N 30 -30.18 9.80 -103.77
N ALA N 31 -30.88 8.70 -103.50
CA ALA N 31 -30.66 7.84 -102.31
C ALA N 31 -29.74 6.66 -102.69
N GLY N 32 -29.64 5.67 -101.80
CA GLY N 32 -28.47 4.78 -101.68
C GLY N 32 -27.56 5.22 -100.55
N ASN N 33 -27.82 6.42 -100.01
CA ASN N 33 -27.14 6.97 -98.82
C ASN N 33 -27.49 6.13 -97.59
N VAL N 34 -26.63 6.22 -96.57
CA VAL N 34 -27.03 6.09 -95.14
C VAL N 34 -26.36 7.25 -94.40
N VAL N 35 -26.98 7.73 -93.33
CA VAL N 35 -26.25 8.48 -92.28
C VAL N 35 -26.66 7.92 -90.93
N HIS N 36 -25.73 7.19 -90.30
CA HIS N 36 -25.99 6.45 -89.05
C HIS N 36 -25.16 7.06 -87.92
N TYR N 37 -25.82 7.35 -86.81
CA TYR N 37 -25.29 8.19 -85.70
C TYR N 37 -24.97 7.27 -84.53
N ASP N 38 -23.71 6.96 -84.32
CA ASP N 38 -23.34 5.94 -83.30
C ASP N 38 -23.37 6.58 -81.93
N PRO N 39 -24.14 6.00 -80.98
CA PRO N 39 -24.18 6.48 -79.60
C PRO N 39 -22.81 6.53 -78.90
N ALA N 40 -21.78 5.92 -79.50
CA ALA N 40 -20.36 6.12 -79.12
C ALA N 40 -19.92 7.54 -79.50
N ASN N 41 -20.76 8.27 -80.24
CA ASN N 41 -20.52 9.65 -80.74
C ASN N 41 -19.34 9.65 -81.73
N ILE N 42 -19.54 9.01 -82.89
CA ILE N 42 -18.89 9.33 -84.19
C ILE N 42 -20.01 9.35 -85.23
N ILE N 43 -19.68 9.42 -86.52
CA ILE N 43 -20.67 9.73 -87.58
C ILE N 43 -20.39 8.89 -88.82
N LEU N 44 -21.45 8.31 -89.39
CA LEU N 44 -21.40 7.53 -90.66
C LEU N 44 -22.24 8.22 -91.73
N ILE N 45 -21.64 8.41 -92.91
CA ILE N 45 -22.37 8.63 -94.19
C ILE N 45 -21.96 7.53 -95.16
N THR N 46 -22.84 7.22 -96.11
CA THR N 46 -22.52 6.37 -97.28
C THR N 46 -23.28 6.90 -98.50
N GLY N 47 -22.63 6.97 -99.66
CA GLY N 47 -23.26 7.43 -100.91
C GLY N 47 -22.32 8.27 -101.76
N ARG N 48 -22.90 9.12 -102.61
CA ARG N 48 -22.15 9.97 -103.56
C ARG N 48 -21.28 10.98 -102.79
N ALA N 49 -19.99 10.98 -103.12
CA ALA N 49 -18.93 11.77 -102.45
C ALA N 49 -19.36 13.25 -102.36
N ALA N 50 -20.14 13.73 -103.32
CA ALA N 50 -20.64 15.13 -103.34
C ALA N 50 -21.64 15.33 -102.20
N VAL N 51 -22.70 14.53 -102.20
CA VAL N 51 -23.82 14.68 -101.22
C VAL N 51 -23.33 14.18 -99.86
N VAL N 52 -22.44 13.19 -99.86
CA VAL N 52 -21.75 12.74 -98.61
C VAL N 52 -20.84 13.87 -98.13
N ASN N 53 -20.33 14.67 -99.06
CA ASN N 53 -19.43 15.83 -98.74
C ASN N 53 -20.28 16.91 -98.09
N ARG N 54 -21.45 17.20 -98.65
CA ARG N 54 -22.37 18.25 -98.14
C ARG N 54 -22.92 17.77 -96.79
N LEU N 55 -23.20 16.46 -96.69
CA LEU N 55 -23.71 15.85 -95.43
C LEU N 55 -22.64 15.97 -94.35
N ALA N 56 -21.37 15.79 -94.73
CA ALA N 56 -20.23 15.84 -93.78
C ALA N 56 -19.95 17.31 -93.43
N GLU N 57 -20.49 18.24 -94.22
CA GLU N 57 -20.26 19.71 -94.06
C GLU N 57 -21.26 20.25 -93.04
N ILE N 58 -22.53 19.86 -93.11
CA ILE N 58 -23.51 20.11 -92.01
C ILE N 58 -22.97 19.40 -90.76
N ILE N 59 -22.67 18.11 -90.91
CA ILE N 59 -22.13 17.25 -89.83
C ILE N 59 -20.89 17.92 -89.22
N LYS N 60 -19.84 18.15 -90.01
CA LYS N 60 -18.62 18.84 -89.52
C LYS N 60 -18.98 20.26 -89.10
N ARG N 61 -20.16 20.75 -89.47
CA ARG N 61 -20.59 22.11 -89.09
C ARG N 61 -21.19 22.05 -87.69
N VAL N 62 -21.49 20.84 -87.21
CA VAL N 62 -21.80 20.63 -85.77
C VAL N 62 -20.57 20.04 -85.06
N ASP N 63 -19.59 19.50 -85.80
CA ASP N 63 -18.27 19.13 -85.23
C ASP N 63 -17.55 20.41 -84.79
N GLN N 64 -17.07 21.19 -85.75
CA GLN N 64 -16.31 22.44 -85.50
C GLN N 64 -17.17 23.38 -84.65
N ALA N 65 -18.48 23.13 -84.60
CA ALA N 65 -19.44 23.98 -83.87
C ALA N 65 -19.15 23.91 -82.37
N GLY N 66 -18.80 22.72 -81.87
CA GLY N 66 -18.51 22.51 -80.44
C GLY N 66 -17.36 21.53 -80.25
N ASN N 67 -16.19 21.82 -80.81
CA ASN N 67 -15.01 20.92 -80.65
C ASN N 67 -14.49 21.03 -79.22
N ARG N 68 -13.79 19.99 -78.76
CA ARG N 68 -13.29 19.94 -77.37
C ARG N 68 -11.95 19.22 -77.34
N GLU N 69 -10.89 19.94 -76.94
CA GLU N 69 -9.54 19.37 -76.79
C GLU N 69 -9.11 19.44 -75.32
N ILE N 70 -7.83 19.23 -75.05
CA ILE N 70 -7.29 19.29 -73.66
C ILE N 70 -5.90 19.91 -73.68
N GLU N 71 -5.49 20.45 -72.53
CA GLU N 71 -4.15 21.06 -72.35
C GLU N 71 -3.50 20.46 -71.10
N VAL N 72 -2.17 20.55 -71.07
CA VAL N 72 -1.36 20.17 -69.88
C VAL N 72 -0.27 21.22 -69.71
N VAL N 73 -0.37 22.04 -68.67
CA VAL N 73 0.55 23.20 -68.49
C VAL N 73 1.01 23.25 -67.04
N GLU N 74 2.30 23.57 -66.86
CA GLU N 74 2.98 23.56 -65.54
C GLU N 74 2.43 24.69 -64.69
N LEU N 75 2.15 24.35 -63.44
CA LEU N 75 1.99 25.35 -62.36
C LEU N 75 3.15 25.15 -61.38
N GLY N 76 4.26 25.86 -61.59
CA GLY N 76 5.49 25.72 -60.77
C GLY N 76 5.21 26.06 -59.31
N ASN N 77 4.11 26.76 -59.03
CA ASN N 77 3.95 27.53 -57.79
C ASN N 77 2.60 27.18 -57.15
N ALA N 78 1.52 27.78 -57.64
CA ALA N 78 0.17 27.70 -57.03
C ALA N 78 -0.30 26.24 -57.01
N SER N 79 -0.83 25.78 -55.88
CA SER N 79 -1.35 24.39 -55.78
C SER N 79 -2.42 24.19 -56.85
N ALA N 80 -2.19 23.20 -57.72
CA ALA N 80 -3.17 22.82 -58.75
C ALA N 80 -4.55 22.72 -58.09
N ALA N 81 -4.70 21.80 -57.15
CA ALA N 81 -5.99 21.54 -56.46
C ALA N 81 -6.59 22.89 -56.04
N GLU N 82 -5.74 23.86 -55.68
CA GLU N 82 -6.24 25.23 -55.40
C GLU N 82 -6.68 25.83 -56.73
N MET N 83 -5.84 25.81 -57.76
CA MET N 83 -6.23 26.39 -59.06
C MET N 83 -7.58 25.81 -59.46
N VAL N 84 -7.71 24.50 -59.32
CA VAL N 84 -9.00 23.76 -59.46
C VAL N 84 -10.07 24.53 -58.68
N ARG N 85 -9.97 24.51 -57.34
CA ARG N 85 -11.04 25.06 -56.47
C ARG N 85 -11.42 26.44 -57.00
N ILE N 86 -10.42 27.25 -57.30
CA ILE N 86 -10.60 28.72 -57.45
C ILE N 86 -11.14 28.98 -58.85
N VAL N 87 -11.02 28.00 -59.73
CA VAL N 87 -11.76 28.05 -61.02
C VAL N 87 -13.11 27.37 -60.83
N ASP N 88 -13.26 26.51 -59.82
CA ASP N 88 -14.49 25.69 -59.67
C ASP N 88 -15.69 26.63 -59.53
N ALA N 89 -15.48 27.72 -58.79
CA ALA N 89 -16.46 28.83 -58.64
C ALA N 89 -16.94 29.27 -60.02
N LEU N 90 -16.07 29.21 -61.04
CA LEU N 90 -16.42 29.64 -62.41
C LEU N 90 -17.34 28.59 -63.03
N ASN N 91 -18.37 29.03 -63.74
CA ASN N 91 -19.52 28.17 -64.12
C ASN N 91 -19.84 28.40 -65.60
N LYS N 106 -13.54 21.30 -67.67
CA LYS N 106 -13.16 21.18 -66.23
C LYS N 106 -11.63 21.16 -66.11
N LEU N 107 -11.10 20.57 -65.03
CA LEU N 107 -9.76 20.93 -64.50
C LEU N 107 -9.07 19.70 -63.91
N VAL N 108 -7.76 19.62 -64.11
CA VAL N 108 -6.87 18.69 -63.36
C VAL N 108 -5.53 19.38 -63.13
N ALA N 109 -4.60 18.64 -62.50
CA ALA N 109 -3.16 18.94 -62.52
C ALA N 109 -2.38 17.73 -61.99
N ASP N 110 -1.05 17.82 -61.99
CA ASP N 110 -0.20 16.86 -61.24
C ASP N 110 0.84 17.64 -60.44
N GLU N 111 1.04 17.23 -59.18
CA GLU N 111 2.13 17.80 -58.39
C GLU N 111 3.35 16.87 -58.38
N ARG N 112 3.38 15.77 -59.17
CA ARG N 112 4.69 15.21 -59.59
C ARG N 112 5.36 16.26 -60.47
N THR N 113 4.62 16.72 -61.46
CA THR N 113 5.04 17.73 -62.46
C THR N 113 4.73 19.13 -61.93
N ASN N 114 3.65 19.26 -61.15
CA ASN N 114 3.03 20.58 -60.85
C ASN N 114 2.60 21.23 -62.18
N SER N 115 1.58 20.65 -62.81
CA SER N 115 1.12 21.05 -64.15
C SER N 115 -0.40 21.00 -64.20
N ILE N 116 -1.02 22.10 -64.63
CA ILE N 116 -2.48 22.15 -64.91
C ILE N 116 -2.75 21.23 -66.07
N LEU N 117 -3.73 20.36 -65.89
CA LEU N 117 -4.37 19.63 -67.00
C LEU N 117 -5.73 20.24 -67.19
N ILE N 118 -6.25 20.17 -68.41
CA ILE N 118 -7.62 20.69 -68.66
C ILE N 118 -8.46 19.59 -69.28
N SER N 119 -9.76 19.65 -69.03
CA SER N 119 -10.79 18.90 -69.81
C SER N 119 -11.82 19.90 -70.31
N GLY N 120 -11.80 20.19 -71.62
CA GLY N 120 -12.87 20.96 -72.26
C GLY N 120 -12.35 21.80 -73.40
N ASP N 121 -13.01 22.94 -73.64
CA ASP N 121 -13.05 23.65 -74.95
C ASP N 121 -11.65 24.10 -75.34
N PRO N 122 -11.38 24.28 -76.65
CA PRO N 122 -10.34 25.20 -77.08
C PRO N 122 -10.68 26.67 -76.81
N LYS N 123 -11.92 26.97 -76.44
CA LYS N 123 -12.22 28.22 -75.68
C LYS N 123 -11.75 28.06 -74.24
N VAL N 124 -11.97 26.89 -73.65
CA VAL N 124 -11.41 26.55 -72.31
C VAL N 124 -9.88 26.49 -72.47
N ARG N 125 -9.39 26.23 -73.68
CA ARG N 125 -7.92 26.21 -73.92
C ARG N 125 -7.41 27.65 -74.03
N ASP N 126 -8.17 28.55 -74.67
CA ASP N 126 -7.79 29.98 -74.74
C ASP N 126 -7.81 30.57 -73.33
N ARG N 127 -8.96 30.56 -72.67
CA ARG N 127 -9.15 31.26 -71.38
C ARG N 127 -8.36 30.54 -70.30
N LEU N 128 -8.19 29.21 -70.41
CA LEU N 128 -7.49 28.52 -69.31
C LEU N 128 -6.00 28.31 -69.65
N LYS N 129 -5.55 28.72 -70.84
CA LYS N 129 -4.12 29.09 -70.94
C LYS N 129 -3.95 30.50 -70.39
N ARG N 130 -4.97 31.34 -70.53
CA ARG N 130 -4.95 32.66 -69.85
C ARG N 130 -4.74 32.43 -68.34
N LEU N 131 -5.45 31.48 -67.74
CA LEU N 131 -5.37 31.28 -66.27
C LEU N 131 -4.23 30.32 -65.93
N ILE N 132 -3.75 29.55 -66.91
CA ILE N 132 -2.41 28.92 -66.81
C ILE N 132 -1.43 30.05 -66.45
N ARG N 133 -1.51 31.15 -67.18
CA ARG N 133 -0.51 32.24 -67.07
C ARG N 133 -0.85 33.10 -65.85
N GLN N 134 -2.15 33.30 -65.58
CA GLN N 134 -2.57 34.34 -64.62
C GLN N 134 -1.93 34.05 -63.26
N LEU N 135 -2.15 32.88 -62.68
CA LEU N 135 -1.57 32.60 -61.36
C LEU N 135 -0.40 31.62 -61.53
N ASP N 136 0.67 32.16 -62.10
CA ASP N 136 2.00 31.49 -62.15
C ASP N 136 3.03 32.27 -61.34
N VAL N 137 2.77 33.56 -61.08
CA VAL N 137 3.78 34.64 -60.86
C VAL N 137 4.58 34.41 -59.56
N GLU N 138 5.16 35.50 -59.03
CA GLU N 138 5.90 35.53 -57.74
C GLU N 138 5.07 34.91 -56.62
N MET N 139 5.75 34.39 -55.59
CA MET N 139 5.10 33.80 -54.40
C MET N 139 4.95 34.90 -53.34
N ALA N 140 5.54 36.06 -53.58
CA ALA N 140 5.36 37.33 -52.82
C ALA N 140 6.03 37.24 -51.43
N SER N 141 6.95 36.29 -51.24
CA SER N 141 7.84 36.20 -50.04
C SER N 141 7.03 36.41 -48.76
N LYS N 142 6.16 35.45 -48.45
CA LYS N 142 5.15 35.54 -47.35
C LYS N 142 5.88 35.94 -46.06
N GLY N 143 7.13 35.52 -45.92
CA GLY N 143 7.86 35.67 -44.65
C GLY N 143 6.99 35.24 -43.48
N ASN N 144 6.22 34.17 -43.67
CA ASN N 144 5.27 33.61 -42.67
C ASN N 144 5.92 33.62 -41.30
N ASN N 145 7.21 33.29 -41.25
CA ASN N 145 8.01 33.27 -40.00
C ASN N 145 9.21 34.21 -40.15
N ARG N 146 9.62 34.81 -39.03
CA ARG N 146 10.78 35.71 -38.90
C ARG N 146 11.56 35.30 -37.65
N VAL N 147 12.80 35.71 -37.54
CA VAL N 147 13.59 35.42 -36.33
C VAL N 147 14.18 36.75 -35.89
N VAL N 148 13.58 37.33 -34.86
CA VAL N 148 13.93 38.68 -34.34
C VAL N 148 15.01 38.55 -33.30
N TYR N 149 16.10 39.23 -33.54
CA TYR N 149 17.29 39.22 -32.68
C TYR N 149 17.05 40.29 -31.62
N LEU N 150 16.69 39.84 -30.42
CA LEU N 150 16.51 40.71 -29.24
C LEU N 150 17.76 41.57 -29.00
N LYS N 151 17.54 42.87 -28.93
CA LYS N 151 18.55 43.91 -28.61
C LYS N 151 18.91 43.89 -27.12
N TYR N 152 17.99 44.10 -26.20
CA TYR N 152 18.51 43.98 -24.83
C TYR N 152 17.70 43.03 -24.00
N ALA N 153 17.20 41.94 -24.55
CA ALA N 153 16.42 41.22 -23.52
C ALA N 153 16.68 39.73 -23.57
N LYS N 154 16.50 39.09 -22.43
CA LYS N 154 16.68 37.63 -22.53
C LYS N 154 15.43 37.09 -23.21
N ALA N 155 15.67 36.34 -24.24
CA ALA N 155 14.55 35.87 -25.07
C ALA N 155 13.95 34.65 -24.41
N GLU N 156 14.73 34.01 -23.54
CA GLU N 156 14.29 32.78 -22.87
C GLU N 156 13.03 33.12 -22.07
N ASP N 157 12.86 34.41 -21.76
CA ASP N 157 11.87 34.88 -20.77
C ASP N 157 10.79 35.67 -21.52
N LEU N 158 11.19 36.33 -22.57
CA LEU N 158 10.24 37.08 -23.42
C LEU N 158 9.25 36.12 -24.09
N VAL N 159 9.67 34.93 -24.52
CA VAL N 159 8.76 33.95 -25.18
C VAL N 159 7.60 33.62 -24.26
N ASP N 160 7.85 33.62 -22.95
CA ASP N 160 6.81 33.35 -21.93
C ASP N 160 5.69 34.38 -22.07
N VAL N 161 6.06 35.63 -22.22
CA VAL N 161 5.11 36.77 -22.25
C VAL N 161 4.41 36.77 -23.58
N LEU N 162 5.08 36.31 -24.62
CA LEU N 162 4.44 36.50 -25.93
C LEU N 162 3.48 35.35 -26.16
N LYS N 163 3.50 34.35 -25.29
CA LYS N 163 2.60 33.17 -25.40
C LYS N 163 1.16 33.66 -25.33
N GLY N 164 0.87 34.63 -24.47
CA GLY N 164 -0.50 35.12 -24.23
C GLY N 164 -0.95 36.07 -25.32
N VAL N 165 -0.01 36.85 -25.85
CA VAL N 165 -0.25 37.79 -26.97
C VAL N 165 -0.42 36.93 -28.20
N SER N 166 0.24 35.80 -28.16
CA SER N 166 0.34 35.04 -29.40
C SER N 166 -1.02 34.36 -29.66
N ASP N 167 -1.33 33.34 -28.87
CA ASP N 167 -2.57 32.54 -29.02
C ASP N 167 -3.77 33.48 -28.99
N ASN N 168 -3.86 34.31 -27.96
CA ASN N 168 -5.03 35.20 -27.72
C ASN N 168 -5.25 36.04 -28.99
N LEU N 169 -4.19 36.66 -29.50
CA LEU N 169 -4.32 37.57 -30.67
C LEU N 169 -4.95 36.79 -31.83
N GLN N 170 -4.44 35.59 -32.11
CA GLN N 170 -4.90 34.71 -33.21
C GLN N 170 -6.40 34.49 -33.10
N ALA N 171 -6.91 34.17 -31.91
CA ALA N 171 -8.35 33.97 -31.63
C ALA N 171 -9.14 35.25 -31.90
N VAL N 187 0.22 30.64 -34.50
CA VAL N 187 1.19 31.50 -33.74
C VAL N 187 2.06 30.59 -32.86
N VAL N 188 3.29 30.31 -33.26
CA VAL N 188 4.26 29.66 -32.33
C VAL N 188 5.52 30.51 -32.22
N ILE N 189 5.72 31.05 -31.01
CA ILE N 189 6.90 31.88 -30.64
C ILE N 189 7.88 30.96 -29.94
N ALA N 190 9.11 30.90 -30.43
CA ALA N 190 10.09 30.00 -29.80
C ALA N 190 11.39 30.76 -29.62
N ALA N 191 12.00 30.66 -28.45
CA ALA N 191 13.20 31.49 -28.20
C ALA N 191 14.41 30.59 -28.35
N HIS N 192 15.29 30.94 -29.30
CA HIS N 192 16.56 30.19 -29.49
C HIS N 192 17.61 30.77 -28.57
N GLN N 193 17.88 30.09 -27.46
CA GLN N 193 18.79 30.56 -26.38
C GLN N 193 20.01 31.20 -27.01
N GLY N 194 20.81 30.32 -27.64
CA GLY N 194 22.10 30.65 -28.25
C GLY N 194 22.22 32.13 -28.58
N THR N 195 21.40 32.62 -29.50
CA THR N 195 21.65 33.90 -30.20
C THR N 195 20.84 35.01 -29.51
N ASN N 196 20.18 34.62 -28.40
CA ASN N 196 19.19 35.45 -27.69
C ASN N 196 18.29 36.05 -28.75
N SER N 197 17.79 35.18 -29.61
CA SER N 197 16.88 35.55 -30.71
C SER N 197 15.69 34.63 -30.60
N LEU N 198 14.52 35.22 -30.47
CA LEU N 198 13.34 34.33 -30.44
C LEU N 198 12.73 34.32 -31.82
N VAL N 199 12.35 33.11 -32.21
CA VAL N 199 11.85 32.75 -33.54
C VAL N 199 10.34 32.75 -33.46
N LEU N 200 9.76 33.63 -34.27
CA LEU N 200 8.31 33.82 -34.32
C LEU N 200 7.78 33.13 -35.56
N THR N 201 6.72 32.36 -35.44
CA THR N 201 6.01 31.85 -36.64
C THR N 201 4.54 32.16 -36.44
N ALA N 202 4.21 33.30 -37.05
CA ALA N 202 2.98 34.11 -36.88
C ALA N 202 2.14 34.02 -38.18
N PRO N 203 0.81 34.32 -38.18
CA PRO N 203 0.18 35.07 -39.28
C PRO N 203 0.66 36.51 -39.39
N PRO N 204 0.51 37.14 -40.55
CA PRO N 204 1.26 38.36 -40.84
C PRO N 204 0.86 39.51 -39.91
N ASP N 205 -0.40 39.57 -39.54
CA ASP N 205 -0.84 40.57 -38.53
C ASP N 205 -0.29 40.18 -37.17
N ILE N 206 -0.68 39.00 -36.69
CA ILE N 206 -0.13 38.49 -35.41
C ILE N 206 1.38 38.77 -35.40
N MET N 207 2.05 38.68 -36.55
CA MET N 207 3.52 38.85 -36.67
C MET N 207 3.82 40.32 -36.44
N LEU N 208 3.30 41.17 -37.32
CA LEU N 208 3.43 42.64 -37.14
C LEU N 208 3.03 43.00 -35.70
N ALA N 209 2.17 42.22 -35.06
CA ALA N 209 1.76 42.57 -33.68
C ALA N 209 2.86 42.17 -32.70
N LEU N 210 3.22 40.89 -32.70
CA LEU N 210 4.29 40.36 -31.80
C LEU N 210 5.50 41.25 -31.96
N GLN N 211 5.73 41.78 -33.16
CA GLN N 211 6.95 42.56 -33.44
C GLN N 211 6.84 43.89 -32.69
N GLU N 212 5.63 44.41 -32.52
CA GLU N 212 5.42 45.73 -31.89
C GLU N 212 5.46 45.57 -30.38
N VAL N 213 5.25 44.34 -29.92
CA VAL N 213 5.24 44.01 -28.47
C VAL N 213 6.67 43.79 -28.04
N ILE N 214 7.46 43.15 -28.89
CA ILE N 214 8.84 42.72 -28.56
C ILE N 214 9.70 43.96 -28.62
N THR N 215 9.31 44.93 -29.44
CA THR N 215 10.11 46.14 -29.66
C THR N 215 9.93 47.08 -28.47
N GLN N 216 8.85 46.89 -27.71
CA GLN N 216 8.54 47.78 -26.56
C GLN N 216 8.94 47.07 -25.27
N LEU N 217 9.09 45.75 -25.27
CA LEU N 217 9.58 45.01 -24.08
C LEU N 217 11.08 44.91 -24.14
N ASP N 218 11.63 45.28 -25.27
CA ASP N 218 13.04 45.01 -25.52
C ASP N 218 13.82 46.29 -25.27
N ILE N 219 13.38 47.11 -24.33
CA ILE N 219 14.15 48.34 -24.00
C ILE N 219 15.29 47.92 -23.07
N ARG N 220 16.34 48.74 -23.04
CA ARG N 220 17.47 48.50 -22.11
C ARG N 220 16.95 48.65 -20.70
N ARG N 221 17.56 47.95 -19.76
CA ARG N 221 17.10 48.12 -18.36
C ARG N 221 18.08 49.05 -17.67
N ALA N 222 17.55 50.04 -16.97
CA ALA N 222 18.45 50.86 -16.15
C ALA N 222 18.92 50.03 -14.95
N GLN N 223 19.88 50.54 -14.20
CA GLN N 223 20.31 49.68 -13.08
C GLN N 223 20.67 50.50 -11.85
N VAL N 224 20.34 49.95 -10.70
CA VAL N 224 20.47 50.72 -9.44
C VAL N 224 21.70 50.23 -8.67
N LEU N 225 22.44 51.17 -8.13
CA LEU N 225 23.53 50.86 -7.18
C LEU N 225 23.00 51.01 -5.75
N ILE N 226 22.44 49.94 -5.19
CA ILE N 226 21.81 49.91 -3.85
C ILE N 226 22.92 49.97 -2.82
N GLU N 227 23.20 51.16 -2.32
CA GLU N 227 24.19 51.23 -1.24
C GLU N 227 23.44 51.33 0.09
N ALA N 228 23.35 50.23 0.80
CA ALA N 228 22.89 50.23 2.21
C ALA N 228 23.97 50.77 3.16
N LEU N 229 23.58 51.16 4.36
CA LEU N 229 24.48 51.94 5.24
C LEU N 229 24.11 51.72 6.69
N ILE N 230 24.54 50.60 7.19
CA ILE N 230 24.15 50.08 8.51
C ILE N 230 25.09 50.66 9.54
N VAL N 231 24.54 51.38 10.49
CA VAL N 231 25.37 52.12 11.46
C VAL N 231 24.97 51.61 12.83
N GLU N 232 25.70 50.65 13.37
CA GLU N 232 25.48 50.11 14.75
C GLU N 232 26.40 50.73 15.79
N MET N 233 25.91 51.66 16.55
CA MET N 233 26.73 52.49 17.44
C MET N 233 26.33 52.27 18.91
N ALA N 234 27.10 51.49 19.65
CA ALA N 234 26.75 50.95 20.99
C ALA N 234 27.74 51.42 22.05
N GLU N 235 27.22 51.78 23.20
CA GLU N 235 27.97 52.55 24.22
C GLU N 235 27.48 52.05 25.55
N GLY N 236 28.38 51.49 26.35
CA GLY N 236 28.06 50.83 27.62
C GLY N 236 28.91 51.39 28.74
N ASP N 237 28.33 51.55 29.90
CA ASP N 237 28.99 52.22 31.03
C ASP N 237 28.46 51.55 32.29
N GLY N 238 29.32 50.86 33.01
CA GLY N 238 28.98 50.17 34.26
C GLY N 238 29.89 50.63 35.38
N VAL N 239 29.31 50.79 36.55
CA VAL N 239 30.06 51.03 37.79
C VAL N 239 29.66 50.03 38.84
N ASN N 240 30.51 49.11 39.23
CA ASN N 240 30.28 48.28 40.43
C ASN N 240 31.14 48.79 41.58
N LEU N 241 30.50 49.12 42.68
CA LEU N 241 31.30 49.54 43.84
C LEU N 241 30.69 49.03 45.12
N GLY N 242 31.44 48.27 45.86
CA GLY N 242 30.74 47.56 46.92
C GLY N 242 31.69 46.88 47.83
N VAL N 243 31.51 47.10 49.11
CA VAL N 243 32.59 46.78 50.03
C VAL N 243 32.16 45.64 50.92
N GLN N 244 32.96 44.62 51.01
CA GLN N 244 32.42 43.47 51.73
C GLN N 244 33.28 43.22 52.93
N TRP N 245 32.64 43.21 54.08
CA TRP N 245 33.37 42.90 55.32
C TRP N 245 33.31 41.39 55.53
N GLY N 246 34.27 40.80 56.23
CA GLY N 246 34.22 39.36 56.54
C GLY N 246 35.15 38.94 57.66
N ASN N 247 34.67 38.04 58.49
CA ASN N 247 35.47 37.49 59.61
C ASN N 247 35.17 36.01 59.66
N LEU N 248 36.10 35.19 59.18
CA LEU N 248 35.87 33.74 59.02
C LEU N 248 36.19 32.98 60.31
N GLU N 249 37.01 33.51 61.22
CA GLU N 249 37.24 32.88 62.55
C GLU N 249 35.89 32.51 63.17
N THR N 250 34.99 33.49 63.20
CA THR N 250 33.59 33.33 63.65
C THR N 250 32.64 33.78 62.55
N GLY N 251 32.42 32.91 61.54
CA GLY N 251 31.59 33.05 60.32
C GLY N 251 30.74 34.30 60.26
N ALA N 252 31.34 35.45 59.99
CA ALA N 252 30.61 36.72 59.99
C ALA N 252 30.91 37.39 58.68
N VAL N 253 30.00 37.30 57.76
CA VAL N 253 30.30 37.98 56.48
C VAL N 253 29.30 39.10 56.30
N ILE N 254 29.73 40.15 55.64
CA ILE N 254 28.75 41.01 54.94
C ILE N 254 28.99 40.86 53.47
N GLN N 255 28.49 39.81 52.90
CA GLN N 255 28.88 39.51 51.52
C GLN N 255 27.81 40.03 50.56
N TYR N 256 28.22 40.24 49.33
CA TYR N 256 27.31 40.60 48.23
C TYR N 256 27.59 39.73 47.01
N SER N 257 26.57 39.18 46.39
CA SER N 257 26.76 38.42 45.13
C SER N 257 26.94 39.43 44.00
N ASN N 258 26.38 40.61 44.19
CA ASN N 258 26.28 41.47 43.00
C ASN N 258 27.68 41.87 42.55
N THR N 259 28.67 41.81 43.45
CA THR N 259 30.01 42.30 43.07
C THR N 259 30.77 41.14 42.46
N GLY N 260 31.79 41.42 41.67
CA GLY N 260 32.62 40.32 41.19
C GLY N 260 32.60 39.16 42.18
N THR N 261 33.40 39.27 43.23
CA THR N 261 33.64 38.06 44.04
C THR N 261 32.94 38.25 45.37
N PRO N 262 32.42 37.19 46.00
CA PRO N 262 31.93 37.28 47.37
C PRO N 262 32.90 36.89 48.48
N ILE N 263 32.99 37.70 49.54
CA ILE N 263 34.14 37.69 50.47
C ILE N 263 34.32 36.24 50.94
N GLY N 264 33.26 35.44 50.95
CA GLY N 264 33.38 34.06 51.46
C GLY N 264 34.41 33.31 50.65
N LYS N 265 34.13 33.14 49.36
CA LYS N 265 35.05 32.47 48.43
C LYS N 265 36.44 33.02 48.69
N VAL N 266 36.59 34.33 48.87
CA VAL N 266 37.93 34.97 48.90
C VAL N 266 38.61 34.58 50.21
N MET N 267 37.90 34.69 51.32
CA MET N 267 38.54 34.32 52.60
C MET N 267 38.82 32.81 52.64
N VAL N 268 37.87 31.99 52.20
CA VAL N 268 38.15 30.53 52.15
C VAL N 268 39.41 30.32 51.30
N GLY N 269 39.45 30.91 50.11
CA GLY N 269 40.55 30.75 49.14
C GLY N 269 41.85 31.16 49.80
N LEU N 270 41.81 32.22 50.57
CA LEU N 270 43.03 32.75 51.20
C LEU N 270 43.50 31.77 52.26
N GLU N 271 42.57 31.11 52.94
CA GLU N 271 43.00 30.16 53.99
C GLU N 271 43.58 28.92 53.32
N GLU N 272 42.93 28.44 52.26
CA GLU N 272 43.46 27.27 51.54
C GLU N 272 44.84 27.58 50.95
N ALA N 273 45.09 28.83 50.54
CA ALA N 273 46.35 29.24 49.87
C ALA N 273 47.44 29.42 50.94
N LYS N 274 47.06 29.27 52.22
CA LYS N 274 48.02 29.39 53.35
C LYS N 274 48.73 28.05 53.56
N ASP N 275 49.94 28.05 54.12
CA ASP N 275 50.72 26.82 54.41
C ASP N 275 50.21 26.18 55.71
N LYS N 276 49.56 25.02 55.60
CA LYS N 276 49.00 24.20 56.72
C LYS N 276 50.14 23.41 57.39
N THR N 277 49.89 22.82 58.56
CA THR N 277 50.89 21.97 59.30
C THR N 277 50.18 20.76 59.92
N VAL N 278 50.59 19.56 59.54
CA VAL N 278 50.00 18.28 60.03
C VAL N 278 51.06 17.57 60.89
N THR N 279 50.91 17.60 62.22
CA THR N 279 51.98 17.30 63.22
C THR N 279 52.06 15.79 63.49
N SER N 294 56.73 16.45 62.84
CA SER N 294 56.03 17.65 62.32
C SER N 294 56.35 17.81 60.82
N ARG N 295 55.33 17.76 59.96
CA ARG N 295 55.46 18.12 58.53
C ARG N 295 54.92 19.54 58.32
N THR N 296 55.39 20.23 57.28
CA THR N 296 54.72 21.44 56.74
C THR N 296 54.22 21.13 55.33
N GLU N 297 53.18 21.82 54.90
CA GLU N 297 52.61 21.63 53.55
C GLU N 297 52.16 22.97 52.99
N ALA N 298 52.39 23.16 51.70
CA ALA N 298 52.00 24.40 51.01
C ALA N 298 50.63 24.17 50.37
N GLY N 299 49.68 24.97 50.83
CA GLY N 299 48.29 24.89 50.40
C GLY N 299 48.13 25.26 48.95
N ASP N 300 47.12 24.68 48.31
CA ASP N 300 46.77 24.95 46.91
C ASP N 300 46.05 26.28 46.85
N TYR N 301 46.49 27.08 45.91
CA TYR N 301 45.83 28.35 45.56
C TYR N 301 44.76 28.06 44.51
N SER N 302 44.20 26.85 44.48
CA SER N 302 43.22 26.46 43.44
C SER N 302 41.86 27.07 43.78
N THR N 303 41.63 27.31 45.07
CA THR N 303 40.33 27.85 45.55
C THR N 303 40.40 29.37 45.49
N LEU N 304 41.56 29.92 45.78
CA LEU N 304 41.74 31.38 45.74
C LEU N 304 41.75 31.83 44.29
N ALA N 305 42.28 31.02 43.40
CA ALA N 305 42.35 31.33 41.96
C ALA N 305 40.94 31.28 41.39
N ALA N 306 40.09 30.36 41.85
CA ALA N 306 38.68 30.27 41.39
C ALA N 306 37.90 31.48 41.90
N ALA N 307 38.32 32.08 43.01
CA ALA N 307 37.61 33.27 43.54
C ALA N 307 38.03 34.51 42.75
N LEU N 308 39.33 34.79 42.79
CA LEU N 308 39.91 36.02 42.21
C LEU N 308 39.80 35.93 40.70
N ALA N 309 39.48 34.75 40.19
CA ALA N 309 39.51 34.51 38.73
C ALA N 309 38.55 35.51 38.10
N GLY N 310 37.41 35.68 38.76
CA GLY N 310 36.25 36.31 38.15
C GLY N 310 36.15 37.75 38.59
N VAL N 311 37.25 38.35 38.99
CA VAL N 311 37.14 39.73 39.52
C VAL N 311 37.56 40.69 38.44
N ASN N 312 36.59 41.36 37.87
CA ASN N 312 36.95 42.30 36.81
C ASN N 312 36.75 43.67 37.40
N GLY N 313 37.74 44.10 38.14
CA GLY N 313 37.83 45.50 38.54
C GLY N 313 38.99 45.65 39.46
N ALA N 314 38.66 45.76 40.73
CA ALA N 314 39.60 45.97 41.84
C ALA N 314 38.95 45.42 43.08
N ALA N 315 39.50 44.31 43.59
CA ALA N 315 38.98 43.53 44.75
C ALA N 315 40.02 43.53 45.85
N MET N 316 40.18 44.67 46.51
CA MET N 316 41.29 44.92 47.44
C MET N 316 40.80 44.55 48.83
N SER N 317 41.70 44.01 49.64
CA SER N 317 41.38 43.54 51.01
C SER N 317 42.18 44.35 52.01
N LEU N 318 41.52 45.28 52.71
CA LEU N 318 42.03 45.89 53.95
C LEU N 318 41.77 44.92 55.10
N VAL N 319 42.77 44.11 55.43
CA VAL N 319 42.67 43.10 56.52
C VAL N 319 42.93 43.81 57.85
N MET N 320 41.86 44.11 58.59
CA MET N 320 41.95 44.86 59.88
C MET N 320 41.72 43.89 61.03
N GLY N 321 42.74 43.58 61.83
CA GLY N 321 42.70 42.52 62.87
C GLY N 321 41.64 41.45 62.60
N ASP N 322 41.75 40.73 61.50
CA ASP N 322 41.01 39.44 61.34
C ASP N 322 39.58 39.70 60.84
N TRP N 323 39.25 40.96 60.61
CA TRP N 323 38.06 41.32 59.81
C TRP N 323 38.50 41.80 58.43
N THR N 324 38.43 40.90 57.46
CA THR N 324 38.89 41.14 56.08
C THR N 324 37.81 41.92 55.36
N ALA N 325 38.10 43.16 55.02
CA ALA N 325 37.18 44.02 54.28
C ALA N 325 37.59 44.06 52.79
N LEU N 326 37.00 43.22 51.97
CA LEU N 326 37.22 43.24 50.52
C LEU N 326 36.36 44.32 49.88
N ILE N 327 37.02 45.43 49.57
CA ILE N 327 36.53 46.57 48.74
C ILE N 327 36.68 46.27 47.26
N SER N 328 35.59 46.42 46.54
CA SER N 328 35.54 46.09 45.09
C SER N 328 35.05 47.32 44.34
N ALA N 329 35.67 47.60 43.22
CA ALA N 329 35.30 48.75 42.38
C ALA N 329 35.70 48.43 40.95
N VAL N 330 34.81 48.74 40.03
CA VAL N 330 35.11 48.70 38.59
C VAL N 330 34.19 49.66 37.85
N SER N 331 34.72 50.49 36.96
CA SER N 331 33.90 51.40 36.13
C SER N 331 34.06 50.99 34.65
N SER N 332 33.61 49.79 34.33
CA SER N 332 33.55 49.23 32.95
C SER N 332 32.86 50.22 31.99
N ASP N 333 33.63 50.96 31.22
CA ASP N 333 33.10 51.93 30.23
C ASP N 333 33.43 51.37 28.85
N SER N 334 32.51 50.62 28.28
CA SER N 334 32.57 50.09 26.89
C SER N 334 32.00 51.08 25.86
N ASN N 335 32.18 50.77 24.58
CA ASN N 335 31.93 51.70 23.44
C ASN N 335 32.19 50.95 22.12
N SER N 336 31.27 51.05 21.20
CA SER N 336 31.26 50.27 19.94
C SER N 336 30.64 51.17 18.88
N ASN N 337 31.20 51.13 17.69
CA ASN N 337 30.82 52.12 16.68
C ASN N 337 31.02 51.47 15.34
N ILE N 338 30.20 50.49 15.03
CA ILE N 338 30.30 49.69 13.78
C ILE N 338 29.54 50.40 12.69
N LEU N 339 30.13 50.45 11.53
CA LEU N 339 29.54 51.20 10.43
C LEU N 339 29.75 50.44 9.12
N SER N 340 28.96 49.39 8.91
CA SER N 340 29.14 48.50 7.75
C SER N 340 28.16 48.93 6.66
N SER N 341 28.64 49.21 5.47
CA SER N 341 27.79 49.62 4.31
C SER N 341 28.06 48.73 3.13
N PRO N 342 27.12 47.86 2.76
CA PRO N 342 27.24 47.05 1.58
C PRO N 342 26.34 47.60 0.49
N SER N 343 26.96 47.84 -0.66
CA SER N 343 26.25 48.12 -1.93
C SER N 343 26.28 46.93 -2.86
N ILE N 344 25.23 46.87 -3.61
CA ILE N 344 25.10 45.84 -4.64
C ILE N 344 24.66 46.67 -5.81
N THR N 345 24.99 46.24 -7.00
CA THR N 345 24.43 46.86 -8.21
C THR N 345 23.45 45.88 -8.82
N VAL N 346 22.33 46.39 -9.20
CA VAL N 346 21.45 45.38 -9.76
C VAL N 346 20.66 45.97 -10.90
N MET N 347 20.21 45.09 -11.77
CA MET N 347 19.42 45.56 -12.92
C MET N 347 18.01 45.74 -12.38
N ASP N 348 17.36 46.80 -12.80
CA ASP N 348 16.01 47.10 -12.28
C ASP N 348 15.19 45.84 -12.45
N ASN N 349 14.49 45.52 -11.39
CA ASN N 349 13.44 44.48 -11.41
C ASN N 349 14.10 43.13 -11.36
N GLY N 350 15.41 43.08 -11.52
CA GLY N 350 16.16 41.87 -11.16
C GLY N 350 16.26 41.76 -9.66
N GLU N 351 16.26 40.56 -9.12
CA GLU N 351 16.69 40.35 -7.72
C GLU N 351 18.20 40.24 -7.63
N ALA N 352 18.74 40.80 -6.57
CA ALA N 352 20.18 40.68 -6.32
C ALA N 352 20.41 40.50 -4.87
N SER N 353 21.23 39.51 -4.60
CA SER N 353 21.63 39.14 -3.24
C SER N 353 23.06 39.60 -3.11
N PHE N 354 23.47 39.71 -1.86
CA PHE N 354 24.83 40.08 -1.49
C PHE N 354 25.04 39.54 -0.10
N ILE N 355 26.10 38.82 0.14
CA ILE N 355 26.27 38.23 1.49
C ILE N 355 27.74 38.12 1.78
N VAL N 356 28.15 38.81 2.78
CA VAL N 356 29.55 38.84 3.18
C VAL N 356 29.58 38.38 4.60
N GLY N 357 30.01 37.15 4.82
CA GLY N 357 29.43 36.35 5.90
C GLY N 357 30.23 35.15 6.19
N GLU N 358 29.52 34.19 6.75
CA GLU N 358 29.99 32.81 6.78
C GLU N 358 28.77 31.93 6.79
N GLU N 359 28.87 30.84 6.05
CA GLU N 359 27.88 29.77 6.15
C GLU N 359 28.28 28.92 7.34
N VAL N 360 27.73 29.19 8.52
CA VAL N 360 27.82 28.24 9.67
C VAL N 360 26.77 27.19 9.50
N PRO N 361 27.13 25.94 9.71
CA PRO N 361 26.13 24.89 9.76
C PRO N 361 25.59 24.75 11.17
N VAL N 362 24.33 24.36 11.18
CA VAL N 362 23.52 24.36 12.41
C VAL N 362 22.64 23.15 12.39
N ILE N 363 22.52 22.55 13.56
CA ILE N 363 21.68 21.35 13.72
C ILE N 363 20.27 21.70 13.30
N THR N 364 19.50 20.66 13.00
CA THR N 364 18.05 20.70 12.78
C THR N 364 17.48 19.31 13.16
N VAL N 379 21.43 18.58 9.82
CA VAL N 379 22.37 19.73 9.70
C VAL N 379 22.08 20.53 8.43
N ASP N 380 21.62 21.75 8.60
CA ASP N 380 21.50 22.71 7.48
C ASP N 380 22.60 23.75 7.67
N ARG N 381 22.91 24.44 6.58
CA ARG N 381 24.06 25.36 6.52
C ARG N 381 23.55 26.77 6.29
N LYS N 382 23.36 27.52 7.34
CA LYS N 382 22.70 28.83 7.16
C LYS N 382 23.79 29.89 7.16
N GLU N 383 23.59 30.83 6.23
CA GLU N 383 24.51 31.95 5.95
C GLU N 383 24.32 33.06 6.97
N VAL N 384 25.38 33.65 7.40
CA VAL N 384 25.11 34.50 8.56
C VAL N 384 26.08 35.61 8.46
N GLY N 385 25.63 36.73 7.95
CA GLY N 385 26.64 37.76 7.73
C GLY N 385 25.99 39.08 7.54
N ILE N 386 26.67 40.01 6.93
CA ILE N 386 25.94 41.11 6.26
C ILE N 386 25.29 40.56 5.01
N LYS N 387 24.02 40.21 5.05
CA LYS N 387 23.22 39.96 3.83
C LYS N 387 22.42 41.21 3.44
N LEU N 388 22.08 41.30 2.16
CA LEU N 388 21.32 42.42 1.61
C LEU N 388 20.66 41.93 0.37
N LYS N 389 19.36 41.72 0.37
CA LYS N 389 18.80 41.07 -0.83
C LYS N 389 17.72 41.96 -1.43
N VAL N 390 18.11 42.87 -2.31
CA VAL N 390 17.18 43.89 -2.81
C VAL N 390 16.62 43.52 -4.16
N VAL N 391 15.32 43.71 -4.34
CA VAL N 391 14.71 43.57 -5.68
C VAL N 391 14.34 44.96 -6.11
N PRO N 392 15.33 45.74 -6.53
CA PRO N 392 15.11 47.15 -6.74
C PRO N 392 14.29 47.27 -8.01
N GLN N 393 13.25 48.09 -8.00
CA GLN N 393 12.30 48.24 -9.13
C GLN N 393 12.03 49.70 -9.41
N ILE N 394 12.75 50.28 -10.36
CA ILE N 394 12.76 51.75 -10.64
C ILE N 394 11.40 52.18 -11.19
N ASN N 395 10.87 53.30 -10.64
CA ASN N 395 9.54 53.87 -10.94
C ASN N 395 9.72 55.09 -11.86
N GLU N 396 8.65 55.63 -12.42
CA GLU N 396 8.64 56.97 -13.06
C GLU N 396 9.09 58.05 -12.05
N GLY N 397 9.76 59.14 -12.49
CA GLY N 397 10.25 60.22 -11.60
C GLY N 397 11.54 59.83 -10.91
N ASP N 398 12.27 58.89 -11.50
CA ASP N 398 13.51 58.32 -10.93
C ASP N 398 13.30 58.09 -9.43
N SER N 399 12.31 57.29 -9.08
CA SER N 399 11.99 56.97 -7.67
C SER N 399 12.07 55.49 -7.52
N VAL N 400 13.23 54.99 -7.08
CA VAL N 400 13.40 53.53 -6.93
C VAL N 400 12.63 52.98 -5.78
N GLN N 401 11.97 51.87 -6.04
CA GLN N 401 11.10 51.18 -5.07
C GLN N 401 11.67 49.79 -4.75
N LEU N 402 12.45 49.72 -3.67
CA LEU N 402 13.25 48.55 -3.24
C LEU N 402 12.38 47.61 -2.41
N ASN N 403 12.46 46.28 -2.66
CA ASN N 403 11.91 45.24 -1.75
C ASN N 403 13.06 44.52 -1.05
N ILE N 404 13.47 45.04 0.10
CA ILE N 404 14.79 44.73 0.69
C ILE N 404 14.64 43.76 1.84
N GLU N 405 15.58 42.85 1.95
CA GLU N 405 15.75 41.99 3.12
C GLU N 405 17.18 42.22 3.55
N GLN N 406 17.40 42.90 4.65
CA GLN N 406 18.76 43.26 5.11
C GLN N 406 19.12 42.73 6.51
N GLU N 407 20.22 41.98 6.62
CA GLU N 407 20.45 41.12 7.79
C GLU N 407 21.86 41.36 8.19
N VAL N 408 22.09 42.04 9.25
CA VAL N 408 23.44 41.76 9.72
C VAL N 408 23.33 40.73 10.80
N SER N 409 24.19 39.74 10.75
CA SER N 409 24.12 38.62 11.69
C SER N 409 25.52 38.05 11.83
N ASN N 410 25.73 37.25 12.86
CA ASN N 410 27.01 37.32 13.58
C ASN N 410 27.00 36.21 14.59
N VAL N 411 27.10 35.01 14.07
CA VAL N 411 27.16 33.78 14.91
C VAL N 411 28.01 34.07 16.16
N LEU N 412 27.33 34.00 17.28
CA LEU N 412 27.86 34.14 18.66
C LEU N 412 27.94 32.72 19.20
N GLY N 413 28.24 32.59 20.48
CA GLY N 413 28.18 31.28 21.18
C GLY N 413 26.75 30.78 21.28
N ALA N 414 26.64 29.52 21.70
CA ALA N 414 25.37 28.93 22.16
C ALA N 414 25.33 28.78 23.69
N ASN N 415 25.58 29.84 24.45
CA ASN N 415 25.52 29.72 25.93
C ASN N 415 24.70 28.47 26.28
N GLY N 416 23.39 28.54 26.11
CA GLY N 416 22.51 27.57 26.77
C GLY N 416 22.10 26.56 25.75
N ALA N 417 22.04 27.05 24.53
CA ALA N 417 21.21 26.41 23.51
C ALA N 417 21.99 25.21 22.96
N VAL N 418 21.24 24.28 22.40
CA VAL N 418 21.72 23.08 21.66
C VAL N 418 22.90 23.50 20.79
N ASP N 419 22.58 24.18 19.71
CA ASP N 419 23.60 24.58 18.71
C ASP N 419 24.01 26.04 19.00
N VAL N 420 24.70 26.61 18.04
CA VAL N 420 25.14 28.02 18.07
C VAL N 420 23.97 28.93 17.82
N ARG N 421 23.89 29.96 18.64
CA ARG N 421 22.93 31.09 18.55
C ARG N 421 23.56 32.11 17.63
N PHE N 422 22.92 32.38 16.49
CA PHE N 422 23.19 33.52 15.57
C PHE N 422 22.58 34.80 16.10
N ALA N 423 23.34 35.87 16.09
CA ALA N 423 22.86 37.17 16.52
C ALA N 423 22.55 37.97 15.30
N LYS N 424 21.28 38.16 15.14
CA LYS N 424 20.72 38.49 13.82
C LYS N 424 20.02 39.80 14.02
N ARG N 425 20.27 40.72 13.13
CA ARG N 425 19.50 41.98 13.11
C ARG N 425 18.99 42.10 11.72
N GLN N 426 17.90 41.43 11.41
CA GLN N 426 17.34 41.55 10.07
C GLN N 426 16.16 42.47 10.05
N LEU N 427 15.95 43.05 8.89
CA LEU N 427 15.08 44.23 8.71
C LEU N 427 14.51 44.11 7.32
N ASN N 428 13.41 43.38 7.14
CA ASN N 428 13.02 43.14 5.75
C ASN N 428 11.70 43.83 5.50
N THR N 429 11.70 44.69 4.53
CA THR N 429 10.65 45.69 4.33
C THR N 429 10.59 45.99 2.86
N SER N 430 9.77 46.95 2.51
CA SER N 430 9.73 47.45 1.12
C SER N 430 9.67 48.94 1.26
N VAL N 431 10.63 49.64 0.74
CA VAL N 431 10.47 51.12 0.81
C VAL N 431 10.58 51.73 -0.56
N ILE N 432 10.39 53.03 -0.60
CA ILE N 432 10.39 53.69 -1.92
C ILE N 432 11.17 54.97 -1.75
N VAL N 433 12.26 55.04 -2.47
CA VAL N 433 13.30 56.02 -2.20
C VAL N 433 13.46 56.88 -3.42
N GLN N 434 13.92 58.09 -3.20
CA GLN N 434 14.25 58.90 -4.37
C GLN N 434 15.47 58.30 -5.05
N ASP N 435 15.68 58.67 -6.29
CA ASP N 435 16.99 58.45 -6.93
C ASP N 435 17.99 59.33 -6.22
N GLY N 436 18.97 58.75 -5.54
CA GLY N 436 20.15 59.47 -5.03
C GLY N 436 19.99 60.11 -3.66
N GLN N 437 18.81 60.05 -3.04
CA GLN N 437 18.68 60.50 -1.63
C GLN N 437 18.63 59.26 -0.74
N MET N 438 19.16 59.41 0.45
CA MET N 438 19.18 58.25 1.33
C MET N 438 17.85 58.24 2.05
N LEU N 439 17.42 57.05 2.44
CA LEU N 439 16.21 56.93 3.28
C LEU N 439 16.50 55.90 4.33
N VAL N 440 15.85 56.08 5.46
CA VAL N 440 16.18 55.26 6.64
C VAL N 440 15.24 54.05 6.74
N LEU N 441 15.74 52.86 6.50
CA LEU N 441 14.87 51.66 6.46
C LEU N 441 14.41 51.47 7.90
N GLY N 442 15.38 51.44 8.80
CA GLY N 442 15.24 50.73 10.07
C GLY N 442 15.90 51.46 11.18
N GLY N 443 15.86 50.83 12.33
CA GLY N 443 16.35 51.54 13.50
C GLY N 443 16.18 50.66 14.69
N LEU N 444 16.83 51.13 15.73
CA LEU N 444 16.57 50.74 17.10
C LEU N 444 17.41 51.62 18.00
N ILE N 445 16.76 52.33 18.86
CA ILE N 445 17.49 53.08 19.88
C ILE N 445 17.15 52.44 21.21
N ASP N 446 17.92 51.46 21.61
CA ASP N 446 17.80 50.87 22.95
C ASP N 446 18.55 51.79 23.93
N GLU N 447 17.97 52.02 25.09
CA GLU N 447 18.76 52.43 26.26
C GLU N 447 18.35 51.52 27.41
N ARG N 448 19.30 51.09 28.23
CA ARG N 448 19.00 50.38 29.49
C ARG N 448 19.71 51.06 30.66
N ALA N 449 19.22 50.79 31.83
CA ALA N 449 19.92 51.33 33.00
C ALA N 449 19.52 50.49 34.21
N LEU N 450 20.36 49.55 34.59
CA LEU N 450 20.06 48.74 35.78
C LEU N 450 20.91 49.26 36.93
N GLU N 451 20.30 49.86 37.90
CA GLU N 451 20.91 49.95 39.23
C GLU N 451 20.63 48.66 40.04
N SER N 452 21.42 48.42 41.08
CA SER N 452 21.19 47.41 42.14
C SER N 452 21.94 47.86 43.38
N GLU N 453 21.35 47.71 44.54
CA GLU N 453 22.20 47.97 45.71
C GLU N 453 21.74 47.02 46.78
N SER N 454 22.61 46.15 47.16
CA SER N 454 22.38 45.41 48.40
C SER N 454 23.02 46.18 49.53
N LYS N 455 22.30 46.45 50.61
CA LYS N 455 22.95 47.12 51.75
C LYS N 455 22.59 46.47 53.05
N VAL N 456 23.30 46.83 54.09
CA VAL N 456 22.96 46.26 55.41
C VAL N 456 21.83 47.15 55.89
N PRO N 457 20.65 46.97 55.28
CA PRO N 457 19.59 47.91 55.56
C PRO N 457 20.06 49.24 56.11
N LEU N 458 19.86 49.45 57.40
CA LEU N 458 19.77 50.85 57.87
C LEU N 458 21.16 51.46 57.90
N LEU N 459 22.19 50.65 58.09
CA LEU N 459 23.58 51.16 58.20
C LEU N 459 24.01 51.68 56.82
N GLY N 460 23.49 51.09 55.75
CA GLY N 460 23.73 51.53 54.36
C GLY N 460 22.92 52.76 54.01
N ASP N 461 22.46 53.49 55.02
CA ASP N 461 21.72 54.73 54.74
C ASP N 461 22.68 55.91 54.92
N ILE N 462 23.47 55.88 55.99
CA ILE N 462 24.34 57.02 56.40
C ILE N 462 25.01 57.53 55.13
N PRO N 463 25.05 58.85 54.89
CA PRO N 463 25.56 59.38 53.62
C PRO N 463 27.05 59.10 53.41
N ILE N 464 27.86 59.32 54.45
CA ILE N 464 29.33 59.26 54.32
C ILE N 464 29.73 57.78 54.31
N LEU N 465 29.33 57.05 55.35
CA LEU N 465 29.87 55.71 55.67
C LEU N 465 28.98 54.64 55.03
N GLY N 466 27.85 55.04 54.45
CA GLY N 466 26.89 54.05 53.92
C GLY N 466 27.60 53.09 53.00
N HIS N 467 28.52 53.66 52.22
CA HIS N 467 29.09 52.94 51.08
C HIS N 467 29.87 51.77 51.63
N LEU N 468 30.12 51.74 52.94
CA LEU N 468 30.95 50.65 53.53
C LEU N 468 30.07 49.44 53.58
N PHE N 469 28.79 49.64 53.76
CA PHE N 469 27.92 48.47 53.94
C PHE N 469 27.16 48.16 52.66
N LYS N 470 27.00 49.14 51.78
CA LYS N 470 26.22 49.00 50.52
C LYS N 470 27.10 48.28 49.51
N SER N 471 26.45 47.64 48.56
CA SER N 471 27.08 47.21 47.30
C SER N 471 26.22 47.61 46.12
N THR N 472 26.65 48.66 45.48
CA THR N 472 25.85 49.22 44.38
C THR N 472 26.45 48.72 43.08
N ASN N 473 25.59 48.48 42.12
CA ASN N 473 25.96 47.93 40.81
C ASN N 473 25.12 48.65 39.76
N THR N 474 25.74 49.48 38.96
CA THR N 474 24.96 50.28 38.00
C THR N 474 25.48 49.97 36.62
N GLN N 475 24.61 50.00 35.65
CA GLN N 475 24.92 49.49 34.31
C GLN N 475 24.03 50.25 33.37
N VAL N 476 24.61 50.79 32.34
CA VAL N 476 23.80 51.58 31.41
C VAL N 476 24.25 51.21 30.04
N GLU N 477 23.38 50.59 29.26
CA GLU N 477 23.73 50.19 27.91
C GLU N 477 22.85 51.00 26.97
N LYS N 478 23.47 51.61 25.98
CA LYS N 478 22.76 52.45 25.01
C LYS N 478 23.19 51.98 23.62
N LYS N 479 22.25 51.63 22.77
CA LYS N 479 22.57 50.99 21.49
C LYS N 479 21.74 51.60 20.37
N ASN N 480 22.39 52.18 19.37
CA ASN N 480 21.72 52.91 18.26
C ASN N 480 22.07 52.12 17.03
N LEU N 481 21.12 51.38 16.49
CA LEU N 481 21.23 50.72 15.19
C LEU N 481 20.31 51.41 14.16
N MET N 482 20.81 52.23 13.24
CA MET N 482 20.01 52.77 12.11
C MET N 482 20.51 52.06 10.88
N VAL N 483 19.64 51.53 10.05
CA VAL N 483 20.06 51.17 8.69
C VAL N 483 19.46 52.16 7.71
N PHE N 484 20.34 52.93 7.10
CA PHE N 484 19.99 53.74 5.92
C PHE N 484 20.22 52.94 4.63
N ILE N 485 19.45 53.28 3.62
CA ILE N 485 19.59 52.72 2.27
C ILE N 485 19.53 53.84 1.26
N LYS N 486 20.39 53.79 0.26
CA LYS N 486 20.49 54.81 -0.81
C LYS N 486 20.56 54.08 -2.13
N PRO N 487 19.46 54.11 -2.90
CA PRO N 487 19.44 53.62 -4.24
C PRO N 487 19.96 54.73 -5.14
N THR N 488 20.89 54.34 -5.99
CA THR N 488 21.35 55.18 -7.10
C THR N 488 21.05 54.44 -8.40
N ILE N 489 20.45 55.14 -9.34
CA ILE N 489 20.03 54.59 -10.65
C ILE N 489 21.20 54.85 -11.56
N ILE N 490 21.59 53.82 -12.28
CA ILE N 490 22.66 53.88 -13.32
C ILE N 490 22.02 53.59 -14.68
N ARG N 491 21.62 54.64 -15.38
CA ARG N 491 20.99 54.53 -16.71
C ARG N 491 22.08 54.58 -17.79
N ASP N 492 22.59 55.79 -17.98
CA ASP N 492 23.67 56.08 -18.94
C ASP N 492 24.91 55.34 -18.44
N GLY N 493 25.57 54.61 -19.33
CA GLY N 493 26.90 54.06 -19.03
C GLY N 493 27.77 55.08 -18.32
N MET N 494 27.83 56.30 -18.84
CA MET N 494 28.75 57.29 -18.27
C MET N 494 28.54 57.36 -16.75
N THR N 495 27.31 57.16 -16.31
CA THR N 495 26.96 57.25 -14.88
C THR N 495 27.71 56.14 -14.12
N ALA N 496 27.74 54.95 -14.73
CA ALA N 496 28.35 53.73 -14.15
C ALA N 496 29.83 53.97 -14.00
N ASP N 497 30.45 54.53 -15.04
CA ASP N 497 31.90 54.84 -15.05
C ASP N 497 32.20 55.56 -13.74
N GLY N 498 31.42 56.60 -13.46
CA GLY N 498 31.69 57.41 -12.27
C GLY N 498 31.50 56.55 -11.04
N ILE N 499 30.29 56.02 -10.87
CA ILE N 499 29.96 55.27 -9.65
C ILE N 499 31.17 54.38 -9.42
N THR N 500 31.54 53.67 -10.48
CA THR N 500 32.49 52.54 -10.40
C THR N 500 33.85 53.16 -10.16
N GLN N 501 34.30 53.91 -11.13
CA GLN N 501 35.60 54.58 -11.00
C GLN N 501 35.77 55.06 -9.57
N ARG N 502 34.99 56.08 -9.19
CA ARG N 502 35.15 56.73 -7.88
C ARG N 502 35.58 55.64 -6.91
N LYS N 503 34.85 54.53 -6.89
CA LYS N 503 35.02 53.40 -5.91
C LYS N 503 36.38 52.79 -6.13
N TYR N 504 36.60 52.31 -7.33
CA TYR N 504 37.83 51.62 -7.77
C TYR N 504 39.01 52.52 -7.47
N ASN N 505 38.89 53.76 -7.92
CA ASN N 505 39.91 54.81 -7.81
C ASN N 505 40.22 55.11 -6.34
N TYR N 506 39.27 54.93 -5.41
CA TYR N 506 39.36 55.07 -3.92
C TYR N 506 40.17 53.93 -3.35
N ILE N 507 39.84 52.71 -3.73
CA ILE N 507 40.65 51.56 -3.30
C ILE N 507 42.07 51.79 -3.80
N ARG N 508 42.19 52.03 -5.09
CA ARG N 508 43.55 52.21 -5.63
C ARG N 508 44.26 53.25 -4.77
N ALA N 509 43.59 54.30 -4.35
CA ALA N 509 44.31 55.31 -3.57
C ALA N 509 44.80 54.62 -2.32
N GLU N 510 43.93 53.91 -1.62
CA GLU N 510 44.33 53.29 -0.35
C GLU N 510 45.55 52.44 -0.63
N GLN N 511 45.48 51.65 -1.68
CA GLN N 511 46.48 50.59 -1.83
C GLN N 511 47.80 51.22 -2.20
N LEU N 512 47.76 52.30 -2.96
CA LEU N 512 48.99 52.99 -3.36
C LEU N 512 49.56 53.54 -2.09
N TYR N 513 48.65 53.83 -1.20
CA TYR N 513 49.19 54.39 0.04
C TYR N 513 50.07 53.30 0.65
N LYS N 514 49.48 52.13 0.81
CA LYS N 514 50.12 51.08 1.59
C LYS N 514 51.41 50.74 0.87
N ALA N 515 51.54 51.23 -0.34
CA ALA N 515 52.82 51.04 -1.03
C ALA N 515 53.80 52.14 -0.60
N GLU N 516 53.32 53.25 -0.08
CA GLU N 516 54.28 54.31 0.26
C GLU N 516 54.93 53.90 1.58
N GLN N 517 54.09 53.32 2.43
CA GLN N 517 54.47 52.70 3.71
C GLN N 517 54.40 51.19 3.54
N GLY N 518 55.41 50.64 2.87
CA GLY N 518 55.36 49.33 2.19
C GLY N 518 55.34 48.15 3.14
N LEU N 519 54.79 47.05 2.67
CA LEU N 519 55.05 45.75 3.30
C LEU N 519 56.33 45.80 4.10
N LYS N 520 56.19 45.51 5.38
CA LYS N 520 57.01 46.14 6.44
C LYS N 520 58.43 45.64 6.22
N LEU N 521 58.60 44.33 6.14
CA LEU N 521 59.96 43.80 6.05
C LEU N 521 60.32 43.35 4.64
N MET N 522 59.35 43.20 3.74
CA MET N 522 59.58 42.79 2.33
C MET N 522 60.08 43.97 1.47
N ASP N 523 60.38 43.68 0.20
CA ASP N 523 60.60 44.72 -0.82
C ASP N 523 59.26 45.33 -1.19
N ASP N 524 59.23 46.66 -1.24
CA ASP N 524 57.97 47.44 -1.32
C ASP N 524 57.16 47.03 -2.56
N GLY N 525 57.76 46.29 -3.51
CA GLY N 525 57.17 45.98 -4.82
C GLY N 525 56.11 44.90 -4.76
N HIS N 526 55.99 44.17 -3.66
CA HIS N 526 55.18 42.95 -3.70
C HIS N 526 53.76 43.25 -3.32
N ILE N 527 53.50 44.48 -2.87
CA ILE N 527 52.19 44.83 -2.29
C ILE N 527 51.21 45.03 -3.43
N PRO N 528 50.13 44.24 -3.47
CA PRO N 528 49.20 44.34 -4.58
C PRO N 528 48.58 45.73 -4.61
N VAL N 529 48.55 46.27 -5.81
CA VAL N 529 48.04 47.62 -6.12
C VAL N 529 47.20 47.47 -7.38
N LEU N 530 46.00 47.99 -7.35
CA LEU N 530 45.18 48.01 -8.56
C LEU N 530 45.88 48.86 -9.59
N PRO N 531 45.77 48.49 -10.85
CA PRO N 531 46.30 49.34 -11.92
C PRO N 531 45.48 50.62 -12.11
N LYS N 532 46.04 51.61 -12.79
CA LYS N 532 45.28 52.86 -13.10
C LYS N 532 44.06 52.47 -13.89
N PHE N 533 42.91 53.02 -13.54
CA PHE N 533 41.57 52.55 -14.01
C PHE N 533 41.47 52.47 -15.53
N GLY N 534 41.19 51.25 -16.03
CA GLY N 534 41.15 50.94 -17.47
C GLY N 534 42.53 50.85 -18.12
N GLU N 535 43.64 50.71 -17.37
CA GLU N 535 44.99 50.47 -17.97
C GLU N 535 45.30 48.97 -17.97
N ASP N 536 44.46 48.18 -17.32
CA ASP N 536 44.79 46.75 -17.25
C ASP N 536 46.14 46.61 -16.52
N LYS N 537 46.78 45.44 -16.51
CA LYS N 537 47.89 45.23 -15.54
C LYS N 537 49.15 45.91 -16.10
N ARG N 538 50.05 46.37 -15.25
CA ARG N 538 51.46 46.59 -15.69
C ARG N 538 52.40 45.58 -14.99
N HIS N 539 53.31 44.86 -15.70
CA HIS N 539 54.31 43.93 -15.08
C HIS N 539 55.02 44.67 -13.98
N PRO N 540 55.29 43.95 -12.86
CA PRO N 540 56.32 44.38 -11.92
C PRO N 540 57.51 44.95 -12.71
N ALA N 541 58.21 45.92 -12.11
CA ALA N 541 59.32 46.67 -12.74
C ALA N 541 60.44 45.70 -13.11
N GLU N 542 60.92 44.90 -12.15
CA GLU N 542 62.10 44.04 -12.41
C GLU N 542 61.86 43.27 -13.71
N ILE N 543 60.68 42.65 -13.83
CA ILE N 543 60.34 41.78 -14.98
C ILE N 543 60.26 42.66 -16.21
N GLN N 544 59.69 43.85 -16.07
CA GLN N 544 59.55 44.77 -17.20
C GLN N 544 60.95 45.15 -17.65
N ALA N 545 61.83 45.40 -16.68
CA ALA N 545 63.23 45.76 -16.95
C ALA N 545 63.90 44.60 -17.71
N PHE N 546 63.63 43.37 -17.27
CA PHE N 546 64.19 42.14 -17.88
C PHE N 546 63.70 42.05 -19.32
N ILE N 547 62.41 42.33 -19.52
CA ILE N 547 61.73 42.01 -20.80
C ILE N 547 62.35 42.86 -21.90
N ASP N 548 62.60 44.14 -21.59
CA ASP N 548 63.13 45.12 -22.57
C ASP N 548 64.56 44.70 -22.91
N GLN N 549 65.30 44.36 -21.85
CA GLN N 549 66.70 43.91 -21.98
C GLN N 549 66.73 42.78 -22.99
N MET N 550 65.80 41.83 -22.85
CA MET N 550 65.64 40.68 -23.78
C MET N 550 65.36 41.24 -25.18
N GLU N 551 64.43 42.20 -25.24
CA GLU N 551 64.00 42.86 -26.50
C GLU N 551 65.22 43.51 -27.15
N GLN N 552 66.00 44.24 -26.35
CA GLN N 552 67.22 44.96 -26.79
C GLN N 552 68.21 43.95 -27.40
N GLN N 553 68.39 42.81 -26.72
CA GLN N 553 69.30 41.70 -27.14
C GLN N 553 68.86 41.18 -28.51
N ASP O 1 -22.71 37.36 -101.80
CA ASP O 1 -23.73 36.29 -101.97
C ASP O 1 -23.09 34.90 -101.78
N ASN O 2 -21.82 34.84 -101.37
CA ASN O 2 -21.12 33.55 -101.14
C ASN O 2 -21.83 32.78 -100.03
N VAL O 3 -21.70 31.45 -100.04
CA VAL O 3 -22.24 30.58 -98.96
C VAL O 3 -21.07 30.11 -98.08
N ILE O 4 -21.07 30.59 -96.84
CA ILE O 4 -20.09 30.20 -95.79
C ILE O 4 -20.84 29.99 -94.47
N THR O 5 -20.24 29.20 -93.58
CA THR O 5 -20.76 28.96 -92.21
C THR O 5 -20.02 29.88 -91.23
N ARG O 6 -20.75 30.46 -90.28
CA ARG O 6 -20.13 31.31 -89.23
C ARG O 6 -20.42 30.71 -87.85
N VAL O 7 -19.37 30.55 -87.05
CA VAL O 7 -19.44 29.96 -85.69
C VAL O 7 -19.11 31.07 -84.67
N VAL O 8 -20.12 31.53 -83.94
CA VAL O 8 -20.01 32.67 -82.99
C VAL O 8 -20.74 32.30 -81.70
N ALA O 9 -20.39 32.95 -80.60
CA ALA O 9 -20.87 32.57 -79.24
C ALA O 9 -21.96 33.54 -78.77
N VAL O 10 -22.91 33.00 -78.02
CA VAL O 10 -23.69 33.78 -77.02
C VAL O 10 -23.54 33.08 -75.68
N ARG O 11 -22.71 33.67 -74.82
CA ARG O 11 -22.29 33.11 -73.52
C ARG O 11 -23.46 33.17 -72.52
N ASN O 12 -24.41 34.11 -72.70
CA ASN O 12 -25.31 34.66 -71.64
C ASN O 12 -26.46 33.69 -71.33
N VAL O 13 -27.22 33.27 -72.36
CA VAL O 13 -28.30 32.27 -72.19
C VAL O 13 -28.35 31.39 -73.45
N SER O 14 -28.87 30.16 -73.29
CA SER O 14 -28.99 29.16 -74.37
C SER O 14 -29.63 29.81 -75.61
N VAL O 15 -29.04 29.55 -76.78
CA VAL O 15 -29.35 30.29 -78.04
C VAL O 15 -30.53 29.61 -78.75
N ARG O 16 -31.03 28.49 -78.23
CA ARG O 16 -32.30 27.86 -78.69
C ARG O 16 -33.41 28.91 -78.62
N GLU O 17 -33.28 29.85 -77.69
CA GLU O 17 -34.21 30.99 -77.48
C GLU O 17 -34.41 31.78 -78.79
N LEU O 18 -33.44 31.74 -79.70
CA LEU O 18 -33.49 32.55 -80.95
C LEU O 18 -33.93 31.71 -82.16
N SER O 19 -34.28 30.43 -81.99
CA SER O 19 -34.56 29.52 -83.13
C SER O 19 -35.67 30.08 -84.03
N PRO O 20 -36.82 30.59 -83.50
CA PRO O 20 -37.90 31.02 -84.39
C PRO O 20 -37.56 32.25 -85.23
N LEU O 21 -36.92 33.25 -84.61
CA LEU O 21 -36.65 34.58 -85.22
C LEU O 21 -35.47 34.45 -86.20
N LEU O 22 -34.50 33.59 -85.86
CA LEU O 22 -33.36 33.30 -86.75
C LEU O 22 -33.86 32.54 -87.99
N ARG O 23 -34.74 31.55 -87.82
CA ARG O 23 -35.41 30.88 -88.97
C ARG O 23 -36.33 31.89 -89.68
N GLN O 24 -36.61 33.02 -89.04
CA GLN O 24 -37.30 34.15 -89.72
C GLN O 24 -36.35 34.74 -90.79
N LEU O 25 -35.07 34.91 -90.46
CA LEU O 25 -34.04 35.34 -91.44
C LEU O 25 -33.65 34.16 -92.35
N ILE O 26 -33.95 32.92 -91.95
CA ILE O 26 -33.80 31.76 -92.87
C ILE O 26 -35.01 31.74 -93.81
N ASP O 27 -36.14 32.29 -93.34
CA ASP O 27 -37.36 32.52 -94.17
C ASP O 27 -37.26 33.85 -94.92
N ASN O 28 -36.82 34.94 -94.26
CA ASN O 28 -36.81 36.33 -94.82
C ASN O 28 -36.18 36.34 -96.21
N ALA O 29 -35.17 35.50 -96.45
CA ALA O 29 -34.51 35.36 -97.78
C ALA O 29 -34.33 33.87 -98.10
N GLY O 30 -33.55 33.56 -99.14
CA GLY O 30 -33.34 32.19 -99.66
C GLY O 30 -32.80 31.24 -98.61
N ALA O 31 -33.14 29.95 -98.72
CA ALA O 31 -32.67 28.87 -97.82
C ALA O 31 -31.46 28.17 -98.44
N GLY O 32 -31.06 27.02 -97.88
CA GLY O 32 -29.68 26.50 -97.93
C GLY O 32 -28.94 26.83 -96.65
N ASN O 33 -29.52 27.69 -95.82
CA ASN O 33 -29.01 28.03 -94.46
C ASN O 33 -29.09 26.80 -93.56
N VAL O 34 -28.28 26.81 -92.50
CA VAL O 34 -28.60 26.17 -91.20
C VAL O 34 -28.30 27.19 -90.11
N VAL O 35 -29.02 27.13 -89.00
CA VAL O 35 -28.53 27.72 -87.73
C VAL O 35 -28.73 26.68 -86.62
N HIS O 36 -27.63 26.10 -86.16
CA HIS O 36 -27.66 24.97 -85.20
C HIS O 36 -27.02 25.44 -83.89
N TYR O 37 -27.73 25.19 -82.79
CA TYR O 37 -27.43 25.76 -81.46
C TYR O 37 -26.87 24.66 -80.57
N ASP O 38 -25.56 24.67 -80.36
CA ASP O 38 -24.90 23.54 -79.67
C ASP O 38 -25.10 23.71 -78.17
N PRO O 39 -25.67 22.68 -77.49
CA PRO O 39 -25.83 22.70 -76.04
C PRO O 39 -24.53 22.93 -75.24
N ALA O 40 -23.36 22.83 -75.91
CA ALA O 40 -22.06 23.30 -75.38
C ALA O 40 -22.05 24.84 -75.30
N ASN O 41 -23.08 25.48 -75.86
CA ASN O 41 -23.25 26.96 -75.93
C ASN O 41 -22.14 27.58 -76.79
N ILE O 42 -22.16 27.28 -78.10
CA ILE O 42 -21.63 28.14 -79.20
C ILE O 42 -22.72 28.16 -80.28
N ILE O 43 -22.44 28.70 -81.46
CA ILE O 43 -23.50 29.02 -82.46
C ILE O 43 -23.00 28.69 -83.86
N LEU O 44 -23.85 28.04 -84.66
CA LEU O 44 -23.59 27.71 -86.07
C LEU O 44 -24.60 28.43 -86.98
N ILE O 45 -24.09 29.12 -87.99
CA ILE O 45 -24.86 29.49 -89.21
C ILE O 45 -24.17 28.88 -90.43
N THR O 46 -24.93 28.65 -91.49
CA THR O 46 -24.39 28.30 -92.83
C THR O 46 -25.29 28.94 -93.89
N GLY O 47 -24.69 29.52 -94.94
CA GLY O 47 -25.44 30.14 -96.04
C GLY O 47 -24.79 31.43 -96.54
N ARG O 48 -25.60 32.29 -97.15
CA ARG O 48 -25.14 33.56 -97.76
C ARG O 48 -24.59 34.49 -96.68
N ALA O 49 -23.36 34.95 -96.90
CA ALA O 49 -22.56 35.77 -95.95
C ALA O 49 -23.39 36.97 -95.48
N ALA O 50 -24.30 37.48 -96.32
CA ALA O 50 -25.18 38.63 -95.97
C ALA O 50 -26.18 38.19 -94.90
N VAL O 51 -26.98 37.16 -95.20
CA VAL O 51 -28.08 36.70 -94.31
C VAL O 51 -27.45 35.97 -93.12
N VAL O 52 -26.31 35.32 -93.33
CA VAL O 52 -25.50 34.73 -92.22
C VAL O 52 -24.96 35.88 -91.37
N ASN O 53 -24.70 37.03 -91.97
CA ASN O 53 -24.17 38.23 -91.28
C ASN O 53 -25.28 38.81 -90.41
N ARG O 54 -26.50 38.91 -90.96
CA ARG O 54 -27.67 39.45 -90.24
C ARG O 54 -28.05 38.46 -89.13
N LEU O 55 -27.95 37.17 -89.41
CA LEU O 55 -28.25 36.09 -88.44
C LEU O 55 -27.25 36.17 -87.29
N ALA O 56 -25.98 36.48 -87.60
CA ALA O 56 -24.89 36.56 -86.60
C ALA O 56 -25.05 37.88 -85.83
N GLU O 57 -25.84 38.82 -86.36
CA GLU O 57 -26.03 40.17 -85.77
C GLU O 57 -27.13 40.09 -84.71
N ILE O 58 -28.24 39.39 -84.99
CA ILE O 58 -29.25 39.03 -83.94
C ILE O 58 -28.51 38.16 -82.91
N ILE O 59 -27.86 37.11 -83.40
CA ILE O 59 -27.07 36.16 -82.57
C ILE O 59 -26.08 36.94 -81.70
N LYS O 60 -25.14 37.67 -82.30
CA LYS O 60 -24.16 38.49 -81.55
C LYS O 60 -24.92 39.57 -80.77
N ARG O 61 -26.20 39.80 -81.08
CA ARG O 61 -27.01 40.80 -80.37
C ARG O 61 -27.54 40.16 -79.09
N VAL O 62 -27.47 38.84 -78.98
CA VAL O 62 -27.69 38.14 -77.69
C VAL O 62 -26.34 37.73 -77.10
N ASP O 63 -25.26 37.73 -77.89
CA ASP O 63 -23.88 37.59 -77.35
C ASP O 63 -23.55 38.83 -76.50
N GLN O 64 -23.32 39.95 -77.16
CA GLN O 64 -22.96 41.24 -76.51
C GLN O 64 -24.04 41.60 -75.49
N ALA O 65 -25.22 41.00 -75.62
CA ALA O 65 -26.38 41.31 -74.75
C ALA O 65 -26.07 40.87 -73.32
N GLY O 66 -25.39 39.73 -73.15
CA GLY O 66 -25.03 39.20 -71.82
C GLY O 66 -23.65 38.57 -71.83
N ASN O 67 -22.61 39.33 -72.19
CA ASN O 67 -21.22 38.80 -72.22
C ASN O 67 -20.75 38.60 -70.77
N ARG O 68 -19.77 37.72 -70.58
CA ARG O 68 -19.26 37.39 -69.23
C ARG O 68 -17.76 37.11 -69.31
N GLU O 69 -16.96 37.94 -68.64
CA GLU O 69 -15.50 37.75 -68.54
C GLU O 69 -15.10 37.49 -67.10
N ILE O 70 -13.81 37.59 -66.80
CA ILE O 70 -13.28 37.37 -65.42
C ILE O 70 -12.13 38.34 -65.15
N GLU O 71 -11.89 38.59 -63.87
CA GLU O 71 -10.78 39.47 -63.42
C GLU O 71 -9.96 38.74 -62.36
N VAL O 72 -8.72 39.17 -62.19
CA VAL O 72 -7.83 38.70 -61.09
C VAL O 72 -7.08 39.92 -60.56
N VAL O 73 -7.40 40.33 -59.33
CA VAL O 73 -6.85 41.59 -58.77
C VAL O 73 -6.40 41.35 -57.33
N GLU O 74 -5.27 41.94 -56.97
CA GLU O 74 -4.60 41.72 -55.66
C GLU O 74 -5.44 42.35 -54.57
N LEU O 75 -5.60 41.61 -53.49
CA LEU O 75 -6.02 42.15 -52.19
C LEU O 75 -4.85 41.99 -51.23
N GLY O 76 -3.99 43.01 -51.13
CA GLY O 76 -2.77 42.99 -50.30
C GLY O 76 -3.11 42.79 -48.83
N ASN O 77 -4.37 43.05 -48.45
CA ASN O 77 -4.73 43.34 -47.05
C ASN O 77 -5.91 42.45 -46.65
N ALA O 78 -7.14 42.84 -47.03
CA ALA O 78 -8.39 42.21 -46.56
C ALA O 78 -8.41 40.75 -46.99
N SER O 79 -8.79 39.84 -46.09
CA SER O 79 -8.88 38.40 -46.44
C SER O 79 -9.86 38.23 -47.60
N ALA O 80 -9.37 37.64 -48.68
CA ALA O 80 -10.21 37.33 -49.85
C ALA O 80 -11.50 36.67 -49.35
N ALA O 81 -11.36 35.50 -48.73
CA ALA O 81 -12.52 34.71 -48.24
C ALA O 81 -13.47 35.65 -47.50
N GLU O 82 -12.93 36.65 -46.81
CA GLU O 82 -13.80 37.68 -46.20
C GLU O 82 -14.42 38.51 -47.33
N MET O 83 -13.61 39.03 -48.24
CA MET O 83 -14.17 39.85 -49.36
C MET O 83 -15.31 39.05 -50.00
N VAL O 84 -15.05 37.77 -50.25
CA VAL O 84 -16.06 36.78 -50.70
C VAL O 84 -17.30 36.95 -49.81
N ARG O 85 -17.19 36.57 -48.55
CA ARG O 85 -18.36 36.52 -47.63
C ARG O 85 -19.13 37.83 -47.76
N ILE O 86 -18.41 38.94 -47.74
CA ILE O 86 -19.01 40.27 -47.47
C ILE O 86 -19.62 40.78 -48.79
N VAL O 87 -19.23 40.18 -49.90
CA VAL O 87 -19.96 40.39 -51.17
C VAL O 87 -21.07 39.34 -51.29
N ASP O 88 -20.94 38.21 -50.59
CA ASP O 88 -21.89 37.08 -50.77
C ASP O 88 -23.29 37.56 -50.45
N ALA O 89 -23.41 38.39 -49.42
CA ALA O 89 -24.66 39.09 -49.03
C ALA O 89 -25.27 39.77 -50.25
N LEU O 90 -24.43 40.25 -51.17
CA LEU O 90 -24.89 40.96 -52.40
C LEU O 90 -25.49 39.93 -53.35
N ASN O 91 -26.61 40.27 -53.97
CA ASN O 91 -27.47 39.28 -54.68
C ASN O 91 -27.87 39.86 -56.04
N LYS O 106 -19.78 35.69 -59.59
CA LYS O 106 -19.37 35.25 -58.22
C LYS O 106 -17.91 35.63 -57.98
N LEU O 107 -17.21 34.93 -57.09
CA LEU O 107 -16.02 35.47 -56.39
C LEU O 107 -15.00 34.37 -56.11
N VAL O 108 -13.73 34.71 -56.23
CA VAL O 108 -12.60 33.89 -55.71
C VAL O 108 -11.51 34.82 -55.20
N ALA O 109 -10.41 34.23 -54.74
CA ALA O 109 -9.11 34.90 -54.56
C ALA O 109 -8.01 33.85 -54.34
N ASP O 110 -6.77 34.31 -54.22
CA ASP O 110 -5.67 33.45 -53.71
C ASP O 110 -4.89 34.21 -52.63
N GLU O 111 -4.57 33.53 -51.55
CA GLU O 111 -3.67 34.11 -50.54
C GLU O 111 -2.23 33.61 -50.71
N ARG O 112 -1.90 32.85 -51.77
CA ARG O 112 -0.48 32.81 -52.24
C ARG O 112 -0.15 34.22 -52.72
N THR O 113 -1.02 34.72 -53.61
CA THR O 113 -0.91 36.07 -54.23
C THR O 113 -1.61 37.09 -53.36
N ASN O 114 -2.67 36.69 -52.65
CA ASN O 114 -3.64 37.63 -52.04
C ASN O 114 -4.25 38.50 -53.15
N SER O 115 -5.07 37.88 -53.99
CA SER O 115 -5.65 38.51 -55.19
C SER O 115 -7.09 38.04 -55.37
N ILE O 116 -8.00 39.01 -55.50
CA ILE O 116 -9.42 38.73 -55.86
C ILE O 116 -9.42 38.16 -57.27
N LEU O 117 -10.11 37.04 -57.41
CA LEU O 117 -10.51 36.52 -58.73
C LEU O 117 -12.01 36.75 -58.85
N ILE O 118 -12.49 36.92 -60.07
CA ILE O 118 -13.96 37.07 -60.25
C ILE O 118 -14.45 36.02 -61.23
N SER O 119 -15.71 35.63 -61.09
CA SER O 119 -16.48 34.90 -62.11
C SER O 119 -17.77 35.67 -62.39
N GLY O 120 -17.84 36.33 -63.54
CA GLY O 120 -19.10 36.94 -64.01
C GLY O 120 -18.85 38.19 -64.83
N ASP O 121 -19.81 39.11 -64.79
CA ASP O 121 -20.07 40.13 -65.83
C ASP O 121 -18.86 41.05 -65.97
N PRO O 122 -18.68 41.67 -67.15
CA PRO O 122 -17.95 42.93 -67.23
C PRO O 122 -18.69 44.11 -66.56
N LYS O 123 -19.97 43.93 -66.21
CA LYS O 123 -20.60 44.76 -65.17
C LYS O 123 -20.08 44.32 -63.80
N VAL O 124 -19.97 43.01 -63.58
CA VAL O 124 -19.31 42.47 -62.36
C VAL O 124 -17.84 42.88 -62.41
N ARG O 125 -17.29 43.12 -63.60
CA ARG O 125 -15.88 43.60 -63.73
C ARG O 125 -15.81 45.09 -63.38
N ASP O 126 -16.80 45.88 -63.80
CA ASP O 126 -16.86 47.32 -63.43
C ASP O 126 -17.03 47.44 -61.91
N ARG O 127 -18.12 46.91 -61.37
CA ARG O 127 -18.49 47.12 -59.95
C ARG O 127 -17.51 46.35 -59.06
N LEU O 128 -16.97 45.23 -59.54
CA LEU O 128 -16.08 44.47 -58.64
C LEU O 128 -14.62 44.79 -58.90
N LYS O 129 -14.31 45.64 -59.88
CA LYS O 129 -13.05 46.40 -59.77
C LYS O 129 -13.29 47.58 -58.83
N ARG O 130 -14.51 48.10 -58.81
CA ARG O 130 -14.87 49.11 -57.77
C ARG O 130 -14.58 48.52 -56.39
N LEU O 131 -14.97 47.28 -56.13
CA LEU O 131 -14.83 46.67 -54.78
C LEU O 131 -13.45 46.02 -54.64
N ILE O 132 -12.79 45.73 -55.77
CA ILE O 132 -11.32 45.52 -55.75
C ILE O 132 -10.70 46.69 -55.01
N ARG O 133 -11.10 47.91 -55.40
CA ARG O 133 -10.45 49.14 -54.90
C ARG O 133 -11.03 49.47 -53.52
N GLN O 134 -12.32 49.21 -53.31
CA GLN O 134 -13.02 49.76 -52.12
C GLN O 134 -12.30 49.27 -50.85
N LEU O 135 -12.16 47.96 -50.65
CA LEU O 135 -11.51 47.48 -49.42
C LEU O 135 -10.12 46.97 -49.79
N ASP O 136 -9.25 47.93 -50.09
CA ASP O 136 -7.79 47.70 -50.23
C ASP O 136 -7.02 48.46 -49.16
N VAL O 137 -7.63 49.50 -48.57
CA VAL O 137 -6.97 50.69 -47.96
C VAL O 137 -6.13 50.33 -46.73
N GLU O 138 -5.88 51.32 -45.87
CA GLU O 138 -5.16 51.19 -44.58
C GLU O 138 -5.77 50.05 -43.75
N MET O 139 -4.96 49.47 -42.86
CA MET O 139 -5.39 48.40 -41.93
C MET O 139 -5.87 49.03 -40.63
N ALA O 140 -5.62 50.34 -40.48
CA ALA O 140 -6.14 51.22 -39.40
C ALA O 140 -5.47 50.91 -38.05
N SER O 141 -4.31 50.23 -38.07
CA SER O 141 -3.42 50.03 -36.89
C SER O 141 -4.23 49.62 -35.66
N LYS O 142 -4.79 48.41 -35.71
CA LYS O 142 -5.76 47.88 -34.71
C LYS O 142 -5.18 48.07 -33.31
N GLY O 143 -3.85 48.00 -33.19
CA GLY O 143 -3.19 47.96 -31.88
C GLY O 143 -3.88 46.99 -30.95
N ASN O 144 -4.32 45.85 -31.49
CA ASN O 144 -5.07 44.78 -30.78
C ASN O 144 -4.43 44.57 -29.40
N ASN O 145 -3.10 44.61 -29.37
CA ASN O 145 -2.32 44.45 -28.11
C ASN O 145 -1.43 45.68 -27.89
N ARG O 146 -1.21 46.02 -26.63
CA ARG O 146 -0.35 47.13 -26.15
C ARG O 146 0.51 46.60 -25.01
N VAL O 147 1.59 47.29 -24.70
CA VAL O 147 2.44 46.89 -23.56
C VAL O 147 2.63 48.14 -22.72
N VAL O 148 1.90 48.19 -21.61
CA VAL O 148 1.85 49.38 -20.70
C VAL O 148 2.94 49.24 -19.66
N TYR O 149 3.79 50.24 -19.63
CA TYR O 149 4.94 50.31 -18.71
C TYR O 149 4.41 50.90 -17.42
N LEU O 150 4.21 50.03 -16.43
CA LEU O 150 3.80 50.44 -15.06
C LEU O 150 4.74 51.51 -14.49
N LYS O 151 4.16 52.61 -14.07
CA LYS O 151 4.83 53.74 -13.39
C LYS O 151 5.20 53.38 -11.94
N TYR O 152 4.27 53.05 -11.07
CA TYR O 152 4.82 52.68 -9.76
C TYR O 152 4.31 51.34 -9.30
N ALA O 153 4.14 50.37 -10.17
CA ALA O 153 3.63 49.19 -9.46
C ALA O 153 4.30 47.91 -9.90
N LYS O 154 4.32 46.94 -9.01
CA LYS O 154 4.91 45.69 -9.51
C LYS O 154 3.86 45.05 -10.41
N ALA O 155 4.29 44.72 -11.60
CA ALA O 155 3.36 44.23 -12.61
C ALA O 155 3.14 42.76 -12.37
N GLU O 156 4.08 42.13 -11.67
CA GLU O 156 4.02 40.69 -11.41
C GLU O 156 2.73 40.41 -10.65
N ASP O 157 2.20 41.46 -10.00
CA ASP O 157 1.12 41.32 -8.99
C ASP O 157 -0.15 41.95 -9.55
N LEU O 158 0.02 42.99 -10.33
CA LEU O 158 -1.10 43.65 -11.01
C LEU O 158 -1.79 42.70 -12.00
N VAL O 159 -1.04 41.86 -12.72
CA VAL O 159 -1.64 40.90 -13.70
C VAL O 159 -2.64 40.01 -12.99
N ASP O 160 -2.38 39.69 -11.73
CA ASP O 160 -3.30 38.86 -10.91
C ASP O 160 -4.67 39.52 -10.83
N VAL O 161 -4.68 40.82 -10.59
CA VAL O 161 -5.91 41.59 -10.37
C VAL O 161 -6.59 41.79 -11.70
N LEU O 162 -5.83 41.87 -12.77
CA LEU O 162 -6.51 42.26 -14.01
C LEU O 162 -7.11 41.00 -14.63
N LYS O 163 -6.79 39.83 -14.09
CA LYS O 163 -7.32 38.55 -14.60
C LYS O 163 -8.84 38.56 -14.50
N GLY O 164 -9.38 39.11 -13.41
CA GLY O 164 -10.83 39.11 -13.15
C GLY O 164 -11.55 40.18 -13.96
N VAL O 165 -10.88 41.31 -14.17
CA VAL O 165 -11.40 42.44 -14.99
C VAL O 165 -11.32 41.97 -16.42
N SER O 166 -10.36 41.11 -16.65
CA SER O 166 -10.06 40.81 -18.05
C SER O 166 -11.16 39.89 -18.59
N ASP O 167 -11.16 38.63 -18.16
CA ASP O 167 -12.12 37.60 -18.63
C ASP O 167 -13.55 38.12 -18.42
N ASN O 168 -13.86 38.55 -17.20
CA ASN O 168 -15.23 38.97 -16.81
C ASN O 168 -15.69 40.03 -17.80
N LEU O 169 -14.87 41.05 -18.03
CA LEU O 169 -15.27 42.19 -18.90
C LEU O 169 -15.65 41.66 -20.28
N GLN O 170 -14.82 40.78 -20.84
CA GLN O 170 -15.01 40.18 -22.18
C GLN O 170 -16.40 39.53 -22.26
N ALA O 171 -16.77 38.74 -21.25
CA ALA O 171 -18.09 38.07 -21.15
C ALA O 171 -19.22 39.11 -21.10
N VAL O 187 -8.96 38.26 -24.19
CA VAL O 187 -8.26 39.08 -23.16
C VAL O 187 -7.17 38.25 -22.49
N VAL O 188 -5.91 38.45 -22.87
CA VAL O 188 -4.79 37.85 -22.09
C VAL O 188 -3.83 38.94 -21.64
N ILE O 189 -3.77 39.14 -20.33
CA ILE O 189 -2.88 40.10 -19.64
C ILE O 189 -1.67 39.33 -19.16
N ALA O 190 -0.49 39.76 -19.56
CA ALA O 190 0.73 39.02 -19.14
C ALA O 190 1.76 40.03 -18.65
N ALA O 191 2.38 39.77 -17.52
CA ALA O 191 3.28 40.78 -16.95
C ALA O 191 4.70 40.35 -17.27
N HIS O 192 5.43 41.19 -18.01
CA HIS O 192 6.86 40.91 -18.30
C HIS O 192 7.72 41.46 -17.18
N GLN O 193 8.19 40.58 -16.29
CA GLN O 193 8.93 40.94 -15.05
C GLN O 193 9.91 42.04 -15.37
N GLY O 194 10.92 41.66 -16.17
CA GLY O 194 12.05 42.50 -16.56
C GLY O 194 11.73 43.98 -16.45
N THR O 195 10.80 44.47 -17.24
CA THR O 195 10.67 45.92 -17.52
C THR O 195 9.58 46.50 -16.62
N ASN O 196 9.08 45.63 -15.73
CA ASN O 196 7.89 45.91 -14.88
C ASN O 196 6.85 46.53 -15.78
N SER O 197 6.61 45.84 -16.90
CA SER O 197 5.62 46.26 -17.91
C SER O 197 4.76 45.05 -18.16
N LEU O 198 3.45 45.22 -17.96
CA LEU O 198 2.58 44.08 -18.27
C LEU O 198 1.99 44.30 -19.63
N VAL O 199 1.97 43.21 -20.38
CA VAL O 199 1.58 43.14 -21.80
C VAL O 199 0.14 42.69 -21.83
N LEU O 200 -0.68 43.58 -22.39
CA LEU O 200 -2.13 43.36 -22.50
C LEU O 200 -2.44 42.95 -23.92
N THR O 201 -3.24 41.91 -24.10
CA THR O 201 -3.78 41.61 -25.45
C THR O 201 -5.28 41.42 -25.29
N ALA O 202 -5.93 42.55 -25.56
CA ALA O 202 -7.34 42.90 -25.27
C ALA O 202 -8.13 42.97 -26.59
N PRO O 203 -9.49 42.87 -26.62
CA PRO O 203 -10.32 43.70 -27.50
C PRO O 203 -10.27 45.19 -27.16
N PRO O 204 -10.62 46.07 -28.09
CA PRO O 204 -10.25 47.48 -27.97
C PRO O 204 -10.95 48.14 -26.78
N ASP O 205 -12.17 47.73 -26.51
CA ASP O 205 -12.87 48.23 -25.29
C ASP O 205 -12.22 47.63 -24.05
N ILE O 206 -12.24 46.30 -23.97
CA ILE O 206 -11.57 45.61 -22.85
C ILE O 206 -10.19 46.28 -22.64
N MET O 207 -9.55 46.71 -23.73
CA MET O 207 -8.18 47.31 -23.68
C MET O 207 -8.32 48.67 -23.01
N LEU O 208 -9.07 49.58 -23.64
CA LEU O 208 -9.37 50.90 -23.04
C LEU O 208 -9.84 50.70 -21.60
N ALA O 209 -10.43 49.55 -21.27
CA ALA O 209 -10.91 49.34 -19.88
C ALA O 209 -9.73 49.00 -18.98
N LEU O 210 -9.01 47.93 -19.32
CA LEU O 210 -7.83 47.47 -18.53
C LEU O 210 -6.93 48.68 -18.34
N GLN O 211 -6.87 49.57 -19.31
CA GLN O 211 -5.93 50.71 -19.27
C GLN O 211 -6.40 51.68 -18.18
N GLU O 212 -7.72 51.77 -17.96
CA GLU O 212 -8.28 52.74 -16.99
C GLU O 212 -8.20 52.14 -15.60
N VAL O 213 -8.04 50.83 -15.53
CA VAL O 213 -7.94 50.10 -14.25
C VAL O 213 -6.50 50.16 -13.78
N ILE O 214 -5.57 50.04 -14.71
CA ILE O 214 -4.13 49.94 -14.42
C ILE O 214 -3.65 51.33 -14.07
N THR O 215 -4.31 52.34 -14.59
CA THR O 215 -3.90 53.74 -14.39
C THR O 215 -4.33 54.19 -12.99
N GLN O 216 -5.30 53.51 -12.41
CA GLN O 216 -5.84 53.89 -11.08
C GLN O 216 -5.24 52.97 -10.03
N LEU O 217 -4.73 51.81 -10.39
CA LEU O 217 -4.03 50.93 -9.43
C LEU O 217 -2.56 51.26 -9.40
N ASP O 218 -2.16 52.07 -10.33
CA ASP O 218 -0.73 52.30 -10.54
C ASP O 218 -0.35 53.62 -9.87
N ILE O 219 -1.00 53.97 -8.78
CA ILE O 219 -0.60 55.20 -8.06
C ILE O 219 0.62 54.86 -7.21
N ARG O 220 1.39 55.89 -6.86
CA ARG O 220 2.55 55.71 -5.95
C ARG O 220 2.02 55.29 -4.60
N ARG O 221 2.81 54.55 -3.84
CA ARG O 221 2.34 54.16 -2.50
C ARG O 221 3.02 55.08 -1.51
N ALA O 222 2.23 55.63 -0.59
CA ALA O 222 2.86 56.39 0.50
C ALA O 222 3.55 55.40 1.44
N GLN O 223 4.32 55.91 2.38
CA GLN O 223 5.02 54.92 3.23
C GLN O 223 5.14 55.40 4.66
N VAL O 224 4.99 54.48 5.58
CA VAL O 224 4.91 54.84 7.02
C VAL O 224 6.23 54.51 7.71
N LEU O 225 6.68 55.40 8.54
CA LEU O 225 7.82 55.15 9.44
C LEU O 225 7.28 54.72 10.83
N ILE O 226 7.07 53.41 11.00
CA ILE O 226 6.49 52.82 12.23
C ILE O 226 7.53 52.89 13.31
N GLU O 227 7.47 53.89 14.15
CA GLU O 227 8.41 53.92 15.28
C GLU O 227 7.67 53.41 16.52
N ALA O 228 7.91 52.16 16.89
CA ALA O 228 7.48 51.62 18.20
C ALA O 228 8.37 52.13 19.33
N LEU O 229 7.90 52.02 20.56
CA LEU O 229 8.54 52.73 21.69
C LEU O 229 8.26 51.99 22.97
N ILE O 230 9.01 50.94 23.18
CA ILE O 230 8.80 49.98 24.26
C ILE O 230 9.53 50.46 25.49
N VAL O 231 8.81 50.68 26.56
CA VAL O 231 9.41 51.32 27.75
C VAL O 231 9.18 50.32 28.88
N GLU O 232 10.16 49.50 29.19
CA GLU O 232 10.12 48.53 30.33
C GLU O 232 10.84 49.03 31.58
N MET O 233 10.10 49.52 32.54
CA MET O 233 10.66 50.25 33.68
C MET O 233 10.36 49.51 34.99
N ALA O 234 11.32 48.79 35.53
CA ALA O 234 11.16 47.80 36.63
C ALA O 234 11.99 48.20 37.85
N GLU O 235 11.40 48.04 39.01
CA GLU O 235 11.90 48.65 40.26
C GLU O 235 11.59 47.68 41.36
N GLY O 236 12.62 47.18 42.03
CA GLY O 236 12.52 46.11 43.04
C GLY O 236 13.19 46.54 44.32
N ASP O 237 12.60 46.17 45.44
CA ASP O 237 13.05 46.63 46.77
C ASP O 237 12.75 45.50 47.73
N GLY O 238 13.78 44.89 48.28
CA GLY O 238 13.66 43.81 49.26
C GLY O 238 14.40 44.14 50.53
N VAL O 239 13.81 43.79 51.65
CA VAL O 239 14.48 43.84 52.96
C VAL O 239 14.39 42.50 53.64
N ASN O 240 15.48 41.78 53.81
CA ASN O 240 15.51 40.60 54.70
C ASN O 240 16.19 40.98 56.01
N LEU O 241 15.51 40.77 57.11
CA LEU O 241 16.16 41.04 58.40
C LEU O 241 15.73 40.02 59.42
N GLY O 242 16.68 39.31 59.98
CA GLY O 242 16.22 38.15 60.74
C GLY O 242 17.35 37.55 61.49
N VAL O 243 17.11 37.34 62.76
CA VAL O 243 18.26 37.05 63.63
C VAL O 243 18.17 35.64 64.10
N GLN O 244 19.24 34.89 63.98
CA GLN O 244 19.06 33.47 64.28
C GLN O 244 19.97 33.13 65.43
N TRP O 245 19.38 32.61 66.47
CA TRP O 245 20.17 32.14 67.62
C TRP O 245 20.55 30.69 67.39
N GLY O 246 21.63 30.21 67.97
CA GLY O 246 22.01 28.79 67.85
C GLY O 246 23.03 28.33 68.87
N ASN O 247 22.84 27.14 69.37
CA ASN O 247 23.78 26.52 70.34
C ASN O 247 23.93 25.06 69.94
N LEU O 248 25.04 24.73 69.32
CA LEU O 248 25.23 23.38 68.74
C LEU O 248 25.77 22.39 69.78
N GLU O 249 26.41 22.83 70.87
CA GLU O 249 26.84 21.93 71.97
C GLU O 249 25.65 21.03 72.34
N THR O 250 24.51 21.66 72.59
CA THR O 250 23.22 21.00 72.87
C THR O 250 22.17 21.49 71.87
N GLY O 251 22.20 20.92 70.64
CA GLY O 251 21.36 21.17 69.45
C GLY O 251 20.18 22.10 69.69
N ALA O 252 20.42 23.39 69.81
CA ALA O 252 19.35 24.36 70.13
C ALA O 252 19.43 25.44 69.08
N VAL O 253 18.58 25.38 68.11
CA VAL O 253 18.66 26.45 67.11
C VAL O 253 17.38 27.26 67.17
N ILE O 254 17.48 28.53 66.87
CA ILE O 254 16.28 29.25 66.38
C ILE O 254 16.55 29.61 64.94
N GLN O 255 16.36 28.68 64.06
CA GLN O 255 16.81 28.93 62.69
C GLN O 255 15.62 29.40 61.84
N TYR O 256 15.93 30.06 60.75
CA TYR O 256 14.95 30.46 59.74
C TYR O 256 15.46 30.11 58.35
N SER O 257 14.64 29.50 57.52
CA SER O 257 15.03 29.23 56.11
C SER O 257 14.88 30.53 55.33
N ASN O 258 14.03 31.40 55.81
CA ASN O 258 13.67 32.51 54.91
C ASN O 258 14.89 33.41 54.71
N THR O 259 15.85 33.36 55.62
CA THR O 259 17.00 34.29 55.50
C THR O 259 18.05 33.62 54.65
N GLY O 260 18.94 34.39 54.04
CA GLY O 260 20.04 33.75 53.32
C GLY O 260 20.38 32.39 53.95
N THR O 261 21.11 32.41 55.05
CA THR O 261 21.69 31.13 55.50
C THR O 261 20.99 30.73 56.76
N PRO O 262 20.81 29.41 57.02
CA PRO O 262 20.32 28.96 58.32
C PRO O 262 21.38 28.54 59.34
N ILE O 263 21.23 29.00 60.58
CA ILE O 263 22.35 29.04 61.57
C ILE O 263 22.96 27.63 61.61
N GLY O 264 22.17 26.60 61.31
CA GLY O 264 22.68 25.21 61.41
C GLY O 264 23.88 25.05 60.51
N LYS O 265 23.64 25.19 59.20
CA LYS O 265 24.70 25.12 58.19
C LYS O 265 25.89 25.93 58.71
N VAL O 266 25.64 27.11 59.27
CA VAL O 266 26.75 28.06 59.58
C VAL O 266 27.53 27.51 60.76
N MET O 267 26.83 27.09 61.80
CA MET O 267 27.56 26.54 62.97
C MET O 267 28.27 25.23 62.60
N VAL O 268 27.59 24.36 61.87
CA VAL O 268 28.27 23.11 61.43
C VAL O 268 29.53 23.51 60.66
N GLY O 269 29.39 24.41 59.68
CA GLY O 269 30.48 24.88 58.80
C GLY O 269 31.62 25.41 59.64
N LEU O 270 31.27 26.14 60.68
CA LEU O 270 32.30 26.77 61.53
C LEU O 270 33.04 25.70 62.30
N GLU O 271 32.35 24.63 62.68
CA GLU O 271 33.04 23.57 63.44
C GLU O 271 33.95 22.80 62.50
N GLU O 272 33.45 22.50 61.30
CA GLU O 272 34.28 21.78 60.31
C GLU O 272 35.51 22.63 59.93
N ALA O 273 35.40 23.96 59.93
CA ALA O 273 36.48 24.88 59.50
C ALA O 273 37.48 25.03 60.65
N LYS O 274 37.18 24.41 61.81
CA LYS O 274 38.07 24.45 63.00
C LYS O 274 39.14 23.35 62.87
N ASP O 275 40.30 23.54 63.50
CA ASP O 275 41.40 22.55 63.48
C ASP O 275 41.11 21.43 64.50
N LYS O 276 40.81 20.22 64.00
CA LYS O 276 40.54 18.98 64.80
C LYS O 276 41.86 18.38 65.29
N THR O 277 41.81 17.41 66.23
CA THR O 277 43.01 16.70 66.77
C THR O 277 42.69 15.22 66.96
N VAL O 278 43.42 14.34 66.28
CA VAL O 278 43.25 12.86 66.33
C VAL O 278 44.47 12.26 67.03
N THR O 279 44.33 11.85 68.31
CA THR O 279 45.45 11.54 69.24
C THR O 279 45.94 10.09 69.07
N SER O 294 50.22 12.24 69.02
CA SER O 294 49.20 13.30 68.81
C SER O 294 49.45 13.98 67.46
N ARG O 295 48.49 13.91 66.54
CA ARG O 295 48.50 14.70 65.28
C ARG O 295 47.57 15.90 65.44
N THR O 296 47.81 16.98 64.68
CA THR O 296 46.81 18.04 64.47
C THR O 296 46.41 18.05 62.99
N GLU O 297 45.21 18.50 62.70
CA GLU O 297 44.71 18.59 61.31
C GLU O 297 43.88 19.85 61.13
N ALA O 298 44.03 20.48 59.97
CA ALA O 298 43.29 21.71 59.64
C ALA O 298 42.04 21.31 58.86
N GLY O 299 40.91 21.62 59.45
CA GLY O 299 39.60 21.28 58.90
C GLY O 299 39.33 22.02 57.62
N ASP O 300 38.51 21.39 56.77
CA ASP O 300 38.09 21.95 55.47
C ASP O 300 37.01 22.98 55.75
N TYR O 301 37.19 24.12 55.12
CA TYR O 301 36.18 25.19 55.09
C TYR O 301 35.24 24.95 53.93
N SER O 302 35.05 23.70 53.50
CA SER O 302 34.21 23.37 52.33
C SER O 302 32.73 23.44 52.73
N THR O 303 32.46 23.23 54.01
CA THR O 303 31.08 23.21 54.52
C THR O 303 30.70 24.64 54.90
N LEU O 304 31.65 25.39 55.43
CA LEU O 304 31.40 26.78 55.82
C LEU O 304 31.27 27.62 54.55
N ALA O 305 32.01 27.29 53.52
CA ALA O 305 31.96 28.02 52.25
C ALA O 305 30.61 27.74 51.57
N ALA O 306 30.07 26.54 51.68
CA ALA O 306 28.75 26.19 51.11
C ALA O 306 27.65 26.93 51.88
N ALA O 307 27.90 27.27 53.14
CA ALA O 307 26.89 28.00 53.94
C ALA O 307 26.92 29.49 53.58
N LEU O 308 28.08 30.10 53.79
CA LEU O 308 28.27 31.55 53.63
C LEU O 308 28.18 31.89 52.16
N ALA O 309 28.21 30.87 51.31
CA ALA O 309 28.29 31.10 49.85
C ALA O 309 27.08 31.92 49.45
N GLY O 310 25.95 31.57 50.05
CA GLY O 310 24.65 32.00 49.56
C GLY O 310 24.14 33.16 50.38
N VAL O 311 25.02 33.89 51.03
CA VAL O 311 24.53 34.97 51.91
C VAL O 311 24.64 36.28 51.19
N ASN O 312 23.52 36.80 50.77
CA ASN O 312 23.59 38.07 50.04
C ASN O 312 23.00 39.08 50.99
N GLY O 313 23.83 39.54 51.89
CA GLY O 313 23.52 40.72 52.67
C GLY O 313 24.60 40.90 53.69
N ALA O 314 24.25 40.56 54.91
CA ALA O 314 25.11 40.69 56.09
C ALA O 314 24.66 39.62 57.08
N ALA O 315 25.50 38.61 57.30
CA ALA O 315 25.25 37.42 58.13
C ALA O 315 26.26 37.37 59.27
N MET O 316 26.10 38.27 60.23
CA MET O 316 27.09 38.53 61.28
C MET O 316 26.74 37.64 62.46
N SER O 317 27.76 37.16 63.15
CA SER O 317 27.60 36.24 64.30
C SER O 317 28.15 36.91 65.55
N LEU O 318 27.26 37.36 66.43
CA LEU O 318 27.59 37.70 67.84
C LEU O 318 27.64 36.39 68.62
N VAL O 319 28.83 35.84 68.79
CA VAL O 319 29.02 34.57 69.55
C VAL O 319 29.09 34.90 71.03
N MET O 320 27.99 34.66 71.74
CA MET O 320 27.87 34.98 73.19
C MET O 320 27.95 33.68 74.00
N GLY O 321 29.04 33.45 74.74
CA GLY O 321 29.30 32.16 75.43
C GLY O 321 28.59 30.97 74.80
N ASP O 322 28.89 30.66 73.53
CA ASP O 322 28.55 29.33 72.96
C ASP O 322 27.10 29.32 72.46
N TRP O 323 26.41 30.45 72.57
CA TRP O 323 25.17 30.69 71.82
C TRP O 323 25.43 31.65 70.67
N THR O 324 25.61 31.09 69.49
CA THR O 324 25.97 31.85 68.27
C THR O 324 24.70 32.48 67.72
N ALA O 325 24.62 33.79 67.78
CA ALA O 325 23.49 34.55 67.24
C ALA O 325 23.86 35.14 65.86
N LEU O 326 23.51 34.45 64.80
CA LEU O 326 23.71 34.94 63.43
C LEU O 326 22.56 35.89 63.06
N ILE O 327 22.88 37.18 63.13
CA ILE O 327 22.07 38.33 62.62
C ILE O 327 22.28 38.54 61.14
N SER O 328 21.20 38.59 60.41
CA SER O 328 21.23 38.70 58.94
C SER O 328 20.39 39.90 58.53
N ALA O 329 20.90 40.67 57.59
CA ALA O 329 20.19 41.86 57.08
C ALA O 329 20.66 42.11 55.66
N VAL O 330 19.71 42.41 54.80
CA VAL O 330 19.99 42.88 53.44
C VAL O 330 18.83 43.71 52.93
N SER O 331 19.09 44.89 52.35
CA SER O 331 18.04 45.73 51.75
C SER O 331 18.28 45.85 50.25
N SER O 332 18.20 44.71 49.56
CA SER O 332 18.30 44.60 48.07
C SER O 332 17.34 45.59 47.39
N ASP O 333 17.85 46.72 46.93
CA ASP O 333 17.06 47.75 46.22
C ASP O 333 17.53 47.72 44.76
N SER O 334 16.85 46.95 43.93
CA SER O 334 17.05 46.89 42.45
C SER O 334 16.21 47.95 41.71
N ASN O 335 16.44 48.09 40.42
CA ASN O 335 15.93 49.19 39.58
C ASN O 335 16.39 48.99 38.13
N SER O 336 15.47 49.10 37.19
CA SER O 336 15.67 48.75 35.77
C SER O 336 14.82 49.71 34.97
N ASN O 337 15.34 50.17 33.86
CA ASN O 337 14.68 51.28 33.17
C ASN O 337 15.04 51.14 31.70
N ILE O 338 14.54 50.11 31.06
CA ILE O 338 14.85 49.77 29.65
C ILE O 338 13.91 50.53 28.75
N LEU O 339 14.45 51.09 27.70
CA LEU O 339 13.66 51.93 26.83
C LEU O 339 14.06 51.68 25.37
N SER O 340 13.61 50.57 24.81
CA SER O 340 14.02 50.15 23.47
C SER O 340 12.95 50.58 22.47
N SER O 341 13.32 51.33 21.44
CA SER O 341 12.37 51.82 20.40
C SER O 341 12.87 51.42 19.04
N PRO O 342 12.22 50.47 18.36
CA PRO O 342 12.55 50.11 17.01
C PRO O 342 11.53 50.69 16.06
N SER O 343 12.04 51.42 15.07
CA SER O 343 11.27 51.86 13.90
C SER O 343 11.63 51.05 12.66
N ILE O 344 10.63 50.92 11.85
CA ILE O 344 10.79 50.25 10.55
C ILE O 344 10.12 51.23 9.65
N THR O 345 10.55 51.27 8.40
CA THR O 345 9.82 52.05 7.39
C THR O 345 9.17 51.05 6.46
N VAL O 346 7.94 51.33 6.15
CA VAL O 346 7.38 50.33 5.25
C VAL O 346 6.44 50.98 4.28
N MET O 347 6.25 50.31 3.16
CA MET O 347 5.34 50.86 2.14
C MET O 347 3.96 50.47 2.60
N ASP O 348 3.02 51.39 2.45
CA ASP O 348 1.65 51.14 2.93
C ASP O 348 1.23 49.79 2.35
N ASN O 349 0.66 48.99 3.21
CA ASN O 349 -0.05 47.77 2.82
C ASN O 349 0.97 46.70 2.52
N GLY O 350 2.25 47.07 2.46
CA GLY O 350 3.31 46.06 2.52
C GLY O 350 3.45 45.55 3.93
N GLU O 351 3.80 44.28 4.10
CA GLU O 351 4.29 43.80 5.41
C GLU O 351 5.77 44.09 5.59
N ALA O 352 6.14 44.45 6.80
CA ALA O 352 7.55 44.67 7.11
C ALA O 352 7.85 44.14 8.47
N SER O 353 8.91 43.38 8.50
CA SER O 353 9.42 42.75 9.72
C SER O 353 10.65 43.52 10.09
N PHE O 354 11.03 43.37 11.34
CA PHE O 354 12.22 43.98 11.91
C PHE O 354 12.60 43.13 13.09
N ILE O 355 13.82 42.70 13.20
CA ILE O 355 14.18 41.81 14.33
C ILE O 355 15.61 42.03 14.69
N VAL O 356 15.82 42.48 15.87
CA VAL O 356 17.15 42.77 16.38
C VAL O 356 17.32 41.95 17.60
N GLY O 357 18.09 40.88 17.49
CA GLY O 357 17.77 39.67 18.25
C GLY O 357 18.90 38.70 18.24
N GLU O 358 18.51 37.47 18.45
CA GLU O 358 19.34 36.32 18.12
C GLU O 358 18.43 35.18 17.78
N GLU O 359 18.83 34.44 16.78
CA GLU O 359 18.19 33.15 16.49
C GLU O 359 18.82 32.12 17.42
N VAL O 360 18.23 31.87 18.57
CA VAL O 360 18.61 30.69 19.41
C VAL O 360 17.90 29.48 18.86
N PRO O 361 18.61 28.37 18.74
CA PRO O 361 17.96 27.13 18.42
C PRO O 361 17.50 26.43 19.67
N VAL O 362 16.40 25.73 19.48
CA VAL O 362 15.64 25.14 20.60
C VAL O 362 15.14 23.79 20.17
N ILE O 363 15.22 22.87 21.10
CA ILE O 363 14.76 21.49 20.86
C ILE O 363 13.29 21.55 20.45
N THR O 364 12.86 20.47 19.81
CA THR O 364 11.45 20.16 19.50
C THR O 364 11.29 18.63 19.45
N VAL O 379 15.28 20.03 16.32
CA VAL O 379 15.85 21.39 16.59
C VAL O 379 15.32 22.41 15.59
N ASP O 380 14.54 23.35 16.07
CA ASP O 380 14.13 24.52 15.27
C ASP O 380 14.88 25.73 15.82
N ARG O 381 14.97 26.76 15.00
CA ARG O 381 15.82 27.93 15.30
C ARG O 381 14.92 29.16 15.43
N LYS O 382 14.52 29.48 16.64
CA LYS O 382 13.51 30.55 16.80
C LYS O 382 14.24 31.82 17.19
N GLU O 383 13.77 32.89 16.55
CA GLU O 383 14.34 34.25 16.66
C GLU O 383 13.84 34.91 17.94
N VAL O 384 14.70 35.63 18.59
CA VAL O 384 14.20 35.99 19.94
C VAL O 384 14.82 37.31 20.22
N GLY O 385 14.05 38.35 20.02
CA GLY O 385 14.72 39.63 20.19
C GLY O 385 13.73 40.71 20.34
N ILE O 386 14.09 41.94 20.06
CA ILE O 386 13.07 42.95 19.69
C ILE O 386 12.59 42.63 18.29
N LYS O 387 11.48 41.94 18.13
CA LYS O 387 10.78 41.85 16.83
C LYS O 387 9.65 42.88 16.75
N LEU O 388 9.30 43.25 15.53
CA LEU O 388 8.22 44.24 15.27
C LEU O 388 7.71 43.97 13.89
N LYS O 389 6.53 43.40 13.73
CA LYS O 389 6.17 43.02 12.36
C LYS O 389 4.88 43.71 11.96
N VAL O 390 4.97 44.90 11.41
CA VAL O 390 3.78 45.73 11.16
C VAL O 390 3.34 45.63 9.71
N VAL O 391 2.04 45.50 9.49
CA VAL O 391 1.49 45.59 8.13
C VAL O 391 0.73 46.89 8.09
N PRO O 392 1.45 48.00 7.98
CA PRO O 392 0.82 49.29 8.17
C PRO O 392 0.00 49.54 6.93
N GLN O 393 -1.23 50.01 7.10
CA GLN O 393 -2.20 50.21 5.99
C GLN O 393 -2.88 51.55 6.11
N ILE O 394 -2.37 52.57 5.43
CA ILE O 394 -2.79 53.99 5.58
C ILE O 394 -4.22 54.17 5.08
N ASN O 395 -5.03 54.88 5.87
CA ASN O 395 -6.49 55.13 5.65
C ASN O 395 -6.66 56.56 5.14
N GLU O 396 -7.86 56.93 4.68
CA GLU O 396 -8.26 58.34 4.45
C GLU O 396 -8.12 59.16 5.76
N GLY O 397 -7.80 60.46 5.69
CA GLY O 397 -7.64 61.32 6.89
C GLY O 397 -6.29 61.11 7.54
N ASP O 398 -5.32 60.62 6.76
CA ASP O 398 -3.96 60.29 7.24
C ASP O 398 -4.08 59.59 8.59
N SER O 399 -4.80 58.47 8.62
CA SER O 399 -4.99 57.68 9.85
C SER O 399 -4.48 56.29 9.57
N VAL O 400 -3.23 56.03 9.94
CA VAL O 400 -2.64 54.71 9.67
C VAL O 400 -3.23 53.64 10.56
N GLN O 401 -3.54 52.53 9.95
CA GLN O 401 -4.15 51.37 10.61
C GLN O 401 -3.20 50.17 10.56
N LEU O 402 -2.43 49.99 11.63
CA LEU O 402 -1.32 49.02 11.77
C LEU O 402 -1.87 47.67 12.23
N ASN O 403 -1.42 46.56 11.62
CA ASN O 403 -1.63 45.18 12.15
C ASN O 403 -0.32 44.63 12.70
N ILE O 404 -0.07 44.89 13.98
CA ILE O 404 1.29 44.80 14.56
C ILE O 404 1.44 43.53 15.37
N GLU O 405 2.61 42.92 15.28
CA GLU O 405 3.04 41.84 16.16
C GLU O 405 4.35 42.31 16.74
N GLN O 406 4.37 42.67 18.01
CA GLN O 406 5.56 43.24 18.66
C GLN O 406 6.08 42.45 19.87
N GLU O 407 7.34 42.04 19.85
CA GLU O 407 7.82 40.97 20.74
C GLU O 407 9.11 41.47 21.29
N VAL O 408 9.14 41.83 22.51
CA VAL O 408 10.52 41.81 22.99
C VAL O 408 10.73 40.52 23.71
N SER O 409 11.83 39.87 23.45
CA SER O 409 12.10 38.55 24.03
C SER O 409 13.61 38.38 24.10
N ASN O 410 14.06 37.41 24.87
CA ASN O 410 15.27 37.60 25.69
C ASN O 410 15.57 36.29 26.31
N VAL O 411 16.02 35.37 25.49
CA VAL O 411 16.44 34.03 25.95
C VAL O 411 17.19 34.15 27.28
N LEU O 412 16.57 33.57 28.28
CA LEU O 412 17.05 33.43 29.67
C LEU O 412 17.54 31.99 29.80
N GLY O 413 17.88 31.58 31.01
CA GLY O 413 18.20 30.17 31.29
C GLY O 413 16.97 29.28 31.15
N ALA O 414 17.24 27.97 31.17
CA ALA O 414 16.18 26.95 31.36
C ALA O 414 16.22 26.35 32.77
N ASN O 415 16.15 27.16 33.82
CA ASN O 415 16.16 26.59 35.19
C ASN O 415 15.72 25.12 35.10
N GLY O 416 14.44 24.88 34.85
CA GLY O 416 13.87 23.55 35.15
C GLY O 416 13.77 22.81 33.85
N ALA O 417 13.56 23.61 32.82
CA ALA O 417 12.94 23.09 31.60
C ALA O 417 14.03 22.39 30.80
N VAL O 418 13.58 21.48 29.94
CA VAL O 418 14.37 20.74 28.93
C VAL O 418 15.37 21.70 28.31
N ASP O 419 14.86 22.57 27.45
CA ASP O 419 15.72 23.50 26.68
C ASP O 419 15.67 24.86 27.40
N VAL O 420 16.18 25.86 26.71
CA VAL O 420 16.20 27.26 27.17
C VAL O 420 14.81 27.84 27.10
N ARG O 421 14.45 28.53 28.16
CA ARG O 421 13.20 29.31 28.33
C ARG O 421 13.50 30.70 27.80
N PHE O 422 12.80 31.09 26.73
CA PHE O 422 12.71 32.49 26.20
C PHE O 422 11.77 33.33 27.03
N ALA O 423 12.20 34.53 27.38
CA ALA O 423 11.36 35.46 28.13
C ALA O 423 10.82 36.47 27.17
N LYS O 424 9.55 36.33 26.97
CA LYS O 424 8.90 36.86 25.77
C LYS O 424 7.86 37.81 26.27
N ARG O 425 7.82 38.99 25.71
CA ARG O 425 6.72 39.93 25.99
C ARG O 425 6.19 40.31 24.65
N GLN O 426 5.33 39.48 24.08
CA GLN O 426 4.75 39.82 22.80
C GLN O 426 3.36 40.35 22.95
N LEU O 427 2.97 41.17 21.99
CA LEU O 427 1.79 42.06 22.11
C LEU O 427 1.27 42.19 20.69
N ASN O 428 0.43 41.27 20.23
CA ASN O 428 0.11 41.35 18.80
C ASN O 428 -1.36 41.69 18.66
N THR O 429 -1.62 42.77 17.97
CA THR O 429 -2.91 43.45 18.01
C THR O 429 -3.06 44.14 16.68
N SER O 430 -4.13 44.89 16.54
CA SER O 430 -4.33 45.75 15.36
C SER O 430 -4.82 47.05 15.90
N VAL O 431 -4.10 48.11 15.69
CA VAL O 431 -4.68 49.39 16.16
C VAL O 431 -4.77 50.39 15.05
N ILE O 432 -5.32 51.54 15.35
CA ILE O 432 -5.52 52.54 14.29
C ILE O 432 -5.15 53.87 14.87
N VAL O 433 -4.12 54.45 14.28
CA VAL O 433 -3.40 55.56 14.90
C VAL O 433 -3.52 56.74 13.99
N GLN O 434 -3.42 57.91 14.59
CA GLN O 434 -3.35 59.09 13.72
C GLN O 434 -2.02 59.08 13.00
N ASP O 435 -1.94 59.84 11.94
CA ASP O 435 -0.62 60.20 11.35
C ASP O 435 0.09 61.08 12.36
N GLY O 436 1.20 60.61 12.92
CA GLY O 436 2.13 61.45 13.71
C GLY O 436 1.80 61.58 15.19
N GLN O 437 0.69 61.02 15.67
CA GLN O 437 0.45 60.97 17.14
C GLN O 437 0.77 59.57 17.64
N MET O 438 1.26 59.51 18.85
CA MET O 438 1.62 58.18 19.35
C MET O 438 0.35 57.59 19.94
N LEU O 439 0.28 56.27 19.95
CA LEU O 439 -0.83 55.58 20.62
C LEU O 439 -0.24 54.40 21.35
N VAL O 440 -0.91 54.06 22.43
CA VAL O 440 -0.35 53.05 23.35
C VAL O 440 -0.90 51.66 23.04
N LEU O 441 -0.07 50.77 22.49
CA LEU O 441 -0.57 49.45 22.06
C LEU O 441 -0.93 48.71 23.33
N GLY O 442 0.01 48.71 24.27
CA GLY O 442 0.11 47.64 25.26
C GLY O 442 0.55 48.14 26.58
N GLY O 443 0.72 47.22 27.48
CA GLY O 443 0.96 47.66 28.84
C GLY O 443 1.06 46.47 29.72
N LEU O 444 1.56 46.78 30.91
CA LEU O 444 1.44 45.94 32.08
C LEU O 444 2.00 46.71 33.25
N ILE O 445 1.18 46.93 34.23
CA ILE O 445 1.66 47.50 35.48
C ILE O 445 1.54 46.44 36.54
N ASP O 446 2.57 45.64 36.69
CA ASP O 446 2.63 44.68 37.80
C ASP O 446 3.10 45.43 39.05
N GLU O 447 2.49 45.15 40.18
CA GLU O 447 3.13 45.38 41.48
C GLU O 447 3.03 44.11 42.29
N ARG O 448 4.06 43.73 43.03
CA ARG O 448 3.99 42.62 44.00
C ARG O 448 4.49 43.10 45.36
N ALA O 449 4.11 42.37 46.37
CA ALA O 449 4.63 42.71 47.69
C ALA O 449 4.50 41.48 48.58
N LEU O 450 5.58 40.73 48.74
CA LEU O 450 5.55 39.56 49.62
C LEU O 450 6.23 39.94 50.93
N GLU O 451 5.47 40.03 51.99
CA GLU O 451 6.05 39.88 53.33
C GLU O 451 6.16 38.39 53.71
N SER O 452 6.99 38.09 54.70
CA SER O 452 7.07 36.77 55.40
C SER O 452 7.67 37.05 56.77
N GLU O 453 7.17 36.40 57.79
CA GLU O 453 7.91 36.52 59.05
C GLU O 453 7.75 35.22 59.77
N SER O 454 8.85 34.54 59.95
CA SER O 454 8.85 33.43 60.90
C SER O 454 9.26 34.00 62.25
N LYS O 455 8.50 33.71 63.30
CA LYS O 455 8.94 34.17 64.63
C LYS O 455 8.79 33.09 65.66
N VAL O 456 9.38 33.31 66.81
CA VAL O 456 9.23 32.31 67.88
C VAL O 456 7.90 32.67 68.51
N PRO O 457 6.82 32.36 67.79
CA PRO O 457 5.53 32.82 68.25
C PRO O 457 5.60 34.01 69.19
N LEU O 458 5.37 33.77 70.46
CA LEU O 458 4.88 34.88 71.31
C LEU O 458 6.03 35.83 71.62
N LEU O 459 7.26 35.30 71.64
CA LEU O 459 8.45 36.13 71.99
C LEU O 459 8.69 37.13 70.87
N GLY O 460 8.36 36.76 69.63
CA GLY O 460 8.45 37.65 68.45
C GLY O 460 7.31 38.65 68.40
N ASP O 461 6.66 38.88 69.54
CA ASP O 461 5.59 39.89 69.58
C ASP O 461 6.17 41.18 70.15
N ILE O 462 6.94 41.06 71.24
CA ILE O 462 7.46 42.23 72.01
C ILE O 462 7.94 43.25 70.99
N PRO O 463 7.60 44.55 71.14
CA PRO O 463 7.92 45.54 70.13
C PRO O 463 9.43 45.76 69.95
N ILE O 464 10.15 45.87 71.07
CA ILE O 464 11.58 46.27 71.04
C ILE O 464 12.39 45.04 70.64
N LEU O 465 12.22 43.95 71.39
CA LEU O 465 13.14 42.79 71.36
C LEU O 465 12.57 41.75 70.38
N GLY O 466 11.37 41.96 69.85
CA GLY O 466 10.74 40.95 68.99
C GLY O 466 11.69 40.55 67.88
N HIS O 467 12.39 41.56 67.38
CA HIS O 467 13.14 41.39 66.12
C HIS O 467 14.23 40.37 66.37
N LEU O 468 14.49 40.02 67.64
CA LEU O 468 15.60 39.10 67.95
C LEU O 468 15.11 37.72 67.59
N PHE O 469 13.82 37.51 67.72
CA PHE O 469 13.33 36.13 67.49
C PHE O 469 12.68 36.01 66.12
N LYS O 470 12.24 37.13 65.55
CA LYS O 470 11.52 37.15 64.25
C LYS O 470 12.55 37.05 63.14
N SER O 471 12.10 36.56 62.00
CA SER O 471 12.82 36.71 60.72
C SER O 471 11.87 37.19 59.64
N THR O 472 11.98 38.45 59.36
CA THR O 472 11.05 39.07 58.40
C THR O 472 11.74 39.16 57.07
N ASN O 473 10.97 38.99 56.03
CA ASN O 473 11.47 38.98 54.65
C ASN O 473 10.46 39.70 53.78
N THR O 474 10.80 40.88 53.30
CA THR O 474 9.81 41.68 52.55
C THR O 474 10.39 41.95 51.19
N GLN O 475 9.54 42.01 50.20
CA GLN O 475 9.98 42.03 48.80
C GLN O 475 8.89 42.76 48.05
N VAL O 476 9.27 43.72 47.26
CA VAL O 476 8.26 44.49 46.53
C VAL O 476 8.78 44.68 45.16
N GLU O 477 8.12 44.11 44.18
CA GLU O 477 8.56 44.24 42.79
C GLU O 477 7.47 45.00 42.05
N LYS O 478 7.88 46.02 41.34
CA LYS O 478 6.96 46.88 40.59
C LYS O 478 7.48 46.99 39.17
N LYS O 479 6.68 46.65 38.18
CA LYS O 479 7.15 46.53 36.80
C LYS O 479 6.17 47.20 35.84
N ASN O 480 6.62 48.20 35.11
CA ASN O 480 5.76 49.01 34.20
C ASN O 480 6.30 48.76 32.82
N LEU O 481 5.60 47.98 32.03
CA LEU O 481 5.88 47.78 30.61
C LEU O 481 4.80 48.44 29.74
N MET O 482 5.03 49.62 29.13
CA MET O 482 4.10 50.22 28.15
C MET O 482 4.77 50.08 26.81
N VAL O 483 4.08 49.59 25.80
CA VAL O 483 4.56 49.79 24.43
C VAL O 483 3.70 50.81 23.74
N PHE O 484 4.32 51.94 23.44
CA PHE O 484 3.74 52.92 22.51
C PHE O 484 4.17 52.64 21.08
N ILE O 485 3.32 53.03 20.15
CA ILE O 485 3.61 52.97 18.70
C ILE O 485 3.22 54.27 18.07
N LYS O 486 4.05 54.76 17.15
CA LYS O 486 3.83 56.04 16.43
C LYS O 486 4.10 55.78 14.96
N PRO O 487 3.02 55.72 14.16
CA PRO O 487 3.14 55.67 12.73
C PRO O 487 3.31 57.09 12.23
N THR O 488 4.31 57.25 11.39
CA THR O 488 4.49 58.47 10.59
C THR O 488 4.40 58.10 9.12
N ILE O 489 3.61 58.85 8.37
CA ILE O 489 3.36 58.62 6.94
C ILE O 489 4.39 59.45 6.23
N ILE O 490 5.06 58.83 5.27
CA ILE O 490 6.05 59.49 4.39
C ILE O 490 5.51 59.44 2.95
N ARG O 491 4.82 60.50 2.55
CA ARG O 491 4.23 60.61 1.18
C ARG O 491 5.26 61.27 0.26
N ASP O 492 5.39 62.58 0.46
CA ASP O 492 6.33 63.43 -0.28
C ASP O 492 7.73 62.96 0.07
N GLY O 493 8.57 62.75 -0.93
CA GLY O 493 10.01 62.53 -0.71
C GLY O 493 10.55 63.48 0.33
N MET O 494 10.25 64.77 0.20
CA MET O 494 10.86 65.77 1.10
C MET O 494 10.64 65.31 2.55
N THR O 495 9.53 64.65 2.81
CA THR O 495 9.18 64.22 4.19
C THR O 495 10.22 63.19 4.64
N ALA O 496 10.59 62.29 3.73
CA ALA O 496 11.53 61.17 3.97
C ALA O 496 12.89 61.76 4.31
N ASP O 497 13.30 62.75 3.52
CA ASP O 497 14.60 63.43 3.71
C ASP O 497 14.70 63.79 5.18
N GLY O 498 13.66 64.44 5.69
CA GLY O 498 13.69 64.90 7.08
C GLY O 498 13.78 63.70 8.00
N ILE O 499 12.77 62.84 7.92
CA ILE O 499 12.68 61.70 8.84
C ILE O 499 14.09 61.15 8.89
N THR O 500 14.65 60.92 7.70
CA THR O 500 15.88 60.13 7.53
C THR O 500 17.00 61.00 8.04
N GLN O 501 17.22 62.10 7.36
CA GLN O 501 18.27 63.04 7.77
C GLN O 501 18.30 63.09 9.30
N ARG O 502 17.27 63.69 9.89
CA ARG O 502 17.24 63.94 11.34
C ARG O 502 17.98 62.79 11.99
N LYS O 503 17.60 61.56 11.64
CA LYS O 503 18.09 60.29 12.26
C LYS O 503 19.58 60.17 11.98
N TYR O 504 19.91 60.15 10.71
CA TYR O 504 21.28 59.99 10.19
C TYR O 504 22.16 61.06 10.82
N ASN O 505 21.68 62.28 10.73
CA ASN O 505 22.37 63.50 11.20
C ASN O 505 22.59 63.42 12.73
N TYR O 506 21.73 62.72 13.49
CA TYR O 506 21.80 62.44 14.96
C TYR O 506 22.91 61.46 15.24
N ILE O 507 22.94 60.37 14.51
CA ILE O 507 24.05 59.40 14.65
C ILE O 507 25.34 60.16 14.34
N ARG O 508 25.38 60.79 13.20
CA ARG O 508 26.62 61.50 12.84
C ARG O 508 27.01 62.39 14.00
N ALA O 509 26.06 63.04 14.65
CA ALA O 509 26.49 63.93 15.74
C ALA O 509 27.17 63.05 16.78
N GLU O 510 26.53 61.97 17.18
CA GLU O 510 27.10 61.13 18.25
C GLU O 510 28.52 60.79 17.82
N GLN O 511 28.67 60.34 16.60
CA GLN O 511 29.93 59.71 16.22
C GLN O 511 31.01 60.75 16.15
N LEU O 512 30.65 61.95 15.73
CA LEU O 512 31.63 63.05 15.63
C LEU O 512 32.03 63.33 17.04
N TYR O 513 31.09 63.08 17.91
CA TYR O 513 31.45 63.38 19.29
C TYR O 513 32.62 62.45 19.63
N LYS O 514 32.38 61.17 19.41
CA LYS O 514 33.31 60.15 19.90
C LYS O 514 34.64 60.42 19.22
N ALA O 515 34.61 61.26 18.21
CA ALA O 515 35.89 61.64 17.60
C ALA O 515 36.52 62.78 18.38
N GLU O 516 35.74 63.51 19.17
CA GLU O 516 36.35 64.65 19.87
C GLU O 516 37.10 64.07 21.06
N GLN O 517 36.47 63.06 21.65
CA GLN O 517 37.03 62.22 22.73
C GLN O 517 37.39 60.88 22.13
N GLY O 518 38.52 60.84 21.41
CA GLY O 518 38.85 59.85 20.38
C GLY O 518 39.18 58.48 20.95
N LEU O 519 38.96 57.45 20.13
CA LEU O 519 39.58 56.15 20.39
C LEU O 519 40.80 56.32 21.27
N LYS O 520 40.75 55.62 22.40
CA LYS O 520 41.38 56.11 23.65
C LYS O 520 42.88 56.12 23.40
N LEU O 521 43.40 54.99 22.96
CA LEU O 521 44.88 54.92 22.84
C LEU O 521 45.34 55.03 21.38
N MET O 522 44.43 54.88 20.41
CA MET O 522 44.76 54.99 18.96
C MET O 522 44.89 56.44 18.51
N ASP O 523 45.26 56.65 17.24
CA ASP O 523 45.15 57.96 16.57
C ASP O 523 43.68 58.26 16.30
N ASP O 524 43.26 59.48 16.62
CA ASP O 524 41.84 59.85 16.67
C ASP O 524 41.17 59.63 15.30
N GLY O 525 41.96 59.40 14.25
CA GLY O 525 41.48 59.35 12.85
C GLY O 525 40.76 58.06 12.52
N HIS O 526 40.86 57.02 13.35
CA HIS O 526 40.44 55.69 12.90
C HIS O 526 38.99 55.46 13.25
N ILE O 527 38.41 56.38 14.00
CA ILE O 527 37.05 56.16 14.57
C ILE O 527 36.05 56.41 13.46
N PRO O 528 35.24 55.40 13.11
CA PRO O 528 34.31 55.55 12.01
C PRO O 528 33.31 56.66 12.33
N VAL O 529 33.12 57.50 11.34
CA VAL O 529 32.24 58.69 11.39
C VAL O 529 31.47 58.69 10.08
N LEU O 530 30.16 58.82 10.17
CA LEU O 530 29.36 58.97 8.95
C LEU O 530 29.78 60.25 8.25
N PRO O 531 29.77 60.24 6.94
CA PRO O 531 30.02 61.48 6.21
C PRO O 531 28.87 62.48 6.33
N LYS O 532 29.10 63.75 6.00
CA LYS O 532 28.02 64.77 6.01
C LYS O 532 26.95 64.31 5.05
N PHE O 533 25.69 64.38 5.45
CA PHE O 533 24.54 63.72 4.78
C PHE O 533 24.45 64.06 3.29
N GLY O 534 24.53 63.03 2.45
CA GLY O 534 24.56 63.16 0.98
C GLY O 534 25.90 63.64 0.42
N GLU O 535 27.01 63.61 1.17
CA GLU O 535 28.37 63.94 0.65
C GLU O 535 29.11 62.66 0.25
N ASP O 536 28.53 61.52 0.57
CA ASP O 536 29.27 60.28 0.25
C ASP O 536 30.61 60.31 1.02
N LYS O 537 31.55 59.42 0.75
CA LYS O 537 32.68 59.25 1.70
C LYS O 537 33.69 60.38 1.45
N ARG O 538 34.43 60.80 2.46
CA ARG O 538 35.70 61.52 2.22
C ARG O 538 36.90 60.66 2.67
N HIS O 539 37.97 60.45 1.85
CA HIS O 539 39.20 59.70 2.24
C HIS O 539 39.70 60.24 3.56
N PRO O 540 40.16 59.35 4.44
CA PRO O 540 41.03 59.74 5.55
C PRO O 540 41.99 60.83 5.05
N ALA O 541 42.38 61.73 5.95
CA ALA O 541 43.24 62.90 5.66
C ALA O 541 44.58 62.44 5.12
N GLU O 542 45.29 61.57 5.83
CA GLU O 542 46.66 61.19 5.43
C GLU O 542 46.64 60.80 3.95
N ILE O 543 45.69 59.94 3.57
CA ILE O 543 45.60 59.39 2.19
C ILE O 543 45.25 60.53 1.27
N GLN O 544 44.37 61.42 1.70
CA GLN O 544 43.95 62.57 0.86
C GLN O 544 45.18 63.43 0.65
N ALA O 545 45.97 63.60 1.71
CA ALA O 545 47.21 64.40 1.67
C ALA O 545 48.17 63.76 0.67
N PHE O 546 48.26 62.43 0.71
CA PHE O 546 49.15 61.64 -0.18
C PHE O 546 48.69 61.85 -1.61
N ILE O 547 47.37 61.80 -1.83
CA ILE O 547 46.80 61.71 -3.20
C ILE O 547 47.15 63.00 -3.95
N ASP O 548 47.02 64.13 -3.27
CA ASP O 548 47.23 65.47 -3.88
C ASP O 548 48.71 65.58 -4.21
N GLN O 549 49.54 65.16 -3.25
CA GLN O 549 51.01 65.17 -3.40
C GLN O 549 51.35 64.44 -4.69
N MET O 550 50.73 63.28 -4.90
CA MET O 550 50.89 62.47 -6.12
C MET O 550 50.44 63.33 -7.32
N GLU O 551 49.28 63.95 -7.18
CA GLU O 551 48.66 64.82 -8.22
C GLU O 551 49.63 65.95 -8.56
N GLN O 552 50.19 66.58 -7.52
CA GLN O 552 51.15 67.71 -7.65
C GLN O 552 52.37 67.24 -8.45
N GLN O 553 52.87 66.05 -8.11
CA GLN O 553 54.06 65.42 -8.76
C GLN O 553 53.78 65.22 -10.25
#